data_9QM5
#
_entry.id   9QM5
#
_cell.length_a   153.478
_cell.length_b   153.673
_cell.length_c   212.885
_cell.angle_alpha   90.00
_cell.angle_beta   90.00
_cell.angle_gamma   90.00
#
_symmetry.space_group_name_H-M   'P 21 21 21'
#
loop_
_entity.id
_entity.type
_entity.pdbx_description
1 polymer 'Alpha subunit of the Methyl-coenzyme M reductase from ANME-2c'
2 polymer 'Beta subunit of the Methyl-coenzyme M reductase from ANME-2c'
3 polymer 'Gamma subunit of the Methyl-coenzyme M reductase from ANME-2c'
4 non-polymer KRYPTON
5 non-polymer 'MAGNESIUM ION'
6 non-polymer 'TRIETHYLENE GLYCOL'
7 non-polymer 1,2-ETHANEDIOL
8 non-polymer 'CHLORIDE ION'
9 non-polymer 'Coenzyme B'
10 non-polymer 'FACTOR 430'
11 non-polymer DI(HYDROXYETHYL)ETHER
12 non-polymer GLYCEROL
13 non-polymer '1-THIOETHANESULFONIC ACID'
14 non-polymer 'SODIUM ION'
15 non-polymer 'POTASSIUM ION'
16 water water
#
loop_
_entity_poly.entity_id
_entity_poly.type
_entity_poly.pdbx_seq_one_letter_code
_entity_poly.pdbx_strand_id
1 'polypeptide(L)'
;MAYKYPSEKLFVEALKSKFAGLDLSDQKVKYVRAGYLQNARKREFQAAGERVAEQRGMQQYDVNVHLGGMTLGQRQLVPY
KLSTRPDIVEGDDLHYVNNPAMQQMWDDMKRTIIVGMDLAHETLEKRLGKEVTPESIAGYMEAVNHTMPGAAIVQEHMVE
THPGLVDDCYVKMFTGDDELADEIDSQYVININDLFDKEGQNEKLKAAIGKTTWQAVHIPTIVVRCCDGGNTSRWSAMQI
GMSFIAAYNMCAGEAAVADLAFAAK(MHS)AAAVQMAEMLPAR(AGM)ARSPNEPGGLSFGYCADMVQTLRVKPEDPVWY
TLEVVACGTMLYDQIWLGSYMSGGVGFTQYATAAYTNDVLDDFTYYGYDYALNKYGDDGTAPNDLATATDLATEVTLNGM
ECYEDYPTLLEDHFGGS(MGN)RAGILAAASACTTGIATGNSQVALSA(TRX)YMSMYVHKEGWGRLGFF(GL3)YDLQ
(DYA)Q(SMC)GATNVCSYQGDEGCCLELRGANYPNYAMNVGHQGEYAGFTGSAHAGAHDAYCCNPLIKVCFADPSLVFD
FSYIRKEYAKGAMRTFRPAGERSLVIPAGV
;
A,D,G,J
2 'polypeptide(L)'
;MADTIDLYDDRGKKLKGDVDLQAVSPLKNSAILSMVNTVKRTVAVNLAGIEKACKNASYGGQSRNIPGREVDIDPTAKAD
KIAARVKELIQVEKGDDTEVTVLGGGKFLRVAAPTRRIEAGAEYVAGMTCTAAALTEALREEYNLGLYDTPYVKNAVWGT
YPQTMDMKGGNVLSVLSIPQNDEGLGFALRNIMANHLAMLSQRNAMNCAAISSILEHCGVFEMGQAIGLFERYQLLALAY
QGLNANNMVYEMTKNNGKTGTIGTVVQETVGRALDDGVISVDKTMPSGYKVYKANDVCMWNAYCAAGTMAATMVNCGALR
GAQAVSSTLLYFNDMIEKETSLPGCDWGRVEGTAVGFSFFSHSIYGGGGPGVFNGNHVVTRHSTGMAIPCVAVAVALDAG
TQMFSPESTSAIVLDTFQDVPIMMNPLKEVAAAV
;
B,E,H,K
3 'polypeptide(L)'
;MAYTPQYYPGSSHVAVNRRKHMSGDVEKLRTVSDDDLVAALGHRAPGADYPSTHPPLAEMGEPDCPVRQMVEPTPGAAAG
DRVRYSQFTDSMYSAPSIPYFRSYYAAINFRGVDPGTLSGRQIVEARERDMEAQCKAAIESEMTCPALAGLRGCTVHGHS
LRLAEDGMMFDMLQRTHIEGGNVIEDKDQVGVPIDRKVNLGKPMSDAEAKKRTTIYRTDGVKYRDEEEVLDHVHLVHHRR
TMYGYRPETAAETAPGVGPVTYHTV
;
C,F,I,L
#
loop_
_chem_comp.id
_chem_comp.type
_chem_comp.name
_chem_comp.formula
CL non-polymer 'CHLORIDE ION' 'Cl -1'
COM non-polymer '1-THIOETHANESULFONIC ACID' 'C2 H6 O3 S2'
EDO non-polymer 1,2-ETHANEDIOL 'C2 H6 O2'
F43 non-polymer 'FACTOR 430' 'C42 H51 N6 Ni O13 1'
GOL non-polymer GLYCEROL 'C3 H8 O3'
K non-polymer 'POTASSIUM ION' 'K 1'
KR non-polymer KRYPTON Kr
MG non-polymer 'MAGNESIUM ION' 'Mg 2'
NA non-polymer 'SODIUM ION' 'Na 1'
PEG non-polymer DI(HYDROXYETHYL)ETHER 'C4 H10 O3'
PGE non-polymer 'TRIETHYLENE GLYCOL' 'C6 H14 O4'
TP7 non-polymer 'Coenzyme B' 'C11 H22 N O7 P S'
#
# COMPACT_ATOMS: atom_id res chain seq x y z
N ALA A 2 -18.46 -18.48 -43.13
CA ALA A 2 -18.25 -17.16 -42.54
C ALA A 2 -19.35 -16.79 -41.54
N TYR A 3 -19.28 -15.55 -41.04
CA TYR A 3 -20.11 -15.11 -39.94
C TYR A 3 -21.59 -15.09 -40.32
N LYS A 4 -22.43 -15.55 -39.38
CA LYS A 4 -23.88 -15.47 -39.48
C LYS A 4 -24.43 -14.66 -38.30
N TYR A 5 -25.14 -13.58 -38.59
CA TYR A 5 -25.69 -12.73 -37.53
C TYR A 5 -26.86 -13.43 -36.85
N PRO A 6 -26.87 -13.56 -35.51
CA PRO A 6 -27.92 -14.38 -34.85
C PRO A 6 -29.29 -13.73 -34.81
N SER A 7 -30.29 -14.45 -34.29
CA SER A 7 -31.64 -13.94 -34.19
C SER A 7 -31.88 -13.12 -32.94
N GLU A 8 -31.05 -13.29 -31.91
CA GLU A 8 -31.12 -12.47 -30.71
C GLU A 8 -30.08 -11.37 -30.81
N LYS A 9 -30.52 -10.13 -30.57
CA LYS A 9 -29.59 -8.98 -30.66
C LYS A 9 -28.49 -9.16 -29.60
N LEU A 10 -27.26 -8.84 -29.96
CA LEU A 10 -26.11 -9.02 -29.07
C LEU A 10 -26.25 -8.21 -27.78
N PHE A 11 -27.00 -7.12 -27.80
CA PHE A 11 -27.12 -6.23 -26.65
C PHE A 11 -28.21 -6.68 -25.67
N VAL A 12 -28.97 -7.71 -26.00
CA VAL A 12 -30.11 -8.09 -25.11
C VAL A 12 -29.59 -8.63 -23.77
N GLU A 13 -28.55 -9.46 -23.78
CA GLU A 13 -28.04 -10.00 -22.53
C GLU A 13 -27.80 -8.89 -21.50
N ALA A 14 -27.09 -7.83 -21.90
CA ALA A 14 -26.78 -6.77 -20.94
C ALA A 14 -28.05 -6.09 -20.43
N LEU A 15 -29.04 -5.89 -21.30
CA LEU A 15 -30.29 -5.30 -20.85
C LEU A 15 -30.97 -6.18 -19.81
N LYS A 16 -30.99 -7.50 -20.03
CA LYS A 16 -31.62 -8.39 -19.06
C LYS A 16 -30.84 -8.42 -17.75
N SER A 17 -29.51 -8.35 -17.82
CA SER A 17 -28.69 -8.35 -16.60
C SER A 17 -28.83 -7.07 -15.81
N LYS A 18 -29.18 -5.98 -16.50
CA LYS A 18 -29.39 -4.69 -15.78
C LYS A 18 -30.82 -4.59 -15.24
N PHE A 19 -31.80 -5.18 -15.93
CA PHE A 19 -33.21 -5.04 -15.59
C PHE A 19 -33.86 -6.42 -15.50
N ALA A 20 -33.56 -7.15 -14.44
CA ALA A 20 -34.13 -8.48 -14.28
C ALA A 20 -35.65 -8.42 -14.31
N GLY A 21 -36.26 -9.16 -15.25
CA GLY A 21 -37.69 -9.29 -15.36
C GLY A 21 -38.38 -8.26 -16.22
N LEU A 22 -37.63 -7.30 -16.79
CA LEU A 22 -38.26 -6.20 -17.49
C LEU A 22 -38.72 -6.58 -18.89
N ASP A 23 -39.90 -6.07 -19.26
CA ASP A 23 -40.38 -6.21 -20.66
C ASP A 23 -39.60 -5.16 -21.45
N LEU A 24 -38.73 -5.60 -22.35
CA LEU A 24 -37.81 -4.68 -23.03
C LEU A 24 -38.51 -3.81 -24.07
N SER A 25 -39.81 -4.00 -24.32
CA SER A 25 -40.50 -3.14 -25.26
C SER A 25 -41.21 -1.97 -24.58
N ASP A 26 -41.31 -1.97 -23.26
CA ASP A 26 -42.08 -0.93 -22.58
C ASP A 26 -41.40 0.43 -22.66
N GLN A 27 -42.17 1.45 -23.02
CA GLN A 27 -41.65 2.79 -23.19
C GLN A 27 -41.77 3.64 -21.92
N LYS A 28 -42.49 3.18 -20.92
CA LYS A 28 -42.62 3.93 -19.68
C LYS A 28 -42.07 3.13 -18.51
N VAL A 29 -41.72 3.86 -17.45
CA VAL A 29 -41.12 3.27 -16.26
C VAL A 29 -41.57 4.09 -15.07
N LYS A 30 -41.60 3.45 -13.90
CA LYS A 30 -41.84 4.16 -12.66
C LYS A 30 -40.54 4.74 -12.14
N TYR A 31 -40.56 6.02 -11.78
CA TYR A 31 -39.43 6.71 -11.17
C TYR A 31 -39.68 6.77 -9.66
N VAL A 32 -38.72 6.27 -8.87
CA VAL A 32 -38.88 6.31 -7.42
C VAL A 32 -38.04 7.40 -6.76
N ARG A 33 -37.15 8.06 -7.50
CA ARG A 33 -36.48 9.26 -7.01
C ARG A 33 -35.68 8.97 -5.75
N ALA A 34 -34.92 7.87 -5.77
CA ALA A 34 -34.21 7.42 -4.57
C ALA A 34 -33.05 8.35 -4.21
N GLY A 35 -32.44 9.01 -5.19
CA GLY A 35 -31.19 9.71 -4.94
C GLY A 35 -30.02 8.75 -4.77
N TYR A 36 -28.92 9.30 -4.26
CA TYR A 36 -27.66 8.56 -4.29
C TYR A 36 -27.65 7.30 -3.42
N LEU A 37 -28.50 7.20 -2.42
CA LEU A 37 -28.45 6.04 -1.52
C LEU A 37 -28.80 4.73 -2.23
N GLN A 38 -29.34 4.80 -3.44
CA GLN A 38 -29.59 3.58 -4.20
C GLN A 38 -28.31 2.88 -4.61
N ASN A 39 -27.16 3.55 -4.59
CA ASN A 39 -25.99 3.09 -5.33
C ASN A 39 -24.79 2.93 -4.40
N ALA A 40 -24.26 1.71 -4.33
CA ALA A 40 -23.15 1.43 -3.39
C ALA A 40 -21.96 2.34 -3.68
N ARG A 41 -21.67 2.59 -4.95
CA ARG A 41 -20.47 3.37 -5.26
C ARG A 41 -20.64 4.83 -4.84
N LYS A 42 -21.81 5.43 -5.10
CA LYS A 42 -22.01 6.80 -4.64
C LYS A 42 -21.97 6.88 -3.12
N ARG A 43 -22.55 5.88 -2.42
CA ARG A 43 -22.47 5.89 -0.97
C ARG A 43 -21.02 5.80 -0.49
N GLU A 44 -20.23 4.94 -1.13
CA GLU A 44 -18.81 4.84 -0.79
C GLU A 44 -18.11 6.18 -1.03
N PHE A 45 -18.41 6.84 -2.16
CA PHE A 45 -17.77 8.11 -2.45
C PHE A 45 -18.13 9.15 -1.41
N GLN A 46 -19.40 9.23 -1.03
CA GLN A 46 -19.82 10.16 0.02
C GLN A 46 -19.05 9.93 1.31
N ALA A 47 -18.93 8.67 1.73
CA ALA A 47 -18.12 8.36 2.92
C ALA A 47 -16.65 8.74 2.71
N ALA A 48 -16.12 8.51 1.51
CA ALA A 48 -14.73 8.89 1.26
C ALA A 48 -14.57 10.40 1.37
N GLY A 49 -15.56 11.17 0.89
CA GLY A 49 -15.49 12.61 0.99
C GLY A 49 -15.57 13.09 2.41
N GLU A 50 -16.30 12.37 3.26
CA GLU A 50 -16.35 12.71 4.67
C GLU A 50 -14.97 12.56 5.31
N ARG A 51 -14.28 11.46 5.02
CA ARG A 51 -12.92 11.31 5.55
C ARG A 51 -11.99 12.39 4.99
N VAL A 52 -12.05 12.64 3.67
CA VAL A 52 -11.18 13.66 3.09
C VAL A 52 -11.33 14.97 3.84
N ALA A 53 -12.58 15.41 4.03
CA ALA A 53 -12.84 16.71 4.61
C ALA A 53 -12.37 16.78 6.05
N GLU A 54 -12.60 15.71 6.82
CA GLU A 54 -12.13 15.66 8.21
C GLU A 54 -10.62 15.70 8.29
N GLN A 55 -9.94 14.93 7.44
CA GLN A 55 -8.50 14.83 7.49
C GLN A 55 -7.84 16.16 7.15
N ARG A 56 -8.40 16.92 6.20
CA ARG A 56 -7.72 18.13 5.73
C ARG A 56 -8.35 19.42 6.23
N GLY A 57 -9.46 19.34 6.96
CA GLY A 57 -10.10 20.53 7.47
C GLY A 57 -10.86 21.31 6.43
N MET A 58 -11.31 20.67 5.37
CA MET A 58 -11.97 21.45 4.31
C MET A 58 -12.89 20.59 3.48
N GLN A 59 -14.12 21.06 3.35
CA GLN A 59 -15.14 20.37 2.56
C GLN A 59 -14.61 19.98 1.18
N GLN A 60 -15.01 18.78 0.74
CA GLN A 60 -14.64 18.28 -0.60
C GLN A 60 -15.90 17.67 -1.26
N TYR A 61 -15.91 16.36 -1.51
CA TYR A 61 -17.06 15.72 -2.16
C TYR A 61 -18.26 15.65 -1.23
N ASP A 62 -19.43 16.00 -1.78
CA ASP A 62 -20.69 15.93 -1.04
C ASP A 62 -21.81 15.90 -2.06
N VAL A 63 -22.45 14.74 -2.24
CA VAL A 63 -23.52 14.61 -3.23
C VAL A 63 -24.58 15.71 -3.06
N ASN A 64 -24.76 16.21 -1.84
CA ASN A 64 -25.80 17.20 -1.62
C ASN A 64 -25.48 18.56 -2.22
N VAL A 65 -24.27 18.77 -2.74
CA VAL A 65 -23.94 20.02 -3.41
C VAL A 65 -24.46 20.05 -4.82
N HIS A 66 -24.90 18.91 -5.38
CA HIS A 66 -25.57 18.92 -6.68
C HIS A 66 -26.70 19.94 -6.64
N LEU A 67 -26.86 20.67 -7.72
CA LEU A 67 -27.83 21.75 -7.73
C LEU A 67 -29.26 21.22 -7.69
N GLY A 68 -30.19 22.11 -7.38
CA GLY A 68 -31.60 21.82 -7.47
C GLY A 68 -32.18 21.09 -6.28
N GLY A 69 -31.41 20.92 -5.22
CA GLY A 69 -31.89 20.14 -4.10
C GLY A 69 -32.06 18.67 -4.37
N MET A 70 -31.43 18.14 -5.42
CA MET A 70 -31.51 16.74 -5.79
C MET A 70 -30.11 16.16 -5.83
N THR A 71 -29.95 14.92 -5.39
CA THR A 71 -28.69 14.21 -5.61
C THR A 71 -28.79 13.33 -6.86
N LEU A 72 -27.63 12.95 -7.39
CA LEU A 72 -27.58 11.99 -8.47
C LEU A 72 -28.42 10.78 -8.13
N GLY A 73 -29.12 10.25 -9.12
CA GLY A 73 -29.95 9.08 -8.92
C GLY A 73 -31.42 9.35 -8.71
N GLN A 74 -31.96 10.42 -9.29
CA GLN A 74 -33.40 10.57 -9.28
C GLN A 74 -34.06 9.58 -10.23
N ARG A 75 -33.33 9.17 -11.26
CA ARG A 75 -33.62 7.97 -12.03
C ARG A 75 -32.78 6.83 -11.47
N GLN A 76 -32.87 5.66 -12.09
CA GLN A 76 -32.02 4.55 -11.71
C GLN A 76 -30.61 4.76 -12.26
N LEU A 77 -29.60 4.61 -11.41
CA LEU A 77 -28.21 4.61 -11.84
C LEU A 77 -27.82 3.18 -12.20
N VAL A 78 -27.48 2.97 -13.47
CA VAL A 78 -27.30 1.62 -13.99
C VAL A 78 -25.83 1.29 -14.19
N PRO A 79 -25.45 0.03 -14.06
CA PRO A 79 -24.05 -0.33 -14.27
C PRO A 79 -23.77 -0.61 -15.75
N TYR A 80 -22.54 -1.02 -16.05
CA TYR A 80 -22.05 -1.22 -17.41
C TYR A 80 -21.38 -2.59 -17.52
N LYS A 81 -21.75 -3.36 -18.54
CA LYS A 81 -21.08 -4.62 -18.86
C LYS A 81 -19.98 -4.33 -19.87
N LEU A 82 -18.77 -4.80 -19.62
CA LEU A 82 -17.74 -4.66 -20.63
C LEU A 82 -18.10 -5.57 -21.79
N SER A 83 -18.05 -5.05 -23.01
CA SER A 83 -18.49 -5.86 -24.14
C SER A 83 -17.57 -7.06 -24.32
N THR A 84 -18.18 -8.20 -24.57
CA THR A 84 -17.59 -9.52 -24.72
C THR A 84 -17.11 -10.09 -23.39
N ARG A 85 -17.28 -9.38 -22.27
CA ARG A 85 -16.88 -9.83 -20.95
C ARG A 85 -18.09 -10.06 -20.05
N PRO A 86 -17.97 -10.93 -19.05
CA PRO A 86 -19.07 -11.08 -18.09
C PRO A 86 -19.12 -9.97 -17.06
N ASP A 87 -18.07 -9.16 -16.96
CA ASP A 87 -17.93 -8.18 -15.88
C ASP A 87 -18.88 -7.00 -16.04
N ILE A 88 -19.68 -6.77 -15.00
CA ILE A 88 -20.59 -5.64 -14.90
C ILE A 88 -20.09 -4.78 -13.75
N VAL A 89 -19.90 -3.49 -14.03
CA VAL A 89 -19.24 -2.58 -13.10
C VAL A 89 -20.05 -1.31 -13.00
N GLU A 90 -19.85 -0.59 -11.90
CA GLU A 90 -20.46 0.73 -11.80
C GLU A 90 -19.75 1.69 -12.73
N GLY A 91 -20.48 2.70 -13.21
CA GLY A 91 -19.91 3.57 -14.22
C GLY A 91 -18.67 4.30 -13.75
N ASP A 92 -18.61 4.64 -12.46
CA ASP A 92 -17.45 5.34 -11.91
C ASP A 92 -16.18 4.48 -12.01
N ASP A 93 -16.35 3.16 -12.03
CA ASP A 93 -15.23 2.23 -12.19
C ASP A 93 -14.57 2.33 -13.55
N LEU A 94 -15.20 3.01 -14.51
CA LEU A 94 -14.63 3.19 -15.83
C LEU A 94 -14.11 4.60 -16.05
N HIS A 95 -14.20 5.47 -15.05
CA HIS A 95 -13.53 6.76 -15.12
C HIS A 95 -12.02 6.52 -15.11
N TYR A 96 -11.30 7.17 -16.03
CA TYR A 96 -9.87 6.86 -16.13
C TYR A 96 -9.13 7.10 -14.80
N VAL A 97 -9.55 8.08 -14.01
CA VAL A 97 -8.87 8.35 -12.74
C VAL A 97 -9.00 7.19 -11.78
N ASN A 98 -10.10 6.46 -11.86
CA ASN A 98 -10.41 5.38 -10.97
C ASN A 98 -9.96 4.02 -11.48
N ASN A 99 -9.42 3.97 -12.68
CA ASN A 99 -9.20 2.70 -13.38
C ASN A 99 -7.75 2.54 -13.78
N PRO A 100 -6.97 1.79 -13.01
CA PRO A 100 -5.53 1.67 -13.28
C PRO A 100 -5.19 0.98 -14.59
N ALA A 101 -6.08 0.14 -15.12
CA ALA A 101 -5.78 -0.48 -16.41
C ALA A 101 -5.75 0.58 -17.51
N MET A 102 -6.72 1.50 -17.49
CA MET A 102 -6.74 2.56 -18.49
C MET A 102 -5.51 3.45 -18.35
N GLN A 103 -5.12 3.74 -17.10
CA GLN A 103 -3.95 4.60 -16.90
C GLN A 103 -2.70 3.91 -17.41
N GLN A 104 -2.57 2.62 -17.13
CA GLN A 104 -1.37 1.90 -17.54
C GLN A 104 -1.30 1.70 -19.05
N MET A 105 -2.46 1.55 -19.72
CA MET A 105 -2.42 1.45 -21.18
C MET A 105 -1.79 2.71 -21.77
N TRP A 106 -2.20 3.88 -21.29
CA TRP A 106 -1.66 5.13 -21.79
C TRP A 106 -0.18 5.26 -21.37
N ASP A 107 0.15 4.93 -20.11
CA ASP A 107 1.56 5.01 -19.70
C ASP A 107 2.44 4.11 -20.55
N ASP A 108 1.95 2.91 -20.91
CA ASP A 108 2.73 2.00 -21.73
C ASP A 108 2.97 2.57 -23.13
N MET A 109 1.96 3.23 -23.72
CA MET A 109 2.14 3.94 -24.98
C MET A 109 3.15 5.07 -24.82
N LYS A 110 2.92 5.95 -23.84
CA LYS A 110 3.75 7.18 -23.71
C LYS A 110 5.23 6.86 -23.44
N ARG A 111 5.52 5.83 -22.65
CA ARG A 111 6.87 5.51 -22.28
C ARG A 111 7.61 4.69 -23.33
N THR A 112 7.03 4.51 -24.51
CA THR A 112 7.62 3.71 -25.55
C THR A 112 8.22 4.56 -26.67
N ILE A 113 9.41 4.13 -27.08
CA ILE A 113 10.11 4.74 -28.24
C ILE A 113 10.78 3.58 -28.98
N ILE A 114 10.78 3.63 -30.31
CA ILE A 114 11.46 2.63 -31.13
C ILE A 114 12.69 3.28 -31.74
N VAL A 115 13.84 2.60 -31.65
CA VAL A 115 15.11 3.20 -32.03
C VAL A 115 15.90 2.22 -32.87
N GLY A 116 16.28 2.65 -34.08
CA GLY A 116 17.10 1.81 -34.94
C GLY A 116 18.48 1.61 -34.36
N MET A 117 19.09 0.47 -34.72
CA MET A 117 20.47 0.20 -34.34
C MET A 117 21.44 0.28 -35.52
N ASP A 118 20.95 0.19 -36.76
CA ASP A 118 21.85 0.12 -37.91
C ASP A 118 22.75 1.35 -37.99
N LEU A 119 22.17 2.55 -37.82
CA LEU A 119 22.96 3.77 -37.92
C LEU A 119 24.04 3.80 -36.85
N ALA A 120 23.70 3.34 -35.64
CA ALA A 120 24.69 3.31 -34.57
C ALA A 120 25.80 2.32 -34.90
N HIS A 121 25.44 1.16 -35.42
CA HIS A 121 26.47 0.19 -35.79
C HIS A 121 27.33 0.73 -36.92
N GLU A 122 26.71 1.46 -37.84
CA GLU A 122 27.48 2.04 -38.96
C GLU A 122 28.47 3.09 -38.43
N THR A 123 28.07 3.85 -37.42
CA THR A 123 28.97 4.83 -36.80
C THR A 123 30.18 4.14 -36.17
N LEU A 124 29.94 3.06 -35.43
CA LEU A 124 31.04 2.37 -34.76
C LEU A 124 32.02 1.82 -35.79
N GLU A 125 31.50 1.26 -36.88
CA GLU A 125 32.36 0.78 -37.95
C GLU A 125 33.15 1.91 -38.60
N LYS A 126 32.44 2.96 -39.00
CA LYS A 126 33.07 4.01 -39.79
C LYS A 126 34.09 4.79 -38.97
N ARG A 127 33.68 5.26 -37.80
CA ARG A 127 34.52 6.17 -37.02
C ARG A 127 35.51 5.46 -36.12
N LEU A 128 35.16 4.30 -35.58
CA LEU A 128 36.05 3.60 -34.67
C LEU A 128 36.65 2.35 -35.26
N GLY A 129 36.18 1.90 -36.42
CA GLY A 129 36.64 0.64 -36.94
C GLY A 129 36.26 -0.55 -36.10
N LYS A 130 35.19 -0.44 -35.31
CA LYS A 130 34.71 -1.56 -34.52
C LYS A 130 34.00 -2.58 -35.39
N GLU A 131 34.07 -3.84 -34.98
CA GLU A 131 33.30 -4.91 -35.62
C GLU A 131 32.08 -5.20 -34.76
N VAL A 132 30.91 -5.17 -35.37
CA VAL A 132 29.65 -5.43 -34.67
C VAL A 132 29.29 -6.88 -34.93
N THR A 133 29.16 -7.66 -33.86
CA THR A 133 28.92 -9.09 -33.93
C THR A 133 27.72 -9.43 -33.07
N PRO A 134 27.15 -10.63 -33.25
CA PRO A 134 26.17 -11.12 -32.26
C PRO A 134 26.66 -11.03 -30.83
N GLU A 135 27.96 -11.27 -30.62
CA GLU A 135 28.51 -11.23 -29.28
C GLU A 135 28.59 -9.81 -28.73
N SER A 136 28.98 -8.83 -29.55
CA SER A 136 28.99 -7.45 -29.08
C SER A 136 27.56 -6.94 -28.87
N ILE A 137 26.63 -7.34 -29.73
CA ILE A 137 25.23 -6.97 -29.56
C ILE A 137 24.68 -7.57 -28.27
N ALA A 138 25.00 -8.84 -28.01
CA ALA A 138 24.56 -9.47 -26.76
C ALA A 138 25.06 -8.68 -25.56
N GLY A 139 26.31 -8.23 -25.59
CA GLY A 139 26.83 -7.46 -24.47
C GLY A 139 26.13 -6.14 -24.31
N TYR A 140 25.83 -5.49 -25.44
CA TYR A 140 25.06 -4.26 -25.45
C TYR A 140 23.67 -4.46 -24.84
N MET A 141 22.98 -5.54 -25.19
CA MET A 141 21.62 -5.74 -24.68
C MET A 141 21.61 -5.96 -23.17
N GLU A 142 22.64 -6.59 -22.63
CA GLU A 142 22.74 -6.70 -21.18
C GLU A 142 22.99 -5.33 -20.57
N ALA A 143 23.91 -4.56 -21.17
CA ALA A 143 24.23 -3.23 -20.66
C ALA A 143 22.98 -2.36 -20.63
N VAL A 144 22.21 -2.37 -21.71
CA VAL A 144 21.10 -1.43 -21.81
C VAL A 144 19.95 -1.84 -20.90
N ASN A 145 19.83 -3.10 -20.57
CA ASN A 145 18.79 -3.48 -19.62
C ASN A 145 19.21 -3.29 -18.17
N HIS A 146 20.50 -3.12 -17.90
CA HIS A 146 20.91 -2.62 -16.60
C HIS A 146 20.77 -1.10 -16.52
N THR A 147 21.20 -0.39 -17.57
CA THR A 147 21.23 1.05 -17.48
C THR A 147 19.86 1.71 -17.70
N MET A 148 19.01 1.17 -18.57
CA MET A 148 17.82 1.92 -18.94
C MET A 148 16.92 2.24 -17.75
N PRO A 149 16.76 1.38 -16.75
CA PRO A 149 15.86 1.75 -15.62
C PRO A 149 16.45 2.82 -14.73
N GLY A 150 17.71 3.22 -14.94
CA GLY A 150 18.35 4.24 -14.13
C GLY A 150 19.53 3.74 -13.31
N ALA A 151 20.40 2.94 -13.89
CA ALA A 151 21.55 2.44 -13.16
C ALA A 151 22.85 2.69 -13.93
N ALA A 152 23.95 2.70 -13.18
CA ALA A 152 25.23 3.22 -13.67
C ALA A 152 26.11 2.14 -14.26
N ILE A 153 26.90 2.49 -15.28
CA ILE A 153 27.78 1.48 -15.97
C ILE A 153 29.22 2.02 -16.16
N VAL A 154 29.43 3.33 -16.10
CA VAL A 154 30.78 3.88 -16.41
C VAL A 154 31.40 4.62 -15.21
N GLN A 155 30.68 5.57 -14.63
CA GLN A 155 31.31 6.42 -13.60
C GLN A 155 31.37 5.78 -12.20
N GLU A 156 32.08 6.46 -11.31
CA GLU A 156 32.16 5.96 -9.91
C GLU A 156 31.32 6.88 -9.01
N HIS A 157 30.83 6.36 -7.89
CA HIS A 157 30.01 7.10 -6.93
C HIS A 157 28.74 7.67 -7.55
N MET A 158 28.06 6.83 -8.33
CA MET A 158 26.77 7.15 -8.96
C MET A 158 25.68 6.67 -8.02
N VAL A 159 24.58 7.40 -8.00
CA VAL A 159 23.40 7.01 -7.26
C VAL A 159 22.32 6.64 -8.26
N GLU A 160 21.48 5.68 -7.91
CA GLU A 160 20.71 4.97 -8.93
C GLU A 160 19.24 4.89 -8.53
N THR A 161 18.40 4.57 -9.51
CA THR A 161 16.98 4.36 -9.20
C THR A 161 16.81 3.03 -8.46
N HIS A 162 15.88 2.98 -7.54
CA HIS A 162 15.49 1.75 -6.86
C HIS A 162 14.95 0.78 -7.90
N PRO A 163 15.57 -0.38 -8.12
CA PRO A 163 15.11 -1.24 -9.22
C PRO A 163 13.66 -1.66 -9.10
N GLY A 164 13.11 -1.70 -7.88
CA GLY A 164 11.71 -2.08 -7.74
C GLY A 164 10.74 -0.99 -8.15
N LEU A 165 11.15 0.27 -8.14
CA LEU A 165 10.31 1.35 -8.62
C LEU A 165 10.26 1.43 -10.14
N VAL A 166 11.19 0.76 -10.83
CA VAL A 166 11.34 0.86 -12.28
C VAL A 166 11.34 -0.53 -12.88
N ASP A 167 10.58 -1.45 -12.27
CA ASP A 167 10.61 -2.86 -12.68
C ASP A 167 9.96 -3.09 -14.05
N ASP A 168 9.22 -2.10 -14.55
CA ASP A 168 8.53 -2.21 -15.82
C ASP A 168 9.37 -1.72 -16.98
N CYS A 169 10.55 -1.17 -16.70
CA CYS A 169 11.40 -0.61 -17.73
C CYS A 169 12.28 -1.69 -18.33
N TYR A 170 12.37 -1.74 -19.66
CA TYR A 170 13.22 -2.72 -20.32
C TYR A 170 13.38 -2.36 -21.79
N VAL A 171 14.33 -3.03 -22.43
CA VAL A 171 14.61 -2.88 -23.85
C VAL A 171 14.68 -4.25 -24.47
N LYS A 172 13.99 -4.45 -25.58
CA LYS A 172 14.18 -5.61 -26.43
C LYS A 172 14.55 -5.20 -27.85
N MET A 173 15.25 -6.07 -28.53
CA MET A 173 15.52 -5.84 -29.95
C MET A 173 14.63 -6.72 -30.81
N PHE A 174 14.46 -6.29 -32.06
CA PHE A 174 13.74 -7.09 -33.04
C PHE A 174 14.28 -6.76 -34.42
N THR A 175 14.08 -7.69 -35.34
CA THR A 175 14.69 -7.57 -36.66
C THR A 175 13.99 -8.49 -37.64
N GLY A 176 13.95 -8.05 -38.90
CA GLY A 176 13.58 -8.94 -39.98
C GLY A 176 14.60 -10.03 -40.29
N ASP A 177 15.81 -9.93 -39.73
CA ASP A 177 16.90 -10.89 -39.98
C ASP A 177 16.82 -12.02 -38.96
N ASP A 178 16.19 -13.13 -39.36
CA ASP A 178 16.03 -14.28 -38.48
C ASP A 178 17.36 -14.80 -37.96
N GLU A 179 18.40 -14.77 -38.79
CA GLU A 179 19.70 -15.29 -38.38
C GLU A 179 20.20 -14.54 -37.15
N LEU A 180 20.07 -13.21 -37.15
CA LEU A 180 20.49 -12.44 -35.99
C LEU A 180 19.53 -12.64 -34.82
N ALA A 181 18.22 -12.58 -35.07
CA ALA A 181 17.29 -12.77 -33.96
C ALA A 181 17.55 -14.08 -33.23
N ASP A 182 18.07 -15.08 -33.94
CA ASP A 182 18.32 -16.39 -33.38
C ASP A 182 19.61 -16.46 -32.57
N GLU A 183 20.54 -15.51 -32.79
CA GLU A 183 21.85 -15.57 -32.12
C GLU A 183 21.80 -14.83 -30.76
N ILE A 184 20.74 -14.06 -30.51
CA ILE A 184 20.65 -13.28 -29.28
C ILE A 184 19.76 -14.04 -28.30
N ASP A 185 20.16 -14.03 -27.03
CA ASP A 185 19.37 -14.60 -25.95
C ASP A 185 17.93 -14.12 -26.08
N SER A 186 17.01 -15.08 -26.07
CA SER A 186 15.62 -14.77 -26.39
C SER A 186 14.95 -13.86 -25.39
N GLN A 187 15.49 -13.74 -24.17
CA GLN A 187 14.94 -12.78 -23.22
C GLN A 187 15.08 -11.34 -23.72
N TYR A 188 15.98 -11.09 -24.68
CA TYR A 188 16.23 -9.75 -25.18
C TYR A 188 15.58 -9.46 -26.53
N VAL A 189 14.78 -10.39 -27.06
CA VAL A 189 14.30 -10.35 -28.44
C VAL A 189 12.79 -10.46 -28.46
N ILE A 190 12.14 -9.61 -29.27
CA ILE A 190 10.74 -9.84 -29.61
C ILE A 190 10.68 -10.86 -30.74
N ASN A 191 10.07 -12.01 -30.46
CA ASN A 191 10.05 -13.11 -31.42
C ASN A 191 8.90 -12.91 -32.40
N ILE A 192 9.19 -12.31 -33.54
CA ILE A 192 8.15 -11.98 -34.53
C ILE A 192 7.48 -13.26 -35.01
N ASN A 193 8.26 -14.32 -35.21
CA ASN A 193 7.72 -15.55 -35.78
C ASN A 193 6.74 -16.24 -34.84
N ASP A 194 7.02 -16.17 -33.54
CA ASP A 194 6.13 -16.83 -32.53
C ASP A 194 4.88 -15.98 -32.31
N LEU A 195 5.02 -14.65 -32.28
CA LEU A 195 3.89 -13.79 -31.97
C LEU A 195 2.94 -13.62 -33.16
N PHE A 196 3.45 -13.77 -34.38
CA PHE A 196 2.68 -13.51 -35.57
C PHE A 196 2.58 -14.76 -36.43
N ASP A 197 2.18 -15.86 -35.80
CA ASP A 197 2.16 -17.14 -36.51
C ASP A 197 0.95 -17.30 -37.42
N LYS A 198 -0.09 -16.49 -37.25
CA LYS A 198 -1.32 -16.70 -38.01
C LYS A 198 -1.28 -15.97 -39.34
N GLU A 199 -1.87 -16.60 -40.36
CA GLU A 199 -2.12 -15.99 -41.68
C GLU A 199 -0.84 -15.39 -42.28
N GLY A 200 0.30 -16.01 -41.97
CA GLY A 200 1.55 -15.56 -42.54
C GLY A 200 1.97 -14.17 -42.12
N GLN A 201 1.40 -13.68 -41.02
CA GLN A 201 1.64 -12.30 -40.62
C GLN A 201 3.11 -12.05 -40.36
N ASN A 202 3.82 -13.05 -39.82
CA ASN A 202 5.22 -12.87 -39.50
C ASN A 202 6.03 -12.57 -40.75
N GLU A 203 5.70 -13.22 -41.86
CA GLU A 203 6.47 -12.98 -43.08
C GLU A 203 6.17 -11.61 -43.68
N LYS A 204 4.94 -11.12 -43.53
CA LYS A 204 4.63 -9.76 -43.96
C LYS A 204 5.42 -8.74 -43.16
N LEU A 205 5.49 -8.94 -41.84
CA LEU A 205 6.19 -7.99 -40.98
C LEU A 205 7.68 -8.02 -41.27
N LYS A 206 8.25 -9.22 -41.42
CA LYS A 206 9.68 -9.28 -41.65
C LYS A 206 10.04 -8.66 -42.99
N ALA A 207 9.19 -8.84 -44.00
CA ALA A 207 9.46 -8.26 -45.31
C ALA A 207 9.35 -6.75 -45.26
N ALA A 208 8.42 -6.22 -44.46
CA ALA A 208 8.30 -4.77 -44.34
C ALA A 208 9.41 -4.16 -43.52
N ILE A 209 9.95 -4.90 -42.55
CA ILE A 209 11.01 -4.34 -41.73
C ILE A 209 12.35 -4.48 -42.45
N GLY A 210 12.54 -5.56 -43.21
CA GLY A 210 13.81 -5.83 -43.85
C GLY A 210 14.86 -6.32 -42.87
N LYS A 211 16.06 -6.52 -43.40
CA LYS A 211 17.20 -6.94 -42.58
C LYS A 211 17.74 -5.73 -41.80
N THR A 212 16.87 -5.14 -40.99
CA THR A 212 17.23 -3.99 -40.18
C THR A 212 16.95 -4.35 -38.74
N THR A 213 17.68 -3.72 -37.82
CA THR A 213 17.59 -4.03 -36.40
C THR A 213 17.06 -2.84 -35.62
N TRP A 214 16.13 -3.10 -34.71
CA TRP A 214 15.44 -2.09 -33.94
C TRP A 214 15.41 -2.45 -32.47
N GLN A 215 15.30 -1.44 -31.63
CA GLN A 215 15.07 -1.60 -30.21
C GLN A 215 13.71 -1.04 -29.85
N ALA A 216 12.96 -1.81 -29.09
CA ALA A 216 11.72 -1.36 -28.45
C ALA A 216 12.12 -0.95 -27.04
N VAL A 217 12.06 0.35 -26.76
CA VAL A 217 12.49 0.89 -25.46
C VAL A 217 11.25 1.30 -24.70
N HIS A 218 11.17 0.89 -23.43
CA HIS A 218 10.04 1.22 -22.57
C HIS A 218 10.64 1.79 -21.28
N ILE A 219 10.56 3.10 -21.14
CA ILE A 219 11.18 3.75 -19.99
C ILE A 219 10.23 3.58 -18.80
N PRO A 220 10.65 3.89 -17.57
CA PRO A 220 9.80 3.59 -16.40
C PRO A 220 8.52 4.40 -16.40
N THR A 221 7.42 3.71 -16.07
CA THR A 221 6.15 4.39 -15.86
C THR A 221 6.30 5.54 -14.87
N ILE A 222 7.07 5.35 -13.80
CA ILE A 222 7.13 6.37 -12.76
C ILE A 222 7.72 7.66 -13.34
N VAL A 223 8.58 7.54 -14.34
CA VAL A 223 9.23 8.71 -14.94
C VAL A 223 8.23 9.50 -15.76
N VAL A 224 7.46 8.83 -16.63
CA VAL A 224 6.49 9.62 -17.41
C VAL A 224 5.37 10.15 -16.52
N ARG A 225 5.11 9.52 -15.37
CA ARG A 225 4.12 10.07 -14.46
C ARG A 225 4.64 11.34 -13.78
N CYS A 226 5.90 11.34 -13.35
CA CYS A 226 6.49 12.57 -12.82
C CYS A 226 6.64 13.65 -13.89
N CYS A 227 6.91 13.26 -15.14
CA CYS A 227 7.31 14.18 -16.19
C CYS A 227 6.28 14.11 -17.33
N ASP A 228 6.71 13.91 -18.57
CA ASP A 228 5.77 13.87 -19.67
C ASP A 228 6.29 12.92 -20.74
N GLY A 229 5.52 12.84 -21.84
CA GLY A 229 5.91 11.95 -22.92
C GLY A 229 7.16 12.39 -23.65
N GLY A 230 7.48 13.67 -23.59
CA GLY A 230 8.73 14.17 -24.15
C GLY A 230 9.96 13.61 -23.49
N ASN A 231 9.81 13.06 -22.28
CA ASN A 231 10.92 12.42 -21.59
C ASN A 231 11.38 11.17 -22.31
N THR A 232 10.47 10.49 -23.02
CA THR A 232 10.72 9.12 -23.43
C THR A 232 11.91 8.99 -24.39
N SER A 233 11.92 9.74 -25.49
CA SER A 233 13.00 9.55 -26.45
C SER A 233 14.33 10.03 -25.89
N ARG A 234 14.31 11.03 -25.01
CA ARG A 234 15.55 11.52 -24.41
C ARG A 234 16.11 10.50 -23.43
N TRP A 235 15.25 10.00 -22.52
CA TRP A 235 15.69 8.99 -21.56
C TRP A 235 16.26 7.78 -22.29
N SER A 236 15.53 7.26 -23.27
CA SER A 236 16.02 6.15 -24.08
C SER A 236 17.42 6.42 -24.63
N ALA A 237 17.60 7.58 -25.26
CA ALA A 237 18.87 7.88 -25.93
C ALA A 237 20.02 7.97 -24.94
N MET A 238 19.78 8.52 -23.74
CA MET A 238 20.87 8.67 -22.79
C MET A 238 21.45 7.31 -22.44
N GLN A 239 20.58 6.34 -22.14
CA GLN A 239 21.04 5.03 -21.69
C GLN A 239 21.48 4.13 -22.84
N ILE A 240 20.88 4.29 -24.03
CA ILE A 240 21.45 3.70 -25.24
C ILE A 240 22.90 4.17 -25.41
N GLY A 241 23.13 5.48 -25.26
CA GLY A 241 24.48 6.00 -25.41
C GLY A 241 25.45 5.40 -24.39
N MET A 242 25.06 5.43 -23.11
CA MET A 242 25.88 4.81 -22.06
C MET A 242 26.22 3.37 -22.39
N SER A 243 25.25 2.63 -22.95
CA SER A 243 25.44 1.21 -23.23
C SER A 243 26.39 0.99 -24.40
N PHE A 244 26.30 1.83 -25.43
CA PHE A 244 27.27 1.73 -26.53
C PHE A 244 28.68 2.05 -26.03
N ILE A 245 28.82 3.05 -25.15
CA ILE A 245 30.14 3.39 -24.66
C ILE A 245 30.77 2.17 -23.98
N ALA A 246 30.01 1.53 -23.12
CA ALA A 246 30.50 0.35 -22.40
C ALA A 246 30.74 -0.81 -23.36
N ALA A 247 29.77 -1.11 -24.21
CA ALA A 247 29.84 -2.34 -24.97
C ALA A 247 30.85 -2.30 -26.09
N TYR A 248 31.31 -1.12 -26.51
CA TYR A 248 32.30 -1.03 -27.57
C TYR A 248 33.58 -0.34 -27.13
N ASN A 249 33.80 -0.22 -25.81
CA ASN A 249 35.02 0.37 -25.25
C ASN A 249 35.34 1.71 -25.90
N MET A 250 34.31 2.54 -26.05
CA MET A 250 34.54 3.86 -26.59
C MET A 250 35.16 4.76 -25.52
N CYS A 251 35.72 5.91 -25.94
CA CYS A 251 35.90 6.98 -24.96
C CYS A 251 34.52 7.32 -24.40
N ALA A 252 34.41 7.49 -23.08
CA ALA A 252 33.15 7.90 -22.46
C ALA A 252 32.94 9.39 -22.71
N GLY A 253 32.58 9.69 -23.97
CA GLY A 253 32.43 11.07 -24.42
C GLY A 253 33.43 11.50 -25.49
N GLU A 254 33.31 10.97 -26.70
CA GLU A 254 34.08 11.44 -27.85
C GLU A 254 33.10 11.82 -28.95
N ALA A 255 33.64 12.44 -30.01
CA ALA A 255 32.78 12.94 -31.08
C ALA A 255 31.83 11.88 -31.59
N ALA A 256 32.30 10.63 -31.70
CA ALA A 256 31.44 9.58 -32.23
C ALA A 256 30.22 9.34 -31.33
N VAL A 257 30.36 9.61 -30.04
CA VAL A 257 29.22 9.44 -29.12
C VAL A 257 28.08 10.38 -29.52
N ALA A 258 28.42 11.59 -29.99
CA ALA A 258 27.37 12.53 -30.37
C ALA A 258 26.64 12.05 -31.60
N ASP A 259 27.32 11.29 -32.46
CA ASP A 259 26.64 10.70 -33.61
C ASP A 259 25.63 9.65 -33.16
N LEU A 260 25.99 8.86 -32.13
CA LEU A 260 25.04 7.92 -31.55
C LEU A 260 23.86 8.64 -30.93
N ALA A 261 24.12 9.79 -30.29
CA ALA A 261 23.04 10.56 -29.68
C ALA A 261 22.06 11.05 -30.74
N PHE A 262 22.59 11.64 -31.83
CA PHE A 262 21.71 12.14 -32.89
C PHE A 262 20.91 10.98 -33.49
N ALA A 263 21.54 9.83 -33.66
CA ALA A 263 20.81 8.70 -34.22
C ALA A 263 19.71 8.24 -33.28
N ALA A 264 20.00 8.18 -31.98
CA ALA A 264 19.04 7.67 -31.00
C ALA A 264 17.91 8.66 -30.75
N LYS A 265 18.23 9.96 -30.76
CA LYS A 265 17.23 10.99 -30.50
C LYS A 265 16.43 11.42 -31.69
N MHS A 266 17.01 11.26 -32.88
CA MHS A 266 16.38 11.81 -34.06
C MHS A 266 16.40 10.90 -35.28
O MHS A 266 15.37 10.45 -35.78
CB MHS A 266 17.01 13.16 -34.47
CG MHS A 266 16.89 14.14 -33.37
ND1 MHS A 266 15.71 14.85 -32.99
CD2 MHS A 266 17.89 14.57 -32.48
CE1 MHS A 266 16.07 15.65 -31.91
NE2 MHS A 266 17.36 15.51 -31.60
CM MHS A 266 14.41 14.80 -33.58
N ALA A 267 17.60 10.61 -35.77
CA ALA A 267 17.72 10.05 -37.12
C ALA A 267 17.23 8.61 -37.21
N ALA A 268 17.27 7.87 -36.09
CA ALA A 268 16.75 6.50 -36.08
C ALA A 268 15.61 6.30 -35.08
N ALA A 269 15.00 7.38 -34.60
CA ALA A 269 14.00 7.36 -33.55
C ALA A 269 12.61 7.43 -34.18
N VAL A 270 11.71 6.58 -33.72
CA VAL A 270 10.34 6.52 -34.22
C VAL A 270 9.43 6.84 -33.05
N GLN A 271 8.98 8.08 -32.96
CA GLN A 271 8.12 8.47 -31.85
C GLN A 271 6.72 7.85 -32.02
N MET A 272 6.01 7.73 -30.90
CA MET A 272 4.62 7.32 -30.98
C MET A 272 3.76 8.47 -31.52
N ALA A 273 4.19 9.72 -31.29
CA ALA A 273 3.41 10.90 -31.63
C ALA A 273 4.35 12.09 -31.68
N GLU A 274 4.12 13.01 -32.64
CA GLU A 274 4.89 14.23 -32.76
C GLU A 274 4.22 15.38 -32.01
N MET A 275 4.94 16.50 -31.91
CA MET A 275 4.46 17.66 -31.11
C MET A 275 3.18 18.30 -31.70
N LEU A 276 2.58 19.21 -30.94
CA LEU A 276 1.31 19.87 -31.38
C LEU A 276 1.50 21.38 -31.47
N PRO A 277 0.63 22.12 -32.22
CA PRO A 277 0.73 23.57 -32.27
C PRO A 277 0.60 24.26 -30.91
N ALA A 278 0.89 25.56 -30.88
CA ALA A 278 0.95 26.32 -29.60
C ALA A 278 -0.37 26.25 -28.80
N ARG A 279 -1.51 26.52 -29.45
CA ARG A 279 -2.79 26.57 -28.70
C ARG A 279 -2.89 25.34 -27.79
N AGM A 280 -2.41 24.19 -28.25
CA AGM A 280 -2.46 22.98 -27.46
CB AGM A 280 -3.47 21.96 -28.06
CG AGM A 280 -3.25 21.65 -29.55
CD AGM A 280 -4.50 21.09 -30.26
CE2 AGM A 280 -4.66 19.63 -29.84
NE1 AGM A 280 -4.36 21.11 -31.72
CZ AGM A 280 -4.52 22.19 -32.54
NH1 AGM A 280 -4.36 22.13 -33.91
NH2 AGM A 280 -4.85 23.39 -31.95
C AGM A 280 -1.09 22.34 -27.30
O AGM A 280 -0.89 21.12 -27.43
N ALA A 281 -0.11 23.20 -27.00
CA ALA A 281 1.29 22.83 -26.94
C ALA A 281 1.51 21.64 -26.00
N ARG A 282 2.20 20.64 -26.54
CA ARG A 282 2.43 19.38 -25.87
C ARG A 282 3.76 18.86 -26.39
N SER A 283 4.45 18.11 -25.54
CA SER A 283 5.65 17.41 -25.94
C SER A 283 5.27 16.30 -26.90
N PRO A 284 6.25 15.72 -27.59
CA PRO A 284 6.01 14.46 -28.30
C PRO A 284 5.51 13.36 -27.37
N ASN A 285 5.05 12.28 -27.99
CA ASN A 285 4.52 11.12 -27.28
C ASN A 285 3.34 11.48 -26.37
N GLU A 286 2.46 12.35 -26.86
CA GLU A 286 1.19 12.64 -26.21
C GLU A 286 0.03 12.34 -27.15
N PRO A 287 -1.19 12.20 -26.63
CA PRO A 287 -2.24 11.61 -27.45
C PRO A 287 -2.65 12.47 -28.63
N GLY A 288 -2.57 13.78 -28.53
CA GLY A 288 -2.96 14.62 -29.66
C GLY A 288 -2.16 14.31 -30.90
N GLY A 289 -0.87 13.93 -30.72
CA GLY A 289 -0.04 13.58 -31.85
C GLY A 289 -0.16 12.16 -32.35
N LEU A 290 -1.02 11.35 -31.75
CA LEU A 290 -1.12 9.94 -32.11
C LEU A 290 -2.00 9.76 -33.34
N SER A 291 -1.42 9.20 -34.40
CA SER A 291 -2.16 8.92 -35.62
C SER A 291 -3.04 7.69 -35.42
N PHE A 292 -4.14 7.66 -36.18
CA PHE A 292 -5.08 6.56 -36.09
C PHE A 292 -4.45 5.26 -36.57
N GLY A 293 -3.56 5.32 -37.57
CA GLY A 293 -2.86 4.12 -37.99
C GLY A 293 -2.00 3.54 -36.90
N TYR A 294 -1.26 4.40 -36.19
CA TYR A 294 -0.42 3.90 -35.10
C TYR A 294 -1.28 3.34 -33.97
N CYS A 295 -2.35 4.06 -33.59
CA CYS A 295 -3.23 3.56 -32.54
C CYS A 295 -3.74 2.17 -32.87
N ALA A 296 -4.20 1.99 -34.12
CA ALA A 296 -4.71 0.70 -34.56
C ALA A 296 -3.62 -0.37 -34.50
N ASP A 297 -2.38 0.03 -34.79
CA ASP A 297 -1.30 -0.95 -34.85
C ASP A 297 -0.80 -1.32 -33.46
N MET A 298 -1.09 -0.49 -32.44
CA MET A 298 -0.72 -0.88 -31.10
C MET A 298 -1.60 -2.03 -30.57
N VAL A 299 -2.83 -2.12 -31.04
CA VAL A 299 -3.76 -3.15 -30.56
C VAL A 299 -3.45 -4.47 -31.25
N GLN A 300 -3.47 -5.57 -30.49
CA GLN A 300 -2.85 -6.82 -30.95
C GLN A 300 -3.87 -7.93 -31.19
N THR A 301 -5.15 -7.64 -31.10
CA THR A 301 -6.13 -8.70 -31.36
C THR A 301 -6.02 -9.23 -32.77
N LEU A 302 -5.47 -8.42 -33.70
CA LEU A 302 -5.32 -8.85 -35.08
C LEU A 302 -4.37 -10.04 -35.24
N ARG A 303 -3.35 -10.15 -34.38
CA ARG A 303 -2.46 -11.31 -34.46
C ARG A 303 -3.07 -12.54 -33.79
N VAL A 304 -4.08 -12.34 -32.94
CA VAL A 304 -4.70 -13.45 -32.22
C VAL A 304 -5.78 -14.12 -33.06
N LYS A 305 -6.66 -13.35 -33.70
CA LYS A 305 -7.82 -13.93 -34.40
C LYS A 305 -8.14 -13.11 -35.64
N PRO A 306 -7.25 -13.11 -36.62
CA PRO A 306 -7.52 -12.34 -37.85
C PRO A 306 -8.73 -12.83 -38.61
N GLU A 307 -9.19 -14.05 -38.33
CA GLU A 307 -10.35 -14.60 -39.02
C GLU A 307 -11.66 -13.96 -38.57
N ASP A 308 -11.68 -13.20 -37.48
CA ASP A 308 -12.85 -12.41 -37.08
C ASP A 308 -12.43 -10.95 -37.09
N PRO A 309 -12.57 -10.26 -38.21
CA PRO A 309 -12.08 -8.88 -38.28
C PRO A 309 -12.84 -7.92 -37.38
N VAL A 310 -14.07 -8.26 -36.99
CA VAL A 310 -14.86 -7.37 -36.14
C VAL A 310 -14.28 -7.30 -34.73
N TRP A 311 -13.78 -8.42 -34.19
CA TRP A 311 -13.31 -8.42 -32.82
C TRP A 311 -12.13 -7.46 -32.66
N TYR A 312 -11.11 -7.60 -33.51
CA TYR A 312 -9.98 -6.67 -33.43
C TYR A 312 -10.45 -5.24 -33.64
N THR A 313 -11.34 -5.02 -34.62
CA THR A 313 -11.83 -3.68 -34.90
C THR A 313 -12.40 -3.05 -33.63
N LEU A 314 -13.24 -3.78 -32.92
CA LEU A 314 -13.88 -3.21 -31.75
C LEU A 314 -12.95 -3.12 -30.55
N GLU A 315 -11.90 -3.96 -30.48
CA GLU A 315 -10.86 -3.74 -29.48
C GLU A 315 -10.11 -2.45 -29.75
N VAL A 316 -9.87 -2.14 -31.03
CA VAL A 316 -9.24 -0.85 -31.35
C VAL A 316 -10.18 0.28 -30.94
N VAL A 317 -11.46 0.16 -31.24
CA VAL A 317 -12.41 1.19 -30.80
C VAL A 317 -12.33 1.38 -29.28
N ALA A 318 -12.27 0.28 -28.54
CA ALA A 318 -12.18 0.38 -27.08
C ALA A 318 -10.90 1.07 -26.64
N CYS A 319 -9.78 0.70 -27.25
CA CYS A 319 -8.51 1.36 -26.95
C CYS A 319 -8.60 2.86 -27.24
N GLY A 320 -8.99 3.20 -28.47
CA GLY A 320 -8.97 4.58 -28.90
C GLY A 320 -10.00 5.47 -28.21
N THR A 321 -11.23 4.99 -28.05
CA THR A 321 -12.23 5.87 -27.46
C THR A 321 -11.86 6.21 -26.03
N MET A 322 -11.38 5.22 -25.27
CA MET A 322 -10.95 5.51 -23.90
C MET A 322 -9.83 6.55 -23.92
N LEU A 323 -8.76 6.27 -24.68
CA LEU A 323 -7.59 7.14 -24.67
C LEU A 323 -7.96 8.52 -25.17
N TYR A 324 -8.56 8.59 -26.34
CA TYR A 324 -8.74 9.89 -26.96
C TYR A 324 -9.83 10.69 -26.28
N ASP A 325 -10.93 10.03 -25.86
CA ASP A 325 -12.03 10.80 -25.27
C ASP A 325 -11.86 10.98 -23.76
N GLN A 326 -11.50 9.91 -23.04
CA GLN A 326 -11.48 9.99 -21.58
C GLN A 326 -10.22 10.67 -21.08
N ILE A 327 -9.06 10.27 -21.59
CA ILE A 327 -7.79 10.79 -21.11
C ILE A 327 -7.38 12.04 -21.87
N TRP A 328 -7.34 11.97 -23.19
CA TRP A 328 -6.89 13.12 -23.98
C TRP A 328 -7.89 14.26 -23.94
N LEU A 329 -9.08 14.08 -24.51
CA LEU A 329 -10.00 15.20 -24.57
C LEU A 329 -10.60 15.50 -23.20
N GLY A 330 -10.90 14.44 -22.42
CA GLY A 330 -11.53 14.58 -21.11
C GLY A 330 -10.60 14.95 -19.99
N SER A 331 -9.30 14.97 -20.22
CA SER A 331 -8.39 15.41 -19.18
C SER A 331 -7.35 16.37 -19.76
N TYR A 332 -6.40 15.88 -20.56
CA TYR A 332 -5.38 16.79 -21.11
C TYR A 332 -5.97 18.09 -21.68
N MET A 333 -7.07 18.00 -22.43
CA MET A 333 -7.70 19.16 -23.08
C MET A 333 -8.92 19.70 -22.36
N SER A 334 -9.30 19.13 -21.23
CA SER A 334 -10.38 19.70 -20.43
C SER A 334 -10.17 19.32 -18.98
N GLY A 335 -10.93 18.36 -18.49
CA GLY A 335 -10.79 17.90 -17.13
C GLY A 335 -12.09 17.96 -16.37
N GLY A 336 -12.01 17.57 -15.10
CA GLY A 336 -13.17 17.46 -14.25
C GLY A 336 -13.79 16.08 -14.27
N VAL A 337 -15.11 16.02 -14.09
CA VAL A 337 -15.83 14.77 -14.25
C VAL A 337 -15.46 14.12 -15.59
N GLY A 338 -15.38 14.93 -16.63
CA GLY A 338 -14.86 14.41 -17.88
C GLY A 338 -15.87 13.61 -18.68
N PHE A 339 -15.35 12.66 -19.46
CA PHE A 339 -16.04 12.12 -20.61
C PHE A 339 -16.07 10.60 -20.61
N THR A 340 -16.30 10.00 -19.45
CA THR A 340 -16.30 8.54 -19.32
C THR A 340 -17.33 7.89 -20.24
N GLN A 341 -18.60 8.30 -20.13
CA GLN A 341 -19.66 7.64 -20.86
C GLN A 341 -19.73 8.03 -22.33
N TYR A 342 -19.15 9.17 -22.72
CA TYR A 342 -18.97 9.40 -24.15
C TYR A 342 -18.17 8.27 -24.79
N ALA A 343 -17.23 7.67 -24.04
CA ALA A 343 -16.43 6.57 -24.53
C ALA A 343 -17.02 5.20 -24.19
N THR A 344 -17.61 5.03 -23.00
CA THR A 344 -18.11 3.72 -22.63
C THR A 344 -19.15 3.23 -23.63
N ALA A 345 -19.87 4.15 -24.26
CA ALA A 345 -20.88 3.74 -25.22
C ALA A 345 -20.28 2.85 -26.31
N ALA A 346 -18.99 3.02 -26.59
CA ALA A 346 -18.33 2.29 -27.67
C ALA A 346 -17.73 0.97 -27.21
N TYR A 347 -17.69 0.70 -25.90
CA TYR A 347 -17.05 -0.55 -25.47
C TYR A 347 -17.82 -1.25 -24.35
N THR A 348 -19.09 -0.91 -24.14
CA THR A 348 -19.91 -1.60 -23.16
C THR A 348 -21.24 -2.06 -23.73
N ASN A 349 -21.82 -3.04 -23.02
CA ASN A 349 -23.19 -3.53 -23.20
C ASN A 349 -23.43 -4.12 -24.58
N ASP A 350 -22.35 -4.40 -25.33
CA ASP A 350 -22.39 -5.13 -26.59
C ASP A 350 -23.23 -4.42 -27.64
N VAL A 351 -23.35 -3.10 -27.53
CA VAL A 351 -24.21 -2.35 -28.45
C VAL A 351 -23.54 -2.19 -29.81
N LEU A 352 -22.35 -1.56 -29.81
CA LEU A 352 -21.60 -1.42 -31.05
C LEU A 352 -21.36 -2.77 -31.70
N ASP A 353 -21.09 -3.79 -30.89
CA ASP A 353 -20.91 -5.14 -31.39
C ASP A 353 -22.13 -5.58 -32.19
N ASP A 354 -23.32 -5.41 -31.61
CA ASP A 354 -24.52 -5.81 -32.33
C ASP A 354 -24.64 -5.07 -33.66
N PHE A 355 -24.48 -3.75 -33.63
CA PHE A 355 -24.69 -2.94 -34.84
C PHE A 355 -23.67 -3.31 -35.91
N THR A 356 -22.43 -3.62 -35.50
CA THR A 356 -21.33 -3.91 -36.41
C THR A 356 -21.39 -5.33 -36.97
N TYR A 357 -21.68 -6.32 -36.13
CA TYR A 357 -21.86 -7.66 -36.70
C TYR A 357 -23.07 -7.73 -37.61
N TYR A 358 -24.12 -6.96 -37.32
CA TYR A 358 -25.24 -6.87 -38.26
C TYR A 358 -24.75 -6.36 -39.61
N GLY A 359 -23.97 -5.28 -39.60
CA GLY A 359 -23.44 -4.74 -40.84
C GLY A 359 -22.52 -5.71 -41.55
N TYR A 360 -21.68 -6.39 -40.80
CA TYR A 360 -20.75 -7.36 -41.38
C TYR A 360 -21.51 -8.45 -42.13
N ASP A 361 -22.57 -8.98 -41.51
CA ASP A 361 -23.41 -9.98 -42.16
C ASP A 361 -24.12 -9.41 -43.38
N TYR A 362 -24.61 -8.18 -43.29
CA TYR A 362 -25.24 -7.55 -44.46
C TYR A 362 -24.27 -7.47 -45.62
N ALA A 363 -23.04 -7.02 -45.35
CA ALA A 363 -22.03 -6.91 -46.39
C ALA A 363 -21.63 -8.28 -46.94
N LEU A 364 -21.41 -9.27 -46.06
CA LEU A 364 -20.99 -10.58 -46.54
C LEU A 364 -22.00 -11.12 -47.54
N ASN A 365 -23.28 -10.94 -47.25
CA ASN A 365 -24.32 -11.52 -48.09
C ASN A 365 -24.56 -10.71 -49.35
N LYS A 366 -24.28 -9.41 -49.33
CA LYS A 366 -24.57 -8.58 -50.49
C LYS A 366 -23.35 -8.47 -51.40
N TYR A 367 -22.18 -8.20 -50.82
CA TYR A 367 -20.99 -7.89 -51.59
C TYR A 367 -19.97 -9.01 -51.65
N GLY A 368 -19.90 -9.88 -50.67
CA GLY A 368 -18.94 -10.97 -50.68
C GLY A 368 -18.02 -10.88 -49.47
N ASP A 369 -16.92 -11.63 -49.56
CA ASP A 369 -16.05 -11.85 -48.39
C ASP A 369 -15.30 -10.57 -48.03
N ASP A 370 -14.71 -10.62 -46.82
CA ASP A 370 -13.86 -9.57 -46.29
C ASP A 370 -13.05 -8.88 -47.38
N GLY A 371 -13.18 -7.55 -47.50
CA GLY A 371 -12.26 -6.79 -48.31
C GLY A 371 -12.57 -6.72 -49.79
N THR A 372 -13.63 -7.37 -50.26
CA THR A 372 -13.89 -7.48 -51.70
C THR A 372 -14.93 -6.50 -52.23
N ALA A 373 -15.55 -5.69 -51.37
CA ALA A 373 -16.57 -4.78 -51.86
C ALA A 373 -15.94 -3.64 -52.68
N PRO A 374 -16.70 -3.06 -53.63
CA PRO A 374 -16.13 -1.99 -54.46
C PRO A 374 -15.69 -0.80 -53.61
N ASN A 375 -14.55 -0.23 -53.97
CA ASN A 375 -13.98 0.89 -53.22
C ASN A 375 -14.53 2.20 -53.79
N ASP A 376 -15.80 2.47 -53.53
CA ASP A 376 -16.41 3.68 -54.09
C ASP A 376 -17.48 4.28 -53.19
N LEU A 377 -17.86 5.50 -53.56
CA LEU A 377 -18.82 6.28 -52.80
C LEU A 377 -20.19 5.59 -52.76
N ALA A 378 -20.58 4.94 -53.86
CA ALA A 378 -21.86 4.24 -53.88
C ALA A 378 -21.91 3.15 -52.82
N THR A 379 -20.81 2.40 -52.67
CA THR A 379 -20.78 1.31 -51.70
C THR A 379 -20.80 1.86 -50.27
N ALA A 380 -20.00 2.90 -50.00
CA ALA A 380 -20.05 3.55 -48.70
C ALA A 380 -21.46 3.98 -48.36
N THR A 381 -22.19 4.49 -49.36
CA THR A 381 -23.55 4.99 -49.16
C THR A 381 -24.50 3.87 -48.76
N ASP A 382 -24.45 2.77 -49.49
CA ASP A 382 -25.32 1.62 -49.21
C ASP A 382 -25.07 1.06 -47.81
N LEU A 383 -23.81 0.78 -47.48
CA LEU A 383 -23.52 0.13 -46.20
C LEU A 383 -23.85 1.05 -45.03
N ALA A 384 -23.46 2.33 -45.13
CA ALA A 384 -23.68 3.25 -44.03
C ALA A 384 -25.16 3.46 -43.77
N THR A 385 -25.96 3.58 -44.84
CA THR A 385 -27.39 3.82 -44.66
C THR A 385 -28.07 2.61 -44.03
N GLU A 386 -27.73 1.41 -44.49
CA GLU A 386 -28.37 0.24 -43.94
C GLU A 386 -27.97 0.03 -42.48
N VAL A 387 -26.69 0.19 -42.17
CA VAL A 387 -26.22 -0.07 -40.80
C VAL A 387 -26.78 0.98 -39.85
N THR A 388 -26.86 2.24 -40.30
CA THR A 388 -27.41 3.30 -39.47
C THR A 388 -28.91 3.12 -39.24
N LEU A 389 -29.67 2.85 -40.31
CA LEU A 389 -31.10 2.62 -40.13
C LEU A 389 -31.36 1.44 -39.19
N ASN A 390 -30.65 0.33 -39.38
CA ASN A 390 -30.84 -0.80 -38.48
C ASN A 390 -30.59 -0.42 -37.02
N GLY A 391 -29.52 0.34 -36.77
CA GLY A 391 -29.20 0.71 -35.41
C GLY A 391 -30.21 1.67 -34.82
N MET A 392 -30.65 2.65 -35.61
CA MET A 392 -31.69 3.56 -35.14
C MET A 392 -32.95 2.78 -34.77
N GLU A 393 -33.31 1.80 -35.60
CA GLU A 393 -34.47 0.97 -35.31
C GLU A 393 -34.27 0.19 -34.02
N CYS A 394 -33.05 -0.25 -33.75
CA CYS A 394 -32.78 -0.91 -32.47
C CYS A 394 -33.03 0.02 -31.30
N TYR A 395 -32.50 1.25 -31.38
CA TYR A 395 -32.75 2.22 -30.32
C TYR A 395 -34.24 2.52 -30.19
N GLU A 396 -34.96 2.55 -31.31
CA GLU A 396 -36.39 2.85 -31.27
C GLU A 396 -37.18 1.69 -30.70
N ASP A 397 -36.77 0.46 -31.00
CA ASP A 397 -37.51 -0.71 -30.56
C ASP A 397 -37.19 -1.15 -29.13
N TYR A 398 -36.04 -0.75 -28.59
CA TYR A 398 -35.61 -1.16 -27.25
C TYR A 398 -35.39 0.10 -26.43
N PRO A 399 -36.41 0.57 -25.73
CA PRO A 399 -36.25 1.81 -24.96
C PRO A 399 -35.08 1.83 -23.99
N THR A 400 -34.72 0.71 -23.34
CA THR A 400 -33.58 0.77 -22.44
C THR A 400 -32.24 0.83 -23.18
N LEU A 401 -32.20 0.45 -24.45
CA LEU A 401 -30.99 0.71 -25.24
C LEU A 401 -30.80 2.20 -25.50
N LEU A 402 -31.87 2.89 -25.91
CA LEU A 402 -31.81 4.34 -26.06
C LEU A 402 -31.43 5.01 -24.75
N GLU A 403 -31.95 4.50 -23.64
CA GLU A 403 -31.65 5.04 -22.33
C GLU A 403 -30.20 4.81 -21.95
N ASP A 404 -29.59 3.74 -22.42
CA ASP A 404 -28.18 3.53 -22.18
C ASP A 404 -27.36 4.60 -22.88
N HIS A 405 -27.55 4.75 -24.21
CA HIS A 405 -26.88 5.81 -24.96
C HIS A 405 -27.77 7.05 -24.95
N PHE A 406 -27.89 7.61 -23.75
CA PHE A 406 -28.84 8.68 -23.51
C PHE A 406 -28.42 9.96 -24.20
N GLY A 407 -27.13 10.13 -24.47
CA GLY A 407 -26.65 11.30 -25.17
C GLY A 407 -26.57 11.05 -26.66
N GLY A 408 -27.06 12.00 -27.45
CA GLY A 408 -27.01 11.84 -28.89
C GLY A 408 -25.61 11.65 -29.42
N SER A 409 -24.61 12.24 -28.77
CA SER A 409 -23.22 12.11 -29.24
C SER A 409 -22.77 10.66 -29.23
N MGN A 410 -23.26 9.90 -28.24
CA MGN A 410 -22.91 8.48 -28.01
CB1 MGN A 410 -23.53 7.96 -26.72
CB2 MGN A 410 -21.39 8.26 -28.02
CG MGN A 410 -22.98 8.56 -25.43
CD MGN A 410 -23.78 8.13 -24.23
OE1 MGN A 410 -24.98 8.40 -24.14
NE2 MGN A 410 -23.13 7.43 -23.31
C MGN A 410 -23.56 7.71 -29.18
O MGN A 410 -22.89 6.89 -29.82
N ARG A 411 -24.85 7.96 -29.41
CA ARG A 411 -25.55 7.30 -30.49
C ARG A 411 -24.91 7.58 -31.83
N ALA A 412 -24.53 8.84 -32.06
CA ALA A 412 -23.94 9.21 -33.33
C ALA A 412 -22.63 8.48 -33.57
N GLY A 413 -21.77 8.43 -32.55
CA GLY A 413 -20.50 7.75 -32.70
C GLY A 413 -20.65 6.25 -32.89
N ILE A 414 -21.60 5.64 -32.21
CA ILE A 414 -21.76 4.19 -32.30
C ILE A 414 -22.41 3.82 -33.62
N LEU A 415 -23.46 4.54 -34.02
CA LEU A 415 -24.05 4.29 -35.34
C LEU A 415 -23.05 4.52 -36.46
N ALA A 416 -22.29 5.62 -36.39
CA ALA A 416 -21.33 5.89 -37.45
C ALA A 416 -20.15 4.92 -37.39
N ALA A 417 -19.71 4.54 -36.18
CA ALA A 417 -18.62 3.56 -36.10
C ALA A 417 -19.05 2.21 -36.67
N ALA A 418 -20.26 1.76 -36.33
CA ALA A 418 -20.78 0.55 -36.96
C ALA A 418 -20.79 0.69 -38.48
N SER A 419 -21.23 1.84 -38.99
CA SER A 419 -21.30 2.03 -40.43
C SER A 419 -19.92 1.99 -41.05
N ALA A 420 -18.97 2.72 -40.48
CA ALA A 420 -17.65 2.83 -41.08
C ALA A 420 -16.85 1.55 -40.89
N CYS A 421 -17.00 0.87 -39.74
CA CYS A 421 -16.31 -0.40 -39.54
C CYS A 421 -16.85 -1.45 -40.50
N THR A 422 -18.16 -1.46 -40.75
CA THR A 422 -18.72 -2.36 -41.77
C THR A 422 -18.08 -2.06 -43.12
N THR A 423 -18.03 -0.76 -43.48
CA THR A 423 -17.52 -0.38 -44.79
C THR A 423 -16.04 -0.70 -44.91
N GLY A 424 -15.27 -0.46 -43.85
CA GLY A 424 -13.85 -0.79 -43.87
C GLY A 424 -13.61 -2.28 -44.03
N ILE A 425 -14.36 -3.09 -43.28
CA ILE A 425 -14.15 -4.54 -43.40
C ILE A 425 -14.57 -5.01 -44.78
N ALA A 426 -15.66 -4.45 -45.31
CA ALA A 426 -16.21 -4.91 -46.58
C ALA A 426 -15.29 -4.52 -47.73
N THR A 427 -14.84 -3.27 -47.75
CA THR A 427 -14.07 -2.74 -48.87
C THR A 427 -12.58 -2.87 -48.68
N GLY A 428 -12.12 -3.01 -47.42
CA GLY A 428 -10.70 -2.99 -47.12
C GLY A 428 -10.03 -1.65 -47.36
N ASN A 429 -10.78 -0.55 -47.31
CA ASN A 429 -10.26 0.77 -47.65
C ASN A 429 -10.69 1.77 -46.57
N SER A 430 -9.72 2.31 -45.85
CA SER A 430 -9.99 3.25 -44.77
C SER A 430 -10.68 4.52 -45.29
N GLN A 431 -10.29 4.97 -46.47
CA GLN A 431 -10.78 6.25 -46.96
C GLN A 431 -12.24 6.15 -47.41
N VAL A 432 -12.61 5.03 -48.02
CA VAL A 432 -14.01 4.80 -48.34
C VAL A 432 -14.83 4.68 -47.07
N ALA A 433 -14.29 3.97 -46.07
CA ALA A 433 -14.96 3.87 -44.78
C ALA A 433 -15.21 5.24 -44.19
N LEU A 434 -14.28 6.16 -44.39
CA LEU A 434 -14.45 7.52 -43.84
C LEU A 434 -15.64 8.23 -44.48
N SER A 435 -15.86 8.07 -45.79
CA SER A 435 -17.09 8.59 -46.40
C SER A 435 -18.32 8.00 -45.72
N ALA A 436 -18.27 6.70 -45.39
CA ALA A 436 -19.44 6.05 -44.76
C ALA A 436 -19.69 6.66 -43.38
N TRX A 437 -18.62 6.94 -42.64
CA TRX A 437 -18.76 7.53 -41.28
C TRX A 437 -19.63 8.80 -41.35
O TRX A 437 -20.61 8.88 -40.59
CB TRX A 437 -17.36 7.84 -40.72
CG TRX A 437 -17.34 8.75 -39.54
CD1 TRX A 437 -17.26 10.11 -39.55
CD2 TRX A 437 -17.37 8.36 -38.15
NE1 TRX A 437 -17.26 10.60 -38.28
CE2 TRX A 437 -17.32 9.55 -37.39
CE3 TRX A 437 -17.44 7.13 -37.47
CZ2 TRX A 437 -17.33 9.54 -35.99
CZ3 TRX A 437 -17.47 7.13 -36.10
CH2 TRX A 437 -17.41 8.32 -35.37
OH2 TRX A 437 -17.43 8.27 -33.99
N TYR A 438 -19.29 9.73 -42.24
CA TYR A 438 -20.03 11.02 -42.31
C TYR A 438 -21.45 10.78 -42.86
N MET A 439 -21.59 9.82 -43.78
CA MET A 439 -22.94 9.48 -44.29
C MET A 439 -23.83 9.13 -43.09
N SER A 440 -23.32 8.28 -42.19
CA SER A 440 -24.14 7.87 -41.05
C SER A 440 -24.63 9.08 -40.28
N MET A 441 -23.73 10.03 -40.01
CA MET A 441 -24.10 11.26 -39.28
C MET A 441 -25.23 11.97 -39.99
N TYR A 442 -25.11 12.13 -41.31
CA TYR A 442 -26.12 12.90 -42.03
C TYR A 442 -27.46 12.17 -42.02
N VAL A 443 -27.44 10.84 -42.19
CA VAL A 443 -28.68 10.07 -42.14
C VAL A 443 -29.33 10.21 -40.77
N HIS A 444 -28.53 10.04 -39.72
CA HIS A 444 -29.00 10.10 -38.34
C HIS A 444 -29.68 11.42 -38.04
N LYS A 445 -29.02 12.53 -38.39
CA LYS A 445 -29.54 13.86 -38.10
C LYS A 445 -30.95 14.03 -38.64
N GLU A 446 -31.17 13.63 -39.89
CA GLU A 446 -32.50 13.85 -40.47
C GLU A 446 -33.56 12.89 -39.91
N GLY A 447 -33.18 11.73 -39.40
CA GLY A 447 -34.18 10.84 -38.84
C GLY A 447 -34.78 11.38 -37.57
N TRP A 448 -33.94 11.83 -36.65
CA TRP A 448 -34.38 12.22 -35.31
C TRP A 448 -34.38 13.72 -35.08
N GLY A 449 -33.88 14.50 -36.03
CA GLY A 449 -33.86 15.96 -35.85
C GLY A 449 -32.89 16.33 -34.74
N ARG A 450 -31.92 15.48 -34.53
CA ARG A 450 -30.87 15.73 -33.52
C ARG A 450 -29.67 14.85 -33.86
N LEU A 451 -28.49 15.22 -33.37
CA LEU A 451 -27.31 14.35 -33.57
C LEU A 451 -26.57 14.28 -32.24
N GLY A 452 -25.54 15.11 -32.06
CA GLY A 452 -24.81 15.12 -30.81
C GLY A 452 -24.94 16.43 -30.03
N PHE A 453 -23.90 16.73 -29.25
CA PHE A 453 -23.85 17.92 -28.39
C PHE A 453 -23.67 19.14 -29.31
N PHE A 454 -23.71 20.33 -28.71
CA PHE A 454 -23.71 21.61 -29.40
C PHE A 454 -22.69 21.60 -30.54
CA GL3 A 455 -20.38 21.13 -31.12
N GL3 A 455 -21.54 20.99 -30.26
C GL3 A 455 -19.87 19.86 -31.76
S GL3 A 455 -18.41 19.77 -32.47
N TYR A 456 -20.84 18.83 -31.78
CA TYR A 456 -20.42 17.49 -32.11
C TYR A 456 -20.01 17.38 -33.57
N ASP A 457 -20.78 17.98 -34.46
CA ASP A 457 -20.55 17.76 -35.88
C ASP A 457 -19.85 18.93 -36.57
N LEU A 458 -18.92 19.60 -35.88
CA LEU A 458 -17.98 20.44 -36.60
C LEU A 458 -17.27 19.62 -37.66
N GLN A 459 -16.62 18.54 -37.24
CA GLN A 459 -15.93 17.70 -38.18
C GLN A 459 -16.95 16.96 -39.06
N DYA A 460 -18.13 16.61 -38.56
CA DYA A 460 -18.92 16.04 -39.49
CB DYA A 460 -19.63 15.02 -38.92
CG DYA A 460 -19.18 14.30 -37.66
OD1 DYA A 460 -18.74 13.16 -37.80
OD2 DYA A 460 -19.28 14.86 -36.56
C DYA A 460 -19.53 16.75 -40.50
O DYA A 460 -19.78 16.13 -41.51
N GLN A 461 -19.76 18.06 -40.38
CA GLN A 461 -20.28 18.86 -41.53
C GLN A 461 -19.13 19.22 -42.46
N SMC A 462 -17.93 19.37 -41.90
CA SMC A 462 -16.73 19.50 -42.77
CB SMC A 462 -15.55 20.00 -41.94
SG SMC A 462 -15.76 21.71 -41.37
CS SMC A 462 -14.89 21.70 -39.80
C SMC A 462 -16.39 18.15 -43.40
O SMC A 462 -15.52 18.12 -44.28
N GLY A 463 -17.02 17.09 -42.95
CA GLY A 463 -16.47 15.75 -43.13
C GLY A 463 -16.45 15.19 -44.53
N ALA A 464 -17.63 15.07 -45.14
CA ALA A 464 -17.70 14.46 -46.45
C ALA A 464 -16.80 15.17 -47.45
N THR A 465 -16.84 16.50 -47.47
CA THR A 465 -16.05 17.23 -48.45
C THR A 465 -14.56 17.10 -48.19
N ASN A 466 -14.14 16.81 -46.96
CA ASN A 466 -12.71 16.66 -46.69
C ASN A 466 -12.22 15.22 -46.77
N VAL A 467 -13.08 14.25 -47.08
CA VAL A 467 -12.58 12.87 -47.23
C VAL A 467 -11.68 12.77 -48.46
N CYS A 468 -12.10 13.39 -49.55
CA CYS A 468 -11.45 13.27 -50.84
C CYS A 468 -10.83 14.58 -51.29
N SER A 469 -10.73 15.55 -50.38
CA SER A 469 -9.92 16.73 -50.69
C SER A 469 -8.46 16.31 -50.82
N TYR A 470 -7.72 17.02 -51.67
CA TYR A 470 -6.28 16.92 -51.70
C TYR A 470 -5.60 18.26 -51.41
N GLN A 471 -6.32 19.19 -50.78
CA GLN A 471 -5.75 20.46 -50.39
C GLN A 471 -4.89 20.30 -49.15
N GLY A 472 -3.90 21.19 -49.01
CA GLY A 472 -2.89 21.11 -47.97
C GLY A 472 -3.36 20.71 -46.60
N ASP A 473 -4.25 21.48 -45.98
CA ASP A 473 -4.64 21.22 -44.61
C ASP A 473 -5.97 20.51 -44.51
N GLU A 474 -6.51 20.03 -45.64
CA GLU A 474 -7.75 19.27 -45.67
C GLU A 474 -7.50 17.83 -46.07
N GLY A 475 -6.73 17.61 -47.11
CA GLY A 475 -6.51 16.28 -47.62
C GLY A 475 -5.51 15.50 -46.77
N CYS A 476 -5.79 14.20 -46.62
CA CYS A 476 -4.94 13.32 -45.83
C CYS A 476 -5.58 11.94 -45.81
N CYS A 477 -4.81 10.88 -46.02
CA CYS A 477 -5.36 9.54 -45.84
C CYS A 477 -5.63 9.31 -44.35
N LEU A 478 -6.63 8.47 -44.07
CA LEU A 478 -7.08 8.32 -42.69
C LEU A 478 -5.99 7.74 -41.80
N GLU A 479 -5.15 6.83 -42.31
CA GLU A 479 -4.11 6.21 -41.48
C GLU A 479 -3.18 7.25 -40.88
N LEU A 480 -2.90 8.32 -41.62
CA LEU A 480 -2.01 9.37 -41.18
C LEU A 480 -2.72 10.52 -40.50
N ARG A 481 -4.04 10.58 -40.58
CA ARG A 481 -4.74 11.53 -39.74
C ARG A 481 -4.62 11.08 -38.28
N GLY A 482 -4.94 11.98 -37.39
CA GLY A 482 -4.89 11.72 -35.98
C GLY A 482 -5.62 12.81 -35.25
N ALA A 483 -5.30 12.93 -33.95
CA ALA A 483 -6.01 13.85 -33.07
C ALA A 483 -5.56 15.29 -33.27
N ASN A 484 -4.64 15.56 -34.21
CA ASN A 484 -4.28 16.91 -34.58
C ASN A 484 -4.69 17.25 -36.01
N TYR A 485 -5.29 16.32 -36.73
CA TYR A 485 -5.91 16.67 -37.99
C TYR A 485 -6.90 17.80 -37.69
N PRO A 486 -6.84 18.92 -38.43
CA PRO A 486 -7.48 20.15 -37.93
C PRO A 486 -8.92 19.98 -37.51
N ASN A 487 -9.75 19.38 -38.37
CA ASN A 487 -11.17 19.26 -38.06
C ASN A 487 -11.40 18.41 -36.79
N TYR A 488 -10.43 17.53 -36.46
CA TYR A 488 -10.60 16.55 -35.39
C TYR A 488 -10.03 17.03 -34.08
N ALA A 489 -9.48 18.24 -34.04
CA ALA A 489 -8.62 18.61 -32.91
C ALA A 489 -9.35 18.88 -31.59
N MET A 490 -10.69 18.89 -31.56
CA MET A 490 -11.41 19.36 -30.37
C MET A 490 -12.41 18.40 -29.74
N ASN A 491 -13.08 17.52 -30.50
CA ASN A 491 -14.36 17.01 -30.04
C ASN A 491 -14.41 15.51 -29.77
N VAL A 492 -15.15 15.18 -28.71
CA VAL A 492 -15.41 13.80 -28.35
C VAL A 492 -16.19 13.04 -29.42
N GLY A 493 -16.21 11.72 -29.28
CA GLY A 493 -17.07 10.89 -30.05
C GLY A 493 -16.62 10.62 -31.46
N HIS A 494 -15.32 10.78 -31.74
CA HIS A 494 -14.82 10.58 -33.09
C HIS A 494 -13.48 9.87 -33.17
N GLN A 495 -12.48 10.33 -32.41
CA GLN A 495 -11.09 9.97 -32.66
C GLN A 495 -10.85 8.47 -32.48
N GLY A 496 -11.35 7.89 -31.39
CA GLY A 496 -11.12 6.47 -31.17
C GLY A 496 -11.90 5.62 -32.15
N GLU A 497 -13.07 6.11 -32.57
CA GLU A 497 -13.81 5.43 -33.62
C GLU A 497 -13.03 5.45 -34.94
N TYR A 498 -12.38 6.57 -35.26
CA TYR A 498 -11.57 6.63 -36.49
C TYR A 498 -10.46 5.59 -36.45
N ALA A 499 -9.76 5.49 -35.31
CA ALA A 499 -8.75 4.45 -35.16
C ALA A 499 -9.37 3.08 -35.42
N GLY A 500 -10.56 2.87 -34.88
CA GLY A 500 -11.23 1.58 -35.01
C GLY A 500 -11.46 1.18 -36.44
N PHE A 501 -12.00 2.08 -37.26
CA PHE A 501 -12.29 1.62 -38.61
C PHE A 501 -11.12 1.77 -39.54
N THR A 502 -10.06 2.49 -39.14
CA THR A 502 -8.77 2.31 -39.77
C THR A 502 -8.32 0.86 -39.62
N GLY A 503 -8.38 0.34 -38.38
CA GLY A 503 -8.09 -1.06 -38.18
C GLY A 503 -9.01 -1.97 -38.98
N SER A 504 -10.28 -1.62 -39.04
CA SER A 504 -11.26 -2.46 -39.73
C SER A 504 -10.92 -2.63 -41.21
N ALA A 505 -10.38 -1.60 -41.84
CA ALA A 505 -10.08 -1.71 -43.27
C ALA A 505 -8.91 -2.67 -43.50
N HIS A 506 -7.90 -2.63 -42.62
CA HIS A 506 -6.78 -3.56 -42.77
C HIS A 506 -7.13 -4.95 -42.26
N ALA A 507 -8.08 -5.06 -41.33
CA ALA A 507 -8.59 -6.38 -40.96
C ALA A 507 -9.40 -6.97 -42.11
N GLY A 508 -10.24 -6.17 -42.74
CA GLY A 508 -10.95 -6.63 -43.91
C GLY A 508 -10.03 -7.08 -45.02
N ALA A 509 -8.93 -6.35 -45.21
CA ALA A 509 -7.97 -6.73 -46.24
C ALA A 509 -7.07 -7.87 -45.81
N HIS A 510 -7.20 -8.32 -44.56
CA HIS A 510 -6.33 -9.34 -43.96
C HIS A 510 -4.86 -8.97 -44.11
N ASP A 511 -4.57 -7.74 -43.73
CA ASP A 511 -3.21 -7.27 -43.54
C ASP A 511 -2.75 -7.60 -42.12
N ALA A 512 -1.43 -7.52 -41.91
CA ALA A 512 -0.84 -7.74 -40.60
C ALA A 512 -0.71 -6.47 -39.76
N TYR A 513 -0.93 -5.30 -40.34
CA TYR A 513 -0.79 -4.01 -39.68
C TYR A 513 -1.42 -2.98 -40.62
N CYS A 514 -1.55 -1.75 -40.12
CA CYS A 514 -2.20 -0.66 -40.84
C CYS A 514 -1.25 0.38 -41.39
N CYS A 515 -0.19 0.68 -40.64
CA CYS A 515 0.57 1.90 -40.89
C CYS A 515 2.05 1.80 -40.61
N ASN A 516 2.44 1.08 -39.57
CA ASN A 516 3.87 0.98 -39.31
C ASN A 516 4.19 -0.38 -38.68
N PRO A 517 4.92 -1.23 -39.38
CA PRO A 517 5.22 -2.56 -38.84
C PRO A 517 6.09 -2.51 -37.61
N LEU A 518 6.88 -1.45 -37.43
CA LEU A 518 7.67 -1.32 -36.22
C LEU A 518 6.77 -1.20 -35.00
N ILE A 519 5.73 -0.36 -35.10
CA ILE A 519 4.79 -0.23 -33.99
C ILE A 519 4.13 -1.57 -33.70
N LYS A 520 3.70 -2.26 -34.76
CA LYS A 520 2.98 -3.52 -34.62
C LYS A 520 3.79 -4.52 -33.80
N VAL A 521 5.07 -4.68 -34.14
CA VAL A 521 5.90 -5.67 -33.47
C VAL A 521 6.19 -5.25 -32.04
N CYS A 522 6.47 -3.96 -31.86
CA CYS A 522 6.81 -3.44 -30.55
C CYS A 522 5.73 -3.71 -29.53
N PHE A 523 4.46 -3.48 -29.88
CA PHE A 523 3.39 -3.61 -28.90
C PHE A 523 2.84 -5.04 -28.80
N ALA A 524 3.34 -5.95 -29.61
CA ALA A 524 2.92 -7.37 -29.49
C ALA A 524 3.65 -8.01 -28.29
N ASP A 525 4.71 -7.37 -27.83
CA ASP A 525 5.56 -7.94 -26.76
C ASP A 525 4.76 -8.13 -25.46
N PRO A 526 4.67 -9.37 -24.95
CA PRO A 526 3.91 -9.66 -23.74
C PRO A 526 4.56 -9.12 -22.47
N SER A 527 5.75 -8.53 -22.59
CA SER A 527 6.46 -7.98 -21.42
C SER A 527 5.91 -6.60 -21.02
N LEU A 528 5.08 -5.99 -21.88
CA LEU A 528 4.41 -4.77 -21.45
C LEU A 528 3.46 -5.07 -20.30
N VAL A 529 3.14 -4.05 -19.54
CA VAL A 529 2.29 -4.24 -18.36
C VAL A 529 0.86 -4.48 -18.80
N PHE A 530 0.38 -3.67 -19.73
CA PHE A 530 -0.96 -3.79 -20.27
C PHE A 530 -0.99 -4.82 -21.39
N ASP A 531 -2.08 -5.60 -21.44
CA ASP A 531 -2.26 -6.61 -22.48
C ASP A 531 -2.96 -5.97 -23.68
N PHE A 532 -2.16 -5.53 -24.64
CA PHE A 532 -2.68 -4.89 -25.84
C PHE A 532 -3.46 -5.83 -26.75
N SER A 533 -3.50 -7.12 -26.45
CA SER A 533 -4.27 -8.04 -27.28
C SER A 533 -5.73 -8.18 -26.87
N TYR A 534 -6.15 -7.72 -25.68
CA TYR A 534 -7.57 -7.82 -25.29
C TYR A 534 -7.90 -6.62 -24.41
N ILE A 535 -8.21 -5.50 -25.08
CA ILE A 535 -8.38 -4.22 -24.39
C ILE A 535 -9.52 -4.29 -23.39
N ARG A 536 -10.69 -4.76 -23.83
CA ARG A 536 -11.86 -4.67 -22.98
C ARG A 536 -11.75 -5.61 -21.77
N LYS A 537 -11.01 -6.70 -21.91
CA LYS A 537 -10.75 -7.54 -20.74
C LYS A 537 -9.88 -6.82 -19.72
N GLU A 538 -8.88 -6.05 -20.19
CA GLU A 538 -8.06 -5.28 -19.27
C GLU A 538 -8.88 -4.18 -18.58
N TYR A 539 -9.76 -3.50 -19.34
CA TYR A 539 -10.56 -2.45 -18.72
C TYR A 539 -11.42 -3.03 -17.61
N ALA A 540 -11.94 -4.25 -17.81
CA ALA A 540 -12.75 -4.90 -16.79
C ALA A 540 -11.94 -5.15 -15.53
N LYS A 541 -10.70 -5.58 -15.69
CA LYS A 541 -9.84 -5.82 -14.53
C LYS A 541 -9.63 -4.52 -13.75
N GLY A 542 -9.34 -3.42 -14.46
CA GLY A 542 -9.17 -2.15 -13.78
C GLY A 542 -10.44 -1.72 -13.07
N ALA A 543 -11.57 -1.96 -13.69
CA ALA A 543 -12.84 -1.55 -13.10
C ALA A 543 -13.17 -2.39 -11.89
N MET A 544 -12.71 -3.62 -11.87
CA MET A 544 -12.92 -4.50 -10.74
C MET A 544 -11.79 -4.42 -9.72
N ARG A 545 -10.83 -3.50 -9.90
CA ARG A 545 -9.71 -3.32 -8.95
C ARG A 545 -8.83 -4.58 -8.91
N THR A 546 -8.65 -5.25 -10.05
CA THR A 546 -7.83 -6.44 -10.18
C THR A 546 -6.70 -6.25 -11.18
N PHE A 547 -6.42 -4.98 -11.52
CA PHE A 547 -5.28 -4.69 -12.43
C PHE A 547 -4.13 -4.06 -11.64
N ARG A 548 -2.95 -4.63 -11.77
CA ARG A 548 -1.76 -4.11 -11.05
C ARG A 548 -0.97 -3.21 -11.99
N PRO A 549 -0.94 -1.89 -11.74
CA PRO A 549 -0.16 -1.01 -12.57
C PRO A 549 1.27 -0.81 -12.09
N ALA A 550 2.11 -0.31 -12.98
CA ALA A 550 3.47 0.08 -12.60
C ALA A 550 3.45 1.49 -12.04
N GLY A 551 4.56 1.88 -11.44
CA GLY A 551 4.77 3.27 -11.10
C GLY A 551 4.37 3.68 -9.70
N GLU A 552 3.85 2.76 -8.89
CA GLU A 552 3.49 3.06 -7.52
C GLU A 552 4.74 3.27 -6.68
N ARG A 553 4.56 3.96 -5.54
CA ARG A 553 5.67 4.37 -4.68
C ARG A 553 5.60 3.78 -3.28
N SER A 554 4.88 2.67 -3.11
CA SER A 554 4.74 2.06 -1.80
C SER A 554 6.10 1.74 -1.16
N LEU A 555 7.12 1.49 -1.97
CA LEU A 555 8.42 1.10 -1.44
C LEU A 555 9.11 2.23 -0.69
N VAL A 556 8.70 3.49 -0.93
CA VAL A 556 9.45 4.63 -0.42
C VAL A 556 8.56 5.64 0.28
N ILE A 557 7.40 5.21 0.74
CA ILE A 557 6.50 6.09 1.48
C ILE A 557 6.09 5.43 2.79
N PRO A 558 5.71 6.22 3.76
CA PRO A 558 5.23 5.65 5.03
C PRO A 558 3.79 5.17 4.90
N ALA A 559 3.31 4.54 5.98
CA ALA A 559 1.95 4.05 6.10
C ALA A 559 1.43 4.32 7.52
N ALA B 2 -13.75 34.30 -69.42
CA ALA B 2 -13.29 34.56 -68.06
C ALA B 2 -14.47 35.04 -67.21
N ASP B 3 -14.19 35.33 -65.95
CA ASP B 3 -15.16 35.89 -65.04
C ASP B 3 -14.93 37.39 -64.91
N THR B 4 -16.01 38.14 -64.86
CA THR B 4 -15.96 39.56 -64.54
C THR B 4 -16.98 39.84 -63.43
N ILE B 5 -16.70 40.89 -62.68
CA ILE B 5 -17.56 41.36 -61.61
C ILE B 5 -17.67 42.87 -61.71
N ASP B 6 -18.78 43.40 -61.22
CA ASP B 6 -18.91 44.82 -60.98
C ASP B 6 -18.51 45.06 -59.53
N LEU B 7 -17.72 46.10 -59.31
CA LEU B 7 -17.28 46.48 -57.98
C LEU B 7 -18.15 47.60 -57.43
N TYR B 8 -18.54 47.47 -56.18
CA TYR B 8 -19.41 48.41 -55.48
C TYR B 8 -18.79 48.83 -54.16
N ASP B 9 -19.08 50.04 -53.70
CA ASP B 9 -18.51 50.50 -52.45
C ASP B 9 -19.42 50.12 -51.27
N ASP B 10 -19.10 50.65 -50.09
CA ASP B 10 -19.74 50.24 -48.85
C ASP B 10 -21.14 50.82 -48.70
N ARG B 11 -21.53 51.75 -49.57
CA ARG B 11 -22.87 52.31 -49.57
C ARG B 11 -23.66 51.86 -50.79
N GLY B 12 -23.21 50.80 -51.46
CA GLY B 12 -23.92 50.27 -52.59
C GLY B 12 -23.87 51.10 -53.85
N LYS B 13 -22.90 51.99 -53.96
CA LYS B 13 -22.67 52.76 -55.18
C LYS B 13 -21.68 52.02 -56.08
N LYS B 14 -21.99 51.99 -57.38
CA LYS B 14 -21.12 51.31 -58.33
C LYS B 14 -19.80 52.06 -58.51
N LEU B 15 -18.70 51.32 -58.45
CA LEU B 15 -17.35 51.85 -58.59
C LEU B 15 -16.76 51.57 -59.97
N LYS B 16 -16.87 50.34 -60.45
CA LYS B 16 -16.23 49.91 -61.69
C LYS B 16 -17.03 48.75 -62.23
N GLY B 17 -17.14 48.67 -63.56
CA GLY B 17 -17.93 47.65 -64.21
C GLY B 17 -17.06 46.66 -64.95
N ASP B 18 -17.49 45.40 -64.97
CA ASP B 18 -16.89 44.36 -65.81
C ASP B 18 -15.40 44.23 -65.55
N VAL B 19 -15.05 44.20 -64.27
CA VAL B 19 -13.68 43.99 -63.82
C VAL B 19 -13.33 42.51 -63.91
N ASP B 20 -12.20 42.21 -64.53
CA ASP B 20 -11.66 40.85 -64.56
C ASP B 20 -11.45 40.35 -63.14
N LEU B 21 -11.94 39.14 -62.86
CA LEU B 21 -11.79 38.57 -61.52
C LEU B 21 -10.33 38.51 -61.08
N GLN B 22 -9.42 38.23 -62.01
CA GLN B 22 -8.00 38.25 -61.67
C GLN B 22 -7.54 39.60 -61.14
N ALA B 23 -8.20 40.69 -61.51
CA ALA B 23 -7.70 42.00 -61.12
C ALA B 23 -7.91 42.27 -59.62
N VAL B 24 -8.72 41.48 -58.93
CA VAL B 24 -8.84 41.60 -57.47
C VAL B 24 -8.13 40.45 -56.75
N SER B 25 -7.23 39.76 -57.44
CA SER B 25 -6.50 38.67 -56.81
C SER B 25 -5.45 39.20 -55.83
N PRO B 26 -5.25 38.53 -54.70
CA PRO B 26 -4.10 38.86 -53.83
C PRO B 26 -2.76 38.89 -54.55
N LEU B 27 -2.62 38.13 -55.63
CA LEU B 27 -1.36 38.11 -56.35
C LEU B 27 -1.21 39.25 -57.34
N LYS B 28 -2.25 40.04 -57.58
CA LYS B 28 -2.18 41.02 -58.65
C LYS B 28 -2.64 42.41 -58.21
N ASN B 29 -3.61 42.50 -57.31
CA ASN B 29 -4.19 43.80 -56.98
C ASN B 29 -3.27 44.56 -56.05
N SER B 30 -2.86 45.76 -56.47
CA SER B 30 -1.87 46.51 -55.69
C SER B 30 -2.41 46.96 -54.35
N ALA B 31 -3.72 47.19 -54.25
CA ALA B 31 -4.29 47.60 -52.96
C ALA B 31 -4.25 46.46 -51.95
N ILE B 32 -4.58 45.23 -52.40
CA ILE B 32 -4.49 44.08 -51.51
C ILE B 32 -3.06 43.86 -51.07
N LEU B 33 -2.11 43.95 -52.03
CA LEU B 33 -0.70 43.81 -51.69
C LEU B 33 -0.28 44.84 -50.65
N SER B 34 -0.80 46.07 -50.79
CA SER B 34 -0.51 47.13 -49.84
C SER B 34 -1.12 46.84 -48.47
N MET B 35 -2.33 46.27 -48.42
CA MET B 35 -2.95 45.96 -47.14
C MET B 35 -2.13 44.92 -46.40
N VAL B 36 -1.66 43.90 -47.10
CA VAL B 36 -0.80 42.89 -46.47
C VAL B 36 0.44 43.55 -45.93
N ASN B 37 1.11 44.35 -46.76
CA ASN B 37 2.32 45.03 -46.32
C ASN B 37 2.05 45.90 -45.10
N THR B 38 0.89 46.56 -45.08
CA THR B 38 0.53 47.45 -43.99
C THR B 38 0.38 46.69 -42.67
N VAL B 39 -0.35 45.57 -42.65
CA VAL B 39 -0.53 44.88 -41.37
C VAL B 39 0.75 44.20 -40.93
N LYS B 40 1.64 43.85 -41.86
CA LYS B 40 2.91 43.24 -41.49
C LYS B 40 3.85 44.23 -40.82
N ARG B 41 3.96 45.44 -41.35
CA ARG B 41 5.03 46.31 -40.91
C ARG B 41 4.59 47.35 -39.89
N THR B 42 3.28 47.47 -39.64
CA THR B 42 2.78 48.49 -38.72
C THR B 42 2.64 47.91 -37.32
N VAL B 43 3.13 48.64 -36.32
CA VAL B 43 2.93 48.26 -34.93
C VAL B 43 2.51 49.50 -34.14
N ALA B 44 1.99 49.26 -32.96
CA ALA B 44 1.65 50.32 -32.02
C ALA B 44 2.51 50.16 -30.79
N VAL B 45 2.88 51.29 -30.19
CA VAL B 45 3.64 51.34 -28.96
C VAL B 45 2.77 51.97 -27.90
N ASN B 46 2.62 51.28 -26.77
CA ASN B 46 1.89 51.83 -25.62
C ASN B 46 2.91 52.48 -24.70
N LEU B 47 3.18 53.76 -24.94
CA LEU B 47 4.11 54.49 -24.08
C LEU B 47 3.54 54.64 -22.67
N ALA B 48 2.23 54.81 -22.55
CA ALA B 48 1.62 54.88 -21.22
C ALA B 48 1.82 53.57 -20.46
N GLY B 49 1.72 52.45 -21.16
CA GLY B 49 1.96 51.17 -20.51
C GLY B 49 3.40 50.97 -20.10
N ILE B 50 4.34 51.44 -20.93
CA ILE B 50 5.75 51.40 -20.57
C ILE B 50 6.01 52.27 -19.35
N GLU B 51 5.49 53.50 -19.36
CA GLU B 51 5.66 54.39 -18.22
C GLU B 51 5.12 53.75 -16.94
N LYS B 52 3.90 53.23 -17.01
CA LYS B 52 3.29 52.56 -15.88
C LYS B 52 4.11 51.37 -15.41
N ALA B 53 4.60 50.55 -16.36
CA ALA B 53 5.34 49.35 -15.96
C ALA B 53 6.63 49.72 -15.23
N CYS B 54 7.31 50.75 -15.70
CA CYS B 54 8.54 51.18 -15.07
C CYS B 54 8.27 51.83 -13.72
N LYS B 55 7.30 52.73 -13.66
CA LYS B 55 7.09 53.45 -12.41
C LYS B 55 6.60 52.53 -11.29
N ASN B 56 5.90 51.45 -11.63
CA ASN B 56 5.29 50.54 -10.67
C ASN B 56 6.01 49.19 -10.64
N ALA B 57 7.14 49.07 -11.33
CA ALA B 57 7.88 47.84 -11.47
C ALA B 57 6.96 46.64 -11.72
N SER B 58 6.02 46.80 -12.63
CA SER B 58 5.07 45.73 -12.97
C SER B 58 5.41 45.06 -14.28
N TYR B 59 6.72 44.94 -14.53
CA TYR B 59 7.26 44.28 -15.72
C TYR B 59 6.67 42.90 -15.92
N GLY B 60 6.16 42.65 -17.12
CA GLY B 60 5.59 41.38 -17.45
C GLY B 60 4.09 41.27 -17.26
N GLY B 61 3.47 42.21 -16.53
CA GLY B 61 2.05 42.14 -16.25
C GLY B 61 1.62 40.98 -15.37
N GLN B 62 0.30 40.73 -15.39
CA GLN B 62 -0.32 39.63 -14.65
C GLN B 62 -0.08 39.75 -13.17
N SER B 63 -0.18 40.97 -12.66
CA SER B 63 -0.01 41.34 -11.27
C SER B 63 1.43 41.23 -10.81
N ARG B 64 2.38 40.98 -11.71
CA ARG B 64 3.78 40.95 -11.32
C ARG B 64 4.17 42.32 -10.75
N ASN B 65 5.05 42.27 -9.76
CA ASN B 65 5.63 43.45 -9.15
C ASN B 65 7.00 43.00 -8.67
N ILE B 66 8.03 43.70 -9.09
CA ILE B 66 9.40 43.39 -8.66
C ILE B 66 9.82 44.49 -7.70
N PRO B 67 9.63 44.30 -6.39
CA PRO B 67 9.89 45.38 -5.44
C PRO B 67 11.30 45.94 -5.61
N GLY B 68 11.39 47.26 -5.53
CA GLY B 68 12.67 47.95 -5.55
C GLY B 68 13.20 48.27 -6.92
N ARG B 69 12.64 47.69 -7.98
CA ARG B 69 13.21 47.83 -9.31
C ARG B 69 12.40 48.79 -10.18
N GLU B 70 11.62 49.68 -9.56
CA GLU B 70 10.98 50.75 -10.30
C GLU B 70 12.03 51.60 -10.98
N VAL B 71 11.70 52.08 -12.17
CA VAL B 71 12.52 53.03 -12.89
C VAL B 71 11.60 54.20 -13.21
N ASP B 72 11.93 55.37 -12.67
CA ASP B 72 11.06 56.54 -12.72
C ASP B 72 11.35 57.31 -14.01
N ILE B 73 10.62 56.96 -15.07
CA ILE B 73 10.72 57.64 -16.36
C ILE B 73 9.31 57.98 -16.86
N ASP B 74 9.23 58.99 -17.72
CA ASP B 74 7.94 59.56 -18.12
C ASP B 74 7.84 59.68 -19.64
N PRO B 75 7.98 58.56 -20.37
CA PRO B 75 8.01 58.64 -21.84
C PRO B 75 6.79 59.29 -22.48
N THR B 76 5.61 59.26 -21.85
CA THR B 76 4.46 59.89 -22.47
C THR B 76 4.61 61.41 -22.52
N ALA B 77 5.43 61.99 -21.64
CA ALA B 77 5.73 63.41 -21.66
C ALA B 77 6.85 63.75 -22.62
N LYS B 78 7.58 62.75 -23.11
CA LYS B 78 8.66 62.95 -24.07
C LYS B 78 8.37 62.24 -25.39
N ALA B 79 7.09 62.09 -25.71
CA ALA B 79 6.71 61.21 -26.81
C ALA B 79 7.22 61.71 -28.14
N ASP B 80 7.22 63.04 -28.36
CA ASP B 80 7.71 63.55 -29.64
C ASP B 80 9.19 63.30 -29.80
N LYS B 81 9.98 63.54 -28.75
CA LYS B 81 11.40 63.29 -28.80
C LYS B 81 11.68 61.79 -29.00
N ILE B 82 10.95 60.94 -28.30
CA ILE B 82 11.19 59.51 -28.45
C ILE B 82 10.78 59.05 -29.84
N ALA B 83 9.64 59.55 -30.33
CA ALA B 83 9.21 59.22 -31.68
C ALA B 83 10.25 59.61 -32.71
N ALA B 84 10.87 60.78 -32.57
CA ALA B 84 11.87 61.21 -33.54
C ALA B 84 13.08 60.28 -33.51
N ARG B 85 13.51 59.86 -32.32
CA ARG B 85 14.66 58.96 -32.22
C ARG B 85 14.33 57.60 -32.82
N VAL B 86 13.16 57.05 -32.49
CA VAL B 86 12.73 55.78 -33.08
C VAL B 86 12.75 55.86 -34.60
N LYS B 87 12.17 56.93 -35.17
CA LYS B 87 12.20 57.09 -36.61
C LYS B 87 13.62 57.08 -37.15
N GLU B 88 14.52 57.79 -36.49
CA GLU B 88 15.90 57.85 -36.97
C GLU B 88 16.57 56.49 -36.91
N LEU B 89 16.26 55.72 -35.87
CA LEU B 89 16.90 54.43 -35.67
C LEU B 89 16.38 53.37 -36.64
N ILE B 90 15.12 53.45 -37.08
CA ILE B 90 14.59 52.38 -37.92
C ILE B 90 14.53 52.72 -39.40
N GLN B 91 14.52 54.00 -39.75
CA GLN B 91 14.42 54.39 -41.15
C GLN B 91 15.65 53.94 -41.90
N VAL B 92 15.46 53.34 -43.08
CA VAL B 92 16.61 52.89 -43.86
C VAL B 92 17.14 53.98 -44.79
N GLU B 93 16.24 54.74 -45.42
CA GLU B 93 16.64 55.74 -46.40
C GLU B 93 15.71 56.93 -46.28
N LYS B 94 16.27 58.11 -46.48
CA LYS B 94 15.45 59.32 -46.40
C LYS B 94 14.28 59.21 -47.37
N GLY B 95 13.12 59.63 -46.90
CA GLY B 95 11.93 59.60 -47.71
C GLY B 95 11.33 58.24 -47.94
N ASP B 96 11.82 57.20 -47.25
CA ASP B 96 11.25 55.86 -47.42
C ASP B 96 9.92 55.81 -46.68
N ASP B 97 9.26 54.65 -46.68
CA ASP B 97 7.90 54.61 -46.14
C ASP B 97 7.85 54.44 -44.62
N THR B 98 8.95 54.72 -43.92
CA THR B 98 8.91 54.75 -42.46
C THR B 98 7.98 55.86 -41.98
N GLU B 99 7.12 55.55 -41.02
CA GLU B 99 6.32 56.56 -40.34
C GLU B 99 6.32 56.31 -38.86
N VAL B 100 6.51 57.38 -38.07
CA VAL B 100 6.39 57.33 -36.61
C VAL B 100 5.59 58.53 -36.16
N THR B 101 4.44 58.29 -35.54
CA THR B 101 3.47 59.32 -35.22
C THR B 101 3.01 59.19 -33.78
N VAL B 102 3.01 60.30 -33.06
CA VAL B 102 2.50 60.33 -31.70
C VAL B 102 0.98 60.40 -31.74
N LEU B 103 0.32 59.58 -30.92
CA LEU B 103 -1.12 59.55 -30.82
C LEU B 103 -1.53 59.72 -29.36
N GLY B 104 -2.79 60.06 -29.15
CA GLY B 104 -3.33 60.09 -27.81
C GLY B 104 -2.68 61.08 -26.90
N GLY B 105 -2.09 62.13 -27.47
CA GLY B 105 -1.40 63.13 -26.67
C GLY B 105 -0.11 62.67 -26.06
N GLY B 106 0.50 61.61 -26.59
CA GLY B 106 1.72 61.07 -26.06
C GLY B 106 1.58 59.69 -25.46
N LYS B 107 0.36 59.18 -25.37
CA LYS B 107 0.14 57.87 -24.72
C LYS B 107 0.58 56.74 -25.66
N PHE B 108 0.48 56.95 -26.98
CA PHE B 108 0.78 55.84 -27.93
C PHE B 108 1.61 56.33 -29.10
N LEU B 109 2.31 55.39 -29.77
CA LEU B 109 3.09 55.73 -30.99
C LEU B 109 2.61 54.82 -32.12
N ARG B 110 2.34 55.38 -33.31
CA ARG B 110 2.01 54.52 -34.47
C ARG B 110 3.33 54.32 -35.23
N VAL B 111 3.75 53.07 -35.42
CA VAL B 111 5.08 52.85 -36.07
C VAL B 111 4.92 52.00 -37.34
N ALA B 112 5.01 52.64 -38.50
CA ALA B 112 5.01 51.90 -39.76
C ALA B 112 6.48 51.68 -40.10
N ALA B 113 6.98 50.48 -39.81
CA ALA B 113 8.36 50.17 -40.10
C ALA B 113 8.59 50.13 -41.60
N PRO B 114 9.80 50.49 -42.05
CA PRO B 114 10.07 50.49 -43.49
C PRO B 114 9.93 49.11 -44.10
N THR B 115 9.27 49.08 -45.27
CA THR B 115 9.05 47.85 -46.01
C THR B 115 10.36 47.12 -46.29
N ARG B 116 11.47 47.85 -46.44
CA ARG B 116 12.75 47.20 -46.70
C ARG B 116 13.14 46.25 -45.58
N ARG B 117 12.76 46.55 -44.34
CA ARG B 117 13.14 45.66 -43.25
C ARG B 117 12.36 44.36 -43.29
N ILE B 118 11.11 44.40 -43.78
CA ILE B 118 10.37 43.19 -44.12
C ILE B 118 11.04 42.45 -45.26
N GLU B 119 11.37 43.18 -46.33
CA GLU B 119 11.96 42.54 -47.51
C GLU B 119 13.25 41.83 -47.16
N ALA B 120 14.00 42.39 -46.22
CA ALA B 120 15.32 41.89 -45.91
C ALA B 120 15.26 40.66 -45.02
N GLY B 121 14.09 40.33 -44.49
CA GLY B 121 13.92 39.18 -43.63
C GLY B 121 13.11 38.09 -44.29
N ALA B 122 12.75 37.09 -43.47
CA ALA B 122 11.97 35.97 -43.96
C ALA B 122 10.50 36.03 -43.55
N GLU B 123 10.19 36.67 -42.43
CA GLU B 123 8.85 36.73 -41.89
C GLU B 123 8.40 38.18 -41.84
N TYR B 124 7.61 38.52 -40.85
CA TYR B 124 6.99 39.83 -40.75
C TYR B 124 7.35 40.53 -39.44
N VAL B 125 8.12 39.87 -38.58
CA VAL B 125 8.34 40.36 -37.23
C VAL B 125 9.29 41.54 -37.13
N ALA B 126 9.99 41.89 -38.21
CA ALA B 126 10.97 42.97 -38.11
C ALA B 126 10.34 44.28 -37.66
N GLY B 127 9.08 44.51 -38.03
CA GLY B 127 8.38 45.66 -37.51
C GLY B 127 8.30 45.63 -35.99
N MET B 128 7.87 44.49 -35.42
CA MET B 128 7.83 44.39 -33.97
C MET B 128 9.23 44.54 -33.37
N THR B 129 10.22 43.83 -33.93
CA THR B 129 11.50 43.75 -33.23
C THR B 129 12.31 45.04 -33.39
N CYS B 130 12.29 45.64 -34.59
N CYS B 130 12.28 45.66 -34.56
CA CYS B 130 13.02 46.89 -34.80
CA CYS B 130 13.04 46.88 -34.73
C CYS B 130 12.44 48.01 -33.94
C CYS B 130 12.43 48.02 -33.94
N THR B 131 11.10 48.01 -33.76
CA THR B 131 10.46 49.03 -32.94
C THR B 131 10.79 48.83 -31.47
N ALA B 132 10.70 47.58 -30.99
CA ALA B 132 11.05 47.31 -29.60
C ALA B 132 12.49 47.71 -29.32
N ALA B 133 13.41 47.33 -30.21
CA ALA B 133 14.81 47.68 -30.01
C ALA B 133 15.01 49.20 -30.06
N ALA B 134 14.45 49.86 -31.09
CA ALA B 134 14.62 51.30 -31.20
C ALA B 134 14.09 52.01 -29.97
N LEU B 135 12.94 51.56 -29.46
CA LEU B 135 12.35 52.17 -28.28
C LEU B 135 13.19 51.92 -27.03
N THR B 136 13.71 50.72 -26.87
CA THR B 136 14.58 50.45 -25.73
C THR B 136 15.78 51.38 -25.74
N GLU B 137 16.45 51.49 -26.89
CA GLU B 137 17.58 52.40 -27.02
C GLU B 137 17.17 53.83 -26.76
N ALA B 138 16.02 54.24 -27.28
CA ALA B 138 15.59 55.63 -27.14
C ALA B 138 15.34 55.96 -25.69
N LEU B 139 14.70 55.05 -24.96
CA LEU B 139 14.50 55.26 -23.53
C LEU B 139 15.83 55.26 -22.78
N ARG B 140 16.74 54.35 -23.13
CA ARG B 140 18.01 54.31 -22.43
C ARG B 140 18.73 55.64 -22.57
N GLU B 141 18.75 56.18 -23.79
CA GLU B 141 19.48 57.42 -24.02
C GLU B 141 18.76 58.61 -23.40
N GLU B 142 17.44 58.66 -23.54
CA GLU B 142 16.71 59.82 -23.04
C GLU B 142 16.79 59.95 -21.53
N TYR B 143 16.83 58.83 -20.81
CA TYR B 143 16.81 58.85 -19.35
C TYR B 143 18.14 58.46 -18.74
N ASN B 144 19.20 58.41 -19.55
CA ASN B 144 20.56 58.14 -19.01
C ASN B 144 20.56 56.85 -18.17
N LEU B 145 19.88 55.81 -18.65
CA LEU B 145 19.89 54.52 -17.97
C LEU B 145 21.26 53.86 -18.11
N GLY B 146 21.53 52.90 -17.24
CA GLY B 146 22.83 52.28 -17.19
C GLY B 146 22.75 50.77 -17.12
N LEU B 147 23.80 50.18 -16.55
CA LEU B 147 24.03 48.75 -16.68
C LEU B 147 22.88 47.92 -16.10
N TYR B 148 22.40 48.28 -14.91
CA TYR B 148 21.56 47.37 -14.14
C TYR B 148 20.09 47.77 -14.10
N ASP B 149 19.73 48.96 -14.58
CA ASP B 149 18.32 49.30 -14.69
C ASP B 149 17.78 49.18 -16.11
N THR B 150 18.61 49.35 -17.14
CA THR B 150 18.11 49.20 -18.50
C THR B 150 17.50 47.82 -18.76
N PRO B 151 18.02 46.72 -18.20
CA PRO B 151 17.35 45.42 -18.42
C PRO B 151 15.90 45.43 -17.98
N TYR B 152 15.57 46.13 -16.89
CA TYR B 152 14.18 46.19 -16.45
C TYR B 152 13.35 46.99 -17.44
N VAL B 153 13.87 48.14 -17.89
CA VAL B 153 13.12 48.93 -18.86
C VAL B 153 12.93 48.13 -20.14
N LYS B 154 13.95 47.35 -20.53
CA LYS B 154 13.79 46.49 -21.71
C LYS B 154 12.61 45.55 -21.55
N ASN B 155 12.41 44.98 -20.35
CA ASN B 155 11.24 44.12 -20.15
C ASN B 155 9.94 44.92 -20.16
N ALA B 156 9.97 46.20 -19.78
CA ALA B 156 8.77 47.02 -19.92
C ALA B 156 8.35 47.12 -21.38
N VAL B 157 9.32 47.09 -22.30
CA VAL B 157 9.02 47.19 -23.72
C VAL B 157 8.70 45.82 -24.29
N TRP B 158 9.60 44.87 -24.09
CA TRP B 158 9.55 43.55 -24.70
C TRP B 158 8.77 42.54 -23.88
N GLY B 159 8.28 42.90 -22.70
CA GLY B 159 7.61 41.89 -21.88
C GLY B 159 8.63 40.87 -21.42
N THR B 160 8.17 39.63 -21.26
CA THR B 160 8.97 38.52 -20.74
C THR B 160 9.82 37.83 -21.82
N TYR B 161 9.84 38.37 -23.02
CA TYR B 161 10.79 37.92 -24.03
C TYR B 161 12.21 38.17 -23.53
N PRO B 162 13.13 37.18 -23.59
CA PRO B 162 13.02 35.89 -24.26
C PRO B 162 12.76 34.67 -23.39
N GLN B 163 12.36 34.83 -22.13
CA GLN B 163 11.92 33.65 -21.37
C GLN B 163 10.70 33.03 -22.04
N THR B 164 9.84 33.87 -22.59
CA THR B 164 8.78 33.44 -23.48
C THR B 164 9.13 33.73 -24.93
N MET B 165 8.38 33.10 -25.82
CA MET B 165 8.60 33.19 -27.26
C MET B 165 7.94 34.46 -27.80
N ASP B 166 6.96 34.98 -27.08
CA ASP B 166 6.31 36.22 -27.42
C ASP B 166 6.67 37.30 -26.41
N MET B 167 6.30 38.54 -26.75
CA MET B 167 6.53 39.72 -25.92
C MET B 167 5.42 39.82 -24.90
N LYS B 168 5.21 38.76 -24.15
CA LYS B 168 4.09 38.70 -23.23
C LYS B 168 4.22 39.78 -22.16
N GLY B 169 3.15 40.54 -21.98
CA GLY B 169 3.16 41.65 -21.06
C GLY B 169 3.91 42.87 -21.55
N GLY B 170 4.33 42.88 -22.81
CA GLY B 170 5.08 43.98 -23.37
C GLY B 170 4.15 45.06 -23.93
N ASN B 171 4.77 46.04 -24.59
CA ASN B 171 4.03 47.23 -25.00
C ASN B 171 4.28 47.60 -26.45
N VAL B 172 4.65 46.62 -27.26
CA VAL B 172 4.71 46.75 -28.70
C VAL B 172 3.65 45.80 -29.25
N LEU B 173 2.70 46.34 -30.01
CA LEU B 173 1.50 45.63 -30.40
C LEU B 173 1.39 45.54 -31.92
N SER B 174 0.82 44.45 -32.38
CA SER B 174 0.60 44.14 -33.79
C SER B 174 -0.77 43.52 -33.92
N VAL B 175 -1.41 43.68 -35.10
CA VAL B 175 -2.62 42.90 -35.33
C VAL B 175 -2.29 41.45 -35.68
N LEU B 176 -1.03 41.15 -35.99
CA LEU B 176 -0.60 39.79 -36.20
C LEU B 176 -0.07 39.22 -34.88
N SER B 177 0.09 37.90 -34.84
CA SER B 177 0.68 37.21 -33.71
C SER B 177 2.12 36.79 -34.06
N ILE B 178 2.74 35.98 -33.22
CA ILE B 178 4.09 35.52 -33.54
C ILE B 178 3.99 34.31 -34.44
N PRO B 179 5.00 34.04 -35.28
CA PRO B 179 4.89 32.92 -36.22
C PRO B 179 4.71 31.57 -35.55
N GLN B 180 5.27 31.40 -34.35
CA GLN B 180 5.17 30.11 -33.70
C GLN B 180 3.75 29.77 -33.28
N ASN B 181 2.85 30.75 -33.32
CA ASN B 181 1.46 30.46 -33.01
C ASN B 181 0.68 29.95 -34.22
N ASP B 182 1.30 29.97 -35.41
CA ASP B 182 0.63 29.46 -36.61
C ASP B 182 0.21 28.01 -36.36
N GLU B 183 -1.03 27.67 -36.67
CA GLU B 183 -1.44 26.25 -36.56
C GLU B 183 -0.79 25.40 -37.66
N GLY B 184 -0.54 25.99 -38.80
CA GLY B 184 0.04 25.28 -39.91
C GLY B 184 0.75 26.21 -40.87
N LEU B 185 0.99 25.70 -42.07
CA LEU B 185 1.77 26.41 -43.08
C LEU B 185 0.94 27.51 -43.74
N GLY B 186 1.39 28.75 -43.62
CA GLY B 186 0.73 29.87 -44.28
C GLY B 186 -0.33 30.54 -43.45
N PHE B 187 -0.31 30.35 -42.13
CA PHE B 187 -1.41 30.80 -41.29
C PHE B 187 -1.20 32.16 -40.65
N ALA B 188 -0.09 32.85 -40.93
CA ALA B 188 0.16 34.09 -40.20
C ALA B 188 -0.90 35.15 -40.48
N LEU B 189 -1.32 35.31 -41.74
CA LEU B 189 -2.35 36.31 -42.02
C LEU B 189 -3.73 35.85 -41.57
N ARG B 190 -3.87 34.55 -41.25
CA ARG B 190 -5.11 34.06 -40.67
C ARG B 190 -5.21 34.37 -39.19
N ASN B 191 -4.12 34.75 -38.55
CA ASN B 191 -4.10 34.93 -37.10
C ASN B 191 -4.32 36.39 -36.72
N ILE B 192 -5.51 36.89 -37.05
CA ILE B 192 -5.92 38.26 -36.77
C ILE B 192 -7.22 38.23 -35.98
N MET B 193 -7.13 38.62 -34.71
CA MET B 193 -8.27 38.57 -33.82
C MET B 193 -9.42 39.41 -34.38
N ALA B 194 -10.62 38.86 -34.29
CA ALA B 194 -11.78 39.50 -34.89
C ALA B 194 -12.01 40.88 -34.28
N ASN B 195 -11.76 41.05 -32.97
CA ASN B 195 -11.85 42.38 -32.40
C ASN B 195 -10.94 43.37 -33.11
N HIS B 196 -9.72 42.92 -33.49
CA HIS B 196 -8.81 43.77 -34.25
C HIS B 196 -9.41 44.16 -35.60
N LEU B 197 -10.00 43.17 -36.29
CA LEU B 197 -10.57 43.41 -37.61
C LEU B 197 -11.69 44.43 -37.53
N ALA B 198 -12.52 44.36 -36.49
CA ALA B 198 -13.60 45.34 -36.31
C ALA B 198 -13.04 46.74 -36.11
N MET B 199 -11.91 46.87 -35.41
CA MET B 199 -11.30 48.19 -35.21
C MET B 199 -10.60 48.70 -36.47
N LEU B 200 -9.91 47.83 -37.22
CA LEU B 200 -9.35 48.25 -38.50
C LEU B 200 -10.41 48.91 -39.38
N SER B 201 -11.62 48.40 -39.33
CA SER B 201 -12.69 48.86 -40.18
C SER B 201 -13.44 50.04 -39.57
N GLN B 202 -13.07 50.44 -38.35
CA GLN B 202 -13.78 51.48 -37.60
C GLN B 202 -15.25 51.13 -37.41
N ARG B 203 -15.54 49.84 -37.28
CA ARG B 203 -16.87 49.29 -37.10
C ARG B 203 -17.80 49.63 -38.26
N ASN B 204 -17.24 49.85 -39.45
CA ASN B 204 -18.03 49.88 -40.69
C ASN B 204 -18.10 48.45 -41.19
N ALA B 205 -19.31 47.84 -41.13
CA ALA B 205 -19.41 46.41 -41.31
C ALA B 205 -19.14 46.01 -42.75
N MET B 206 -19.48 46.86 -43.72
CA MET B 206 -19.13 46.53 -45.10
C MET B 206 -17.62 46.56 -45.29
N ASN B 207 -16.94 47.55 -44.71
CA ASN B 207 -15.49 47.59 -44.82
C ASN B 207 -14.84 46.48 -44.01
N CYS B 208 -15.48 46.05 -42.93
CA CYS B 208 -14.97 44.94 -42.13
C CYS B 208 -15.02 43.64 -42.92
N ALA B 209 -16.12 43.39 -43.62
CA ALA B 209 -16.20 42.24 -44.50
C ALA B 209 -15.04 42.24 -45.49
N ALA B 210 -14.78 43.41 -46.10
CA ALA B 210 -13.73 43.51 -47.09
C ALA B 210 -12.36 43.25 -46.48
N ILE B 211 -12.02 43.96 -45.40
CA ILE B 211 -10.68 43.82 -44.83
C ILE B 211 -10.47 42.38 -44.38
N SER B 212 -11.44 41.81 -43.70
CA SER B 212 -11.27 40.47 -43.16
C SER B 212 -11.21 39.43 -44.28
N SER B 213 -12.07 39.56 -45.28
CA SER B 213 -12.07 38.62 -46.39
C SER B 213 -10.77 38.69 -47.17
N ILE B 214 -10.31 39.90 -47.49
CA ILE B 214 -9.02 40.03 -48.17
C ILE B 214 -7.93 39.29 -47.41
N LEU B 215 -7.76 39.59 -46.13
CA LEU B 215 -6.65 39.01 -45.39
C LEU B 215 -6.80 37.51 -45.24
N GLU B 216 -8.04 37.01 -45.09
CA GLU B 216 -8.28 35.57 -45.01
C GLU B 216 -7.84 34.90 -46.30
N HIS B 217 -8.25 35.44 -47.45
CA HIS B 217 -7.90 34.80 -48.71
C HIS B 217 -6.43 35.01 -49.04
N CYS B 218 -5.82 36.10 -48.58
CA CYS B 218 -4.35 36.18 -48.69
C CYS B 218 -3.70 35.01 -47.95
N GLY B 219 -4.17 34.73 -46.73
CA GLY B 219 -3.71 33.54 -46.04
C GLY B 219 -3.91 32.26 -46.83
N VAL B 220 -5.11 32.07 -47.39
CA VAL B 220 -5.39 30.84 -48.13
C VAL B 220 -4.46 30.70 -49.33
N PHE B 221 -4.17 31.80 -50.02
CA PHE B 221 -3.21 31.72 -51.11
C PHE B 221 -1.84 31.28 -50.58
N GLU B 222 -1.41 31.82 -49.44
CA GLU B 222 -0.09 31.44 -48.89
C GLU B 222 -0.06 29.99 -48.41
N MET B 223 -1.23 29.46 -48.05
CA MET B 223 -1.35 28.04 -47.63
C MET B 223 -1.26 27.12 -48.85
N GLY B 224 -1.28 27.69 -50.06
CA GLY B 224 -1.27 26.88 -51.26
C GLY B 224 -2.60 26.29 -51.62
N GLN B 225 -3.72 26.85 -51.14
CA GLN B 225 -5.03 26.26 -51.35
C GLN B 225 -5.88 27.10 -52.30
N ALA B 226 -5.23 27.86 -53.18
CA ALA B 226 -5.87 28.61 -54.26
C ALA B 226 -5.09 28.41 -55.56
N ILE B 227 -4.79 27.15 -55.89
CA ILE B 227 -4.02 26.79 -57.08
C ILE B 227 -4.95 26.13 -58.09
N GLY B 228 -4.78 26.51 -59.36
CA GLY B 228 -5.56 25.91 -60.42
C GLY B 228 -7.03 26.24 -60.30
N LEU B 229 -7.88 25.22 -60.44
CA LEU B 229 -9.32 25.42 -60.27
C LEU B 229 -9.65 26.10 -58.95
N PHE B 230 -8.87 25.82 -57.90
CA PHE B 230 -9.14 26.37 -56.57
C PHE B 230 -8.83 27.85 -56.48
N GLU B 231 -8.06 28.38 -57.42
CA GLU B 231 -7.92 29.84 -57.49
C GLU B 231 -9.24 30.50 -57.81
N ARG B 232 -9.94 30.00 -58.85
CA ARG B 232 -11.23 30.56 -59.21
C ARG B 232 -12.21 30.38 -58.06
N TYR B 233 -12.21 29.20 -57.43
CA TYR B 233 -13.06 28.94 -56.27
C TYR B 233 -12.86 30.00 -55.19
N GLN B 234 -11.60 30.25 -54.80
CA GLN B 234 -11.34 31.21 -53.74
C GLN B 234 -11.62 32.65 -54.20
N LEU B 235 -11.22 33.00 -55.42
CA LEU B 235 -11.38 34.40 -55.87
C LEU B 235 -12.85 34.77 -55.98
N LEU B 236 -13.70 33.84 -56.43
CA LEU B 236 -15.13 34.15 -56.46
C LEU B 236 -15.68 34.33 -55.05
N ALA B 237 -15.22 33.52 -54.08
CA ALA B 237 -15.68 33.72 -52.72
C ALA B 237 -15.23 35.07 -52.17
N LEU B 238 -13.96 35.43 -52.40
CA LEU B 238 -13.47 36.74 -52.00
C LEU B 238 -14.31 37.85 -52.63
N ALA B 239 -14.54 37.77 -53.93
CA ALA B 239 -15.23 38.85 -54.64
C ALA B 239 -16.66 39.01 -54.14
N TYR B 240 -17.41 37.90 -54.05
CA TYR B 240 -18.82 37.98 -53.72
C TYR B 240 -19.09 38.11 -52.22
N GLN B 241 -18.26 37.50 -51.37
CA GLN B 241 -18.51 37.63 -49.93
C GLN B 241 -17.83 38.87 -49.35
N GLY B 242 -16.62 39.19 -49.81
CA GLY B 242 -15.84 40.24 -49.20
C GLY B 242 -15.83 41.57 -49.92
N LEU B 243 -15.87 41.53 -51.26
CA LEU B 243 -15.78 42.74 -52.06
C LEU B 243 -17.12 43.16 -52.65
N ASN B 244 -18.22 42.69 -52.09
CA ASN B 244 -19.56 43.16 -52.47
C ASN B 244 -19.71 43.12 -53.99
N ALA B 245 -19.18 42.07 -54.63
CA ALA B 245 -19.30 41.95 -56.07
C ALA B 245 -20.74 42.02 -56.52
N ASN B 246 -20.99 42.83 -57.55
CA ASN B 246 -22.30 43.03 -58.12
C ASN B 246 -23.30 43.56 -57.11
N ASN B 247 -22.82 44.11 -56.01
CA ASN B 247 -23.64 44.68 -54.95
C ASN B 247 -24.53 43.64 -54.26
N MET B 248 -24.22 42.36 -54.39
CA MET B 248 -25.11 41.31 -53.91
C MET B 248 -25.24 41.31 -52.38
N VAL B 249 -24.12 41.41 -51.66
CA VAL B 249 -24.18 41.44 -50.20
C VAL B 249 -24.94 42.68 -49.72
N TYR B 250 -24.61 43.84 -50.29
CA TYR B 250 -25.28 45.07 -49.88
C TYR B 250 -26.77 44.99 -50.15
N GLU B 251 -27.15 44.57 -51.36
CA GLU B 251 -28.57 44.57 -51.69
C GLU B 251 -29.33 43.52 -50.91
N MET B 252 -28.75 42.35 -50.72
CA MET B 252 -29.47 41.31 -49.99
C MET B 252 -29.65 41.74 -48.55
N THR B 253 -28.67 42.42 -47.98
CA THR B 253 -28.82 42.92 -46.62
C THR B 253 -29.89 44.00 -46.55
N LYS B 254 -29.84 44.96 -47.47
CA LYS B 254 -30.80 46.08 -47.46
C LYS B 254 -32.24 45.56 -47.61
N ASN B 255 -32.47 44.65 -48.56
CA ASN B 255 -33.85 44.17 -48.84
C ASN B 255 -34.37 43.28 -47.70
N ASN B 256 -33.49 42.84 -46.81
CA ASN B 256 -33.91 41.97 -45.67
C ASN B 256 -33.62 42.68 -44.35
N GLY B 257 -33.27 43.97 -44.39
CA GLY B 257 -32.85 44.64 -43.17
C GLY B 257 -33.99 45.03 -42.26
N LYS B 258 -35.19 45.22 -42.80
CA LYS B 258 -36.29 45.70 -41.95
C LYS B 258 -37.06 44.57 -41.30
N THR B 259 -37.40 43.54 -42.06
CA THR B 259 -38.21 42.45 -41.54
C THR B 259 -37.60 41.07 -41.79
N GLY B 260 -36.41 41.00 -42.36
CA GLY B 260 -35.85 39.74 -42.76
C GLY B 260 -35.21 38.95 -41.64
N THR B 261 -34.90 37.70 -41.97
CA THR B 261 -34.38 36.71 -41.04
C THR B 261 -33.32 35.88 -41.76
N ILE B 262 -32.66 35.00 -41.01
CA ILE B 262 -31.76 34.06 -41.67
C ILE B 262 -32.48 33.38 -42.83
N GLY B 263 -33.70 32.91 -42.58
CA GLY B 263 -34.41 32.13 -43.57
C GLY B 263 -34.86 32.93 -44.78
N THR B 264 -35.20 34.20 -44.60
CA THR B 264 -35.55 34.96 -45.80
C THR B 264 -34.33 35.28 -46.63
N VAL B 265 -33.14 35.38 -46.01
CA VAL B 265 -31.92 35.54 -46.80
C VAL B 265 -31.58 34.25 -47.53
N VAL B 266 -31.82 33.09 -46.91
CA VAL B 266 -31.70 31.83 -47.64
C VAL B 266 -32.54 31.87 -48.91
N GLN B 267 -33.82 32.24 -48.77
CA GLN B 267 -34.72 32.20 -49.92
C GLN B 267 -34.27 33.18 -51.00
N GLU B 268 -33.79 34.36 -50.59
CA GLU B 268 -33.34 35.32 -51.58
C GLU B 268 -32.12 34.80 -52.33
N THR B 269 -31.22 34.13 -51.61
CA THR B 269 -30.02 33.61 -52.27
C THR B 269 -30.40 32.58 -53.32
N VAL B 270 -31.30 31.66 -52.97
CA VAL B 270 -31.72 30.64 -53.93
C VAL B 270 -32.37 31.29 -55.15
N GLY B 271 -33.31 32.21 -54.90
CA GLY B 271 -33.99 32.88 -56.01
C GLY B 271 -33.06 33.61 -56.94
N ARG B 272 -32.03 34.28 -56.38
CA ARG B 272 -31.04 34.96 -57.19
C ARG B 272 -30.22 33.96 -57.99
N ALA B 273 -29.81 32.85 -57.36
CA ALA B 273 -29.04 31.84 -58.08
C ALA B 273 -29.84 31.27 -59.26
N LEU B 274 -31.12 31.01 -59.05
CA LEU B 274 -31.97 30.46 -60.09
C LEU B 274 -32.20 31.51 -61.19
N ASP B 275 -32.51 32.75 -60.80
CA ASP B 275 -32.72 33.80 -61.79
C ASP B 275 -31.47 34.09 -62.61
N ASP B 276 -30.30 34.00 -62.01
CA ASP B 276 -29.05 34.28 -62.69
C ASP B 276 -28.51 33.08 -63.43
N GLY B 277 -29.18 31.95 -63.37
CA GLY B 277 -28.71 30.76 -64.06
C GLY B 277 -27.60 30.00 -63.39
N VAL B 278 -27.27 30.34 -62.14
CA VAL B 278 -26.21 29.62 -61.45
C VAL B 278 -26.66 28.21 -61.11
N ILE B 279 -27.95 28.04 -60.82
CA ILE B 279 -28.54 26.74 -60.53
C ILE B 279 -29.79 26.61 -61.39
N SER B 280 -30.21 25.36 -61.57
CA SER B 280 -31.41 25.03 -62.33
C SER B 280 -32.10 23.85 -61.66
N VAL B 281 -33.38 23.67 -61.96
CA VAL B 281 -34.04 22.45 -61.50
C VAL B 281 -33.39 21.25 -62.18
N ASP B 282 -33.10 20.21 -61.40
CA ASP B 282 -32.48 18.99 -61.87
C ASP B 282 -33.56 17.93 -62.08
N LYS B 283 -34.17 17.49 -60.99
CA LYS B 283 -35.24 16.50 -60.99
C LYS B 283 -36.29 16.93 -59.97
N THR B 284 -37.50 16.41 -60.12
CA THR B 284 -38.57 16.64 -59.17
C THR B 284 -38.96 15.31 -58.55
N MET B 285 -38.99 15.28 -57.21
CA MET B 285 -39.44 14.11 -56.50
C MET B 285 -40.96 13.96 -56.55
N PRO B 286 -41.46 12.77 -56.23
CA PRO B 286 -42.92 12.55 -56.30
C PRO B 286 -43.73 13.52 -55.47
N SER B 287 -43.20 13.98 -54.35
CA SER B 287 -43.92 14.94 -53.52
C SER B 287 -44.00 16.34 -54.15
N GLY B 288 -43.23 16.60 -55.20
CA GLY B 288 -43.11 17.91 -55.80
C GLY B 288 -41.89 18.68 -55.38
N TYR B 289 -41.15 18.17 -54.37
CA TYR B 289 -39.88 18.77 -54.01
C TYR B 289 -38.90 18.74 -55.17
N LYS B 290 -38.23 19.86 -55.40
CA LYS B 290 -37.34 20.03 -56.54
C LYS B 290 -35.88 19.90 -56.08
N VAL B 291 -35.16 18.98 -56.70
CA VAL B 291 -33.70 18.89 -56.54
C VAL B 291 -33.07 19.82 -57.56
N TYR B 292 -32.21 20.73 -57.11
CA TYR B 292 -31.50 21.60 -58.04
C TYR B 292 -30.15 21.02 -58.41
N LYS B 293 -29.56 21.59 -59.45
CA LYS B 293 -28.20 21.29 -59.86
C LYS B 293 -27.47 22.61 -60.07
N ALA B 294 -26.17 22.60 -59.79
CA ALA B 294 -25.34 23.78 -59.98
C ALA B 294 -24.80 23.77 -61.40
N ASN B 295 -25.15 24.79 -62.17
CA ASN B 295 -24.59 24.89 -63.51
C ASN B 295 -23.16 25.40 -63.49
N ASP B 296 -22.82 26.18 -62.46
CA ASP B 296 -21.46 26.70 -62.26
C ASP B 296 -21.17 26.46 -60.78
N VAL B 297 -20.36 25.46 -60.48
CA VAL B 297 -20.20 25.03 -59.09
C VAL B 297 -19.53 26.11 -58.26
N CYS B 298 -18.41 26.67 -58.74
CA CYS B 298 -17.73 27.71 -57.97
C CYS B 298 -18.61 28.93 -57.76
N MET B 299 -19.45 29.25 -58.74
CA MET B 299 -20.33 30.42 -58.60
C MET B 299 -21.44 30.14 -57.59
N TRP B 300 -21.97 28.93 -57.56
CA TRP B 300 -22.94 28.61 -56.52
C TRP B 300 -22.32 28.78 -55.14
N ASN B 301 -21.09 28.34 -54.96
CA ASN B 301 -20.46 28.56 -53.66
C ASN B 301 -20.37 30.06 -53.35
N ALA B 302 -20.02 30.87 -54.35
CA ALA B 302 -19.86 32.29 -54.11
C ALA B 302 -21.19 32.94 -53.72
N TYR B 303 -22.30 32.51 -54.35
CA TYR B 303 -23.62 32.97 -53.94
C TYR B 303 -23.93 32.55 -52.50
N CYS B 304 -23.59 31.32 -52.13
CA CYS B 304 -23.79 30.91 -50.74
C CYS B 304 -22.91 31.70 -49.79
N ALA B 305 -21.70 32.04 -50.21
CA ALA B 305 -20.86 32.87 -49.35
C ALA B 305 -21.45 34.26 -49.17
N ALA B 306 -21.95 34.87 -50.25
CA ALA B 306 -22.60 36.17 -50.12
C ALA B 306 -23.82 36.08 -49.23
N GLY B 307 -24.63 35.04 -49.42
CA GLY B 307 -25.81 34.89 -48.58
C GLY B 307 -25.47 34.69 -47.10
N THR B 308 -24.43 33.92 -46.82
CA THR B 308 -23.98 33.75 -45.43
C THR B 308 -23.67 35.10 -44.80
N MET B 309 -22.98 35.97 -45.54
CA MET B 309 -22.58 37.27 -45.02
C MET B 309 -23.81 38.14 -44.82
N ALA B 310 -24.67 38.25 -45.84
CA ALA B 310 -25.89 39.03 -45.71
C ALA B 310 -26.75 38.54 -44.57
N ALA B 311 -26.85 37.23 -44.40
CA ALA B 311 -27.59 36.68 -43.25
C ALA B 311 -26.98 37.14 -41.95
N THR B 312 -25.65 37.17 -41.87
CA THR B 312 -24.97 37.63 -40.64
C THR B 312 -25.34 39.07 -40.40
N MET B 313 -25.29 39.89 -41.44
CA MET B 313 -25.57 41.34 -41.27
C MET B 313 -27.03 41.55 -40.86
N VAL B 314 -27.96 40.75 -41.40
CA VAL B 314 -29.40 40.95 -41.09
C VAL B 314 -29.72 40.43 -39.67
N ASN B 315 -29.14 39.29 -39.28
CA ASN B 315 -29.51 38.70 -38.00
C ASN B 315 -28.73 39.34 -36.84
N CYS B 316 -27.41 39.42 -36.97
CA CYS B 316 -26.63 40.14 -35.97
C CYS B 316 -26.96 41.62 -35.95
N GLY B 317 -27.26 42.19 -37.13
CA GLY B 317 -27.68 43.59 -37.16
C GLY B 317 -28.94 43.83 -36.36
N ALA B 318 -29.92 42.93 -36.51
CA ALA B 318 -31.18 43.07 -35.78
C ALA B 318 -30.97 42.92 -34.28
N LEU B 319 -30.17 41.93 -33.87
CA LEU B 319 -29.83 41.70 -32.47
C LEU B 319 -28.94 42.81 -31.92
N ARG B 320 -28.23 43.50 -32.80
CA ARG B 320 -27.10 44.36 -32.44
C ARG B 320 -26.19 43.65 -31.46
N GLY B 321 -25.88 42.39 -31.79
CA GLY B 321 -25.17 41.47 -30.93
C GLY B 321 -24.33 40.51 -31.76
N ALA B 322 -23.08 40.32 -31.35
CA ALA B 322 -22.18 39.47 -32.11
C ALA B 322 -22.52 37.99 -32.01
N GLN B 323 -23.12 37.54 -30.91
CA GLN B 323 -23.12 36.11 -30.65
C GLN B 323 -23.93 35.32 -31.67
N ALA B 324 -24.90 35.94 -32.33
CA ALA B 324 -25.74 35.22 -33.27
C ALA B 324 -25.00 34.84 -34.55
N VAL B 325 -23.76 35.28 -34.74
CA VAL B 325 -23.09 34.92 -35.98
C VAL B 325 -22.86 33.43 -36.06
N SER B 326 -22.61 32.76 -34.92
CA SER B 326 -22.32 31.33 -34.96
C SER B 326 -23.53 30.56 -35.46
N SER B 327 -24.72 30.86 -34.95
CA SER B 327 -25.90 30.17 -35.44
C SER B 327 -26.28 30.64 -36.85
N THR B 328 -26.01 31.91 -37.21
CA THR B 328 -26.37 32.35 -38.56
C THR B 328 -25.63 31.55 -39.60
N LEU B 329 -24.30 31.41 -39.43
CA LEU B 329 -23.50 30.63 -40.37
C LEU B 329 -23.96 29.19 -40.43
N LEU B 330 -24.31 28.61 -39.29
CA LEU B 330 -24.77 27.23 -39.26
C LEU B 330 -26.08 27.08 -40.02
N TYR B 331 -27.10 27.84 -39.64
CA TYR B 331 -28.45 27.60 -40.14
C TYR B 331 -28.67 28.20 -41.52
N PHE B 332 -27.95 29.23 -41.91
CA PHE B 332 -28.05 29.64 -43.31
C PHE B 332 -27.68 28.49 -44.23
N ASN B 333 -26.57 27.83 -43.94
CA ASN B 333 -26.10 26.78 -44.84
C ASN B 333 -26.83 25.46 -44.65
N ASP B 334 -27.15 25.09 -43.42
CA ASP B 334 -27.99 23.91 -43.20
C ASP B 334 -29.29 24.05 -43.99
N MET B 335 -29.98 25.19 -43.84
CA MET B 335 -31.24 25.29 -44.54
C MET B 335 -31.14 25.56 -46.03
N ILE B 336 -30.09 26.20 -46.53
CA ILE B 336 -30.02 26.34 -47.98
C ILE B 336 -29.83 24.96 -48.62
N GLU B 337 -29.11 24.05 -47.94
CA GLU B 337 -29.02 22.69 -48.45
C GLU B 337 -30.38 22.00 -48.45
N LYS B 338 -31.16 22.17 -47.39
CA LYS B 338 -32.46 21.52 -47.33
C LYS B 338 -33.38 22.10 -48.39
N GLU B 339 -33.22 23.39 -48.68
CA GLU B 339 -34.05 24.07 -49.66
C GLU B 339 -33.75 23.62 -51.09
N THR B 340 -32.54 23.14 -51.36
CA THR B 340 -32.09 22.90 -52.74
C THR B 340 -31.55 21.51 -53.02
N SER B 341 -31.10 20.77 -52.00
CA SER B 341 -30.30 19.56 -52.17
C SER B 341 -29.00 19.81 -52.91
N LEU B 342 -28.52 21.05 -52.83
CA LEU B 342 -27.16 21.41 -53.21
C LEU B 342 -26.34 21.68 -51.94
N PRO B 343 -25.05 21.39 -51.96
CA PRO B 343 -24.21 21.71 -50.79
C PRO B 343 -24.06 23.21 -50.58
N GLY B 344 -23.99 23.57 -49.30
CA GLY B 344 -23.85 24.95 -48.87
C GLY B 344 -22.41 25.44 -48.92
N CYS B 345 -22.18 26.58 -48.27
CA CYS B 345 -20.95 27.31 -48.50
C CYS B 345 -19.74 26.49 -48.05
N ASP B 346 -18.73 26.42 -48.93
CA ASP B 346 -17.50 25.63 -48.69
C ASP B 346 -17.85 24.15 -48.44
N TRP B 347 -18.99 23.74 -49.00
CA TRP B 347 -19.42 22.34 -49.07
C TRP B 347 -19.55 21.73 -47.68
N GLY B 348 -20.03 22.53 -46.74
CA GLY B 348 -20.23 22.11 -45.39
C GLY B 348 -19.19 22.63 -44.42
N ARG B 349 -18.11 23.23 -44.93
CA ARG B 349 -17.06 23.67 -44.02
C ARG B 349 -17.42 24.96 -43.32
N VAL B 350 -18.29 25.80 -43.88
CA VAL B 350 -18.80 26.90 -43.07
C VAL B 350 -19.76 26.40 -42.00
N GLU B 351 -20.72 25.57 -42.38
CA GLU B 351 -21.63 24.98 -41.40
C GLU B 351 -20.86 24.27 -40.29
N GLY B 352 -19.85 23.49 -40.66
CA GLY B 352 -19.10 22.77 -39.65
C GLY B 352 -18.32 23.70 -38.73
N THR B 353 -17.60 24.66 -39.31
CA THR B 353 -16.98 25.69 -38.49
C THR B 353 -18.00 26.29 -37.53
N ALA B 354 -19.22 26.57 -38.02
CA ALA B 354 -20.23 27.23 -37.20
C ALA B 354 -20.75 26.33 -36.08
N VAL B 355 -20.82 25.02 -36.32
CA VAL B 355 -21.22 24.09 -35.26
C VAL B 355 -20.26 24.21 -34.08
N GLY B 356 -18.95 24.08 -34.36
CA GLY B 356 -17.99 24.11 -33.28
C GLY B 356 -17.84 25.49 -32.69
N PHE B 357 -17.93 26.52 -33.54
CA PHE B 357 -17.90 27.90 -33.08
C PHE B 357 -19.08 28.20 -32.17
N SER B 358 -20.29 27.71 -32.51
CA SER B 358 -21.42 27.87 -31.60
C SER B 358 -21.11 27.21 -30.26
N PHE B 359 -20.66 25.97 -30.31
CA PHE B 359 -20.29 25.26 -29.08
C PHE B 359 -19.27 26.03 -28.24
N PHE B 360 -18.19 26.48 -28.84
CA PHE B 360 -17.13 27.15 -28.09
C PHE B 360 -17.39 28.64 -27.87
N SER B 361 -18.57 29.13 -28.21
CA SER B 361 -19.02 30.44 -27.77
C SER B 361 -20.25 30.32 -26.87
N HIS B 362 -20.61 29.09 -26.43
CA HIS B 362 -21.73 28.91 -25.51
C HIS B 362 -21.49 27.82 -24.45
N SER B 363 -20.24 27.42 -24.21
CA SER B 363 -19.92 26.29 -23.33
C SER B 363 -18.78 26.60 -22.36
N ILE B 364 -18.49 25.63 -21.50
CA ILE B 364 -17.41 25.81 -20.54
C ILE B 364 -16.01 25.56 -21.11
N TYR B 365 -15.88 25.02 -22.33
CA TYR B 365 -14.66 24.30 -22.66
C TYR B 365 -13.56 25.17 -23.23
N GLY B 366 -13.87 26.39 -23.66
CA GLY B 366 -12.86 27.22 -24.28
C GLY B 366 -13.53 28.28 -25.14
N GLY B 367 -12.79 28.77 -26.12
CA GLY B 367 -13.38 29.80 -26.98
C GLY B 367 -13.59 31.11 -26.24
N GLY B 368 -14.80 31.61 -26.32
CA GLY B 368 -15.15 32.90 -25.77
C GLY B 368 -16.21 33.55 -26.64
N GLY B 369 -16.31 34.87 -26.53
CA GLY B 369 -17.17 35.62 -27.42
C GLY B 369 -16.57 35.67 -28.81
N PRO B 370 -17.39 36.01 -29.81
CA PRO B 370 -16.88 36.02 -31.19
C PRO B 370 -15.60 36.79 -31.40
N GLY B 371 -15.37 37.84 -30.60
CA GLY B 371 -14.26 38.73 -30.81
C GLY B 371 -12.90 38.09 -30.61
N VAL B 372 -12.83 36.97 -29.87
CA VAL B 372 -11.54 36.35 -29.64
C VAL B 372 -11.17 35.35 -30.73
N PHE B 373 -12.06 35.04 -31.66
CA PHE B 373 -11.72 34.07 -32.68
C PHE B 373 -10.98 34.73 -33.86
N ASN B 374 -10.46 33.87 -34.74
CA ASN B 374 -9.67 34.31 -35.88
C ASN B 374 -9.46 33.10 -36.79
N GLY B 375 -8.95 33.35 -37.98
CA GLY B 375 -8.76 32.28 -38.94
C GLY B 375 -7.72 31.25 -38.56
N ASN B 376 -6.91 31.53 -37.55
CA ASN B 376 -5.92 30.58 -37.04
C ASN B 376 -6.40 29.87 -35.78
N HIS B 377 -7.56 30.25 -35.26
CA HIS B 377 -8.08 29.63 -34.05
C HIS B 377 -8.52 28.22 -34.39
N VAL B 378 -8.19 27.28 -33.51
CA VAL B 378 -8.49 25.88 -33.79
C VAL B 378 -9.98 25.71 -34.06
N VAL B 379 -10.83 26.54 -33.44
CA VAL B 379 -12.27 26.40 -33.64
C VAL B 379 -12.71 26.88 -35.01
N THR B 380 -12.16 28.02 -35.47
CA THR B 380 -12.72 28.74 -36.62
C THR B 380 -11.82 28.74 -37.85
N ARG B 381 -10.86 27.83 -37.93
CA ARG B 381 -9.91 27.80 -39.04
C ARG B 381 -10.38 27.03 -40.27
N HIS B 382 -11.47 26.25 -40.17
CA HIS B 382 -11.71 25.13 -41.09
C HIS B 382 -12.25 25.52 -42.46
N SER B 383 -12.98 26.62 -42.58
CA SER B 383 -13.33 27.13 -43.90
C SER B 383 -12.16 27.94 -44.46
N THR B 384 -11.91 27.82 -45.77
CA THR B 384 -10.87 28.62 -46.37
C THR B 384 -11.38 30.04 -46.63
N GLY B 385 -11.59 30.77 -45.54
CA GLY B 385 -11.81 32.19 -45.64
C GLY B 385 -13.25 32.65 -45.68
N MET B 386 -14.23 31.74 -45.65
CA MET B 386 -15.61 32.12 -45.82
C MET B 386 -16.40 32.21 -44.53
N ALA B 387 -15.75 32.08 -43.37
CA ALA B 387 -16.46 32.17 -42.10
C ALA B 387 -16.02 33.38 -41.30
N ILE B 388 -14.71 33.61 -41.18
CA ILE B 388 -14.20 34.67 -40.30
C ILE B 388 -14.69 36.05 -40.72
N PRO B 389 -14.78 36.39 -42.02
CA PRO B 389 -15.26 37.77 -42.33
C PRO B 389 -16.61 38.03 -41.71
N CYS B 390 -17.46 37.01 -41.66
CA CYS B 390 -18.77 37.16 -41.02
C CYS B 390 -18.61 37.39 -39.52
N VAL B 391 -17.68 36.67 -38.89
CA VAL B 391 -17.44 36.84 -37.46
C VAL B 391 -16.99 38.27 -37.17
N ALA B 392 -16.07 38.79 -37.96
CA ALA B 392 -15.60 40.16 -37.75
C ALA B 392 -16.74 41.17 -37.91
N VAL B 393 -17.58 40.97 -38.92
CA VAL B 393 -18.74 41.83 -39.15
C VAL B 393 -19.68 41.80 -37.96
N ALA B 394 -19.95 40.60 -37.43
CA ALA B 394 -20.80 40.48 -36.25
C ALA B 394 -20.22 41.25 -35.09
N VAL B 395 -18.90 41.16 -34.90
CA VAL B 395 -18.22 41.86 -33.83
C VAL B 395 -18.38 43.37 -34.02
N ALA B 396 -18.27 43.84 -35.26
CA ALA B 396 -18.42 45.27 -35.55
C ALA B 396 -19.83 45.76 -35.28
N LEU B 397 -20.84 44.92 -35.51
CA LEU B 397 -22.25 45.30 -35.36
C LEU B 397 -22.74 45.27 -33.93
N ASP B 398 -21.96 44.70 -33.02
CA ASP B 398 -22.40 44.55 -31.65
C ASP B 398 -22.50 45.92 -30.98
N ALA B 399 -23.60 46.16 -30.28
CA ALA B 399 -23.79 47.47 -29.67
C ALA B 399 -23.40 47.51 -28.19
N GLY B 400 -22.87 46.43 -27.64
CA GLY B 400 -22.38 46.46 -26.27
C GLY B 400 -22.78 45.27 -25.42
N THR B 401 -22.82 44.07 -26.00
CA THR B 401 -23.24 42.87 -25.27
C THR B 401 -22.06 42.03 -24.83
N GLN B 402 -20.85 42.34 -25.28
CA GLN B 402 -19.68 41.51 -25.08
C GLN B 402 -18.84 41.96 -23.90
N MET B 403 -18.24 40.97 -23.21
CA MET B 403 -17.29 41.24 -22.14
C MET B 403 -15.96 41.72 -22.69
N PHE B 404 -15.42 41.01 -23.66
CA PHE B 404 -14.12 41.32 -24.26
C PHE B 404 -14.43 41.94 -25.62
N SER B 405 -14.79 43.22 -25.58
CA SER B 405 -15.19 44.01 -26.72
C SER B 405 -13.99 44.59 -27.45
N PRO B 406 -14.21 45.06 -28.69
CA PRO B 406 -13.08 45.65 -29.43
C PRO B 406 -12.41 46.78 -28.68
N GLU B 407 -13.19 47.58 -27.96
CA GLU B 407 -12.65 48.71 -27.22
C GLU B 407 -11.76 48.26 -26.08
N SER B 408 -12.04 47.10 -25.50
CA SER B 408 -11.26 46.66 -24.36
C SER B 408 -9.98 45.94 -24.79
N THR B 409 -9.98 45.28 -25.96
CA THR B 409 -8.82 44.52 -26.39
C THR B 409 -8.07 45.13 -27.55
N SER B 410 -8.66 46.13 -28.23
CA SER B 410 -8.15 46.57 -29.52
C SER B 410 -8.24 48.08 -29.69
N ALA B 411 -8.37 48.83 -28.59
CA ALA B 411 -8.54 50.27 -28.70
C ALA B 411 -7.38 50.91 -29.46
N ILE B 412 -6.16 50.45 -29.18
CA ILE B 412 -4.99 51.03 -29.83
C ILE B 412 -5.00 50.70 -31.32
N VAL B 413 -5.65 49.62 -31.74
CA VAL B 413 -5.72 49.27 -33.15
C VAL B 413 -6.54 50.32 -33.91
N LEU B 414 -7.67 50.71 -33.33
CA LEU B 414 -8.51 51.74 -33.94
C LEU B 414 -7.69 53.00 -34.23
N ASP B 415 -7.02 53.53 -33.20
CA ASP B 415 -6.24 54.77 -33.35
C ASP B 415 -5.10 54.60 -34.35
N THR B 416 -4.46 53.42 -34.35
CA THR B 416 -3.29 53.25 -35.20
C THR B 416 -3.65 53.28 -36.69
N PHE B 417 -4.81 52.75 -37.08
CA PHE B 417 -5.12 52.57 -38.48
C PHE B 417 -6.24 53.47 -39.01
N GLN B 418 -6.80 54.34 -38.17
CA GLN B 418 -7.99 55.06 -38.61
C GLN B 418 -7.71 56.12 -39.66
N ASP B 419 -6.45 56.43 -39.94
CA ASP B 419 -6.08 57.36 -41.00
C ASP B 419 -5.38 56.67 -42.15
N VAL B 420 -5.38 55.34 -42.16
CA VAL B 420 -4.72 54.56 -43.19
C VAL B 420 -5.71 54.32 -44.32
N PRO B 421 -5.46 54.83 -45.53
CA PRO B 421 -6.48 54.79 -46.58
C PRO B 421 -7.00 53.40 -46.92
N ILE B 422 -6.12 52.38 -46.92
CA ILE B 422 -6.57 51.05 -47.30
C ILE B 422 -7.59 50.52 -46.30
N MET B 423 -7.48 50.94 -45.04
CA MET B 423 -8.45 50.50 -44.05
C MET B 423 -9.67 51.40 -43.95
N MET B 424 -9.53 52.66 -44.35
CA MET B 424 -10.67 53.60 -44.29
C MET B 424 -11.68 53.29 -45.40
N ASN B 425 -11.20 52.90 -46.58
CA ASN B 425 -12.10 52.68 -47.70
C ASN B 425 -11.57 51.52 -48.54
N PRO B 426 -11.52 50.32 -47.99
CA PRO B 426 -10.88 49.21 -48.73
C PRO B 426 -11.52 48.92 -50.08
N LEU B 427 -12.85 49.03 -50.20
CA LEU B 427 -13.50 48.70 -51.47
C LEU B 427 -13.14 49.73 -52.54
N LYS B 428 -13.09 51.01 -52.18
CA LYS B 428 -12.73 52.04 -53.16
C LYS B 428 -11.27 51.88 -53.58
N GLU B 429 -10.42 51.49 -52.62
CA GLU B 429 -8.99 51.32 -52.90
C GLU B 429 -8.75 50.13 -53.81
N VAL B 430 -9.44 49.02 -53.57
CA VAL B 430 -9.28 47.85 -54.42
C VAL B 430 -9.74 48.17 -55.84
N ALA B 431 -10.89 48.83 -55.98
CA ALA B 431 -11.37 49.21 -57.30
C ALA B 431 -10.42 50.18 -57.99
N ALA B 432 -9.92 51.18 -57.26
CA ALA B 432 -9.01 52.13 -57.86
C ALA B 432 -7.72 51.48 -58.33
N ALA B 433 -7.34 50.36 -57.71
CA ALA B 433 -6.09 49.71 -58.06
C ALA B 433 -6.21 48.92 -59.35
N VAL B 434 -7.42 48.60 -59.77
CA VAL B 434 -7.67 47.83 -60.99
C VAL B 434 -7.21 48.68 -62.18
N ALA C 2 -40.25 35.37 -58.91
CA ALA C 2 -40.84 35.01 -57.63
C ALA C 2 -40.40 33.61 -57.20
N TYR C 3 -39.64 33.51 -56.11
CA TYR C 3 -39.17 32.21 -55.64
C TYR C 3 -40.09 31.73 -54.52
N THR C 4 -40.62 30.51 -54.67
CA THR C 4 -41.49 29.91 -53.66
C THR C 4 -40.66 28.95 -52.81
N PRO C 5 -40.50 29.17 -51.52
CA PRO C 5 -39.71 28.21 -50.72
C PRO C 5 -40.41 26.84 -50.64
N GLN C 6 -39.61 25.78 -50.69
CA GLN C 6 -40.11 24.43 -50.47
C GLN C 6 -39.63 23.79 -49.15
N TYR C 7 -38.60 24.34 -48.54
CA TYR C 7 -38.14 24.02 -47.18
C TYR C 7 -37.48 22.66 -47.00
N TYR C 8 -38.16 21.59 -47.42
CA TYR C 8 -37.74 20.25 -47.04
C TYR C 8 -38.46 19.18 -47.85
N PRO C 9 -37.78 18.09 -48.21
CA PRO C 9 -38.45 17.04 -49.00
C PRO C 9 -39.34 16.13 -48.16
N GLY C 10 -39.87 15.09 -48.75
CA GLY C 10 -40.67 14.13 -48.02
C GLY C 10 -42.17 14.31 -48.22
N SER C 11 -42.89 13.19 -48.22
CA SER C 11 -44.33 13.22 -48.42
C SER C 11 -45.15 12.74 -47.22
N SER C 12 -44.53 12.16 -46.20
CA SER C 12 -45.29 11.69 -45.06
C SER C 12 -45.85 12.87 -44.28
N HIS C 13 -46.77 12.57 -43.35
CA HIS C 13 -47.31 13.65 -42.54
C HIS C 13 -46.27 14.20 -41.58
N VAL C 14 -45.22 13.44 -41.29
CA VAL C 14 -44.12 13.95 -40.50
C VAL C 14 -43.35 15.01 -41.28
N ALA C 15 -43.08 14.76 -42.57
CA ALA C 15 -42.44 15.77 -43.39
C ALA C 15 -43.32 17.00 -43.54
N VAL C 16 -44.65 16.80 -43.60
CA VAL C 16 -45.57 17.93 -43.64
C VAL C 16 -45.45 18.74 -42.36
N ASN C 17 -45.34 18.06 -41.21
CA ASN C 17 -45.16 18.76 -39.94
C ASN C 17 -43.83 19.50 -39.92
N ARG C 18 -42.78 18.88 -40.46
CA ARG C 18 -41.49 19.56 -40.53
C ARG C 18 -41.60 20.85 -41.30
N ARG C 19 -42.30 20.83 -42.42
CA ARG C 19 -42.44 22.06 -43.20
C ARG C 19 -43.31 23.09 -42.49
N LYS C 20 -44.27 22.63 -41.69
CA LYS C 20 -45.05 23.54 -40.85
C LYS C 20 -44.15 24.25 -39.85
N HIS C 21 -43.30 23.50 -39.14
CA HIS C 21 -42.43 24.15 -38.18
C HIS C 21 -41.50 25.14 -38.85
N MET C 22 -40.92 24.74 -39.98
CA MET C 22 -39.99 25.62 -40.68
C MET C 22 -40.69 26.88 -41.17
N SER C 23 -41.88 26.74 -41.72
CA SER C 23 -42.60 27.85 -42.33
C SER C 23 -43.36 28.68 -41.32
N GLY C 24 -43.37 28.26 -40.05
CA GLY C 24 -44.08 28.97 -39.01
C GLY C 24 -45.57 28.72 -38.99
N ASP C 25 -46.06 27.78 -39.79
CA ASP C 25 -47.49 27.51 -39.87
C ASP C 25 -47.88 26.49 -38.79
N VAL C 26 -47.85 26.93 -37.54
CA VAL C 26 -48.07 26.06 -36.40
C VAL C 26 -49.29 26.55 -35.62
N GLU C 27 -50.16 25.63 -35.28
CA GLU C 27 -51.42 25.98 -34.65
C GLU C 27 -51.23 26.31 -33.17
N LYS C 28 -52.01 27.27 -32.70
CA LYS C 28 -51.99 27.64 -31.29
C LYS C 28 -52.90 26.69 -30.53
N LEU C 29 -52.35 26.04 -29.50
CA LEU C 29 -53.08 25.05 -28.73
C LEU C 29 -53.38 25.47 -27.30
N ARG C 30 -52.75 26.53 -26.81
CA ARG C 30 -52.93 26.89 -25.41
C ARG C 30 -52.51 28.34 -25.23
N THR C 31 -52.88 28.89 -24.08
CA THR C 31 -52.47 30.23 -23.71
C THR C 31 -51.64 30.20 -22.44
N VAL C 32 -50.55 30.94 -22.45
CA VAL C 32 -49.69 31.14 -21.30
C VAL C 32 -49.61 32.65 -21.09
N SER C 33 -50.03 33.11 -19.91
CA SER C 33 -50.02 34.54 -19.67
C SER C 33 -48.59 35.06 -19.66
N ASP C 34 -48.43 36.38 -19.87
CA ASP C 34 -47.10 36.95 -19.79
C ASP C 34 -46.47 36.73 -18.43
N ASP C 35 -47.22 36.95 -17.35
CA ASP C 35 -46.65 36.83 -16.01
C ASP C 35 -46.24 35.40 -15.73
N ASP C 36 -47.02 34.43 -16.21
CA ASP C 36 -46.67 33.03 -16.01
C ASP C 36 -45.40 32.68 -16.78
N LEU C 37 -45.31 33.08 -18.05
CA LEU C 37 -44.12 32.78 -18.84
C LEU C 37 -42.88 33.43 -18.24
N VAL C 38 -43.01 34.69 -17.80
CA VAL C 38 -41.86 35.38 -17.23
C VAL C 38 -41.40 34.69 -15.94
N ALA C 39 -42.35 34.27 -15.11
CA ALA C 39 -41.99 33.53 -13.90
C ALA C 39 -41.27 32.23 -14.26
N ALA C 40 -41.75 31.51 -15.28
CA ALA C 40 -41.11 30.26 -15.66
C ALA C 40 -39.69 30.49 -16.20
N LEU C 41 -39.48 31.58 -16.92
CA LEU C 41 -38.19 31.82 -17.53
C LEU C 41 -37.15 32.23 -16.49
N GLY C 42 -37.59 32.88 -15.41
CA GLY C 42 -36.73 33.11 -14.25
C GLY C 42 -35.72 34.24 -14.38
N HIS C 43 -35.87 35.13 -15.36
CA HIS C 43 -34.89 36.18 -15.55
C HIS C 43 -35.22 37.50 -14.85
N ARG C 44 -36.47 37.72 -14.49
CA ARG C 44 -36.88 38.93 -13.79
C ARG C 44 -38.22 38.63 -13.17
N ALA C 45 -38.59 39.43 -12.17
CA ALA C 45 -39.90 39.27 -11.56
C ALA C 45 -41.00 39.68 -12.55
N PRO C 46 -42.13 38.97 -12.59
CA PRO C 46 -43.27 39.47 -13.36
C PRO C 46 -43.56 40.90 -12.98
N GLY C 47 -43.68 41.75 -14.00
CA GLY C 47 -43.97 43.15 -13.79
C GLY C 47 -42.77 44.06 -13.62
N ALA C 48 -41.57 43.51 -13.43
CA ALA C 48 -40.40 44.37 -13.29
C ALA C 48 -39.96 44.90 -14.65
N ASP C 49 -39.32 46.06 -14.63
CA ASP C 49 -38.73 46.59 -15.85
C ASP C 49 -37.66 45.64 -16.36
N TYR C 50 -37.46 45.64 -17.68
CA TYR C 50 -36.38 44.87 -18.31
C TYR C 50 -35.05 45.47 -17.86
N PRO C 51 -34.17 44.69 -17.23
CA PRO C 51 -32.81 45.17 -16.98
C PRO C 51 -32.10 45.46 -18.29
N SER C 52 -30.97 46.15 -18.19
CA SER C 52 -30.16 46.54 -19.33
C SER C 52 -28.79 45.87 -19.30
N THR C 53 -28.24 45.58 -20.48
CA THR C 53 -26.81 45.32 -20.57
C THR C 53 -26.05 46.49 -21.19
N HIS C 54 -26.72 47.38 -21.92
CA HIS C 54 -26.09 48.61 -22.40
C HIS C 54 -27.19 49.64 -22.59
N PRO C 55 -26.83 50.92 -22.72
CA PRO C 55 -27.86 51.97 -22.89
C PRO C 55 -28.69 51.77 -24.15
N PRO C 56 -29.90 52.34 -24.21
CA PRO C 56 -30.68 52.31 -25.45
C PRO C 56 -29.87 52.91 -26.59
N LEU C 57 -30.08 52.37 -27.78
CA LEU C 57 -29.32 52.84 -28.93
C LEU C 57 -29.52 54.34 -29.16
N ALA C 58 -30.76 54.82 -29.00
CA ALA C 58 -31.04 56.23 -29.25
C ALA C 58 -30.26 57.13 -28.32
N GLU C 59 -29.91 56.63 -27.14
CA GLU C 59 -29.29 57.49 -26.14
C GLU C 59 -27.78 57.59 -26.37
N MET C 60 -27.14 56.50 -26.75
CA MET C 60 -25.69 56.50 -26.91
C MET C 60 -25.25 56.69 -28.34
N GLY C 61 -26.12 56.48 -29.31
CA GLY C 61 -25.74 56.60 -30.69
C GLY C 61 -24.94 55.39 -31.11
N GLU C 62 -24.58 55.36 -32.39
CA GLU C 62 -23.96 54.21 -33.00
C GLU C 62 -22.87 54.66 -33.96
N PRO C 63 -21.88 53.81 -34.23
CA PRO C 63 -20.88 54.15 -35.23
C PRO C 63 -21.52 54.35 -36.59
N ASP C 64 -20.82 55.08 -37.44
CA ASP C 64 -21.21 55.32 -38.83
C ASP C 64 -20.99 54.03 -39.60
N CYS C 65 -22.07 53.27 -39.80
CA CYS C 65 -21.99 51.98 -40.45
C CYS C 65 -23.16 51.84 -41.39
N PRO C 66 -22.91 51.61 -42.68
CA PRO C 66 -24.04 51.44 -43.61
C PRO C 66 -24.93 50.25 -43.29
N VAL C 67 -24.41 49.20 -42.64
CA VAL C 67 -25.26 48.06 -42.31
C VAL C 67 -26.19 48.41 -41.15
N ARG C 68 -25.65 49.01 -40.09
CA ARG C 68 -26.50 49.45 -38.99
C ARG C 68 -27.59 50.38 -39.49
N GLN C 69 -27.26 51.20 -40.47
CA GLN C 69 -28.20 52.20 -40.99
C GLN C 69 -29.29 51.60 -41.88
N MET C 70 -29.21 50.33 -42.22
CA MET C 70 -30.23 49.69 -43.05
C MET C 70 -30.79 48.41 -42.47
N VAL C 71 -30.30 47.97 -41.31
CA VAL C 71 -30.84 46.82 -40.59
C VAL C 71 -31.50 47.34 -39.33
N GLU C 72 -32.81 47.14 -39.25
CA GLU C 72 -33.58 47.63 -38.12
C GLU C 72 -33.31 46.79 -36.87
N PRO C 73 -32.92 47.40 -35.76
CA PRO C 73 -32.82 46.64 -34.51
C PRO C 73 -34.16 46.15 -34.02
N THR C 74 -34.17 44.96 -33.42
CA THR C 74 -35.36 44.48 -32.75
C THR C 74 -35.73 45.45 -31.63
N PRO C 75 -36.96 45.37 -31.11
CA PRO C 75 -37.30 46.21 -29.94
C PRO C 75 -36.36 45.99 -28.76
N GLY C 76 -35.97 44.75 -28.49
CA GLY C 76 -35.06 44.50 -27.38
C GLY C 76 -33.68 45.07 -27.61
N ALA C 77 -33.20 45.05 -28.85
CA ALA C 77 -31.90 45.62 -29.14
C ALA C 77 -31.94 47.14 -29.02
N ALA C 78 -32.99 47.77 -29.56
CA ALA C 78 -33.14 49.20 -29.41
C ALA C 78 -33.14 49.60 -27.94
N ALA C 79 -33.73 48.76 -27.07
CA ALA C 79 -33.86 49.08 -25.66
C ALA C 79 -32.60 48.77 -24.86
N GLY C 80 -31.69 47.96 -25.39
CA GLY C 80 -30.53 47.57 -24.61
C GLY C 80 -30.74 46.40 -23.69
N ASP C 81 -31.76 45.58 -23.92
CA ASP C 81 -32.03 44.44 -23.03
C ASP C 81 -30.82 43.52 -22.90
N ARG C 82 -30.86 42.75 -21.84
CA ARG C 82 -29.85 41.68 -21.71
C ARG C 82 -30.22 40.60 -22.73
N VAL C 83 -29.22 39.86 -23.17
CA VAL C 83 -29.53 38.69 -24.01
C VAL C 83 -29.88 37.57 -23.01
N ARG C 84 -31.11 37.08 -23.07
CA ARG C 84 -31.53 35.98 -22.17
C ARG C 84 -31.94 34.79 -23.06
N TYR C 85 -32.56 33.78 -22.46
CA TYR C 85 -32.80 32.57 -23.23
C TYR C 85 -34.05 31.83 -22.76
N SER C 86 -34.56 30.98 -23.66
CA SER C 86 -35.45 29.89 -23.31
C SER C 86 -34.79 28.61 -23.82
N GLN C 87 -35.00 27.53 -23.10
CA GLN C 87 -34.41 26.26 -23.50
C GLN C 87 -35.42 25.16 -23.30
N PHE C 88 -35.59 24.33 -24.34
CA PHE C 88 -36.55 23.24 -24.29
C PHE C 88 -35.85 21.89 -24.49
N THR C 89 -36.39 20.88 -23.81
CA THR C 89 -36.05 19.49 -24.03
C THR C 89 -37.31 18.80 -24.54
N ASP C 90 -37.13 17.89 -25.49
CA ASP C 90 -38.25 17.21 -26.15
C ASP C 90 -38.03 15.72 -26.15
N SER C 91 -39.05 14.97 -25.76
CA SER C 91 -38.94 13.52 -25.71
C SER C 91 -38.80 12.92 -27.11
N MET C 92 -37.98 11.87 -27.21
CA MET C 92 -37.90 11.13 -28.45
C MET C 92 -39.13 10.23 -28.65
N TYR C 93 -40.00 10.14 -27.65
CA TYR C 93 -41.27 9.39 -27.76
C TYR C 93 -42.33 10.31 -28.37
N SER C 94 -42.01 10.74 -29.59
CA SER C 94 -42.95 11.45 -30.46
C SER C 94 -43.37 12.81 -29.91
N ALA C 95 -42.45 13.52 -29.23
CA ALA C 95 -42.72 14.93 -28.97
C ALA C 95 -42.99 15.61 -30.30
N PRO C 96 -43.85 16.66 -30.37
CA PRO C 96 -44.03 17.36 -31.62
C PRO C 96 -42.73 17.94 -32.19
N SER C 97 -41.87 18.48 -31.32
CA SER C 97 -40.65 19.11 -31.80
C SER C 97 -39.45 18.18 -31.69
N ILE C 98 -38.52 18.43 -32.61
CA ILE C 98 -37.19 17.77 -32.57
C ILE C 98 -36.23 18.96 -32.60
N PRO C 99 -35.04 18.87 -31.98
CA PRO C 99 -34.19 20.05 -31.80
C PRO C 99 -33.88 20.87 -33.05
N TYR C 100 -33.47 20.25 -34.17
CA TYR C 100 -33.06 21.06 -35.31
C TYR C 100 -34.24 21.86 -35.84
N PHE C 101 -35.45 21.29 -35.83
CA PHE C 101 -36.60 22.01 -36.40
C PHE C 101 -37.10 23.10 -35.46
N ARG C 102 -36.83 23.01 -34.15
CA ARG C 102 -37.02 24.17 -33.30
C ARG C 102 -36.09 25.30 -33.73
N SER C 103 -34.85 24.95 -34.10
CA SER C 103 -33.90 25.98 -34.49
C SER C 103 -34.27 26.55 -35.86
N TYR C 104 -34.74 25.73 -36.81
CA TYR C 104 -35.17 26.28 -38.10
C TYR C 104 -36.38 27.20 -37.91
N TYR C 105 -37.32 26.79 -37.07
CA TYR C 105 -38.46 27.66 -36.76
C TYR C 105 -37.99 29.03 -36.31
N ALA C 106 -37.04 29.06 -35.37
CA ALA C 106 -36.52 30.33 -34.89
C ALA C 106 -35.81 31.09 -36.00
N ALA C 107 -34.94 30.41 -36.74
CA ALA C 107 -34.09 31.08 -37.71
C ALA C 107 -34.88 31.60 -38.92
N ILE C 108 -35.98 30.95 -39.27
CA ILE C 108 -36.78 31.40 -40.42
C ILE C 108 -37.74 32.51 -40.02
N ASN C 109 -38.34 32.43 -38.83
CA ASN C 109 -39.52 33.21 -38.51
C ASN C 109 -39.28 34.34 -37.52
N PHE C 110 -38.08 34.47 -36.99
CA PHE C 110 -37.82 35.49 -35.97
C PHE C 110 -36.50 36.19 -36.25
N ARG C 111 -36.49 37.48 -35.94
CA ARG C 111 -35.35 38.34 -36.21
C ARG C 111 -34.42 38.41 -35.00
N GLY C 112 -33.12 38.53 -35.27
CA GLY C 112 -32.14 38.73 -34.20
C GLY C 112 -32.15 37.63 -33.16
N VAL C 113 -32.07 36.38 -33.58
CA VAL C 113 -32.11 35.25 -32.65
C VAL C 113 -30.83 34.43 -32.79
N ASP C 114 -30.49 33.72 -31.71
CA ASP C 114 -29.28 32.90 -31.64
C ASP C 114 -29.71 31.50 -31.20
N PRO C 115 -30.20 30.67 -32.13
CA PRO C 115 -30.63 29.33 -31.73
C PRO C 115 -29.48 28.34 -31.71
N GLY C 116 -29.60 27.37 -30.80
CA GLY C 116 -28.60 26.33 -30.65
C GLY C 116 -29.28 24.98 -30.56
N THR C 117 -28.76 24.02 -31.30
CA THR C 117 -29.30 22.68 -31.32
C THR C 117 -28.36 21.69 -30.64
N LEU C 118 -28.92 20.85 -29.76
CA LEU C 118 -28.23 19.74 -29.12
C LEU C 118 -29.20 18.56 -29.08
N SER C 119 -28.73 17.40 -28.60
CA SER C 119 -29.62 16.23 -28.59
C SER C 119 -30.66 16.35 -27.48
N GLY C 120 -30.29 16.88 -26.32
CA GLY C 120 -31.13 16.86 -25.15
C GLY C 120 -31.61 18.22 -24.72
N ARG C 121 -31.34 19.25 -25.51
CA ARG C 121 -31.71 20.62 -25.21
C ARG C 121 -31.63 21.41 -26.51
N GLN C 122 -32.48 22.43 -26.61
CA GLN C 122 -32.48 23.36 -27.72
C GLN C 122 -32.70 24.73 -27.10
N ILE C 123 -31.86 25.69 -27.46
CA ILE C 123 -31.82 27.00 -26.82
C ILE C 123 -32.10 28.08 -27.85
N VAL C 124 -32.83 29.10 -27.43
CA VAL C 124 -32.92 30.36 -28.19
C VAL C 124 -32.45 31.48 -27.28
N GLU C 125 -31.35 32.12 -27.65
CA GLU C 125 -30.89 33.35 -27.02
C GLU C 125 -31.30 34.53 -27.91
N ALA C 126 -31.79 35.58 -27.26
CA ALA C 126 -32.14 36.83 -27.92
C ALA C 126 -32.27 37.89 -26.85
N ARG C 127 -32.39 39.15 -27.29
CA ARG C 127 -32.73 40.21 -26.35
C ARG C 127 -33.98 39.82 -25.59
N GLU C 128 -34.00 40.12 -24.29
CA GLU C 128 -34.96 39.49 -23.38
C GLU C 128 -36.40 39.60 -23.88
N ARG C 129 -36.84 40.81 -24.26
CA ARG C 129 -38.25 40.91 -24.66
C ARG C 129 -38.51 40.19 -25.97
N ASP C 130 -37.52 40.16 -26.88
CA ASP C 130 -37.66 39.39 -28.10
C ASP C 130 -37.69 37.89 -27.81
N MET C 131 -36.80 37.45 -26.92
CA MET C 131 -36.76 36.06 -26.49
C MET C 131 -38.12 35.63 -25.97
N GLU C 132 -38.73 36.47 -25.14
CA GLU C 132 -40.03 36.13 -24.55
C GLU C 132 -41.08 35.90 -25.62
N ALA C 133 -41.10 36.77 -26.63
CA ALA C 133 -42.10 36.64 -27.69
C ALA C 133 -41.90 35.36 -28.48
N GLN C 134 -40.64 35.02 -28.77
CA GLN C 134 -40.36 33.80 -29.50
C GLN C 134 -40.72 32.58 -28.67
N CYS C 135 -40.45 32.64 -27.37
CA CYS C 135 -40.79 31.50 -26.51
C CYS C 135 -42.30 31.36 -26.37
N LYS C 136 -43.01 32.47 -26.21
CA LYS C 136 -44.46 32.42 -26.14
C LYS C 136 -45.04 31.75 -27.39
N ALA C 137 -44.55 32.15 -28.57
CA ALA C 137 -45.04 31.56 -29.80
C ALA C 137 -44.79 30.05 -29.81
N ALA C 138 -43.59 29.62 -29.43
CA ALA C 138 -43.30 28.19 -29.42
C ALA C 138 -44.12 27.45 -28.36
N ILE C 139 -44.17 27.98 -27.14
CA ILE C 139 -44.78 27.22 -26.05
C ILE C 139 -46.30 27.14 -26.19
N GLU C 140 -46.92 28.12 -26.84
CA GLU C 140 -48.37 28.09 -27.01
C GLU C 140 -48.80 27.25 -28.21
N SER C 141 -47.85 26.85 -29.05
CA SER C 141 -48.17 26.19 -30.31
C SER C 141 -48.09 24.67 -30.23
N GLU C 142 -48.47 24.04 -31.34
CA GLU C 142 -48.45 22.60 -31.47
C GLU C 142 -47.03 22.04 -31.45
N MET C 143 -46.01 22.90 -31.55
CA MET C 143 -44.63 22.47 -31.34
C MET C 143 -44.37 21.97 -29.93
N THR C 144 -45.30 22.22 -29.01
CA THR C 144 -45.09 21.92 -27.60
C THR C 144 -46.22 21.03 -27.08
N CYS C 145 -45.87 19.94 -26.44
CA CYS C 145 -46.72 19.21 -25.53
C CYS C 145 -46.14 19.37 -24.15
N PRO C 146 -46.90 19.78 -23.12
CA PRO C 146 -46.28 20.06 -21.81
C PRO C 146 -45.85 18.83 -21.03
N ALA C 147 -46.16 17.63 -21.51
CA ALA C 147 -45.65 16.40 -20.92
C ALA C 147 -44.39 15.91 -21.60
N LEU C 148 -44.41 15.92 -22.94
CA LEU C 148 -43.27 15.48 -23.73
C LEU C 148 -42.23 16.56 -23.94
N ALA C 149 -42.48 17.78 -23.49
CA ALA C 149 -41.52 18.86 -23.68
C ALA C 149 -41.62 19.81 -22.50
N GLY C 150 -40.53 20.50 -22.23
CA GLY C 150 -40.53 21.41 -21.10
C GLY C 150 -39.35 22.36 -21.13
N LEU C 151 -39.52 23.47 -20.42
CA LEU C 151 -38.47 24.44 -20.20
C LEU C 151 -37.46 23.90 -19.21
N ARG C 152 -36.21 23.79 -19.66
CA ARG C 152 -35.13 23.25 -18.83
C ARG C 152 -33.86 24.02 -19.17
N GLY C 153 -33.51 24.99 -18.34
CA GLY C 153 -32.27 25.73 -18.53
C GLY C 153 -31.03 25.05 -17.98
N CYS C 154 -31.23 23.94 -17.28
CA CYS C 154 -30.15 23.12 -16.73
C CYS C 154 -30.74 21.76 -16.35
N THR C 155 -29.86 20.78 -16.16
CA THR C 155 -30.25 19.45 -15.72
C THR C 155 -31.33 18.89 -16.66
N VAL C 156 -30.90 18.70 -17.92
CA VAL C 156 -31.85 18.50 -19.00
C VAL C 156 -32.17 17.03 -19.26
N HIS C 157 -31.40 16.11 -18.68
CA HIS C 157 -31.54 14.67 -18.85
C HIS C 157 -33.00 14.26 -18.95
N GLY C 158 -33.31 13.50 -20.00
CA GLY C 158 -34.62 12.91 -20.15
C GLY C 158 -35.14 12.75 -21.56
N HIS C 159 -34.57 13.44 -22.55
CA HIS C 159 -35.13 13.34 -23.91
C HIS C 159 -35.13 11.90 -24.41
N SER C 160 -34.16 11.09 -23.97
CA SER C 160 -33.95 9.74 -24.47
C SER C 160 -34.39 8.66 -23.48
N LEU C 161 -35.00 9.05 -22.37
CA LEU C 161 -35.41 8.13 -21.33
C LEU C 161 -36.86 7.69 -21.52
N ARG C 162 -37.17 6.51 -20.97
CA ARG C 162 -38.54 6.07 -20.81
C ARG C 162 -39.35 7.15 -20.10
N LEU C 163 -40.56 7.40 -20.60
CA LEU C 163 -41.47 8.33 -19.95
C LEU C 163 -41.87 7.77 -18.59
N ALA C 164 -42.17 8.67 -17.66
CA ALA C 164 -42.79 8.26 -16.40
C ALA C 164 -44.14 7.61 -16.69
N GLU C 165 -44.64 6.87 -15.69
CA GLU C 165 -45.86 6.12 -15.91
C GLU C 165 -47.02 7.01 -16.27
N ASP C 166 -47.02 8.26 -15.80
CA ASP C 166 -48.10 9.19 -16.11
C ASP C 166 -47.87 9.97 -17.41
N GLY C 167 -46.84 9.62 -18.18
CA GLY C 167 -46.60 10.24 -19.47
C GLY C 167 -45.65 11.41 -19.45
N MET C 168 -45.25 11.88 -18.27
CA MET C 168 -44.33 13.00 -18.17
C MET C 168 -42.91 12.56 -18.47
N MET C 169 -42.22 13.31 -19.34
CA MET C 169 -40.79 13.12 -19.52
C MET C 169 -40.08 13.26 -18.19
N PHE C 170 -39.15 12.35 -17.91
CA PHE C 170 -38.32 12.46 -16.70
C PHE C 170 -37.66 13.83 -16.59
N ASP C 171 -37.75 14.41 -15.41
CA ASP C 171 -37.06 15.66 -15.05
C ASP C 171 -36.43 15.42 -13.68
N MET C 172 -35.11 15.43 -13.60
CA MET C 172 -34.47 15.23 -12.30
C MET C 172 -34.90 16.25 -11.28
N LEU C 173 -35.25 17.46 -11.73
CA LEU C 173 -35.69 18.53 -10.86
C LEU C 173 -37.21 18.63 -10.73
N GLN C 174 -37.95 17.79 -11.44
CA GLN C 174 -39.43 17.78 -11.40
C GLN C 174 -40.02 19.19 -11.36
N ARG C 175 -39.66 19.97 -12.38
CA ARG C 175 -40.17 21.33 -12.52
C ARG C 175 -41.64 21.35 -12.89
N THR C 176 -42.14 20.25 -13.43
CA THR C 176 -43.54 20.11 -13.81
C THR C 176 -44.09 18.82 -13.22
N HIS C 177 -45.40 18.78 -13.05
CA HIS C 177 -46.06 17.56 -12.59
C HIS C 177 -47.53 17.70 -12.95
N ILE C 178 -48.21 16.58 -12.98
CA ILE C 178 -49.61 16.57 -13.36
C ILE C 178 -50.48 16.76 -12.12
N GLU C 179 -51.53 17.58 -12.26
CA GLU C 179 -52.57 17.77 -11.26
C GLU C 179 -53.90 17.69 -12.00
N GLY C 180 -54.70 16.68 -11.68
CA GLY C 180 -56.03 16.58 -12.29
C GLY C 180 -56.02 16.67 -13.80
N GLY C 181 -55.07 16.00 -14.45
CA GLY C 181 -55.03 15.97 -15.90
C GLY C 181 -54.30 17.14 -16.55
N ASN C 182 -53.92 18.16 -15.80
CA ASN C 182 -53.18 19.29 -16.33
C ASN C 182 -51.72 19.21 -15.90
N VAL C 183 -50.82 19.66 -16.78
CA VAL C 183 -49.41 19.83 -16.41
C VAL C 183 -49.28 21.16 -15.68
N ILE C 184 -48.74 21.14 -14.47
CA ILE C 184 -48.46 22.32 -13.67
C ILE C 184 -46.95 22.55 -13.59
N GLU C 185 -46.50 23.78 -13.83
CA GLU C 185 -45.11 24.15 -13.62
C GLU C 185 -45.04 25.03 -12.37
N ASP C 186 -44.27 24.59 -11.37
CA ASP C 186 -44.14 25.38 -10.15
C ASP C 186 -42.67 25.62 -9.78
N LYS C 187 -41.77 25.42 -10.72
CA LYS C 187 -40.38 25.86 -10.59
C LYS C 187 -40.01 26.56 -11.88
N ASP C 188 -39.06 27.50 -11.82
CA ASP C 188 -38.60 28.15 -13.03
C ASP C 188 -37.69 27.19 -13.80
N GLN C 189 -37.18 27.64 -14.95
CA GLN C 189 -36.52 26.69 -15.84
C GLN C 189 -35.15 26.23 -15.33
N VAL C 190 -34.59 26.83 -14.29
CA VAL C 190 -33.37 26.31 -13.68
C VAL C 190 -33.63 25.73 -12.29
N GLY C 191 -34.86 25.34 -12.02
CA GLY C 191 -35.20 24.55 -10.87
C GLY C 191 -35.52 25.31 -9.62
N VAL C 192 -35.72 26.63 -9.70
CA VAL C 192 -35.97 27.41 -8.51
C VAL C 192 -37.48 27.47 -8.30
N PRO C 193 -37.99 27.11 -7.12
CA PRO C 193 -39.45 27.18 -6.91
C PRO C 193 -39.96 28.59 -7.14
N ILE C 194 -41.12 28.70 -7.78
CA ILE C 194 -41.78 29.98 -7.99
C ILE C 194 -43.08 30.02 -7.19
N ASP C 195 -43.53 31.24 -6.89
CA ASP C 195 -44.66 31.40 -5.98
C ASP C 195 -45.98 31.32 -6.71
N ARG C 196 -46.05 30.55 -7.79
CA ARG C 196 -47.27 30.40 -8.55
C ARG C 196 -47.31 29.01 -9.15
N LYS C 197 -48.49 28.58 -9.56
CA LYS C 197 -48.69 27.34 -10.28
C LYS C 197 -49.06 27.70 -11.71
N VAL C 198 -48.14 27.51 -12.64
CA VAL C 198 -48.41 27.77 -14.05
C VAL C 198 -49.13 26.56 -14.62
N ASN C 199 -50.36 26.76 -15.06
CA ASN C 199 -51.18 25.69 -15.62
C ASN C 199 -50.97 25.66 -17.13
N LEU C 200 -50.25 24.66 -17.59
CA LEU C 200 -49.94 24.53 -19.00
C LEU C 200 -50.97 23.67 -19.72
N GLY C 201 -52.02 23.24 -19.04
CA GLY C 201 -53.08 22.52 -19.69
C GLY C 201 -52.80 21.04 -19.84
N LYS C 202 -53.68 20.44 -20.62
CA LYS C 202 -53.65 18.98 -20.76
C LYS C 202 -52.53 18.56 -21.70
N PRO C 203 -51.90 17.42 -21.45
CA PRO C 203 -50.92 16.87 -22.38
C PRO C 203 -51.60 16.40 -23.65
N MET C 204 -50.80 16.31 -24.69
CA MET C 204 -51.16 15.59 -25.91
C MET C 204 -51.42 14.12 -25.60
N SER C 205 -52.50 13.58 -26.14
CA SER C 205 -52.66 12.14 -26.15
C SER C 205 -51.53 11.52 -26.98
N ASP C 206 -51.34 10.21 -26.83
CA ASP C 206 -50.33 9.53 -27.63
C ASP C 206 -50.60 9.67 -29.11
N ALA C 207 -51.87 9.52 -29.51
CA ALA C 207 -52.22 9.60 -30.92
C ALA C 207 -52.01 11.01 -31.44
N GLU C 208 -52.33 12.02 -30.63
CA GLU C 208 -52.13 13.39 -31.08
C GLU C 208 -50.65 13.67 -31.29
N ALA C 209 -49.81 13.26 -30.35
CA ALA C 209 -48.36 13.43 -30.49
C ALA C 209 -47.86 12.80 -31.78
N LYS C 210 -48.31 11.59 -32.09
CA LYS C 210 -47.86 10.97 -33.34
C LYS C 210 -48.41 11.69 -34.58
N LYS C 211 -49.59 12.33 -34.48
CA LYS C 211 -50.09 13.09 -35.63
C LYS C 211 -49.31 14.38 -35.82
N ARG C 212 -48.78 14.95 -34.73
CA ARG C 212 -48.14 16.24 -34.76
C ARG C 212 -46.62 16.17 -34.79
N THR C 213 -46.07 14.97 -34.62
CA THR C 213 -44.60 14.87 -34.46
C THR C 213 -43.79 15.06 -35.72
N THR C 214 -42.60 15.63 -35.58
CA THR C 214 -41.62 15.73 -36.66
C THR C 214 -40.58 14.62 -36.61
N ILE C 215 -40.62 13.72 -35.63
CA ILE C 215 -39.63 12.66 -35.55
C ILE C 215 -40.08 11.47 -36.40
N TYR C 216 -39.12 10.80 -37.03
CA TYR C 216 -39.33 9.49 -37.63
C TYR C 216 -38.93 8.41 -36.62
N ARG C 217 -39.76 7.39 -36.47
CA ARG C 217 -39.38 6.23 -35.66
C ARG C 217 -40.34 5.07 -35.95
N THR C 218 -39.99 3.89 -35.42
CA THR C 218 -40.65 2.68 -35.87
C THR C 218 -42.12 2.63 -35.47
N ASP C 219 -42.51 3.30 -34.40
CA ASP C 219 -43.91 3.27 -34.00
C ASP C 219 -44.73 4.39 -34.65
N GLY C 220 -44.15 5.17 -35.54
CA GLY C 220 -44.88 6.19 -36.26
C GLY C 220 -44.63 6.07 -37.75
N VAL C 221 -44.01 7.09 -38.32
CA VAL C 221 -43.53 7.04 -39.69
C VAL C 221 -42.11 6.49 -39.65
N LYS C 222 -41.93 5.28 -40.18
N LYS C 222 -41.94 5.27 -40.16
CA LYS C 222 -40.62 4.65 -40.22
CA LYS C 222 -40.60 4.64 -40.19
C LYS C 222 -39.65 5.44 -41.13
C LYS C 222 -39.67 5.46 -41.10
N TYR C 223 -38.48 5.76 -40.59
CA TYR C 223 -37.51 6.53 -41.37
C TYR C 223 -37.11 5.81 -42.65
N ARG C 224 -36.93 4.49 -42.55
CA ARG C 224 -36.51 3.68 -43.68
C ARG C 224 -37.44 3.84 -44.89
N ASP C 225 -38.71 4.13 -44.64
CA ASP C 225 -39.65 4.28 -45.75
C ASP C 225 -39.65 5.70 -46.33
N GLU C 226 -38.96 6.66 -45.72
CA GLU C 226 -39.03 8.06 -46.17
C GLU C 226 -37.93 8.31 -47.21
N GLU C 227 -38.07 7.63 -48.36
CA GLU C 227 -37.00 7.65 -49.39
C GLU C 227 -36.61 9.06 -49.83
N GLU C 228 -37.57 9.98 -49.96
CA GLU C 228 -37.19 11.30 -50.44
C GLU C 228 -36.17 11.94 -49.51
N VAL C 229 -36.32 11.72 -48.20
CA VAL C 229 -35.37 12.31 -47.26
C VAL C 229 -34.01 11.62 -47.39
N LEU C 230 -34.02 10.28 -47.52
CA LEU C 230 -32.78 9.56 -47.70
C LEU C 230 -32.10 9.96 -49.00
N ASP C 231 -32.88 10.16 -50.06
CA ASP C 231 -32.30 10.67 -51.30
C ASP C 231 -31.62 12.02 -51.07
N HIS C 232 -32.33 12.94 -50.39
CA HIS C 232 -31.78 14.26 -50.12
C HIS C 232 -30.45 14.15 -49.37
N VAL C 233 -30.41 13.33 -48.32
CA VAL C 233 -29.17 13.16 -47.55
C VAL C 233 -28.06 12.69 -48.47
N HIS C 234 -28.35 11.66 -49.28
CA HIS C 234 -27.35 11.08 -50.16
C HIS C 234 -26.83 12.10 -51.16
N LEU C 235 -27.74 12.87 -51.76
CA LEU C 235 -27.35 13.82 -52.77
C LEU C 235 -26.44 14.89 -52.18
N VAL C 236 -26.79 15.40 -51.01
CA VAL C 236 -25.98 16.42 -50.38
C VAL C 236 -24.60 15.85 -50.02
N HIS C 237 -24.56 14.66 -49.41
CA HIS C 237 -23.28 14.03 -49.08
C HIS C 237 -22.42 13.84 -50.33
N HIS C 238 -23.04 13.31 -51.39
CA HIS C 238 -22.29 13.03 -52.62
C HIS C 238 -21.72 14.32 -53.20
N ARG C 239 -22.54 15.36 -53.27
CA ARG C 239 -22.06 16.59 -53.88
C ARG C 239 -21.01 17.28 -53.01
N ARG C 240 -21.17 17.23 -51.69
CA ARG C 240 -20.10 17.70 -50.83
C ARG C 240 -18.81 16.95 -51.13
N THR C 241 -18.89 15.62 -51.21
CA THR C 241 -17.70 14.80 -51.45
C THR C 241 -17.08 15.18 -52.78
N MET C 242 -17.92 15.26 -53.82
CA MET C 242 -17.39 15.50 -55.15
C MET C 242 -16.69 16.85 -55.23
N TYR C 243 -17.33 17.89 -54.69
CA TYR C 243 -16.78 19.22 -54.86
C TYR C 243 -15.60 19.51 -53.94
N GLY C 244 -15.49 18.80 -52.82
CA GLY C 244 -14.28 18.89 -52.04
C GLY C 244 -13.07 18.39 -52.80
N TYR C 245 -13.28 17.36 -53.62
CA TYR C 245 -12.24 16.88 -54.52
C TYR C 245 -11.94 17.93 -55.58
N ARG C 246 -12.95 18.31 -56.35
CA ARG C 246 -12.81 19.40 -57.30
C ARG C 246 -14.13 20.14 -57.47
N PRO C 247 -14.15 21.45 -57.29
CA PRO C 247 -15.46 22.13 -57.38
C PRO C 247 -15.92 22.43 -58.81
N GLU C 248 -16.38 21.38 -59.48
CA GLU C 248 -16.77 21.45 -60.88
C GLU C 248 -17.62 20.24 -61.20
N THR C 249 -18.45 20.38 -62.25
CA THR C 249 -19.40 19.35 -62.61
C THR C 249 -18.70 18.03 -62.94
N ALA C 250 -17.49 18.10 -63.49
CA ALA C 250 -16.76 16.89 -63.87
C ALA C 250 -16.48 16.00 -62.67
N ALA C 251 -16.37 16.58 -61.48
CA ALA C 251 -16.14 15.79 -60.28
C ALA C 251 -17.28 14.83 -59.97
N GLU C 252 -18.47 15.10 -60.49
CA GLU C 252 -19.62 14.26 -60.15
C GLU C 252 -19.53 12.87 -60.77
N THR C 253 -18.62 12.64 -61.71
CA THR C 253 -18.38 11.33 -62.29
C THR C 253 -16.90 10.97 -62.18
N ALA C 254 -16.22 11.55 -61.20
CA ALA C 254 -14.81 11.26 -61.00
C ALA C 254 -14.61 9.77 -60.65
N PRO C 255 -13.44 9.21 -60.97
CA PRO C 255 -13.15 7.85 -60.50
C PRO C 255 -13.28 7.78 -58.98
N GLY C 256 -13.99 6.76 -58.51
CA GLY C 256 -14.27 6.59 -57.10
C GLY C 256 -15.69 6.90 -56.72
N VAL C 257 -16.40 7.68 -57.54
CA VAL C 257 -17.80 7.93 -57.23
C VAL C 257 -18.58 6.62 -57.32
N GLY C 258 -18.39 5.89 -58.41
CA GLY C 258 -19.11 4.66 -58.61
C GLY C 258 -20.56 4.88 -59.02
N PRO C 259 -21.31 3.79 -59.03
CA PRO C 259 -22.70 3.82 -59.54
C PRO C 259 -23.70 4.36 -58.53
N VAL C 260 -23.54 5.63 -58.16
CA VAL C 260 -24.49 6.25 -57.24
C VAL C 260 -25.87 6.28 -57.87
N THR C 261 -26.89 6.04 -57.05
CA THR C 261 -28.25 5.92 -57.56
C THR C 261 -29.18 6.39 -56.45
N TYR C 262 -30.36 6.85 -56.84
CA TYR C 262 -31.31 7.38 -55.88
C TYR C 262 -32.67 6.72 -56.06
N HIS C 263 -33.48 6.81 -55.01
CA HIS C 263 -34.75 6.09 -54.97
C HIS C 263 -35.82 6.77 -55.81
N THR C 264 -35.90 8.09 -55.74
CA THR C 264 -37.06 8.80 -56.28
C THR C 264 -36.71 9.76 -57.40
N VAL C 265 -35.44 9.91 -57.73
CA VAL C 265 -34.99 10.80 -58.79
C VAL C 265 -33.90 10.07 -59.55
N ALA D 2 23.62 41.62 14.30
CA ALA D 2 23.44 40.92 13.04
C ALA D 2 24.23 39.63 13.05
N TYR D 3 24.20 38.88 11.96
CA TYR D 3 24.86 37.58 11.92
C TYR D 3 26.37 37.74 12.13
N LYS D 4 26.95 36.79 12.88
CA LYS D 4 28.40 36.74 13.09
C LYS D 4 28.89 35.36 12.70
N TYR D 5 29.79 35.31 11.71
CA TYR D 5 30.30 34.03 11.23
C TYR D 5 31.18 33.39 12.31
N PRO D 6 30.96 32.12 12.67
CA PRO D 6 31.62 31.54 13.85
C PRO D 6 33.02 31.04 13.54
N SER D 7 33.64 30.44 14.56
CA SER D 7 35.03 30.00 14.46
C SER D 7 35.17 28.68 13.72
N GLU D 8 34.17 27.82 13.82
CA GLU D 8 34.19 26.51 13.18
C GLU D 8 33.36 26.57 11.90
N LYS D 9 33.96 26.13 10.81
CA LYS D 9 33.29 26.11 9.51
C LYS D 9 32.02 25.29 9.59
N LEU D 10 30.97 25.79 8.94
CA LEU D 10 29.65 25.16 9.06
C LEU D 10 29.63 23.74 8.49
N PHE D 11 30.54 23.41 7.58
CA PHE D 11 30.58 22.10 6.95
C PHE D 11 31.33 21.05 7.77
N VAL D 12 31.94 21.42 8.90
CA VAL D 12 32.80 20.46 9.59
C VAL D 12 31.96 19.36 10.25
N GLU D 13 30.81 19.73 10.80
CA GLU D 13 29.96 18.72 11.43
C GLU D 13 29.71 17.54 10.49
N ALA D 14 29.32 17.83 9.24
CA ALA D 14 29.00 16.78 8.30
C ALA D 14 30.23 15.93 7.98
N LEU D 15 31.40 16.56 7.82
CA LEU D 15 32.61 15.79 7.60
C LEU D 15 32.87 14.83 8.77
N LYS D 16 32.76 15.32 10.01
CA LYS D 16 33.01 14.46 11.17
C LYS D 16 31.98 13.34 11.28
N SER D 17 30.73 13.62 10.88
CA SER D 17 29.68 12.61 10.92
C SER D 17 29.86 11.59 9.81
N LYS D 18 30.55 11.95 8.73
CA LYS D 18 30.81 10.99 7.68
C LYS D 18 32.03 10.16 7.99
N PHE D 19 33.03 10.79 8.62
CA PHE D 19 34.35 10.18 8.80
C PHE D 19 34.72 10.28 10.28
N ALA D 20 34.03 9.54 11.12
CA ALA D 20 34.35 9.55 12.54
C ALA D 20 35.82 9.23 12.74
N GLY D 21 36.50 10.07 13.52
CA GLY D 21 37.89 9.86 13.86
C GLY D 21 38.90 10.36 12.85
N LEU D 22 38.47 10.78 11.67
CA LEU D 22 39.39 11.18 10.61
C LEU D 22 40.02 12.53 10.89
N ASP D 23 41.33 12.62 10.68
CA ASP D 23 42.04 13.90 10.68
C ASP D 23 41.66 14.65 9.40
N LEU D 24 40.95 15.76 9.53
CA LEU D 24 40.36 16.42 8.35
C LEU D 24 41.41 17.14 7.49
N SER D 25 42.68 17.17 7.89
CA SER D 25 43.72 17.78 7.05
C SER D 25 44.47 16.78 6.20
N ASP D 26 44.19 15.48 6.41
CA ASP D 26 44.91 14.42 5.65
C ASP D 26 44.58 14.45 4.16
N GLN D 27 45.61 14.55 3.30
CA GLN D 27 45.41 14.52 1.86
C GLN D 27 45.42 13.12 1.28
N LYS D 28 45.77 12.12 2.08
CA LYS D 28 45.91 10.76 1.62
C LYS D 28 44.93 9.86 2.38
N VAL D 29 44.64 8.72 1.77
CA VAL D 29 43.66 7.78 2.32
C VAL D 29 44.05 6.39 1.83
N LYS D 30 43.68 5.38 2.61
CA LYS D 30 43.81 4.00 2.19
C LYS D 30 42.53 3.57 1.45
N TYR D 31 42.70 3.04 0.24
CA TYR D 31 41.59 2.49 -0.54
C TYR D 31 41.52 0.98 -0.32
N VAL D 32 40.35 0.47 0.11
CA VAL D 32 40.17 -0.96 0.30
C VAL D 32 39.43 -1.62 -0.84
N ARG D 33 38.83 -0.87 -1.76
CA ARG D 33 38.29 -1.43 -2.99
C ARG D 33 37.25 -2.50 -2.68
N ALA D 34 36.32 -2.15 -1.78
CA ALA D 34 35.31 -3.09 -1.31
C ALA D 34 34.26 -3.42 -2.37
N GLY D 35 33.96 -2.49 -3.26
CA GLY D 35 32.85 -2.68 -4.17
C GLY D 35 31.50 -2.45 -3.47
N TYR D 36 30.44 -2.87 -4.16
CA TYR D 36 29.11 -2.49 -3.69
C TYR D 36 28.75 -3.08 -2.34
N LEU D 37 29.38 -4.20 -1.92
CA LEU D 37 28.95 -4.84 -0.68
C LEU D 37 29.14 -3.96 0.54
N GLN D 38 29.93 -2.89 0.43
CA GLN D 38 30.08 -1.96 1.54
C GLN D 38 28.80 -1.19 1.86
N ASN D 39 27.85 -1.13 0.94
CA ASN D 39 26.77 -0.16 1.02
C ASN D 39 25.42 -0.85 1.07
N ALA D 40 24.66 -0.58 2.14
CA ALA D 40 23.39 -1.25 2.36
C ALA D 40 22.41 -0.96 1.25
N ARG D 41 22.42 0.27 0.73
CA ARG D 41 21.47 0.63 -0.33
C ARG D 41 21.81 -0.10 -1.61
N LYS D 42 23.10 -0.18 -1.98
CA LYS D 42 23.43 -0.94 -3.18
C LYS D 42 23.08 -2.42 -2.99
N ARG D 43 23.31 -2.97 -1.79
CA ARG D 43 22.94 -4.37 -1.57
C ARG D 43 21.44 -4.57 -1.72
N GLU D 44 20.65 -3.65 -1.16
CA GLU D 44 19.20 -3.74 -1.30
C GLU D 44 18.78 -3.62 -2.76
N PHE D 45 19.43 -2.73 -3.50
CA PHE D 45 19.10 -2.57 -4.92
C PHE D 45 19.42 -3.85 -5.69
N GLN D 46 20.57 -4.47 -5.39
CA GLN D 46 20.90 -5.72 -6.08
C GLN D 46 19.84 -6.78 -5.82
N ALA D 47 19.36 -6.88 -4.58
CA ALA D 47 18.33 -7.87 -4.27
C ALA D 47 16.99 -7.52 -4.92
N ALA D 48 16.68 -6.22 -5.01
CA ALA D 48 15.49 -5.80 -5.72
C ALA D 48 15.57 -6.20 -7.18
N GLY D 49 16.75 -6.04 -7.79
CA GLY D 49 16.94 -6.42 -9.17
C GLY D 49 16.81 -7.91 -9.42
N GLU D 50 17.23 -8.72 -8.45
CA GLU D 50 17.02 -10.16 -8.54
C GLU D 50 15.54 -10.51 -8.56
N ARG D 51 14.76 -9.90 -7.67
CA ARG D 51 13.31 -10.12 -7.73
C ARG D 51 12.74 -9.63 -9.05
N VAL D 52 13.16 -8.45 -9.52
CA VAL D 52 12.59 -7.92 -10.75
C VAL D 52 12.83 -8.90 -11.89
N ALA D 53 14.07 -9.37 -12.02
CA ALA D 53 14.41 -10.26 -13.13
C ALA D 53 13.65 -11.57 -13.04
N GLU D 54 13.51 -12.11 -11.83
CA GLU D 54 12.80 -13.38 -11.65
C GLU D 54 11.32 -13.23 -11.95
N GLN D 55 10.70 -12.15 -11.48
CA GLN D 55 9.28 -11.98 -11.69
C GLN D 55 8.94 -11.77 -13.17
N ARG D 56 9.79 -11.08 -13.92
CA ARG D 56 9.47 -10.78 -15.32
C ARG D 56 10.20 -11.67 -16.32
N GLY D 57 11.15 -12.48 -15.88
CA GLY D 57 11.88 -13.33 -16.81
C GLY D 57 12.90 -12.61 -17.65
N MET D 58 13.48 -11.53 -17.14
CA MET D 58 14.38 -10.73 -17.95
C MET D 58 15.31 -9.95 -17.04
N GLN D 59 16.61 -10.05 -17.33
CA GLN D 59 17.61 -9.32 -16.58
C GLN D 59 17.30 -7.83 -16.49
N GLN D 60 17.59 -7.25 -15.33
CA GLN D 60 17.44 -5.81 -15.10
C GLN D 60 18.67 -5.30 -14.33
N TYR D 61 18.48 -4.70 -13.16
CA TYR D 61 19.62 -4.17 -12.40
C TYR D 61 20.59 -5.27 -11.97
N ASP D 62 21.90 -5.01 -12.17
CA ASP D 62 22.95 -5.92 -11.70
C ASP D 62 24.26 -5.14 -11.60
N VAL D 63 24.73 -4.89 -10.37
CA VAL D 63 25.92 -4.08 -10.15
C VAL D 63 27.09 -4.57 -10.99
N ASN D 64 27.09 -5.86 -11.34
CA ASN D 64 28.23 -6.44 -12.03
C ASN D 64 28.27 -6.10 -13.51
N VAL D 65 27.24 -5.42 -14.03
CA VAL D 65 27.25 -4.97 -15.41
C VAL D 65 28.09 -3.70 -15.58
N HIS D 66 28.42 -3.01 -14.48
CA HIS D 66 29.33 -1.87 -14.54
C HIS D 66 30.61 -2.28 -15.25
N LEU D 67 31.06 -1.41 -16.14
CA LEU D 67 32.22 -1.77 -16.99
C LEU D 67 33.51 -1.93 -16.19
N GLY D 68 34.49 -2.54 -16.83
CA GLY D 68 35.82 -2.65 -16.25
C GLY D 68 35.99 -3.76 -15.25
N GLY D 69 34.96 -4.59 -15.04
CA GLY D 69 35.07 -5.64 -14.03
C GLY D 69 35.07 -5.14 -12.60
N MET D 70 34.63 -3.90 -12.39
CA MET D 70 34.51 -3.30 -11.07
C MET D 70 33.05 -2.97 -10.82
N THR D 71 32.60 -3.08 -9.57
CA THR D 71 31.31 -2.51 -9.18
C THR D 71 31.53 -1.18 -8.47
N LEU D 72 30.45 -0.39 -8.42
CA LEU D 72 30.45 0.84 -7.64
C LEU D 72 30.97 0.61 -6.23
N GLY D 73 31.80 1.53 -5.77
CA GLY D 73 32.38 1.44 -4.45
C GLY D 73 33.81 0.94 -4.41
N GLN D 74 34.62 1.19 -5.44
CA GLN D 74 36.05 0.95 -5.30
C GLN D 74 36.67 1.93 -4.33
N ARG D 75 36.07 3.09 -4.20
CA ARG D 75 36.30 4.02 -3.12
C ARG D 75 35.15 3.86 -2.13
N GLN D 76 35.22 4.61 -1.04
CA GLN D 76 34.14 4.62 -0.08
C GLN D 76 32.92 5.36 -0.64
N LEU D 77 31.74 4.75 -0.54
CA LEU D 77 30.50 5.39 -0.94
C LEU D 77 29.93 6.11 0.27
N VAL D 78 29.84 7.44 0.18
CA VAL D 78 29.54 8.24 1.37
C VAL D 78 28.11 8.72 1.37
N PRO D 79 27.51 8.93 2.54
CA PRO D 79 26.15 9.47 2.60
C PRO D 79 26.13 10.99 2.58
N TYR D 80 24.92 11.56 2.65
CA TYR D 80 24.69 12.99 2.52
C TYR D 80 23.86 13.48 3.69
N LYS D 81 24.31 14.57 4.31
CA LYS D 81 23.52 15.25 5.34
C LYS D 81 22.69 16.36 4.70
N LEU D 82 21.38 16.38 4.97
CA LEU D 82 20.59 17.50 4.47
C LEU D 82 21.00 18.74 5.26
N SER D 83 21.35 19.82 4.54
CA SER D 83 21.85 21.00 5.22
C SER D 83 20.80 21.55 6.18
N THR D 84 21.24 21.94 7.36
CA THR D 84 20.48 22.42 8.50
C THR D 84 19.68 21.31 9.16
N ARG D 85 19.75 20.07 8.67
CA ARG D 85 19.00 18.96 9.25
C ARG D 85 19.95 17.92 9.84
N PRO D 86 19.48 17.15 10.82
CA PRO D 86 20.32 16.06 11.38
C PRO D 86 20.32 14.84 10.49
N ASP D 87 19.41 14.79 9.54
CA ASP D 87 19.19 13.60 8.72
C ASP D 87 20.33 13.38 7.75
N ILE D 88 20.95 12.21 7.83
CA ILE D 88 21.97 11.76 6.88
C ILE D 88 21.40 10.57 6.13
N VAL D 89 21.53 10.61 4.80
CA VAL D 89 20.86 9.64 3.94
C VAL D 89 21.86 9.12 2.92
N GLU D 90 21.55 7.97 2.35
CA GLU D 90 22.35 7.50 1.24
C GLU D 90 22.01 8.34 0.00
N GLY D 91 22.97 8.47 -0.91
CA GLY D 91 22.78 9.34 -2.06
C GLY D 91 21.60 8.95 -2.91
N ASP D 92 21.36 7.65 -3.07
CA ASP D 92 20.21 7.19 -3.85
C ASP D 92 18.89 7.67 -3.26
N ASP D 93 18.87 7.98 -1.96
CA ASP D 93 17.63 8.44 -1.33
C ASP D 93 17.25 9.86 -1.79
N LEU D 94 18.17 10.55 -2.46
CA LEU D 94 17.92 11.88 -2.98
C LEU D 94 17.72 11.88 -4.49
N HIS D 95 17.79 10.72 -5.13
CA HIS D 95 17.34 10.65 -6.51
C HIS D 95 15.84 10.94 -6.59
N TYR D 96 15.42 11.78 -7.53
CA TYR D 96 14.03 12.21 -7.53
C TYR D 96 13.09 11.01 -7.69
N VAL D 97 13.51 9.99 -8.44
CA VAL D 97 12.64 8.82 -8.66
C VAL D 97 12.38 8.11 -7.35
N ASN D 98 13.35 8.14 -6.43
CA ASN D 98 13.27 7.43 -5.17
C ASN D 98 12.70 8.28 -4.05
N ASN D 99 12.40 9.56 -4.30
CA ASN D 99 12.15 10.53 -3.24
C ASN D 99 10.79 11.17 -3.46
N PRO D 100 9.76 10.71 -2.75
CA PRO D 100 8.40 11.24 -3.01
C PRO D 100 8.20 12.67 -2.59
N ALA D 101 8.98 13.20 -1.64
CA ALA D 101 8.84 14.61 -1.32
C ALA D 101 9.20 15.48 -2.52
N MET D 102 10.26 15.08 -3.22
CA MET D 102 10.73 15.78 -4.40
C MET D 102 9.67 15.70 -5.49
N GLN D 103 9.11 14.50 -5.69
CA GLN D 103 8.07 14.34 -6.69
C GLN D 103 6.86 15.19 -6.36
N GLN D 104 6.51 15.28 -5.07
CA GLN D 104 5.29 16.00 -4.74
C GLN D 104 5.48 17.51 -4.77
N MET D 105 6.70 17.97 -4.49
CA MET D 105 6.95 19.43 -4.61
C MET D 105 6.66 19.84 -6.07
N TRP D 106 7.18 19.07 -7.01
CA TRP D 106 6.97 19.38 -8.41
C TRP D 106 5.48 19.19 -8.76
N ASP D 107 4.87 18.10 -8.33
CA ASP D 107 3.45 17.94 -8.63
C ASP D 107 2.63 19.09 -8.07
N ASP D 108 2.94 19.54 -6.86
CA ASP D 108 2.20 20.64 -6.26
C ASP D 108 2.33 21.93 -7.09
N MET D 109 3.52 22.21 -7.62
CA MET D 109 3.63 23.38 -8.49
C MET D 109 2.85 23.18 -9.80
N LYS D 110 3.07 22.03 -10.43
CA LYS D 110 2.51 21.76 -11.74
C LYS D 110 0.98 21.75 -11.73
N ARG D 111 0.37 21.33 -10.63
CA ARG D 111 -1.09 21.24 -10.54
C ARG D 111 -1.73 22.52 -10.04
N THR D 112 -0.98 23.62 -9.95
CA THR D 112 -1.50 24.89 -9.45
C THR D 112 -1.71 25.89 -10.59
N ILE D 113 -2.83 26.61 -10.52
CA ILE D 113 -3.11 27.74 -11.38
C ILE D 113 -3.83 28.77 -10.51
N ILE D 114 -3.54 30.05 -10.75
CA ILE D 114 -4.22 31.15 -10.06
C ILE D 114 -5.17 31.80 -11.05
N VAL D 115 -6.42 32.00 -10.64
CA VAL D 115 -7.48 32.44 -11.53
C VAL D 115 -8.24 33.58 -10.87
N GLY D 116 -8.31 34.71 -11.55
CA GLY D 116 -9.02 35.84 -11.02
C GLY D 116 -10.52 35.62 -11.02
N MET D 117 -11.20 36.26 -10.08
CA MET D 117 -12.64 36.20 -10.02
C MET D 117 -13.33 37.49 -10.45
N ASP D 118 -12.62 38.61 -10.54
CA ASP D 118 -13.28 39.89 -10.81
C ASP D 118 -13.92 39.90 -12.19
N LEU D 119 -13.19 39.44 -13.22
CA LEU D 119 -13.74 39.41 -14.56
C LEU D 119 -14.97 38.51 -14.65
N ALA D 120 -14.95 37.37 -13.96
CA ALA D 120 -16.13 36.52 -13.97
C ALA D 120 -17.31 37.20 -13.29
N HIS D 121 -17.07 37.86 -12.16
CA HIS D 121 -18.16 38.56 -11.49
C HIS D 121 -18.67 39.72 -12.34
N GLU D 122 -17.78 40.38 -13.08
CA GLU D 122 -18.23 41.50 -13.94
C GLU D 122 -19.11 40.93 -15.07
N THR D 123 -18.75 39.76 -15.60
CA THR D 123 -19.58 39.09 -16.60
C THR D 123 -21.00 38.82 -16.06
N LEU D 124 -21.09 38.25 -14.87
CA LEU D 124 -22.40 37.96 -14.30
C LEU D 124 -23.23 39.23 -14.13
N GLU D 125 -22.59 40.34 -13.75
CA GLU D 125 -23.33 41.59 -13.57
C GLU D 125 -23.76 42.14 -14.93
N LYS D 126 -22.81 42.21 -15.86
CA LYS D 126 -23.10 42.86 -17.13
C LYS D 126 -24.07 42.05 -17.96
N ARG D 127 -23.85 40.74 -18.07
CA ARG D 127 -24.64 39.96 -19.01
C ARG D 127 -25.92 39.41 -18.41
N LEU D 128 -25.91 39.04 -17.14
CA LEU D 128 -27.08 38.49 -16.50
C LEU D 128 -27.72 39.42 -15.49
N GLY D 129 -27.07 40.51 -15.14
CA GLY D 129 -27.61 41.36 -14.09
C GLY D 129 -27.65 40.72 -12.73
N LYS D 130 -26.72 39.81 -12.45
CA LYS D 130 -26.68 39.15 -11.16
C LYS D 130 -26.01 40.06 -10.14
N GLU D 131 -26.37 39.87 -8.87
CA GLU D 131 -25.68 40.53 -7.77
C GLU D 131 -24.69 39.55 -7.17
N VAL D 132 -23.45 39.99 -7.02
CA VAL D 132 -22.41 39.18 -6.40
C VAL D 132 -22.25 39.65 -4.97
N THR D 133 -22.50 38.77 -4.03
CA THR D 133 -22.47 39.06 -2.60
C THR D 133 -21.57 38.07 -1.90
N PRO D 134 -21.19 38.34 -0.66
CA PRO D 134 -20.48 37.30 0.11
C PRO D 134 -21.26 36.01 0.16
N GLU D 135 -22.59 36.06 0.20
CA GLU D 135 -23.36 34.83 0.24
C GLU D 135 -23.27 34.05 -1.07
N SER D 136 -23.33 34.74 -2.21
CA SER D 136 -23.21 34.03 -3.48
C SER D 136 -21.80 33.50 -3.68
N ILE D 137 -20.77 34.24 -3.22
CA ILE D 137 -19.40 33.75 -3.29
C ILE D 137 -19.22 32.51 -2.41
N ALA D 138 -19.83 32.51 -1.23
CA ALA D 138 -19.77 31.35 -0.35
C ALA D 138 -20.36 30.12 -1.01
N GLY D 139 -21.50 30.27 -1.67
CA GLY D 139 -22.09 29.12 -2.35
C GLY D 139 -21.21 28.64 -3.49
N TYR D 140 -20.60 29.57 -4.22
CA TYR D 140 -19.64 29.24 -5.26
C TYR D 140 -18.45 28.47 -4.68
N MET D 141 -17.92 28.92 -3.53
CA MET D 141 -16.75 28.24 -2.99
C MET D 141 -17.08 26.82 -2.55
N GLU D 142 -18.30 26.58 -2.08
CA GLU D 142 -18.73 25.21 -1.78
C GLU D 142 -18.84 24.39 -3.06
N ALA D 143 -19.49 24.95 -4.08
CA ALA D 143 -19.65 24.26 -5.35
C ALA D 143 -18.29 23.86 -5.93
N VAL D 144 -17.34 24.80 -5.93
CA VAL D 144 -16.08 24.55 -6.61
C VAL D 144 -15.23 23.53 -5.84
N ASN D 145 -15.42 23.41 -4.54
CA ASN D 145 -14.66 22.40 -3.80
C ASN D 145 -15.30 21.03 -3.85
N HIS D 146 -16.57 20.94 -4.25
CA HIS D 146 -17.15 19.66 -4.61
C HIS D 146 -16.77 19.27 -6.03
N THR D 147 -16.84 20.23 -6.97
CA THR D 147 -16.66 19.86 -8.37
C THR D 147 -15.18 19.73 -8.78
N MET D 148 -14.30 20.57 -8.23
CA MET D 148 -12.94 20.59 -8.77
C MET D 148 -12.24 19.24 -8.66
N PRO D 149 -12.45 18.41 -7.65
CA PRO D 149 -11.77 17.10 -7.66
C PRO D 149 -12.34 16.13 -8.69
N GLY D 150 -13.47 16.44 -9.33
CA GLY D 150 -14.06 15.60 -10.35
C GLY D 150 -15.43 15.03 -10.00
N ALA D 151 -16.31 15.86 -9.45
CA ALA D 151 -17.65 15.45 -9.06
C ALA D 151 -18.69 16.36 -9.72
N ALA D 152 -19.93 15.87 -9.77
CA ALA D 152 -20.97 16.45 -10.60
C ALA D 152 -21.88 17.41 -9.84
N ILE D 153 -22.36 18.45 -10.51
CA ILE D 153 -23.25 19.45 -9.86
C ILE D 153 -24.50 19.76 -10.71
N VAL D 154 -24.49 19.48 -12.01
CA VAL D 154 -25.64 19.89 -12.89
C VAL D 154 -26.35 18.67 -13.50
N GLN D 155 -25.59 17.81 -14.17
CA GLN D 155 -26.24 16.76 -14.97
C GLN D 155 -26.72 15.56 -14.14
N GLU D 156 -27.47 14.70 -14.83
CA GLU D 156 -27.92 13.46 -14.15
C GLU D 156 -27.12 12.28 -14.73
N HIS D 157 -26.95 11.22 -13.95
CA HIS D 157 -26.23 10.01 -14.34
C HIS D 157 -24.79 10.29 -14.73
N MET D 158 -24.14 11.12 -13.95
CA MET D 158 -22.71 11.37 -14.05
C MET D 158 -21.94 10.36 -13.21
N VAL D 159 -20.77 9.98 -13.71
CA VAL D 159 -19.82 9.15 -12.97
C VAL D 159 -18.70 10.06 -12.52
N GLU D 160 -18.08 9.74 -11.39
CA GLU D 160 -17.23 10.71 -10.70
C GLU D 160 -15.92 10.07 -10.29
N THR D 161 -14.95 10.95 -9.99
CA THR D 161 -13.70 10.47 -9.42
C THR D 161 -13.91 10.04 -7.98
N HIS D 162 -13.18 9.00 -7.60
CA HIS D 162 -13.15 8.52 -6.23
C HIS D 162 -12.58 9.61 -5.35
N PRO D 163 -13.33 10.16 -4.41
CA PRO D 163 -12.83 11.29 -3.64
C PRO D 163 -11.51 11.00 -2.95
N GLY D 164 -11.25 9.75 -2.61
CA GLY D 164 -10.02 9.43 -1.92
C GLY D 164 -8.81 9.48 -2.81
N LEU D 165 -9.00 9.33 -4.11
CA LEU D 165 -7.88 9.44 -5.03
C LEU D 165 -7.51 10.89 -5.34
N VAL D 166 -8.39 11.83 -5.02
CA VAL D 166 -8.22 13.24 -5.39
C VAL D 166 -8.33 14.11 -4.14
N ASP D 167 -7.88 13.56 -3.00
CA ASP D 167 -8.04 14.23 -1.71
C ASP D 167 -7.17 15.48 -1.57
N ASP D 168 -6.18 15.65 -2.43
CA ASP D 168 -5.28 16.79 -2.43
C ASP D 168 -5.79 17.98 -3.23
N CYS D 169 -6.87 17.80 -3.97
CA CYS D 169 -7.41 18.82 -4.85
C CYS D 169 -8.31 19.75 -4.07
N TYR D 170 -8.11 21.06 -4.22
CA TYR D 170 -8.97 22.03 -3.54
C TYR D 170 -8.81 23.41 -4.16
N VAL D 171 -9.68 24.34 -3.75
CA VAL D 171 -9.67 25.72 -4.22
C VAL D 171 -9.84 26.65 -3.03
N LYS D 172 -8.96 27.62 -2.89
CA LYS D 172 -9.13 28.66 -1.89
C LYS D 172 -9.14 30.02 -2.58
N MET D 173 -9.87 30.95 -1.99
CA MET D 173 -9.81 32.31 -2.49
C MET D 173 -8.89 33.16 -1.62
N PHE D 174 -8.43 34.27 -2.18
CA PHE D 174 -7.64 35.24 -1.42
C PHE D 174 -7.85 36.60 -2.07
N THR D 175 -7.71 37.65 -1.27
CA THR D 175 -8.00 39.00 -1.70
C THR D 175 -7.25 39.96 -0.78
N GLY D 176 -6.90 41.13 -1.34
CA GLY D 176 -6.39 42.22 -0.51
C GLY D 176 -7.45 42.94 0.29
N ASP D 177 -8.73 42.65 0.03
CA ASP D 177 -9.88 43.27 0.71
C ASP D 177 -10.20 42.52 1.99
N ASP D 178 -9.71 43.03 3.12
CA ASP D 178 -9.90 42.36 4.40
C ASP D 178 -11.37 42.16 4.72
N GLU D 179 -12.23 43.09 4.31
CA GLU D 179 -13.65 42.97 4.66
C GLU D 179 -14.29 41.76 3.97
N LEU D 180 -13.95 41.50 2.71
CA LEU D 180 -14.50 40.31 2.05
C LEU D 180 -13.84 39.05 2.59
N ALA D 181 -12.53 39.06 2.76
CA ALA D 181 -11.85 37.87 3.24
C ALA D 181 -12.42 37.41 4.58
N ASP D 182 -12.84 38.36 5.43
CA ASP D 182 -13.40 38.00 6.73
C ASP D 182 -14.85 37.51 6.65
N GLU D 183 -15.54 37.74 5.54
CA GLU D 183 -16.93 37.33 5.41
C GLU D 183 -17.09 35.91 4.88
N ILE D 184 -16.04 35.32 4.32
CA ILE D 184 -16.09 33.98 3.76
C ILE D 184 -15.54 33.01 4.81
N ASP D 185 -16.19 31.84 4.93
CA ASP D 185 -15.76 30.83 5.87
C ASP D 185 -14.26 30.56 5.72
N SER D 186 -13.54 30.57 6.84
CA SER D 186 -12.09 30.55 6.77
C SER D 186 -11.52 29.30 6.07
N GLN D 187 -12.29 28.21 5.99
CA GLN D 187 -11.76 27.02 5.33
C GLN D 187 -11.50 27.25 3.85
N TYR D 188 -12.14 28.27 3.27
CA TYR D 188 -12.05 28.55 1.85
C TYR D 188 -11.10 29.69 1.52
N VAL D 189 -10.44 30.27 2.51
CA VAL D 189 -9.69 31.51 2.36
C VAL D 189 -8.23 31.31 2.76
N ILE D 190 -7.32 31.83 1.94
CA ILE D 190 -5.93 31.94 2.38
C ILE D 190 -5.81 33.21 3.20
N ASN D 191 -5.52 33.06 4.48
CA ASN D 191 -5.49 34.18 5.42
C ASN D 191 -4.14 34.88 5.32
N ILE D 192 -4.11 35.97 4.56
CA ILE D 192 -2.85 36.65 4.33
C ILE D 192 -2.30 37.24 5.62
N ASN D 193 -3.17 37.80 6.47
CA ASN D 193 -2.70 38.44 7.69
C ASN D 193 -2.05 37.44 8.64
N ASP D 194 -2.59 36.23 8.70
CA ASP D 194 -2.05 35.23 9.67
C ASP D 194 -0.74 34.63 9.15
N LEU D 195 -0.64 34.41 7.84
CA LEU D 195 0.54 33.74 7.30
C LEU D 195 1.70 34.70 7.11
N PHE D 196 1.40 35.99 6.93
CA PHE D 196 2.45 36.96 6.62
C PHE D 196 2.53 38.00 7.74
N ASP D 197 2.71 37.50 8.98
CA ASP D 197 2.70 38.36 10.16
C ASP D 197 4.07 38.94 10.50
N LYS D 198 5.12 38.63 9.75
CA LYS D 198 6.45 39.16 10.04
C LYS D 198 6.79 40.34 9.14
N GLU D 199 7.45 41.34 9.73
CA GLU D 199 8.01 42.51 9.01
C GLU D 199 6.98 43.14 8.08
N GLY D 200 5.72 43.18 8.53
CA GLY D 200 4.68 43.84 7.77
C GLY D 200 4.44 43.29 6.37
N GLN D 201 4.84 42.04 6.12
CA GLN D 201 4.70 41.47 4.79
C GLN D 201 3.25 41.42 4.36
N ASN D 202 2.34 41.20 5.30
CA ASN D 202 0.95 41.07 4.92
C ASN D 202 0.45 42.35 4.26
N GLU D 203 0.83 43.51 4.80
CA GLU D 203 0.36 44.76 4.24
C GLU D 203 0.97 45.02 2.87
N LYS D 204 2.22 44.60 2.65
CA LYS D 204 2.82 44.73 1.33
C LYS D 204 2.07 43.87 0.32
N LEU D 205 1.71 42.65 0.72
CA LEU D 205 1.03 41.76 -0.21
C LEU D 205 -0.37 42.27 -0.53
N LYS D 206 -1.08 42.74 0.47
CA LYS D 206 -2.43 43.22 0.24
C LYS D 206 -2.43 44.48 -0.62
N ALA D 207 -1.45 45.34 -0.45
CA ALA D 207 -1.35 46.52 -1.30
C ALA D 207 -1.03 46.16 -2.73
N ALA D 208 -0.16 45.16 -2.92
CA ALA D 208 0.25 44.76 -4.26
C ALA D 208 -0.84 43.99 -4.98
N ILE D 209 -1.70 43.28 -4.24
CA ILE D 209 -2.82 42.57 -4.86
C ILE D 209 -4.00 43.51 -5.05
N GLY D 210 -4.21 44.41 -4.11
CA GLY D 210 -5.34 45.33 -4.16
C GLY D 210 -6.63 44.64 -3.76
N LYS D 211 -7.72 45.40 -3.92
CA LYS D 211 -9.05 44.89 -3.66
C LYS D 211 -9.53 44.07 -4.87
N THR D 212 -8.75 43.05 -5.22
CA THR D 212 -9.11 42.09 -6.26
C THR D 212 -9.22 40.71 -5.61
N THR D 213 -10.00 39.83 -6.23
CA THR D 213 -10.26 38.51 -5.66
C THR D 213 -9.70 37.45 -6.59
N TRP D 214 -9.04 36.45 -6.01
CA TRP D 214 -8.29 35.45 -6.74
C TRP D 214 -8.59 34.08 -6.16
N GLN D 215 -8.53 33.07 -7.02
CA GLN D 215 -8.63 31.67 -6.59
C GLN D 215 -7.31 30.97 -6.81
N ALA D 216 -6.85 30.31 -5.76
CA ALA D 216 -5.73 29.38 -5.83
C ALA D 216 -6.32 27.99 -6.06
N VAL D 217 -6.09 27.45 -7.25
CA VAL D 217 -6.66 26.19 -7.68
C VAL D 217 -5.54 25.16 -7.74
N HIS D 218 -5.77 24.02 -7.10
CA HIS D 218 -4.82 22.91 -7.07
C HIS D 218 -5.56 21.67 -7.55
N ILE D 219 -5.31 21.27 -8.79
CA ILE D 219 -6.01 20.12 -9.37
C ILE D 219 -5.37 18.86 -8.81
N PRO D 220 -5.99 17.67 -8.99
CA PRO D 220 -5.46 16.47 -8.35
C PRO D 220 -4.07 16.08 -8.86
N THR D 221 -3.22 15.65 -7.92
CA THR D 221 -1.92 15.12 -8.30
C THR D 221 -2.07 13.95 -9.27
N ILE D 222 -3.05 13.08 -9.07
CA ILE D 222 -3.14 11.90 -9.93
C ILE D 222 -3.35 12.32 -11.38
N VAL D 223 -3.99 13.47 -11.60
CA VAL D 223 -4.29 13.91 -12.97
C VAL D 223 -3.02 14.36 -13.67
N VAL D 224 -2.24 15.23 -13.04
CA VAL D 224 -1.01 15.68 -13.70
C VAL D 224 -0.03 14.53 -13.82
N ARG D 225 -0.16 13.50 -12.99
CA ARG D 225 0.72 12.35 -13.17
C ARG D 225 0.32 11.52 -14.38
N CYS D 226 -1.00 11.29 -14.57
CA CYS D 226 -1.46 10.65 -15.79
C CYS D 226 -1.21 11.50 -17.03
N CYS D 227 -1.30 12.82 -16.89
CA CYS D 227 -1.30 13.75 -18.02
C CYS D 227 -0.08 14.68 -17.96
N ASP D 228 -0.29 15.99 -18.00
CA ASP D 228 0.86 16.90 -17.98
C ASP D 228 0.43 18.22 -17.36
N GLY D 229 1.38 19.17 -17.31
CA GLY D 229 1.06 20.45 -16.71
C GLY D 229 0.07 21.28 -17.52
N GLY D 230 -0.06 20.99 -18.81
CA GLY D 230 -1.05 21.67 -19.63
C GLY D 230 -2.47 21.34 -19.22
N ASN D 231 -2.65 20.27 -18.44
CA ASN D 231 -3.98 19.91 -17.96
C ASN D 231 -4.49 20.94 -16.95
N THR D 232 -3.58 21.59 -16.21
CA THR D 232 -3.99 22.30 -14.99
C THR D 232 -4.95 23.45 -15.26
N SER D 233 -4.59 24.38 -16.14
CA SER D 233 -5.44 25.56 -16.35
C SER D 233 -6.78 25.16 -16.97
N ARG D 234 -6.78 24.09 -17.77
CA ARG D 234 -8.01 23.63 -18.40
C ARG D 234 -8.95 22.97 -17.39
N TRP D 235 -8.43 22.01 -16.63
CA TRP D 235 -9.21 21.34 -15.59
C TRP D 235 -9.81 22.36 -14.64
N SER D 236 -8.99 23.28 -14.16
CA SER D 236 -9.44 24.36 -13.30
C SER D 236 -10.61 25.09 -13.93
N ALA D 237 -10.45 25.47 -15.20
CA ALA D 237 -11.47 26.30 -15.85
C ALA D 237 -12.78 25.55 -15.99
N MET D 238 -12.70 24.25 -16.32
CA MET D 238 -13.90 23.45 -16.49
C MET D 238 -14.77 23.49 -15.23
N GLN D 239 -14.16 23.26 -14.07
CA GLN D 239 -14.95 23.14 -12.85
C GLN D 239 -15.28 24.49 -12.26
N ILE D 240 -14.46 25.51 -12.51
CA ILE D 240 -14.87 26.89 -12.24
C ILE D 240 -16.16 27.20 -12.99
N GLY D 241 -16.19 26.87 -14.29
CA GLY D 241 -17.38 27.14 -15.07
C GLY D 241 -18.61 26.42 -14.54
N MET D 242 -18.47 25.13 -14.22
CA MET D 242 -19.60 24.40 -13.65
C MET D 242 -20.09 25.04 -12.37
N SER D 243 -19.17 25.52 -11.55
CA SER D 243 -19.53 26.08 -10.25
C SER D 243 -20.24 27.42 -10.40
N PHE D 244 -19.80 28.25 -11.36
CA PHE D 244 -20.54 29.49 -11.64
C PHE D 244 -21.94 29.20 -12.18
N ILE D 245 -22.08 28.20 -13.05
CA ILE D 245 -23.40 27.86 -13.57
C ILE D 245 -24.36 27.53 -12.43
N ALA D 246 -23.89 26.70 -11.48
CA ALA D 246 -24.75 26.32 -10.35
C ALA D 246 -24.95 27.49 -9.37
N ALA D 247 -23.88 28.24 -9.06
CA ALA D 247 -23.97 29.23 -7.99
C ALA D 247 -24.76 30.47 -8.40
N TYR D 248 -24.93 30.73 -9.70
CA TYR D 248 -25.67 31.90 -10.17
C TYR D 248 -26.86 31.52 -11.03
N ASN D 249 -27.30 30.27 -10.98
CA ASN D 249 -28.51 29.83 -11.68
C ASN D 249 -28.46 30.22 -13.16
N MET D 250 -27.31 30.02 -13.77
CA MET D 250 -27.21 30.35 -15.20
C MET D 250 -27.77 29.23 -16.07
N CYS D 251 -27.98 29.52 -17.34
CA CYS D 251 -28.29 28.41 -18.27
C CYS D 251 -27.00 27.56 -18.24
N ALA D 252 -27.16 26.25 -18.18
CA ALA D 252 -25.98 25.35 -18.18
C ALA D 252 -25.47 25.29 -19.62
N GLY D 253 -24.87 26.39 -20.05
CA GLY D 253 -24.35 26.52 -21.40
C GLY D 253 -25.06 27.62 -22.19
N GLU D 254 -24.76 28.88 -21.88
CA GLU D 254 -25.20 30.04 -22.64
C GLU D 254 -23.96 30.88 -23.01
N ALA D 255 -24.16 31.87 -23.88
CA ALA D 255 -23.05 32.68 -24.35
C ALA D 255 -22.20 33.20 -23.19
N ALA D 256 -22.84 33.63 -22.10
CA ALA D 256 -22.07 34.20 -21.00
C ALA D 256 -21.13 33.18 -20.37
N VAL D 257 -21.47 31.89 -20.45
CA VAL D 257 -20.58 30.88 -19.90
C VAL D 257 -19.27 30.87 -20.67
N ALA D 258 -19.33 31.14 -21.98
CA ALA D 258 -18.10 31.19 -22.76
C ALA D 258 -17.19 32.32 -22.30
N ASP D 259 -17.78 33.43 -21.85
CA ASP D 259 -16.97 34.53 -21.31
C ASP D 259 -16.27 34.08 -20.03
N LEU D 260 -16.98 33.33 -19.18
CA LEU D 260 -16.34 32.79 -17.98
C LEU D 260 -15.21 31.84 -18.35
N ALA D 261 -15.38 31.06 -19.40
CA ALA D 261 -14.33 30.14 -19.80
C ALA D 261 -13.10 30.90 -20.29
N PHE D 262 -13.29 31.93 -21.12
CA PHE D 262 -12.15 32.70 -21.62
C PHE D 262 -11.42 33.40 -20.47
N ALA D 263 -12.17 33.90 -19.50
CA ALA D 263 -11.55 34.49 -18.31
C ALA D 263 -10.77 33.45 -17.52
N ALA D 264 -11.38 32.29 -17.25
CA ALA D 264 -10.70 31.30 -16.41
C ALA D 264 -9.51 30.67 -17.12
N LYS D 265 -9.57 30.53 -18.44
CA LYS D 265 -8.52 29.87 -19.18
C LYS D 265 -7.41 30.80 -19.64
N MHS D 266 -7.69 32.08 -19.75
CA MHS D 266 -6.76 33.01 -20.37
C MHS D 266 -6.72 34.38 -19.71
O MHS D 266 -5.72 34.79 -19.16
CB MHS D 266 -7.05 33.27 -21.88
CG MHS D 266 -7.02 32.00 -22.64
ND1 MHS D 266 -5.86 31.31 -23.03
CD2 MHS D 266 -8.13 31.25 -23.09
CE1 MHS D 266 -6.31 30.16 -23.69
NE2 MHS D 266 -7.67 30.12 -23.75
CM MHS D 266 -4.49 31.65 -22.79
N ALA D 267 -7.83 35.10 -19.80
CA ALA D 267 -7.79 36.54 -19.47
C ALA D 267 -7.50 36.82 -18.01
N ALA D 268 -7.85 35.89 -17.13
CA ALA D 268 -7.61 36.06 -15.70
C ALA D 268 -6.80 34.90 -15.12
N ALA D 269 -6.12 34.14 -15.98
CA ALA D 269 -5.35 32.96 -15.58
C ALA D 269 -3.87 33.32 -15.44
N VAL D 270 -3.29 32.93 -14.33
CA VAL D 270 -1.90 33.18 -14.05
C VAL D 270 -1.22 31.83 -13.99
N GLN D 271 -0.57 31.44 -15.10
CA GLN D 271 0.12 30.16 -15.15
C GLN D 271 1.41 30.21 -14.33
N MET D 272 1.90 29.04 -13.91
CA MET D 272 3.21 29.01 -13.20
C MET D 272 4.34 29.07 -14.23
N ALA D 273 4.05 28.71 -15.48
CA ALA D 273 5.06 28.62 -16.53
C ALA D 273 4.33 28.61 -17.87
N GLU D 274 4.91 29.27 -18.86
CA GLU D 274 4.37 29.30 -20.20
C GLU D 274 5.04 28.23 -21.08
N MET D 275 4.53 28.09 -22.31
CA MET D 275 5.00 27.03 -23.16
C MET D 275 6.46 27.32 -23.63
N LEU D 276 7.04 26.32 -24.27
CA LEU D 276 8.42 26.31 -24.71
C LEU D 276 8.49 26.07 -26.21
N PRO D 277 9.59 26.44 -26.85
CA PRO D 277 9.70 26.29 -28.31
C PRO D 277 9.88 24.85 -28.74
N ALA D 278 9.86 24.66 -30.07
CA ALA D 278 9.60 23.36 -30.67
C ALA D 278 10.64 22.32 -30.30
N ARG D 279 11.92 22.70 -30.28
CA ARG D 279 12.95 21.72 -29.97
C ARG D 279 12.75 21.10 -28.60
N AGM D 280 12.21 21.85 -27.65
CA AGM D 280 11.96 21.33 -26.33
CB AGM D 280 12.82 22.00 -25.23
CG AGM D 280 12.89 23.52 -25.26
CD AGM D 280 14.16 24.07 -24.55
CE2 AGM D 280 14.07 23.86 -23.04
NE1 AGM D 280 14.28 25.49 -24.82
CZ AGM D 280 14.77 26.04 -26.00
NH1 AGM D 280 14.87 27.39 -26.22
NH2 AGM D 280 15.18 25.16 -26.99
C AGM D 280 10.44 21.48 -26.00
O AGM D 280 10.04 21.82 -24.90
N ALA D 281 9.63 21.24 -27.03
CA ALA D 281 8.16 21.43 -26.92
C ALA D 281 7.60 20.87 -25.62
N ARG D 282 6.88 21.73 -24.92
CA ARG D 282 6.26 21.33 -23.66
C ARG D 282 5.00 22.16 -23.45
N SER D 283 4.05 21.60 -22.74
CA SER D 283 2.85 22.34 -22.40
C SER D 283 3.21 23.42 -21.38
N PRO D 284 2.28 24.33 -21.10
CA PRO D 284 2.44 25.24 -19.95
C PRO D 284 2.55 24.46 -18.65
N ASN D 285 2.97 25.18 -17.60
CA ASN D 285 3.18 24.61 -16.26
C ASN D 285 4.17 23.45 -16.27
N GLU D 286 5.24 23.59 -17.02
CA GLU D 286 6.36 22.66 -16.97
C GLU D 286 7.61 23.43 -16.55
N PRO D 287 8.65 22.74 -16.08
CA PRO D 287 9.73 23.48 -15.40
C PRO D 287 10.52 24.40 -16.32
N GLY D 288 10.64 24.07 -17.60
CA GLY D 288 11.39 24.94 -18.49
C GLY D 288 10.79 26.34 -18.56
N GLY D 289 9.48 26.45 -18.40
CA GLY D 289 8.88 27.76 -18.46
C GLY D 289 8.85 28.49 -17.15
N LEU D 290 9.41 27.91 -16.09
CA LEU D 290 9.31 28.53 -14.78
C LEU D 290 10.36 29.62 -14.63
N SER D 291 9.89 30.85 -14.37
CA SER D 291 10.80 31.97 -14.15
C SER D 291 11.47 31.83 -12.77
N PHE D 292 12.67 32.41 -12.65
CA PHE D 292 13.36 32.38 -11.37
C PHE D 292 12.65 33.20 -10.31
N GLY D 293 12.03 34.32 -10.69
CA GLY D 293 11.24 35.07 -9.74
C GLY D 293 10.06 34.28 -9.19
N TYR D 294 9.37 33.51 -10.06
CA TYR D 294 8.26 32.70 -9.57
C TYR D 294 8.75 31.57 -8.68
N CYS D 295 9.82 30.89 -9.09
CA CYS D 295 10.38 29.81 -8.27
C CYS D 295 10.71 30.32 -6.88
N ALA D 296 11.34 31.50 -6.80
CA ALA D 296 11.71 32.05 -5.50
C ALA D 296 10.47 32.44 -4.69
N ASP D 297 9.42 32.89 -5.35
CA ASP D 297 8.22 33.26 -4.63
C ASP D 297 7.41 32.07 -4.13
N MET D 298 7.60 30.88 -4.73
CA MET D 298 6.91 29.71 -4.20
C MET D 298 7.45 29.29 -2.84
N VAL D 299 8.73 29.53 -2.59
CA VAL D 299 9.37 29.09 -1.34
C VAL D 299 9.01 30.07 -0.23
N GLN D 300 8.71 29.54 0.95
CA GLN D 300 8.01 30.31 1.97
C GLN D 300 8.80 30.55 3.24
N THR D 301 10.10 30.25 3.24
CA THR D 301 10.92 30.54 4.42
C THR D 301 11.00 32.03 4.69
N LEU D 302 10.78 32.84 3.67
CA LEU D 302 10.81 34.30 3.81
C LEU D 302 9.74 34.81 4.77
N ARG D 303 8.59 34.15 4.82
CA ARG D 303 7.53 34.63 5.71
C ARG D 303 7.73 34.11 7.12
N VAL D 304 8.58 33.10 7.28
CA VAL D 304 8.84 32.48 8.57
C VAL D 304 9.94 33.22 9.31
N LYS D 305 11.05 33.53 8.65
CA LYS D 305 12.21 34.13 9.33
C LYS D 305 12.94 35.08 8.38
N PRO D 306 12.32 36.20 8.04
CA PRO D 306 12.99 37.14 7.11
C PRO D 306 14.21 37.81 7.71
N GLU D 307 14.38 37.74 9.04
CA GLU D 307 15.54 38.35 9.65
C GLU D 307 16.83 37.58 9.37
N ASP D 308 16.74 36.35 8.84
CA ASP D 308 17.92 35.62 8.37
C ASP D 308 17.75 35.40 6.88
N PRO D 309 18.18 36.35 6.05
CA PRO D 309 17.94 36.21 4.61
C PRO D 309 18.69 35.05 4.00
N VAL D 310 19.77 34.59 4.64
CA VAL D 310 20.53 33.47 4.08
C VAL D 310 19.69 32.19 4.12
N TRP D 311 18.95 31.96 5.20
CA TRP D 311 18.23 30.70 5.32
C TRP D 311 17.22 30.55 4.17
N TYR D 312 16.35 31.54 4.00
CA TYR D 312 15.41 31.52 2.86
C TYR D 312 16.13 31.35 1.53
N THR D 313 17.20 32.11 1.31
CA THR D 313 17.96 32.01 0.08
C THR D 313 18.36 30.57 -0.22
N LEU D 314 18.95 29.89 0.76
CA LEU D 314 19.42 28.53 0.52
C LEU D 314 18.27 27.53 0.44
N GLU D 315 17.11 27.84 1.02
CA GLU D 315 15.93 26.98 0.79
C GLU D 315 15.45 27.14 -0.66
N VAL D 316 15.50 28.35 -1.21
CA VAL D 316 15.20 28.52 -2.64
C VAL D 316 16.21 27.76 -3.48
N VAL D 317 17.51 27.84 -3.13
CA VAL D 317 18.51 27.05 -3.84
C VAL D 317 18.12 25.58 -3.82
N ALA D 318 17.76 25.06 -2.65
CA ALA D 318 17.40 23.65 -2.55
C ALA D 318 16.19 23.33 -3.43
N CYS D 319 15.16 24.18 -3.38
CA CYS D 319 13.98 23.98 -4.22
C CYS D 319 14.36 23.97 -5.69
N GLY D 320 15.06 25.00 -6.13
CA GLY D 320 15.35 25.13 -7.55
C GLY D 320 16.36 24.13 -8.09
N THR D 321 17.43 23.85 -7.31
CA THR D 321 18.44 22.96 -7.88
C THR D 321 17.88 21.57 -8.07
N MET D 322 17.08 21.09 -7.11
CA MET D 322 16.45 19.78 -7.29
C MET D 322 15.51 19.81 -8.50
N LEU D 323 14.60 20.78 -8.54
CA LEU D 323 13.62 20.82 -9.62
C LEU D 323 14.28 20.97 -10.98
N TYR D 324 15.11 21.99 -11.13
CA TYR D 324 15.65 22.28 -12.45
C TYR D 324 16.71 21.27 -12.88
N ASP D 325 17.61 20.85 -11.96
CA ASP D 325 18.67 19.92 -12.37
C ASP D 325 18.23 18.46 -12.35
N GLN D 326 17.53 18.03 -11.29
CA GLN D 326 17.22 16.60 -11.14
C GLN D 326 16.00 16.21 -11.96
N ILE D 327 14.91 16.97 -11.85
CA ILE D 327 13.68 16.61 -12.53
C ILE D 327 13.66 17.15 -13.95
N TRP D 328 13.92 18.45 -14.12
CA TRP D 328 13.80 19.07 -15.43
C TRP D 328 14.96 18.67 -16.34
N LEU D 329 16.18 19.10 -16.02
CA LEU D 329 17.28 18.76 -16.91
C LEU D 329 17.65 17.28 -16.83
N GLY D 330 17.58 16.70 -15.63
CA GLY D 330 17.96 15.31 -15.45
C GLY D 330 16.90 14.28 -15.81
N SER D 331 15.69 14.72 -16.15
CA SER D 331 14.69 13.75 -16.59
C SER D 331 13.97 14.28 -17.81
N TYR D 332 13.15 15.33 -17.67
CA TYR D 332 12.40 15.88 -18.80
C TYR D 332 13.28 16.06 -20.03
N MET D 333 14.47 16.63 -19.83
CA MET D 333 15.38 16.93 -20.92
C MET D 333 16.49 15.91 -21.11
N SER D 334 16.52 14.83 -20.33
CA SER D 334 17.51 13.77 -20.54
C SER D 334 16.97 12.47 -19.94
N GLY D 335 17.45 12.07 -18.76
CA GLY D 335 16.97 10.89 -18.09
C GLY D 335 18.09 9.92 -17.79
N GLY D 336 17.71 8.75 -17.28
CA GLY D 336 18.66 7.78 -16.79
C GLY D 336 19.00 7.97 -15.34
N VAL D 337 20.22 7.58 -14.96
CA VAL D 337 20.73 7.88 -13.63
C VAL D 337 20.55 9.36 -13.31
N GLY D 338 20.81 10.22 -14.28
CA GLY D 338 20.49 11.62 -14.08
C GLY D 338 21.50 12.38 -13.25
N PHE D 339 21.00 13.39 -12.53
CA PHE D 339 21.82 14.52 -12.08
C PHE D 339 21.61 14.79 -10.59
N THR D 340 21.47 13.72 -9.79
CA THR D 340 21.22 13.90 -8.36
C THR D 340 22.29 14.74 -7.68
N GLN D 341 23.55 14.35 -7.82
CA GLN D 341 24.61 15.00 -7.06
C GLN D 341 25.01 16.34 -7.64
N TYR D 342 24.72 16.60 -8.91
CA TYR D 342 24.87 17.98 -9.39
C TYR D 342 24.02 18.94 -8.56
N ALA D 343 22.88 18.47 -8.06
CA ALA D 343 22.01 19.29 -7.23
C ALA D 343 22.28 19.15 -5.74
N THR D 344 22.58 17.92 -5.26
CA THR D 344 22.76 17.75 -3.82
C THR D 344 23.91 18.61 -3.31
N ALA D 345 24.88 18.92 -4.18
CA ALA D 345 25.99 19.76 -3.74
C ALA D 345 25.49 21.06 -3.18
N ALA D 346 24.34 21.55 -3.65
CA ALA D 346 23.79 22.83 -3.22
C ALA D 346 22.91 22.74 -1.98
N TYR D 347 22.50 21.54 -1.57
CA TYR D 347 21.62 21.47 -0.41
C TYR D 347 22.01 20.41 0.60
N THR D 348 23.24 19.89 0.54
CA THR D 348 23.71 18.93 1.52
C THR D 348 25.03 19.38 2.16
N ASN D 349 25.28 18.80 3.35
CA ASN D 349 26.56 18.85 4.06
C ASN D 349 26.96 20.26 4.48
N ASP D 350 26.02 21.21 4.41
CA ASP D 350 26.16 22.57 4.90
C ASP D 350 27.33 23.31 4.26
N VAL D 351 27.75 22.88 3.07
CA VAL D 351 28.87 23.52 2.38
C VAL D 351 28.49 24.89 1.84
N LEU D 352 27.43 24.95 1.02
CA LEU D 352 27.00 26.24 0.50
C LEU D 352 26.66 27.17 1.64
N ASP D 353 26.08 26.64 2.71
CA ASP D 353 25.75 27.45 3.88
C ASP D 353 27.00 28.09 4.47
N ASP D 354 28.08 27.31 4.60
CA ASP D 354 29.30 27.88 5.14
C ASP D 354 29.79 29.01 4.25
N PHE D 355 29.91 28.74 2.94
CA PHE D 355 30.47 29.74 2.02
C PHE D 355 29.63 30.99 2.00
N THR D 356 28.30 30.83 2.10
CA THR D 356 27.41 31.98 1.99
C THR D 356 27.36 32.77 3.28
N TYR D 357 27.33 32.10 4.44
CA TYR D 357 27.35 32.86 5.68
C TYR D 357 28.68 33.58 5.85
N TYR D 358 29.76 32.99 5.35
CA TYR D 358 31.03 33.70 5.37
C TYR D 358 30.91 34.98 4.57
N GLY D 359 30.34 34.90 3.37
CA GLY D 359 30.17 36.09 2.55
C GLY D 359 29.28 37.11 3.21
N TYR D 360 28.16 36.66 3.79
CA TYR D 360 27.23 37.57 4.45
C TYR D 360 27.94 38.36 5.54
N ASP D 361 28.71 37.68 6.37
CA ASP D 361 29.50 38.33 7.41
C ASP D 361 30.52 39.29 6.81
N TYR D 362 31.22 38.87 5.76
CA TYR D 362 32.17 39.78 5.10
C TYR D 362 31.47 41.04 4.63
N ALA D 363 30.33 40.91 3.95
CA ALA D 363 29.62 42.07 3.44
C ALA D 363 29.05 42.92 4.56
N LEU D 364 28.51 42.29 5.61
CA LEU D 364 27.93 43.06 6.70
C LEU D 364 28.97 43.97 7.33
N ASN D 365 30.18 43.48 7.49
CA ASN D 365 31.23 44.28 8.14
C ASN D 365 31.89 45.25 7.19
N LYS D 366 31.84 45.00 5.89
CA LYS D 366 32.49 45.91 4.96
C LYS D 366 31.54 46.96 4.41
N TYR D 367 30.30 46.56 4.08
CA TYR D 367 29.38 47.46 3.39
C TYR D 367 28.21 47.89 4.25
N GLY D 368 27.89 47.14 5.29
CA GLY D 368 26.80 47.49 6.15
C GLY D 368 25.64 46.51 6.05
N ASP D 369 24.50 46.96 6.50
CA ASP D 369 23.39 46.04 6.71
C ASP D 369 22.78 45.58 5.40
N ASP D 370 21.99 44.51 5.52
CA ASP D 370 21.23 43.95 4.41
C ASP D 370 20.76 44.99 3.42
N GLY D 371 21.10 44.81 2.14
CA GLY D 371 20.49 45.58 1.06
C GLY D 371 21.05 46.96 0.82
N THR D 372 22.10 47.37 1.54
CA THR D 372 22.59 48.75 1.48
C THR D 372 23.88 48.91 0.71
N ALA D 373 24.46 47.84 0.17
CA ALA D 373 25.70 47.97 -0.56
C ALA D 373 25.45 48.59 -1.94
N PRO D 374 26.48 49.20 -2.53
CA PRO D 374 26.28 49.86 -3.82
C PRO D 374 25.87 48.88 -4.90
N ASN D 375 24.89 49.30 -5.70
CA ASN D 375 24.36 48.48 -6.80
C ASN D 375 25.24 48.69 -8.03
N ASP D 376 26.46 48.16 -7.97
CA ASP D 376 27.38 48.38 -9.08
C ASP D 376 28.35 47.23 -9.26
N LEU D 377 29.05 47.26 -10.40
CA LEU D 377 29.95 46.18 -10.81
C LEU D 377 31.15 46.08 -9.89
N ALA D 378 31.66 47.21 -9.41
CA ALA D 378 32.74 47.20 -8.44
C ALA D 378 32.38 46.35 -7.22
N THR D 379 31.17 46.58 -6.68
CA THR D 379 30.75 45.83 -5.49
C THR D 379 30.57 44.36 -5.80
N ALA D 380 29.95 44.01 -6.93
CA ALA D 380 29.84 42.60 -7.28
C ALA D 380 31.22 41.95 -7.41
N THR D 381 32.18 42.70 -7.95
CA THR D 381 33.52 42.16 -8.10
C THR D 381 34.15 41.87 -6.75
N ASP D 382 34.02 42.79 -5.81
CA ASP D 382 34.63 42.60 -4.51
C ASP D 382 34.04 41.38 -3.81
N LEU D 383 32.72 41.33 -3.72
CA LEU D 383 32.06 40.27 -2.97
C LEU D 383 32.31 38.91 -3.60
N ALA D 384 32.14 38.81 -4.92
CA ALA D 384 32.32 37.53 -5.59
C ALA D 384 33.76 37.02 -5.45
N THR D 385 34.74 37.91 -5.51
CA THR D 385 36.11 37.45 -5.50
C THR D 385 36.49 36.94 -4.11
N GLU D 386 36.10 37.68 -3.07
CA GLU D 386 36.38 37.26 -1.71
C GLU D 386 35.66 35.95 -1.38
N VAL D 387 34.38 35.86 -1.73
CA VAL D 387 33.61 34.66 -1.40
C VAL D 387 34.18 33.46 -2.16
N THR D 388 34.57 33.66 -3.42
CA THR D 388 35.10 32.55 -4.19
C THR D 388 36.47 32.11 -3.69
N LEU D 389 37.36 33.06 -3.43
CA LEU D 389 38.67 32.69 -2.90
C LEU D 389 38.53 31.91 -1.60
N ASN D 390 37.68 32.39 -0.71
CA ASN D 390 37.51 31.73 0.59
C ASN D 390 37.03 30.31 0.39
N GLY D 391 36.03 30.11 -0.47
CA GLY D 391 35.53 28.77 -0.72
C GLY D 391 36.57 27.88 -1.34
N MET D 392 37.34 28.40 -2.28
CA MET D 392 38.41 27.59 -2.89
C MET D 392 39.42 27.19 -1.79
N GLU D 393 39.76 28.11 -0.90
CA GLU D 393 40.69 27.77 0.19
C GLU D 393 40.09 26.71 1.11
N CYS D 394 38.77 26.73 1.32
CA CYS D 394 38.14 25.66 2.10
C CYS D 394 38.32 24.30 1.42
N TYR D 395 38.01 24.22 0.12
CA TYR D 395 38.22 22.97 -0.62
C TYR D 395 39.69 22.55 -0.56
N GLU D 396 40.60 23.52 -0.54
CA GLU D 396 42.02 23.19 -0.58
C GLU D 396 42.49 22.72 0.79
N ASP D 397 41.94 23.30 1.85
CA ASP D 397 42.37 23.01 3.20
C ASP D 397 41.70 21.77 3.79
N TYR D 398 40.57 21.34 3.22
CA TYR D 398 39.81 20.20 3.73
C TYR D 398 39.64 19.17 2.63
N PRO D 399 40.55 18.21 2.51
CA PRO D 399 40.47 17.27 1.38
C PRO D 399 39.14 16.55 1.25
N THR D 400 38.46 16.26 2.35
CA THR D 400 37.18 15.56 2.19
C THR D 400 36.07 16.48 1.72
N LEU D 401 36.20 17.80 1.90
CA LEU D 401 35.26 18.73 1.29
C LEU D 401 35.39 18.70 -0.23
N LEU D 402 36.62 18.75 -0.73
CA LEU D 402 36.84 18.61 -2.17
C LEU D 402 36.31 17.28 -2.66
N GLU D 403 36.48 16.23 -1.87
CA GLU D 403 36.02 14.91 -2.27
C GLU D 403 34.51 14.83 -2.34
N ASP D 404 33.82 15.59 -1.49
CA ASP D 404 32.36 15.65 -1.54
C ASP D 404 31.90 16.26 -2.85
N HIS D 405 32.40 17.46 -3.17
CA HIS D 405 32.10 18.13 -4.44
C HIS D 405 33.17 17.74 -5.45
N PHE D 406 33.12 16.46 -5.80
CA PHE D 406 34.17 15.85 -6.60
C PHE D 406 34.14 16.30 -8.05
N GLY D 407 32.98 16.69 -8.58
CA GLY D 407 32.90 17.25 -9.91
C GLY D 407 33.07 18.77 -9.89
N GLY D 408 33.87 19.27 -10.83
CA GLY D 408 34.06 20.70 -10.91
C GLY D 408 32.76 21.47 -11.06
N SER D 409 31.79 20.92 -11.75
CA SER D 409 30.53 21.64 -11.97
C SER D 409 29.82 21.97 -10.66
N MGN D 410 29.95 21.06 -9.68
CA MGN D 410 29.33 21.17 -8.34
CB1 MGN D 410 29.56 19.90 -7.50
CB2 MGN D 410 27.83 21.46 -8.42
CG MGN D 410 28.94 18.63 -8.05
CD MGN D 410 29.36 17.41 -7.26
OE1 MGN D 410 30.53 17.05 -7.22
NE2 MGN D 410 28.40 16.76 -6.62
C MGN D 410 30.07 22.34 -7.66
O MGN D 410 29.41 23.24 -7.13
N ARG D 411 31.39 22.29 -7.62
CA ARG D 411 32.19 23.36 -7.00
C ARG D 411 31.88 24.70 -7.66
N ALA D 412 31.76 24.71 -8.99
CA ALA D 412 31.50 25.96 -9.70
C ALA D 412 30.17 26.55 -9.25
N GLY D 413 29.13 25.72 -9.22
CA GLY D 413 27.81 26.21 -8.85
C GLY D 413 27.76 26.69 -7.42
N ILE D 414 28.41 25.98 -6.51
CA ILE D 414 28.34 26.36 -5.10
C ILE D 414 29.18 27.62 -4.84
N LEU D 415 30.39 27.69 -5.39
CA LEU D 415 31.18 28.91 -5.22
C LEU D 415 30.48 30.12 -5.83
N ALA D 416 29.91 29.97 -7.02
CA ALA D 416 29.22 31.10 -7.65
C ALA D 416 27.92 31.43 -6.92
N ALA D 417 27.19 30.42 -6.45
CA ALA D 417 25.98 30.72 -5.70
C ALA D 417 26.29 31.48 -4.43
N ALA D 418 27.31 31.05 -3.69
CA ALA D 418 27.69 31.75 -2.47
C ALA D 418 28.06 33.19 -2.79
N SER D 419 28.77 33.38 -3.90
CA SER D 419 29.16 34.72 -4.36
C SER D 419 27.95 35.57 -4.70
N ALA D 420 27.03 35.02 -5.50
CA ALA D 420 25.88 35.78 -5.95
C ALA D 420 24.86 35.98 -4.84
N CYS D 421 24.69 34.98 -3.97
CA CYS D 421 23.76 35.18 -2.85
C CYS D 421 24.29 36.26 -1.91
N THR D 422 25.60 36.25 -1.67
CA THR D 422 26.19 37.29 -0.84
C THR D 422 25.93 38.65 -1.46
N THR D 423 26.16 38.76 -2.77
CA THR D 423 25.98 40.03 -3.46
C THR D 423 24.52 40.45 -3.44
N GLY D 424 23.60 39.51 -3.68
CA GLY D 424 22.19 39.86 -3.67
C GLY D 424 21.75 40.34 -2.29
N ILE D 425 22.15 39.64 -1.24
CA ILE D 425 21.76 40.07 0.11
C ILE D 425 22.35 41.44 0.41
N ALA D 426 23.61 41.67 0.00
CA ALA D 426 24.29 42.92 0.32
C ALA D 426 23.71 44.09 -0.46
N THR D 427 23.46 43.92 -1.76
CA THR D 427 23.03 45.04 -2.60
C THR D 427 21.51 45.17 -2.70
N GLY D 428 20.77 44.08 -2.46
CA GLY D 428 19.35 44.10 -2.74
C GLY D 428 19.00 44.07 -4.21
N ASN D 429 19.93 43.68 -5.07
CA ASN D 429 19.74 43.81 -6.51
C ASN D 429 20.10 42.52 -7.22
N SER D 430 19.10 41.91 -7.88
CA SER D 430 19.32 40.62 -8.52
C SER D 430 20.28 40.73 -9.68
N GLN D 431 20.22 41.84 -10.42
CA GLN D 431 21.01 41.97 -11.63
C GLN D 431 22.49 42.16 -11.30
N VAL D 432 22.78 42.92 -10.25
CA VAL D 432 24.15 43.04 -9.77
C VAL D 432 24.66 41.69 -9.27
N ALA D 433 23.83 40.96 -8.52
CA ALA D 433 24.20 39.62 -8.08
C ALA D 433 24.54 38.72 -9.26
N LEU D 434 23.84 38.88 -10.36
CA LEU D 434 24.14 38.03 -11.52
C LEU D 434 25.54 38.33 -12.06
N SER D 435 25.98 39.60 -12.04
CA SER D 435 27.36 39.91 -12.43
C SER D 435 28.35 39.15 -11.54
N ALA D 436 28.02 39.06 -10.25
CA ALA D 436 28.93 38.37 -9.29
C ALA D 436 28.97 36.88 -9.61
N TRX D 437 27.84 36.31 -10.00
CA TRX D 437 27.78 34.86 -10.35
C TRX D 437 28.85 34.54 -11.40
O TRX D 437 29.66 33.62 -11.15
CB TRX D 437 26.37 34.49 -10.83
CG TRX D 437 26.28 33.16 -11.53
CD1 TRX D 437 26.44 32.94 -12.86
CD2 TRX D 437 25.97 31.89 -10.93
NE1 TRX D 437 26.27 31.60 -13.13
CE2 TRX D 437 25.99 30.94 -11.96
CE3 TRX D 437 25.70 31.48 -9.63
CZ2 TRX D 437 25.73 29.58 -11.73
CZ3 TRX D 437 25.46 30.14 -9.38
CH2 TRX D 437 25.47 29.21 -10.43
OH2 TRX D 437 25.22 27.88 -10.17
N TYR D 438 28.86 35.27 -12.50
CA TYR D 438 29.82 34.98 -13.60
C TYR D 438 31.25 35.33 -13.16
N MET D 439 31.39 36.40 -12.36
CA MET D 439 32.73 36.75 -11.82
C MET D 439 33.29 35.52 -11.10
N SER D 440 32.48 34.86 -10.26
CA SER D 440 32.97 33.71 -9.53
C SER D 440 33.51 32.64 -10.48
N MET D 441 32.74 32.34 -11.52
CA MET D 441 33.15 31.34 -12.50
C MET D 441 34.52 31.68 -13.07
N TYR D 442 34.71 32.94 -13.47
CA TYR D 442 35.96 33.32 -14.11
C TYR D 442 37.14 33.23 -13.13
N VAL D 443 36.96 33.73 -11.91
CA VAL D 443 37.99 33.59 -10.88
C VAL D 443 38.34 32.12 -10.69
N HIS D 444 37.30 31.30 -10.51
CA HIS D 444 37.49 29.88 -10.24
C HIS D 444 38.32 29.22 -11.34
N LYS D 445 37.96 29.49 -12.60
CA LYS D 445 38.61 28.82 -13.72
C LYS D 445 40.11 29.06 -13.72
N GLU D 446 40.53 30.29 -13.45
CA GLU D 446 41.96 30.58 -13.50
C GLU D 446 42.70 30.03 -12.29
N GLY D 447 42.03 29.90 -11.15
CA GLY D 447 42.70 29.31 -9.99
C GLY D 447 43.14 27.88 -10.23
N TRP D 448 42.23 27.04 -10.70
CA TRP D 448 42.49 25.61 -10.77
C TRP D 448 42.69 25.12 -12.19
N GLY D 449 42.59 25.99 -13.17
CA GLY D 449 42.74 25.53 -14.56
C GLY D 449 41.66 24.54 -14.92
N ARG D 450 40.52 24.65 -14.27
CA ARG D 450 39.37 23.79 -14.56
C ARG D 450 38.13 24.51 -14.03
N LEU D 451 36.96 24.12 -14.53
CA LEU D 451 35.73 24.71 -13.99
C LEU D 451 34.72 23.57 -13.82
N GLY D 452 33.90 23.36 -14.85
CA GLY D 452 32.89 22.32 -14.80
C GLY D 452 33.07 21.25 -15.85
N PHE D 453 31.96 20.59 -16.20
CA PHE D 453 31.95 19.58 -17.26
C PHE D 453 32.17 20.25 -18.63
N PHE D 454 32.31 19.43 -19.65
CA PHE D 454 32.59 19.89 -21.02
C PHE D 454 31.80 21.14 -21.43
CA GL3 D 455 29.65 22.22 -21.60
N GL3 D 455 30.50 21.16 -21.11
C GL3 D 455 29.00 23.08 -20.55
S GL3 D 455 27.74 24.05 -20.90
N TYR D 456 29.78 23.14 -19.36
CA TYR D 456 29.27 23.82 -18.16
C TYR D 456 29.16 25.32 -18.36
N ASP D 457 30.18 25.93 -18.96
CA ASP D 457 30.23 27.39 -19.00
C ASP D 457 29.87 27.95 -20.38
N LEU D 458 28.93 27.31 -21.08
CA LEU D 458 28.28 28.00 -22.21
C LEU D 458 27.65 29.29 -21.72
N GLN D 459 26.77 29.19 -20.74
CA GLN D 459 26.16 30.40 -20.24
C GLN D 459 27.18 31.23 -19.44
N DYA D 460 28.14 30.63 -18.74
CA DYA D 460 29.02 31.48 -18.18
CB DYA D 460 29.44 30.96 -16.99
CG DYA D 460 28.59 29.98 -16.19
OD1 DYA D 460 27.99 30.44 -15.23
OD2 DYA D 460 28.50 28.81 -16.55
C DYA D 460 29.94 32.20 -18.92
O DYA D 460 30.29 33.28 -18.46
N GLN D 461 30.37 31.76 -20.10
CA GLN D 461 31.19 32.66 -20.96
C GLN D 461 30.33 33.69 -21.72
N SMC D 462 29.08 33.33 -22.02
CA SMC D 462 28.13 34.34 -22.54
CB SMC D 462 26.91 33.65 -23.15
SG SMC D 462 27.28 32.70 -24.66
CS SMC D 462 26.04 31.40 -24.56
C SMC D 462 27.68 35.26 -21.40
O SMC D 462 27.01 36.26 -21.67
N GLY D 463 28.05 34.90 -20.17
CA GLY D 463 27.39 35.43 -19.00
C GLY D 463 27.56 36.90 -18.68
N ALA D 464 28.79 37.33 -18.47
CA ALA D 464 29.00 38.69 -18.02
C ALA D 464 28.44 39.69 -19.02
N THR D 465 28.67 39.43 -20.31
CA THR D 465 28.24 40.38 -21.34
C THR D 465 26.72 40.39 -21.51
N ASN D 466 26.03 39.34 -21.13
CA ASN D 466 24.58 39.35 -21.25
C ASN D 466 23.88 39.80 -19.97
N VAL D 467 24.61 40.09 -18.90
CA VAL D 467 23.95 40.60 -17.70
C VAL D 467 23.31 41.94 -17.98
N CYS D 468 24.04 42.83 -18.66
CA CYS D 468 23.64 44.21 -18.86
C CYS D 468 23.38 44.51 -20.32
N SER D 469 23.19 43.48 -21.15
CA SER D 469 22.67 43.68 -22.48
C SER D 469 21.21 44.11 -22.42
N TYR D 470 20.78 44.91 -23.40
CA TYR D 470 19.37 45.20 -23.56
C TYR D 470 18.87 44.77 -24.93
N GLN D 471 19.62 43.92 -25.63
CA GLN D 471 19.18 43.39 -26.91
C GLN D 471 18.10 42.33 -26.71
N GLY D 472 17.30 42.15 -27.77
CA GLY D 472 16.07 41.40 -27.71
C GLY D 472 16.15 40.04 -27.02
N ASP D 473 17.03 39.15 -27.47
CA ASP D 473 17.10 37.81 -26.91
C ASP D 473 18.27 37.62 -25.96
N GLU D 474 18.91 38.70 -25.52
CA GLU D 474 20.00 38.68 -24.54
C GLU D 474 19.64 39.43 -23.27
N GLY D 475 19.00 40.59 -23.44
CA GLY D 475 18.64 41.43 -22.28
C GLY D 475 17.40 40.92 -21.58
N CYS D 476 17.43 40.88 -20.25
CA CYS D 476 16.25 40.45 -19.46
C CYS D 476 16.60 40.59 -17.97
N CYS D 477 15.69 41.11 -17.16
CA CYS D 477 15.95 41.17 -15.70
C CYS D 477 15.96 39.73 -15.18
N LEU D 478 16.75 39.45 -14.14
CA LEU D 478 16.89 38.06 -13.68
C LEU D 478 15.57 37.50 -13.19
N GLU D 479 14.74 38.33 -12.56
CA GLU D 479 13.46 37.82 -12.04
C GLU D 479 12.61 37.19 -13.14
N LEU D 480 12.69 37.72 -14.36
CA LEU D 480 11.88 37.25 -15.48
C LEU D 480 12.64 36.23 -16.33
N ARG D 481 13.96 36.11 -16.15
CA ARG D 481 14.66 35.00 -16.77
C ARG D 481 14.15 33.71 -16.15
N GLY D 482 14.42 32.61 -16.83
CA GLY D 482 14.00 31.32 -16.33
C GLY D 482 14.72 30.24 -17.09
N ALA D 483 14.19 29.02 -17.02
CA ALA D 483 14.86 27.91 -17.69
C ALA D 483 14.72 27.91 -19.21
N ASN D 484 14.06 28.90 -19.81
CA ASN D 484 14.03 29.02 -21.27
C ASN D 484 14.79 30.26 -21.75
N TYR D 485 15.34 31.06 -20.85
CA TYR D 485 16.25 32.10 -21.28
C TYR D 485 17.34 31.43 -22.13
N PRO D 486 17.60 31.91 -23.36
CA PRO D 486 18.36 31.07 -24.32
C PRO D 486 19.65 30.47 -23.78
N ASN D 487 20.52 31.28 -23.16
CA ASN D 487 21.80 30.78 -22.68
C ASN D 487 21.62 29.68 -21.62
N TYR D 488 20.47 29.69 -20.94
CA TYR D 488 20.27 28.83 -19.78
C TYR D 488 19.50 27.55 -20.13
N ALA D 489 19.15 27.35 -21.39
CA ALA D 489 18.15 26.35 -21.75
C ALA D 489 18.65 24.91 -21.67
N MET D 490 19.93 24.66 -21.36
CA MET D 490 20.48 23.32 -21.50
C MET D 490 21.16 22.73 -20.27
N ASN D 491 21.80 23.51 -19.40
CA ASN D 491 22.88 22.93 -18.61
C ASN D 491 22.64 22.94 -17.10
N VAL D 492 23.10 21.87 -16.46
CA VAL D 492 22.97 21.69 -15.02
C VAL D 492 23.79 22.73 -14.29
N GLY D 493 23.53 22.88 -13.00
CA GLY D 493 24.41 23.64 -12.15
C GLY D 493 24.28 25.13 -12.21
N HIS D 494 23.13 25.64 -12.70
CA HIS D 494 22.85 27.08 -12.74
C HIS D 494 21.44 27.50 -12.34
N GLN D 495 20.41 26.83 -12.86
CA GLN D 495 19.06 27.39 -12.83
C GLN D 495 18.55 27.56 -11.42
N GLY D 496 18.68 26.51 -10.59
CA GLY D 496 18.20 26.62 -9.22
C GLY D 496 19.01 27.62 -8.41
N GLU D 497 20.28 27.76 -8.72
CA GLU D 497 21.11 28.78 -8.07
C GLU D 497 20.64 30.18 -8.45
N TYR D 498 20.27 30.38 -9.73
CA TYR D 498 19.74 31.67 -10.15
C TYR D 498 18.48 32.01 -9.36
N ALA D 499 17.55 31.05 -9.26
CA ALA D 499 16.38 31.27 -8.42
C ALA D 499 16.81 31.65 -7.01
N GLY D 500 17.80 30.93 -6.48
CA GLY D 500 18.29 31.23 -5.13
C GLY D 500 18.71 32.67 -4.94
N PHE D 501 19.58 33.17 -5.82
CA PHE D 501 20.02 34.53 -5.50
C PHE D 501 19.09 35.60 -6.04
N THR D 502 18.11 35.26 -6.89
CA THR D 502 16.96 36.13 -7.04
C THR D 502 16.25 36.33 -5.71
N GLY D 503 16.00 35.23 -5.01
CA GLY D 503 15.44 35.34 -3.66
C GLY D 503 16.35 36.14 -2.74
N SER D 504 17.67 35.92 -2.83
CA SER D 504 18.60 36.58 -1.93
C SER D 504 18.52 38.10 -2.04
N ALA D 505 18.31 38.61 -3.25
CA ALA D 505 18.25 40.06 -3.46
C ALA D 505 17.02 40.67 -2.78
N HIS D 506 15.87 40.03 -2.92
CA HIS D 506 14.68 40.53 -2.25
C HIS D 506 14.70 40.24 -0.76
N ALA D 507 15.33 39.16 -0.35
CA ALA D 507 15.50 38.97 1.09
C ALA D 507 16.41 40.05 1.67
N GLY D 508 17.49 40.39 0.95
CA GLY D 508 18.37 41.45 1.42
C GLY D 508 17.72 42.82 1.47
N ALA D 509 16.80 43.08 0.54
CA ALA D 509 16.01 44.30 0.53
C ALA D 509 14.85 44.27 1.52
N HIS D 510 14.61 43.09 2.13
CA HIS D 510 13.49 42.86 3.03
C HIS D 510 12.16 43.18 2.35
N ASP D 511 12.02 42.59 1.17
CA ASP D 511 10.76 42.57 0.46
C ASP D 511 9.98 41.34 0.90
N ALA D 512 8.67 41.35 0.59
CA ALA D 512 7.79 40.23 0.89
C ALA D 512 7.76 39.19 -0.21
N TYR D 513 8.27 39.52 -1.39
CA TYR D 513 8.26 38.62 -2.55
C TYR D 513 9.22 39.20 -3.58
N CYS D 514 9.42 38.47 -4.67
CA CYS D 514 10.36 38.86 -5.70
C CYS D 514 9.72 39.35 -6.97
N CYS D 515 8.55 38.81 -7.33
CA CYS D 515 8.07 38.92 -8.70
C CYS D 515 6.56 38.90 -8.86
N ASN D 516 5.88 38.10 -8.07
CA ASN D 516 4.42 38.11 -8.22
C ASN D 516 3.79 37.84 -6.86
N PRO D 517 3.08 38.80 -6.30
CA PRO D 517 2.45 38.56 -4.99
C PRO D 517 1.38 37.48 -5.02
N LEU D 518 0.79 37.20 -6.18
CA LEU D 518 -0.20 36.13 -6.23
C LEU D 518 0.44 34.77 -6.03
N ILE D 519 1.62 34.57 -6.62
CA ILE D 519 2.36 33.33 -6.44
C ILE D 519 2.71 33.19 -4.96
N LYS D 520 3.16 34.29 -4.35
CA LYS D 520 3.62 34.26 -2.99
C LYS D 520 2.51 33.83 -2.03
N VAL D 521 1.32 34.40 -2.17
CA VAL D 521 0.20 34.05 -1.28
C VAL D 521 -0.27 32.62 -1.57
N CYS D 522 -0.41 32.26 -2.83
CA CYS D 522 -0.87 30.93 -3.20
C CYS D 522 -0.07 29.83 -2.52
N PHE D 523 1.26 29.94 -2.52
CA PHE D 523 2.09 28.84 -2.05
C PHE D 523 2.39 28.91 -0.57
N ALA D 524 1.94 29.96 0.12
CA ALA D 524 2.00 29.99 1.58
C ALA D 524 0.97 29.07 2.22
N ASP D 525 -0.06 28.72 1.50
CA ASP D 525 -1.19 27.97 2.04
C ASP D 525 -0.74 26.65 2.60
N PRO D 526 -0.95 26.39 3.90
CA PRO D 526 -0.48 25.12 4.46
C PRO D 526 -1.28 23.91 4.02
N SER D 527 -2.34 24.07 3.22
CA SER D 527 -3.12 22.94 2.75
C SER D 527 -2.47 22.22 1.57
N LEU D 528 -1.38 22.75 1.02
CA LEU D 528 -0.62 22.02 0.02
C LEU D 528 0.02 20.78 0.68
N VAL D 529 0.33 19.77 -0.14
CA VAL D 529 0.91 18.54 0.41
C VAL D 529 2.33 18.77 0.86
N PHE D 530 3.08 19.48 0.03
CA PHE D 530 4.50 19.76 0.33
C PHE D 530 4.60 21.04 1.14
N ASP D 531 5.51 21.05 2.13
CA ASP D 531 5.71 22.23 2.97
C ASP D 531 6.73 23.16 2.31
N PHE D 532 6.22 24.17 1.59
CA PHE D 532 7.11 25.08 0.87
C PHE D 532 7.89 26.01 1.76
N SER D 533 7.64 26.00 3.08
CA SER D 533 8.39 26.84 3.99
C SER D 533 9.70 26.23 4.50
N TYR D 534 9.95 24.93 4.29
CA TYR D 534 11.22 24.31 4.74
C TYR D 534 11.55 23.16 3.78
N ILE D 535 12.15 23.55 2.65
CA ILE D 535 12.40 22.63 1.55
C ILE D 535 13.29 21.47 1.99
N ARG D 536 14.42 21.79 2.61
CA ARG D 536 15.40 20.74 2.91
C ARG D 536 14.90 19.74 3.96
N LYS D 537 14.07 20.17 4.90
CA LYS D 537 13.44 19.25 5.84
C LYS D 537 12.50 18.28 5.12
N GLU D 538 11.77 18.77 4.11
CA GLU D 538 10.90 17.89 3.32
C GLU D 538 11.73 16.88 2.54
N TYR D 539 12.80 17.33 1.89
CA TYR D 539 13.65 16.39 1.17
C TYR D 539 14.15 15.29 2.09
N ALA D 540 14.51 15.65 3.32
CA ALA D 540 14.96 14.66 4.30
C ALA D 540 13.86 13.62 4.54
N LYS D 541 12.63 14.07 4.70
CA LYS D 541 11.51 13.14 4.88
C LYS D 541 11.40 12.18 3.70
N GLY D 542 11.43 12.72 2.47
CA GLY D 542 11.36 11.85 1.30
C GLY D 542 12.49 10.85 1.24
N ALA D 543 13.69 11.28 1.61
CA ALA D 543 14.84 10.39 1.58
C ALA D 543 14.75 9.29 2.62
N MET D 544 14.07 9.56 3.73
CA MET D 544 13.89 8.63 4.82
C MET D 544 12.59 7.84 4.72
N ARG D 545 11.88 8.00 3.59
CA ARG D 545 10.61 7.27 3.36
C ARG D 545 9.56 7.67 4.42
N THR D 546 9.58 8.93 4.87
CA THR D 546 8.57 9.43 5.80
C THR D 546 7.73 10.57 5.21
N PHE D 547 7.75 10.76 3.90
CA PHE D 547 6.91 11.74 3.23
C PHE D 547 5.77 11.03 2.52
N ARG D 548 4.55 11.43 2.82
CA ARG D 548 3.37 10.85 2.19
C ARG D 548 2.94 11.69 1.00
N PRO D 549 3.09 11.22 -0.24
CA PRO D 549 2.65 12.00 -1.40
C PRO D 549 1.18 11.76 -1.71
N ALA D 550 0.62 12.63 -2.55
CA ALA D 550 -0.70 12.38 -3.12
C ALA D 550 -0.58 11.53 -4.37
N GLY D 551 -1.71 11.02 -4.83
CA GLY D 551 -1.77 10.43 -6.15
C GLY D 551 -1.58 8.92 -6.22
N GLU D 552 -1.40 8.26 -5.09
CA GLU D 552 -1.23 6.81 -5.14
C GLU D 552 -2.58 6.16 -5.46
N ARG D 553 -2.53 4.91 -5.88
CA ARG D 553 -3.70 4.22 -6.42
C ARG D 553 -4.06 2.98 -5.64
N SER D 554 -3.64 2.92 -4.39
CA SER D 554 -3.85 1.72 -3.58
C SER D 554 -5.32 1.42 -3.39
N LEU D 555 -6.19 2.43 -3.49
CA LEU D 555 -7.61 2.18 -3.30
C LEU D 555 -8.23 1.37 -4.43
N VAL D 556 -7.59 1.27 -5.59
CA VAL D 556 -8.25 0.72 -6.77
C VAL D 556 -7.37 -0.32 -7.45
N ILE D 557 -6.41 -0.87 -6.71
CA ILE D 557 -5.55 -1.93 -7.24
C ILE D 557 -5.53 -3.13 -6.31
N PRO D 558 -5.26 -4.32 -6.81
CA PRO D 558 -5.21 -5.50 -5.94
C PRO D 558 -3.87 -5.53 -5.21
N ALA D 559 -3.78 -6.49 -4.29
CA ALA D 559 -2.57 -6.68 -3.51
C ALA D 559 -1.65 -7.65 -4.26
N ALA E 2 32.88 57.49 -40.72
CA ALA E 2 32.30 56.39 -41.50
C ALA E 2 33.35 55.32 -41.72
N ASP E 3 32.89 54.09 -41.89
CA ASP E 3 33.76 52.94 -42.12
C ASP E 3 33.77 52.60 -43.59
N THR E 4 34.94 52.26 -44.11
CA THR E 4 35.06 51.69 -45.44
C THR E 4 35.86 50.40 -45.34
N ILE E 5 35.66 49.52 -46.33
CA ILE E 5 36.39 48.26 -46.43
C ILE E 5 36.76 48.05 -47.88
N ASP E 6 37.82 47.28 -48.09
CA ASP E 6 38.10 46.70 -49.39
C ASP E 6 37.50 45.29 -49.47
N LEU E 7 36.87 44.98 -50.60
CA LEU E 7 36.25 43.69 -50.83
C LEU E 7 37.15 42.81 -51.67
N TYR E 8 37.40 41.59 -51.19
CA TYR E 8 38.23 40.61 -51.89
C TYR E 8 37.43 39.33 -52.12
N ASP E 9 37.79 38.59 -53.18
CA ASP E 9 37.01 37.41 -53.53
C ASP E 9 37.56 36.17 -52.82
N ASP E 10 37.10 34.98 -53.23
CA ASP E 10 37.45 33.76 -52.53
C ASP E 10 38.88 33.31 -52.82
N ARG E 11 39.55 33.95 -53.78
CA ARG E 11 40.93 33.62 -54.10
C ARG E 11 41.88 34.75 -53.72
N GLY E 12 41.43 35.66 -52.86
CA GLY E 12 42.31 36.72 -52.39
C GLY E 12 42.58 37.80 -53.41
N LYS E 13 41.70 37.95 -54.39
CA LYS E 13 41.81 39.00 -55.40
C LYS E 13 40.92 40.17 -55.06
N LYS E 14 41.45 41.39 -55.22
CA LYS E 14 40.68 42.58 -54.89
C LYS E 14 39.52 42.75 -55.87
N LEU E 15 38.33 43.03 -55.32
CA LEU E 15 37.14 43.24 -56.12
C LEU E 15 36.72 44.71 -56.19
N LYS E 16 36.77 45.41 -55.06
CA LYS E 16 36.32 46.79 -54.99
C LYS E 16 37.00 47.43 -53.79
N GLY E 17 37.43 48.69 -53.96
CA GLY E 17 38.17 49.39 -52.94
C GLY E 17 37.32 50.46 -52.27
N ASP E 18 37.63 50.70 -50.98
CA ASP E 18 37.02 51.78 -50.20
C ASP E 18 35.51 51.80 -50.34
N VAL E 19 34.91 50.66 -50.07
CA VAL E 19 33.45 50.49 -50.09
C VAL E 19 32.88 50.96 -48.76
N ASP E 20 31.83 51.78 -48.81
CA ASP E 20 31.12 52.17 -47.60
C ASP E 20 30.56 50.91 -46.93
N LEU E 21 30.73 50.84 -45.61
CA LEU E 21 30.24 49.66 -44.89
C LEU E 21 28.75 49.46 -45.11
N GLN E 22 27.99 50.56 -45.21
CA GLN E 22 26.55 50.45 -45.42
C GLN E 22 26.22 49.74 -46.70
N ALA E 23 27.13 49.73 -47.66
CA ALA E 23 26.85 49.17 -48.97
C ALA E 23 26.78 47.66 -48.95
N VAL E 24 27.26 47.02 -47.90
CA VAL E 24 27.12 45.58 -47.76
C VAL E 24 26.10 45.23 -46.70
N SER E 25 25.24 46.17 -46.35
CA SER E 25 24.21 45.90 -45.35
C SER E 25 23.10 45.00 -45.92
N PRO E 26 22.60 44.04 -45.13
CA PRO E 26 21.41 43.29 -45.56
C PRO E 26 20.23 44.19 -45.95
N LEU E 27 20.19 45.41 -45.45
CA LEU E 27 19.08 46.31 -45.76
C LEU E 27 19.28 47.09 -47.06
N LYS E 28 20.44 47.01 -47.68
CA LYS E 28 20.77 47.89 -48.79
C LYS E 28 21.43 47.19 -49.96
N ASN E 29 22.22 46.16 -49.74
CA ASN E 29 22.90 45.47 -50.83
C ASN E 29 21.92 44.57 -51.58
N SER E 30 21.77 44.82 -52.89
CA SER E 30 20.79 44.10 -53.69
C SER E 30 21.13 42.63 -53.85
N ALA E 31 22.43 42.27 -53.81
CA ALA E 31 22.80 40.87 -53.88
C ALA E 31 22.39 40.12 -52.62
N ILE E 32 22.60 40.73 -51.45
CA ILE E 32 22.17 40.09 -50.20
C ILE E 32 20.66 39.94 -50.20
N LEU E 33 19.94 41.00 -50.57
CA LEU E 33 18.48 40.94 -50.62
C LEU E 33 18.03 39.83 -51.56
N SER E 34 18.76 39.65 -52.67
CA SER E 34 18.47 38.59 -53.61
C SER E 34 18.71 37.21 -53.02
N MET E 35 19.78 37.07 -52.23
CA MET E 35 20.07 35.78 -51.62
C MET E 35 18.94 35.37 -50.70
N VAL E 36 18.47 36.33 -49.89
CA VAL E 36 17.33 36.06 -49.00
C VAL E 36 16.12 35.63 -49.79
N ASN E 37 15.79 36.40 -50.82
CA ASN E 37 14.65 36.04 -51.66
C ASN E 37 14.83 34.64 -52.25
N THR E 38 16.05 34.31 -52.65
CA THR E 38 16.29 33.02 -53.29
C THR E 38 16.06 31.86 -52.33
N VAL E 39 16.57 31.95 -51.10
CA VAL E 39 16.40 30.82 -50.19
C VAL E 39 14.97 30.73 -49.72
N LYS E 40 14.26 31.86 -49.67
CA LYS E 40 12.85 31.84 -49.28
C LYS E 40 11.99 31.14 -50.32
N ARG E 41 12.17 31.48 -51.61
CA ARG E 41 11.22 31.06 -52.63
C ARG E 41 11.63 29.80 -53.40
N THR E 42 12.82 29.28 -53.20
CA THR E 42 13.30 28.13 -53.95
C THR E 42 13.10 26.87 -53.12
N VAL E 43 12.54 25.84 -53.75
CA VAL E 43 12.40 24.54 -53.12
C VAL E 43 12.84 23.48 -54.13
N ALA E 44 13.13 22.30 -53.62
CA ALA E 44 13.41 21.16 -54.45
C ALA E 44 12.31 20.12 -54.27
N VAL E 45 12.03 19.39 -55.34
CA VAL E 45 11.06 18.31 -55.33
C VAL E 45 11.80 17.00 -55.54
N ASN E 46 11.56 16.02 -54.67
CA ASN E 46 12.14 14.69 -54.83
C ASN E 46 11.09 13.84 -55.55
N LEU E 47 11.10 13.91 -56.89
CA LEU E 47 10.15 13.12 -57.66
C LEU E 47 10.42 11.62 -57.52
N ALA E 48 11.70 11.23 -57.41
CA ALA E 48 12.01 9.84 -57.12
C ALA E 48 11.41 9.40 -55.79
N GLY E 49 11.49 10.27 -54.78
CA GLY E 49 10.94 9.91 -53.49
C GLY E 49 9.42 9.80 -53.50
N ILE E 50 8.76 10.67 -54.26
CA ILE E 50 7.31 10.58 -54.41
C ILE E 50 6.93 9.25 -55.06
N GLU E 51 7.63 8.93 -56.16
CA GLU E 51 7.39 7.69 -56.89
C GLU E 51 7.62 6.48 -56.00
N LYS E 52 8.70 6.50 -55.24
CA LYS E 52 8.99 5.38 -54.33
C LYS E 52 7.89 5.26 -53.28
N ALA E 53 7.47 6.38 -52.69
CA ALA E 53 6.47 6.32 -51.64
C ALA E 53 5.14 5.81 -52.16
N CYS E 54 4.75 6.22 -53.37
CA CYS E 54 3.49 5.74 -53.92
C CYS E 54 3.57 4.27 -54.28
N LYS E 55 4.65 3.86 -54.96
CA LYS E 55 4.77 2.47 -55.38
C LYS E 55 4.86 1.52 -54.19
N ASN E 56 5.34 1.99 -53.05
CA ASN E 56 5.58 1.13 -51.91
C ASN E 56 4.68 1.45 -50.73
N ALA E 57 3.75 2.38 -50.90
CA ALA E 57 2.81 2.80 -49.84
C ALA E 57 3.56 3.15 -48.56
N SER E 58 4.68 3.83 -48.71
CA SER E 58 5.50 4.24 -47.57
C SER E 58 5.27 5.71 -47.22
N TYR E 59 4.03 6.17 -47.38
CA TYR E 59 3.67 7.54 -47.07
C TYR E 59 4.07 7.91 -45.64
N GLY E 60 4.78 9.03 -45.50
CA GLY E 60 5.21 9.53 -44.22
C GLY E 60 6.57 9.08 -43.77
N GLY E 61 7.16 8.06 -44.41
CA GLY E 61 8.50 7.61 -44.03
C GLY E 61 8.56 6.90 -42.69
N GLN E 62 9.79 6.80 -42.17
CA GLN E 62 10.07 6.17 -40.86
C GLN E 62 9.53 4.74 -40.77
N SER E 63 9.71 4.02 -41.87
CA SER E 63 9.33 2.62 -42.03
C SER E 63 7.84 2.41 -42.17
N ARG E 64 7.07 3.49 -42.30
CA ARG E 64 5.65 3.31 -42.47
C ARG E 64 5.38 2.54 -43.75
N ASN E 65 4.32 1.75 -43.71
CA ASN E 65 3.82 1.05 -44.87
C ASN E 65 2.33 0.89 -44.64
N ILE E 66 1.51 1.38 -45.57
CA ILE E 66 0.07 1.23 -45.49
C ILE E 66 -0.30 0.17 -46.50
N PRO E 67 -0.44 -1.08 -46.09
CA PRO E 67 -0.65 -2.16 -47.06
C PRO E 67 -1.89 -1.93 -47.89
N GLY E 68 -1.79 -2.25 -49.18
CA GLY E 68 -2.90 -2.15 -50.09
C GLY E 68 -3.13 -0.78 -50.68
N ARG E 69 -2.49 0.25 -50.14
CA ARG E 69 -2.72 1.62 -50.61
C ARG E 69 -1.62 2.12 -51.54
N GLU E 70 -0.85 1.21 -52.14
CA GLU E 70 0.09 1.60 -53.18
C GLU E 70 -0.66 2.26 -54.33
N VAL E 71 -0.04 3.27 -54.93
CA VAL E 71 -0.52 3.91 -56.14
C VAL E 71 0.64 3.87 -57.12
N ASP E 72 0.45 3.20 -58.25
CA ASP E 72 1.56 2.90 -59.16
C ASP E 72 1.68 4.06 -60.13
N ILE E 73 2.55 5.01 -59.83
CA ILE E 73 2.79 6.15 -60.72
C ILE E 73 4.27 6.31 -60.90
N ASP E 74 4.67 6.91 -62.02
CA ASP E 74 6.09 7.03 -62.37
C ASP E 74 6.44 8.46 -62.73
N PRO E 75 6.31 9.40 -61.79
CA PRO E 75 6.57 10.80 -62.12
C PRO E 75 7.99 11.07 -62.61
N THR E 76 8.98 10.26 -62.23
CA THR E 76 10.34 10.51 -62.72
C THR E 76 10.43 10.33 -64.22
N ALA E 77 9.58 9.46 -64.79
CA ALA E 77 9.53 9.25 -66.22
C ALA E 77 8.72 10.31 -66.96
N LYS E 78 7.99 11.14 -66.23
CA LYS E 78 7.14 12.17 -66.80
C LYS E 78 7.53 13.53 -66.24
N ALA E 79 8.82 13.66 -65.88
CA ALA E 79 9.27 14.83 -65.13
C ALA E 79 9.08 16.13 -65.92
N ASP E 80 9.39 16.12 -67.22
CA ASP E 80 9.30 17.36 -67.99
C ASP E 80 7.86 17.85 -68.10
N LYS E 81 6.94 16.91 -68.30
CA LYS E 81 5.49 17.25 -68.41
C LYS E 81 4.98 17.74 -67.05
N ILE E 82 5.38 17.07 -65.98
CA ILE E 82 4.99 17.51 -64.64
C ILE E 82 5.60 18.86 -64.35
N ALA E 83 6.88 19.04 -64.71
CA ALA E 83 7.53 20.33 -64.49
C ALA E 83 6.78 21.44 -65.19
N ALA E 84 6.37 21.21 -66.44
CA ALA E 84 5.69 22.24 -67.21
C ALA E 84 4.34 22.58 -66.60
N ARG E 85 3.62 21.57 -66.09
N ARG E 85 3.64 21.57 -66.08
CA ARG E 85 2.34 21.83 -65.43
CA ARG E 85 2.35 21.81 -65.43
C ARG E 85 2.54 22.59 -64.13
C ARG E 85 2.54 22.58 -64.13
N VAL E 86 3.53 22.20 -63.33
CA VAL E 86 3.81 22.93 -62.09
C VAL E 86 4.08 24.40 -62.39
N LYS E 87 4.92 24.68 -63.39
CA LYS E 87 5.21 26.07 -63.73
C LYS E 87 3.96 26.82 -64.13
N GLU E 88 3.14 26.21 -64.98
CA GLU E 88 1.89 26.84 -65.40
C GLU E 88 1.01 27.14 -64.18
N LEU E 89 1.00 26.23 -63.20
CA LEU E 89 0.13 26.41 -62.05
C LEU E 89 0.60 27.46 -61.06
N ILE E 90 1.91 27.70 -60.94
CA ILE E 90 2.41 28.64 -59.94
C ILE E 90 2.86 29.98 -60.52
N GLN E 91 3.21 30.03 -61.81
CA GLN E 91 3.61 31.29 -62.41
C GLN E 91 2.47 32.31 -62.36
N VAL E 92 2.78 33.53 -61.93
CA VAL E 92 1.73 34.56 -61.84
C VAL E 92 1.60 35.33 -63.15
N GLU E 93 2.73 35.74 -63.72
CA GLU E 93 2.75 36.49 -64.96
C GLU E 93 3.84 35.89 -65.83
N LYS E 94 3.54 35.75 -67.12
CA LYS E 94 4.56 35.33 -68.06
C LYS E 94 5.72 36.32 -67.95
N GLY E 95 6.93 35.79 -67.86
CA GLY E 95 8.07 36.66 -67.70
C GLY E 95 8.41 37.04 -66.27
N ASP E 96 7.67 36.56 -65.28
CA ASP E 96 8.08 36.73 -63.90
C ASP E 96 9.22 35.76 -63.64
N ASP E 97 9.67 35.69 -62.40
CA ASP E 97 10.86 34.93 -62.06
C ASP E 97 10.57 33.50 -61.62
N THR E 98 9.39 32.98 -61.97
CA THR E 98 9.12 31.55 -61.80
C THR E 98 10.10 30.71 -62.60
N GLU E 99 10.65 29.69 -61.97
CA GLU E 99 11.48 28.73 -62.70
C GLU E 99 11.17 27.33 -62.18
N VAL E 100 10.98 26.39 -63.09
CA VAL E 100 10.86 24.97 -62.75
C VAL E 100 11.81 24.20 -63.68
N THR E 101 12.80 23.52 -63.10
CA THR E 101 13.81 22.83 -63.89
C THR E 101 13.92 21.36 -63.47
N VAL E 102 13.97 20.47 -64.45
CA VAL E 102 14.20 19.05 -64.18
C VAL E 102 15.69 18.81 -63.91
N LEU E 103 15.98 18.03 -62.88
CA LEU E 103 17.35 17.71 -62.51
C LEU E 103 17.50 16.21 -62.36
N GLY E 104 18.74 15.75 -62.44
CA GLY E 104 19.05 14.36 -62.18
C GLY E 104 18.35 13.41 -63.13
N GLY E 105 18.15 13.82 -64.37
CA GLY E 105 17.47 12.98 -65.33
C GLY E 105 16.01 12.73 -65.03
N GLY E 106 15.39 13.53 -64.17
CA GLY E 106 13.99 13.35 -63.83
C GLY E 106 13.77 12.99 -62.38
N LYS E 107 14.82 12.80 -61.59
CA LYS E 107 14.62 12.40 -60.21
C LYS E 107 14.17 13.58 -59.35
N PHE E 108 14.51 14.80 -59.75
CA PHE E 108 14.23 15.97 -58.93
C PHE E 108 13.78 17.14 -59.80
N LEU E 109 13.09 18.08 -59.14
CA LEU E 109 12.67 19.32 -59.82
C LEU E 109 13.20 20.50 -58.98
N ARG E 110 13.77 21.51 -59.64
CA ARG E 110 14.17 22.74 -58.90
C ARG E 110 13.04 23.74 -59.16
N VAL E 111 12.42 24.26 -58.09
CA VAL E 111 11.28 25.14 -58.29
C VAL E 111 11.60 26.47 -57.63
N ALA E 112 11.72 27.52 -58.41
CA ALA E 112 11.89 28.86 -57.90
C ALA E 112 10.51 29.50 -58.02
N ALA E 113 9.78 29.53 -56.90
CA ALA E 113 8.46 30.10 -56.93
C ALA E 113 8.55 31.60 -57.20
N PRO E 114 7.53 32.18 -57.82
CA PRO E 114 7.55 33.63 -58.10
C PRO E 114 7.61 34.45 -56.83
N THR E 115 8.49 35.45 -56.84
CA THR E 115 8.63 36.37 -55.72
C THR E 115 7.29 36.97 -55.32
N ARG E 116 6.41 37.21 -56.28
CA ARG E 116 5.11 37.82 -55.96
C ARG E 116 4.34 36.95 -54.97
N ARG E 117 4.54 35.64 -54.98
CA ARG E 117 3.80 34.81 -54.03
C ARG E 117 4.34 34.99 -52.61
N ILE E 118 5.64 35.25 -52.46
CA ILE E 118 6.19 35.64 -51.17
C ILE E 118 5.67 37.01 -50.75
N GLU E 119 5.69 37.98 -51.67
CA GLU E 119 5.23 39.33 -51.32
C GLU E 119 3.79 39.32 -50.85
N ALA E 120 2.94 38.48 -51.45
CA ALA E 120 1.52 38.50 -51.10
C ALA E 120 1.25 37.82 -49.78
N GLY E 121 2.25 37.15 -49.21
CA GLY E 121 2.10 36.47 -47.95
C GLY E 121 2.74 37.24 -46.81
N ALA E 122 2.80 36.58 -45.65
CA ALA E 122 3.46 37.18 -44.49
C ALA E 122 4.77 36.50 -44.14
N GLU E 123 4.96 35.25 -44.53
CA GLU E 123 6.18 34.51 -44.25
C GLU E 123 6.85 34.12 -45.56
N TYR E 124 7.48 32.94 -45.58
CA TYR E 124 8.26 32.46 -46.70
C TYR E 124 7.75 31.13 -47.24
N VAL E 125 6.67 30.60 -46.68
CA VAL E 125 6.28 29.22 -46.96
C VAL E 125 5.54 29.06 -48.28
N ALA E 126 5.20 30.16 -48.96
CA ALA E 126 4.46 30.04 -50.21
C ALA E 126 5.20 29.20 -51.25
N GLY E 127 6.53 29.26 -51.27
CA GLY E 127 7.26 28.39 -52.19
C GLY E 127 6.99 26.93 -51.91
N MET E 128 7.07 26.55 -50.63
CA MET E 128 6.83 25.15 -50.24
C MET E 128 5.36 24.76 -50.49
N THR E 129 4.41 25.64 -50.16
CA THR E 129 3.01 25.22 -50.25
C THR E 129 2.50 25.24 -51.68
N CYS E 130 2.80 26.31 -52.45
N CYS E 130 2.82 26.27 -52.44
CA CYS E 130 2.33 26.35 -53.83
CA CYS E 130 2.32 26.31 -53.80
C CYS E 130 2.96 25.21 -54.65
C CYS E 130 2.98 25.25 -54.67
N THR E 131 4.22 24.88 -54.36
CA THR E 131 4.85 23.78 -55.10
C THR E 131 4.20 22.44 -54.73
N ALA E 132 4.00 22.19 -53.44
CA ALA E 132 3.35 20.95 -53.03
C ALA E 132 1.95 20.85 -53.63
N ALA E 133 1.20 21.95 -53.64
CA ALA E 133 -0.15 21.91 -54.22
C ALA E 133 -0.09 21.69 -55.73
N ALA E 134 0.78 22.45 -56.42
CA ALA E 134 0.87 22.31 -57.87
C ALA E 134 1.30 20.90 -58.26
N LEU E 135 2.23 20.32 -57.51
CA LEU E 135 2.67 18.96 -57.76
C LEU E 135 1.54 17.95 -57.53
N THR E 136 0.78 18.12 -56.44
CA THR E 136 -0.32 17.19 -56.18
C THR E 136 -1.34 17.21 -57.31
N GLU E 137 -1.67 18.41 -57.80
CA GLU E 137 -2.61 18.52 -58.91
C GLU E 137 -2.03 17.94 -60.20
N ALA E 138 -0.75 18.20 -60.46
CA ALA E 138 -0.12 17.65 -61.66
C ALA E 138 -0.15 16.13 -61.66
N LEU E 139 0.13 15.51 -60.50
CA LEU E 139 0.08 14.05 -60.43
C LEU E 139 -1.35 13.55 -60.58
N ARG E 140 -2.32 14.21 -59.92
CA ARG E 140 -3.71 13.79 -60.05
C ARG E 140 -4.14 13.81 -61.51
N GLU E 141 -3.80 14.87 -62.21
CA GLU E 141 -4.23 15.02 -63.60
C GLU E 141 -3.50 14.03 -64.49
N GLU E 142 -2.17 13.93 -64.33
CA GLU E 142 -1.38 13.07 -65.21
C GLU E 142 -1.80 11.62 -65.10
N TYR E 143 -2.14 11.15 -63.90
CA TYR E 143 -2.41 9.74 -63.65
C TYR E 143 -3.89 9.45 -63.42
N ASN E 144 -4.76 10.41 -63.68
CA ASN E 144 -6.20 10.25 -63.58
C ASN E 144 -6.59 9.68 -62.22
N LEU E 145 -6.05 10.28 -61.17
CA LEU E 145 -6.32 9.85 -59.81
C LEU E 145 -7.70 10.29 -59.40
N GLY E 146 -8.30 9.50 -58.53
CA GLY E 146 -9.68 9.73 -58.19
C GLY E 146 -9.90 10.04 -56.73
N LEU E 147 -11.14 9.85 -56.29
CA LEU E 147 -11.56 10.32 -54.98
C LEU E 147 -10.73 9.72 -53.85
N TYR E 148 -10.46 8.41 -53.91
CA TYR E 148 -9.94 7.71 -52.74
C TYR E 148 -8.45 7.39 -52.82
N ASP E 149 -7.80 7.52 -54.00
CA ASP E 149 -6.36 7.36 -54.05
C ASP E 149 -5.60 8.69 -54.05
N THR E 150 -6.19 9.78 -54.53
CA THR E 150 -5.45 11.05 -54.51
C THR E 150 -5.02 11.43 -53.10
N PRO E 151 -5.80 11.20 -52.04
CA PRO E 151 -5.32 11.57 -50.69
C PRO E 151 -4.00 10.90 -50.33
N TYR E 152 -3.81 9.66 -50.75
CA TYR E 152 -2.56 8.97 -50.46
C TYR E 152 -1.39 9.60 -51.22
N VAL E 153 -1.59 9.92 -52.49
CA VAL E 153 -0.54 10.59 -53.26
C VAL E 153 -0.26 11.96 -52.66
N LYS E 154 -1.30 12.63 -52.16
CA LYS E 154 -1.12 13.91 -51.50
C LYS E 154 -0.15 13.78 -50.34
N ASN E 155 -0.28 12.70 -49.56
CA ASN E 155 0.66 12.50 -48.47
C ASN E 155 2.06 12.15 -48.95
N ALA E 156 2.18 11.48 -50.11
CA ALA E 156 3.51 11.29 -50.69
C ALA E 156 4.21 12.62 -50.94
N VAL E 157 3.46 13.65 -51.28
CA VAL E 157 4.04 14.97 -51.53
C VAL E 157 4.23 15.75 -50.24
N TRP E 158 3.16 15.86 -49.45
CA TRP E 158 3.13 16.71 -48.28
C TRP E 158 3.56 15.99 -47.00
N GLY E 159 3.88 14.70 -47.07
CA GLY E 159 4.19 14.01 -45.84
C GLY E 159 2.95 13.89 -44.96
N THR E 160 3.17 13.91 -43.63
CA THR E 160 2.10 13.73 -42.66
C THR E 160 1.37 15.04 -42.33
N TYR E 161 1.66 16.10 -43.06
CA TYR E 161 0.88 17.32 -42.96
C TYR E 161 -0.55 17.05 -43.41
N PRO E 162 -1.59 17.46 -42.63
CA PRO E 162 -1.57 18.36 -41.46
C PRO E 162 -1.68 17.71 -40.08
N GLN E 163 -1.54 16.40 -39.93
CA GLN E 163 -1.46 15.84 -38.58
C GLN E 163 -0.24 16.41 -37.85
N THR E 164 0.85 16.63 -38.57
CA THR E 164 2.00 17.39 -38.12
C THR E 164 1.99 18.80 -38.71
N MET E 165 2.74 19.69 -38.08
CA MET E 165 2.84 21.05 -38.62
C MET E 165 3.79 21.14 -39.79
N ASP E 166 4.73 20.20 -39.91
CA ASP E 166 5.67 20.18 -41.03
C ASP E 166 5.29 19.06 -41.99
N MET E 167 5.87 19.12 -43.20
CA MET E 167 5.65 18.06 -44.17
C MET E 167 6.60 16.89 -43.90
N LYS E 168 6.46 16.35 -42.70
CA LYS E 168 7.37 15.31 -42.24
C LYS E 168 7.22 14.09 -43.15
N GLY E 169 8.34 13.64 -43.71
CA GLY E 169 8.29 12.52 -44.60
C GLY E 169 7.85 12.87 -46.00
N GLY E 170 7.73 14.15 -46.29
CA GLY E 170 7.29 14.61 -47.60
C GLY E 170 8.48 14.76 -48.51
N ASN E 171 8.20 15.30 -49.69
CA ASN E 171 9.18 15.33 -50.77
C ASN E 171 9.29 16.70 -51.40
N VAL E 172 8.92 17.74 -50.67
CA VAL E 172 9.18 19.13 -51.05
C VAL E 172 10.13 19.67 -49.99
N LEU E 173 11.30 20.13 -50.44
CA LEU E 173 12.39 20.46 -49.53
C LEU E 173 12.83 21.90 -49.70
N SER E 174 13.23 22.50 -48.60
CA SER E 174 13.71 23.87 -48.50
C SER E 174 14.97 23.86 -47.66
N VAL E 175 15.83 24.87 -47.84
CA VAL E 175 16.93 25.02 -46.88
C VAL E 175 16.46 25.67 -45.59
N LEU E 176 15.27 26.26 -45.59
CA LEU E 176 14.63 26.78 -44.38
C LEU E 176 13.73 25.70 -43.77
N SER E 177 13.38 25.90 -42.50
CA SER E 177 12.44 25.05 -41.77
C SER E 177 11.07 25.73 -41.72
N ILE E 178 10.14 25.17 -40.95
CA ILE E 178 8.82 25.80 -40.81
C ILE E 178 8.93 26.90 -39.76
N PRO E 179 8.07 27.91 -39.80
CA PRO E 179 8.22 29.02 -38.86
C PRO E 179 8.04 28.61 -37.42
N GLN E 180 7.22 27.58 -37.15
CA GLN E 180 6.96 27.20 -35.76
C GLN E 180 8.19 26.62 -35.09
N ASN E 181 9.24 26.30 -35.86
CA ASN E 181 10.48 25.85 -35.23
C ASN E 181 11.38 27.00 -34.81
N ASP E 182 11.05 28.25 -35.17
CA ASP E 182 11.81 29.40 -34.70
C ASP E 182 11.92 29.35 -33.19
N GLU E 183 13.14 29.53 -32.66
CA GLU E 183 13.30 29.59 -31.19
C GLU E 183 12.78 30.93 -30.66
N GLY E 184 12.80 31.97 -31.49
CA GLY E 184 12.39 33.28 -31.05
C GLY E 184 12.02 34.15 -32.23
N LEU E 185 11.98 35.45 -31.98
CA LEU E 185 11.51 36.40 -32.97
C LEU E 185 12.61 36.67 -33.98
N GLY E 186 12.34 36.40 -35.26
CA GLY E 186 13.30 36.71 -36.30
C GLY E 186 14.28 35.61 -36.62
N PHE E 187 13.99 34.37 -36.22
CA PHE E 187 14.97 33.30 -36.33
C PHE E 187 14.83 32.46 -37.59
N ALA E 188 13.93 32.78 -38.52
CA ALA E 188 13.73 31.89 -39.66
C ALA E 188 15.00 31.76 -40.50
N LEU E 189 15.69 32.88 -40.77
CA LEU E 189 16.92 32.81 -41.56
C LEU E 189 18.10 32.25 -40.77
N ARG E 190 17.96 32.14 -39.44
CA ARG E 190 18.97 31.46 -38.63
C ARG E 190 18.84 29.94 -38.68
N ASN E 191 17.72 29.42 -39.17
CA ASN E 191 17.44 27.98 -39.10
C ASN E 191 17.82 27.29 -40.40
N ILE E 192 19.12 27.31 -40.70
CA ILE E 192 19.65 26.70 -41.91
C ILE E 192 20.77 25.74 -41.50
N MET E 193 20.50 24.44 -41.61
CA MET E 193 21.43 23.41 -41.23
C MET E 193 22.79 23.63 -41.89
N ALA E 194 23.86 23.46 -41.09
CA ALA E 194 25.22 23.70 -41.59
C ALA E 194 25.53 22.82 -42.79
N ASN E 195 25.04 21.57 -42.82
CA ASN E 195 25.21 20.73 -44.01
C ASN E 195 24.60 21.39 -45.25
N HIS E 196 23.47 22.11 -45.10
CA HIS E 196 22.87 22.81 -46.22
C HIS E 196 23.80 23.91 -46.71
N LEU E 197 24.35 24.67 -45.76
CA LEU E 197 25.22 25.81 -46.11
C LEU E 197 26.45 25.30 -46.89
N ALA E 198 27.01 24.16 -46.45
CA ALA E 198 28.17 23.63 -47.15
C ALA E 198 27.83 23.22 -48.57
N MET E 199 26.60 22.75 -48.80
CA MET E 199 26.23 22.39 -50.15
C MET E 199 25.93 23.62 -50.99
N LEU E 200 25.27 24.62 -50.42
CA LEU E 200 25.04 25.86 -51.16
C LEU E 200 26.34 26.42 -51.70
N SER E 201 27.41 26.31 -50.92
CA SER E 201 28.73 26.80 -51.31
C SER E 201 29.51 25.82 -52.17
N GLN E 202 28.96 24.65 -52.47
CA GLN E 202 29.69 23.60 -53.20
C GLN E 202 31.03 23.31 -52.55
N ARG E 203 31.06 23.38 -51.22
CA ARG E 203 32.23 23.08 -50.41
C ARG E 203 33.42 23.99 -50.71
N ASN E 204 33.17 25.17 -51.27
CA ASN E 204 34.16 26.23 -51.34
C ASN E 204 34.08 26.99 -50.03
N ALA E 205 35.12 26.88 -49.22
CA ALA E 205 35.04 27.32 -47.83
C ALA E 205 34.93 28.83 -47.72
N MET E 206 35.61 29.58 -48.60
CA MET E 206 35.47 31.02 -48.50
C MET E 206 34.06 31.44 -48.87
N ASN E 207 33.48 30.81 -49.88
CA ASN E 207 32.12 31.10 -50.25
C ASN E 207 31.15 30.65 -49.16
N CYS E 208 31.48 29.54 -48.48
CA CYS E 208 30.66 29.07 -47.37
C CYS E 208 30.62 30.10 -46.25
N ALA E 209 31.78 30.68 -45.92
CA ALA E 209 31.81 31.71 -44.89
C ALA E 209 30.90 32.86 -45.26
N ALA E 210 30.95 33.28 -46.52
CA ALA E 210 30.13 34.42 -46.95
C ALA E 210 28.64 34.07 -46.93
N ILE E 211 28.27 32.95 -47.54
CA ILE E 211 26.87 32.61 -47.60
C ILE E 211 26.30 32.51 -46.19
N SER E 212 27.01 31.80 -45.31
CA SER E 212 26.50 31.59 -43.97
C SER E 212 26.49 32.89 -43.18
N SER E 213 27.56 33.68 -43.27
CA SER E 213 27.60 34.93 -42.52
C SER E 213 26.50 35.88 -42.98
N ILE E 214 26.31 35.99 -44.30
CA ILE E 214 25.25 36.85 -44.81
C ILE E 214 23.91 36.47 -44.22
N LEU E 215 23.55 35.18 -44.31
CA LEU E 215 22.23 34.76 -43.85
C LEU E 215 22.09 34.89 -42.33
N GLU E 216 23.16 34.60 -41.58
CA GLU E 216 23.12 34.80 -40.13
C GLU E 216 22.83 36.26 -39.80
N HIS E 217 23.56 37.18 -40.44
CA HIS E 217 23.36 38.59 -40.12
C HIS E 217 22.03 39.10 -40.64
N CYS E 218 21.53 38.57 -41.75
CA CYS E 218 20.16 38.88 -42.12
C CYS E 218 19.20 38.49 -41.01
N GLY E 219 19.42 37.34 -40.39
CA GLY E 219 18.60 36.95 -39.25
C GLY E 219 18.74 37.92 -38.10
N VAL E 220 19.97 38.31 -37.78
CA VAL E 220 20.19 39.21 -36.66
C VAL E 220 19.48 40.53 -36.88
N PHE E 221 19.53 41.06 -38.11
CA PHE E 221 18.78 42.28 -38.43
C PHE E 221 17.29 42.08 -38.19
N GLU E 222 16.74 40.94 -38.62
CA GLU E 222 15.31 40.70 -38.43
C GLU E 222 14.95 40.52 -36.95
N MET E 223 15.91 40.10 -36.14
CA MET E 223 15.70 39.97 -34.67
C MET E 223 15.70 41.36 -34.01
N GLY E 224 16.04 42.41 -34.75
CA GLY E 224 16.12 43.72 -34.14
C GLY E 224 17.37 43.97 -33.36
N GLN E 225 18.43 43.21 -33.58
CA GLN E 225 19.66 43.31 -32.80
C GLN E 225 20.80 43.90 -33.61
N ALA E 226 20.46 44.69 -34.62
CA ALA E 226 21.42 45.50 -35.37
C ALA E 226 20.92 46.93 -35.50
N ILE E 227 20.49 47.52 -34.40
CA ILE E 227 19.91 48.86 -34.39
C ILE E 227 20.91 49.82 -33.76
N GLY E 228 21.00 51.02 -34.32
CA GLY E 228 21.89 52.04 -33.76
C GLY E 228 23.34 51.60 -33.80
N LEU E 229 24.01 51.75 -32.66
CA LEU E 229 25.40 51.33 -32.56
C LEU E 229 25.57 49.86 -32.92
N PHE E 230 24.55 49.04 -32.65
CA PHE E 230 24.63 47.61 -32.90
C PHE E 230 24.60 47.31 -34.39
N GLU E 231 24.12 48.24 -35.22
CA GLU E 231 24.26 48.07 -36.66
C GLU E 231 25.73 48.04 -37.08
N ARG E 232 26.51 49.02 -36.62
CA ARG E 232 27.94 49.02 -36.94
C ARG E 232 28.63 47.77 -36.41
N TYR E 233 28.31 47.38 -35.17
CA TYR E 233 28.85 46.16 -34.57
C TYR E 233 28.63 44.97 -35.48
N GLN E 234 27.38 44.76 -35.92
CA GLN E 234 27.06 43.59 -36.71
C GLN E 234 27.64 43.69 -38.12
N LEU E 235 27.55 44.86 -38.74
CA LEU E 235 28.05 44.99 -40.11
C LEU E 235 29.57 44.79 -40.18
N LEU E 236 30.33 45.30 -39.21
CA LEU E 236 31.77 45.06 -39.24
C LEU E 236 32.07 43.58 -39.09
N ALA E 237 31.29 42.87 -38.28
CA ALA E 237 31.51 41.43 -38.13
C ALA E 237 31.20 40.69 -39.43
N LEU E 238 30.08 41.06 -40.08
CA LEU E 238 29.76 40.50 -41.39
C LEU E 238 30.89 40.74 -42.39
N ALA E 239 31.33 41.99 -42.49
CA ALA E 239 32.33 42.34 -43.48
C ALA E 239 33.63 41.58 -43.25
N TYR E 240 34.13 41.59 -42.02
CA TYR E 240 35.44 41.02 -41.74
C TYR E 240 35.40 39.50 -41.60
N GLN E 241 34.32 38.95 -41.05
CA GLN E 241 34.31 37.50 -40.88
C GLN E 241 33.75 36.81 -42.10
N GLY E 242 32.75 37.41 -42.72
CA GLY E 242 32.02 36.78 -43.81
C GLY E 242 32.42 37.21 -45.20
N LEU E 243 32.79 38.48 -45.37
CA LEU E 243 33.02 39.03 -46.69
C LEU E 243 34.51 39.29 -46.96
N ASN E 244 35.38 38.65 -46.20
CA ASN E 244 36.81 38.71 -46.46
C ASN E 244 37.28 40.16 -46.60
N ALA E 245 36.74 41.03 -45.75
CA ALA E 245 37.09 42.44 -45.83
C ALA E 245 38.59 42.64 -45.67
N ASN E 246 39.15 43.47 -46.54
CA ASN E 246 40.58 43.79 -46.59
C ASN E 246 41.43 42.53 -46.75
N ASN E 247 40.83 41.45 -47.25
CA ASN E 247 41.50 40.17 -47.46
C ASN E 247 41.98 39.51 -46.18
N MET E 248 41.46 39.90 -45.02
CA MET E 248 42.12 39.49 -43.79
C MET E 248 41.88 38.01 -43.48
N VAL E 249 40.65 37.51 -43.68
CA VAL E 249 40.42 36.08 -43.46
C VAL E 249 41.27 35.27 -44.44
N TYR E 250 41.32 35.67 -45.71
CA TYR E 250 42.06 34.89 -46.69
C TYR E 250 43.56 34.91 -46.39
N GLU E 251 44.10 36.09 -46.10
CA GLU E 251 45.53 36.23 -45.86
C GLU E 251 45.98 35.55 -44.59
N MET E 252 45.21 35.70 -43.52
CA MET E 252 45.55 35.07 -42.23
C MET E 252 45.51 33.53 -42.41
N THR E 253 44.55 33.03 -43.16
CA THR E 253 44.51 31.59 -43.37
C THR E 253 45.73 31.13 -44.16
N LYS E 254 46.02 31.81 -45.26
CA LYS E 254 47.22 31.48 -46.02
C LYS E 254 48.47 31.59 -45.17
N ASN E 255 48.58 32.67 -44.37
CA ASN E 255 49.75 32.87 -43.55
C ASN E 255 49.95 31.74 -42.55
N ASN E 256 48.87 31.08 -42.15
CA ASN E 256 48.98 30.04 -41.13
C ASN E 256 48.70 28.65 -41.67
N GLY E 257 48.53 28.52 -42.99
CA GLY E 257 48.05 27.27 -43.57
C GLY E 257 49.06 26.14 -43.62
N LYS E 258 50.35 26.45 -43.61
CA LYS E 258 51.33 25.38 -43.76
C LYS E 258 51.72 24.77 -42.42
N THR E 259 52.01 25.61 -41.42
CA THR E 259 52.51 25.16 -40.14
C THR E 259 51.74 25.74 -38.96
N GLY E 260 50.72 26.55 -39.20
CA GLY E 260 50.08 27.31 -38.15
C GLY E 260 49.07 26.50 -37.37
N THR E 261 48.57 27.13 -36.32
CA THR E 261 47.70 26.48 -35.35
C THR E 261 46.67 27.50 -34.87
N ILE E 262 45.77 27.06 -34.00
CA ILE E 262 44.89 28.02 -33.34
C ILE E 262 45.73 29.15 -32.74
N GLY E 263 46.82 28.78 -32.07
CA GLY E 263 47.57 29.77 -31.32
C GLY E 263 48.31 30.76 -32.19
N THR E 264 48.86 30.31 -33.32
CA THR E 264 49.54 31.25 -34.19
C THR E 264 48.55 32.21 -34.85
N VAL E 265 47.30 31.77 -35.06
CA VAL E 265 46.31 32.69 -35.60
C VAL E 265 45.92 33.72 -34.54
N VAL E 266 45.83 33.30 -33.29
CA VAL E 266 45.65 34.28 -32.21
C VAL E 266 46.73 35.34 -32.28
N GLN E 267 47.99 34.91 -32.36
CA GLN E 267 49.08 35.88 -32.36
C GLN E 267 49.01 36.83 -33.54
N GLU E 268 48.69 36.31 -34.73
CA GLU E 268 48.59 37.19 -35.88
C GLU E 268 47.46 38.19 -35.73
N THR E 269 46.33 37.75 -35.15
CA THR E 269 45.21 38.66 -34.96
C THR E 269 45.60 39.82 -34.06
N VAL E 270 46.22 39.54 -32.93
CA VAL E 270 46.63 40.61 -32.03
C VAL E 270 47.63 41.54 -32.72
N GLY E 271 48.61 40.96 -33.43
CA GLY E 271 49.60 41.80 -34.12
C GLY E 271 48.98 42.74 -35.14
N ARG E 272 48.01 42.23 -35.91
CA ARG E 272 47.30 43.08 -36.86
C ARG E 272 46.51 44.18 -36.16
N ALA E 273 45.82 43.83 -35.07
CA ALA E 273 45.04 44.84 -34.36
C ALA E 273 45.95 45.94 -33.83
N LEU E 274 47.12 45.54 -33.33
CA LEU E 274 48.05 46.52 -32.77
C LEU E 274 48.68 47.36 -33.87
N ASP E 275 49.13 46.71 -34.95
CA ASP E 275 49.74 47.42 -36.07
C ASP E 275 48.73 48.35 -36.74
N ASP E 276 47.45 47.97 -36.79
CA ASP E 276 46.44 48.77 -37.44
C ASP E 276 45.83 49.83 -36.54
N GLY E 277 46.25 49.91 -35.28
CA GLY E 277 45.74 50.90 -34.34
C GLY E 277 44.37 50.58 -33.76
N VAL E 278 43.89 49.36 -33.95
CA VAL E 278 42.63 48.95 -33.34
C VAL E 278 42.77 48.82 -31.83
N ILE E 279 43.93 48.34 -31.38
CA ILE E 279 44.23 48.21 -29.96
C ILE E 279 45.60 48.84 -29.72
N SER E 280 45.84 49.20 -28.46
CA SER E 280 47.12 49.70 -28.00
C SER E 280 47.41 49.15 -26.61
N VAL E 281 48.67 49.29 -26.20
CA VAL E 281 49.05 48.97 -24.83
C VAL E 281 48.40 49.98 -23.90
N ASP E 282 47.75 49.48 -22.85
CA ASP E 282 47.05 50.31 -21.88
C ASP E 282 47.93 50.55 -20.66
N LYS E 283 48.27 49.46 -19.95
CA LYS E 283 49.12 49.49 -18.76
C LYS E 283 49.97 48.24 -18.77
N THR E 284 51.09 48.28 -18.04
CA THR E 284 51.99 47.14 -17.93
C THR E 284 52.03 46.73 -16.47
N MET E 285 51.90 45.43 -16.24
CA MET E 285 51.94 44.89 -14.89
C MET E 285 53.40 44.68 -14.46
N PRO E 286 53.64 44.55 -13.16
CA PRO E 286 55.03 44.42 -12.67
C PRO E 286 55.81 43.30 -13.32
N SER E 287 55.14 42.20 -13.69
CA SER E 287 55.82 41.11 -14.36
C SER E 287 56.25 41.45 -15.78
N GLY E 288 55.77 42.56 -16.34
CA GLY E 288 55.97 42.85 -17.74
C GLY E 288 54.78 42.52 -18.63
N TYR E 289 53.74 41.89 -18.07
CA TYR E 289 52.54 41.59 -18.84
C TYR E 289 51.84 42.87 -19.24
N LYS E 290 51.46 42.94 -20.51
CA LYS E 290 50.87 44.14 -21.08
C LYS E 290 49.36 43.97 -21.17
N VAL E 291 48.62 44.87 -20.52
CA VAL E 291 47.18 44.98 -20.67
C VAL E 291 46.92 45.90 -21.84
N TYR E 292 46.16 45.43 -22.81
CA TYR E 292 45.78 46.25 -23.95
C TYR E 292 44.43 46.95 -23.71
N LYS E 293 44.18 47.96 -24.54
CA LYS E 293 42.90 48.62 -24.62
C LYS E 293 42.46 48.66 -26.07
N ALA E 294 41.16 48.62 -26.25
CA ALA E 294 40.56 48.74 -27.57
C ALA E 294 40.35 50.22 -27.87
N ASN E 295 40.96 50.70 -28.94
CA ASN E 295 40.68 52.06 -29.37
C ASN E 295 39.39 52.13 -30.16
N ASP E 296 39.00 51.03 -30.80
CA ASP E 296 37.75 50.98 -31.58
C ASP E 296 37.16 49.61 -31.21
N VAL E 297 36.15 49.64 -30.34
CA VAL E 297 35.64 48.39 -29.75
C VAL E 297 34.98 47.53 -30.81
N CYS E 298 34.10 48.11 -31.63
CA CYS E 298 33.48 47.33 -32.69
C CYS E 298 34.51 46.75 -33.64
N MET E 299 35.59 47.47 -33.90
CA MET E 299 36.54 46.95 -34.86
C MET E 299 37.41 45.87 -34.21
N TRP E 300 37.69 45.98 -32.92
CA TRP E 300 38.36 44.88 -32.23
C TRP E 300 37.54 43.60 -32.32
N ASN E 301 36.21 43.70 -32.15
CA ASN E 301 35.40 42.50 -32.31
C ASN E 301 35.54 41.92 -33.71
N ALA E 302 35.50 42.78 -34.72
CA ALA E 302 35.54 42.31 -36.10
C ALA E 302 36.86 41.62 -36.39
N TYR E 303 37.96 42.11 -35.81
CA TYR E 303 39.24 41.43 -35.97
C TYR E 303 39.24 40.06 -35.28
N CYS E 304 38.68 39.99 -34.07
CA CYS E 304 38.52 38.71 -33.39
C CYS E 304 37.63 37.77 -34.19
N ALA E 305 36.59 38.32 -34.85
CA ALA E 305 35.70 37.47 -35.65
C ALA E 305 36.42 36.90 -36.85
N ALA E 306 37.22 37.72 -37.53
CA ALA E 306 38.00 37.21 -38.65
C ALA E 306 39.03 36.18 -38.19
N GLY E 307 39.68 36.43 -37.06
CA GLY E 307 40.63 35.46 -36.54
C GLY E 307 39.98 34.14 -36.17
N THR E 308 38.77 34.20 -35.61
CA THR E 308 38.04 32.98 -35.30
C THR E 308 37.83 32.16 -36.56
N MET E 309 37.46 32.83 -37.66
CA MET E 309 37.23 32.15 -38.93
C MET E 309 38.52 31.59 -39.50
N ALA E 310 39.58 32.42 -39.55
CA ALA E 310 40.85 31.93 -40.05
C ALA E 310 41.34 30.75 -39.23
N ALA E 311 41.21 30.83 -37.91
CA ALA E 311 41.63 29.73 -37.05
C ALA E 311 40.87 28.45 -37.37
N THR E 312 39.57 28.58 -37.68
CA THR E 312 38.80 27.42 -38.07
C THR E 312 39.30 26.84 -39.37
N MET E 313 39.56 27.71 -40.36
CA MET E 313 40.08 27.22 -41.63
C MET E 313 41.44 26.54 -41.46
N VAL E 314 42.29 27.08 -40.59
CA VAL E 314 43.63 26.51 -40.39
C VAL E 314 43.55 25.18 -39.65
N ASN E 315 42.80 25.14 -38.55
CA ASN E 315 42.77 23.94 -37.71
C ASN E 315 41.89 22.85 -38.32
N CYS E 316 40.66 23.19 -38.72
CA CYS E 316 39.84 22.21 -39.42
C CYS E 316 40.40 21.86 -40.78
N GLY E 317 41.03 22.84 -41.45
CA GLY E 317 41.65 22.55 -42.73
C GLY E 317 42.76 21.53 -42.59
N ALA E 318 43.54 21.64 -41.51
CA ALA E 318 44.65 20.72 -41.32
C ALA E 318 44.14 19.32 -40.96
N LEU E 319 43.14 19.24 -40.07
CA LEU E 319 42.49 17.97 -39.75
C LEU E 319 41.68 17.41 -40.93
N ARG E 320 41.31 18.25 -41.89
CA ARG E 320 40.30 17.90 -42.89
C ARG E 320 39.11 17.24 -42.19
N GLY E 321 38.71 17.83 -41.06
CA GLY E 321 37.67 17.31 -40.20
C GLY E 321 36.87 18.41 -39.57
N ALA E 322 35.55 18.27 -39.56
CA ALA E 322 34.70 19.35 -39.07
C ALA E 322 34.74 19.48 -37.55
N GLN E 323 35.05 18.40 -36.81
CA GLN E 323 34.76 18.42 -35.38
C GLN E 323 35.61 19.42 -34.60
N ALA E 324 36.79 19.75 -35.10
CA ALA E 324 37.64 20.69 -34.38
C ALA E 324 37.10 22.13 -34.38
N VAL E 325 36.03 22.43 -35.10
CA VAL E 325 35.53 23.81 -35.10
C VAL E 325 35.08 24.22 -33.69
N SER E 326 34.51 23.28 -32.93
CA SER E 326 33.99 23.64 -31.61
C SER E 326 35.13 24.05 -30.67
N SER E 327 36.23 23.29 -30.64
CA SER E 327 37.36 23.70 -29.82
C SER E 327 38.11 24.91 -30.39
N THR E 328 38.13 25.06 -31.72
CA THR E 328 38.79 26.24 -32.32
C THR E 328 38.12 27.52 -31.86
N LEU E 329 36.79 27.56 -31.94
CA LEU E 329 36.08 28.78 -31.55
C LEU E 329 36.29 29.06 -30.07
N LEU E 330 36.34 28.01 -29.25
CA LEU E 330 36.54 28.18 -27.82
C LEU E 330 37.95 28.70 -27.51
N TYR E 331 38.97 27.99 -27.99
CA TYR E 331 40.34 28.30 -27.57
C TYR E 331 40.90 29.51 -28.32
N PHE E 332 40.45 29.79 -29.53
CA PHE E 332 40.89 31.03 -30.16
C PHE E 332 40.56 32.20 -29.25
N ASN E 333 39.31 32.25 -28.78
CA ASN E 333 38.84 33.41 -28.01
C ASN E 333 39.26 33.38 -26.56
N ASP E 334 39.32 32.21 -25.94
CA ASP E 334 39.88 32.11 -24.59
C ASP E 334 41.32 32.61 -24.57
N MET E 335 42.12 32.14 -25.51
CA MET E 335 43.55 32.52 -25.50
C MET E 335 43.75 33.99 -25.91
N ILE E 336 42.93 34.51 -26.82
CA ILE E 336 43.18 35.90 -27.21
C ILE E 336 42.88 36.82 -26.04
N GLU E 337 41.92 36.45 -25.17
CA GLU E 337 41.69 37.22 -23.95
C GLU E 337 42.88 37.12 -23.01
N LYS E 338 43.44 35.93 -22.84
CA LYS E 338 44.58 35.77 -21.93
C LYS E 338 45.80 36.51 -22.47
N GLU E 339 45.89 36.61 -23.81
CA GLU E 339 47.00 37.28 -24.46
C GLU E 339 46.91 38.80 -24.37
N THR E 340 45.71 39.36 -24.22
CA THR E 340 45.53 40.81 -24.31
C THR E 340 44.84 41.45 -23.13
N SER E 341 44.11 40.68 -22.32
CA SER E 341 43.16 41.19 -21.34
C SER E 341 42.05 42.02 -21.97
N LEU E 342 41.82 41.84 -23.27
CA LEU E 342 40.62 42.34 -23.93
C LEU E 342 39.62 41.20 -24.11
N PRO E 343 38.34 41.51 -24.17
CA PRO E 343 37.35 40.45 -24.42
C PRO E 343 37.39 39.97 -25.87
N GLY E 344 37.11 38.69 -26.04
CA GLY E 344 37.12 38.05 -27.34
C GLY E 344 35.85 38.27 -28.13
N CYS E 345 35.69 37.46 -29.18
CA CYS E 345 34.64 37.71 -30.15
C CYS E 345 33.25 37.62 -29.52
N ASP E 346 32.41 38.61 -29.82
CA ASP E 346 31.07 38.73 -29.25
C ASP E 346 31.13 38.74 -27.73
N TRP E 347 32.27 39.19 -27.21
CA TRP E 347 32.51 39.42 -25.79
C TRP E 347 32.25 38.18 -24.92
N GLY E 348 32.63 37.03 -25.43
CA GLY E 348 32.45 35.77 -24.74
C GLY E 348 31.38 34.90 -25.34
N ARG E 349 30.53 35.46 -26.18
CA ARG E 349 29.41 34.67 -26.68
C ARG E 349 29.84 33.68 -27.74
N VAL E 350 30.95 33.91 -28.43
CA VAL E 350 31.45 32.87 -29.31
C VAL E 350 32.08 31.76 -28.48
N GLU E 351 32.91 32.14 -27.51
CA GLU E 351 33.51 31.16 -26.62
C GLU E 351 32.43 30.36 -25.90
N GLY E 352 31.37 31.02 -25.45
CA GLY E 352 30.32 30.31 -24.73
C GLY E 352 29.57 29.35 -25.64
N THR E 353 29.15 29.83 -26.80
CA THR E 353 28.58 28.95 -27.81
C THR E 353 29.50 27.76 -28.04
N ALA E 354 30.80 28.02 -28.16
CA ALA E 354 31.73 26.92 -28.44
C ALA E 354 31.84 25.94 -27.29
N VAL E 355 31.72 26.40 -26.05
CA VAL E 355 31.73 25.49 -24.91
C VAL E 355 30.58 24.49 -25.04
N GLY E 356 29.37 25.00 -25.23
CA GLY E 356 28.21 24.13 -25.29
C GLY E 356 28.19 23.29 -26.55
N PHE E 357 28.67 23.88 -27.65
CA PHE E 357 28.78 23.17 -28.92
C PHE E 357 29.79 22.03 -28.80
N SER E 358 30.93 22.26 -28.14
CA SER E 358 31.86 21.17 -27.89
C SER E 358 31.18 20.05 -27.12
N PHE E 359 30.57 20.40 -26.00
CA PHE E 359 29.82 19.45 -25.18
C PHE E 359 28.82 18.68 -26.03
N PHE E 360 27.97 19.40 -26.77
CA PHE E 360 26.92 18.73 -27.52
C PHE E 360 27.39 18.19 -28.86
N SER E 361 28.70 18.16 -29.13
CA SER E 361 29.21 17.38 -30.26
C SER E 361 30.20 16.31 -29.79
N HIS E 362 30.27 16.06 -28.48
CA HIS E 362 31.11 15.00 -27.93
C HIS E 362 30.46 14.25 -26.76
N SER E 363 29.13 14.31 -26.61
CA SER E 363 28.48 13.74 -25.42
C SER E 363 27.24 12.95 -25.82
N ILE E 364 26.62 12.34 -24.79
CA ILE E 364 25.42 11.55 -25.02
C ILE E 364 24.15 12.37 -25.13
N TYR E 365 24.17 13.66 -24.79
CA TYR E 365 22.94 14.33 -24.41
C TYR E 365 22.16 14.92 -25.57
N GLY E 366 22.79 15.11 -26.71
CA GLY E 366 22.09 15.68 -27.86
C GLY E 366 23.10 16.18 -28.87
N GLY E 367 22.67 17.16 -29.64
CA GLY E 367 23.52 17.70 -30.68
C GLY E 367 23.78 16.68 -31.76
N GLY E 368 25.06 16.45 -32.03
CA GLY E 368 25.49 15.62 -33.14
C GLY E 368 26.80 16.16 -33.69
N GLY E 369 27.13 15.75 -34.90
CA GLY E 369 28.27 16.33 -35.58
C GLY E 369 27.96 17.75 -36.01
N PRO E 370 29.00 18.50 -36.38
CA PRO E 370 28.77 19.93 -36.68
C PRO E 370 27.72 20.19 -37.73
N GLY E 371 27.50 19.27 -38.66
CA GLY E 371 26.61 19.53 -39.78
C GLY E 371 25.16 19.65 -39.42
N VAL E 372 24.76 19.21 -38.23
CA VAL E 372 23.35 19.28 -37.83
C VAL E 372 23.03 20.59 -37.11
N PHE E 373 24.03 21.40 -36.76
CA PHE E 373 23.76 22.65 -36.07
C PHE E 373 23.42 23.77 -37.07
N ASN E 374 22.89 24.87 -36.54
CA ASN E 374 22.40 26.01 -37.29
C ASN E 374 22.20 27.14 -36.29
N GLY E 375 21.97 28.34 -36.81
CA GLY E 375 21.84 29.50 -35.96
C GLY E 375 20.59 29.50 -35.09
N ASN E 376 19.63 28.64 -35.39
CA ASN E 376 18.43 28.49 -34.56
C ASN E 376 18.55 27.34 -33.57
N HIS E 377 19.60 26.55 -33.67
CA HIS E 377 19.77 25.43 -32.74
C HIS E 377 20.00 25.97 -31.35
N VAL E 378 19.33 25.35 -30.35
CA VAL E 378 19.47 25.84 -29.00
C VAL E 378 20.92 25.88 -28.56
N VAL E 379 21.76 25.00 -29.11
CA VAL E 379 23.16 24.95 -28.67
C VAL E 379 23.97 26.10 -29.28
N THR E 380 23.69 26.45 -30.53
CA THR E 380 24.60 27.30 -31.29
C THR E 380 23.99 28.63 -31.70
N ARG E 381 22.92 29.06 -31.03
CA ARG E 381 22.22 30.28 -31.37
C ARG E 381 22.78 31.54 -30.70
N HIS E 382 23.70 31.39 -29.74
CA HIS E 382 23.92 32.43 -28.73
C HIS E 382 24.78 33.59 -29.23
N SER E 383 25.67 33.37 -30.17
CA SER E 383 26.36 34.48 -30.81
C SER E 383 25.50 35.07 -31.92
N THR E 384 25.54 36.40 -32.05
CA THR E 384 24.77 37.04 -33.12
C THR E 384 25.57 36.94 -34.43
N GLY E 385 25.63 35.72 -34.96
CA GLY E 385 26.11 35.47 -36.29
C GLY E 385 27.58 35.17 -36.42
N MET E 386 28.34 35.13 -35.33
CA MET E 386 29.80 35.04 -35.46
C MET E 386 30.35 33.66 -35.19
N ALA E 387 29.49 32.65 -35.03
CA ALA E 387 29.90 31.27 -34.78
C ALA E 387 29.52 30.33 -35.91
N ILE E 388 28.25 30.38 -36.35
CA ILE E 388 27.76 29.42 -37.34
C ILE E 388 28.55 29.48 -38.64
N PRO E 389 28.95 30.65 -39.15
CA PRO E 389 29.68 30.62 -40.43
C PRO E 389 30.95 29.78 -40.31
N CYS E 390 31.60 29.80 -39.15
CA CYS E 390 32.74 28.92 -38.95
C CYS E 390 32.33 27.46 -38.95
N VAL E 391 31.16 27.15 -38.37
CA VAL E 391 30.70 25.77 -38.34
C VAL E 391 30.45 25.27 -39.76
N ALA E 392 29.78 26.10 -40.58
CA ALA E 392 29.52 25.71 -41.97
C ALA E 392 30.83 25.49 -42.74
N VAL E 393 31.82 26.36 -42.50
CA VAL E 393 33.13 26.21 -43.14
C VAL E 393 33.81 24.91 -42.72
N ALA E 394 33.77 24.58 -41.43
CA ALA E 394 34.34 23.33 -40.97
C ALA E 394 33.65 22.15 -41.63
N VAL E 395 32.33 22.21 -41.77
CA VAL E 395 31.60 21.15 -42.45
C VAL E 395 32.04 21.03 -43.90
N ALA E 396 32.26 22.16 -44.57
CA ALA E 396 32.70 22.13 -45.96
C ALA E 396 34.11 21.58 -46.11
N LEU E 397 34.98 21.81 -45.12
CA LEU E 397 36.37 21.35 -45.17
C LEU E 397 36.53 19.87 -44.83
N ASP E 398 35.49 19.26 -44.27
CA ASP E 398 35.59 17.86 -43.87
C ASP E 398 35.83 16.97 -45.08
N ALA E 399 36.80 16.06 -44.97
CA ALA E 399 37.14 15.16 -46.06
C ALA E 399 36.47 13.80 -45.94
N GLY E 400 35.61 13.60 -44.94
CA GLY E 400 34.88 12.36 -44.82
C GLY E 400 34.93 11.67 -43.47
N THR E 401 34.90 12.42 -42.37
CA THR E 401 34.93 11.83 -41.05
C THR E 401 33.56 11.74 -40.40
N GLN E 402 32.55 12.31 -41.03
CA GLN E 402 31.24 12.51 -40.42
C GLN E 402 30.26 11.42 -40.82
N MET E 403 29.36 11.07 -39.90
CA MET E 403 28.29 10.14 -40.22
C MET E 403 27.18 10.80 -41.01
N PHE E 404 26.72 11.95 -40.55
CA PHE E 404 25.61 12.68 -41.17
C PHE E 404 26.26 13.82 -41.96
N SER E 405 26.84 13.45 -43.09
CA SER E 405 27.59 14.34 -43.94
C SER E 405 26.68 15.14 -44.85
N PRO E 406 27.21 16.18 -45.51
CA PRO E 406 26.35 16.99 -46.41
C PRO E 406 25.76 16.19 -47.55
N GLU E 407 26.52 15.25 -48.11
CA GLU E 407 26.02 14.46 -49.23
C GLU E 407 24.95 13.48 -48.81
N SER E 408 24.81 13.22 -47.52
CA SER E 408 23.78 12.32 -47.01
C SER E 408 22.52 13.04 -46.52
N THR E 409 22.60 14.32 -46.15
CA THR E 409 21.43 15.06 -45.71
C THR E 409 21.04 16.20 -46.63
N SER E 410 21.90 16.56 -47.60
CA SER E 410 21.72 17.79 -48.36
C SER E 410 22.14 17.62 -49.82
N ALA E 411 22.16 16.40 -50.33
CA ALA E 411 22.54 16.19 -51.72
C ALA E 411 21.68 17.02 -52.66
N ILE E 412 20.37 17.05 -52.41
CA ILE E 412 19.50 17.79 -53.31
C ILE E 412 19.79 19.29 -53.23
N VAL E 413 20.31 19.77 -52.11
CA VAL E 413 20.62 21.20 -51.99
C VAL E 413 21.72 21.59 -52.98
N LEU E 414 22.76 20.76 -53.07
CA LEU E 414 23.83 21.00 -54.03
C LEU E 414 23.28 21.15 -55.43
N ASP E 415 22.51 20.16 -55.90
CA ASP E 415 22.00 20.20 -57.26
C ASP E 415 21.11 21.42 -57.47
N THR E 416 20.25 21.72 -56.50
CA THR E 416 19.27 22.79 -56.67
C THR E 416 19.92 24.15 -56.86
N PHE E 417 21.05 24.40 -56.19
CA PHE E 417 21.64 25.73 -56.16
C PHE E 417 22.99 25.82 -56.87
N GLN E 418 23.47 24.71 -57.45
CA GLN E 418 24.84 24.70 -58.04
C GLN E 418 24.98 25.69 -59.21
N ASP E 419 23.86 26.12 -59.80
CA ASP E 419 23.91 27.03 -60.98
C ASP E 419 23.29 28.39 -60.64
N VAL E 420 23.09 28.68 -59.34
CA VAL E 420 22.51 29.94 -58.91
C VAL E 420 23.65 30.93 -58.68
N PRO E 421 23.72 32.03 -59.42
CA PRO E 421 24.93 32.87 -59.33
C PRO E 421 25.28 33.34 -57.93
N ILE E 422 24.29 33.72 -57.11
CA ILE E 422 24.58 34.28 -55.78
C ILE E 422 25.21 33.23 -54.87
N MET E 423 24.91 31.95 -55.08
CA MET E 423 25.58 30.89 -54.32
C MET E 423 26.89 30.45 -54.94
N MET E 424 27.04 30.62 -56.25
CA MET E 424 28.28 30.20 -56.91
C MET E 424 29.42 31.16 -56.58
N ASN E 425 29.15 32.47 -56.55
CA ASN E 425 30.18 33.47 -56.31
C ASN E 425 29.60 34.56 -55.43
N PRO E 426 29.27 34.24 -54.18
CA PRO E 426 28.67 35.25 -53.31
C PRO E 426 29.49 36.52 -53.18
N LEU E 427 30.80 36.41 -52.98
CA LEU E 427 31.62 37.60 -52.76
C LEU E 427 31.61 38.51 -53.99
N LYS E 428 31.66 37.92 -55.17
CA LYS E 428 31.65 38.73 -56.39
C LYS E 428 30.31 39.41 -56.58
N GLU E 429 29.20 38.72 -56.27
CA GLU E 429 27.90 39.34 -56.49
C GLU E 429 27.65 40.44 -55.47
N VAL E 430 28.13 40.27 -54.24
CA VAL E 430 27.95 41.32 -53.23
C VAL E 430 28.74 42.55 -53.65
N ALA E 431 29.98 42.37 -54.09
CA ALA E 431 30.80 43.52 -54.51
C ALA E 431 30.23 44.18 -55.76
N ALA E 432 29.72 43.38 -56.69
CA ALA E 432 29.15 43.94 -57.91
C ALA E 432 27.90 44.74 -57.62
N ALA E 433 27.20 44.40 -56.53
CA ALA E 433 25.97 45.09 -56.19
C ALA E 433 26.21 46.42 -55.50
N VAL E 434 27.44 46.72 -55.13
CA VAL E 434 27.81 48.06 -54.66
C VAL E 434 27.80 48.98 -55.91
N ALA F 2 57.08 40.53 -36.53
CA ALA F 2 55.83 39.88 -36.14
C ALA F 2 55.56 40.05 -34.64
N TYR F 3 54.37 39.65 -34.21
CA TYR F 3 53.96 39.87 -32.83
C TYR F 3 54.58 38.82 -31.92
N THR F 4 55.12 39.27 -30.78
CA THR F 4 55.69 38.38 -29.78
C THR F 4 54.67 38.04 -28.71
N PRO F 5 54.26 36.77 -28.56
CA PRO F 5 53.23 36.46 -27.57
C PRO F 5 53.73 36.56 -26.14
N GLN F 6 52.84 37.01 -25.25
CA GLN F 6 53.08 36.99 -23.82
C GLN F 6 52.25 35.94 -23.07
N TYR F 7 51.20 35.41 -23.70
CA TYR F 7 50.47 34.22 -23.24
C TYR F 7 49.58 34.41 -22.03
N TYR F 8 50.09 34.97 -20.96
CA TYR F 8 49.41 34.88 -19.67
C TYR F 8 50.07 35.78 -18.64
N PRO F 9 49.30 36.41 -17.73
CA PRO F 9 49.93 37.24 -16.69
C PRO F 9 50.44 36.44 -15.49
N GLY F 10 50.80 37.12 -14.42
CA GLY F 10 51.30 36.45 -13.23
C GLY F 10 52.81 36.39 -13.18
N SER F 11 53.35 36.46 -11.96
CA SER F 11 54.79 36.44 -11.73
C SER F 11 55.30 35.26 -10.91
N SER F 12 54.43 34.55 -10.20
CA SER F 12 54.85 33.40 -9.43
C SER F 12 55.42 32.32 -10.35
N HIS F 13 56.04 31.30 -9.75
CA HIS F 13 56.58 30.22 -10.55
C HIS F 13 55.48 29.34 -11.13
N VAL F 14 54.29 29.36 -10.55
CA VAL F 14 53.14 28.69 -11.17
C VAL F 14 52.78 29.37 -12.49
N ALA F 15 52.73 30.70 -12.51
CA ALA F 15 52.48 31.41 -13.77
C ALA F 15 53.59 31.17 -14.79
N VAL F 16 54.84 31.09 -14.34
CA VAL F 16 55.92 30.74 -15.26
C VAL F 16 55.66 29.36 -15.86
N ASN F 17 55.25 28.40 -15.02
CA ASN F 17 54.94 27.07 -15.54
C ASN F 17 53.77 27.13 -16.52
N ARG F 18 52.77 27.96 -16.23
CA ARG F 18 51.63 28.12 -17.14
C ARG F 18 52.09 28.59 -18.50
N ARG F 19 53.02 29.55 -18.54
CA ARG F 19 53.53 29.98 -19.83
C ARG F 19 54.40 28.93 -20.49
N LYS F 20 55.08 28.07 -19.72
CA LYS F 20 55.82 26.97 -20.35
C LYS F 20 54.89 26.03 -21.10
N HIS F 21 53.78 25.65 -20.45
CA HIS F 21 52.82 24.78 -21.10
C HIS F 21 52.24 25.45 -22.34
N MET F 22 51.82 26.71 -22.21
CA MET F 22 51.24 27.39 -23.36
C MET F 22 52.26 27.50 -24.49
N SER F 23 53.47 27.95 -24.17
CA SER F 23 54.47 28.17 -25.21
C SER F 23 55.06 26.86 -25.75
N GLY F 24 54.74 25.73 -25.12
CA GLY F 24 55.31 24.47 -25.53
C GLY F 24 56.71 24.18 -25.04
N ASP F 25 57.24 25.01 -24.13
CA ASP F 25 58.62 24.87 -23.66
C ASP F 25 58.63 24.03 -22.37
N VAL F 26 58.40 22.73 -22.58
CA VAL F 26 58.20 21.78 -21.50
C VAL F 26 59.32 20.73 -21.58
N GLU F 27 60.03 20.57 -20.47
CA GLU F 27 61.21 19.70 -20.40
C GLU F 27 60.80 18.23 -20.46
N LYS F 28 61.64 17.42 -21.10
CA LYS F 28 61.40 15.99 -21.24
C LYS F 28 61.93 15.25 -20.03
N LEU F 29 61.06 14.46 -19.39
CA LEU F 29 61.41 13.74 -18.17
C LEU F 29 61.37 12.23 -18.29
N ARG F 30 60.88 11.69 -19.39
CA ARG F 30 60.80 10.24 -19.55
C ARG F 30 60.65 9.91 -21.01
N THR F 31 60.81 8.63 -21.32
CA THR F 31 60.68 8.12 -22.67
C THR F 31 59.60 7.04 -22.68
N VAL F 32 58.73 7.06 -23.68
CA VAL F 32 57.71 6.03 -23.85
C VAL F 32 57.78 5.52 -25.30
N SER F 33 57.98 4.22 -25.46
CA SER F 33 58.10 3.64 -26.79
C SER F 33 56.80 3.76 -27.59
N ASP F 34 56.95 3.83 -28.91
CA ASP F 34 55.81 3.84 -29.81
C ASP F 34 54.87 2.68 -29.49
N ASP F 35 55.43 1.47 -29.37
CA ASP F 35 54.61 0.30 -29.14
C ASP F 35 53.89 0.39 -27.81
N ASP F 36 54.62 0.79 -26.74
CA ASP F 36 53.98 0.91 -25.43
C ASP F 36 52.86 1.94 -25.46
N LEU F 37 53.07 3.06 -26.14
CA LEU F 37 52.05 4.10 -26.19
C LEU F 37 50.83 3.62 -26.98
N VAL F 38 51.07 2.99 -28.13
CA VAL F 38 49.96 2.45 -28.91
C VAL F 38 49.18 1.45 -28.07
N ALA F 39 49.88 0.63 -27.29
CA ALA F 39 49.21 -0.39 -26.50
C ALA F 39 48.31 0.25 -25.43
N ALA F 40 48.81 1.29 -24.76
CA ALA F 40 48.03 1.98 -23.75
C ALA F 40 46.85 2.73 -24.35
N LEU F 41 46.98 3.26 -25.56
CA LEU F 41 45.89 4.04 -26.14
C LEU F 41 44.76 3.15 -26.61
N GLY F 42 45.07 1.94 -27.08
CA GLY F 42 44.08 0.92 -27.30
C GLY F 42 43.31 0.98 -28.59
N HIS F 43 43.74 1.79 -29.58
CA HIS F 43 43.02 1.92 -30.83
C HIS F 43 43.47 0.91 -31.89
N ARG F 44 44.66 0.34 -31.73
CA ARG F 44 45.12 -0.66 -32.68
C ARG F 44 46.24 -1.46 -32.02
N ALA F 45 46.53 -2.60 -32.61
CA ALA F 45 47.62 -3.45 -32.11
C ALA F 45 48.94 -2.80 -32.48
N PRO F 46 49.91 -2.71 -31.57
CA PRO F 46 51.24 -2.21 -31.94
C PRO F 46 51.73 -2.89 -33.22
N GLY F 47 52.27 -2.07 -34.12
CA GLY F 47 52.73 -2.57 -35.40
C GLY F 47 51.66 -2.72 -36.46
N ALA F 48 50.40 -2.61 -36.10
CA ALA F 48 49.34 -2.76 -37.10
C ALA F 48 49.25 -1.51 -37.98
N ASP F 49 48.77 -1.71 -39.20
CA ASP F 49 48.53 -0.58 -40.09
C ASP F 49 47.50 0.35 -39.48
N TYR F 50 47.59 1.62 -39.82
CA TYR F 50 46.58 2.57 -39.40
C TYR F 50 45.27 2.29 -40.12
N PRO F 51 44.19 1.97 -39.42
CA PRO F 51 42.89 1.88 -40.09
C PRO F 51 42.53 3.26 -40.65
N SER F 52 41.55 3.26 -41.52
CA SER F 52 41.13 4.49 -42.16
C SER F 52 39.63 4.67 -41.99
N THR F 53 39.19 5.94 -42.00
CA THR F 53 37.79 6.26 -42.05
C THR F 53 37.38 6.75 -43.43
N HIS F 54 38.32 7.21 -44.24
CA HIS F 54 38.05 7.53 -45.63
C HIS F 54 39.35 7.37 -46.40
N PRO F 55 39.28 7.32 -47.73
CA PRO F 55 40.49 7.09 -48.55
C PRO F 55 41.48 8.24 -48.40
N PRO F 56 42.76 7.98 -48.69
CA PRO F 56 43.75 9.07 -48.70
C PRO F 56 43.31 10.19 -49.63
N LEU F 57 43.64 11.43 -49.24
CA LEU F 57 43.18 12.57 -50.02
C LEU F 57 43.68 12.51 -51.46
N ALA F 58 44.93 12.07 -51.65
CA ALA F 58 45.50 11.99 -52.99
C ALA F 58 44.73 11.01 -53.86
N GLU F 59 44.15 9.97 -53.27
CA GLU F 59 43.51 8.93 -54.06
C GLU F 59 42.11 9.36 -54.50
N MET F 60 41.38 10.10 -53.68
CA MET F 60 40.01 10.45 -54.01
C MET F 60 39.86 11.87 -54.54
N GLY F 61 40.90 12.69 -54.44
CA GLY F 61 40.79 14.08 -54.86
C GLY F 61 39.94 14.86 -53.87
N GLU F 62 39.86 16.16 -54.11
CA GLU F 62 39.21 17.08 -53.20
C GLU F 62 38.43 18.12 -53.98
N PRO F 63 37.35 18.65 -53.41
CA PRO F 63 36.62 19.73 -54.08
C PRO F 63 37.55 20.90 -54.35
N ASP F 64 37.17 21.71 -55.34
CA ASP F 64 37.90 22.93 -55.66
C ASP F 64 37.63 23.95 -54.56
N CYS F 65 38.54 24.05 -53.62
CA CYS F 65 38.36 24.91 -52.46
C CYS F 65 39.66 25.68 -52.26
N PRO F 66 39.62 27.01 -52.26
CA PRO F 66 40.86 27.78 -52.01
C PRO F 66 41.45 27.54 -50.64
N VAL F 67 40.64 27.26 -49.62
CA VAL F 67 41.21 26.97 -48.32
C VAL F 67 41.90 25.62 -48.33
N ARG F 68 41.25 24.60 -48.88
CA ARG F 68 41.92 23.30 -48.97
C ARG F 68 43.27 23.44 -49.70
N GLN F 69 43.32 24.26 -50.75
CA GLN F 69 44.50 24.36 -51.60
C GLN F 69 45.64 25.13 -50.95
N MET F 70 45.37 25.79 -49.83
CA MET F 70 46.36 26.61 -49.13
C MET F 70 46.58 26.20 -47.69
N VAL F 71 45.78 25.29 -47.13
CA VAL F 71 46.03 24.75 -45.80
C VAL F 71 46.49 23.31 -45.96
N GLU F 72 47.68 23.03 -45.47
CA GLU F 72 48.31 21.72 -45.61
C GLU F 72 47.65 20.72 -44.66
N PRO F 73 47.17 19.59 -45.16
CA PRO F 73 46.67 18.55 -44.24
C PRO F 73 47.78 17.97 -43.39
N THR F 74 47.43 17.60 -42.16
CA THR F 74 48.36 16.84 -41.34
C THR F 74 48.65 15.50 -42.01
N PRO F 75 49.73 14.82 -41.59
CA PRO F 75 49.98 13.47 -42.13
C PRO F 75 48.79 12.54 -41.93
N GLY F 76 48.16 12.58 -40.76
CA GLY F 76 47.03 11.69 -40.51
C GLY F 76 45.85 11.98 -41.42
N ALA F 77 45.63 13.27 -41.71
CA ALA F 77 44.51 13.64 -42.58
C ALA F 77 44.78 13.26 -44.03
N ALA F 78 46.01 13.49 -44.48
CA ALA F 78 46.39 13.05 -45.82
C ALA F 78 46.14 11.55 -45.98
N ALA F 79 46.44 10.78 -44.93
CA ALA F 79 46.31 9.32 -45.00
C ALA F 79 44.87 8.85 -44.80
N GLY F 80 44.00 9.71 -44.27
CA GLY F 80 42.63 9.29 -44.04
C GLY F 80 42.43 8.50 -42.77
N ASP F 81 43.28 8.72 -41.76
CA ASP F 81 43.18 7.99 -40.52
C ASP F 81 41.84 8.23 -39.84
N ARG F 82 41.46 7.28 -38.97
CA ARG F 82 40.38 7.53 -38.03
C ARG F 82 40.77 8.70 -37.13
N VAL F 83 39.76 9.41 -36.65
CA VAL F 83 39.95 10.33 -35.54
C VAL F 83 39.88 9.51 -34.26
N ARG F 84 40.98 9.46 -33.51
CA ARG F 84 41.00 8.83 -32.20
C ARG F 84 41.45 9.86 -31.18
N TYR F 85 41.76 9.41 -29.96
CA TYR F 85 41.92 10.34 -28.86
C TYR F 85 42.93 9.81 -27.85
N SER F 86 43.47 10.74 -27.06
CA SER F 86 44.11 10.47 -25.78
C SER F 86 43.36 11.30 -24.75
N GLN F 87 43.21 10.74 -23.56
CA GLN F 87 42.49 11.47 -22.51
C GLN F 87 43.24 11.31 -21.20
N PHE F 88 43.48 12.44 -20.53
CA PHE F 88 44.21 12.47 -19.27
C PHE F 88 43.39 13.04 -18.13
N THR F 89 43.61 12.47 -16.94
CA THR F 89 43.14 13.02 -15.67
C THR F 89 44.32 13.45 -14.83
N ASP F 90 44.18 14.62 -14.18
CA ASP F 90 45.24 15.23 -13.37
C ASP F 90 44.77 15.53 -11.96
N SER F 91 45.52 15.06 -10.96
CA SER F 91 45.18 15.36 -9.57
C SER F 91 45.23 16.85 -9.28
N MET F 92 44.31 17.30 -8.41
CA MET F 92 44.36 18.65 -7.87
C MET F 92 45.41 18.81 -6.76
N TYR F 93 46.06 17.71 -6.38
CA TYR F 93 47.15 17.78 -5.41
C TYR F 93 48.46 17.98 -6.16
N SER F 94 48.51 19.14 -6.84
CA SER F 94 49.72 19.70 -7.45
C SER F 94 50.24 18.85 -8.61
N ALA F 95 49.37 18.20 -9.33
CA ALA F 95 49.79 17.59 -10.59
C ALA F 95 50.44 18.68 -11.45
N PRO F 96 51.43 18.35 -12.28
CA PRO F 96 52.00 19.37 -13.17
C PRO F 96 50.94 20.10 -13.98
N SER F 97 50.06 19.32 -14.59
CA SER F 97 49.08 19.88 -15.54
C SER F 97 47.71 20.18 -14.95
N ILE F 98 47.03 21.16 -15.53
CA ILE F 98 45.62 21.47 -15.16
C ILE F 98 44.86 21.43 -16.50
N PRO F 99 43.60 20.97 -16.54
CA PRO F 99 42.93 20.78 -17.81
C PRO F 99 43.01 21.91 -18.86
N TYR F 100 42.71 23.14 -18.48
CA TYR F 100 42.68 24.17 -19.54
C TYR F 100 44.06 24.34 -20.17
N PHE F 101 45.12 24.25 -19.37
CA PHE F 101 46.46 24.48 -19.92
C PHE F 101 46.97 23.29 -20.71
N ARG F 102 46.45 22.09 -20.47
CA ARG F 102 46.67 21.02 -21.44
C ARG F 102 46.04 21.36 -22.78
N SER F 103 44.85 21.96 -22.76
CA SER F 103 44.21 22.30 -24.01
C SER F 103 44.93 23.45 -24.70
N TYR F 104 45.40 24.44 -23.95
CA TYR F 104 46.16 25.51 -24.58
C TYR F 104 47.46 24.97 -25.19
N TYR F 105 48.11 24.03 -24.50
CA TYR F 105 49.31 23.42 -25.05
C TYR F 105 49.01 22.76 -26.38
N ALA F 106 47.89 22.05 -26.47
CA ALA F 106 47.50 21.43 -27.73
C ALA F 106 47.16 22.46 -28.81
N ALA F 107 46.40 23.51 -28.44
CA ALA F 107 45.88 24.43 -29.44
C ALA F 107 46.96 25.36 -29.99
N ILE F 108 47.95 25.69 -29.18
CA ILE F 108 49.03 26.56 -29.62
C ILE F 108 50.07 25.78 -30.42
N ASN F 109 50.42 24.57 -29.98
CA ASN F 109 51.60 23.92 -30.49
C ASN F 109 51.36 22.76 -31.45
N PHE F 110 50.12 22.38 -31.69
CA PHE F 110 49.84 21.30 -32.62
C PHE F 110 48.76 21.70 -33.63
N ARG F 111 48.84 21.07 -34.81
CA ARG F 111 47.96 21.35 -35.93
C ARG F 111 46.84 20.32 -36.04
N GLY F 112 45.68 20.77 -36.48
CA GLY F 112 44.55 19.88 -36.69
C GLY F 112 44.15 19.06 -35.48
N VAL F 113 43.99 19.72 -34.33
CA VAL F 113 43.65 19.05 -33.08
C VAL F 113 42.31 19.54 -32.55
N ASP F 114 41.67 18.70 -31.75
CA ASP F 114 40.33 18.95 -31.19
C ASP F 114 40.41 18.71 -29.69
N PRO F 115 40.94 19.67 -28.94
CA PRO F 115 41.02 19.51 -27.49
C PRO F 115 39.72 19.86 -26.79
N GLY F 116 39.53 19.23 -25.64
CA GLY F 116 38.36 19.48 -24.82
C GLY F 116 38.74 19.47 -23.36
N THR F 117 38.24 20.46 -22.63
CA THR F 117 38.56 20.65 -21.23
C THR F 117 37.35 20.31 -20.37
N LEU F 118 37.57 19.52 -19.34
CA LEU F 118 36.57 19.20 -18.32
C LEU F 118 37.28 19.16 -16.98
N SER F 119 36.53 19.12 -15.87
CA SER F 119 37.19 19.21 -14.57
C SER F 119 38.00 17.95 -14.28
N GLY F 120 37.51 16.78 -14.70
CA GLY F 120 38.10 15.50 -14.30
C GLY F 120 38.73 14.74 -15.44
N ARG F 121 38.82 15.32 -16.62
CA ARG F 121 39.32 14.67 -17.82
C ARG F 121 39.63 15.80 -18.81
N GLN F 122 40.63 15.57 -19.64
CA GLN F 122 41.02 16.49 -20.69
C GLN F 122 41.36 15.61 -21.87
N ILE F 123 40.79 15.92 -23.02
CA ILE F 123 40.84 15.03 -24.18
C ILE F 123 41.48 15.78 -25.33
N VAL F 124 42.25 15.06 -26.12
CA VAL F 124 42.69 15.54 -27.43
C VAL F 124 42.23 14.53 -28.46
N GLU F 125 41.31 14.93 -29.33
CA GLU F 125 41.00 14.13 -30.50
C GLU F 125 41.79 14.68 -31.70
N ALA F 126 42.20 13.76 -32.58
CA ALA F 126 42.96 14.12 -33.78
C ALA F 126 43.07 12.86 -34.64
N ARG F 127 43.52 13.03 -35.88
CA ARG F 127 43.82 11.88 -36.71
C ARG F 127 44.80 11.00 -35.92
N GLU F 128 44.60 9.68 -36.01
CA GLU F 128 45.27 8.79 -35.06
C GLU F 128 46.79 9.04 -35.00
N ARG F 129 47.48 9.00 -36.14
CA ARG F 129 48.94 9.16 -36.03
C ARG F 129 49.30 10.54 -35.47
N ASP F 130 48.52 11.58 -35.79
CA ASP F 130 48.78 12.90 -35.22
C ASP F 130 48.47 12.91 -33.73
N MET F 131 47.39 12.24 -33.32
CA MET F 131 47.07 12.20 -31.89
C MET F 131 48.15 11.47 -31.11
N GLU F 132 48.71 10.40 -31.68
CA GLU F 132 49.80 9.71 -30.99
C GLU F 132 51.00 10.62 -30.74
N ALA F 133 51.40 11.41 -31.75
CA ALA F 133 52.54 12.30 -31.60
C ALA F 133 52.27 13.35 -30.52
N GLN F 134 51.07 13.90 -30.51
CA GLN F 134 50.72 14.89 -29.48
C GLN F 134 50.70 14.24 -28.10
N CYS F 135 50.14 13.03 -28.02
CA CYS F 135 50.11 12.34 -26.74
C CYS F 135 51.51 12.01 -26.29
N LYS F 136 52.36 11.55 -27.20
CA LYS F 136 53.74 11.26 -26.84
C LYS F 136 54.43 12.50 -26.26
N ALA F 137 54.25 13.65 -26.91
CA ALA F 137 54.90 14.86 -26.43
C ALA F 137 54.43 15.21 -25.03
N ALA F 138 53.12 15.08 -24.76
CA ALA F 138 52.63 15.46 -23.43
C ALA F 138 53.08 14.45 -22.38
N ILE F 139 53.01 13.16 -22.69
CA ILE F 139 53.23 12.14 -21.67
C ILE F 139 54.71 12.01 -21.34
N GLU F 140 55.61 12.34 -22.27
CA GLU F 140 57.04 12.28 -21.99
C GLU F 140 57.54 13.53 -21.30
N SER F 141 56.70 14.55 -21.12
CA SER F 141 57.15 15.85 -20.68
C SER F 141 56.84 16.10 -19.19
N GLU F 142 57.37 17.23 -18.71
CA GLU F 142 57.08 17.69 -17.36
C GLU F 142 55.62 18.06 -17.15
N MET F 143 54.80 18.06 -18.20
CA MET F 143 53.36 18.20 -17.96
C MET F 143 52.76 16.95 -17.32
N THR F 144 53.54 15.89 -17.15
CA THR F 144 52.99 14.61 -16.71
C THR F 144 53.81 14.07 -15.54
N CYS F 145 53.13 13.77 -14.42
CA CYS F 145 53.52 12.81 -13.37
C CYS F 145 52.73 11.52 -13.55
N PRO F 146 53.37 10.35 -13.65
CA PRO F 146 52.60 9.11 -13.87
C PRO F 146 51.85 8.64 -12.63
N ALA F 147 52.05 9.27 -11.48
CA ALA F 147 51.20 9.02 -10.32
C ALA F 147 50.05 10.02 -10.21
N LEU F 148 50.32 11.29 -10.50
CA LEU F 148 49.30 12.35 -10.34
C LEU F 148 48.50 12.53 -11.64
N ALA F 149 48.86 11.79 -12.67
CA ALA F 149 48.16 11.89 -13.96
C ALA F 149 48.20 10.55 -14.66
N GLY F 150 47.17 10.28 -15.44
CA GLY F 150 47.18 9.06 -16.22
C GLY F 150 46.18 9.11 -17.36
N LEU F 151 46.34 8.16 -18.26
CA LEU F 151 45.43 7.97 -19.38
C LEU F 151 44.15 7.32 -18.87
N ARG F 152 43.02 7.98 -19.12
CA ARG F 152 41.72 7.45 -18.67
C ARG F 152 40.69 7.84 -19.73
N GLY F 153 40.38 6.91 -20.63
CA GLY F 153 39.35 7.18 -21.62
C GLY F 153 37.94 7.00 -21.11
N CYS F 154 37.83 6.47 -19.90
CA CYS F 154 36.56 6.25 -19.24
C CYS F 154 36.83 6.04 -17.77
N THR F 155 35.76 6.17 -16.98
CA THR F 155 35.80 5.97 -15.54
C THR F 155 36.92 6.80 -14.90
N VAL F 156 36.73 8.12 -15.00
CA VAL F 156 37.85 9.04 -14.77
C VAL F 156 37.97 9.50 -13.32
N HIS F 157 36.93 9.30 -12.52
CA HIS F 157 36.88 9.70 -11.11
C HIS F 157 38.25 9.64 -10.45
N GLY F 158 38.63 10.71 -9.75
CA GLY F 158 39.91 10.72 -9.05
C GLY F 158 40.65 12.06 -8.96
N HIS F 159 40.41 13.00 -9.86
CA HIS F 159 41.19 14.25 -9.86
C HIS F 159 41.03 15.00 -8.54
N SER F 160 39.86 14.87 -7.91
CA SER F 160 39.52 15.66 -6.73
C SER F 160 39.55 14.84 -5.44
N LEU F 161 40.02 13.62 -5.50
CA LEU F 161 40.02 12.73 -4.34
C LEU F 161 41.35 12.76 -3.61
N ARG F 162 41.33 12.37 -2.33
CA ARG F 162 42.58 12.14 -1.61
C ARG F 162 43.42 11.14 -2.37
N LEU F 163 44.72 11.39 -2.43
CA LEU F 163 45.60 10.39 -3.04
C LEU F 163 45.64 9.12 -2.17
N ALA F 164 45.97 8.01 -2.82
CA ALA F 164 46.25 6.76 -2.12
C ALA F 164 47.50 6.91 -1.26
N GLU F 165 47.63 6.02 -0.27
CA GLU F 165 48.77 6.09 0.63
C GLU F 165 50.10 6.09 -0.12
N ASP F 166 50.21 5.34 -1.22
CA ASP F 166 51.43 5.33 -2.03
C ASP F 166 51.53 6.51 -3.03
N GLY F 167 50.65 7.50 -2.92
CA GLY F 167 50.71 8.69 -3.76
C GLY F 167 50.07 8.56 -5.12
N MET F 168 49.50 7.40 -5.44
CA MET F 168 48.83 7.21 -6.71
C MET F 168 47.45 7.85 -6.63
N MET F 169 47.07 8.57 -7.68
CA MET F 169 45.71 9.08 -7.75
C MET F 169 44.74 7.91 -7.90
N PHE F 170 43.64 7.96 -7.15
CA PHE F 170 42.60 6.93 -7.26
C PHE F 170 42.18 6.71 -8.71
N ASP F 171 42.16 5.43 -9.11
CA ASP F 171 41.58 4.97 -10.36
C ASP F 171 40.68 3.78 -10.04
N MET F 172 39.38 3.94 -10.29
CA MET F 172 38.45 2.84 -10.04
C MET F 172 38.87 1.57 -10.78
N LEU F 173 39.51 1.71 -11.93
CA LEU F 173 39.91 0.55 -12.73
C LEU F 173 41.36 0.15 -12.51
N GLN F 174 42.08 0.86 -11.65
CA GLN F 174 43.51 0.63 -11.36
C GLN F 174 44.27 0.24 -12.62
N ARG F 175 44.25 1.15 -13.58
CA ARG F 175 44.97 0.90 -14.83
C ARG F 175 46.48 1.03 -14.63
N THR F 176 46.90 1.70 -13.56
CA THR F 176 48.30 1.87 -13.22
C THR F 176 48.49 1.45 -11.76
N HIS F 177 49.71 1.04 -11.45
CA HIS F 177 50.09 0.71 -10.09
C HIS F 177 51.60 0.86 -9.98
N ILE F 178 52.07 1.01 -8.75
CA ILE F 178 53.50 1.15 -8.51
C ILE F 178 54.12 -0.23 -8.37
N GLU F 179 55.22 -0.45 -9.09
CA GLU F 179 55.99 -1.71 -8.96
C GLU F 179 57.46 -1.32 -8.77
N GLY F 180 57.93 -1.35 -7.53
CA GLY F 180 59.36 -1.08 -7.27
C GLY F 180 59.69 0.36 -7.65
N GLY F 181 58.90 1.34 -7.21
CA GLY F 181 59.22 2.76 -7.44
C GLY F 181 58.76 3.30 -8.78
N ASN F 182 58.48 2.41 -9.73
CA ASN F 182 58.03 2.84 -11.08
C ASN F 182 56.52 2.68 -11.20
N VAL F 183 55.89 3.51 -12.03
CA VAL F 183 54.47 3.36 -12.33
C VAL F 183 54.37 2.44 -13.54
N ILE F 184 53.66 1.34 -13.39
CA ILE F 184 53.43 0.39 -14.46
C ILE F 184 52.00 0.55 -14.91
N GLU F 185 51.78 0.56 -16.22
CA GLU F 185 50.43 0.51 -16.79
C GLU F 185 50.27 -0.84 -17.48
N ASP F 186 49.26 -1.61 -17.06
CA ASP F 186 49.01 -2.92 -17.65
C ASP F 186 47.57 -3.07 -18.10
N LYS F 187 46.84 -1.96 -18.21
CA LYS F 187 45.56 -1.91 -18.90
C LYS F 187 45.59 -0.71 -19.85
N ASP F 188 44.86 -0.81 -20.97
CA ASP F 188 44.74 0.33 -21.86
C ASP F 188 43.87 1.40 -21.20
N GLN F 189 43.68 2.52 -21.89
CA GLN F 189 43.08 3.68 -21.25
C GLN F 189 41.59 3.50 -20.96
N VAL F 190 40.94 2.48 -21.53
CA VAL F 190 39.54 2.18 -21.21
C VAL F 190 39.41 0.91 -20.37
N GLY F 191 40.49 0.47 -19.71
CA GLY F 191 40.44 -0.56 -18.69
C GLY F 191 40.66 -1.99 -19.15
N VAL F 192 40.96 -2.20 -20.43
CA VAL F 192 41.14 -3.55 -20.95
C VAL F 192 42.57 -4.00 -20.68
N PRO F 193 42.78 -5.15 -20.04
CA PRO F 193 44.15 -5.62 -19.82
C PRO F 193 44.92 -5.74 -21.13
N ILE F 194 46.19 -5.33 -21.08
CA ILE F 194 47.11 -5.48 -22.20
C ILE F 194 48.20 -6.47 -21.80
N ASP F 195 48.71 -7.20 -22.81
CA ASP F 195 49.74 -8.22 -22.65
C ASP F 195 51.13 -7.62 -22.57
N ARG F 196 51.29 -6.48 -21.91
CA ARG F 196 52.60 -5.92 -21.66
C ARG F 196 52.50 -5.09 -20.39
N LYS F 197 53.66 -4.68 -19.89
CA LYS F 197 53.77 -3.83 -18.71
C LYS F 197 54.51 -2.58 -19.16
N VAL F 198 53.76 -1.50 -19.36
CA VAL F 198 54.34 -0.22 -19.77
C VAL F 198 54.94 0.47 -18.54
N ASN F 199 56.23 0.75 -18.58
CA ASN F 199 56.91 1.38 -17.47
C ASN F 199 56.97 2.88 -17.73
N LEU F 200 56.29 3.65 -16.88
CA LEU F 200 56.20 5.10 -17.03
C LEU F 200 57.15 5.85 -16.10
N GLY F 201 58.13 5.12 -15.60
CA GLY F 201 59.15 5.78 -14.79
C GLY F 201 58.65 6.08 -13.42
N LYS F 202 59.33 6.96 -12.72
CA LYS F 202 58.97 7.20 -11.32
C LYS F 202 58.03 8.38 -11.13
N PRO F 203 57.22 8.40 -10.05
CA PRO F 203 56.44 9.59 -9.72
C PRO F 203 57.36 10.73 -9.33
N MET F 204 56.90 11.93 -9.61
CA MET F 204 57.53 13.12 -9.05
C MET F 204 57.48 13.07 -7.54
N SER F 205 58.54 13.56 -6.91
CA SER F 205 58.50 13.87 -5.50
C SER F 205 57.46 14.96 -5.26
N ASP F 206 56.96 15.02 -4.03
CA ASP F 206 55.98 16.06 -3.70
C ASP F 206 56.57 17.44 -3.93
N ALA F 207 57.86 17.60 -3.64
CA ALA F 207 58.49 18.90 -3.82
C ALA F 207 58.66 19.24 -5.29
N GLU F 208 59.02 18.23 -6.09
CA GLU F 208 59.11 18.48 -7.56
C GLU F 208 57.73 18.89 -8.07
N ALA F 209 56.69 18.16 -7.69
CA ALA F 209 55.35 18.47 -8.16
C ALA F 209 55.00 19.93 -7.88
N LYS F 210 55.29 20.37 -6.65
CA LYS F 210 54.96 21.76 -6.27
C LYS F 210 55.79 22.76 -7.10
N LYS F 211 56.99 22.36 -7.55
CA LYS F 211 57.79 23.25 -8.37
C LYS F 211 57.29 23.27 -9.80
N ARG F 212 56.72 22.15 -10.25
CA ARG F 212 56.34 22.00 -11.65
C ARG F 212 54.88 22.28 -11.92
N THR F 213 54.06 22.47 -10.87
CA THR F 213 52.63 22.51 -11.07
C THR F 213 52.15 23.84 -11.63
N THR F 214 51.02 23.78 -12.32
CA THR F 214 50.33 24.96 -12.80
C THR F 214 49.13 25.35 -11.94
N ILE F 215 48.82 24.60 -10.86
CA ILE F 215 47.65 24.92 -10.04
C ILE F 215 48.05 25.89 -8.93
N TYR F 216 47.14 26.83 -8.63
CA TYR F 216 47.24 27.59 -7.38
C TYR F 216 46.44 26.89 -6.29
N ARG F 217 47.05 26.75 -5.11
CA ARG F 217 46.32 26.26 -3.94
C ARG F 217 47.14 26.59 -2.71
N THR F 218 46.50 26.44 -1.54
CA THR F 218 47.03 27.01 -0.32
C THR F 218 48.34 26.38 0.11
N ASP F 219 48.64 25.14 -0.31
CA ASP F 219 49.89 24.51 0.09
C ASP F 219 51.02 24.76 -0.91
N GLY F 220 50.76 25.57 -1.94
CA GLY F 220 51.79 25.96 -2.88
C GLY F 220 51.80 27.46 -3.06
N VAL F 221 51.53 27.93 -4.27
CA VAL F 221 51.32 29.34 -4.52
C VAL F 221 49.84 29.63 -4.29
N LYS F 222 49.56 30.46 -3.27
CA LYS F 222 48.17 30.81 -2.93
C LYS F 222 47.57 31.70 -4.02
N TYR F 223 46.38 31.32 -4.51
CA TYR F 223 45.72 32.10 -5.55
C TYR F 223 45.44 33.51 -5.09
N ARG F 224 45.08 33.67 -3.82
CA ARG F 224 44.78 35.00 -3.31
C ARG F 224 45.94 35.95 -3.52
N ASP F 225 47.17 35.44 -3.55
CA ASP F 225 48.34 36.29 -3.70
C ASP F 225 48.69 36.61 -5.14
N GLU F 226 48.07 35.98 -6.13
CA GLU F 226 48.43 36.18 -7.53
C GLU F 226 47.56 37.31 -8.13
N GLU F 227 47.86 38.52 -7.66
CA GLU F 227 47.02 39.68 -7.96
C GLU F 227 47.00 40.02 -9.45
N GLU F 228 48.07 39.72 -10.18
CA GLU F 228 48.03 39.99 -11.62
C GLU F 228 46.98 39.12 -12.29
N VAL F 229 46.82 37.88 -11.84
CA VAL F 229 45.83 37.01 -12.45
C VAL F 229 44.43 37.48 -12.08
N LEU F 230 44.23 37.87 -10.82
CA LEU F 230 42.95 38.41 -10.40
C LEU F 230 42.62 39.69 -11.16
N ASP F 231 43.62 40.55 -11.38
CA ASP F 231 43.37 41.76 -12.15
C ASP F 231 42.94 41.42 -13.56
N HIS F 232 43.62 40.46 -14.18
CA HIS F 232 43.25 40.06 -15.53
C HIS F 232 41.82 39.55 -15.59
N VAL F 233 41.45 38.67 -14.67
CA VAL F 233 40.07 38.16 -14.63
C VAL F 233 39.09 39.31 -14.55
N HIS F 234 39.33 40.23 -13.61
CA HIS F 234 38.43 41.36 -13.42
C HIS F 234 38.32 42.21 -14.68
N LEU F 235 39.46 42.56 -15.29
CA LEU F 235 39.44 43.40 -16.48
C LEU F 235 38.60 42.77 -17.58
N VAL F 236 38.75 41.46 -17.80
CA VAL F 236 38.05 40.82 -18.90
C VAL F 236 36.56 40.75 -18.60
N HIS F 237 36.21 40.38 -17.38
CA HIS F 237 34.80 40.40 -16.98
C HIS F 237 34.21 41.79 -17.14
N HIS F 238 34.93 42.81 -16.67
CA HIS F 238 34.39 44.17 -16.69
C HIS F 238 34.18 44.63 -18.12
N ARG F 239 35.16 44.38 -18.98
CA ARG F 239 35.03 44.83 -20.36
C ARG F 239 33.94 44.05 -21.10
N ARG F 240 33.83 42.75 -20.83
CA ARG F 240 32.72 41.97 -21.39
C ARG F 240 31.38 42.57 -20.98
N THR F 241 31.23 42.87 -19.68
CA THR F 241 30.02 43.48 -19.18
C THR F 241 29.74 44.81 -19.87
N MET F 242 30.78 45.64 -19.99
CA MET F 242 30.61 46.97 -20.57
C MET F 242 30.16 46.90 -22.02
N TYR F 243 30.83 46.07 -22.82
CA TYR F 243 30.57 46.08 -24.24
C TYR F 243 29.31 45.31 -24.62
N GLY F 244 28.85 44.40 -23.77
CA GLY F 244 27.53 43.84 -23.98
C GLY F 244 26.43 44.87 -23.81
N TYR F 245 26.61 45.81 -22.89
CA TYR F 245 25.72 46.95 -22.74
C TYR F 245 25.77 47.83 -23.99
N ARG F 246 26.95 48.35 -24.33
CA ARG F 246 27.17 49.06 -25.61
C ARG F 246 28.61 48.83 -26.06
N PRO F 247 28.83 48.32 -27.27
CA PRO F 247 30.23 48.05 -27.69
C PRO F 247 30.97 49.32 -28.13
N GLU F 248 31.35 50.12 -27.13
CA GLU F 248 32.07 51.38 -27.36
C GLU F 248 32.82 51.76 -26.09
N THR F 249 33.86 52.59 -26.23
CA THR F 249 34.67 52.87 -25.04
C THR F 249 33.86 53.64 -23.99
N ALA F 250 32.85 54.39 -24.41
CA ALA F 250 32.04 55.13 -23.45
C ALA F 250 31.29 54.21 -22.50
N ALA F 251 31.12 52.93 -22.85
CA ALA F 251 30.47 52.00 -21.93
C ALA F 251 31.28 51.82 -20.67
N GLU F 252 32.59 52.06 -20.73
CA GLU F 252 33.45 51.76 -19.60
C GLU F 252 33.15 52.63 -18.39
N THR F 253 32.44 53.74 -18.56
CA THR F 253 32.03 54.59 -17.45
C THR F 253 30.52 54.74 -17.40
N ALA F 254 29.80 53.77 -17.94
CA ALA F 254 28.35 53.81 -17.87
C ALA F 254 27.90 53.81 -16.40
N PRO F 255 26.75 54.42 -16.11
CA PRO F 255 26.18 54.28 -14.77
C PRO F 255 26.06 52.80 -14.42
N GLY F 256 26.46 52.47 -13.20
CA GLY F 256 26.44 51.11 -12.73
C GLY F 256 27.78 50.43 -12.70
N VAL F 257 28.76 50.97 -13.42
CA VAL F 257 30.10 50.41 -13.34
C VAL F 257 30.65 50.61 -11.94
N GLY F 258 30.53 51.84 -11.42
CA GLY F 258 31.03 52.16 -10.11
C GLY F 258 32.55 52.24 -10.10
N PRO F 259 33.11 52.35 -8.90
CA PRO F 259 34.57 52.57 -8.77
C PRO F 259 35.39 51.31 -8.91
N VAL F 260 35.39 50.73 -10.13
CA VAL F 260 36.21 49.55 -10.36
C VAL F 260 37.68 49.92 -10.19
N THR F 261 38.45 48.98 -9.64
CA THR F 261 39.83 49.24 -9.27
C THR F 261 40.62 47.94 -9.33
N TYR F 262 41.91 48.05 -9.61
CA TYR F 262 42.77 46.90 -9.82
C TYR F 262 43.98 46.99 -8.90
N HIS F 263 44.61 45.84 -8.66
CA HIS F 263 45.74 45.76 -7.73
C HIS F 263 47.01 46.32 -8.34
N THR F 264 47.34 45.88 -9.55
CA THR F 264 48.65 46.07 -10.12
C THR F 264 48.64 47.01 -11.32
N VAL F 265 47.47 47.54 -11.68
CA VAL F 265 47.36 48.50 -12.78
C VAL F 265 46.23 49.49 -12.50
N ALA G 2 -36.83 14.98 30.06
CA ALA G 2 -36.49 13.58 29.85
C ALA G 2 -36.93 13.15 28.45
N TYR G 3 -36.43 11.98 28.02
CA TYR G 3 -36.67 11.53 26.66
C TYR G 3 -38.16 11.36 26.40
N LYS G 4 -38.60 11.76 25.20
CA LYS G 4 -39.99 11.60 24.75
C LYS G 4 -39.93 10.77 23.47
N TYR G 5 -40.53 9.58 23.49
CA TYR G 5 -40.52 8.73 22.31
C TYR G 5 -41.37 9.39 21.21
N PRO G 6 -40.88 9.42 19.96
CA PRO G 6 -41.57 10.19 18.91
C PRO G 6 -42.68 9.42 18.22
N SER G 7 -43.39 10.09 17.31
CA SER G 7 -44.53 9.43 16.68
C SER G 7 -44.11 8.52 15.52
N GLU G 8 -42.97 8.79 14.88
CA GLU G 8 -42.45 7.90 13.84
C GLU G 8 -41.44 6.93 14.46
N LYS G 9 -41.62 5.63 14.19
CA LYS G 9 -40.67 4.62 14.61
C LYS G 9 -39.27 4.95 14.12
N LEU G 10 -38.27 4.67 14.96
CA LEU G 10 -36.90 5.04 14.61
C LEU G 10 -36.33 4.19 13.48
N PHE G 11 -36.93 3.03 13.19
CA PHE G 11 -36.44 2.16 12.12
C PHE G 11 -37.04 2.50 10.75
N VAL G 12 -37.99 3.43 10.70
CA VAL G 12 -38.68 3.66 9.43
C VAL G 12 -37.74 4.30 8.41
N GLU G 13 -36.87 5.22 8.85
CA GLU G 13 -35.97 5.86 7.90
C GLU G 13 -35.16 4.84 7.10
N ALA G 14 -34.58 3.86 7.79
CA ALA G 14 -33.76 2.86 7.13
C ALA G 14 -34.59 2.03 6.15
N LEU G 15 -35.83 1.70 6.52
CA LEU G 15 -36.68 0.96 5.60
C LEU G 15 -36.92 1.77 4.33
N LYS G 16 -37.25 3.05 4.49
CA LYS G 16 -37.51 3.88 3.32
C LYS G 16 -36.25 4.08 2.47
N SER G 17 -35.07 4.10 3.11
CA SER G 17 -33.82 4.27 2.37
C SER G 17 -33.41 3.00 1.64
N LYS G 18 -33.88 1.82 2.10
CA LYS G 18 -33.58 0.56 1.39
C LYS G 18 -34.63 0.26 0.32
N PHE G 19 -35.84 0.82 0.47
CA PHE G 19 -36.95 0.46 -0.40
C PHE G 19 -37.67 1.75 -0.82
N ALA G 20 -37.02 2.54 -1.69
CA ALA G 20 -37.61 3.80 -2.09
C ALA G 20 -38.96 3.56 -2.75
N GLY G 21 -40.01 4.22 -2.22
CA GLY G 21 -41.35 4.14 -2.76
C GLY G 21 -42.20 3.00 -2.20
N LEU G 22 -41.62 2.17 -1.36
CA LEU G 22 -42.34 0.98 -0.92
C LEU G 22 -43.44 1.30 0.09
N ASP G 23 -44.60 0.69 -0.10
CA ASP G 23 -45.64 0.65 0.92
C ASP G 23 -45.20 -0.30 2.04
N LEU G 24 -44.88 0.26 3.20
CA LEU G 24 -44.28 -0.55 4.27
C LEU G 24 -45.25 -1.49 4.93
N SER G 25 -46.53 -1.46 4.55
CA SER G 25 -47.48 -2.42 5.09
C SER G 25 -47.63 -3.66 4.21
N ASP G 26 -47.08 -3.65 3.00
CA ASP G 26 -47.31 -4.75 2.07
C ASP G 26 -46.67 -6.02 2.60
N GLN G 27 -47.46 -7.08 2.69
CA GLN G 27 -46.96 -8.38 3.10
C GLN G 27 -46.40 -9.21 1.94
N LYS G 28 -46.62 -8.79 0.70
CA LYS G 28 -46.16 -9.53 -0.46
C LYS G 28 -45.19 -8.68 -1.29
N VAL G 29 -44.43 -9.38 -2.15
CA VAL G 29 -43.40 -8.73 -2.94
C VAL G 29 -43.19 -9.56 -4.20
N LYS G 30 -42.75 -8.89 -5.26
CA LYS G 30 -42.34 -9.58 -6.47
C LYS G 30 -40.89 -10.05 -6.33
N TYR G 31 -40.65 -11.32 -6.62
CA TYR G 31 -39.31 -11.88 -6.68
C TYR G 31 -38.87 -11.94 -8.14
N VAL G 32 -37.73 -11.32 -8.45
CA VAL G 32 -37.23 -11.35 -9.82
C VAL G 32 -36.08 -12.35 -10.01
N ARG G 33 -35.57 -12.94 -8.93
CA ARG G 33 -34.61 -14.04 -9.02
C ARG G 33 -33.40 -13.66 -9.86
N ALA G 34 -32.82 -12.51 -9.53
CA ALA G 34 -31.76 -11.96 -10.37
C ALA G 34 -30.42 -12.65 -10.16
N GLY G 35 -30.23 -13.23 -8.99
CA GLY G 35 -28.92 -13.78 -8.68
C GLY G 35 -27.93 -12.69 -8.36
N TYR G 36 -26.66 -13.08 -8.33
CA TYR G 36 -25.62 -12.23 -7.76
C TYR G 36 -25.38 -10.97 -8.60
N LEU G 37 -25.73 -10.97 -9.88
CA LEU G 37 -25.42 -9.81 -10.70
C LEU G 37 -26.16 -8.56 -10.26
N GLN G 38 -27.18 -8.69 -9.41
CA GLN G 38 -27.87 -7.52 -8.90
C GLN G 38 -26.96 -6.68 -8.01
N ASN G 39 -25.89 -7.26 -7.46
CA ASN G 39 -25.20 -6.67 -6.33
C ASN G 39 -23.75 -6.36 -6.69
N ALA G 40 -23.37 -5.08 -6.57
CA ALA G 40 -22.03 -4.66 -6.96
C ALA G 40 -20.95 -5.37 -6.15
N ARG G 41 -21.21 -5.61 -4.86
CA ARG G 41 -20.17 -6.23 -4.05
C ARG G 41 -19.97 -7.69 -4.46
N LYS G 42 -21.04 -8.43 -4.72
CA LYS G 42 -20.87 -9.81 -5.15
C LYS G 42 -20.18 -9.88 -6.52
N ARG G 43 -20.47 -8.93 -7.40
CA ARG G 43 -19.82 -8.89 -8.70
C ARG G 43 -18.34 -8.61 -8.52
N GLU G 44 -18.01 -7.67 -7.63
CA GLU G 44 -16.62 -7.41 -7.30
C GLU G 44 -15.94 -8.65 -6.74
N PHE G 45 -16.63 -9.37 -5.85
CA PHE G 45 -16.02 -10.56 -5.28
C PHE G 45 -15.78 -11.64 -6.34
N GLN G 46 -16.76 -11.82 -7.25
CA GLN G 46 -16.59 -12.79 -8.32
C GLN G 46 -15.36 -12.49 -9.16
N ALA G 47 -15.13 -11.21 -9.46
CA ALA G 47 -13.97 -10.82 -10.25
C ALA G 47 -12.68 -11.00 -9.47
N ALA G 48 -12.72 -10.71 -8.17
CA ALA G 48 -11.57 -10.94 -7.31
C ALA G 48 -11.21 -12.42 -7.27
N GLY G 49 -12.23 -13.29 -7.18
CA GLY G 49 -12.00 -14.71 -7.21
C GLY G 49 -11.40 -15.19 -8.52
N GLU G 50 -11.76 -14.55 -9.63
CA GLU G 50 -11.17 -14.90 -10.92
C GLU G 50 -9.68 -14.61 -10.92
N ARG G 51 -9.29 -13.45 -10.40
CA ARG G 51 -7.87 -13.12 -10.33
C ARG G 51 -7.14 -14.06 -9.39
N VAL G 52 -7.74 -14.36 -8.22
CA VAL G 52 -7.10 -15.27 -7.29
C VAL G 52 -6.81 -16.61 -7.96
N ALA G 53 -7.79 -17.16 -8.67
CA ALA G 53 -7.61 -18.48 -9.27
C ALA G 53 -6.57 -18.44 -10.37
N GLU G 54 -6.60 -17.40 -11.20
CA GLU G 54 -5.59 -17.27 -12.24
C GLU G 54 -4.19 -17.16 -11.65
N GLN G 55 -4.02 -16.31 -10.63
CA GLN G 55 -2.68 -16.04 -10.12
C GLN G 55 -2.07 -17.27 -9.45
N ARG G 56 -2.89 -18.08 -8.77
CA ARG G 56 -2.36 -19.21 -8.01
C ARG G 56 -2.57 -20.57 -8.67
N GLY G 57 -3.30 -20.61 -9.78
CA GLY G 57 -3.50 -21.86 -10.49
C GLY G 57 -4.51 -22.78 -9.86
N MET G 58 -5.50 -22.22 -9.17
CA MET G 58 -6.41 -23.02 -8.36
C MET G 58 -7.69 -22.28 -8.09
N GLN G 59 -8.82 -22.91 -8.45
CA GLN G 59 -10.13 -22.36 -8.19
C GLN G 59 -10.30 -21.95 -6.74
N GLN G 60 -10.97 -20.81 -6.54
CA GLN G 60 -11.29 -20.29 -5.21
C GLN G 60 -12.75 -19.86 -5.21
N TYR G 61 -13.01 -18.58 -4.92
CA TYR G 61 -14.40 -18.09 -4.87
C TYR G 61 -15.08 -18.18 -6.23
N ASP G 62 -16.32 -18.69 -6.23
CA ASP G 62 -17.13 -18.70 -7.44
C ASP G 62 -18.59 -18.82 -7.01
N VAL G 63 -19.36 -17.74 -7.19
CA VAL G 63 -20.75 -17.74 -6.74
C VAL G 63 -21.51 -18.96 -7.26
N ASN G 64 -21.10 -19.49 -8.41
CA ASN G 64 -21.86 -20.58 -9.01
C ASN G 64 -21.67 -21.90 -8.29
N VAL G 65 -20.73 -21.96 -7.33
CA VAL G 65 -20.58 -23.16 -6.52
C VAL G 65 -21.68 -23.29 -5.47
N HIS G 66 -22.43 -22.21 -5.20
CA HIS G 66 -23.59 -22.34 -4.32
C HIS G 66 -24.47 -23.49 -4.81
N LEU G 67 -25.00 -24.26 -3.86
CA LEU G 67 -25.74 -25.45 -4.25
C LEU G 67 -27.05 -25.07 -4.94
N GLY G 68 -27.67 -26.08 -5.57
CA GLY G 68 -29.01 -25.97 -6.08
C GLY G 68 -29.12 -25.31 -7.43
N GLY G 69 -28.01 -24.96 -8.05
CA GLY G 69 -28.07 -24.27 -9.31
C GLY G 69 -28.47 -22.81 -9.21
N MET G 70 -28.40 -22.23 -8.01
CA MET G 70 -28.71 -20.83 -7.78
C MET G 70 -27.53 -20.11 -7.13
N THR G 71 -27.33 -18.85 -7.50
CA THR G 71 -26.41 -17.99 -6.80
C THR G 71 -27.16 -17.17 -5.77
N LEU G 72 -26.39 -16.65 -4.80
CA LEU G 72 -26.95 -15.71 -3.85
C LEU G 72 -27.71 -14.60 -4.57
N GLY G 73 -28.87 -14.23 -4.04
CA GLY G 73 -29.61 -13.11 -4.64
C GLY G 73 -30.84 -13.56 -5.40
N GLN G 74 -31.41 -14.71 -5.05
CA GLN G 74 -32.71 -15.09 -5.67
C GLN G 74 -33.73 -14.09 -5.11
N ARG G 75 -33.49 -13.62 -3.90
CA ARG G 75 -34.32 -12.54 -3.32
C ARG G 75 -33.50 -11.24 -3.48
N GLN G 76 -34.02 -10.11 -3.01
CA GLN G 76 -33.21 -8.87 -3.06
C GLN G 76 -32.11 -8.91 -1.99
N LEU G 77 -30.86 -8.65 -2.37
CA LEU G 77 -29.77 -8.55 -1.37
C LEU G 77 -29.80 -7.11 -0.85
N VAL G 78 -30.20 -6.91 0.41
CA VAL G 78 -30.40 -5.52 0.91
C VAL G 78 -29.16 -5.02 1.66
N PRO G 79 -28.89 -3.70 1.68
CA PRO G 79 -27.75 -3.11 2.42
C PRO G 79 -28.12 -2.88 3.89
N TYR G 80 -27.19 -2.30 4.66
CA TYR G 80 -27.37 -2.08 6.08
C TYR G 80 -26.99 -0.67 6.44
N LYS G 81 -27.86 0.04 7.15
CA LYS G 81 -27.53 1.35 7.68
C LYS G 81 -26.96 1.19 9.08
N LEU G 82 -25.77 1.75 9.33
CA LEU G 82 -25.27 1.75 10.70
C LEU G 82 -26.18 2.62 11.56
N SER G 83 -26.62 2.08 12.70
CA SER G 83 -27.57 2.82 13.51
C SER G 83 -26.96 4.11 14.04
N THR G 84 -27.76 5.18 13.97
CA THR G 84 -27.44 6.57 14.29
C THR G 84 -26.53 7.22 13.26
N ARG G 85 -26.17 6.52 12.21
CA ARG G 85 -25.28 7.03 11.18
C ARG G 85 -25.99 7.12 9.83
N PRO G 86 -25.51 7.98 8.93
CA PRO G 86 -26.11 8.03 7.58
C PRO G 86 -25.59 6.96 6.65
N ASP G 87 -24.50 6.29 7.05
CA ASP G 87 -23.81 5.33 6.20
C ASP G 87 -24.60 4.05 6.03
N ILE G 88 -24.89 3.71 4.77
CA ILE G 88 -25.51 2.46 4.35
C ILE G 88 -24.45 1.68 3.58
N VAL G 89 -24.29 0.40 3.93
CA VAL G 89 -23.19 -0.40 3.41
C VAL G 89 -23.74 -1.77 3.02
N GLU G 90 -22.99 -2.44 2.16
CA GLU G 90 -23.35 -3.81 1.85
C GLU G 90 -23.01 -4.70 3.04
N GLY G 91 -23.75 -5.81 3.18
CA GLY G 91 -23.53 -6.68 4.31
C GLY G 91 -22.09 -7.17 4.43
N ASP G 92 -21.46 -7.46 3.29
CA ASP G 92 -20.10 -7.98 3.30
C ASP G 92 -19.14 -6.98 3.93
N ASP G 93 -19.45 -5.70 3.86
CA ASP G 93 -18.58 -4.66 4.41
C ASP G 93 -18.54 -4.69 5.93
N LEU G 94 -19.44 -5.46 6.54
CA LEU G 94 -19.52 -5.60 7.99
C LEU G 94 -19.00 -6.96 8.47
N HIS G 95 -18.46 -7.75 7.54
CA HIS G 95 -17.78 -9.00 7.96
C HIS G 95 -16.47 -8.57 8.61
N TYR G 96 -16.11 -9.17 9.75
CA TYR G 96 -14.89 -8.70 10.48
C TYR G 96 -13.66 -8.76 9.57
N VAL G 97 -13.59 -9.78 8.70
CA VAL G 97 -12.39 -9.97 7.82
C VAL G 97 -12.28 -8.76 6.86
N ASN G 98 -13.41 -8.23 6.39
CA ASN G 98 -13.38 -7.12 5.40
C ASN G 98 -13.47 -5.77 6.08
N ASN G 99 -13.47 -5.72 7.41
CA ASN G 99 -13.69 -4.45 8.11
C ASN G 99 -12.56 -4.14 9.07
N PRO G 100 -11.64 -3.25 8.68
CA PRO G 100 -10.47 -2.99 9.53
C PRO G 100 -10.78 -2.27 10.84
N ALA G 101 -11.86 -1.50 10.90
CA ALA G 101 -12.23 -0.89 12.18
C ALA G 101 -12.56 -1.96 13.22
N MET G 102 -13.32 -2.98 12.81
CA MET G 102 -13.66 -4.09 13.72
C MET G 102 -12.37 -4.81 14.14
N GLN G 103 -11.48 -5.09 13.19
CA GLN G 103 -10.24 -5.76 13.52
C GLN G 103 -9.42 -4.94 14.50
N GLN G 104 -9.38 -3.63 14.29
CA GLN G 104 -8.54 -2.79 15.14
C GLN G 104 -9.16 -2.57 16.51
N MET G 105 -10.49 -2.56 16.61
CA MET G 105 -11.07 -2.49 17.95
C MET G 105 -10.61 -3.66 18.79
N TRP G 106 -10.65 -4.86 18.23
CA TRP G 106 -10.22 -6.03 18.98
C TRP G 106 -8.70 -6.01 19.21
N ASP G 107 -7.93 -5.64 18.19
CA ASP G 107 -6.48 -5.54 18.39
C ASP G 107 -6.12 -4.56 19.49
N ASP G 108 -6.83 -3.43 19.56
CA ASP G 108 -6.60 -2.44 20.60
C ASP G 108 -6.91 -3.02 21.99
N MET G 109 -7.99 -3.78 22.11
CA MET G 109 -8.27 -4.42 23.38
C MET G 109 -7.22 -5.46 23.73
N LYS G 110 -6.90 -6.35 22.77
CA LYS G 110 -5.98 -7.48 23.07
C LYS G 110 -4.57 -6.99 23.40
N ARG G 111 -4.13 -5.87 22.84
CA ARG G 111 -2.77 -5.40 23.02
C ARG G 111 -2.62 -4.53 24.26
N THR G 112 -3.64 -4.44 25.08
CA THR G 112 -3.65 -3.56 26.24
C THR G 112 -3.47 -4.34 27.53
N ILE G 113 -2.63 -3.80 28.41
CA ILE G 113 -2.51 -4.27 29.77
C ILE G 113 -2.30 -3.05 30.66
N ILE G 114 -2.87 -3.10 31.86
CA ILE G 114 -2.71 -2.06 32.87
C ILE G 114 -1.77 -2.59 33.96
N VAL G 115 -0.74 -1.81 34.30
CA VAL G 115 0.30 -2.24 35.23
C VAL G 115 0.52 -1.13 36.26
N GLY G 116 0.42 -1.48 37.54
CA GLY G 116 0.65 -0.49 38.56
C GLY G 116 2.11 -0.12 38.66
N MET G 117 2.37 1.08 39.20
CA MET G 117 3.75 1.48 39.47
C MET G 117 4.10 1.55 40.94
N ASP G 118 3.11 1.53 41.84
CA ASP G 118 3.43 1.73 43.27
C ASP G 118 4.36 0.64 43.78
N LEU G 119 4.05 -0.62 43.45
CA LEU G 119 4.85 -1.75 43.90
C LEU G 119 6.28 -1.67 43.39
N ALA G 120 6.45 -1.32 42.13
CA ALA G 120 7.78 -1.14 41.58
C ALA G 120 8.54 -0.04 42.30
N HIS G 121 7.86 1.07 42.57
CA HIS G 121 8.50 2.16 43.29
C HIS G 121 8.86 1.75 44.70
N GLU G 122 8.00 0.97 45.35
CA GLU G 122 8.32 0.47 46.69
C GLU G 122 9.51 -0.47 46.65
N THR G 123 9.63 -1.27 45.59
CA THR G 123 10.78 -2.12 45.41
C THR G 123 12.06 -1.32 45.30
N LEU G 124 12.05 -0.27 44.48
CA LEU G 124 13.23 0.57 44.31
C LEU G 124 13.63 1.23 45.63
N GLU G 125 12.64 1.64 46.40
CA GLU G 125 12.96 2.28 47.69
C GLU G 125 13.52 1.25 48.66
N LYS G 126 12.82 0.15 48.85
CA LYS G 126 13.23 -0.83 49.86
C LYS G 126 14.58 -1.46 49.52
N ARG G 127 14.74 -1.92 48.28
CA ARG G 127 15.90 -2.77 47.99
C ARG G 127 17.12 -1.96 47.57
N LEU G 128 16.93 -0.88 46.81
CA LEU G 128 18.03 -0.05 46.34
C LEU G 128 18.16 1.25 47.12
N GLY G 129 17.17 1.61 47.92
CA GLY G 129 17.19 2.91 48.58
C GLY G 129 17.08 4.07 47.63
N LYS G 130 16.37 3.89 46.51
CA LYS G 130 16.24 4.95 45.53
C LYS G 130 15.10 5.89 45.91
N GLU G 131 15.23 7.15 45.49
CA GLU G 131 14.20 8.15 45.68
C GLU G 131 13.40 8.25 44.39
N VAL G 132 12.10 7.96 44.47
CA VAL G 132 11.19 8.11 43.34
C VAL G 132 10.58 9.50 43.42
N THR G 133 10.73 10.27 42.36
CA THR G 133 10.29 11.64 42.27
C THR G 133 9.60 11.86 40.93
N PRO G 134 8.85 12.97 40.79
CA PRO G 134 8.31 13.32 39.47
C PRO G 134 9.37 13.35 38.39
N GLU G 135 10.56 13.83 38.73
CA GLU G 135 11.63 13.88 37.74
C GLU G 135 12.09 12.47 37.34
N SER G 136 12.19 11.55 38.30
CA SER G 136 12.61 10.20 37.92
C SER G 136 11.51 9.47 37.18
N ILE G 137 10.24 9.70 37.55
CA ILE G 137 9.12 9.16 36.81
C ILE G 137 9.08 9.71 35.38
N ALA G 138 9.31 11.02 35.21
CA ALA G 138 9.37 11.58 33.87
C ALA G 138 10.46 10.92 33.03
N GLY G 139 11.62 10.66 33.62
CA GLY G 139 12.66 9.95 32.90
C GLY G 139 12.25 8.53 32.54
N TYR G 140 11.57 7.87 33.46
CA TYR G 140 11.06 6.52 33.19
C TYR G 140 10.04 6.54 32.05
N MET G 141 9.17 7.55 32.02
CA MET G 141 8.13 7.59 30.99
C MET G 141 8.75 7.76 29.60
N GLU G 142 9.83 8.54 29.50
CA GLU G 142 10.52 8.68 28.23
C GLU G 142 11.19 7.37 27.86
N ALA G 143 11.83 6.70 28.82
CA ALA G 143 12.48 5.44 28.51
C ALA G 143 11.48 4.40 28.03
N VAL G 144 10.32 4.30 28.70
CA VAL G 144 9.38 3.23 28.35
C VAL G 144 8.73 3.53 27.00
N ASN G 145 8.63 4.78 26.59
CA ASN G 145 8.04 5.04 25.28
C ASN G 145 9.04 4.91 24.14
N HIS G 146 10.33 4.90 24.44
CA HIS G 146 11.32 4.46 23.45
C HIS G 146 11.39 2.94 23.39
N THR G 147 11.41 2.27 24.54
CA THR G 147 11.65 0.83 24.54
C THR G 147 10.41 0.01 24.19
N MET G 148 9.24 0.44 24.63
CA MET G 148 8.07 -0.43 24.49
C MET G 148 7.80 -0.85 23.05
N PRO G 149 7.95 0.01 22.03
CA PRO G 149 7.71 -0.47 20.66
C PRO G 149 8.75 -1.44 20.15
N GLY G 150 9.86 -1.62 20.88
CA GLY G 150 10.87 -2.59 20.51
C GLY G 150 12.23 -2.00 20.19
N ALA G 151 12.68 -1.05 21.01
CA ALA G 151 13.97 -0.40 20.83
C ALA G 151 14.82 -0.54 22.09
N ALA G 152 16.13 -0.40 21.90
CA ALA G 152 17.12 -0.76 22.91
C ALA G 152 17.56 0.44 23.72
N ILE G 153 17.88 0.17 25.00
CA ILE G 153 18.29 1.26 25.93
C ILE G 153 19.56 0.87 26.74
N VAL G 154 19.91 -0.41 26.82
CA VAL G 154 21.06 -0.82 27.70
C VAL G 154 22.22 -1.41 26.88
N GLN G 155 21.93 -2.45 26.11
CA GLN G 155 23.03 -3.19 25.46
C GLN G 155 23.59 -2.51 24.20
N GLU G 156 24.70 -3.07 23.74
CA GLU G 156 25.30 -2.54 22.49
C GLU G 156 25.04 -3.55 21.37
N HIS G 157 25.02 -3.08 20.13
CA HIS G 157 24.79 -3.94 18.95
C HIS G 157 23.43 -4.64 19.00
N MET G 158 22.41 -3.91 19.42
CA MET G 158 21.04 -4.41 19.43
C MET G 158 20.41 -4.06 18.08
N VAL G 159 19.54 -4.94 17.59
CA VAL G 159 18.72 -4.68 16.41
C VAL G 159 17.29 -4.42 16.92
N GLU G 160 16.52 -3.63 16.17
CA GLU G 160 15.32 -3.05 16.73
C GLU G 160 14.16 -3.16 15.75
N THR G 161 12.94 -2.98 16.27
CA THR G 161 11.79 -2.92 15.39
C THR G 161 11.81 -1.62 14.59
N HIS G 162 11.27 -1.69 13.38
CA HIS G 162 11.10 -0.50 12.55
C HIS G 162 10.08 0.42 13.22
N PRO G 163 10.45 1.62 13.65
CA PRO G 163 9.49 2.45 14.39
C PRO G 163 8.17 2.68 13.67
N GLY G 164 8.17 2.72 12.33
CA GLY G 164 6.94 2.92 11.58
C GLY G 164 6.00 1.74 11.61
N LEU G 165 6.52 0.54 11.86
CA LEU G 165 5.67 -0.65 11.99
C LEU G 165 5.00 -0.76 13.34
N VAL G 166 5.44 0.02 14.34
CA VAL G 166 4.99 -0.11 15.73
C VAL G 166 4.56 1.26 16.22
N ASP G 167 4.05 2.10 15.29
CA ASP G 167 3.70 3.48 15.63
C ASP G 167 2.50 3.58 16.56
N ASP G 168 1.72 2.51 16.72
CA ASP G 168 0.56 2.52 17.59
C ASP G 168 0.89 2.14 19.02
N CYS G 169 2.12 1.72 19.28
CA CYS G 169 2.54 1.25 20.60
C CYS G 169 2.98 2.43 21.47
N TYR G 170 2.46 2.50 22.69
CA TYR G 170 2.82 3.59 23.60
C TYR G 170 2.40 3.23 25.01
N VAL G 171 2.87 4.04 25.96
CA VAL G 171 2.55 3.88 27.37
C VAL G 171 2.19 5.25 27.94
N LYS G 172 1.06 5.34 28.63
CA LYS G 172 0.71 6.51 29.41
C LYS G 172 0.48 6.12 30.86
N MET G 173 0.70 7.07 31.76
CA MET G 173 0.36 6.85 33.15
C MET G 173 -0.92 7.58 33.51
N PHE G 174 -1.56 7.09 34.56
CA PHE G 174 -2.71 7.79 35.14
C PHE G 174 -2.72 7.54 36.63
N THR G 175 -3.35 8.48 37.33
CA THR G 175 -3.42 8.45 38.78
C THR G 175 -4.56 9.34 39.25
N GLY G 176 -5.12 8.98 40.39
CA GLY G 176 -6.04 9.88 41.08
C GLY G 176 -5.37 11.06 41.76
N ASP G 177 -4.03 11.08 41.81
CA ASP G 177 -3.27 12.15 42.47
C ASP G 177 -3.08 13.30 41.47
N ASP G 178 -3.92 14.31 41.57
CA ASP G 178 -3.82 15.43 40.63
C ASP G 178 -2.47 16.12 40.71
N GLU G 179 -1.85 16.16 41.89
CA GLU G 179 -0.57 16.85 42.00
C GLU G 179 0.50 16.14 41.19
N LEU G 180 0.56 14.81 41.28
CA LEU G 180 1.50 14.06 40.46
C LEU G 180 1.15 14.19 38.98
N ALA G 181 -0.11 13.95 38.63
CA ALA G 181 -0.49 14.00 37.22
C ALA G 181 -0.10 15.33 36.58
N ASP G 182 -0.09 16.41 37.36
CA ASP G 182 0.22 17.71 36.80
C ASP G 182 1.72 17.97 36.71
N GLU G 183 2.54 17.18 37.42
CA GLU G 183 3.99 17.34 37.36
C GLU G 183 4.62 16.65 36.16
N ILE G 184 3.90 15.76 35.49
CA ILE G 184 4.43 14.97 34.37
C ILE G 184 3.97 15.62 33.07
N ASP G 185 4.86 15.63 32.07
CA ASP G 185 4.51 16.12 30.73
C ASP G 185 3.22 15.47 30.27
N SER G 186 2.27 16.29 29.84
CA SER G 186 0.93 15.78 29.56
C SER G 186 0.90 14.78 28.41
N GLN G 187 1.91 14.77 27.54
CA GLN G 187 1.95 13.74 26.51
C GLN G 187 1.97 12.33 27.09
N TYR G 188 2.40 12.19 28.35
CA TYR G 188 2.56 10.89 28.99
C TYR G 188 1.42 10.54 29.94
N VAL G 189 0.39 11.36 30.02
CA VAL G 189 -0.61 11.25 31.08
C VAL G 189 -1.99 11.15 30.45
N ILE G 190 -2.80 10.23 30.94
CA ILE G 190 -4.23 10.28 30.65
C ILE G 190 -4.88 11.27 31.59
N ASN G 191 -5.46 12.32 31.04
CA ASN G 191 -6.00 13.40 31.87
C ASN G 191 -7.45 13.08 32.22
N ILE G 192 -7.62 12.56 33.44
CA ILE G 192 -8.94 12.13 33.90
C ILE G 192 -9.87 13.31 33.98
N ASN G 193 -9.37 14.46 34.44
CA ASN G 193 -10.26 15.59 34.64
C ASN G 193 -10.79 16.12 33.32
N ASP G 194 -9.96 16.08 32.28
CA ASP G 194 -10.41 16.62 30.96
C ASP G 194 -11.35 15.64 30.27
N LEU G 195 -11.07 14.35 30.35
CA LEU G 195 -11.87 13.36 29.65
C LEU G 195 -13.19 13.06 30.34
N PHE G 196 -13.23 13.19 31.66
CA PHE G 196 -14.43 12.82 32.41
C PHE G 196 -15.07 14.04 33.04
N ASP G 197 -15.41 15.01 32.20
CA ASP G 197 -15.88 16.32 32.66
C ASP G 197 -17.39 16.38 32.84
N LYS G 198 -18.12 15.30 32.63
CA LYS G 198 -19.58 15.32 32.77
C LYS G 198 -20.02 14.65 34.05
N GLU G 199 -21.02 15.24 34.70
CA GLU G 199 -21.71 14.66 35.86
C GLU G 199 -20.73 14.22 36.94
N GLY G 200 -19.63 14.94 37.08
CA GLY G 200 -18.70 14.60 38.15
C GLY G 200 -18.01 13.27 38.01
N GLN G 201 -17.96 12.69 36.81
CA GLN G 201 -17.38 11.36 36.68
C GLN G 201 -15.90 11.35 37.05
N ASN G 202 -15.19 12.44 36.77
CA ASN G 202 -13.77 12.51 37.10
C ASN G 202 -13.55 12.35 38.60
N GLU G 203 -14.41 12.94 39.41
CA GLU G 203 -14.23 12.85 40.86
C GLU G 203 -14.49 11.42 41.36
N LYS G 204 -15.47 10.75 40.76
CA LYS G 204 -15.73 9.36 41.11
C LYS G 204 -14.56 8.47 40.74
N LEU G 205 -13.97 8.68 39.56
CA LEU G 205 -12.86 7.85 39.12
C LEU G 205 -11.63 8.09 39.99
N LYS G 206 -11.33 9.35 40.29
CA LYS G 206 -10.15 9.63 41.12
C LYS G 206 -10.33 9.12 42.53
N ALA G 207 -11.55 9.23 43.06
CA ALA G 207 -11.83 8.68 44.39
C ALA G 207 -11.66 7.17 44.40
N ALA G 208 -12.06 6.50 43.32
CA ALA G 208 -11.96 5.04 43.30
C ALA G 208 -10.52 4.60 43.11
N ILE G 209 -9.77 5.29 42.27
CA ILE G 209 -8.38 4.94 42.01
C ILE G 209 -7.50 5.39 43.17
N GLY G 210 -7.75 6.57 43.70
CA GLY G 210 -6.93 7.07 44.78
C GLY G 210 -5.59 7.56 44.31
N LYS G 211 -4.69 7.72 45.27
CA LYS G 211 -3.34 8.23 45.01
C LYS G 211 -2.41 7.11 44.59
N THR G 212 -2.88 6.24 43.71
CA THR G 212 -2.12 5.14 43.15
C THR G 212 -1.82 5.47 41.69
N THR G 213 -0.72 4.92 41.19
CA THR G 213 -0.24 5.24 39.85
C THR G 213 -0.22 4.00 38.98
N TRP G 214 -0.71 4.16 37.75
CA TRP G 214 -0.92 3.07 36.82
C TRP G 214 -0.39 3.44 35.44
N GLN G 215 0.08 2.42 34.71
CA GLN G 215 0.44 2.57 33.31
C GLN G 215 -0.58 1.87 32.42
N ALA G 216 -1.07 2.58 31.43
CA ALA G 216 -1.85 1.99 30.35
C ALA G 216 -0.86 1.63 29.25
N VAL G 217 -0.59 0.34 29.09
CA VAL G 217 0.37 -0.16 28.11
C VAL G 217 -0.36 -0.73 26.91
N HIS G 218 0.05 -0.30 25.71
CA HIS G 218 -0.55 -0.78 24.47
C HIS G 218 0.60 -1.25 23.60
N ILE G 219 0.79 -2.56 23.49
CA ILE G 219 1.91 -3.10 22.73
C ILE G 219 1.57 -3.04 21.24
N PRO G 220 2.50 -3.30 20.34
CA PRO G 220 2.23 -3.09 18.91
C PRO G 220 1.15 -4.02 18.39
N THR G 221 0.24 -3.46 17.59
CA THR G 221 -0.76 -4.28 16.91
C THR G 221 -0.08 -5.39 16.11
N ILE G 222 1.02 -5.08 15.42
CA ILE G 222 1.64 -6.09 14.56
C ILE G 222 2.07 -7.31 15.37
N VAL G 223 2.41 -7.12 16.66
CA VAL G 223 2.86 -8.23 17.50
C VAL G 223 1.71 -9.17 17.87
N VAL G 224 0.58 -8.61 18.30
CA VAL G 224 -0.56 -9.47 18.62
C VAL G 224 -1.09 -10.15 17.36
N ARG G 225 -0.92 -9.52 16.19
CA ARG G 225 -1.35 -10.18 14.95
C ARG G 225 -0.43 -11.35 14.60
N CYS G 226 0.90 -11.19 14.75
CA CYS G 226 1.77 -12.34 14.57
C CYS G 226 1.57 -13.39 15.64
N CYS G 227 1.26 -12.98 16.86
CA CYS G 227 1.25 -13.86 18.02
C CYS G 227 -0.14 -13.98 18.60
N ASP G 228 -0.35 -13.69 19.89
CA ASP G 228 -1.67 -13.83 20.50
C ASP G 228 -1.77 -12.85 21.67
N GLY G 229 -2.92 -12.84 22.34
CA GLY G 229 -3.08 -11.93 23.45
C GLY G 229 -2.21 -12.25 24.65
N GLY G 230 -1.73 -13.49 24.75
CA GLY G 230 -0.80 -13.82 25.83
C GLY G 230 0.52 -13.10 25.74
N ASN G 231 0.81 -12.52 24.56
CA ASN G 231 2.03 -11.76 24.41
C ASN G 231 1.96 -10.48 25.22
N THR G 232 0.76 -9.94 25.44
CA THR G 232 0.65 -8.54 25.85
C THR G 232 1.27 -8.27 27.21
N SER G 233 0.87 -8.99 28.26
CA SER G 233 1.43 -8.71 29.57
C SER G 233 2.93 -9.02 29.63
N ARG G 234 3.40 -9.99 28.84
CA ARG G 234 4.82 -10.32 28.84
C ARG G 234 5.63 -9.23 28.15
N TRP G 235 5.19 -8.82 26.95
CA TRP G 235 5.89 -7.78 26.20
C TRP G 235 5.99 -6.51 27.04
N SER G 236 4.85 -6.09 27.61
CA SER G 236 4.79 -4.94 28.50
C SER G 236 5.82 -5.05 29.62
N ALA G 237 5.84 -6.20 30.29
CA ALA G 237 6.73 -6.36 31.44
C ALA G 237 8.20 -6.29 31.05
N MET G 238 8.54 -6.80 29.86
CA MET G 238 9.98 -6.83 29.47
C MET G 238 10.50 -5.39 29.34
N GLN G 239 9.73 -4.50 28.70
CA GLN G 239 10.20 -3.16 28.42
C GLN G 239 9.98 -2.23 29.61
N ILE G 240 9.00 -2.55 30.46
CA ILE G 240 8.93 -1.87 31.75
C ILE G 240 10.20 -2.15 32.54
N GLY G 241 10.63 -3.40 32.54
CA GLY G 241 11.84 -3.77 33.27
C GLY G 241 13.05 -3.06 32.75
N MET G 242 13.23 -3.06 31.42
CA MET G 242 14.38 -2.36 30.85
C MET G 242 14.37 -0.88 31.22
N SER G 243 13.17 -0.28 31.26
CA SER G 243 13.06 1.16 31.50
C SER G 243 13.37 1.50 32.95
N PHE G 244 12.96 0.63 33.87
CA PHE G 244 13.34 0.80 35.27
C PHE G 244 14.85 0.65 35.44
N ILE G 245 15.44 -0.33 34.75
CA ILE G 245 16.88 -0.51 34.84
C ILE G 245 17.60 0.79 34.45
N ALA G 246 17.18 1.39 33.34
CA ALA G 246 17.85 2.59 32.88
C ALA G 246 17.50 3.79 33.75
N ALA G 247 16.23 3.95 34.11
CA ALA G 247 15.77 5.18 34.74
C ALA G 247 16.24 5.32 36.19
N TYR G 248 16.64 4.22 36.84
CA TYR G 248 17.08 4.21 38.23
C TYR G 248 18.50 3.67 38.38
N ASN G 249 19.26 3.58 37.29
CA ASN G 249 20.66 3.16 37.32
C ASN G 249 20.85 1.85 38.08
N MET G 250 19.97 0.89 37.84
CA MET G 250 20.10 -0.40 38.48
C MET G 250 21.21 -1.20 37.80
N CYS G 251 21.64 -2.27 38.47
CA CYS G 251 22.32 -3.33 37.73
C CYS G 251 21.38 -3.83 36.64
N ALA G 252 21.89 -4.01 35.44
CA ALA G 252 21.06 -4.54 34.36
C ALA G 252 20.95 -6.06 34.53
N GLY G 253 20.15 -6.44 35.52
CA GLY G 253 20.01 -7.83 35.92
C GLY G 253 20.53 -8.13 37.31
N GLU G 254 19.86 -7.61 38.33
CA GLU G 254 20.07 -7.98 39.73
C GLU G 254 18.76 -8.48 40.31
N ALA G 255 18.84 -9.00 41.54
CA ALA G 255 17.69 -9.66 42.17
C ALA G 255 16.48 -8.74 42.18
N ALA G 256 16.69 -7.46 42.45
CA ALA G 256 15.56 -6.54 42.51
C ALA G 256 14.84 -6.42 41.16
N VAL G 257 15.54 -6.66 40.04
CA VAL G 257 14.88 -6.60 38.74
C VAL G 257 13.82 -7.69 38.64
N ALA G 258 14.08 -8.85 39.27
CA ALA G 258 13.08 -9.92 39.26
C ALA G 258 11.84 -9.55 40.06
N ASP G 259 11.98 -8.75 41.11
CA ASP G 259 10.81 -8.26 41.82
C ASP G 259 9.97 -7.34 40.92
N LEU G 260 10.65 -6.54 40.10
CA LEU G 260 9.93 -5.67 39.17
C LEU G 260 9.23 -6.51 38.11
N ALA G 261 9.89 -7.57 37.65
CA ALA G 261 9.25 -8.50 36.72
C ALA G 261 7.98 -9.10 37.31
N PHE G 262 8.07 -9.64 38.54
CA PHE G 262 6.90 -10.27 39.15
C PHE G 262 5.77 -9.24 39.32
N ALA G 263 6.10 -8.01 39.69
CA ALA G 263 5.09 -6.98 39.81
C ALA G 263 4.45 -6.67 38.46
N ALA G 264 5.28 -6.50 37.41
CA ALA G 264 4.75 -6.08 36.11
C ALA G 264 3.98 -7.19 35.42
N LYS G 265 4.34 -8.45 35.67
CA LYS G 265 3.72 -9.58 35.00
C LYS G 265 2.54 -10.17 35.76
N MHS G 266 2.51 -9.97 37.08
CA MHS G 266 1.48 -10.59 37.91
C MHS G 266 0.90 -9.70 39.00
O MHS G 266 -0.28 -9.38 39.03
CB MHS G 266 1.96 -11.86 38.67
CG MHS G 266 2.47 -12.83 37.70
ND1 MHS G 266 1.70 -13.67 36.86
CD2 MHS G 266 3.81 -13.09 37.39
CE1 MHS G 266 2.62 -14.41 36.11
NE2 MHS G 266 3.90 -14.08 36.41
CM MHS G 266 0.28 -13.80 36.76
N ALA G 267 1.74 -9.31 39.95
CA ALA G 267 1.22 -8.73 41.19
C ALA G 267 0.55 -7.39 41.01
N ALA G 268 0.96 -6.63 39.99
CA ALA G 268 0.36 -5.34 39.70
C ALA G 268 -0.21 -5.28 38.28
N ALA G 269 -0.42 -6.43 37.66
CA ALA G 269 -0.91 -6.53 36.29
C ALA G 269 -2.41 -6.77 36.26
N VAL G 270 -3.11 -6.03 35.41
CA VAL G 270 -4.56 -6.11 35.30
C VAL G 270 -4.85 -6.53 33.86
N GLN G 271 -5.07 -7.82 33.65
CA GLN G 271 -5.36 -8.34 32.32
C GLN G 271 -6.75 -7.91 31.89
N MET G 272 -6.95 -7.79 30.57
CA MET G 272 -8.28 -7.57 30.05
C MET G 272 -9.15 -8.82 30.24
N ALA G 273 -8.52 -9.99 30.18
CA ALA G 273 -9.21 -11.27 30.20
C ALA G 273 -8.24 -12.33 30.71
N GLU G 274 -8.78 -13.30 31.44
CA GLU G 274 -7.99 -14.41 31.95
C GLU G 274 -8.10 -15.64 31.05
N MET G 275 -7.31 -16.66 31.37
CA MET G 275 -7.26 -17.85 30.53
C MET G 275 -8.58 -18.65 30.60
N LEU G 276 -8.70 -19.61 29.70
CA LEU G 276 -9.88 -20.43 29.53
C LEU G 276 -9.57 -21.91 29.72
N PRO G 277 -10.58 -22.73 30.01
CA PRO G 277 -10.34 -24.18 30.20
C PRO G 277 -9.93 -24.87 28.89
N ALA G 278 -9.50 -26.13 29.06
CA ALA G 278 -8.75 -26.84 28.03
C ALA G 278 -9.53 -27.00 26.73
N ARG G 279 -10.82 -27.29 26.82
CA ARG G 279 -11.59 -27.53 25.60
C ARG G 279 -11.51 -26.32 24.68
N AGM G 280 -11.44 -25.13 25.26
CA AGM G 280 -11.35 -23.93 24.46
CB AGM G 280 -12.63 -23.07 24.56
CG AGM G 280 -13.04 -22.70 25.99
CD AGM G 280 -14.53 -22.29 26.04
CE2 AGM G 280 -14.70 -20.87 25.48
NE1 AGM G 280 -15.01 -22.35 27.42
CZ AGM G 280 -15.36 -23.49 28.09
NH1 AGM G 280 -15.79 -23.48 29.40
NH2 AGM G 280 -15.31 -24.70 27.43
C AGM G 280 -10.10 -23.13 24.86
O AGM G 280 -10.09 -21.92 24.99
N ALA G 281 -9.02 -23.87 25.06
CA ALA G 281 -7.76 -23.32 25.56
C ALA G 281 -7.32 -22.11 24.78
N ARG G 282 -7.08 -21.03 25.51
CA ARG G 282 -6.65 -19.76 24.95
C ARG G 282 -5.71 -19.11 25.93
N SER G 283 -4.89 -18.22 25.42
CA SER G 283 -4.06 -17.38 26.26
C SER G 283 -4.92 -16.34 26.93
N PRO G 284 -4.36 -15.63 27.93
CA PRO G 284 -5.03 -14.44 28.47
C PRO G 284 -5.24 -13.40 27.38
N ASN G 285 -6.08 -12.43 27.69
CA ASN G 285 -6.37 -11.32 26.78
C ASN G 285 -6.97 -11.82 25.46
N GLU G 286 -7.81 -12.85 25.55
CA GLU G 286 -8.63 -13.31 24.45
C GLU G 286 -10.12 -13.13 24.80
N PRO G 287 -11.00 -13.07 23.80
CA PRO G 287 -12.38 -12.64 24.07
C PRO G 287 -13.15 -13.54 25.04
N GLY G 288 -12.89 -14.84 25.03
CA GLY G 288 -13.57 -15.75 25.95
C GLY G 288 -13.46 -15.34 27.40
N GLY G 289 -12.35 -14.72 27.77
CA GLY G 289 -12.09 -14.32 29.14
C GLY G 289 -12.58 -12.95 29.47
N LEU G 290 -13.13 -12.23 28.50
CA LEU G 290 -13.58 -10.86 28.71
C LEU G 290 -14.92 -10.87 29.45
N SER G 291 -14.92 -10.29 30.65
CA SER G 291 -16.16 -10.10 31.39
C SER G 291 -17.02 -8.99 30.78
N PHE G 292 -18.32 -9.08 31.04
CA PHE G 292 -19.25 -8.08 30.50
C PHE G 292 -19.04 -6.73 31.16
N GLY G 293 -18.65 -6.70 32.42
CA GLY G 293 -18.32 -5.42 33.05
C GLY G 293 -17.14 -4.73 32.40
N TYR G 294 -16.10 -5.48 32.08
CA TYR G 294 -14.94 -4.87 31.45
C TYR G 294 -15.28 -4.39 30.06
N CYS G 295 -16.00 -5.21 29.29
CA CYS G 295 -16.39 -4.83 27.94
C CYS G 295 -17.17 -3.52 27.97
N ALA G 296 -18.14 -3.40 28.89
CA ALA G 296 -18.92 -2.18 29.00
C ALA G 296 -18.06 -0.99 29.39
N ASP G 297 -17.02 -1.21 30.21
CA ASP G 297 -16.17 -0.11 30.65
C ASP G 297 -15.17 0.32 29.58
N MET G 298 -14.85 -0.54 28.61
CA MET G 298 -14.03 -0.09 27.51
C MET G 298 -14.72 0.96 26.64
N VAL G 299 -16.04 0.91 26.50
CA VAL G 299 -16.81 1.83 25.66
C VAL G 299 -17.00 3.16 26.39
N GLN G 300 -16.88 4.26 25.63
CA GLN G 300 -16.66 5.56 26.24
C GLN G 300 -17.76 6.56 25.96
N THR G 301 -18.87 6.13 25.34
CA THR G 301 -19.99 7.04 25.13
C THR G 301 -20.54 7.56 26.44
N LEU G 302 -20.28 6.86 27.52
CA LEU G 302 -20.81 7.25 28.83
C LEU G 302 -20.19 8.54 29.33
N ARG G 303 -18.93 8.80 29.00
CA ARG G 303 -18.29 10.05 29.40
C ARG G 303 -18.67 11.20 28.47
N VAL G 304 -19.25 10.90 27.30
CA VAL G 304 -19.58 11.93 26.33
C VAL G 304 -20.97 12.50 26.59
N LYS G 305 -21.95 11.65 26.86
CA LYS G 305 -23.34 12.09 27.00
C LYS G 305 -24.07 11.18 27.96
N PRO G 306 -23.74 11.26 29.25
CA PRO G 306 -24.42 10.41 30.23
C PRO G 306 -25.89 10.74 30.39
N GLU G 307 -26.32 11.90 29.93
CA GLU G 307 -27.74 12.27 30.02
C GLU G 307 -28.63 11.44 29.09
N ASP G 308 -28.09 10.74 28.10
CA ASP G 308 -28.86 9.80 27.30
C ASP G 308 -28.31 8.40 27.51
N PRO G 309 -28.83 7.67 28.51
CA PRO G 309 -28.23 6.36 28.83
C PRO G 309 -28.44 5.35 27.73
N VAL G 310 -29.46 5.53 26.88
CA VAL G 310 -29.67 4.58 25.80
C VAL G 310 -28.52 4.62 24.81
N TRP G 311 -28.00 5.81 24.48
CA TRP G 311 -26.98 5.89 23.45
C TRP G 311 -25.76 5.06 23.83
N TYR G 312 -25.17 5.34 24.99
CA TYR G 312 -24.04 4.54 25.48
C TYR G 312 -24.38 3.05 25.52
N THR G 313 -25.58 2.72 26.02
CA THR G 313 -25.98 1.32 26.10
C THR G 313 -25.87 0.64 24.75
N LEU G 314 -26.43 1.24 23.71
CA LEU G 314 -26.42 0.60 22.41
C LEU G 314 -25.05 0.70 21.73
N GLU G 315 -24.19 1.65 22.12
CA GLU G 315 -22.82 1.56 21.66
C GLU G 315 -22.12 0.36 22.28
N VAL G 316 -22.42 0.05 23.55
CA VAL G 316 -21.85 -1.16 24.17
C VAL G 316 -22.34 -2.40 23.44
N VAL G 317 -23.63 -2.45 23.13
CA VAL G 317 -24.17 -3.58 22.37
C VAL G 317 -23.42 -3.71 21.04
N ALA G 318 -23.19 -2.59 20.36
CA ALA G 318 -22.47 -2.64 19.09
C ALA G 318 -21.07 -3.21 19.28
N CYS G 319 -20.38 -2.74 20.32
CA CYS G 319 -19.03 -3.22 20.62
C CYS G 319 -19.04 -4.72 20.90
N GLY G 320 -19.88 -5.15 21.83
CA GLY G 320 -19.86 -6.54 22.26
C GLY G 320 -20.42 -7.52 21.25
N THR G 321 -21.51 -7.15 20.54
CA THR G 321 -22.06 -8.13 19.60
C THR G 321 -21.08 -8.41 18.48
N MET G 322 -20.43 -7.37 17.96
CA MET G 322 -19.39 -7.59 16.92
C MET G 322 -18.27 -8.46 17.50
N LEU G 323 -17.69 -8.05 18.64
CA LEU G 323 -16.55 -8.78 19.17
C LEU G 323 -16.91 -10.21 19.50
N TYR G 324 -17.97 -10.38 20.30
CA TYR G 324 -18.26 -11.71 20.82
C TYR G 324 -18.86 -12.61 19.75
N ASP G 325 -19.74 -12.08 18.89
CA ASP G 325 -20.36 -12.99 17.92
C ASP G 325 -19.55 -13.13 16.64
N GLN G 326 -19.01 -12.03 16.12
CA GLN G 326 -18.38 -12.09 14.81
C GLN G 326 -16.95 -12.58 14.92
N ILE G 327 -16.17 -12.02 15.85
CA ILE G 327 -14.78 -12.39 15.98
C ILE G 327 -14.59 -13.60 16.87
N TRP G 328 -15.14 -13.56 18.08
CA TRP G 328 -14.93 -14.63 19.06
C TRP G 328 -15.67 -15.90 18.63
N LEU G 329 -17.00 -15.87 18.65
CA LEU G 329 -17.74 -17.09 18.33
C LEU G 329 -17.66 -17.41 16.84
N GLY G 330 -17.70 -16.39 15.98
CA GLY G 330 -17.69 -16.58 14.55
C GLY G 330 -16.33 -16.83 13.93
N SER G 331 -15.25 -16.70 14.68
CA SER G 331 -13.94 -17.04 14.14
C SER G 331 -13.15 -17.89 15.15
N TYR G 332 -12.73 -17.31 16.28
CA TYR G 332 -11.93 -18.07 17.24
C TYR G 332 -12.55 -19.43 17.55
N MET G 333 -13.85 -19.46 17.73
CA MET G 333 -14.58 -20.66 18.14
C MET G 333 -15.27 -21.38 17.00
N SER G 334 -15.20 -20.86 15.78
CA SER G 334 -15.76 -21.55 14.61
C SER G 334 -14.98 -21.10 13.38
N GLY G 335 -15.55 -20.22 12.57
CA GLY G 335 -14.90 -19.74 11.37
C GLY G 335 -15.75 -19.94 10.13
N GLY G 336 -15.21 -19.49 9.01
CA GLY G 336 -15.93 -19.56 7.75
C GLY G 336 -16.62 -18.26 7.41
N VAL G 337 -17.73 -18.33 6.68
CA VAL G 337 -18.58 -17.15 6.50
C VAL G 337 -18.88 -16.50 7.84
N GLY G 338 -19.19 -17.30 8.85
CA GLY G 338 -19.30 -16.78 10.21
C GLY G 338 -20.64 -16.12 10.51
N PHE G 339 -20.60 -15.12 11.39
CA PHE G 339 -21.79 -14.68 12.12
C PHE G 339 -22.04 -13.16 12.00
N THR G 340 -21.82 -12.59 10.81
CA THR G 340 -21.93 -11.14 10.64
C THR G 340 -23.32 -10.63 11.01
N GLN G 341 -24.36 -11.20 10.39
CA GLN G 341 -25.71 -10.68 10.57
C GLN G 341 -26.33 -11.08 11.90
N TYR G 342 -25.87 -12.17 12.53
CA TYR G 342 -26.26 -12.39 13.92
C TYR G 342 -25.96 -11.17 14.78
N ALA G 343 -24.87 -10.46 14.48
CA ALA G 343 -24.50 -9.27 15.24
C ALA G 343 -25.02 -7.99 14.61
N THR G 344 -25.04 -7.88 13.28
CA THR G 344 -25.48 -6.61 12.69
C THR G 344 -26.92 -6.27 13.12
N ALA G 345 -27.75 -7.27 13.43
CA ALA G 345 -29.12 -6.98 13.84
C ALA G 345 -29.15 -6.04 15.03
N ALA G 346 -28.12 -6.09 15.86
CA ALA G 346 -28.05 -5.29 17.07
C ALA G 346 -27.47 -3.90 16.85
N TYR G 347 -26.91 -3.60 15.67
CA TYR G 347 -26.30 -2.29 15.52
C TYR G 347 -26.59 -1.64 14.17
N THR G 348 -27.59 -2.12 13.44
CA THR G 348 -27.96 -1.53 12.16
C THR G 348 -29.47 -1.27 12.08
N ASN G 349 -29.80 -0.36 11.17
CA ASN G 349 -31.17 -0.01 10.77
C ASN G 349 -32.01 0.52 11.91
N ASP G 350 -31.36 0.91 13.01
CA ASP G 350 -32.02 1.62 14.11
C ASP G 350 -33.16 0.80 14.70
N VAL G 351 -33.09 -0.52 14.57
CA VAL G 351 -34.15 -1.38 15.08
C VAL G 351 -34.08 -1.51 16.59
N LEU G 352 -32.93 -1.90 17.11
CA LEU G 352 -32.81 -2.03 18.55
C LEU G 352 -33.02 -0.68 19.22
N ASP G 353 -32.58 0.39 18.55
CA ASP G 353 -32.79 1.73 19.08
C ASP G 353 -34.27 2.04 19.23
N ASP G 354 -35.07 1.71 18.21
CA ASP G 354 -36.51 1.96 18.35
C ASP G 354 -37.10 1.22 19.53
N PHE G 355 -36.82 -0.10 19.60
CA PHE G 355 -37.41 -0.94 20.65
C PHE G 355 -36.98 -0.46 22.03
N THR G 356 -35.72 -0.02 22.16
CA THR G 356 -35.18 0.34 23.46
C THR G 356 -35.64 1.74 23.89
N TYR G 357 -35.65 2.70 22.97
CA TYR G 357 -36.17 4.02 23.30
C TYR G 357 -37.65 3.97 23.64
N TYR G 358 -38.40 3.10 22.94
CA TYR G 358 -39.79 2.88 23.35
C TYR G 358 -39.86 2.42 24.79
N GLY G 359 -39.06 1.42 25.14
CA GLY G 359 -39.05 0.92 26.51
C GLY G 359 -38.63 1.98 27.51
N TYR G 360 -37.63 2.78 27.16
CA TYR G 360 -37.15 3.84 28.04
C TYR G 360 -38.28 4.80 28.36
N ASP G 361 -39.01 5.25 27.34
CA ASP G 361 -40.15 6.14 27.50
C ASP G 361 -41.24 5.49 28.35
N TYR G 362 -41.54 4.22 28.09
CA TYR G 362 -42.52 3.50 28.92
C TYR G 362 -42.13 3.49 30.39
N ALA G 363 -40.87 3.17 30.69
CA ALA G 363 -40.43 3.14 32.07
C ALA G 363 -40.40 4.53 32.69
N LEU G 364 -39.98 5.54 31.92
CA LEU G 364 -39.93 6.90 32.46
C LEU G 364 -41.31 7.34 32.94
N ASN G 365 -42.34 7.00 32.20
CA ASN G 365 -43.67 7.46 32.53
C ASN G 365 -44.35 6.58 33.55
N LYS G 366 -44.00 5.30 33.58
CA LYS G 366 -44.64 4.40 34.53
C LYS G 366 -43.94 4.35 35.86
N TYR G 367 -42.62 4.26 35.86
CA TYR G 367 -41.86 4.11 37.09
C TYR G 367 -41.13 5.36 37.52
N GLY G 368 -40.73 6.22 36.59
CA GLY G 368 -39.98 7.41 36.95
C GLY G 368 -38.58 7.45 36.37
N ASP G 369 -37.75 8.33 36.92
CA ASP G 369 -36.53 8.69 36.23
C ASP G 369 -35.48 7.58 36.32
N ASP G 370 -34.45 7.74 35.48
CA ASP G 370 -33.34 6.79 35.39
C ASP G 370 -33.00 6.18 36.74
N GLY G 371 -32.97 4.86 36.81
CA GLY G 371 -32.43 4.16 37.95
C GLY G 371 -33.32 4.06 39.18
N THR G 372 -34.53 4.61 39.16
CA THR G 372 -35.37 4.65 40.36
C THR G 372 -36.43 3.56 40.41
N ALA G 373 -36.55 2.72 39.40
CA ALA G 373 -37.58 1.68 39.46
C ALA G 373 -37.22 0.58 40.46
N PRO G 374 -38.22 -0.11 41.00
CA PRO G 374 -37.95 -1.13 42.03
C PRO G 374 -37.07 -2.26 41.50
N ASN G 375 -36.14 -2.69 42.35
CA ASN G 375 -35.18 -3.72 41.99
C ASN G 375 -35.78 -5.08 42.31
N ASP G 376 -36.78 -5.49 41.51
CA ASP G 376 -37.40 -6.77 41.80
C ASP G 376 -37.93 -7.48 40.57
N LEU G 377 -38.31 -8.75 40.76
CA LEU G 377 -38.74 -9.61 39.68
C LEU G 377 -40.04 -9.12 39.04
N ALA G 378 -40.92 -8.50 39.83
CA ALA G 378 -42.15 -7.99 39.27
C ALA G 378 -41.88 -6.87 38.27
N THR G 379 -40.95 -5.97 38.60
CA THR G 379 -40.64 -4.88 37.69
C THR G 379 -39.99 -5.40 36.43
N ALA G 380 -39.06 -6.36 36.57
CA ALA G 380 -38.44 -6.96 35.39
C ALA G 380 -39.50 -7.60 34.50
N THR G 381 -40.49 -8.23 35.12
CA THR G 381 -41.57 -8.88 34.37
C THR G 381 -42.36 -7.86 33.57
N ASP G 382 -42.75 -6.76 34.22
CA ASP G 382 -43.56 -5.76 33.55
C ASP G 382 -42.80 -5.18 32.37
N LEU G 383 -41.58 -4.72 32.60
CA LEU G 383 -40.85 -4.02 31.55
C LEU G 383 -40.52 -4.96 30.38
N ALA G 384 -40.06 -6.18 30.69
CA ALA G 384 -39.70 -7.12 29.61
C ALA G 384 -40.91 -7.46 28.76
N THR G 385 -42.06 -7.65 29.40
CA THR G 385 -43.23 -8.08 28.65
C THR G 385 -43.71 -6.99 27.72
N GLU G 386 -43.78 -5.75 28.22
CA GLU G 386 -44.23 -4.65 27.38
C GLU G 386 -43.26 -4.40 26.24
N VAL G 387 -41.95 -4.36 26.53
CA VAL G 387 -40.98 -4.07 25.48
C VAL G 387 -40.99 -5.19 24.43
N THR G 388 -41.14 -6.43 24.88
CA THR G 388 -41.13 -7.55 23.94
C THR G 388 -42.39 -7.58 23.10
N LEU G 389 -43.56 -7.32 23.70
CA LEU G 389 -44.79 -7.30 22.94
C LEU G 389 -44.78 -6.17 21.91
N ASN G 390 -44.30 -5.00 22.31
CA ASN G 390 -44.23 -3.90 21.37
C ASN G 390 -43.30 -4.20 20.21
N GLY G 391 -42.13 -4.78 20.50
CA GLY G 391 -41.20 -5.14 19.43
C GLY G 391 -41.79 -6.18 18.50
N MET G 392 -42.41 -7.23 19.07
CA MET G 392 -43.07 -8.21 18.22
C MET G 392 -44.11 -7.56 17.33
N GLU G 393 -44.89 -6.63 17.88
CA GLU G 393 -45.91 -5.97 17.08
C GLU G 393 -45.29 -5.16 15.94
N CYS G 394 -44.09 -4.60 16.16
CA CYS G 394 -43.42 -3.90 15.07
C CYS G 394 -43.03 -4.85 13.94
N TYR G 395 -42.45 -5.99 14.29
CA TYR G 395 -42.11 -6.98 13.28
C TYR G 395 -43.36 -7.42 12.52
N GLU G 396 -44.48 -7.50 13.23
CA GLU G 396 -45.72 -7.98 12.60
C GLU G 396 -46.37 -6.93 11.72
N ASP G 397 -46.27 -5.64 12.08
CA ASP G 397 -46.89 -4.59 11.31
C ASP G 397 -46.01 -4.06 10.19
N TYR G 398 -44.70 -4.32 10.23
CA TYR G 398 -43.75 -3.85 9.22
C TYR G 398 -43.07 -5.07 8.60
N PRO G 399 -43.62 -5.62 7.52
CA PRO G 399 -43.01 -6.82 6.94
C PRO G 399 -41.53 -6.68 6.59
N THR G 400 -41.06 -5.52 6.13
CA THR G 400 -39.64 -5.45 5.80
C THR G 400 -38.75 -5.40 7.05
N LEU G 401 -39.31 -5.12 8.22
CA LEU G 401 -38.54 -5.18 9.45
C LEU G 401 -38.32 -6.63 9.85
N LEU G 402 -39.38 -7.44 9.78
CA LEU G 402 -39.23 -8.87 10.00
C LEU G 402 -38.26 -9.47 8.99
N GLU G 403 -38.30 -9.01 7.75
CA GLU G 403 -37.41 -9.53 6.72
C GLU G 403 -35.97 -9.15 6.99
N ASP G 404 -35.74 -7.98 7.61
CA ASP G 404 -34.39 -7.59 7.99
C ASP G 404 -33.84 -8.57 9.02
N HIS G 405 -34.57 -8.77 10.11
CA HIS G 405 -34.16 -9.71 11.14
C HIS G 405 -34.75 -11.08 10.83
N PHE G 406 -34.30 -11.61 9.70
CA PHE G 406 -34.92 -12.78 9.12
C PHE G 406 -34.71 -14.03 9.95
N GLY G 407 -33.65 -14.07 10.75
CA GLY G 407 -33.41 -15.21 11.62
C GLY G 407 -34.00 -14.98 12.99
N GLY G 408 -34.64 -16.01 13.52
CA GLY G 408 -35.24 -15.89 14.85
C GLY G 408 -34.25 -15.48 15.94
N SER G 409 -33.01 -15.95 15.86
CA SER G 409 -32.01 -15.61 16.86
C SER G 409 -31.82 -14.10 16.95
N MGN G 410 -31.66 -13.47 15.79
CA MGN G 410 -31.60 -11.98 15.68
CB1 MGN G 410 -31.61 -11.49 14.22
CB2 MGN G 410 -30.27 -11.59 16.32
CG MGN G 410 -30.49 -12.05 13.33
CD MGN G 410 -30.77 -11.72 11.88
OE1 MGN G 410 -31.77 -12.15 11.31
NE2 MGN G 410 -29.90 -10.92 11.28
C MGN G 410 -32.77 -11.30 16.42
O MGN G 410 -32.52 -10.43 17.25
N ARG G 411 -33.99 -11.71 16.10
CA ARG G 411 -35.15 -11.15 16.76
C ARG G 411 -35.12 -11.39 18.25
N ALA G 412 -34.74 -12.60 18.66
CA ALA G 412 -34.70 -12.92 20.07
C ALA G 412 -33.70 -12.04 20.81
N GLY G 413 -32.51 -11.86 20.24
CA GLY G 413 -31.50 -11.05 20.90
C GLY G 413 -31.88 -9.59 20.97
N ILE G 414 -32.51 -9.07 19.91
CA ILE G 414 -32.88 -7.66 19.89
C ILE G 414 -34.07 -7.42 20.81
N LEU G 415 -35.08 -8.28 20.78
CA LEU G 415 -36.21 -8.09 21.68
C LEU G 415 -35.77 -8.20 23.12
N ALA G 416 -34.94 -9.20 23.44
CA ALA G 416 -34.48 -9.38 24.80
C ALA G 416 -33.53 -8.26 25.22
N ALA G 417 -32.66 -7.81 24.30
CA ALA G 417 -31.77 -6.69 24.62
C ALA G 417 -32.57 -5.43 24.94
N ALA G 418 -33.58 -5.12 24.11
CA ALA G 418 -34.41 -3.96 24.39
C ALA G 418 -35.07 -4.10 25.76
N SER G 419 -35.57 -5.29 26.05
CA SER G 419 -36.22 -5.54 27.34
C SER G 419 -35.25 -5.35 28.49
N ALA G 420 -34.06 -5.94 28.39
CA ALA G 420 -33.12 -5.87 29.52
C ALA G 420 -32.45 -4.51 29.62
N CYS G 421 -32.15 -3.87 28.49
CA CYS G 421 -31.61 -2.51 28.56
C CYS G 421 -32.63 -1.56 29.20
N THR G 422 -33.91 -1.70 28.83
CA THR G 422 -34.95 -0.88 29.47
C THR G 422 -34.97 -1.13 30.97
N THR G 423 -34.89 -2.40 31.37
CA THR G 423 -34.92 -2.75 32.78
C THR G 423 -33.67 -2.26 33.50
N GLY G 424 -32.50 -2.40 32.88
CA GLY G 424 -31.29 -1.91 33.51
C GLY G 424 -31.32 -0.41 33.72
N ILE G 425 -31.74 0.33 32.68
CA ILE G 425 -31.81 1.79 32.82
C ILE G 425 -32.81 2.17 33.89
N ALA G 426 -33.97 1.50 33.92
CA ALA G 426 -35.03 1.89 34.84
C ALA G 426 -34.67 1.56 36.28
N THR G 427 -34.07 0.40 36.52
CA THR G 427 -33.79 -0.05 37.88
C THR G 427 -32.38 0.25 38.36
N GLY G 428 -31.46 0.51 37.43
CA GLY G 428 -30.05 0.61 37.79
C GLY G 428 -29.43 -0.65 38.31
N ASN G 429 -29.97 -1.82 37.98
CA ASN G 429 -29.49 -3.09 38.53
C ASN G 429 -29.32 -4.11 37.41
N SER G 430 -28.06 -4.50 37.17
CA SER G 430 -27.76 -5.47 36.11
C SER G 430 -28.41 -6.82 36.38
N GLN G 431 -28.47 -7.26 37.64
CA GLN G 431 -28.98 -8.59 37.91
C GLN G 431 -30.49 -8.66 37.66
N VAL G 432 -31.22 -7.61 38.02
CA VAL G 432 -32.64 -7.52 37.70
C VAL G 432 -32.84 -7.49 36.20
N ALA G 433 -32.02 -6.73 35.48
CA ALA G 433 -32.12 -6.67 34.02
C ALA G 433 -31.93 -8.04 33.39
N LEU G 434 -31.06 -8.86 33.99
CA LEU G 434 -30.85 -10.21 33.50
C LEU G 434 -32.13 -11.04 33.61
N SER G 435 -32.89 -10.88 34.70
CA SER G 435 -34.18 -11.55 34.78
C SER G 435 -35.07 -11.13 33.63
N ALA G 436 -35.03 -9.86 33.27
CA ALA G 436 -35.89 -9.34 32.17
C ALA G 436 -35.47 -9.98 30.85
N TRX G 437 -34.18 -10.15 30.68
CA TRX G 437 -33.65 -10.75 29.43
C TRX G 437 -34.32 -12.11 29.18
O TRX G 437 -34.84 -12.33 28.09
CB TRX G 437 -32.13 -10.87 29.51
CG TRX G 437 -31.51 -11.73 28.46
CD1 TRX G 437 -31.30 -13.08 28.52
CD2 TRX G 437 -31.00 -11.31 27.18
NE1 TRX G 437 -30.71 -13.53 27.37
CE2 TRX G 437 -30.51 -12.47 26.53
CE3 TRX G 437 -30.91 -10.07 26.53
CZ2 TRX G 437 -29.94 -12.41 25.26
CZ3 TRX G 437 -30.36 -10.03 25.27
CH2 TRX G 437 -29.87 -11.18 24.65
OH2 TRX G 437 -29.32 -11.12 23.39
N TYR G 438 -34.28 -13.00 30.17
CA TYR G 438 -34.81 -14.37 29.95
C TYR G 438 -36.33 -14.31 29.81
N MET G 439 -36.97 -13.39 30.54
CA MET G 439 -38.43 -13.22 30.43
C MET G 439 -38.77 -12.91 28.97
N SER G 440 -38.01 -12.00 28.38
CA SER G 440 -38.29 -11.66 26.99
C SER G 440 -38.30 -12.89 26.10
N MET G 441 -37.30 -13.75 26.29
CA MET G 441 -37.17 -14.98 25.47
C MET G 441 -38.43 -15.84 25.64
N TYR G 442 -38.85 -16.06 26.88
CA TYR G 442 -39.99 -16.94 27.13
C TYR G 442 -41.28 -16.35 26.55
N VAL G 443 -41.45 -15.03 26.65
CA VAL G 443 -42.62 -14.38 26.03
C VAL G 443 -42.59 -14.58 24.53
N HIS G 444 -41.44 -14.29 23.92
CA HIS G 444 -41.23 -14.42 22.48
C HIS G 444 -41.58 -15.82 21.99
N LYS G 445 -41.03 -16.83 22.65
CA LYS G 445 -41.22 -18.21 22.21
C LYS G 445 -42.69 -18.55 22.10
N GLU G 446 -43.49 -18.18 23.10
CA GLU G 446 -44.89 -18.58 23.07
C GLU G 446 -45.68 -17.79 22.04
N GLY G 447 -45.26 -16.58 21.72
CA GLY G 447 -46.03 -15.79 20.77
C GLY G 447 -45.98 -16.37 19.37
N TRP G 448 -44.77 -16.69 18.91
CA TRP G 448 -44.56 -17.11 17.53
C TRP G 448 -44.31 -18.60 17.39
N GLY G 449 -44.19 -19.33 18.51
CA GLY G 449 -43.90 -20.74 18.41
C GLY G 449 -42.55 -21.04 17.82
N ARG G 450 -41.62 -20.10 17.96
CA ARG G 450 -40.26 -20.24 17.48
C ARG G 450 -39.46 -19.23 18.28
N LEU G 451 -38.17 -19.45 18.36
CA LEU G 451 -37.30 -18.52 19.06
C LEU G 451 -36.07 -18.29 18.19
N GLY G 452 -34.97 -18.98 18.49
CA GLY G 452 -33.77 -18.83 17.71
C GLY G 452 -33.37 -20.07 16.95
N PHE G 453 -32.07 -20.20 16.67
CA PHE G 453 -31.53 -21.40 16.01
C PHE G 453 -31.62 -22.61 16.95
N PHE G 454 -31.27 -23.77 16.43
CA PHE G 454 -31.38 -25.06 17.15
C PHE G 454 -30.91 -25.00 18.61
CA GL3 G 455 -29.18 -24.40 20.17
N GL3 G 455 -29.79 -24.36 18.85
C GL3 G 455 -29.20 -23.07 20.89
S GL3 G 455 -28.14 -22.74 22.05
N TYR G 456 -30.06 -22.04 20.43
CA TYR G 456 -30.04 -20.64 20.85
C TYR G 456 -30.34 -20.52 22.33
N ASP G 457 -31.35 -21.22 22.82
CA ASP G 457 -31.77 -21.03 24.22
C ASP G 457 -31.31 -22.14 25.16
N LEU G 458 -30.10 -22.69 24.97
CA LEU G 458 -29.46 -23.41 26.07
C LEU G 458 -29.35 -22.49 27.28
N GLN G 459 -28.70 -21.36 27.11
CA GLN G 459 -28.58 -20.46 28.25
C GLN G 459 -29.96 -19.85 28.57
N DYA G 460 -30.85 -19.63 27.59
CA DYA G 460 -32.01 -19.14 28.03
CB DYA G 460 -32.51 -18.21 27.17
CG DYA G 460 -31.66 -17.42 26.19
OD1 DYA G 460 -31.49 -16.23 26.44
OD2 DYA G 460 -31.19 -17.98 25.22
C DYA G 460 -32.92 -19.93 28.69
O DYA G 460 -33.68 -19.35 29.45
N GLN G 461 -32.92 -21.25 28.53
CA GLN G 461 -33.80 -22.09 29.38
C GLN G 461 -33.17 -22.37 30.76
N SMC G 462 -31.83 -22.38 30.81
CA SMC G 462 -31.11 -22.39 32.10
CB SMC G 462 -29.65 -22.75 31.90
SG SMC G 462 -29.34 -24.43 31.32
CS SMC G 462 -27.81 -24.24 30.40
C SMC G 462 -31.18 -21.00 32.75
O SMC G 462 -30.71 -20.87 33.90
N GLY G 463 -31.72 -20.01 32.05
CA GLY G 463 -31.44 -18.62 32.37
C GLY G 463 -32.08 -18.07 33.62
N ALA G 464 -33.40 -18.13 33.67
CA ALA G 464 -34.10 -17.52 34.79
C ALA G 464 -33.66 -18.11 36.12
N THR G 465 -33.47 -19.43 36.17
CA THR G 465 -33.13 -20.07 37.43
C THR G 465 -31.68 -19.79 37.84
N ASN G 466 -30.82 -19.45 36.89
CA ASN G 466 -29.44 -19.14 37.24
C ASN G 466 -29.19 -17.65 37.46
N VAL G 467 -30.16 -16.78 37.24
CA VAL G 467 -29.95 -15.37 37.59
C VAL G 467 -29.67 -15.23 39.09
N CYS G 468 -30.45 -15.92 39.92
CA CYS G 468 -30.47 -15.70 41.36
C CYS G 468 -29.97 -16.91 42.13
N SER G 469 -29.36 -17.87 41.43
CA SER G 469 -28.64 -18.94 42.10
C SER G 469 -27.40 -18.38 42.79
N TYR G 470 -27.02 -18.99 43.92
CA TYR G 470 -25.73 -18.68 44.53
C TYR G 470 -24.85 -19.91 44.56
N GLN G 471 -25.16 -20.94 43.76
CA GLN G 471 -24.33 -22.13 43.72
C GLN G 471 -23.05 -21.85 42.93
N GLY G 472 -22.03 -22.64 43.21
CA GLY G 472 -20.68 -22.39 42.73
C GLY G 472 -20.53 -22.06 41.26
N ASP G 473 -20.98 -22.93 40.37
CA ASP G 473 -20.77 -22.67 38.96
C ASP G 473 -22.02 -22.15 38.27
N GLU G 474 -23.04 -21.74 39.04
CA GLU G 474 -24.28 -21.16 38.53
C GLU G 474 -24.39 -19.69 38.92
N GLY G 475 -24.12 -19.37 40.17
CA GLY G 475 -24.33 -18.01 40.65
C GLY G 475 -23.15 -17.12 40.31
N CYS G 476 -23.47 -15.87 39.96
CA CYS G 476 -22.46 -14.89 39.59
C CYS G 476 -23.15 -13.60 39.24
N CYS G 477 -22.66 -12.45 39.73
CA CYS G 477 -23.24 -11.19 39.29
C CYS G 477 -22.89 -10.95 37.83
N LEU G 478 -23.78 -10.25 37.11
CA LEU G 478 -23.64 -10.14 35.67
C LEU G 478 -22.32 -9.44 35.29
N GLU G 479 -21.91 -8.44 36.08
CA GLU G 479 -20.70 -7.68 35.76
C GLU G 479 -19.49 -8.58 35.62
N LEU G 480 -19.44 -9.65 36.44
CA LEU G 480 -18.31 -10.57 36.46
C LEU G 480 -18.52 -11.79 35.57
N ARG G 481 -19.76 -12.03 35.11
CA ARG G 481 -19.96 -13.01 34.07
C ARG G 481 -19.27 -12.53 32.78
N GLY G 482 -19.02 -13.47 31.89
CA GLY G 482 -18.41 -13.17 30.62
C GLY G 482 -18.63 -14.34 29.70
N ALA G 483 -17.81 -14.40 28.65
CA ALA G 483 -17.93 -15.41 27.61
C ALA G 483 -17.43 -16.79 28.04
N ASN G 484 -17.01 -16.96 29.29
CA ASN G 484 -16.71 -18.27 29.84
C ASN G 484 -17.65 -18.66 30.97
N TYR G 485 -18.61 -17.82 31.34
CA TYR G 485 -19.65 -18.26 32.26
C TYR G 485 -20.28 -19.49 31.62
N PRO G 486 -20.43 -20.60 32.35
CA PRO G 486 -20.63 -21.88 31.65
C PRO G 486 -21.79 -21.87 30.67
N ASN G 487 -22.96 -21.38 31.08
CA ASN G 487 -24.10 -21.38 30.17
C ASN G 487 -23.84 -20.57 28.92
N TYR G 488 -22.94 -19.59 29.01
CA TYR G 488 -22.74 -18.62 27.94
C TYR G 488 -21.60 -18.98 27.00
N ALA G 489 -20.92 -20.11 27.23
CA ALA G 489 -19.63 -20.34 26.60
C ALA G 489 -19.70 -20.73 25.13
N MET G 490 -20.89 -20.87 24.53
CA MET G 490 -20.99 -21.41 23.17
C MET G 490 -21.75 -20.57 22.14
N ASN G 491 -22.76 -19.78 22.50
CA ASN G 491 -23.77 -19.43 21.53
C ASN G 491 -23.90 -17.95 21.17
N VAL G 492 -24.18 -17.72 19.89
CA VAL G 492 -24.35 -16.38 19.37
C VAL G 492 -25.59 -15.71 19.95
N GLY G 493 -25.67 -14.40 19.77
CA GLY G 493 -26.88 -13.66 20.07
C GLY G 493 -27.12 -13.39 21.53
N HIS G 494 -26.07 -13.37 22.37
CA HIS G 494 -26.24 -13.15 23.80
C HIS G 494 -25.15 -12.29 24.44
N GLN G 495 -23.88 -12.65 24.23
CA GLN G 495 -22.76 -12.10 25.00
C GLN G 495 -22.66 -10.58 24.85
N GLY G 496 -22.68 -10.08 23.61
CA GLY G 496 -22.59 -8.64 23.42
C GLY G 496 -23.79 -7.91 24.00
N GLU G 497 -24.97 -8.52 23.92
CA GLU G 497 -26.16 -7.94 24.53
C GLU G 497 -26.03 -7.87 26.04
N TYR G 498 -25.49 -8.93 26.68
CA TYR G 498 -25.25 -8.90 28.12
C TYR G 498 -24.35 -7.72 28.51
N ALA G 499 -23.23 -7.55 27.79
CA ALA G 499 -22.38 -6.38 28.03
C ALA G 499 -23.20 -5.11 27.93
N GLY G 500 -24.06 -5.03 26.91
CA GLY G 500 -24.87 -3.84 26.70
C GLY G 500 -25.74 -3.50 27.89
N PHE G 501 -26.51 -4.46 28.40
CA PHE G 501 -27.38 -4.05 29.50
C PHE G 501 -26.68 -4.08 30.85
N THR G 502 -25.48 -4.66 30.95
CA THR G 502 -24.61 -4.32 32.07
C THR G 502 -24.29 -2.83 32.07
N GLY G 503 -23.92 -2.29 30.90
CA GLY G 503 -23.74 -0.86 30.77
C GLY G 503 -25.01 -0.08 31.06
N SER G 504 -26.15 -0.59 30.62
CA SER G 504 -27.42 0.12 30.78
C SER G 504 -27.76 0.33 32.25
N ALA G 505 -27.43 -0.64 33.10
CA ALA G 505 -27.78 -0.51 34.51
C ALA G 505 -26.95 0.59 35.17
N HIS G 506 -25.67 0.68 34.82
CA HIS G 506 -24.81 1.73 35.37
C HIS G 506 -25.06 3.07 34.71
N ALA G 507 -25.47 3.09 33.46
CA ALA G 507 -25.89 4.35 32.87
C ALA G 507 -27.17 4.86 33.52
N GLY G 508 -28.09 3.95 33.84
CA GLY G 508 -29.31 4.38 34.49
C GLY G 508 -29.09 4.84 35.92
N ALA G 509 -28.07 4.27 36.57
CA ALA G 509 -27.67 4.69 37.90
C ALA G 509 -26.81 5.94 37.88
N HIS G 510 -26.45 6.40 36.68
CA HIS G 510 -25.54 7.52 36.48
C HIS G 510 -24.24 7.32 37.24
N ASP G 511 -23.64 6.16 36.99
CA ASP G 511 -22.31 5.83 37.42
C ASP G 511 -21.30 6.24 36.34
N ALA G 512 -20.04 6.29 36.74
CA ALA G 512 -18.96 6.60 35.81
C ALA G 512 -18.37 5.36 35.14
N TYR G 513 -18.71 4.17 35.61
CA TYR G 513 -18.18 2.90 35.12
C TYR G 513 -19.01 1.79 35.73
N CYS G 514 -18.80 0.58 35.24
CA CYS G 514 -19.56 -0.58 35.68
C CYS G 514 -18.79 -1.50 36.62
N CYS G 515 -17.49 -1.66 36.39
CA CYS G 515 -16.79 -2.79 36.97
C CYS G 515 -15.34 -2.51 37.34
N ASN G 516 -14.63 -1.70 36.54
CA ASN G 516 -13.26 -1.43 36.95
C ASN G 516 -12.85 -0.04 36.48
N PRO G 517 -12.59 0.88 37.41
CA PRO G 517 -12.23 2.25 36.99
C PRO G 517 -10.92 2.31 36.20
N LEU G 518 -10.01 1.38 36.43
CA LEU G 518 -8.75 1.35 35.68
C LEU G 518 -9.02 1.10 34.18
N ILE G 519 -9.92 0.16 33.89
CA ILE G 519 -10.31 -0.11 32.50
C ILE G 519 -10.96 1.13 31.90
N LYS G 520 -11.85 1.76 32.67
CA LYS G 520 -12.56 2.94 32.18
C LYS G 520 -11.59 4.04 31.77
N VAL G 521 -10.59 4.34 32.60
CA VAL G 521 -9.68 5.43 32.27
C VAL G 521 -8.78 5.04 31.10
N CYS G 522 -8.25 3.83 31.13
CA CYS G 522 -7.35 3.36 30.09
C CYS G 522 -7.94 3.56 28.70
N PHE G 523 -9.20 3.15 28.50
CA PHE G 523 -9.81 3.14 27.19
C PHE G 523 -10.42 4.48 26.82
N ALA G 524 -10.42 5.47 27.73
CA ALA G 524 -10.83 6.81 27.36
C ALA G 524 -9.76 7.54 26.54
N ASP G 525 -8.54 7.06 26.57
CA ASP G 525 -7.40 7.75 25.96
C ASP G 525 -7.58 7.90 24.45
N PRO G 526 -7.66 9.12 23.92
CA PRO G 526 -7.84 9.27 22.47
C PRO G 526 -6.64 8.82 21.64
N SER G 527 -5.53 8.44 22.28
CA SER G 527 -4.37 7.97 21.52
C SER G 527 -4.52 6.55 21.03
N LEU G 528 -5.56 5.84 21.43
CA LEU G 528 -5.81 4.53 20.84
C LEU G 528 -6.21 4.71 19.38
N VAL G 529 -6.06 3.64 18.59
CA VAL G 529 -6.34 3.78 17.16
C VAL G 529 -7.84 3.82 16.90
N PHE G 530 -8.57 2.96 17.58
CA PHE G 530 -10.02 2.87 17.46
C PHE G 530 -10.65 3.83 18.45
N ASP G 531 -11.72 4.51 18.00
CA ASP G 531 -12.42 5.48 18.85
C ASP G 531 -13.49 4.77 19.67
N PHE G 532 -13.15 4.43 20.90
CA PHE G 532 -14.08 3.69 21.77
C PHE G 532 -15.27 4.53 22.23
N SER G 533 -15.29 5.82 21.91
CA SER G 533 -16.41 6.66 22.31
C SER G 533 -17.59 6.66 21.32
N TYR G 534 -17.45 6.08 20.13
CA TYR G 534 -18.57 6.02 19.17
C TYR G 534 -18.34 4.82 18.26
N ILE G 535 -18.76 3.65 18.76
CA ILE G 535 -18.48 2.38 18.11
C ILE G 535 -19.08 2.33 16.70
N ARG G 536 -20.37 2.62 16.59
CA ARG G 536 -21.03 2.40 15.30
C ARG G 536 -20.51 3.35 14.22
N LYS G 537 -20.07 4.54 14.61
CA LYS G 537 -19.43 5.43 13.65
C LYS G 537 -18.12 4.82 13.12
N GLU G 538 -17.35 4.18 14.01
CA GLU G 538 -16.11 3.53 13.56
C GLU G 538 -16.40 2.35 12.64
N TYR G 539 -17.42 1.55 12.97
CA TYR G 539 -17.79 0.43 12.12
C TYR G 539 -18.16 0.90 10.72
N ALA G 540 -18.89 2.03 10.61
CA ALA G 540 -19.21 2.59 9.30
C ALA G 540 -17.95 2.95 8.52
N LYS G 541 -16.96 3.56 9.18
CA LYS G 541 -15.68 3.85 8.51
C LYS G 541 -15.05 2.59 7.95
N GLY G 542 -14.94 1.55 8.77
CA GLY G 542 -14.37 0.31 8.30
C GLY G 542 -15.13 -0.24 7.12
N ALA G 543 -16.46 -0.17 7.17
CA ALA G 543 -17.27 -0.74 6.10
C ALA G 543 -17.13 0.05 4.81
N MET G 544 -16.81 1.33 4.91
CA MET G 544 -16.65 2.21 3.76
C MET G 544 -15.19 2.33 3.34
N ARG G 545 -14.33 1.50 3.94
CA ARG G 545 -12.87 1.50 3.60
C ARG G 545 -12.25 2.87 3.92
N THR G 546 -12.68 3.51 5.01
CA THR G 546 -12.11 4.78 5.44
C THR G 546 -11.51 4.70 6.84
N PHE G 547 -11.28 3.49 7.34
CA PHE G 547 -10.62 3.32 8.66
C PHE G 547 -9.17 2.86 8.44
N ARG G 548 -8.24 3.60 9.03
CA ARG G 548 -6.80 3.25 8.90
C ARG G 548 -6.39 2.43 10.12
N PRO G 549 -6.13 1.12 9.94
CA PRO G 549 -5.73 0.26 11.03
C PRO G 549 -4.21 0.30 11.22
N ALA G 550 -3.76 -0.21 12.36
CA ALA G 550 -2.31 -0.33 12.56
C ALA G 550 -1.90 -1.75 12.16
N GLY G 551 -0.60 -1.97 12.07
CA GLY G 551 -0.11 -3.33 11.87
C GLY G 551 0.24 -3.69 10.44
N GLU G 552 0.00 -2.81 9.47
CA GLU G 552 0.26 -3.16 8.09
C GLU G 552 1.78 -3.20 7.85
N ARG G 553 2.18 -3.87 6.78
CA ARG G 553 3.59 -4.16 6.53
C ARG G 553 4.07 -3.55 5.21
N SER G 554 3.42 -2.49 4.77
CA SER G 554 3.78 -1.93 3.47
C SER G 554 5.21 -1.44 3.47
N LEU G 555 5.74 -1.08 4.64
CA LEU G 555 7.11 -0.55 4.69
C LEU G 555 8.19 -1.59 4.35
N VAL G 556 7.88 -2.87 4.41
CA VAL G 556 8.93 -3.89 4.31
C VAL G 556 8.53 -4.99 3.33
N ILE G 557 7.62 -4.68 2.41
CA ILE G 557 7.25 -5.63 1.37
C ILE G 557 7.39 -4.96 0.01
N PRO G 558 7.57 -5.76 -1.04
CA PRO G 558 7.65 -5.18 -2.37
C PRO G 558 6.25 -4.87 -2.86
N ALA G 559 6.22 -4.20 -4.00
CA ALA G 559 4.97 -3.87 -4.68
C ALA G 559 4.75 -4.90 -5.78
N ALA H 2 -37.73 -36.76 58.01
CA ALA H 2 -36.76 -36.99 56.93
C ALA H 2 -37.48 -37.57 55.72
N ASP H 3 -36.70 -37.96 54.72
CA ASP H 3 -37.21 -38.63 53.53
C ASP H 3 -36.78 -40.09 53.53
N THR H 4 -37.70 -40.97 53.12
CA THR H 4 -37.41 -42.38 52.93
C THR H 4 -37.85 -42.81 51.54
N ILE H 5 -37.16 -43.84 51.03
CA ILE H 5 -37.42 -44.37 49.69
C ILE H 5 -37.39 -45.89 49.79
N ASP H 6 -38.14 -46.56 48.92
CA ASP H 6 -37.94 -47.98 48.69
C ASP H 6 -36.98 -48.15 47.53
N LEU H 7 -36.00 -49.05 47.69
CA LEU H 7 -35.02 -49.33 46.65
C LEU H 7 -35.46 -50.56 45.85
N TYR H 8 -35.46 -50.43 44.53
CA TYR H 8 -35.79 -51.50 43.60
C TYR H 8 -34.62 -51.79 42.67
N ASP H 9 -34.52 -53.02 42.19
CA ASP H 9 -33.40 -53.40 41.34
C ASP H 9 -33.74 -53.13 39.88
N ASP H 10 -32.88 -53.61 38.97
CA ASP H 10 -32.98 -53.33 37.55
C ASP H 10 -34.11 -54.09 36.87
N ARG H 11 -34.73 -55.05 37.55
CA ARG H 11 -35.84 -55.80 36.99
C ARG H 11 -37.14 -55.44 37.67
N GLY H 12 -37.16 -54.34 38.41
CA GLY H 12 -38.36 -53.87 39.04
C GLY H 12 -38.73 -54.59 40.30
N LYS H 13 -37.81 -55.32 40.92
CA LYS H 13 -38.08 -56.09 42.13
C LYS H 13 -37.57 -55.33 43.35
N LYS H 14 -38.38 -55.33 44.41
CA LYS H 14 -38.03 -54.57 45.60
C LYS H 14 -36.81 -55.15 46.29
N LEU H 15 -35.86 -54.28 46.63
CA LEU H 15 -34.62 -54.67 47.31
C LEU H 15 -34.69 -54.34 48.80
N LYS H 16 -35.14 -53.15 49.16
CA LYS H 16 -35.15 -52.74 50.55
C LYS H 16 -36.19 -51.65 50.74
N GLY H 17 -36.90 -51.72 51.86
CA GLY H 17 -38.00 -50.81 52.14
C GLY H 17 -37.66 -49.76 53.17
N ASP H 18 -38.26 -48.58 53.01
CA ASP H 18 -38.21 -47.50 54.00
C ASP H 18 -36.76 -47.10 54.33
N VAL H 19 -35.97 -46.92 53.28
CA VAL H 19 -34.55 -46.58 53.40
C VAL H 19 -34.43 -45.07 53.59
N ASP H 20 -33.65 -44.66 54.59
CA ASP H 20 -33.36 -43.26 54.82
C ASP H 20 -32.62 -42.68 53.61
N LEU H 21 -33.07 -41.51 53.15
CA LEU H 21 -32.45 -40.89 51.97
C LEU H 21 -30.95 -40.67 52.19
N GLN H 22 -30.54 -40.33 53.42
CA GLN H 22 -29.13 -40.17 53.71
C GLN H 22 -28.32 -41.43 53.45
N ALA H 23 -28.95 -42.61 53.54
CA ALA H 23 -28.18 -43.84 53.40
C ALA H 23 -27.72 -44.10 51.96
N VAL H 24 -28.26 -43.39 50.98
CA VAL H 24 -27.77 -43.48 49.60
C VAL H 24 -26.91 -42.25 49.23
N SER H 25 -26.44 -41.51 50.23
CA SER H 25 -25.64 -40.33 49.93
C SER H 25 -24.24 -40.73 49.47
N PRO H 26 -23.65 -39.98 48.55
CA PRO H 26 -22.23 -40.21 48.23
C PRO H 26 -21.31 -40.10 49.43
N LEU H 27 -21.71 -39.37 50.46
CA LEU H 27 -20.87 -39.16 51.62
C LEU H 27 -20.98 -40.27 52.65
N LYS H 28 -21.93 -41.20 52.47
CA LYS H 28 -22.23 -42.21 53.49
C LYS H 28 -22.36 -43.64 52.98
N ASN H 29 -22.87 -43.83 51.78
CA ASN H 29 -23.07 -45.17 51.23
C ASN H 29 -21.74 -45.78 50.81
N SER H 30 -21.37 -46.92 51.41
CA SER H 30 -20.05 -47.47 51.15
C SER H 30 -19.93 -48.09 49.76
N ALA H 31 -21.05 -48.47 49.13
CA ALA H 31 -20.98 -48.92 47.74
C ALA H 31 -20.67 -47.76 46.79
N ILE H 32 -21.22 -46.58 47.06
CA ILE H 32 -20.92 -45.41 46.22
C ILE H 32 -19.46 -45.00 46.42
N LEU H 33 -19.00 -44.96 47.67
CA LEU H 33 -17.62 -44.59 47.93
C LEU H 33 -16.67 -45.55 47.24
N SER H 34 -17.03 -46.83 47.22
CA SER H 34 -16.16 -47.80 46.56
C SER H 34 -16.20 -47.66 45.04
N MET H 35 -17.36 -47.26 44.49
CA MET H 35 -17.43 -47.04 43.02
C MET H 35 -16.44 -45.92 42.67
N VAL H 36 -16.46 -44.83 43.42
CA VAL H 36 -15.55 -43.72 43.20
C VAL H 36 -14.10 -44.20 43.26
N ASN H 37 -13.76 -44.88 44.36
CA ASN H 37 -12.40 -45.39 44.52
C ASN H 37 -12.00 -46.29 43.36
N THR H 38 -12.94 -47.09 42.87
CA THR H 38 -12.66 -48.00 41.77
C THR H 38 -12.35 -47.26 40.47
N VAL H 39 -13.14 -46.23 40.12
CA VAL H 39 -12.87 -45.56 38.84
C VAL H 39 -11.58 -44.74 38.95
N LYS H 40 -11.27 -44.26 40.16
CA LYS H 40 -10.06 -43.47 40.34
C LYS H 40 -8.81 -44.31 40.12
N ARG H 41 -8.76 -45.50 40.70
CA ARG H 41 -7.51 -46.23 40.81
C ARG H 41 -7.34 -47.32 39.76
N THR H 42 -8.35 -47.58 38.94
CA THR H 42 -8.28 -48.63 37.94
C THR H 42 -7.90 -48.07 36.59
N VAL H 43 -6.92 -48.70 35.94
CA VAL H 43 -6.56 -48.36 34.58
C VAL H 43 -6.44 -49.64 33.77
N ALA H 44 -6.55 -49.48 32.45
CA ALA H 44 -6.31 -50.55 31.50
C ALA H 44 -5.00 -50.29 30.77
N VAL H 45 -4.32 -51.37 30.40
CA VAL H 45 -3.07 -51.33 29.67
C VAL H 45 -3.29 -52.04 28.35
N ASN H 46 -3.06 -51.33 27.24
CA ASN H 46 -3.14 -51.92 25.91
C ASN H 46 -1.75 -52.44 25.52
N LEU H 47 -1.46 -53.67 25.95
CA LEU H 47 -0.19 -54.28 25.60
C LEU H 47 -0.07 -54.49 24.10
N ALA H 48 -1.16 -54.88 23.45
CA ALA H 48 -1.16 -55.02 22.01
C ALA H 48 -0.78 -53.70 21.34
N GLY H 49 -1.29 -52.59 21.89
CA GLY H 49 -0.97 -51.29 21.33
C GLY H 49 0.48 -50.92 21.53
N ILE H 50 1.05 -51.30 22.68
CA ILE H 50 2.46 -51.06 22.93
C ILE H 50 3.31 -51.86 21.96
N GLU H 51 2.98 -53.14 21.79
CA GLU H 51 3.72 -53.99 20.87
C GLU H 51 3.70 -53.41 19.47
N LYS H 52 2.51 -53.04 18.99
CA LYS H 52 2.41 -52.53 17.63
C LYS H 52 3.18 -51.22 17.49
N ALA H 53 3.08 -50.34 18.48
CA ALA H 53 3.81 -49.07 18.38
C ALA H 53 5.30 -49.30 18.33
N CYS H 54 5.82 -50.22 19.15
CA CYS H 54 7.24 -50.48 19.13
C CYS H 54 7.66 -51.12 17.83
N LYS H 55 6.89 -52.08 17.35
CA LYS H 55 7.31 -52.82 16.16
C LYS H 55 7.24 -51.95 14.91
N ASN H 56 6.36 -50.96 14.89
CA ASN H 56 6.15 -50.14 13.71
C ASN H 56 6.65 -48.72 13.90
N ALA H 57 7.36 -48.46 15.01
CA ALA H 57 7.87 -47.13 15.35
C ALA H 57 6.79 -46.05 15.20
N SER H 58 5.58 -46.36 15.64
CA SER H 58 4.43 -45.46 15.50
C SER H 58 4.13 -44.73 16.81
N TYR H 59 5.19 -44.44 17.58
CA TYR H 59 5.08 -43.76 18.86
C TYR H 59 4.27 -42.47 18.77
N GLY H 60 3.29 -42.33 19.66
CA GLY H 60 2.45 -41.14 19.70
C GLY H 60 1.24 -41.16 18.80
N GLY H 61 1.15 -42.08 17.85
CA GLY H 61 -0.07 -42.23 17.08
C GLY H 61 -0.25 -41.16 16.04
N GLN H 62 -1.47 -41.07 15.53
CA GLN H 62 -1.87 -40.09 14.50
C GLN H 62 -0.97 -40.17 13.27
N SER H 63 -0.73 -41.38 12.80
CA SER H 63 0.04 -41.68 11.60
C SER H 63 1.52 -41.38 11.80
N ARG H 64 1.93 -41.05 13.02
CA ARG H 64 3.35 -40.87 13.28
C ARG H 64 4.12 -42.15 12.98
N ASN H 65 5.32 -41.97 12.45
CA ASN H 65 6.24 -43.07 12.19
C ASN H 65 7.62 -42.45 12.32
N ILE H 66 8.47 -43.03 13.15
CA ILE H 66 9.83 -42.51 13.29
C ILE H 66 10.78 -43.52 12.65
N PRO H 67 11.18 -43.31 11.39
CA PRO H 67 11.90 -44.36 10.67
C PRO H 67 13.15 -44.81 11.40
N GLY H 68 13.36 -46.13 11.40
CA GLY H 68 14.55 -46.73 11.98
C GLY H 68 14.52 -46.93 13.47
N ARG H 69 13.50 -46.42 14.18
CA ARG H 69 13.49 -46.49 15.62
C ARG H 69 12.53 -47.56 16.14
N GLU H 70 12.17 -48.52 15.29
CA GLU H 70 11.42 -49.67 15.76
C GLU H 70 12.18 -50.37 16.89
N VAL H 71 11.43 -50.87 17.87
CA VAL H 71 11.96 -51.74 18.91
C VAL H 71 11.15 -53.02 18.86
N ASP H 72 11.83 -54.13 18.56
CA ASP H 72 11.15 -55.41 18.33
C ASP H 72 10.99 -56.13 19.65
N ILE H 73 9.83 -55.93 20.28
CA ILE H 73 9.46 -56.59 21.52
C ILE H 73 8.04 -57.12 21.38
N ASP H 74 7.71 -58.13 22.18
CA ASP H 74 6.45 -58.86 22.06
C ASP H 74 5.76 -59.00 23.41
N PRO H 75 5.38 -57.88 24.02
CA PRO H 75 4.80 -57.96 25.37
C PRO H 75 3.48 -58.74 25.45
N THR H 76 2.69 -58.80 24.38
CA THR H 76 1.46 -59.60 24.49
C THR H 76 1.78 -61.07 24.74
N ALA H 77 2.91 -61.56 24.22
CA ALA H 77 3.33 -62.95 24.41
C ALA H 77 3.94 -63.20 25.77
N LYS H 78 4.27 -62.15 26.52
CA LYS H 78 4.88 -62.28 27.84
C LYS H 78 4.00 -61.60 28.89
N ALA H 79 2.69 -61.54 28.61
CA ALA H 79 1.80 -60.73 29.41
C ALA H 79 1.75 -61.17 30.87
N ASP H 80 1.88 -62.46 31.15
CA ASP H 80 1.76 -62.89 32.53
C ASP H 80 2.98 -62.46 33.34
N LYS H 81 4.17 -62.60 32.76
CA LYS H 81 5.38 -62.19 33.47
C LYS H 81 5.35 -60.68 33.70
N ILE H 82 4.97 -59.93 32.65
CA ILE H 82 4.89 -58.47 32.77
C ILE H 82 3.87 -58.10 33.82
N ALA H 83 2.68 -58.72 33.75
CA ALA H 83 1.65 -58.45 34.74
C ALA H 83 2.17 -58.69 36.15
N ALA H 84 2.88 -59.80 36.38
CA ALA H 84 3.37 -60.08 37.73
C ALA H 84 4.40 -59.05 38.18
N ARG H 85 5.27 -58.63 37.26
CA ARG H 85 6.27 -57.61 37.64
C ARG H 85 5.60 -56.29 37.98
N VAL H 86 4.60 -55.88 37.19
CA VAL H 86 3.87 -54.64 37.50
C VAL H 86 3.29 -54.71 38.90
N LYS H 87 2.58 -55.80 39.20
CA LYS H 87 1.99 -55.94 40.53
C LYS H 87 3.05 -55.78 41.61
N GLU H 88 4.20 -56.43 41.45
CA GLU H 88 5.23 -56.34 42.47
C GLU H 88 5.78 -54.91 42.59
N LEU H 89 5.85 -54.17 41.48
CA LEU H 89 6.37 -52.82 41.53
C LEU H 89 5.41 -51.84 42.20
N ILE H 90 4.09 -52.01 42.00
CA ILE H 90 3.14 -51.03 42.51
C ILE H 90 2.48 -51.40 43.85
N GLN H 91 2.45 -52.69 44.22
CA GLN H 91 1.84 -53.08 45.47
C GLN H 91 2.59 -52.43 46.63
N VAL H 92 1.83 -51.88 47.59
CA VAL H 92 2.48 -51.28 48.75
C VAL H 92 2.68 -52.32 49.85
N GLU H 93 1.69 -53.20 50.08
CA GLU H 93 1.80 -54.19 51.14
C GLU H 93 1.02 -55.43 50.74
N LYS H 94 1.62 -56.60 50.99
CA LYS H 94 0.98 -57.86 50.63
C LYS H 94 -0.43 -57.89 51.17
N GLY H 95 -1.36 -58.35 50.33
CA GLY H 95 -2.74 -58.40 50.71
C GLY H 95 -3.52 -57.10 50.60
N ASP H 96 -2.88 -56.01 50.17
CA ASP H 96 -3.63 -54.79 49.87
C ASP H 96 -4.49 -55.01 48.63
N ASP H 97 -5.18 -53.96 48.19
CA ASP H 97 -6.14 -54.09 47.11
C ASP H 97 -5.53 -53.95 45.72
N THR H 98 -4.20 -53.98 45.59
CA THR H 98 -3.58 -54.03 44.28
C THR H 98 -4.09 -55.24 43.50
N GLU H 99 -4.39 -55.04 42.22
CA GLU H 99 -4.78 -56.13 41.33
C GLU H 99 -4.19 -55.90 39.96
N VAL H 100 -3.62 -56.94 39.36
CA VAL H 100 -3.15 -56.89 37.98
C VAL H 100 -3.58 -58.17 37.31
N THR H 101 -4.35 -58.05 36.23
CA THR H 101 -4.95 -59.20 35.58
C THR H 101 -4.72 -59.13 34.08
N VAL H 102 -4.32 -60.26 33.49
CA VAL H 102 -4.16 -60.37 32.05
C VAL H 102 -5.52 -60.63 31.42
N LEU H 103 -5.82 -59.89 30.34
CA LEU H 103 -7.07 -60.02 29.62
C LEU H 103 -6.83 -60.16 28.13
N GLY H 104 -7.85 -60.65 27.44
CA GLY H 104 -7.79 -60.74 26.00
C GLY H 104 -6.70 -61.66 25.49
N GLY H 105 -6.31 -62.65 26.28
CA GLY H 105 -5.24 -63.53 25.84
C GLY H 105 -3.87 -62.91 25.88
N GLY H 106 -3.69 -61.84 26.64
CA GLY H 106 -2.44 -61.14 26.72
C GLY H 106 -2.43 -59.81 25.99
N LYS H 107 -3.54 -59.41 25.40
CA LYS H 107 -3.57 -58.14 24.68
C LYS H 107 -3.77 -56.96 25.62
N PHE H 108 -4.43 -57.16 26.75
CA PHE H 108 -4.64 -56.08 27.70
C PHE H 108 -4.29 -56.55 29.11
N LEU H 109 -4.00 -55.57 29.98
CA LEU H 109 -3.95 -55.79 31.42
C LEU H 109 -4.99 -54.88 32.09
N ARG H 110 -5.64 -55.41 33.13
CA ARG H 110 -6.42 -54.62 34.07
C ARG H 110 -5.54 -54.39 35.29
N VAL H 111 -5.44 -53.13 35.72
CA VAL H 111 -4.61 -52.75 36.86
C VAL H 111 -5.46 -51.92 37.81
N ALA H 112 -5.62 -52.41 39.02
CA ALA H 112 -6.28 -51.67 40.09
C ALA H 112 -5.14 -51.27 41.01
N ALA H 113 -4.70 -50.03 40.90
CA ALA H 113 -3.60 -49.59 41.74
C ALA H 113 -4.07 -49.51 43.18
N PRO H 114 -3.15 -49.69 44.14
CA PRO H 114 -3.57 -49.72 45.54
C PRO H 114 -4.09 -48.39 46.02
N THR H 115 -5.14 -48.45 46.83
CA THR H 115 -5.77 -47.25 47.35
C THR H 115 -4.79 -46.38 48.10
N ARG H 116 -3.80 -46.98 48.76
CA ARG H 116 -2.84 -46.19 49.51
C ARG H 116 -2.11 -45.18 48.62
N ARG H 117 -1.82 -45.56 47.37
CA ARG H 117 -1.15 -44.62 46.47
C ARG H 117 -2.04 -43.42 46.13
N ILE H 118 -3.35 -43.63 46.09
CA ILE H 118 -4.28 -42.50 45.97
C ILE H 118 -4.28 -41.66 47.24
N GLU H 119 -4.25 -42.32 48.39
CA GLU H 119 -4.30 -41.60 49.66
C GLU H 119 -3.05 -40.77 49.88
N ALA H 120 -1.92 -41.24 49.40
CA ALA H 120 -0.66 -40.55 49.61
C ALA H 120 -0.50 -39.37 48.65
N GLY H 121 -1.39 -39.26 47.66
CA GLY H 121 -1.38 -38.17 46.71
C GLY H 121 -2.50 -37.18 46.96
N ALA H 122 -2.68 -36.28 46.00
CA ALA H 122 -3.72 -35.28 46.11
C ALA H 122 -4.85 -35.47 45.12
N GLU H 123 -4.62 -36.18 44.02
CA GLU H 123 -5.64 -36.37 42.99
C GLU H 123 -5.87 -37.86 42.82
N TYR H 124 -6.10 -38.30 41.59
CA TYR H 124 -6.41 -39.68 41.27
C TYR H 124 -5.43 -40.30 40.29
N VAL H 125 -4.41 -39.55 39.84
CA VAL H 125 -3.61 -39.97 38.69
C VAL H 125 -2.54 -40.99 39.03
N ALA H 126 -2.37 -41.32 40.31
CA ALA H 126 -1.35 -42.30 40.69
C ALA H 126 -1.58 -43.65 40.01
N GLY H 127 -2.82 -44.01 39.72
CA GLY H 127 -3.06 -45.25 39.01
C GLY H 127 -2.47 -45.21 37.61
N MET H 128 -2.75 -44.13 36.87
CA MET H 128 -2.15 -43.91 35.57
C MET H 128 -0.63 -43.92 35.65
N THR H 129 -0.07 -43.14 36.56
CA THR H 129 1.37 -42.92 36.50
C THR H 129 2.15 -44.12 37.04
N CYS H 130 1.72 -44.71 38.12
N CYS H 130 1.72 -44.71 38.15
CA CYS H 130 2.50 -45.85 38.62
CA CYS H 130 2.44 -45.86 38.69
C CYS H 130 2.40 -47.03 37.68
C CYS H 130 2.39 -47.03 37.70
N THR H 131 1.26 -47.19 37.01
CA THR H 131 1.14 -48.26 36.02
C THR H 131 2.02 -48.00 34.80
N ALA H 132 1.98 -46.78 34.25
CA ALA H 132 2.89 -46.47 33.16
C ALA H 132 4.34 -46.69 33.55
N ALA H 133 4.71 -46.27 34.77
CA ALA H 133 6.10 -46.38 35.19
C ALA H 133 6.49 -47.84 35.41
N ALA H 134 5.65 -48.59 36.13
CA ALA H 134 5.91 -50.00 36.37
C ALA H 134 6.00 -50.76 35.05
N LEU H 135 5.11 -50.42 34.11
CA LEU H 135 5.11 -51.09 32.83
C LEU H 135 6.38 -50.75 32.05
N THR H 136 6.79 -49.49 32.05
CA THR H 136 8.00 -49.11 31.31
C THR H 136 9.20 -49.88 31.87
N GLU H 137 9.32 -49.93 33.18
CA GLU H 137 10.40 -50.69 33.81
C GLU H 137 10.32 -52.18 33.50
N ALA H 138 9.10 -52.75 33.49
CA ALA H 138 8.95 -54.18 33.22
C ALA H 138 9.42 -54.51 31.80
N LEU H 139 9.10 -53.63 30.84
CA LEU H 139 9.56 -53.87 29.47
C LEU H 139 11.07 -53.68 29.36
N ARG H 140 11.61 -52.68 30.05
CA ARG H 140 13.05 -52.45 29.99
C ARG H 140 13.81 -53.67 30.48
N GLU H 141 13.38 -54.23 31.61
CA GLU H 141 14.09 -55.41 32.18
C GLU H 141 13.82 -56.64 31.30
N GLU H 142 12.56 -56.88 30.92
CA GLU H 142 12.23 -58.08 30.18
C GLU H 142 12.96 -58.15 28.83
N TYR H 143 13.21 -57.02 28.19
CA TYR H 143 13.78 -57.03 26.85
C TYR H 143 15.20 -56.46 26.81
N ASN H 144 15.80 -56.24 27.97
CA ASN H 144 17.17 -55.76 28.08
C ASN H 144 17.37 -54.50 27.24
N LEU H 145 16.43 -53.56 27.39
CA LEU H 145 16.53 -52.30 26.68
C LEU H 145 17.60 -51.43 27.33
N GLY H 146 18.27 -50.63 26.50
CA GLY H 146 19.36 -49.80 26.95
C GLY H 146 19.18 -48.30 26.85
N LEU H 147 20.29 -47.58 26.81
CA LEU H 147 20.24 -46.14 27.00
C LEU H 147 19.35 -45.45 25.96
N TYR H 148 19.44 -45.86 24.70
CA TYR H 148 18.88 -45.06 23.62
C TYR H 148 17.64 -45.64 22.98
N ASP H 149 17.29 -46.90 23.25
CA ASP H 149 15.99 -47.42 22.81
C ASP H 149 14.90 -47.36 23.88
N THR H 150 15.25 -47.41 25.15
CA THR H 150 14.20 -47.33 26.16
C THR H 150 13.37 -46.06 26.05
N PRO H 151 13.92 -44.89 25.73
CA PRO H 151 13.07 -43.70 25.60
C PRO H 151 11.95 -43.87 24.58
N TYR H 152 12.23 -44.56 23.48
CA TYR H 152 11.18 -44.80 22.50
C TYR H 152 10.12 -45.74 23.05
N VAL H 153 10.52 -46.80 23.75
CA VAL H 153 9.53 -47.68 24.36
C VAL H 153 8.74 -46.93 25.42
N LYS H 154 9.37 -46.00 26.14
CA LYS H 154 8.64 -45.21 27.11
C LYS H 154 7.50 -44.43 26.44
N ASN H 155 7.74 -43.89 25.23
CA ASN H 155 6.67 -43.14 24.58
C ASN H 155 5.58 -44.06 24.07
N ALA H 156 5.91 -45.32 23.77
CA ALA H 156 4.88 -46.28 23.41
C ALA H 156 3.91 -46.50 24.56
N VAL H 157 4.40 -46.38 25.79
CA VAL H 157 3.56 -46.52 26.97
C VAL H 157 2.87 -45.21 27.31
N TRP H 158 3.67 -44.15 27.48
CA TRP H 158 3.21 -42.86 27.97
C TRP H 158 2.74 -41.92 26.85
N GLY H 159 2.83 -42.33 25.59
CA GLY H 159 2.45 -41.42 24.52
C GLY H 159 3.42 -40.26 24.45
N THR H 160 2.90 -39.09 24.07
CA THR H 160 3.72 -37.89 23.88
C THR H 160 3.94 -37.12 25.19
N TYR H 161 3.55 -37.68 26.32
CA TYR H 161 3.93 -37.11 27.61
C TYR H 161 5.45 -37.15 27.77
N PRO H 162 6.11 -36.04 28.16
CA PRO H 162 5.55 -34.78 28.69
C PRO H 162 5.56 -33.59 27.75
N GLN H 163 5.71 -33.79 26.45
CA GLN H 163 5.48 -32.66 25.54
C GLN H 163 4.02 -32.21 25.60
N THR H 164 3.11 -33.16 25.74
CA THR H 164 1.71 -32.91 26.04
C THR H 164 1.46 -33.16 27.53
N MET H 165 0.36 -32.57 28.02
CA MET H 165 0.00 -32.76 29.42
C MET H 165 -0.62 -34.12 29.68
N ASP H 166 -1.18 -34.74 28.65
CA ASP H 166 -1.79 -36.05 28.74
C ASP H 166 -0.92 -37.07 28.03
N MET H 167 -1.22 -38.34 28.27
CA MET H 167 -0.53 -39.44 27.62
C MET H 167 -1.09 -39.67 26.22
N LYS H 168 -1.08 -38.61 25.41
CA LYS H 168 -1.67 -38.67 24.08
C LYS H 168 -1.02 -39.75 23.25
N GLY H 169 -1.83 -40.63 22.66
CA GLY H 169 -1.27 -41.72 21.90
C GLY H 169 -0.62 -42.80 22.72
N GLY H 170 -0.74 -42.73 24.04
CA GLY H 170 -0.24 -43.77 24.92
C GLY H 170 -1.15 -44.99 24.98
N ASN H 171 -0.83 -45.87 25.91
CA ASN H 171 -1.51 -47.15 25.98
C ASN H 171 -1.86 -47.51 27.40
N VAL H 172 -2.01 -46.50 28.24
CA VAL H 172 -2.52 -46.64 29.60
C VAL H 172 -3.79 -45.81 29.65
N LEU H 173 -4.90 -46.46 29.96
CA LEU H 173 -6.22 -45.87 29.77
C LEU H 173 -7.00 -45.85 31.08
N SER H 174 -7.82 -44.81 31.24
CA SER H 174 -8.67 -44.61 32.41
C SER H 174 -10.05 -44.19 31.93
N VAL H 175 -11.06 -44.36 32.78
CA VAL H 175 -12.42 -43.84 32.43
C VAL H 175 -12.41 -42.33 32.75
N LEU H 176 -11.44 -41.89 33.56
CA LEU H 176 -11.29 -40.47 33.84
C LEU H 176 -10.28 -39.86 32.88
N SER H 177 -10.28 -38.53 32.80
CA SER H 177 -9.33 -37.77 32.01
C SER H 177 -8.27 -37.18 32.95
N ILE H 178 -7.40 -36.33 32.43
CA ILE H 178 -6.40 -35.69 33.27
C ILE H 178 -7.07 -34.51 33.96
N PRO H 179 -6.60 -34.13 35.15
CA PRO H 179 -7.30 -33.07 35.90
C PRO H 179 -7.30 -31.72 35.19
N GLN H 180 -6.27 -31.44 34.38
CA GLN H 180 -6.23 -30.16 33.69
C GLN H 180 -7.37 -29.98 32.70
N ASN H 181 -8.09 -31.06 32.36
CA ASN H 181 -9.24 -30.96 31.48
C ASN H 181 -10.53 -30.60 32.23
N ASP H 182 -10.48 -30.57 33.56
CA ASP H 182 -11.62 -30.11 34.35
C ASP H 182 -12.07 -28.74 33.87
N GLU H 183 -13.37 -28.58 33.62
CA GLU H 183 -13.88 -27.24 33.25
C GLU H 183 -13.87 -26.31 34.48
N GLY H 184 -14.00 -26.89 35.67
CA GLY H 184 -14.05 -26.08 36.86
C GLY H 184 -13.75 -26.91 38.08
N LEU H 185 -14.14 -26.37 39.22
CA LEU H 185 -13.79 -26.96 40.50
C LEU H 185 -14.65 -28.18 40.80
N GLY H 186 -14.04 -29.35 40.93
CA GLY H 186 -14.78 -30.54 41.29
C GLY H 186 -15.31 -31.34 40.14
N PHE H 187 -14.76 -31.17 38.93
CA PHE H 187 -15.36 -31.74 37.73
C PHE H 187 -14.72 -33.06 37.29
N ALA H 188 -13.77 -33.61 38.04
CA ALA H 188 -13.07 -34.80 37.54
C ALA H 188 -14.01 -35.98 37.33
N LEU H 189 -14.91 -36.22 38.28
CA LEU H 189 -15.87 -37.31 38.14
C LEU H 189 -16.97 -37.00 37.14
N ARG H 190 -17.15 -35.74 36.78
CA ARG H 190 -18.09 -35.39 35.72
C ARG H 190 -17.54 -35.68 34.33
N ASN H 191 -16.24 -35.94 34.22
CA ASN H 191 -15.59 -36.07 32.92
C ASN H 191 -15.47 -37.54 32.51
N ILE H 192 -16.64 -38.17 32.35
CA ILE H 192 -16.70 -39.58 31.97
C ILE H 192 -17.56 -39.72 30.72
N MET H 193 -16.93 -40.09 29.62
CA MET H 193 -17.58 -40.23 28.33
C MET H 193 -18.79 -41.15 28.42
N ALA H 194 -19.89 -40.71 27.82
CA ALA H 194 -21.11 -41.52 27.84
C ALA H 194 -20.86 -42.91 27.28
N ASN H 195 -20.02 -43.02 26.24
CA ASN H 195 -19.69 -44.35 25.71
C ASN H 195 -19.01 -45.21 26.77
N HIS H 196 -18.19 -44.61 27.65
CA HIS H 196 -17.60 -45.37 28.75
C HIS H 196 -18.68 -45.86 29.70
N LEU H 197 -19.62 -44.97 30.05
CA LEU H 197 -20.68 -45.31 31.01
C LEU H 197 -21.53 -46.44 30.49
N ALA H 198 -21.87 -46.41 29.19
CA ALA H 198 -22.63 -47.51 28.61
C ALA H 198 -21.87 -48.82 28.73
N MET H 199 -20.54 -48.78 28.57
CA MET H 199 -19.78 -50.02 28.65
C MET H 199 -19.64 -50.51 30.08
N LEU H 200 -19.46 -49.59 31.04
CA LEU H 200 -19.46 -50.00 32.44
C LEU H 200 -20.73 -50.77 32.80
N SER H 201 -21.85 -50.38 32.21
CA SER H 201 -23.14 -50.98 32.52
C SER H 201 -23.40 -52.23 31.71
N GLN H 202 -22.49 -52.61 30.82
CA GLN H 202 -22.70 -53.68 29.85
C GLN H 202 -24.04 -53.51 29.16
N ARG H 203 -24.39 -52.25 28.89
CA ARG H 203 -25.56 -51.85 28.11
C ARG H 203 -26.87 -52.27 28.76
N ASN H 204 -26.86 -52.49 30.07
CA ASN H 204 -28.07 -52.65 30.86
C ASN H 204 -28.52 -51.25 31.23
N ALA H 205 -29.62 -50.78 30.64
CA ALA H 205 -29.96 -49.36 30.74
C ALA H 205 -30.27 -48.97 32.18
N MET H 206 -30.97 -49.83 32.91
CA MET H 206 -31.25 -49.53 34.30
C MET H 206 -29.96 -49.37 35.10
N ASN H 207 -28.99 -50.27 34.86
CA ASN H 207 -27.74 -50.17 35.60
C ASN H 207 -26.93 -48.96 35.11
N CYS H 208 -27.06 -48.63 33.83
CA CYS H 208 -26.36 -47.48 33.28
C CYS H 208 -26.87 -46.19 33.94
N ALA H 209 -28.19 -46.06 34.06
CA ALA H 209 -28.76 -44.94 34.80
C ALA H 209 -28.18 -44.81 36.19
N ALA H 210 -28.04 -45.94 36.92
CA ALA H 210 -27.53 -45.87 38.30
C ALA H 210 -26.07 -45.45 38.34
N ILE H 211 -25.22 -46.12 37.56
CA ILE H 211 -23.79 -45.78 37.55
C ILE H 211 -23.60 -44.32 37.19
N SER H 212 -24.23 -43.88 36.11
CA SER H 212 -23.99 -42.52 35.63
C SER H 212 -24.52 -41.50 36.63
N SER H 213 -25.71 -41.75 37.17
CA SER H 213 -26.28 -40.84 38.16
C SER H 213 -25.41 -40.77 39.41
N ILE H 214 -24.96 -41.92 39.89
CA ILE H 214 -24.10 -41.92 41.08
C ILE H 214 -22.89 -41.04 40.85
N LEU H 215 -22.18 -41.27 39.74
CA LEU H 215 -20.92 -40.57 39.52
C LEU H 215 -21.14 -39.07 39.30
N GLU H 216 -22.21 -38.71 38.57
CA GLU H 216 -22.58 -37.31 38.37
C GLU H 216 -22.80 -36.61 39.70
N HIS H 217 -23.58 -37.23 40.59
CA HIS H 217 -23.87 -36.60 41.87
C HIS H 217 -22.67 -36.59 42.79
N CYS H 218 -21.78 -37.60 42.71
CA CYS H 218 -20.52 -37.50 43.42
C CYS H 218 -19.76 -36.26 42.97
N GLY H 219 -19.77 -36.01 41.66
CA GLY H 219 -19.16 -34.79 41.14
C GLY H 219 -19.86 -33.54 41.66
N VAL H 220 -21.18 -33.54 41.63
CA VAL H 220 -21.90 -32.37 42.14
C VAL H 220 -21.54 -32.13 43.60
N PHE H 221 -21.38 -33.20 44.39
CA PHE H 221 -21.00 -33.02 45.79
C PHE H 221 -19.60 -32.42 45.90
N GLU H 222 -18.65 -32.94 45.11
CA GLU H 222 -17.29 -32.40 45.15
C GLU H 222 -17.23 -30.94 44.69
N MET H 223 -18.19 -30.53 43.86
CA MET H 223 -18.34 -29.16 43.39
C MET H 223 -18.85 -28.21 44.47
N GLY H 224 -19.36 -28.74 45.58
CA GLY H 224 -19.98 -27.91 46.60
C GLY H 224 -21.42 -27.53 46.36
N GLN H 225 -22.12 -28.20 45.45
CA GLN H 225 -23.45 -27.79 45.08
C GLN H 225 -24.51 -28.76 45.62
N ALA H 226 -24.18 -29.41 46.72
CA ALA H 226 -25.14 -30.22 47.46
C ALA H 226 -24.98 -29.97 48.95
N ILE H 227 -25.00 -28.69 49.35
CA ILE H 227 -24.88 -28.27 50.74
C ILE H 227 -26.22 -27.78 51.25
N GLY H 228 -26.55 -28.13 52.50
CA GLY H 228 -27.78 -27.60 53.09
C GLY H 228 -29.01 -28.09 52.36
N LEU H 229 -29.95 -27.17 52.09
CA LEU H 229 -31.15 -27.53 51.33
C LEU H 229 -30.78 -28.22 50.04
N PHE H 230 -29.66 -27.83 49.43
CA PHE H 230 -29.28 -28.39 48.14
C PHE H 230 -28.84 -29.84 48.25
N GLU H 231 -28.49 -30.31 49.45
CA GLU H 231 -28.22 -31.74 49.58
C GLU H 231 -29.48 -32.58 49.36
N ARG H 232 -30.61 -32.18 49.97
CA ARG H 232 -31.86 -32.87 49.73
C ARG H 232 -32.26 -32.82 48.25
N TYR H 233 -32.16 -31.63 47.65
CA TYR H 233 -32.42 -31.48 46.22
C TYR H 233 -31.65 -32.50 45.40
N GLN H 234 -30.33 -32.58 45.60
CA GLN H 234 -29.53 -33.49 44.78
C GLN H 234 -29.81 -34.96 45.11
N LEU H 235 -29.92 -35.30 46.39
CA LEU H 235 -30.10 -36.70 46.78
C LEU H 235 -31.43 -37.25 46.27
N LEU H 236 -32.49 -36.45 46.33
CA LEU H 236 -33.77 -36.90 45.78
C LEU H 236 -33.69 -37.13 44.28
N ALA H 237 -32.97 -36.28 43.54
CA ALA H 237 -32.79 -36.54 42.12
C ALA H 237 -31.98 -37.82 41.89
N LEU H 238 -30.91 -38.02 42.66
CA LEU H 238 -30.15 -39.25 42.55
C LEU H 238 -31.06 -40.46 42.79
N ALA H 239 -31.82 -40.42 43.88
CA ALA H 239 -32.64 -41.57 44.27
C ALA H 239 -33.68 -41.87 43.19
N TYR H 240 -34.42 -40.85 42.76
CA TYR H 240 -35.53 -41.11 41.87
C TYR H 240 -35.11 -41.24 40.41
N GLN H 241 -34.07 -40.54 39.98
CA GLN H 241 -33.65 -40.69 38.58
C GLN H 241 -32.67 -41.83 38.38
N GLY H 242 -31.73 -41.99 39.30
CA GLY H 242 -30.63 -42.93 39.14
C GLY H 242 -30.81 -44.25 39.86
N LEU H 243 -31.49 -44.26 41.01
CA LEU H 243 -31.60 -45.45 41.84
C LEU H 243 -33.02 -46.05 41.85
N ASN H 244 -33.85 -45.68 40.88
CA ASN H 244 -35.15 -46.33 40.67
C ASN H 244 -35.96 -46.31 41.96
N ALA H 245 -35.83 -45.23 42.72
CA ALA H 245 -36.56 -45.09 43.97
C ALA H 245 -38.04 -45.36 43.76
N ASN H 246 -38.60 -46.19 44.63
CA ASN H 246 -40.02 -46.56 44.61
C ASN H 246 -40.41 -47.20 43.30
N ASN H 247 -39.42 -47.67 42.53
CA ASN H 247 -39.66 -48.34 41.26
C ASN H 247 -40.29 -47.42 40.22
N MET H 248 -40.19 -46.09 40.41
CA MET H 248 -40.97 -45.20 39.55
C MET H 248 -40.40 -45.14 38.14
N VAL H 249 -39.07 -45.07 37.98
CA VAL H 249 -38.48 -45.12 36.64
C VAL H 249 -38.86 -46.42 35.94
N TYR H 250 -38.68 -47.55 36.64
CA TYR H 250 -38.95 -48.84 36.03
C TYR H 250 -40.41 -48.97 35.62
N GLU H 251 -41.32 -48.61 36.51
CA GLU H 251 -42.76 -48.79 36.24
C GLU H 251 -43.24 -47.85 35.12
N MET H 252 -42.84 -46.56 35.19
CA MET H 252 -43.25 -45.65 34.13
C MET H 252 -42.77 -46.15 32.79
N THR H 253 -41.53 -46.67 32.74
CA THR H 253 -41.02 -47.21 31.48
C THR H 253 -41.84 -48.42 31.06
N LYS H 254 -42.10 -49.33 31.98
CA LYS H 254 -42.94 -50.48 31.66
C LYS H 254 -44.31 -50.04 31.16
N ASN H 255 -44.95 -49.11 31.88
CA ASN H 255 -46.29 -48.67 31.54
C ASN H 255 -46.37 -48.00 30.18
N ASN H 256 -45.26 -47.46 29.69
CA ASN H 256 -45.23 -46.70 28.45
C ASN H 256 -44.45 -47.38 27.34
N GLY H 257 -43.97 -48.60 27.56
CA GLY H 257 -43.00 -49.19 26.66
C GLY H 257 -43.57 -49.79 25.40
N LYS H 258 -44.85 -50.17 25.41
CA LYS H 258 -45.39 -50.85 24.20
C LYS H 258 -45.86 -49.80 23.19
N THR H 259 -46.58 -48.76 23.65
CA THR H 259 -47.15 -47.79 22.73
C THR H 259 -46.92 -46.35 23.17
N GLY H 260 -46.11 -46.13 24.21
CA GLY H 260 -45.97 -44.82 24.78
C GLY H 260 -45.03 -43.89 24.01
N THR H 261 -45.06 -42.63 24.41
CA THR H 261 -44.31 -41.56 23.77
C THR H 261 -43.75 -40.64 24.84
N ILE H 262 -42.95 -39.66 24.41
CA ILE H 262 -42.53 -38.61 25.34
C ILE H 262 -43.76 -38.03 26.03
N GLY H 263 -44.80 -37.74 25.24
CA GLY H 263 -45.99 -37.10 25.77
C GLY H 263 -46.75 -37.92 26.81
N THR H 264 -46.86 -39.23 26.59
CA THR H 264 -47.59 -40.05 27.58
C THR H 264 -46.80 -40.22 28.86
N VAL H 265 -45.46 -40.16 28.77
CA VAL H 265 -44.66 -40.18 29.98
C VAL H 265 -44.82 -38.87 30.75
N VAL H 266 -44.90 -37.74 30.05
CA VAL H 266 -45.28 -36.48 30.69
C VAL H 266 -46.57 -36.64 31.47
N GLN H 267 -47.57 -37.22 30.81
CA GLN H 267 -48.88 -37.37 31.43
C GLN H 267 -48.83 -38.26 32.65
N GLU H 268 -48.10 -39.37 32.58
CA GLU H 268 -48.01 -40.25 33.75
C GLU H 268 -47.26 -39.56 34.90
N THR H 269 -46.21 -38.80 34.59
CA THR H 269 -45.47 -38.11 35.65
C THR H 269 -46.37 -37.13 36.38
N VAL H 270 -47.16 -36.36 35.65
CA VAL H 270 -48.03 -35.39 36.30
C VAL H 270 -49.10 -36.12 37.12
N GLY H 271 -49.65 -37.20 36.58
CA GLY H 271 -50.67 -37.93 37.33
C GLY H 271 -50.14 -38.53 38.61
N ARG H 272 -48.91 -39.04 38.58
CA ARG H 272 -48.30 -39.58 39.79
C ARG H 272 -48.01 -38.47 40.80
N ALA H 273 -47.51 -37.32 40.33
CA ALA H 273 -47.24 -36.23 41.26
C ALA H 273 -48.53 -35.79 41.93
N LEU H 274 -49.61 -35.73 41.16
CA LEU H 274 -50.90 -35.33 41.70
C LEU H 274 -51.45 -36.39 42.64
N ASP H 275 -51.34 -37.68 42.26
CA ASP H 275 -51.89 -38.74 43.09
C ASP H 275 -51.14 -38.88 44.40
N ASP H 276 -49.83 -38.66 44.36
CA ASP H 276 -48.99 -38.79 45.54
C ASP H 276 -48.97 -37.53 46.40
N GLY H 277 -49.66 -36.47 45.98
CA GLY H 277 -49.67 -35.25 46.77
C GLY H 277 -48.46 -34.36 46.60
N VAL H 278 -47.58 -34.64 45.64
CA VAL H 278 -46.44 -33.77 45.39
C VAL H 278 -46.88 -32.41 44.84
N ILE H 279 -47.92 -32.40 44.03
CA ILE H 279 -48.48 -31.17 43.48
C ILE H 279 -49.98 -31.21 43.71
N SER H 280 -50.59 -30.03 43.64
CA SER H 280 -52.02 -29.83 43.80
C SER H 280 -52.45 -28.72 42.85
N VAL H 281 -53.75 -28.69 42.50
CA VAL H 281 -54.29 -27.57 41.77
C VAL H 281 -54.12 -26.32 42.62
N ASP H 282 -53.61 -25.25 42.00
CA ASP H 282 -53.42 -23.98 42.66
C ASP H 282 -54.57 -23.04 42.34
N LYS H 283 -54.68 -22.71 41.07
CA LYS H 283 -55.75 -21.80 40.59
C LYS H 283 -56.23 -22.31 39.23
N THR H 284 -57.42 -21.92 38.85
CA THR H 284 -57.96 -22.30 37.56
C THR H 284 -58.19 -21.05 36.73
N MET H 285 -57.72 -21.07 35.49
CA MET H 285 -57.94 -19.91 34.64
C MET H 285 -59.34 -19.94 34.02
N PRO H 286 -59.81 -18.79 33.52
CA PRO H 286 -61.16 -18.75 32.93
C PRO H 286 -61.42 -19.84 31.89
N SER H 287 -60.42 -20.20 31.09
CA SER H 287 -60.59 -21.25 30.08
C SER H 287 -60.75 -22.65 30.69
N GLY H 288 -60.56 -22.80 31.99
CA GLY H 288 -60.48 -24.12 32.59
C GLY H 288 -59.07 -24.65 32.78
N TYR H 289 -58.07 -23.99 32.20
CA TYR H 289 -56.69 -24.43 32.40
C TYR H 289 -56.33 -24.32 33.87
N LYS H 290 -55.77 -25.38 34.42
CA LYS H 290 -55.39 -25.44 35.83
C LYS H 290 -53.90 -25.15 36.00
N VAL H 291 -53.60 -24.14 36.82
CA VAL H 291 -52.26 -23.89 37.34
C VAL H 291 -52.05 -24.76 38.58
N TYR H 292 -50.99 -25.57 38.57
CA TYR H 292 -50.63 -26.37 39.73
C TYR H 292 -49.64 -25.62 40.61
N LYS H 293 -49.53 -26.09 41.85
CA LYS H 293 -48.48 -25.69 42.78
C LYS H 293 -47.75 -26.92 43.26
N ALA H 294 -46.49 -26.74 43.61
CA ALA H 294 -45.68 -27.82 44.15
C ALA H 294 -45.75 -27.78 45.68
N ASN H 295 -46.28 -28.84 46.28
CA ASN H 295 -46.38 -28.90 47.73
C ASN H 295 -45.05 -29.28 48.37
N ASP H 296 -44.21 -30.00 47.65
CA ASP H 296 -42.82 -30.29 48.02
C ASP H 296 -41.99 -29.99 46.77
N VAL H 297 -41.26 -28.87 46.79
CA VAL H 297 -40.57 -28.41 45.58
C VAL H 297 -39.48 -29.42 45.17
N CYS H 298 -38.64 -29.82 46.12
CA CYS H 298 -37.58 -30.77 45.79
C CYS H 298 -38.15 -32.08 45.26
N MET H 299 -39.28 -32.52 45.82
CA MET H 299 -39.88 -33.77 45.37
C MET H 299 -40.41 -33.64 43.95
N TRP H 300 -41.03 -32.51 43.64
CA TRP H 300 -41.50 -32.29 42.28
C TRP H 300 -40.35 -32.38 41.30
N ASN H 301 -39.19 -31.80 41.65
CA ASN H 301 -38.04 -31.94 40.77
C ASN H 301 -37.67 -33.40 40.57
N ALA H 302 -37.66 -34.18 41.66
CA ALA H 302 -37.28 -35.58 41.57
C ALA H 302 -38.24 -36.35 40.68
N TYR H 303 -39.54 -36.01 40.72
CA TYR H 303 -40.51 -36.66 39.85
C TYR H 303 -40.23 -36.32 38.41
N CYS H 304 -39.94 -35.05 38.12
CA CYS H 304 -39.59 -34.63 36.76
C CYS H 304 -38.32 -35.33 36.29
N ALA H 305 -37.38 -35.52 37.21
CA ALA H 305 -36.13 -36.21 36.88
C ALA H 305 -36.38 -37.66 36.53
N ALA H 306 -37.19 -38.36 37.32
CA ALA H 306 -37.58 -39.72 36.98
C ALA H 306 -38.32 -39.77 35.66
N GLY H 307 -39.23 -38.84 35.43
CA GLY H 307 -39.96 -38.82 34.18
C GLY H 307 -39.07 -38.58 32.98
N THR H 308 -38.07 -37.71 33.14
CA THR H 308 -37.12 -37.45 32.06
C THR H 308 -36.38 -38.70 31.67
N MET H 309 -35.98 -39.50 32.67
CA MET H 309 -35.31 -40.78 32.42
C MET H 309 -36.25 -41.77 31.75
N ALA H 310 -37.46 -41.94 32.30
CA ALA H 310 -38.41 -42.86 31.71
C ALA H 310 -38.73 -42.47 30.27
N ALA H 311 -38.87 -41.16 30.02
CA ALA H 311 -39.11 -40.71 28.66
C ALA H 311 -37.95 -41.07 27.74
N THR H 312 -36.71 -40.97 28.22
CA THR H 312 -35.56 -41.37 27.41
C THR H 312 -35.61 -42.85 27.11
N MET H 313 -35.92 -43.65 28.13
CA MET H 313 -36.03 -45.10 27.99
C MET H 313 -37.08 -45.47 26.96
N VAL H 314 -38.23 -44.80 26.99
CA VAL H 314 -39.33 -45.10 26.08
C VAL H 314 -39.05 -44.59 24.67
N ASN H 315 -38.53 -43.37 24.54
CA ASN H 315 -38.36 -42.83 23.20
C ASN H 315 -37.10 -43.35 22.52
N CYS H 316 -35.96 -43.31 23.21
CA CYS H 316 -34.75 -43.92 22.64
C CYS H 316 -34.90 -45.43 22.54
N GLY H 317 -35.56 -46.05 23.51
CA GLY H 317 -35.79 -47.48 23.41
C GLY H 317 -36.60 -47.85 22.19
N ALA H 318 -37.65 -47.07 21.90
CA ALA H 318 -38.46 -47.31 20.71
C ALA H 318 -37.65 -47.11 19.44
N LEU H 319 -36.81 -46.06 19.42
CA LEU H 319 -35.93 -45.84 18.27
C LEU H 319 -34.80 -46.84 18.21
N ARG H 320 -34.48 -47.49 19.34
CA ARG H 320 -33.22 -48.20 19.52
C ARG H 320 -32.10 -47.33 18.97
N GLY H 321 -32.16 -46.04 19.29
CA GLY H 321 -31.18 -45.08 18.80
C GLY H 321 -30.89 -44.00 19.82
N ALA H 322 -29.63 -43.63 19.94
CA ALA H 322 -29.25 -42.73 21.01
C ALA H 322 -29.66 -41.29 20.72
N GLN H 323 -29.75 -40.91 19.45
CA GLN H 323 -29.78 -39.47 19.15
C GLN H 323 -31.04 -38.79 19.68
N ALA H 324 -32.12 -39.53 19.87
CA ALA H 324 -33.35 -38.93 20.35
C ALA H 324 -33.29 -38.49 21.80
N VAL H 325 -32.20 -38.77 22.53
CA VAL H 325 -32.12 -38.34 23.92
C VAL H 325 -32.11 -36.81 24.02
N SER H 326 -31.47 -36.10 23.07
CA SER H 326 -31.40 -34.65 23.18
C SER H 326 -32.80 -34.04 23.09
N SER H 327 -33.60 -34.47 22.12
CA SER H 327 -34.95 -33.95 22.01
C SER H 327 -35.86 -34.46 23.13
N THR H 328 -35.61 -35.67 23.64
CA THR H 328 -36.44 -36.18 24.72
C THR H 328 -36.31 -35.31 25.97
N LEU H 329 -35.08 -35.00 26.36
CA LEU H 329 -34.87 -34.17 27.54
C LEU H 329 -35.48 -32.79 27.35
N LEU H 330 -35.38 -32.26 26.13
CA LEU H 330 -35.94 -30.94 25.83
C LEU H 330 -37.46 -30.97 25.94
N TYR H 331 -38.11 -31.86 25.20
CA TYR H 331 -39.55 -31.76 25.05
C TYR H 331 -40.29 -32.36 26.23
N PHE H 332 -39.71 -33.35 26.91
CA PHE H 332 -40.35 -33.80 28.13
C PHE H 332 -40.52 -32.62 29.08
N ASN H 333 -39.46 -31.83 29.27
CA ASN H 333 -39.55 -30.78 30.27
C ASN H 333 -40.28 -29.55 29.76
N ASP H 334 -40.10 -29.19 28.50
CA ASP H 334 -40.90 -28.11 27.94
C ASP H 334 -42.39 -28.42 28.09
N MET H 335 -42.78 -29.64 27.75
CA MET H 335 -44.20 -29.97 27.75
C MET H 335 -44.75 -30.17 29.15
N ILE H 336 -43.95 -30.64 30.10
CA ILE H 336 -44.51 -30.79 31.45
C ILE H 336 -44.75 -29.41 32.05
N GLU H 337 -43.92 -28.42 31.68
CA GLU H 337 -44.17 -27.05 32.12
C GLU H 337 -45.45 -26.50 31.52
N LYS H 338 -45.68 -26.75 30.23
CA LYS H 338 -46.91 -26.29 29.60
C LYS H 338 -48.13 -27.00 30.16
N GLU H 339 -47.95 -28.25 30.59
CA GLU H 339 -49.04 -29.04 31.16
C GLU H 339 -49.43 -28.57 32.55
N THR H 340 -48.49 -28.01 33.31
CA THR H 340 -48.72 -27.75 34.73
C THR H 340 -48.52 -26.31 35.17
N SER H 341 -47.81 -25.50 34.40
CA SER H 341 -47.31 -24.19 34.82
C SER H 341 -46.37 -24.28 36.02
N LEU H 342 -45.79 -25.47 36.26
CA LEU H 342 -44.68 -25.63 37.17
C LEU H 342 -43.38 -25.78 36.39
N PRO H 343 -42.26 -25.31 36.94
CA PRO H 343 -40.99 -25.49 36.24
C PRO H 343 -40.60 -26.96 36.17
N GLY H 344 -39.90 -27.30 35.09
CA GLY H 344 -39.46 -28.66 34.86
C GLY H 344 -38.15 -28.99 35.54
N CYS H 345 -37.55 -30.10 35.11
CA CYS H 345 -36.44 -30.68 35.83
C CYS H 345 -35.24 -29.72 35.89
N ASP H 346 -34.69 -29.57 37.09
CA ASP H 346 -33.59 -28.63 37.36
C ASP H 346 -33.96 -27.21 36.93
N TRP H 347 -35.28 -26.93 36.94
CA TRP H 347 -35.84 -25.61 36.78
C TRP H 347 -35.44 -24.97 35.45
N GLY H 348 -35.37 -25.78 34.40
CA GLY H 348 -35.02 -25.35 33.07
C GLY H 348 -33.64 -25.77 32.65
N ARG H 349 -32.81 -26.22 33.58
CA ARG H 349 -31.43 -26.53 33.24
C ARG H 349 -31.30 -27.86 32.50
N VAL H 350 -32.22 -28.81 32.71
CA VAL H 350 -32.21 -29.97 31.83
C VAL H 350 -32.69 -29.58 30.43
N GLU H 351 -33.78 -28.81 30.34
CA GLU H 351 -34.26 -28.36 29.03
C GLU H 351 -33.16 -27.58 28.31
N GLY H 352 -32.51 -26.65 29.01
CA GLY H 352 -31.49 -25.85 28.37
C GLY H 352 -30.31 -26.66 27.90
N THR H 353 -29.79 -27.56 28.76
CA THR H 353 -28.76 -28.49 28.34
C THR H 353 -29.19 -29.23 27.09
N ALA H 354 -30.45 -29.67 27.03
CA ALA H 354 -30.93 -30.42 25.88
C ALA H 354 -31.02 -29.55 24.63
N VAL H 355 -31.35 -28.27 24.77
CA VAL H 355 -31.32 -27.36 23.62
C VAL H 355 -29.94 -27.34 22.98
N GLY H 356 -28.91 -27.02 23.77
CA GLY H 356 -27.58 -26.95 23.21
C GLY H 356 -27.06 -28.31 22.77
N PHE H 357 -27.40 -29.35 23.53
CA PHE H 357 -27.03 -30.72 23.20
C PHE H 357 -27.64 -31.16 21.88
N SER H 358 -28.93 -30.84 21.67
CA SER H 358 -29.56 -31.10 20.37
C SER H 358 -28.77 -30.40 19.27
N PHE H 359 -28.50 -29.11 19.45
CA PHE H 359 -27.75 -28.35 18.47
C PHE H 359 -26.40 -28.98 18.17
N PHE H 360 -25.64 -29.30 19.22
CA PHE H 360 -24.30 -29.81 19.02
C PHE H 360 -24.26 -31.31 18.77
N SER H 361 -25.42 -31.93 18.52
CA SER H 361 -25.48 -33.28 17.98
C SER H 361 -26.20 -33.32 16.64
N HIS H 362 -26.45 -32.14 16.02
CA HIS H 362 -27.09 -32.10 14.72
C HIS H 362 -26.54 -30.97 13.85
N SER H 363 -25.34 -30.43 14.15
CA SER H 363 -24.86 -29.23 13.46
C SER H 363 -23.40 -29.37 13.09
N ILE H 364 -22.86 -28.35 12.41
CA ILE H 364 -21.47 -28.40 11.97
C ILE H 364 -20.47 -28.01 13.05
N TYR H 365 -20.92 -27.48 14.19
CA TYR H 365 -20.03 -26.62 14.98
C TYR H 365 -19.21 -27.37 16.03
N GLY H 366 -19.58 -28.59 16.39
CA GLY H 366 -18.86 -29.31 17.42
C GLY H 366 -19.69 -30.47 17.92
N GLY H 367 -19.40 -30.89 19.13
CA GLY H 367 -20.15 -32.00 19.70
C GLY H 367 -19.85 -33.29 18.97
N GLY H 368 -20.91 -33.96 18.53
CA GLY H 368 -20.85 -35.27 17.92
C GLY H 368 -22.10 -36.05 18.32
N GLY H 369 -22.05 -37.38 18.20
CA GLY H 369 -23.12 -38.22 18.67
C GLY H 369 -23.17 -38.24 20.19
N PRO H 370 -24.29 -38.69 20.76
CA PRO H 370 -24.43 -38.63 22.23
C PRO H 370 -23.28 -39.26 22.99
N GLY H 371 -22.62 -40.24 22.39
CA GLY H 371 -21.61 -40.99 23.12
C GLY H 371 -20.39 -40.19 23.51
N VAL H 372 -20.12 -39.07 22.83
CA VAL H 372 -18.93 -38.30 23.14
C VAL H 372 -19.16 -37.28 24.25
N PHE H 373 -20.39 -37.09 24.69
CA PHE H 373 -20.66 -36.11 25.73
C PHE H 373 -20.41 -36.72 27.11
N ASN H 374 -20.38 -35.84 28.11
CA ASN H 374 -20.08 -36.19 29.50
C ASN H 374 -20.41 -34.97 30.35
N GLY H 375 -20.42 -35.16 31.67
CA GLY H 375 -20.79 -34.10 32.59
C GLY H 375 -19.84 -32.92 32.62
N ASN H 376 -18.62 -33.09 32.12
CA ASN H 376 -17.64 -32.01 31.99
C ASN H 376 -17.61 -31.38 30.60
N HIS H 377 -18.37 -31.90 29.64
CA HIS H 377 -18.42 -31.32 28.31
C HIS H 377 -19.07 -29.96 28.39
N VAL H 378 -18.49 -28.95 27.71
CA VAL H 378 -19.06 -27.61 27.77
C VAL H 378 -20.55 -27.61 27.40
N VAL H 379 -20.97 -28.52 26.51
CA VAL H 379 -22.34 -28.53 26.03
C VAL H 379 -23.29 -29.09 27.09
N THR H 380 -22.89 -30.15 27.79
CA THR H 380 -23.80 -30.94 28.62
C THR H 380 -23.50 -30.86 30.11
N ARG H 381 -22.75 -29.86 30.56
CA ARG H 381 -22.40 -29.77 31.98
C ARG H 381 -23.45 -29.08 32.85
N HIS H 382 -24.48 -28.47 32.27
CA HIS H 382 -25.20 -27.37 32.94
C HIS H 382 -26.21 -27.83 33.99
N SER H 383 -26.82 -28.98 33.82
CA SER H 383 -27.62 -29.55 34.88
C SER H 383 -26.72 -30.23 35.92
N THR H 384 -27.06 -30.07 37.20
CA THR H 384 -26.30 -30.76 38.26
C THR H 384 -26.72 -32.23 38.33
N GLY H 385 -26.37 -32.94 37.26
CA GLY H 385 -26.41 -34.38 37.27
C GLY H 385 -27.68 -35.04 36.78
N MET H 386 -28.63 -34.27 36.23
CA MET H 386 -29.93 -34.83 35.86
C MET H 386 -30.12 -34.98 34.37
N ALA H 387 -29.07 -34.81 33.59
CA ALA H 387 -29.16 -34.98 32.15
C ALA H 387 -28.25 -36.08 31.63
N ILE H 388 -26.98 -36.10 32.09
CA ILE H 388 -26.03 -37.08 31.55
C ILE H 388 -26.49 -38.51 31.80
N PRO H 389 -27.08 -38.86 32.94
CA PRO H 389 -27.50 -40.27 33.10
C PRO H 389 -28.47 -40.68 32.00
N CYS H 390 -29.33 -39.77 31.55
CA CYS H 390 -30.19 -40.09 30.42
C CYS H 390 -29.39 -40.29 29.13
N VAL H 391 -28.37 -39.46 28.92
CA VAL H 391 -27.52 -39.61 27.75
C VAL H 391 -26.85 -40.99 27.74
N ALA H 392 -26.27 -41.37 28.86
CA ALA H 392 -25.63 -42.68 28.94
C ALA H 392 -26.63 -43.80 28.64
N VAL H 393 -27.85 -43.68 29.17
CA VAL H 393 -28.89 -44.68 28.91
C VAL H 393 -29.18 -44.77 27.42
N ALA H 394 -29.36 -43.63 26.76
CA ALA H 394 -29.63 -43.61 25.34
C ALA H 394 -28.51 -44.27 24.55
N VAL H 395 -27.26 -43.99 24.94
CA VAL H 395 -26.13 -44.65 24.30
C VAL H 395 -26.21 -46.16 24.51
N ALA H 396 -26.50 -46.58 25.73
CA ALA H 396 -26.66 -48.01 26.01
C ALA H 396 -27.76 -48.65 25.18
N LEU H 397 -28.85 -47.93 24.88
CA LEU H 397 -30.01 -48.52 24.19
C LEU H 397 -29.85 -48.59 22.68
N ASP H 398 -28.88 -47.87 22.15
CA ASP H 398 -28.68 -47.79 20.71
C ASP H 398 -28.33 -49.17 20.15
N ALA H 399 -29.00 -49.54 19.07
CA ALA H 399 -28.82 -50.85 18.46
C ALA H 399 -27.79 -50.86 17.33
N GLY H 400 -27.18 -49.71 17.02
CA GLY H 400 -26.12 -49.64 16.03
C GLY H 400 -26.27 -48.50 15.02
N THR H 401 -26.72 -47.33 15.48
CA THR H 401 -26.91 -46.21 14.55
C THR H 401 -25.73 -45.23 14.59
N GLN H 402 -24.83 -45.38 15.54
CA GLN H 402 -23.79 -44.39 15.82
C GLN H 402 -22.48 -44.72 15.10
N MET H 403 -21.76 -43.70 14.68
CA MET H 403 -20.44 -43.91 14.03
C MET H 403 -19.40 -44.14 15.11
N PHE H 404 -19.48 -43.35 16.17
CA PHE H 404 -18.52 -43.42 17.24
C PHE H 404 -19.20 -44.16 18.39
N SER H 405 -19.32 -45.46 18.20
CA SER H 405 -20.11 -46.30 19.08
C SER H 405 -19.31 -46.66 20.33
N PRO H 406 -19.97 -47.20 21.36
CA PRO H 406 -19.22 -47.56 22.58
C PRO H 406 -18.11 -48.56 22.30
N GLU H 407 -18.37 -49.52 21.41
CA GLU H 407 -17.39 -50.53 21.05
C GLU H 407 -16.25 -49.96 20.21
N SER H 408 -16.46 -48.82 19.56
CA SER H 408 -15.41 -48.17 18.77
C SER H 408 -14.55 -47.23 19.59
N THR H 409 -15.01 -46.80 20.77
CA THR H 409 -14.27 -45.85 21.59
C THR H 409 -13.97 -46.35 23.00
N SER H 410 -14.63 -47.42 23.46
CA SER H 410 -14.56 -47.82 24.86
C SER H 410 -14.54 -49.34 25.01
N ALA H 411 -14.09 -50.07 23.99
CA ALA H 411 -14.05 -51.53 24.07
C ALA H 411 -13.32 -51.98 25.33
N ILE H 412 -12.15 -51.41 25.58
CA ILE H 412 -11.34 -51.88 26.70
C ILE H 412 -12.04 -51.61 28.02
N VAL H 413 -12.91 -50.60 28.08
CA VAL H 413 -13.64 -50.30 29.31
C VAL H 413 -14.55 -51.45 29.70
N LEU H 414 -15.23 -52.03 28.71
CA LEU H 414 -16.09 -53.18 28.98
C LEU H 414 -15.27 -54.31 29.61
N ASP H 415 -14.22 -54.77 28.93
CA ASP H 415 -13.44 -55.88 29.46
C ASP H 415 -12.88 -55.57 30.83
N THR H 416 -12.43 -54.33 31.04
CA THR H 416 -11.76 -53.99 32.30
C THR H 416 -12.72 -54.05 33.48
N PHE H 417 -13.99 -53.71 33.29
CA PHE H 417 -14.91 -53.62 34.42
C PHE H 417 -16.01 -54.67 34.39
N GLN H 418 -16.09 -55.52 33.37
CA GLN H 418 -17.23 -56.42 33.27
C GLN H 418 -17.31 -57.43 34.42
N ASP H 419 -16.28 -57.51 35.27
CA ASP H 419 -16.29 -58.43 36.41
C ASP H 419 -16.19 -57.68 37.74
N VAL H 420 -16.48 -56.38 37.74
CA VAL H 420 -16.42 -55.57 38.94
C VAL H 420 -17.82 -55.52 39.54
N PRO H 421 -18.03 -56.03 40.76
CA PRO H 421 -19.41 -56.17 41.26
C PRO H 421 -20.24 -54.90 41.24
N ILE H 422 -19.67 -53.76 41.61
CA ILE H 422 -20.45 -52.53 41.70
C ILE H 422 -20.97 -52.11 40.33
N MET H 423 -20.23 -52.42 39.26
CA MET H 423 -20.65 -52.09 37.90
C MET H 423 -21.62 -53.12 37.34
N MET H 424 -21.52 -54.36 37.81
CA MET H 424 -22.40 -55.43 37.29
C MET H 424 -23.81 -55.32 37.89
N ASN H 425 -23.94 -54.85 39.13
CA ASN H 425 -25.21 -54.80 39.85
C ASN H 425 -25.26 -53.61 40.78
N PRO H 426 -25.17 -52.39 40.23
CA PRO H 426 -25.09 -51.21 41.11
C PRO H 426 -26.26 -51.04 42.07
N LEU H 427 -27.49 -51.30 41.63
CA LEU H 427 -28.62 -51.08 42.51
C LEU H 427 -28.58 -52.06 43.68
N LYS H 428 -28.19 -53.31 43.41
CA LYS H 428 -28.11 -54.30 44.48
C LYS H 428 -27.01 -53.97 45.47
N GLU H 429 -25.88 -53.45 44.99
CA GLU H 429 -24.77 -53.11 45.88
C GLU H 429 -25.10 -51.89 46.71
N VAL H 430 -25.72 -50.88 46.10
CA VAL H 430 -26.08 -49.70 46.88
C VAL H 430 -27.04 -50.07 48.00
N ALA H 431 -28.05 -50.89 47.69
CA ALA H 431 -29.01 -51.27 48.71
C ALA H 431 -28.36 -52.13 49.79
N ALA H 432 -27.49 -53.06 49.38
CA ALA H 432 -26.84 -53.93 50.34
C ALA H 432 -25.97 -53.15 51.31
N ALA H 433 -25.50 -51.97 50.91
CA ALA H 433 -24.60 -51.20 51.75
C ALA H 433 -25.36 -50.38 52.78
N VAL H 434 -26.65 -50.19 52.60
CA VAL H 434 -27.48 -49.55 53.62
C VAL H 434 -27.38 -50.38 54.92
N ALA I 2 -57.05 -42.16 35.26
CA ALA I 2 -55.94 -41.63 34.48
C ALA I 2 -55.94 -40.11 34.53
N TYR I 3 -54.74 -39.53 34.53
CA TYR I 3 -54.62 -38.08 34.38
C TYR I 3 -55.11 -37.67 33.01
N THR I 4 -55.92 -36.62 32.95
CA THR I 4 -56.39 -36.07 31.68
C THR I 4 -55.53 -34.89 31.28
N PRO I 5 -54.79 -34.97 30.18
CA PRO I 5 -53.92 -33.85 29.80
C PRO I 5 -54.73 -32.64 29.39
N GLN I 6 -54.19 -31.46 29.71
CA GLN I 6 -54.77 -30.19 29.29
C GLN I 6 -53.88 -29.44 28.30
N TYR I 7 -52.60 -29.80 28.23
CA TYR I 7 -51.63 -29.44 27.19
C TYR I 7 -51.13 -28.00 27.25
N TYR I 8 -52.04 -27.03 27.27
CA TYR I 8 -51.65 -25.65 27.01
C TYR I 8 -52.78 -24.72 27.42
N PRO I 9 -52.47 -23.51 27.96
CA PRO I 9 -53.54 -22.58 28.34
C PRO I 9 -54.06 -21.79 27.15
N GLY I 10 -54.86 -20.76 27.41
CA GLY I 10 -55.38 -19.87 26.38
C GLY I 10 -56.79 -20.26 25.94
N SER I 11 -57.59 -19.26 25.59
CA SER I 11 -58.97 -19.47 25.16
C SER I 11 -59.26 -19.08 23.70
N SER I 12 -58.34 -18.42 23.01
CA SER I 12 -58.61 -18.06 21.63
C SER I 12 -58.60 -19.30 20.74
N HIS I 13 -59.06 -19.11 19.49
CA HIS I 13 -59.07 -20.22 18.54
C HIS I 13 -57.66 -20.63 18.15
N VAL I 14 -56.69 -19.72 18.27
CA VAL I 14 -55.29 -20.09 18.09
C VAL I 14 -54.83 -21.04 19.19
N ALA I 15 -55.22 -20.76 20.44
CA ALA I 15 -54.90 -21.70 21.51
C ALA I 15 -55.58 -23.03 21.28
N VAL I 16 -56.83 -23.01 20.81
CA VAL I 16 -57.50 -24.26 20.49
C VAL I 16 -56.73 -25.02 19.42
N ASN I 17 -56.27 -24.32 18.38
CA ASN I 17 -55.50 -24.96 17.33
C ASN I 17 -54.20 -25.53 17.90
N ARG I 18 -53.61 -24.83 18.87
CA ARG I 18 -52.37 -25.32 19.48
C ARG I 18 -52.62 -26.63 20.22
N ARG I 19 -53.75 -26.74 20.92
CA ARG I 19 -54.07 -27.99 21.59
C ARG I 19 -54.43 -29.09 20.60
N LYS I 20 -54.99 -28.74 19.45
CA LYS I 20 -55.21 -29.73 18.39
C LYS I 20 -53.89 -30.34 17.91
N HIS I 21 -52.91 -29.49 17.63
CA HIS I 21 -51.62 -29.99 17.15
C HIS I 21 -50.96 -30.86 18.21
N MET I 22 -50.99 -30.42 19.47
CA MET I 22 -50.35 -31.16 20.55
C MET I 22 -51.01 -32.52 20.73
N SER I 23 -52.34 -32.53 20.79
CA SER I 23 -53.10 -33.76 21.03
C SER I 23 -53.24 -34.63 19.80
N GLY I 24 -52.78 -34.19 18.64
CA GLY I 24 -52.86 -34.98 17.44
C GLY I 24 -54.19 -34.90 16.72
N ASP I 25 -55.12 -34.08 17.20
CA ASP I 25 -56.46 -34.02 16.64
C ASP I 25 -56.45 -33.03 15.47
N VAL I 26 -55.78 -33.43 14.40
CA VAL I 26 -55.61 -32.59 13.23
C VAL I 26 -56.35 -33.21 12.06
N GLU I 27 -57.14 -32.38 11.38
CA GLU I 27 -57.95 -32.81 10.26
C GLU I 27 -57.10 -33.17 9.05
N LYS I 28 -57.45 -34.27 8.40
CA LYS I 28 -56.83 -34.59 7.12
C LYS I 28 -57.47 -33.73 6.03
N LEU I 29 -56.65 -33.02 5.27
CA LEU I 29 -57.18 -32.15 4.23
C LEU I 29 -56.82 -32.58 2.82
N ARG I 30 -55.79 -33.41 2.65
CA ARG I 30 -55.33 -33.77 1.33
C ARG I 30 -54.70 -35.16 1.40
N THR I 31 -54.47 -35.72 0.23
CA THR I 31 -53.79 -36.99 0.08
C THR I 31 -52.51 -36.75 -0.72
N VAL I 32 -51.41 -37.25 -0.18
CA VAL I 32 -50.13 -37.34 -0.87
C VAL I 32 -49.77 -38.81 -0.94
N SER I 33 -49.67 -39.35 -2.15
CA SER I 33 -49.35 -40.78 -2.30
C SER I 33 -47.99 -41.10 -1.70
N ASP I 34 -47.85 -42.37 -1.26
CA ASP I 34 -46.57 -42.82 -0.71
C ASP I 34 -45.42 -42.54 -1.68
N ASP I 35 -45.60 -42.89 -2.96
CA ASP I 35 -44.56 -42.71 -3.96
C ASP I 35 -44.19 -41.24 -4.13
N ASP I 36 -45.21 -40.36 -4.16
CA ASP I 36 -44.94 -38.92 -4.27
C ASP I 36 -44.15 -38.42 -3.06
N LEU I 37 -44.57 -38.83 -1.85
CA LEU I 37 -43.91 -38.38 -0.64
C LEU I 37 -42.47 -38.88 -0.59
N VAL I 38 -42.24 -40.12 -1.01
CA VAL I 38 -40.90 -40.68 -0.98
C VAL I 38 -40.00 -39.95 -1.97
N ALA I 39 -40.52 -39.65 -3.16
CA ALA I 39 -39.77 -38.87 -4.14
C ALA I 39 -39.40 -37.50 -3.60
N ALA I 40 -40.32 -36.88 -2.84
CA ALA I 40 -40.08 -35.53 -2.33
C ALA I 40 -39.05 -35.55 -1.21
N LEU I 41 -39.08 -36.58 -0.36
CA LEU I 41 -38.13 -36.67 0.73
C LEU I 41 -36.70 -36.93 0.23
N GLY I 42 -36.56 -37.62 -0.91
CA GLY I 42 -35.29 -37.73 -1.58
C GLY I 42 -34.29 -38.73 -1.04
N HIS I 43 -34.71 -39.66 -0.18
CA HIS I 43 -33.77 -40.60 0.44
C HIS I 43 -33.64 -41.94 -0.27
N ARG I 44 -34.68 -42.39 -0.97
CA ARG I 44 -34.66 -43.63 -1.74
C ARG I 44 -35.63 -43.47 -2.91
N ALA I 45 -35.37 -44.20 -3.99
CA ALA I 45 -36.32 -44.24 -5.09
C ALA I 45 -37.66 -44.79 -4.59
N PRO I 46 -38.79 -44.26 -5.07
CA PRO I 46 -40.08 -44.87 -4.73
C PRO I 46 -40.05 -46.36 -5.06
N GLY I 47 -40.61 -47.16 -4.16
CA GLY I 47 -40.63 -48.59 -4.36
C GLY I 47 -39.34 -49.30 -4.07
N ALA I 48 -38.24 -48.57 -3.84
CA ALA I 48 -37.00 -49.19 -3.42
C ALA I 48 -37.10 -49.65 -1.97
N ASP I 49 -36.27 -50.61 -1.60
CA ASP I 49 -36.34 -51.06 -0.21
C ASP I 49 -35.78 -49.97 0.70
N TYR I 50 -36.01 -50.14 2.01
CA TYR I 50 -35.42 -49.27 3.01
C TYR I 50 -33.99 -49.72 3.28
N PRO I 51 -32.99 -48.94 2.91
CA PRO I 51 -31.62 -49.31 3.26
C PRO I 51 -31.51 -49.49 4.76
N SER I 52 -30.59 -50.36 5.18
CA SER I 52 -30.40 -50.56 6.60
C SER I 52 -29.08 -49.96 7.06
N THR I 53 -29.02 -49.56 8.34
CA THR I 53 -27.77 -49.14 8.97
C THR I 53 -27.22 -50.19 9.92
N HIS I 54 -28.05 -51.12 10.36
CA HIS I 54 -27.59 -52.27 11.10
C HIS I 54 -28.56 -53.41 10.83
N PRO I 55 -28.22 -54.64 11.21
CA PRO I 55 -29.09 -55.77 10.91
C PRO I 55 -30.40 -55.69 11.67
N PRO I 56 -31.42 -56.40 11.24
CA PRO I 56 -32.66 -56.46 12.02
C PRO I 56 -32.40 -56.95 13.43
N LEU I 57 -33.15 -56.39 14.39
CA LEU I 57 -32.96 -56.78 15.78
C LEU I 57 -33.14 -58.28 15.95
N ALA I 58 -34.10 -58.87 15.24
CA ALA I 58 -34.32 -60.30 15.35
C ALA I 58 -33.07 -61.07 14.95
N GLU I 59 -32.45 -60.68 13.83
CA GLU I 59 -31.36 -61.47 13.30
C GLU I 59 -30.12 -61.39 14.16
N MET I 60 -29.86 -60.23 14.76
CA MET I 60 -28.60 -60.04 15.46
C MET I 60 -28.71 -60.21 16.97
N GLY I 61 -29.91 -60.14 17.54
CA GLY I 61 -30.07 -60.20 18.98
C GLY I 61 -29.65 -58.88 19.62
N GLU I 62 -29.87 -58.80 20.92
CA GLU I 62 -29.65 -57.57 21.67
C GLU I 62 -29.02 -57.90 23.01
N PRO I 63 -28.33 -56.94 23.63
CA PRO I 63 -27.83 -57.17 25.00
C PRO I 63 -28.96 -57.45 25.96
N ASP I 64 -28.61 -58.09 27.08
CA ASP I 64 -29.57 -58.39 28.14
C ASP I 64 -29.88 -57.10 28.88
N CYS I 65 -30.99 -56.46 28.50
CA CYS I 65 -31.34 -55.17 29.07
C CYS I 65 -32.82 -55.17 29.45
N PRO I 66 -33.15 -54.95 30.71
CA PRO I 66 -34.58 -54.91 31.09
C PRO I 66 -35.37 -53.86 30.34
N VAL I 67 -34.73 -52.77 29.95
CA VAL I 67 -35.45 -51.73 29.22
C VAL I 67 -35.75 -52.20 27.80
N ARG I 68 -34.73 -52.70 27.10
CA ARG I 68 -34.98 -53.24 25.76
C ARG I 68 -36.11 -54.27 25.80
N GLN I 69 -36.17 -55.05 26.87
CA GLN I 69 -37.12 -56.16 26.94
C GLN I 69 -38.54 -55.72 27.27
N MET I 70 -38.74 -54.45 27.62
CA MET I 70 -40.08 -53.93 27.89
C MET I 70 -40.42 -52.68 27.09
N VAL I 71 -39.54 -52.21 26.22
CA VAL I 71 -39.85 -51.12 25.30
C VAL I 71 -39.87 -51.68 23.89
N GLU I 72 -41.03 -51.62 23.26
CA GLU I 72 -41.16 -52.21 21.93
C GLU I 72 -40.49 -51.32 20.88
N PRO I 73 -39.62 -51.87 20.04
CA PRO I 73 -39.07 -51.07 18.95
C PRO I 73 -40.15 -50.72 17.95
N THR I 74 -39.95 -49.55 17.31
CA THR I 74 -40.78 -49.17 16.18
C THR I 74 -40.53 -50.17 15.05
N PRO I 75 -41.42 -50.19 14.06
CA PRO I 75 -41.15 -51.02 12.87
C PRO I 75 -39.80 -50.74 12.22
N GLY I 76 -39.44 -49.46 12.04
CA GLY I 76 -38.16 -49.17 11.41
C GLY I 76 -36.97 -49.55 12.27
N ALA I 77 -37.13 -49.49 13.59
CA ALA I 77 -36.03 -49.89 14.46
C ALA I 77 -35.84 -51.40 14.44
N ALA I 78 -36.94 -52.14 14.47
CA ALA I 78 -36.88 -53.60 14.33
C ALA I 78 -36.22 -53.99 13.02
N ALA I 79 -36.48 -53.24 11.95
CA ALA I 79 -35.93 -53.56 10.64
C ALA I 79 -34.49 -53.07 10.46
N GLY I 80 -34.00 -52.17 11.31
CA GLY I 80 -32.66 -51.64 11.17
C GLY I 80 -32.52 -50.48 10.19
N ASP I 81 -33.60 -49.76 9.92
CA ASP I 81 -33.54 -48.68 8.95
C ASP I 81 -32.48 -47.65 9.31
N ARG I 82 -31.94 -47.00 8.28
CA ARG I 82 -31.26 -45.74 8.48
C ARG I 82 -32.18 -44.77 9.22
N VAL I 83 -31.58 -43.81 9.92
CA VAL I 83 -32.29 -42.64 10.40
C VAL I 83 -32.24 -41.58 9.30
N ARG I 84 -33.43 -41.17 8.83
CA ARG I 84 -33.57 -40.10 7.85
C ARG I 84 -34.54 -39.06 8.42
N TYR I 85 -34.96 -38.10 7.60
CA TYR I 85 -35.60 -36.91 8.14
C TYR I 85 -36.64 -36.35 7.18
N SER I 86 -37.58 -35.62 7.76
CA SER I 86 -38.38 -34.64 7.06
C SER I 86 -38.13 -33.28 7.72
N GLN I 87 -38.11 -32.22 6.92
CA GLN I 87 -37.89 -30.89 7.43
C GLN I 87 -38.83 -29.91 6.76
N PHE I 88 -39.53 -29.11 7.58
CA PHE I 88 -40.51 -28.16 7.10
C PHE I 88 -40.13 -26.75 7.52
N THR I 89 -40.44 -25.81 6.64
CA THR I 89 -40.39 -24.38 6.90
C THR I 89 -41.82 -23.85 6.82
N ASP I 90 -42.17 -22.94 7.74
CA ASP I 90 -43.53 -22.41 7.85
C ASP I 90 -43.50 -20.89 7.84
N SER I 91 -44.36 -20.28 7.03
CA SER I 91 -44.41 -18.83 6.96
C SER I 91 -44.95 -18.26 8.27
N MET I 92 -44.36 -17.14 8.70
CA MET I 92 -44.93 -16.37 9.80
C MET I 92 -46.20 -15.62 9.41
N TYR I 93 -46.56 -15.62 8.13
CA TYR I 93 -47.81 -15.03 7.66
C TYR I 93 -48.92 -16.06 7.74
N SER I 94 -49.16 -16.47 8.99
CA SER I 94 -50.30 -17.28 9.41
C SER I 94 -50.28 -18.68 8.80
N ALA I 95 -49.10 -19.25 8.57
CA ALA I 95 -49.08 -20.66 8.25
C ALA I 95 -49.77 -21.45 9.37
N PRO I 96 -50.40 -22.57 9.04
CA PRO I 96 -51.05 -23.36 10.11
C PRO I 96 -50.11 -23.71 11.23
N SER I 97 -48.88 -24.12 10.91
CA SER I 97 -47.95 -24.63 11.92
C SER I 97 -46.92 -23.59 12.34
N ILE I 98 -46.41 -23.76 13.55
CA ILE I 98 -45.25 -23.01 14.04
C ILE I 98 -44.27 -24.06 14.55
N PRO I 99 -42.97 -23.80 14.47
CA PRO I 99 -41.99 -24.87 14.73
C PRO I 99 -42.16 -25.65 16.04
N TYR I 100 -42.30 -25.00 17.21
CA TYR I 100 -42.33 -25.79 18.44
C TYR I 100 -43.54 -26.72 18.48
N PHE I 101 -44.66 -26.31 17.89
CA PHE I 101 -45.87 -27.12 17.96
C PHE I 101 -45.84 -28.27 16.96
N ARG I 102 -45.09 -28.15 15.86
CA ARG I 102 -44.73 -29.33 15.08
C ARG I 102 -43.96 -30.33 15.92
N SER I 103 -43.03 -29.84 16.75
CA SER I 103 -42.24 -30.72 17.61
C SER I 103 -43.09 -31.35 18.70
N TYR I 104 -44.00 -30.58 19.32
CA TYR I 104 -44.89 -31.18 20.32
C TYR I 104 -45.79 -32.24 19.68
N TYR I 105 -46.31 -31.96 18.49
CA TYR I 105 -47.10 -32.95 17.76
C TYR I 105 -46.32 -34.24 17.60
N ALA I 106 -45.07 -34.14 17.16
CA ALA I 106 -44.23 -35.31 16.99
C ALA I 106 -44.01 -36.03 18.32
N ALA I 107 -43.65 -35.28 19.35
CA ALA I 107 -43.23 -35.89 20.61
C ALA I 107 -44.39 -36.49 21.38
N ILE I 108 -45.59 -35.94 21.21
CA ILE I 108 -46.74 -36.47 21.95
C ILE I 108 -47.33 -37.70 21.23
N ASN I 109 -47.30 -37.71 19.91
CA ASN I 109 -48.14 -38.61 19.16
C ASN I 109 -47.39 -39.69 18.40
N PHE I 110 -46.06 -39.67 18.43
CA PHE I 110 -45.27 -40.60 17.65
C PHE I 110 -44.16 -41.17 18.51
N ARG I 111 -43.85 -42.44 18.27
CA ARG I 111 -42.87 -43.17 19.05
C ARG I 111 -41.52 -43.13 18.36
N GLY I 112 -40.46 -43.06 19.16
CA GLY I 112 -39.09 -43.13 18.66
C GLY I 112 -38.75 -42.03 17.69
N VAL I 113 -39.03 -40.78 18.06
CA VAL I 113 -38.80 -39.64 17.18
C VAL I 113 -37.79 -38.68 17.79
N ASP I 114 -37.12 -37.92 16.92
CA ASP I 114 -36.05 -36.98 17.30
C ASP I 114 -36.40 -35.64 16.65
N PRO I 115 -37.37 -34.91 17.20
CA PRO I 115 -37.74 -33.62 16.63
C PRO I 115 -36.78 -32.51 17.03
N GLY I 116 -36.62 -31.55 16.12
CA GLY I 116 -35.83 -30.38 16.42
C GLY I 116 -36.47 -29.09 15.93
N THR I 117 -36.48 -28.08 16.80
CA THR I 117 -37.14 -26.82 16.53
C THR I 117 -36.12 -25.72 16.28
N LEU I 118 -36.33 -24.96 15.21
CA LEU I 118 -35.54 -23.78 14.86
C LEU I 118 -36.52 -22.74 14.34
N SER I 119 -36.04 -21.52 14.10
CA SER I 119 -36.97 -20.48 13.67
C SER I 119 -37.38 -20.70 12.23
N GLY I 120 -36.45 -21.11 11.37
CA GLY I 120 -36.71 -21.18 9.94
C GLY I 120 -36.86 -22.57 9.41
N ARG I 121 -36.88 -23.58 10.26
CA ARG I 121 -36.89 -24.98 9.88
C ARG I 121 -37.28 -25.77 11.13
N GLN I 122 -37.97 -26.87 10.92
CA GLN I 122 -38.28 -27.83 11.97
C GLN I 122 -38.07 -29.21 11.37
N ILE I 123 -37.38 -30.08 12.11
CA ILE I 123 -36.93 -31.36 11.59
C ILE I 123 -37.47 -32.48 12.47
N VAL I 124 -37.84 -33.59 11.84
CA VAL I 124 -38.11 -34.84 12.55
C VAL I 124 -37.17 -35.88 11.97
N GLU I 125 -36.26 -36.39 12.79
CA GLU I 125 -35.43 -37.52 12.45
C GLU I 125 -36.04 -38.76 13.08
N ALA I 126 -36.14 -39.84 12.30
CA ALA I 126 -36.53 -41.13 12.85
C ALA I 126 -36.03 -42.22 11.91
N ARG I 127 -36.18 -43.48 12.33
CA ARG I 127 -36.00 -44.57 11.39
C ARG I 127 -36.83 -44.32 10.14
N GLU I 128 -36.25 -44.61 8.97
CA GLU I 128 -36.79 -44.09 7.73
C GLU I 128 -38.29 -44.35 7.59
N ARG I 129 -38.72 -45.59 7.77
CA ARG I 129 -40.14 -45.86 7.52
C ARG I 129 -41.03 -45.18 8.56
N ASP I 130 -40.54 -45.02 9.80
CA ASP I 130 -41.33 -44.29 10.80
C ASP I 130 -41.39 -42.80 10.48
N MET I 131 -40.27 -42.23 10.02
CA MET I 131 -40.24 -40.82 9.65
C MET I 131 -41.23 -40.54 8.53
N GLU I 132 -41.29 -41.42 7.53
CA GLU I 132 -42.23 -41.27 6.43
C GLU I 132 -43.67 -41.22 6.93
N ALA I 133 -44.02 -42.14 7.83
CA ALA I 133 -45.38 -42.18 8.37
C ALA I 133 -45.69 -40.90 9.13
N GLN I 134 -44.74 -40.42 9.94
CA GLN I 134 -44.94 -39.17 10.66
C GLN I 134 -45.11 -37.99 9.69
N CYS I 135 -44.29 -37.96 8.64
CA CYS I 135 -44.35 -36.88 7.66
C CYS I 135 -45.66 -36.92 6.90
N LYS I 136 -46.07 -38.12 6.47
CA LYS I 136 -47.36 -38.27 5.81
C LYS I 136 -48.49 -37.68 6.66
N ALA I 137 -48.53 -38.01 7.94
CA ALA I 137 -49.57 -37.49 8.82
C ALA I 137 -49.56 -35.96 8.84
N ALA I 138 -48.39 -35.36 9.03
CA ALA I 138 -48.31 -33.90 9.07
C ALA I 138 -48.67 -33.27 7.72
N ILE I 139 -48.09 -33.76 6.63
CA ILE I 139 -48.25 -33.07 5.35
C ILE I 139 -49.66 -33.20 4.81
N GLU I 140 -50.39 -34.24 5.19
CA GLU I 140 -51.76 -34.41 4.72
C GLU I 140 -52.77 -33.64 5.57
N SER I 141 -52.34 -33.16 6.73
CA SER I 141 -53.24 -32.58 7.70
C SER I 141 -53.35 -31.06 7.58
N GLU I 142 -54.21 -30.47 8.42
CA GLU I 142 -54.40 -29.02 8.50
C GLU I 142 -53.18 -28.30 9.07
N MET I 143 -52.18 -29.04 9.54
CA MET I 143 -50.88 -28.49 9.92
C MET I 143 -50.12 -27.92 8.74
N THR I 144 -50.58 -28.20 7.52
CA THR I 144 -49.84 -27.87 6.32
C THR I 144 -50.71 -27.11 5.34
N CYS I 145 -50.20 -26.00 4.83
CA CYS I 145 -50.65 -25.34 3.62
C CYS I 145 -49.50 -25.42 2.64
N PRO I 146 -49.68 -25.97 1.43
CA PRO I 146 -48.52 -26.15 0.53
C PRO I 146 -47.95 -24.85 0.00
N ALA I 147 -48.62 -23.72 0.24
CA ALA I 147 -48.03 -22.44 -0.14
C ALA I 147 -47.26 -21.81 1.01
N LEU I 148 -47.82 -21.89 2.21
CA LEU I 148 -47.22 -21.29 3.39
C LEU I 148 -46.25 -22.21 4.11
N ALA I 149 -46.14 -23.48 3.69
CA ALA I 149 -45.23 -24.43 4.29
C ALA I 149 -44.67 -25.33 3.21
N GLY I 150 -43.46 -25.82 3.43
CA GLY I 150 -42.88 -26.71 2.45
C GLY I 150 -41.74 -27.53 3.00
N LEU I 151 -41.47 -28.64 2.31
CA LEU I 151 -40.34 -29.49 2.64
C LEU I 151 -39.04 -28.83 2.19
N ARG I 152 -38.13 -28.61 3.13
CA ARG I 152 -36.86 -27.95 2.79
C ARG I 152 -35.78 -28.56 3.67
N GLY I 153 -34.97 -29.45 3.11
CA GLY I 153 -33.87 -30.02 3.88
C GLY I 153 -32.62 -29.17 3.88
N CYS I 154 -32.60 -28.13 3.05
CA CYS I 154 -31.52 -27.16 2.98
C CYS I 154 -32.08 -25.89 2.33
N THR I 155 -31.33 -24.81 2.50
CA THR I 155 -31.66 -23.51 1.87
C THR I 155 -33.09 -23.11 2.24
N VAL I 156 -33.28 -22.93 3.55
CA VAL I 156 -34.61 -22.82 4.14
C VAL I 156 -35.15 -21.40 4.15
N HIS I 157 -34.31 -20.39 3.92
CA HIS I 157 -34.68 -18.97 3.93
C HIS I 157 -36.08 -18.75 3.39
N GLY I 158 -36.92 -18.04 4.17
CA GLY I 158 -38.24 -17.70 3.73
C GLY I 158 -39.32 -17.57 4.79
N HIS I 159 -39.16 -18.17 5.97
CA HIS I 159 -40.25 -18.14 6.93
C HIS I 159 -40.61 -16.71 7.34
N SER I 160 -39.62 -15.83 7.34
CA SER I 160 -39.80 -14.48 7.82
C SER I 160 -39.90 -13.47 6.69
N LEU I 161 -39.99 -13.92 5.45
CA LEU I 161 -39.98 -13.01 4.31
C LEU I 161 -41.39 -12.71 3.82
N ARG I 162 -41.51 -11.57 3.14
CA ARG I 162 -42.75 -11.29 2.42
C ARG I 162 -43.06 -12.44 1.47
N LEU I 163 -44.33 -12.81 1.39
CA LEU I 163 -44.75 -13.81 0.43
C LEU I 163 -44.56 -13.31 -1.00
N ALA I 164 -44.44 -14.24 -1.93
CA ALA I 164 -44.49 -13.87 -3.33
C ALA I 164 -45.87 -13.32 -3.68
N GLU I 165 -45.95 -12.64 -4.83
CA GLU I 165 -47.24 -12.05 -5.22
C GLU I 165 -48.32 -13.11 -5.32
N ASP I 166 -47.98 -14.34 -5.70
CA ASP I 166 -48.97 -15.41 -5.77
C ASP I 166 -49.19 -16.16 -4.46
N GLY I 167 -48.60 -15.70 -3.36
CA GLY I 167 -48.85 -16.26 -2.06
C GLY I 167 -47.95 -17.40 -1.66
N MET I 168 -47.02 -17.81 -2.53
CA MET I 168 -46.03 -18.82 -2.17
C MET I 168 -44.94 -18.21 -1.33
N MET I 169 -44.61 -18.88 -0.22
CA MET I 169 -43.41 -18.57 0.52
C MET I 169 -42.16 -18.61 -0.35
N PHE I 170 -41.31 -17.59 -0.21
CA PHE I 170 -40.06 -17.55 -0.94
C PHE I 170 -39.25 -18.81 -0.70
N ASP I 171 -38.79 -19.41 -1.81
CA ASP I 171 -37.86 -20.53 -1.83
C ASP I 171 -36.76 -20.20 -2.82
N MET I 172 -35.53 -20.04 -2.31
CA MET I 172 -34.41 -19.71 -3.19
C MET I 172 -34.25 -20.78 -4.26
N LEU I 173 -34.61 -22.02 -3.96
CA LEU I 173 -34.47 -23.13 -4.89
C LEU I 173 -35.75 -23.45 -5.65
N GLN I 174 -36.84 -22.75 -5.34
CA GLN I 174 -38.14 -22.88 -6.00
C GLN I 174 -38.51 -24.37 -6.22
N ARG I 175 -38.52 -25.10 -5.12
CA ARG I 175 -38.84 -26.52 -5.19
C ARG I 175 -40.32 -26.75 -5.49
N THR I 176 -41.16 -25.74 -5.29
CA THR I 176 -42.59 -25.79 -5.50
C THR I 176 -42.98 -24.57 -6.32
N HIS I 177 -44.10 -24.67 -7.04
CA HIS I 177 -44.65 -23.55 -7.78
C HIS I 177 -46.10 -23.89 -8.06
N ILE I 178 -46.87 -22.88 -8.40
CA ILE I 178 -48.29 -23.07 -8.65
C ILE I 178 -48.48 -23.37 -10.14
N GLU I 179 -49.30 -24.38 -10.43
CA GLU I 179 -49.73 -24.68 -11.80
C GLU I 179 -51.24 -24.87 -11.73
N GLY I 180 -51.99 -24.00 -12.42
CA GLY I 180 -53.43 -24.08 -12.37
C GLY I 180 -54.00 -24.23 -10.99
N GLY I 181 -53.64 -23.32 -10.09
CA GLY I 181 -54.20 -23.30 -8.76
C GLY I 181 -53.64 -24.33 -7.79
N ASN I 182 -52.88 -25.31 -8.26
CA ASN I 182 -52.33 -26.34 -7.40
C ASN I 182 -50.85 -26.06 -7.17
N VAL I 183 -50.38 -26.33 -5.96
CA VAL I 183 -48.94 -26.31 -5.68
C VAL I 183 -48.34 -27.62 -6.18
N ILE I 184 -47.37 -27.51 -7.08
CA ILE I 184 -46.63 -28.64 -7.62
C ILE I 184 -45.23 -28.61 -7.03
N GLU I 185 -44.76 -29.75 -6.54
CA GLU I 185 -43.36 -29.92 -6.15
C GLU I 185 -42.68 -30.77 -7.23
N ASP I 186 -41.63 -30.23 -7.84
CA ASP I 186 -40.91 -31.00 -8.85
C ASP I 186 -39.41 -31.08 -8.55
N LYS I 187 -39.03 -30.80 -7.32
CA LYS I 187 -37.69 -31.04 -6.80
C LYS I 187 -37.84 -31.71 -5.44
N ASP I 188 -36.86 -32.54 -5.08
CA ASP I 188 -36.88 -33.13 -3.74
C ASP I 188 -36.51 -32.07 -2.71
N GLN I 189 -36.52 -32.46 -1.45
CA GLN I 189 -36.41 -31.46 -0.40
C GLN I 189 -35.04 -30.83 -0.30
N VAL I 190 -34.03 -31.34 -0.99
CA VAL I 190 -32.72 -30.70 -1.00
C VAL I 190 -32.39 -30.11 -2.38
N GLY I 191 -33.43 -29.90 -3.19
CA GLY I 191 -33.32 -29.11 -4.41
C GLY I 191 -33.01 -29.88 -5.66
N VAL I 192 -33.04 -31.20 -5.62
CA VAL I 192 -32.67 -32.04 -6.76
C VAL I 192 -33.93 -32.28 -7.60
N PRO I 193 -33.92 -31.96 -8.89
CA PRO I 193 -35.10 -32.22 -9.72
C PRO I 193 -35.53 -33.68 -9.64
N ILE I 194 -36.83 -33.90 -9.59
CA ILE I 194 -37.37 -35.24 -9.59
C ILE I 194 -38.18 -35.43 -10.86
N ASP I 195 -38.35 -36.70 -11.22
CA ASP I 195 -38.94 -37.06 -12.50
C ASP I 195 -40.45 -37.19 -12.43
N ARG I 196 -41.08 -36.55 -11.44
CA ARG I 196 -42.53 -36.50 -11.35
C ARG I 196 -42.94 -35.12 -10.89
N LYS I 197 -44.22 -34.81 -11.06
CA LYS I 197 -44.85 -33.63 -10.49
C LYS I 197 -45.70 -34.08 -9.32
N VAL I 198 -45.36 -33.63 -8.13
CA VAL I 198 -46.13 -33.98 -6.94
C VAL I 198 -47.16 -32.88 -6.73
N ASN I 199 -48.44 -33.22 -6.87
CA ASN I 199 -49.52 -32.26 -6.73
C ASN I 199 -49.93 -32.23 -5.26
N LEU I 200 -49.58 -31.14 -4.57
CA LEU I 200 -49.92 -30.93 -3.18
C LEU I 200 -51.25 -30.20 -3.02
N GLY I 201 -51.95 -29.97 -4.12
CA GLY I 201 -53.28 -29.39 -4.08
C GLY I 201 -53.25 -27.89 -3.87
N LYS I 202 -54.42 -27.38 -3.45
CA LYS I 202 -54.62 -25.94 -3.42
C LYS I 202 -54.05 -25.33 -2.13
N PRO I 203 -53.42 -24.18 -2.24
CA PRO I 203 -53.13 -23.39 -1.04
C PRO I 203 -54.40 -23.11 -0.24
N MET I 204 -54.23 -22.97 1.06
CA MET I 204 -55.29 -22.44 1.91
C MET I 204 -55.62 -21.02 1.47
N SER I 205 -56.90 -20.65 1.54
CA SER I 205 -57.22 -19.23 1.42
C SER I 205 -56.64 -18.46 2.60
N ASP I 206 -56.48 -17.15 2.42
CA ASP I 206 -55.98 -16.33 3.52
C ASP I 206 -56.87 -16.48 4.75
N ALA I 207 -58.18 -16.52 4.56
CA ALA I 207 -59.08 -16.68 5.69
C ALA I 207 -58.93 -18.05 6.33
N GLU I 208 -58.82 -19.10 5.51
N GLU I 208 -58.82 -19.10 5.51
CA GLU I 208 -58.62 -20.43 6.07
CA GLU I 208 -58.62 -20.44 6.06
C GLU I 208 -57.33 -20.48 6.89
C GLU I 208 -57.33 -20.49 6.88
N ALA I 209 -56.25 -19.91 6.36
CA ALA I 209 -54.98 -19.91 7.09
C ALA I 209 -55.16 -19.28 8.46
N LYS I 210 -55.81 -18.10 8.53
CA LYS I 210 -55.97 -17.46 9.83
C LYS I 210 -56.89 -18.26 10.75
N LYS I 211 -57.80 -19.05 10.18
CA LYS I 211 -58.65 -19.91 11.00
C LYS I 211 -57.86 -21.07 11.58
N ARG I 212 -56.85 -21.55 10.86
CA ARG I 212 -56.15 -22.77 11.24
C ARG I 212 -54.82 -22.52 11.92
N THR I 213 -54.35 -21.28 11.95
CA THR I 213 -52.99 -21.00 12.38
C THR I 213 -52.84 -21.15 13.89
N THR I 214 -51.62 -21.47 14.30
CA THR I 214 -51.25 -21.47 15.71
C THR I 214 -50.42 -20.25 16.11
N ILE I 215 -50.13 -19.36 15.17
CA ILE I 215 -49.31 -18.20 15.50
C ILE I 215 -50.21 -17.08 16.00
N TYR I 216 -49.69 -16.30 16.95
CA TYR I 216 -50.30 -15.04 17.34
C TYR I 216 -49.62 -13.91 16.58
N ARG I 217 -50.42 -13.03 15.97
CA ARG I 217 -49.89 -11.80 15.40
C ARG I 217 -51.01 -10.78 15.26
N THR I 218 -50.62 -9.54 14.95
CA THR I 218 -51.57 -8.44 15.01
C THR I 218 -52.69 -8.56 13.98
N ASP I 219 -52.47 -9.22 12.84
CA ASP I 219 -53.54 -9.37 11.85
C ASP I 219 -54.46 -10.58 12.12
N GLY I 220 -54.25 -11.29 13.21
CA GLY I 220 -55.13 -12.38 13.57
C GLY I 220 -55.51 -12.29 15.03
N VAL I 221 -55.05 -13.24 15.85
CA VAL I 221 -55.24 -13.17 17.29
C VAL I 221 -54.00 -12.48 17.86
N LYS I 222 -54.20 -11.29 18.41
CA LYS I 222 -53.10 -10.50 18.96
C LYS I 222 -52.56 -11.13 20.23
N TYR I 223 -51.24 -11.28 20.29
CA TYR I 223 -50.63 -11.93 21.45
C TYR I 223 -50.89 -11.16 22.72
N ARG I 224 -50.85 -9.83 22.62
CA ARG I 224 -51.05 -8.97 23.78
C ARG I 224 -52.34 -9.26 24.52
N ASP I 225 -53.37 -9.72 23.80
CA ASP I 225 -54.65 -10.02 24.42
C ASP I 225 -54.78 -11.44 24.96
N GLU I 226 -53.82 -12.32 24.71
N GLU I 226 -53.88 -12.34 24.58
CA GLU I 226 -53.89 -13.70 25.20
CA GLU I 226 -53.92 -13.71 25.16
C GLU I 226 -53.27 -13.79 26.60
C GLU I 226 -53.24 -13.65 26.54
N GLU I 227 -53.99 -13.23 27.56
CA GLU I 227 -53.42 -13.05 28.88
C GLU I 227 -53.17 -14.36 29.62
N GLU I 228 -53.88 -15.44 29.29
CA GLU I 228 -53.62 -16.71 29.99
C GLU I 228 -52.25 -17.27 29.61
N VAL I 229 -51.85 -17.09 28.35
CA VAL I 229 -50.52 -17.51 27.93
C VAL I 229 -49.47 -16.65 28.60
N LEU I 230 -49.66 -15.32 28.59
CA LEU I 230 -48.72 -14.45 29.29
C LEU I 230 -48.63 -14.84 30.77
N ASP I 231 -49.77 -15.12 31.41
CA ASP I 231 -49.72 -15.54 32.82
C ASP I 231 -48.89 -16.81 32.99
N HIS I 232 -49.07 -17.78 32.10
CA HIS I 232 -48.33 -19.02 32.18
C HIS I 232 -46.84 -18.77 32.04
N VAL I 233 -46.45 -17.96 31.04
CA VAL I 233 -45.05 -17.60 30.85
C VAL I 233 -44.49 -17.01 32.12
N HIS I 234 -45.21 -16.05 32.71
CA HIS I 234 -44.73 -15.39 33.90
C HIS I 234 -44.58 -16.36 35.07
N LEU I 235 -45.58 -17.22 35.26
CA LEU I 235 -45.51 -18.16 36.38
C LEU I 235 -44.31 -19.07 36.25
N VAL I 236 -44.05 -19.58 35.05
CA VAL I 236 -42.94 -20.52 34.88
C VAL I 236 -41.62 -19.79 35.10
N HIS I 237 -41.48 -18.60 34.53
CA HIS I 237 -40.27 -17.82 34.76
C HIS I 237 -40.07 -17.54 36.25
N HIS I 238 -41.13 -17.07 36.92
CA HIS I 238 -41.00 -16.73 38.33
C HIS I 238 -40.57 -17.93 39.17
N ARG I 239 -41.23 -19.07 38.97
CA ARG I 239 -40.93 -20.24 39.77
C ARG I 239 -39.53 -20.77 39.48
N ARG I 240 -39.11 -20.76 38.20
CA ARG I 240 -37.73 -21.13 37.90
C ARG I 240 -36.75 -20.24 38.65
N THR I 241 -37.04 -18.93 38.66
CA THR I 241 -36.17 -17.99 39.34
C THR I 241 -36.15 -18.27 40.85
N MET I 242 -37.33 -18.43 41.45
CA MET I 242 -37.36 -18.64 42.89
C MET I 242 -36.63 -19.92 43.29
N TYR I 243 -36.87 -21.02 42.57
CA TYR I 243 -36.32 -22.30 42.98
C TYR I 243 -34.84 -22.43 42.67
N GLY I 244 -34.32 -21.64 41.72
CA GLY I 244 -32.89 -21.60 41.54
C GLY I 244 -32.18 -20.94 42.69
N TYR I 245 -32.83 -19.95 43.30
CA TYR I 245 -32.34 -19.37 44.54
C TYR I 245 -32.39 -20.39 45.66
N ARG I 246 -33.58 -20.90 45.97
CA ARG I 246 -33.75 -22.00 46.91
C ARG I 246 -34.92 -22.88 46.49
N PRO I 247 -34.72 -24.21 46.40
CA PRO I 247 -35.84 -25.06 45.96
C PRO I 247 -36.78 -25.43 47.09
N GLU I 248 -37.65 -24.47 47.44
CA GLU I 248 -38.59 -24.59 48.55
C GLU I 248 -39.62 -23.49 48.43
N THR I 249 -40.79 -23.71 49.05
CA THR I 249 -41.90 -22.76 48.94
C THR I 249 -41.55 -21.39 49.51
N ALA I 250 -40.69 -21.32 50.53
CA ALA I 250 -40.35 -20.02 51.10
C ALA I 250 -39.68 -19.09 50.07
N ALA I 251 -39.02 -19.65 49.06
CA ALA I 251 -38.38 -18.81 48.04
C ALA I 251 -39.40 -18.02 47.22
N GLU I 252 -40.66 -18.45 47.19
CA GLU I 252 -41.65 -17.74 46.40
C GLU I 252 -41.95 -16.36 46.94
N THR I 253 -41.52 -16.07 48.17
CA THR I 253 -41.69 -14.77 48.80
C THR I 253 -40.36 -14.20 49.27
N ALA I 254 -39.24 -14.66 48.71
CA ALA I 254 -37.94 -14.15 49.11
C ALA I 254 -37.82 -12.66 48.81
N PRO I 255 -36.99 -11.94 49.56
CA PRO I 255 -36.69 -10.55 49.18
C PRO I 255 -36.18 -10.52 47.75
N GLY I 256 -36.73 -9.58 46.98
CA GLY I 256 -36.42 -9.42 45.56
C GLY I 256 -37.52 -9.88 44.62
N VAL I 257 -38.43 -10.72 45.09
CA VAL I 257 -39.55 -11.14 44.24
C VAL I 257 -40.45 -9.95 43.94
N GLY I 258 -40.81 -9.20 44.97
CA GLY I 258 -41.68 -8.06 44.81
C GLY I 258 -43.12 -8.47 44.57
N PRO I 259 -43.94 -7.51 44.17
CA PRO I 259 -45.40 -7.73 44.07
C PRO I 259 -45.79 -8.40 42.75
N VAL I 260 -45.28 -9.62 42.53
CA VAL I 260 -45.65 -10.35 41.34
C VAL I 260 -47.16 -10.55 41.35
N THR I 261 -47.76 -10.46 40.18
CA THR I 261 -49.20 -10.45 40.02
C THR I 261 -49.51 -10.96 38.63
N TYR I 262 -50.71 -11.54 38.47
CA TYR I 262 -51.11 -12.19 37.23
C TYR I 262 -52.49 -11.70 36.81
N HIS I 263 -52.78 -11.86 35.52
CA HIS I 263 -53.99 -11.30 34.92
C HIS I 263 -55.24 -12.11 35.24
N THR I 264 -55.15 -13.43 35.17
CA THR I 264 -56.32 -14.29 35.18
C THR I 264 -56.38 -15.20 36.39
N VAL I 265 -55.33 -15.22 37.22
CA VAL I 265 -55.28 -16.06 38.41
C VAL I 265 -54.70 -15.25 39.56
N ALA J 2 31.71 -38.62 -1.97
CA ALA J 2 31.23 -38.08 -0.70
C ALA J 2 31.89 -36.74 -0.38
N TYR J 3 31.30 -36.02 0.57
CA TYR J 3 31.75 -34.66 0.87
C TYR J 3 33.20 -34.64 1.34
N LYS J 4 33.94 -33.63 0.88
CA LYS J 4 35.32 -33.37 1.29
C LYS J 4 35.42 -31.93 1.76
N TYR J 5 35.77 -31.76 3.03
CA TYR J 5 35.89 -30.44 3.64
C TYR J 5 37.03 -29.67 3.01
N PRO J 6 36.79 -28.47 2.48
CA PRO J 6 37.82 -27.76 1.70
C PRO J 6 38.88 -27.12 2.60
N SER J 7 39.86 -26.48 1.94
CA SER J 7 40.96 -25.88 2.67
C SER J 7 40.64 -24.50 3.23
N GLU J 8 39.67 -23.78 2.65
CA GLU J 8 39.27 -22.48 3.20
C GLU J 8 38.05 -22.67 4.08
N LYS J 9 38.10 -22.09 5.27
CA LYS J 9 36.95 -22.13 6.18
C LYS J 9 35.73 -21.52 5.51
N LEU J 10 34.57 -22.12 5.72
CA LEU J 10 33.37 -21.63 5.02
C LEU J 10 32.94 -20.25 5.48
N PHE J 11 33.37 -19.81 6.66
CA PHE J 11 32.95 -18.51 7.19
C PHE J 11 33.86 -17.36 6.76
N VAL J 12 34.94 -17.62 6.01
CA VAL J 12 35.89 -16.56 5.70
C VAL J 12 35.31 -15.57 4.70
N GLU J 13 34.56 -16.08 3.71
CA GLU J 13 33.96 -15.18 2.72
C GLU J 13 33.16 -14.08 3.41
N ALA J 14 32.30 -14.47 4.36
CA ALA J 14 31.50 -13.46 5.06
C ALA J 14 32.39 -12.48 5.82
N LEU J 15 33.45 -12.97 6.45
CA LEU J 15 34.33 -12.06 7.19
C LEU J 15 34.97 -11.05 6.24
N LYS J 16 35.42 -11.51 5.07
CA LYS J 16 36.06 -10.59 4.13
C LYS J 16 35.06 -9.63 3.51
N SER J 17 33.80 -10.06 3.33
CA SER J 17 32.78 -9.18 2.77
C SER J 17 32.36 -8.12 3.78
N LYS J 18 32.47 -8.42 5.07
CA LYS J 18 32.16 -7.44 6.10
C LYS J 18 33.30 -6.48 6.35
N PHE J 19 34.55 -6.96 6.21
CA PHE J 19 35.74 -6.19 6.57
C PHE J 19 36.71 -6.20 5.40
N ALA J 20 36.44 -5.41 4.37
CA ALA J 20 37.31 -5.37 3.21
C ALA J 20 38.70 -4.89 3.63
N GLY J 21 39.73 -5.63 3.23
CA GLY J 21 41.09 -5.27 3.54
C GLY J 21 41.60 -5.69 4.90
N LEU J 22 40.80 -6.36 5.71
CA LEU J 22 41.20 -6.62 7.09
C LEU J 22 42.08 -7.85 7.20
N ASP J 23 43.13 -7.75 8.03
CA ASP J 23 43.93 -8.89 8.48
C ASP J 23 43.11 -9.68 9.49
N LEU J 24 42.62 -10.86 9.08
CA LEU J 24 41.71 -11.63 9.91
C LEU J 24 42.37 -12.27 11.12
N SER J 25 43.69 -12.19 11.25
CA SER J 25 44.34 -12.66 12.46
C SER J 25 44.47 -11.59 13.54
N ASP J 26 44.22 -10.33 13.19
CA ASP J 26 44.49 -9.23 14.11
C ASP J 26 43.51 -9.22 15.27
N GLN J 27 44.06 -9.19 16.48
CA GLN J 27 43.26 -9.24 17.70
C GLN J 27 42.83 -7.86 18.18
N LYS J 28 43.31 -6.80 17.56
CA LYS J 28 43.00 -5.45 17.99
C LYS J 28 42.35 -4.70 16.84
N VAL J 29 41.67 -3.63 17.21
CA VAL J 29 40.96 -2.79 16.24
C VAL J 29 40.96 -1.38 16.78
N LYS J 30 40.83 -0.41 15.88
CA LYS J 30 40.60 0.97 16.26
C LYS J 30 39.10 1.20 16.39
N TYR J 31 38.66 1.70 17.55
CA TYR J 31 37.28 2.11 17.76
C TYR J 31 37.15 3.61 17.46
N VAL J 32 36.16 3.97 16.66
CA VAL J 32 35.95 5.38 16.29
C VAL J 32 34.75 5.98 17.01
N ARG J 33 33.88 5.17 17.59
CA ARG J 33 32.82 5.64 18.46
C ARG J 33 31.86 6.55 17.70
N ALA J 34 31.47 6.10 16.51
CA ALA J 34 30.68 6.95 15.63
C ALA J 34 29.26 7.13 16.14
N GLY J 35 28.72 6.17 16.88
CA GLY J 35 27.31 6.20 17.23
C GLY J 35 26.43 5.81 16.03
N TYR J 36 25.14 6.07 16.20
CA TYR J 36 24.17 5.54 15.24
C TYR J 36 24.35 6.10 13.83
N LEU J 37 24.96 7.27 13.67
CA LEU J 37 25.05 7.88 12.35
C LEU J 37 25.86 7.05 11.36
N GLN J 38 26.61 6.05 11.83
CA GLN J 38 27.35 5.19 10.91
C GLN J 38 26.44 4.28 10.10
N ASN J 39 25.20 4.08 10.52
CA ASN J 39 24.38 2.98 10.04
C ASN J 39 23.09 3.47 9.39
N ALA J 40 22.93 3.17 8.11
CA ALA J 40 21.78 3.69 7.33
C ALA J 40 20.44 3.24 7.96
N ARG J 41 20.39 2.01 8.48
CA ARG J 41 19.13 1.47 9.05
C ARG J 41 18.77 2.25 10.32
N LYS J 42 19.75 2.46 11.21
CA LYS J 42 19.50 3.21 12.46
C LYS J 42 19.09 4.65 12.11
N ARG J 43 19.72 5.24 11.11
CA ARG J 43 19.34 6.59 10.73
C ARG J 43 17.91 6.62 10.19
N GLU J 44 17.54 5.60 9.41
N GLU J 44 17.53 5.60 9.40
CA GLU J 44 16.18 5.50 8.91
CA GLU J 44 16.16 5.51 8.91
C GLU J 44 15.18 5.34 10.05
C GLU J 44 15.19 5.37 10.07
N PHE J 45 15.53 4.53 11.06
CA PHE J 45 14.66 4.35 12.21
C PHE J 45 14.48 5.64 12.99
N GLN J 46 15.58 6.38 13.19
CA GLN J 46 15.49 7.64 13.94
C GLN J 46 14.52 8.58 13.24
N ALA J 47 14.58 8.64 11.91
CA ALA J 47 13.69 9.49 11.14
C ALA J 47 12.26 8.95 11.19
N ALA J 48 12.11 7.63 11.17
CA ALA J 48 10.75 7.08 11.27
C ALA J 48 10.14 7.43 12.61
N GLY J 49 10.96 7.38 13.68
CA GLY J 49 10.52 7.79 15.00
C GLY J 49 10.15 9.25 15.09
N GLU J 50 10.81 10.11 14.31
CA GLU J 50 10.43 11.52 14.31
C GLU J 50 9.03 11.69 13.70
N ARG J 51 8.76 11.01 12.60
CA ARG J 51 7.42 11.08 12.00
C ARG J 51 6.37 10.53 12.95
N VAL J 52 6.65 9.36 13.57
CA VAL J 52 5.67 8.77 14.49
C VAL J 52 5.31 9.77 15.56
N ALA J 53 6.31 10.42 16.15
CA ALA J 53 6.06 11.31 17.28
C ALA J 53 5.27 12.52 16.84
N GLU J 54 5.60 13.08 15.67
CA GLU J 54 4.87 14.24 15.19
C GLU J 54 3.43 13.87 14.85
N GLN J 55 3.24 12.71 14.22
CA GLN J 55 1.91 12.33 13.78
C GLN J 55 0.98 12.09 14.96
N ARG J 56 1.50 11.53 16.04
CA ARG J 56 0.65 11.15 17.16
C ARG J 56 0.76 12.06 18.37
N GLY J 57 1.66 13.05 18.35
CA GLY J 57 1.79 13.94 19.48
C GLY J 57 2.50 13.35 20.68
N MET J 58 3.34 12.35 20.48
CA MET J 58 3.94 11.66 21.64
C MET J 58 5.24 11.01 21.21
N GLN J 59 6.30 11.30 21.97
CA GLN J 59 7.62 10.71 21.74
C GLN J 59 7.57 9.20 21.63
N GLN J 60 8.35 8.66 20.71
CA GLN J 60 8.50 7.21 20.52
C GLN J 60 9.99 6.90 20.40
N TYR J 61 10.40 6.33 19.29
CA TYR J 61 11.78 5.90 19.11
C TYR J 61 12.72 7.10 19.10
N ASP J 62 13.81 7.01 19.85
CA ASP J 62 14.83 8.07 19.81
C ASP J 62 16.15 7.44 20.28
N VAL J 63 17.11 7.29 19.36
CA VAL J 63 18.36 6.61 19.70
C VAL J 63 19.02 7.25 20.91
N ASN J 64 18.76 8.53 21.16
CA ASN J 64 19.43 9.22 22.24
C ASN J 64 18.88 8.88 23.60
N VAL J 65 17.79 8.12 23.66
CA VAL J 65 17.29 7.59 24.93
C VAL J 65 18.12 6.41 25.43
N HIS J 66 18.96 5.82 24.59
CA HIS J 66 19.87 4.80 25.10
C HIS J 66 20.65 5.36 26.29
N LEU J 67 20.84 4.53 27.31
CA LEU J 67 21.43 5.04 28.54
C LEU J 67 22.89 5.43 28.34
N GLY J 68 23.41 6.19 29.30
CA GLY J 68 24.83 6.44 29.36
C GLY J 68 25.33 7.51 28.44
N GLY J 69 24.43 8.27 27.81
CA GLY J 69 24.83 9.31 26.91
C GLY J 69 25.42 8.79 25.62
N MET J 70 25.15 7.52 25.31
CA MET J 70 25.73 6.90 24.10
C MET J 70 24.64 6.24 23.24
N THR J 71 24.71 6.42 21.93
CA THR J 71 23.81 5.73 21.01
C THR J 71 24.45 4.43 20.54
N LEU J 72 23.60 3.50 20.13
CA LEU J 72 24.07 2.28 19.48
C LEU J 72 25.15 2.60 18.46
N GLY J 73 26.21 1.78 18.46
CA GLY J 73 27.28 1.92 17.49
C GLY J 73 28.52 2.62 17.99
N GLN J 74 28.87 2.47 19.27
CA GLN J 74 30.18 2.92 19.72
C GLN J 74 31.28 2.05 19.15
N ARG J 75 30.94 0.79 18.83
CA ARG J 75 31.69 -0.08 17.95
C ARG J 75 31.06 -0.03 16.55
N GLN J 76 31.70 -0.71 15.61
CA GLN J 76 31.11 -0.90 14.30
C GLN J 76 29.85 -1.76 14.39
N LEU J 77 28.76 -1.29 13.78
CA LEU J 77 27.56 -2.10 13.64
C LEU J 77 27.69 -2.87 12.34
N VAL J 78 27.68 -4.20 12.42
CA VAL J 78 28.05 -5.00 11.26
C VAL J 78 26.84 -5.71 10.67
N PRO J 79 26.84 -6.00 9.38
CA PRO J 79 25.68 -6.67 8.79
C PRO J 79 25.83 -8.18 8.82
N TYR J 80 24.86 -8.89 8.25
CA TYR J 80 24.75 -10.34 8.35
C TYR J 80 24.53 -10.91 6.96
N LYS J 81 25.36 -11.88 6.58
CA LYS J 81 25.17 -12.63 5.36
C LYS J 81 24.28 -13.83 5.65
N LEU J 82 23.22 -13.99 4.88
CA LEU J 82 22.44 -15.22 5.05
C LEU J 82 23.27 -16.41 4.56
N SER J 83 23.36 -17.45 5.38
CA SER J 83 24.25 -18.55 5.02
C SER J 83 23.75 -19.22 3.74
N THR J 84 24.70 -19.52 2.87
CA THR J 84 24.53 -20.09 1.53
C THR J 84 23.99 -19.06 0.54
N ARG J 85 23.74 -17.83 0.96
CA ARG J 85 23.17 -16.82 0.08
C ARG J 85 24.15 -15.68 -0.12
N PRO J 86 24.04 -14.93 -1.22
CA PRO J 86 24.90 -13.74 -1.39
C PRO J 86 24.41 -12.53 -0.61
N ASP J 87 23.18 -12.60 -0.10
CA ASP J 87 22.53 -11.45 0.52
C ASP J 87 23.12 -11.12 1.88
N ILE J 88 23.59 -9.89 2.01
CA ILE J 88 24.08 -9.33 3.27
C ILE J 88 23.12 -8.21 3.66
N VAL J 89 22.64 -8.25 4.90
CA VAL J 89 21.55 -7.40 5.33
C VAL J 89 21.89 -6.81 6.68
N GLU J 90 21.18 -5.76 7.04
CA GLU J 90 21.39 -5.20 8.38
C GLU J 90 20.67 -6.10 9.38
N GLY J 91 21.19 -6.13 10.60
CA GLY J 91 20.64 -7.07 11.58
C GLY J 91 19.16 -6.83 11.84
N ASP J 92 18.74 -5.56 11.81
CA ASP J 92 17.33 -5.23 12.04
C ASP J 92 16.42 -5.87 10.97
N ASP J 93 16.97 -6.12 9.77
CA ASP J 93 16.22 -6.76 8.69
C ASP J 93 15.85 -8.20 8.99
N LEU J 94 16.48 -8.78 10.01
CA LEU J 94 16.21 -10.14 10.47
C LEU J 94 15.34 -10.17 11.72
N HIS J 95 14.96 -9.03 12.28
CA HIS J 95 13.99 -9.02 13.35
C HIS J 95 12.66 -9.50 12.79
N TYR J 96 11.98 -10.39 13.51
CA TYR J 96 10.77 -11.00 12.97
C TYR J 96 9.71 -9.93 12.67
N VAL J 97 9.64 -8.87 13.47
CA VAL J 97 8.64 -7.83 13.24
C VAL J 97 8.87 -7.15 11.90
N ASN J 98 10.13 -7.06 11.47
CA ASN J 98 10.52 -6.34 10.27
C ASN J 98 10.59 -7.22 9.04
N ASN J 99 10.43 -8.53 9.21
CA ASN J 99 10.72 -9.51 8.16
C ASN J 99 9.47 -10.30 7.80
N PRO J 100 8.80 -9.93 6.71
CA PRO J 100 7.54 -10.61 6.37
C PRO J 100 7.69 -12.06 5.98
N ALA J 101 8.87 -12.48 5.48
CA ALA J 101 9.09 -13.89 5.19
C ALA J 101 9.01 -14.71 6.48
N MET J 102 9.61 -14.21 7.56
CA MET J 102 9.58 -14.92 8.81
C MET J 102 8.16 -15.00 9.36
N GLN J 103 7.45 -13.87 9.29
CA GLN J 103 6.07 -13.83 9.76
C GLN J 103 5.20 -14.81 8.98
N GLN J 104 5.44 -14.91 7.67
CA GLN J 104 4.61 -15.77 6.83
C GLN J 104 4.95 -17.24 7.01
N MET J 105 6.22 -17.57 7.24
CA MET J 105 6.54 -18.95 7.57
C MET J 105 5.71 -19.41 8.78
N TRP J 106 5.67 -18.59 9.81
CA TRP J 106 4.92 -18.96 11.00
C TRP J 106 3.42 -18.97 10.70
N ASP J 107 2.92 -17.94 10.00
CA ASP J 107 1.49 -17.94 9.70
C ASP J 107 1.12 -19.18 8.90
N ASP J 108 1.98 -19.59 7.96
CA ASP J 108 1.68 -20.77 7.16
C ASP J 108 1.59 -22.02 8.03
N MET J 109 2.45 -22.14 9.04
CA MET J 109 2.34 -23.31 9.90
C MET J 109 1.09 -23.24 10.77
N LYS J 110 0.86 -22.07 11.38
CA LYS J 110 -0.23 -21.92 12.32
C LYS J 110 -1.59 -22.11 11.66
N ARG J 111 -1.70 -21.76 10.38
CA ARG J 111 -3.00 -21.81 9.70
C ARG J 111 -3.26 -23.15 9.04
N THR J 112 -2.39 -24.13 9.30
CA THR J 112 -2.49 -25.44 8.67
C THR J 112 -3.06 -26.48 9.64
N ILE J 113 -3.95 -27.31 9.13
CA ILE J 113 -4.45 -28.48 9.83
C ILE J 113 -4.59 -29.59 8.79
N ILE J 114 -4.31 -30.82 9.19
CA ILE J 114 -4.48 -31.99 8.35
C ILE J 114 -5.67 -32.77 8.86
N VAL J 115 -6.59 -33.11 7.96
CA VAL J 115 -7.86 -33.72 8.35
C VAL J 115 -8.13 -34.92 7.47
N GLY J 116 -8.33 -36.08 8.08
CA GLY J 116 -8.63 -37.28 7.31
C GLY J 116 -10.00 -37.21 6.65
N MET J 117 -10.11 -37.89 5.51
CA MET J 117 -11.40 -38.01 4.83
C MET J 117 -12.05 -39.37 5.00
N ASP J 118 -11.29 -40.40 5.38
CA ASP J 118 -11.83 -41.75 5.47
C ASP J 118 -13.00 -41.81 6.47
N LEU J 119 -12.80 -41.31 7.68
CA LEU J 119 -13.88 -41.38 8.67
C LEU J 119 -15.13 -40.67 8.20
N ALA J 120 -14.97 -39.52 7.54
CA ALA J 120 -16.13 -38.82 7.01
C ALA J 120 -16.85 -39.66 5.97
N HIS J 121 -16.08 -40.28 5.05
CA HIS J 121 -16.71 -41.09 4.03
C HIS J 121 -17.41 -42.30 4.64
N GLU J 122 -16.83 -42.88 5.67
CA GLU J 122 -17.48 -44.02 6.35
C GLU J 122 -18.78 -43.54 7.00
N THR J 123 -18.77 -42.35 7.58
CA THR J 123 -19.99 -41.79 8.15
C THR J 123 -21.07 -41.66 7.08
N LEU J 124 -20.73 -41.10 5.91
CA LEU J 124 -21.71 -40.94 4.86
C LEU J 124 -22.30 -42.30 4.47
N GLU J 125 -21.45 -43.33 4.41
CA GLU J 125 -21.91 -44.66 4.00
C GLU J 125 -22.81 -45.27 5.08
N LYS J 126 -22.37 -45.24 6.33
CA LYS J 126 -23.11 -45.93 7.38
C LYS J 126 -24.41 -45.21 7.73
N ARG J 127 -24.36 -43.90 7.86
CA ARG J 127 -25.54 -43.19 8.32
C ARG J 127 -26.51 -42.86 7.19
N LEU J 128 -26.01 -42.52 6.00
CA LEU J 128 -26.90 -42.13 4.91
C LEU J 128 -26.95 -43.11 3.76
N GLY J 129 -26.09 -44.13 3.74
CA GLY J 129 -26.05 -45.00 2.58
C GLY J 129 -25.57 -44.32 1.33
N LYS J 130 -24.75 -43.28 1.47
CA LYS J 130 -24.23 -42.57 0.31
C LYS J 130 -23.01 -43.29 -0.23
N GLU J 131 -22.87 -43.27 -1.55
CA GLU J 131 -21.72 -43.84 -2.24
C GLU J 131 -20.71 -42.72 -2.47
N VAL J 132 -19.46 -42.98 -2.10
CA VAL J 132 -18.36 -42.02 -2.29
C VAL J 132 -17.57 -42.48 -3.51
N THR J 133 -17.43 -41.59 -4.48
CA THR J 133 -16.80 -41.85 -5.76
C THR J 133 -15.79 -40.75 -6.07
N PRO J 134 -14.92 -40.98 -7.05
CA PRO J 134 -14.06 -39.87 -7.50
C PRO J 134 -14.85 -38.67 -7.97
N GLU J 135 -16.00 -38.89 -8.62
CA GLU J 135 -16.84 -37.78 -9.02
C GLU J 135 -17.41 -37.03 -7.81
N SER J 136 -17.83 -37.75 -6.77
CA SER J 136 -18.37 -37.04 -5.61
C SER J 136 -17.25 -36.32 -4.85
N ILE J 137 -16.06 -36.93 -4.79
CA ILE J 137 -14.94 -36.27 -4.14
C ILE J 137 -14.55 -35.02 -4.92
N ALA J 138 -14.57 -35.11 -6.25
CA ALA J 138 -14.27 -33.95 -7.08
C ALA J 138 -15.23 -32.80 -6.78
N GLY J 139 -16.53 -33.10 -6.67
CA GLY J 139 -17.48 -32.04 -6.35
C GLY J 139 -17.24 -31.48 -4.96
N TYR J 140 -16.90 -32.34 -4.01
CA TYR J 140 -16.53 -31.90 -2.67
C TYR J 140 -15.30 -30.98 -2.70
N MET J 141 -14.31 -31.32 -3.54
CA MET J 141 -13.07 -30.55 -3.52
C MET J 141 -13.31 -29.15 -4.10
N GLU J 142 -14.24 -29.02 -5.05
CA GLU J 142 -14.59 -27.70 -5.55
C GLU J 142 -15.35 -26.91 -4.50
N ALA J 143 -16.31 -27.57 -3.83
CA ALA J 143 -17.08 -26.90 -2.80
C ALA J 143 -16.18 -26.37 -1.70
N VAL J 144 -15.20 -27.17 -1.28
CA VAL J 144 -14.40 -26.78 -0.13
C VAL J 144 -13.43 -25.67 -0.49
N ASN J 145 -13.01 -25.56 -1.74
CA ASN J 145 -12.15 -24.46 -2.10
C ASN J 145 -12.92 -23.18 -2.41
N HIS J 146 -14.23 -23.25 -2.57
CA HIS J 146 -15.05 -22.06 -2.55
C HIS J 146 -15.38 -21.64 -1.10
N THR J 147 -15.73 -22.60 -0.25
CA THR J 147 -16.23 -22.23 1.08
C THR J 147 -15.10 -21.92 2.06
N MET J 148 -13.99 -22.66 1.99
CA MET J 148 -12.97 -22.53 3.02
C MET J 148 -12.51 -21.09 3.22
N PRO J 149 -12.29 -20.28 2.16
CA PRO J 149 -11.87 -18.89 2.40
C PRO J 149 -12.92 -18.01 3.04
N GLY J 150 -14.16 -18.47 3.14
CA GLY J 150 -15.22 -17.71 3.79
C GLY J 150 -16.37 -17.32 2.87
N ALA J 151 -16.81 -18.24 2.01
CA ALA J 151 -17.90 -18.01 1.07
C ALA J 151 -19.00 -19.05 1.26
N ALA J 152 -20.20 -18.70 0.82
CA ALA J 152 -21.42 -19.42 1.17
C ALA J 152 -21.81 -20.44 0.12
N ILE J 153 -22.38 -21.56 0.56
CA ILE J 153 -22.79 -22.65 -0.37
C ILE J 153 -24.24 -23.10 -0.16
N VAL J 154 -24.83 -22.88 1.02
CA VAL J 154 -26.19 -23.42 1.31
C VAL J 154 -27.23 -22.30 1.47
N GLN J 155 -26.98 -21.36 2.37
CA GLN J 155 -28.03 -20.39 2.71
C GLN J 155 -28.19 -19.23 1.72
N GLU J 156 -29.22 -18.43 1.93
CA GLU J 156 -29.48 -17.22 1.11
C GLU J 156 -29.15 -15.97 1.96
N HIS J 157 -28.80 -14.87 1.31
CA HIS J 157 -28.51 -13.58 2.00
C HIS J 157 -27.29 -13.74 2.93
N MET J 158 -26.30 -14.51 2.51
CA MET J 158 -25.06 -14.63 3.27
C MET J 158 -24.13 -13.52 2.81
N VAL J 159 -23.33 -13.02 3.74
CA VAL J 159 -22.25 -12.08 3.44
C VAL J 159 -20.96 -12.88 3.48
N GLU J 160 -19.95 -12.43 2.73
CA GLU J 160 -18.79 -13.29 2.50
C GLU J 160 -17.51 -12.51 2.65
N THR J 161 -16.42 -13.23 2.84
CA THR J 161 -15.11 -12.60 2.86
C THR J 161 -14.74 -12.15 1.46
N HIS J 162 -14.02 -11.03 1.38
CA HIS J 162 -13.45 -10.56 0.13
C HIS J 162 -12.42 -11.57 -0.38
N PRO J 163 -12.64 -12.18 -1.54
CA PRO J 163 -11.71 -13.24 -1.97
C PRO J 163 -10.27 -12.79 -2.06
N GLY J 164 -10.04 -11.51 -2.36
CA GLY J 164 -8.68 -11.01 -2.42
C GLY J 164 -7.98 -10.99 -1.07
N LEU J 165 -8.74 -10.89 0.01
CA LEU J 165 -8.14 -10.85 1.33
C LEU J 165 -7.78 -12.24 1.85
N VAL J 166 -8.28 -13.28 1.18
CA VAL J 166 -8.14 -14.65 1.65
C VAL J 166 -7.62 -15.50 0.51
N ASP J 167 -6.75 -14.92 -0.34
CA ASP J 167 -6.30 -15.59 -1.55
C ASP J 167 -5.31 -16.71 -1.26
N ASP J 168 -4.77 -16.78 -0.06
CA ASP J 168 -3.81 -17.80 0.36
C ASP J 168 -4.47 -19.03 0.96
N CYS J 169 -5.78 -18.99 1.15
CA CYS J 169 -6.52 -20.09 1.74
C CYS J 169 -6.89 -21.09 0.66
N TYR J 170 -6.67 -22.38 0.93
CA TYR J 170 -7.03 -23.43 -0.01
C TYR J 170 -6.98 -24.77 0.70
N VAL J 171 -7.48 -25.79 0.02
CA VAL J 171 -7.49 -27.15 0.52
C VAL J 171 -7.03 -28.06 -0.60
N LYS J 172 -6.09 -28.95 -0.30
CA LYS J 172 -5.70 -29.98 -1.27
C LYS J 172 -5.84 -31.34 -0.60
N MET J 173 -6.08 -32.36 -1.39
CA MET J 173 -6.11 -33.72 -0.85
C MET J 173 -4.82 -34.45 -1.20
N PHE J 174 -4.51 -35.47 -0.40
CA PHE J 174 -3.39 -36.34 -0.72
C PHE J 174 -3.71 -37.73 -0.17
N THR J 175 -3.06 -38.74 -0.75
CA THR J 175 -3.34 -40.13 -0.43
C THR J 175 -2.17 -40.99 -0.90
N GLY J 176 -2.03 -42.14 -0.26
CA GLY J 176 -1.09 -43.13 -0.75
C GLY J 176 -1.62 -43.99 -1.87
N ASP J 177 -2.90 -43.82 -2.21
CA ASP J 177 -3.57 -44.56 -3.28
C ASP J 177 -3.42 -43.79 -4.59
N ASP J 178 -2.45 -44.23 -5.42
CA ASP J 178 -2.17 -43.55 -6.68
C ASP J 178 -3.38 -43.60 -7.60
N GLU J 179 -4.19 -44.64 -7.49
CA GLU J 179 -5.33 -44.78 -8.40
C GLU J 179 -6.36 -43.70 -8.12
N LEU J 180 -6.59 -43.38 -6.85
CA LEU J 180 -7.46 -42.26 -6.50
C LEU J 180 -6.77 -40.93 -6.83
N ALA J 181 -5.50 -40.78 -6.47
CA ALA J 181 -4.80 -39.53 -6.74
C ALA J 181 -4.87 -39.15 -8.20
N ASP J 182 -4.82 -40.13 -9.09
CA ASP J 182 -4.88 -39.87 -10.53
C ASP J 182 -6.29 -39.53 -11.02
N GLU J 183 -7.31 -39.83 -10.24
CA GLU J 183 -8.68 -39.60 -10.68
C GLU J 183 -9.18 -38.19 -10.40
N ILE J 184 -8.43 -37.39 -9.63
CA ILE J 184 -8.86 -36.06 -9.20
C ILE J 184 -8.04 -35.01 -9.94
N ASP J 185 -8.70 -33.94 -10.37
CA ASP J 185 -8.04 -32.81 -11.00
C ASP J 185 -6.81 -32.42 -10.21
N SER J 186 -5.66 -32.34 -10.90
CA SER J 186 -4.40 -32.15 -10.20
C SER J 186 -4.35 -30.85 -9.42
N GLN J 187 -5.16 -29.84 -9.80
CA GLN J 187 -5.13 -28.60 -9.03
C GLN J 187 -5.51 -28.83 -7.56
N TYR J 188 -6.19 -29.93 -7.26
CA TYR J 188 -6.66 -30.24 -5.92
C TYR J 188 -5.82 -31.28 -5.19
N VAL J 189 -4.74 -31.77 -5.79
CA VAL J 189 -3.99 -32.90 -5.25
C VAL J 189 -2.53 -32.50 -5.04
N ILE J 190 -1.97 -32.93 -3.91
CA ILE J 190 -0.53 -32.89 -3.68
C ILE J 190 0.06 -34.16 -4.29
N ASN J 191 0.86 -34.00 -5.33
CA ASN J 191 1.41 -35.10 -6.11
C ASN J 191 2.66 -35.62 -5.40
N ILE J 192 2.49 -36.69 -4.63
CA ILE J 192 3.60 -37.22 -3.86
C ILE J 192 4.71 -37.69 -4.79
N ASN J 193 4.33 -38.26 -5.93
CA ASN J 193 5.33 -38.84 -6.84
C ASN J 193 6.18 -37.78 -7.52
N ASP J 194 5.59 -36.64 -7.86
CA ASP J 194 6.36 -35.61 -8.51
C ASP J 194 7.23 -34.87 -7.50
N LEU J 195 6.72 -34.67 -6.28
CA LEU J 195 7.46 -33.86 -5.32
C LEU J 195 8.58 -34.64 -4.66
N PHE J 196 8.41 -35.96 -4.52
CA PHE J 196 9.37 -36.76 -3.79
C PHE J 196 10.06 -37.78 -4.69
N ASP J 197 10.74 -37.27 -5.70
CA ASP J 197 11.33 -38.08 -6.78
C ASP J 197 12.76 -38.53 -6.50
N LYS J 198 13.34 -38.20 -5.36
CA LYS J 198 14.71 -38.61 -5.03
C LYS J 198 14.69 -39.80 -4.08
N GLU J 199 15.65 -40.73 -4.29
CA GLU J 199 15.97 -41.79 -3.33
C GLU J 199 14.73 -42.56 -2.88
N GLY J 200 13.79 -42.74 -3.80
CA GLY J 200 12.57 -43.49 -3.53
C GLY J 200 11.73 -42.92 -2.42
N GLN J 201 11.86 -41.63 -2.14
CA GLN J 201 11.12 -41.07 -1.01
C GLN J 201 9.62 -41.17 -1.22
N ASN J 202 9.17 -41.04 -2.47
CA ASN J 202 7.73 -41.13 -2.71
C ASN J 202 7.18 -42.47 -2.23
N GLU J 203 7.90 -43.56 -2.49
CA GLU J 203 7.39 -44.87 -2.09
C GLU J 203 7.41 -45.06 -0.58
N LYS J 204 8.39 -44.51 0.11
CA LYS J 204 8.37 -44.57 1.57
C LYS J 204 7.18 -43.80 2.13
N LEU J 205 6.88 -42.63 1.55
CA LEU J 205 5.77 -41.83 2.06
C LEU J 205 4.43 -42.51 1.80
N LYS J 206 4.27 -43.08 0.60
CA LYS J 206 3.00 -43.71 0.27
C LYS J 206 2.78 -44.96 1.12
N ALA J 207 3.84 -45.72 1.38
CA ALA J 207 3.71 -46.87 2.26
C ALA J 207 3.34 -46.45 3.68
N ALA J 208 3.92 -45.34 4.15
CA ALA J 208 3.64 -44.91 5.52
C ALA J 208 2.22 -44.35 5.65
N ILE J 209 1.70 -43.69 4.62
CA ILE J 209 0.35 -43.13 4.68
C ILE J 209 -0.67 -44.22 4.41
N GLY J 210 -0.37 -45.10 3.47
CA GLY J 210 -1.28 -46.15 3.12
C GLY J 210 -2.36 -45.67 2.17
N LYS J 211 -3.35 -46.54 1.97
CA LYS J 211 -4.49 -46.18 1.13
C LYS J 211 -5.51 -45.43 1.99
N THR J 212 -5.04 -44.31 2.54
CA THR J 212 -5.86 -43.39 3.31
C THR J 212 -5.84 -42.06 2.59
N THR J 213 -6.88 -41.26 2.82
CA THR J 213 -7.06 -39.99 2.12
C THR J 213 -7.12 -38.87 3.15
N TRP J 214 -6.38 -37.79 2.89
CA TRP J 214 -6.17 -36.69 3.81
C TRP J 214 -6.40 -35.38 3.08
N GLN J 215 -6.84 -34.36 3.82
CA GLN J 215 -6.90 -32.99 3.32
C GLN J 215 -5.85 -32.16 4.05
N ALA J 216 -5.07 -31.42 3.29
CA ALA J 216 -4.20 -30.38 3.81
C ALA J 216 -4.96 -29.07 3.72
N VAL J 217 -5.37 -28.54 4.86
CA VAL J 217 -6.22 -27.35 4.94
C VAL J 217 -5.36 -26.19 5.38
N HIS J 218 -5.45 -25.08 4.67
CA HIS J 218 -4.70 -23.88 5.03
C HIS J 218 -5.69 -22.75 5.08
N ILE J 219 -6.04 -22.31 6.29
CA ILE J 219 -7.06 -21.28 6.46
C ILE J 219 -6.41 -19.94 6.16
N PRO J 220 -7.17 -18.84 6.09
CA PRO J 220 -6.55 -17.58 5.66
C PRO J 220 -5.59 -17.02 6.69
N THR J 221 -4.45 -16.52 6.19
CA THR J 221 -3.50 -15.81 7.02
C THR J 221 -4.18 -14.72 7.83
N ILE J 222 -5.08 -13.95 7.20
CA ILE J 222 -5.66 -12.81 7.89
C ILE J 222 -6.46 -13.27 9.09
N VAL J 223 -6.99 -14.49 9.05
CA VAL J 223 -7.77 -14.98 10.18
C VAL J 223 -6.87 -15.31 11.38
N VAL J 224 -5.78 -16.06 11.16
CA VAL J 224 -4.93 -16.36 12.31
C VAL J 224 -4.26 -15.09 12.80
N ARG J 225 -4.09 -14.08 11.94
CA ARG J 225 -3.54 -12.81 12.41
C ARG J 225 -4.52 -12.08 13.31
N CYS J 226 -5.81 -12.04 12.92
CA CYS J 226 -6.81 -11.45 13.81
C CYS J 226 -7.01 -12.28 15.08
N CYS J 227 -6.86 -13.61 15.00
CA CYS J 227 -7.31 -14.52 16.04
C CYS J 227 -6.08 -15.27 16.56
N ASP J 228 -6.09 -16.61 16.57
CA ASP J 228 -4.96 -17.40 17.05
C ASP J 228 -4.93 -18.77 16.37
N GLY J 229 -3.96 -19.59 16.76
CA GLY J 229 -3.82 -20.89 16.15
C GLY J 229 -4.97 -21.82 16.47
N GLY J 230 -5.65 -21.58 17.58
CA GLY J 230 -6.82 -22.37 17.92
C GLY J 230 -7.96 -22.22 16.94
N ASN J 231 -7.95 -21.15 16.13
CA ASN J 231 -8.98 -20.98 15.11
C ASN J 231 -8.87 -22.04 14.03
N THR J 232 -7.67 -22.56 13.81
CA THR J 232 -7.41 -23.26 12.55
C THR J 232 -8.25 -24.52 12.42
N SER J 233 -8.20 -25.42 13.40
CA SER J 233 -8.95 -26.66 13.24
C SER J 233 -10.45 -26.43 13.26
N ARG J 234 -10.91 -25.38 13.95
CA ARG J 234 -12.33 -25.09 13.96
C ARG J 234 -12.81 -24.52 12.64
N TRP J 235 -12.09 -23.53 12.10
CA TRP J 235 -12.43 -22.92 10.82
C TRP J 235 -12.45 -23.98 9.72
N SER J 236 -11.39 -24.79 9.67
CA SER J 236 -11.32 -25.93 8.76
C SER J 236 -12.57 -26.80 8.86
N ALA J 237 -12.91 -27.21 10.07
CA ALA J 237 -14.03 -28.14 10.22
C ALA J 237 -15.37 -27.52 9.79
N MET J 238 -15.55 -26.22 10.01
CA MET J 238 -16.88 -25.65 9.67
C MET J 238 -17.09 -25.77 8.16
N GLN J 239 -16.05 -25.45 7.39
CA GLN J 239 -16.22 -25.38 5.95
C GLN J 239 -16.11 -26.75 5.31
N ILE J 240 -15.36 -27.67 5.92
CA ILE J 240 -15.47 -29.09 5.56
C ILE J 240 -16.91 -29.55 5.73
N GLY J 241 -17.52 -29.23 6.87
CA GLY J 241 -18.90 -29.62 7.10
C GLY J 241 -19.85 -29.07 6.06
N MET J 242 -19.70 -27.77 5.72
CA MET J 242 -20.61 -27.13 4.78
C MET J 242 -20.44 -27.82 3.43
N SER J 243 -19.20 -28.23 3.09
CA SER J 243 -18.92 -28.79 1.78
C SER J 243 -19.45 -30.22 1.67
N PHE J 244 -19.39 -31.00 2.76
CA PHE J 244 -20.02 -32.31 2.74
C PHE J 244 -21.54 -32.20 2.61
N ILE J 245 -22.14 -31.26 3.32
CA ILE J 245 -23.59 -31.05 3.22
C ILE J 245 -23.98 -30.87 1.76
N ALA J 246 -23.24 -30.01 1.07
CA ALA J 246 -23.57 -29.70 -0.32
C ALA J 246 -23.22 -30.87 -1.23
N ALA J 247 -22.04 -31.45 -1.06
CA ALA J 247 -21.57 -32.40 -2.05
C ALA J 247 -22.27 -33.75 -1.95
N TYR J 248 -22.96 -34.02 -0.83
CA TYR J 248 -23.68 -35.27 -0.65
C TYR J 248 -25.17 -35.06 -0.38
N ASN J 249 -25.70 -33.89 -0.72
CA ASN J 249 -27.14 -33.62 -0.61
C ASN J 249 -27.67 -34.06 0.74
N MET J 250 -26.94 -33.72 1.79
CA MET J 250 -27.36 -34.01 3.15
C MET J 250 -28.45 -33.03 3.58
N CYS J 251 -29.16 -33.35 4.65
CA CYS J 251 -29.85 -32.29 5.36
C CYS J 251 -28.82 -31.27 5.82
N ALA J 252 -29.09 -29.98 5.60
CA ALA J 252 -28.17 -28.96 6.08
C ALA J 252 -28.30 -28.86 7.60
N GLY J 253 -27.84 -29.89 8.30
CA GLY J 253 -27.95 -29.93 9.75
C GLY J 253 -28.78 -31.11 10.24
N GLU J 254 -28.23 -32.32 10.18
CA GLU J 254 -28.85 -33.51 10.74
C GLU J 254 -27.79 -34.20 11.60
N ALA J 255 -28.22 -35.24 12.32
CA ALA J 255 -27.32 -35.87 13.27
C ALA J 255 -26.02 -36.31 12.62
N ALA J 256 -26.08 -36.81 11.38
CA ALA J 256 -24.86 -37.29 10.75
C ALA J 256 -23.86 -36.14 10.55
N VAL J 257 -24.35 -34.90 10.42
CA VAL J 257 -23.44 -33.76 10.26
C VAL J 257 -22.57 -33.59 11.51
N ALA J 258 -23.10 -33.94 12.70
CA ALA J 258 -22.32 -33.81 13.93
C ALA J 258 -21.21 -34.84 13.98
N ASP J 259 -21.43 -36.03 13.40
CA ASP J 259 -20.36 -37.00 13.27
C ASP J 259 -19.24 -36.47 12.40
N LEU J 260 -19.60 -35.82 11.28
CA LEU J 260 -18.58 -35.22 10.41
C LEU J 260 -17.81 -34.14 11.14
N ALA J 261 -18.50 -33.39 12.00
CA ALA J 261 -17.85 -32.35 12.78
C ALA J 261 -16.85 -32.95 13.77
N PHE J 262 -17.29 -33.96 14.51
CA PHE J 262 -16.39 -34.62 15.46
C PHE J 262 -15.17 -35.19 14.75
N ALA J 263 -15.37 -35.76 13.57
CA ALA J 263 -14.25 -36.30 12.80
C ALA J 263 -13.30 -35.18 12.35
N ALA J 264 -13.86 -34.10 11.81
CA ALA J 264 -13.00 -33.03 11.30
C ALA J 264 -12.29 -32.29 12.42
N LYS J 265 -12.92 -32.15 13.58
CA LYS J 265 -12.37 -31.36 14.68
C LYS J 265 -11.47 -32.16 15.61
N MHS J 266 -11.69 -33.48 15.68
CA MHS J 266 -11.01 -34.30 16.66
C MHS J 266 -10.47 -35.61 16.09
O MHS J 266 -9.28 -35.87 15.96
CB MHS J 266 -11.93 -34.67 17.87
CG MHS J 266 -12.34 -33.43 18.53
ND1 MHS J 266 -11.53 -32.63 19.36
CD2 MHS J 266 -13.59 -32.76 18.45
CE1 MHS J 266 -12.31 -31.53 19.74
NE2 MHS J 266 -13.54 -31.60 19.21
CM MHS J 266 -10.18 -32.84 19.74
N ALA J 267 -11.41 -36.48 15.75
CA ALA J 267 -11.07 -37.89 15.55
C ALA J 267 -10.19 -38.13 14.34
N ALA J 268 -10.24 -37.23 13.36
CA ALA J 268 -9.36 -37.31 12.20
C ALA J 268 -8.55 -36.03 12.01
N ALA J 269 -8.43 -35.22 13.05
CA ALA J 269 -7.68 -33.97 12.97
C ALA J 269 -6.25 -34.17 13.46
N VAL J 270 -5.28 -33.68 12.70
CA VAL J 270 -3.87 -33.76 13.03
C VAL J 270 -3.37 -32.33 13.19
N GLN J 271 -3.33 -31.85 14.43
CA GLN J 271 -2.87 -30.51 14.73
C GLN J 271 -1.36 -30.40 14.54
N MET J 272 -0.89 -29.19 14.26
CA MET J 272 0.55 -29.00 14.23
C MET J 272 1.14 -28.99 15.63
N ALA J 273 0.32 -28.70 16.64
CA ALA J 273 0.77 -28.50 18.00
C ALA J 273 -0.44 -28.63 18.91
N GLU J 274 -0.25 -29.22 20.09
CA GLU J 274 -1.31 -29.31 21.09
C GLU J 274 -1.16 -28.17 22.10
N MET J 275 -2.17 -28.06 22.97
CA MET J 275 -2.23 -26.96 23.91
C MET J 275 -1.13 -27.08 24.96
N LEU J 276 -0.98 -25.97 25.69
CA LEU J 276 0.09 -25.88 26.72
C LEU J 276 -0.52 -25.66 28.10
N PRO J 277 0.23 -25.92 29.19
CA PRO J 277 -0.27 -25.78 30.55
C PRO J 277 -0.46 -24.33 30.97
N ALA J 278 -1.08 -24.17 32.13
CA ALA J 278 -1.74 -22.90 32.45
C ALA J 278 -0.75 -21.73 32.50
N ARG J 279 0.44 -21.96 33.02
CA ARG J 279 1.39 -20.85 33.21
C ARG J 279 1.72 -20.22 31.85
N AGM J 280 1.72 -21.04 30.79
CA AGM J 280 1.97 -20.52 29.47
CB AGM J 280 3.32 -21.03 28.88
CG AGM J 280 3.55 -22.53 29.04
CD AGM J 280 5.03 -22.94 28.86
CE2 AGM J 280 5.49 -22.83 27.42
NE1 AGM J 280 5.21 -24.33 29.33
CZ AGM J 280 5.17 -24.80 30.61
NH1 AGM J 280 5.34 -26.14 30.89
NH2 AGM J 280 4.94 -23.92 31.65
C AGM J 280 0.80 -20.86 28.53
O AGM J 280 0.93 -21.30 27.39
N ALA J 281 -0.40 -20.66 29.07
CA ALA J 281 -1.63 -21.08 28.42
C ALA J 281 -1.70 -20.57 26.99
N ARG J 282 -1.94 -21.49 26.06
CA ARG J 282 -2.02 -21.18 24.64
C ARG J 282 -3.02 -22.13 24.00
N SER J 283 -3.60 -21.68 22.92
CA SER J 283 -4.41 -22.55 22.10
C SER J 283 -3.54 -23.58 21.38
N PRO J 284 -4.15 -24.59 20.79
CA PRO J 284 -3.41 -25.47 19.86
C PRO J 284 -2.84 -24.67 18.68
N ASN J 285 -1.92 -25.33 17.96
CA ASN J 285 -1.26 -24.76 16.79
C ASN J 285 -0.48 -23.49 17.13
N GLU J 286 0.16 -23.48 18.28
CA GLU J 286 1.10 -22.43 18.65
C GLU J 286 2.49 -23.04 18.89
N PRO J 287 3.54 -22.22 18.90
CA PRO J 287 4.89 -22.82 18.80
C PRO J 287 5.29 -23.63 20.00
N GLY J 288 4.78 -23.32 21.18
CA GLY J 288 5.14 -24.10 22.36
C GLY J 288 4.80 -25.57 22.22
N GLY J 289 3.73 -25.88 21.50
CA GLY J 289 3.35 -27.25 21.33
C GLY J 289 3.95 -27.95 20.15
N LEU J 290 4.82 -27.27 19.39
CA LEU J 290 5.39 -27.85 18.18
C LEU J 290 6.52 -28.81 18.55
N SER J 291 6.38 -30.07 18.15
CA SER J 291 7.42 -31.05 18.40
C SER J 291 8.57 -30.87 17.39
N PHE J 292 9.76 -31.25 17.83
CA PHE J 292 10.94 -31.10 16.99
C PHE J 292 10.84 -32.01 15.77
N GLY J 293 10.18 -33.16 15.89
CA GLY J 293 9.99 -34.00 14.73
C GLY J 293 9.09 -33.36 13.70
N TYR J 294 8.02 -32.70 14.14
CA TYR J 294 7.13 -32.04 13.19
C TYR J 294 7.83 -30.85 12.53
N CYS J 295 8.54 -30.05 13.33
CA CYS J 295 9.29 -28.93 12.78
C CYS J 295 10.22 -29.40 11.68
N ALA J 296 10.99 -30.45 11.94
CA ALA J 296 11.91 -30.96 10.95
C ALA J 296 11.17 -31.44 9.71
N ASP J 297 9.99 -32.02 9.90
CA ASP J 297 9.25 -32.53 8.75
C ASP J 297 8.59 -31.43 7.93
N MET J 298 8.40 -30.25 8.48
CA MET J 298 7.85 -29.15 7.66
C MET J 298 8.87 -28.67 6.63
N VAL J 299 10.15 -28.76 6.96
CA VAL J 299 11.20 -28.27 6.06
C VAL J 299 11.43 -29.29 4.96
N GLN J 300 11.62 -28.80 3.73
CA GLN J 300 11.51 -29.65 2.56
C GLN J 300 12.81 -29.80 1.78
N THR J 301 13.92 -29.30 2.30
CA THR J 301 15.19 -29.46 1.60
C THR J 301 15.56 -30.92 1.45
N LEU J 302 15.04 -31.79 2.32
CA LEU J 302 15.35 -33.22 2.24
C LEU J 302 14.84 -33.85 0.96
N ARG J 303 13.73 -33.35 0.41
CA ARG J 303 13.22 -33.93 -0.82
C ARG J 303 13.96 -33.39 -2.03
N VAL J 304 14.68 -32.27 -1.86
CA VAL J 304 15.38 -31.63 -2.97
C VAL J 304 16.76 -32.25 -3.18
N LYS J 305 17.52 -32.50 -2.10
CA LYS J 305 18.91 -32.93 -2.23
C LYS J 305 19.28 -33.78 -1.01
N PRO J 306 18.71 -34.98 -0.92
CA PRO J 306 19.04 -35.85 0.22
C PRO J 306 20.49 -36.32 0.22
N GLU J 307 21.20 -36.19 -0.90
CA GLU J 307 22.60 -36.60 -0.98
C GLU J 307 23.53 -35.68 -0.20
N ASP J 308 23.07 -34.49 0.20
CA ASP J 308 23.81 -33.63 1.12
C ASP J 308 22.98 -33.47 2.38
N PRO J 309 23.16 -34.34 3.36
CA PRO J 309 22.34 -34.23 4.58
C PRO J 309 22.61 -32.97 5.38
N VAL J 310 23.76 -32.34 5.25
CA VAL J 310 24.04 -31.15 6.03
C VAL J 310 23.15 -29.99 5.59
N TRP J 311 22.89 -29.87 4.29
CA TRP J 311 22.11 -28.72 3.81
C TRP J 311 20.71 -28.72 4.43
N TYR J 312 19.95 -29.80 4.23
CA TYR J 312 18.63 -29.90 4.86
C TYR J 312 18.72 -29.66 6.36
N THR J 313 19.73 -30.23 7.01
CA THR J 313 19.86 -30.09 8.47
C THR J 313 19.94 -28.63 8.87
N LEU J 314 20.79 -27.85 8.20
CA LEU J 314 20.94 -26.45 8.57
C LEU J 314 19.76 -25.59 8.09
N GLU J 315 19.02 -26.02 7.08
CA GLU J 315 17.78 -25.33 6.78
C GLU J 315 16.76 -25.55 7.89
N VAL J 316 16.73 -26.76 8.48
CA VAL J 316 15.86 -26.98 9.64
C VAL J 316 16.28 -26.08 10.79
N VAL J 317 17.59 -26.02 11.06
CA VAL J 317 18.10 -25.13 12.11
C VAL J 317 17.61 -23.71 11.88
N ALA J 318 17.71 -23.23 10.63
CA ALA J 318 17.29 -21.87 10.31
C ALA J 318 15.80 -21.70 10.55
N CYS J 319 15.00 -22.67 10.11
CA CYS J 319 13.56 -22.62 10.37
C CYS J 319 13.27 -22.58 11.86
N GLY J 320 13.86 -23.52 12.60
CA GLY J 320 13.48 -23.65 14.00
C GLY J 320 14.06 -22.57 14.88
N THR J 321 15.29 -22.13 14.62
CA THR J 321 15.86 -21.12 15.51
C THR J 321 15.11 -19.80 15.38
N MET J 322 14.71 -19.43 14.16
CA MET J 322 13.91 -18.22 14.02
C MET J 322 12.57 -18.38 14.73
N LEU J 323 11.84 -19.46 14.40
CA LEU J 323 10.50 -19.61 14.95
C LEU J 323 10.54 -19.70 16.48
N TYR J 324 11.37 -20.60 17.00
CA TYR J 324 11.32 -20.85 18.43
C TYR J 324 11.97 -19.73 19.24
N ASP J 325 13.11 -19.18 18.77
CA ASP J 325 13.75 -18.14 19.55
C ASP J 325 13.21 -16.75 19.25
N GLN J 326 13.01 -16.40 17.98
CA GLN J 326 12.63 -15.01 17.69
C GLN J 326 11.15 -14.76 17.92
N ILE J 327 10.29 -15.65 17.45
CA ILE J 327 8.85 -15.45 17.54
C ILE J 327 8.28 -16.03 18.84
N TRP J 328 8.58 -17.29 19.12
CA TRP J 328 8.01 -17.95 20.27
C TRP J 328 8.61 -17.40 21.57
N LEU J 329 9.91 -17.63 21.80
CA LEU J 329 10.49 -17.20 23.07
C LEU J 329 10.63 -15.68 23.12
N GLY J 330 10.98 -15.07 21.99
CA GLY J 330 11.25 -13.66 21.90
C GLY J 330 10.05 -12.77 21.70
N SER J 331 8.88 -13.35 21.47
CA SER J 331 7.66 -12.57 21.46
C SER J 331 6.56 -13.23 22.30
N TYR J 332 5.99 -14.34 21.83
CA TYR J 332 4.92 -14.99 22.58
C TYR J 332 5.21 -15.10 24.08
N MET J 333 6.46 -15.45 24.41
CA MET J 333 6.82 -15.69 25.80
C MET J 333 7.60 -14.54 26.41
N SER J 334 7.89 -13.48 25.66
CA SER J 334 8.57 -12.34 26.26
C SER J 334 8.19 -11.08 25.47
N GLY J 335 9.02 -10.64 24.53
CA GLY J 335 8.72 -9.47 23.72
C GLY J 335 9.75 -8.36 23.87
N GLY J 336 9.50 -7.26 23.16
CA GLY J 336 10.44 -6.16 23.06
C GLY J 336 11.40 -6.28 21.89
N VAL J 337 12.61 -5.75 22.07
CA VAL J 337 13.69 -5.98 21.11
C VAL J 337 13.82 -7.47 20.83
N GLY J 338 13.72 -8.30 21.86
CA GLY J 338 13.68 -9.74 21.62
C GLY J 338 15.04 -10.33 21.29
N PHE J 339 15.02 -11.39 20.48
CA PHE J 339 16.08 -12.38 20.44
C PHE J 339 16.55 -12.66 19.02
N THR J 340 16.64 -11.62 18.19
CA THR J 340 17.03 -11.80 16.79
C THR J 340 18.39 -12.48 16.65
N GLN J 341 19.44 -11.91 17.27
CA GLN J 341 20.80 -12.41 17.07
C GLN J 341 21.04 -13.73 17.80
N TYR J 342 20.28 -14.03 18.86
CA TYR J 342 20.36 -15.37 19.44
C TYR J 342 20.11 -16.43 18.39
N ALA J 343 19.20 -16.13 17.43
CA ALA J 343 18.91 -17.05 16.33
C ALA J 343 19.75 -16.82 15.07
N THR J 344 20.05 -15.56 14.71
CA THR J 344 20.81 -15.35 13.49
C THR J 344 22.17 -16.08 13.55
N ALA J 345 22.73 -16.26 14.74
CA ALA J 345 24.02 -16.95 14.80
C ALA J 345 23.95 -18.34 14.13
N ALA J 346 22.76 -18.94 14.10
CA ALA J 346 22.55 -20.28 13.57
C ALA J 346 22.29 -20.32 12.08
N TYR J 347 22.07 -19.16 11.44
CA TYR J 347 21.73 -19.17 10.02
C TYR J 347 22.38 -18.02 9.24
N THR J 348 23.40 -17.37 9.78
CA THR J 348 24.12 -16.34 9.06
C THR J 348 25.61 -16.62 9.07
N ASN J 349 26.27 -16.04 8.07
CA ASN J 349 27.72 -15.93 7.95
C ASN J 349 28.41 -17.27 7.82
N ASP J 350 27.64 -18.32 7.55
CA ASP J 350 28.17 -19.64 7.21
C ASP J 350 29.01 -20.24 8.34
N VAL J 351 28.78 -19.77 9.57
CA VAL J 351 29.60 -20.24 10.70
C VAL J 351 29.22 -21.66 11.09
N LEU J 352 27.93 -21.88 11.37
CA LEU J 352 27.46 -23.21 11.71
C LEU J 352 27.75 -24.17 10.57
N ASP J 353 27.63 -23.69 9.35
CA ASP J 353 27.94 -24.51 8.18
C ASP J 353 29.37 -25.00 8.23
N ASP J 354 30.32 -24.09 8.47
CA ASP J 354 31.71 -24.49 8.55
C ASP J 354 31.92 -25.56 9.62
N PHE J 355 31.39 -25.31 10.82
CA PHE J 355 31.62 -26.24 11.93
C PHE J 355 31.00 -27.61 11.66
N THR J 356 29.83 -27.63 11.00
CA THR J 356 29.12 -28.87 10.77
C THR J 356 29.72 -29.64 9.60
N TYR J 357 30.10 -28.94 8.51
CA TYR J 357 30.73 -29.66 7.42
C TYR J 357 32.08 -30.21 7.85
N TYR J 358 32.77 -29.51 8.75
CA TYR J 358 34.00 -30.04 9.31
C TYR J 358 33.74 -31.36 10.02
N GLY J 359 32.72 -31.40 10.87
CA GLY J 359 32.38 -32.63 11.59
C GLY J 359 31.92 -33.74 10.67
N TYR J 360 31.10 -33.41 9.68
CA TYR J 360 30.65 -34.40 8.71
C TYR J 360 31.85 -35.07 8.06
N ASP J 361 32.81 -34.27 7.60
CA ASP J 361 34.03 -34.82 7.00
C ASP J 361 34.84 -35.65 8.00
N TYR J 362 34.96 -35.19 9.24
CA TYR J 362 35.64 -35.96 10.27
C TYR J 362 34.98 -37.33 10.48
N ALA J 363 33.65 -37.34 10.61
CA ALA J 363 32.92 -38.58 10.82
C ALA J 363 33.01 -39.50 9.62
N LEU J 364 32.90 -38.94 8.41
CA LEU J 364 32.95 -39.77 7.20
C LEU J 364 34.27 -40.52 7.12
N ASN J 365 35.36 -39.85 7.46
CA ASN J 365 36.69 -40.45 7.35
C ASN J 365 37.05 -41.35 8.51
N LYS J 366 36.39 -41.20 9.65
CA LYS J 366 36.68 -42.00 10.83
C LYS J 366 35.73 -43.17 10.98
N TYR J 367 34.43 -42.94 10.78
CA TYR J 367 33.40 -43.95 11.01
C TYR J 367 32.80 -44.53 9.75
N GLY J 368 32.71 -43.75 8.68
CA GLY J 368 32.21 -44.26 7.42
C GLY J 368 31.01 -43.47 6.95
N ASP J 369 30.25 -44.04 6.02
CA ASP J 369 29.21 -43.27 5.34
C ASP J 369 28.07 -42.88 6.29
N ASP J 370 27.21 -42.01 5.77
CA ASP J 370 26.02 -41.53 6.46
C ASP J 370 25.32 -42.65 7.23
N GLY J 371 25.04 -42.40 8.50
CA GLY J 371 24.16 -43.25 9.25
C GLY J 371 24.78 -44.51 9.80
N THR J 372 26.06 -44.79 9.52
CA THR J 372 26.64 -46.08 9.83
C THR J 372 27.45 -46.10 11.12
N ALA J 373 27.58 -44.97 11.83
CA ALA J 373 28.43 -44.97 13.02
C ALA J 373 27.71 -45.61 14.20
N PRO J 374 28.47 -46.16 15.16
CA PRO J 374 27.83 -46.85 16.29
C PRO J 374 26.89 -45.92 17.07
N ASN J 375 25.75 -46.48 17.44
CA ASN J 375 24.73 -45.75 18.18
C ASN J 375 25.00 -45.84 19.68
N ASP J 376 26.05 -45.17 20.12
CA ASP J 376 26.39 -45.31 21.54
C ASP J 376 27.04 -44.04 22.08
N LEU J 377 27.10 -44.00 23.41
CA LEU J 377 27.62 -42.85 24.14
C LEU J 377 29.07 -42.56 23.79
N ALA J 378 29.89 -43.60 23.58
CA ALA J 378 31.29 -43.37 23.21
C ALA J 378 31.40 -42.61 21.89
N THR J 379 30.56 -42.95 20.90
CA THR J 379 30.63 -42.27 19.62
C THR J 379 30.18 -40.82 19.74
N ALA J 380 29.10 -40.58 20.48
CA ALA J 380 28.65 -39.20 20.70
C ALA J 380 29.75 -38.39 21.37
N THR J 381 30.52 -39.03 22.25
CA THR J 381 31.57 -38.33 22.98
C THR J 381 32.68 -37.91 22.03
N ASP J 382 33.07 -38.82 21.13
CA ASP J 382 34.15 -38.54 20.21
C ASP J 382 33.77 -37.42 19.25
N LEU J 383 32.61 -37.55 18.61
CA LEU J 383 32.23 -36.57 17.60
C LEU J 383 32.01 -35.21 18.23
N ALA J 384 31.31 -35.16 19.37
CA ALA J 384 31.03 -33.88 19.99
C ALA J 384 32.31 -33.18 20.42
N THR J 385 33.26 -33.92 21.01
CA THR J 385 34.47 -33.27 21.49
C THR J 385 35.31 -32.74 20.34
N GLU J 386 35.42 -33.50 19.25
CA GLU J 386 36.24 -33.02 18.15
C GLU J 386 35.59 -31.80 17.49
N VAL J 387 34.30 -31.87 17.24
CA VAL J 387 33.61 -30.76 16.56
C VAL J 387 33.67 -29.51 17.42
N THR J 388 33.46 -29.67 18.73
CA THR J 388 33.44 -28.51 19.61
C THR J 388 34.83 -27.90 19.73
N LEU J 389 35.86 -28.74 19.91
CA LEU J 389 37.22 -28.20 19.96
C LEU J 389 37.58 -27.49 18.66
N ASN J 390 37.26 -28.09 17.52
CA ASN J 390 37.58 -27.43 16.25
C ASN J 390 36.89 -26.07 16.14
N GLY J 391 35.64 -25.99 16.53
CA GLY J 391 34.96 -24.71 16.41
C GLY J 391 35.49 -23.69 17.39
N MET J 392 35.78 -24.13 18.62
CA MET J 392 36.39 -23.23 19.59
C MET J 392 37.70 -22.66 19.05
N GLU J 393 38.50 -23.51 18.41
CA GLU J 393 39.76 -23.06 17.84
C GLU J 393 39.51 -22.06 16.71
N CYS J 394 38.41 -22.21 15.98
CA CYS J 394 38.07 -21.22 14.95
C CYS J 394 37.80 -19.85 15.57
N TYR J 395 36.96 -19.81 16.62
CA TYR J 395 36.69 -18.55 17.29
C TYR J 395 37.96 -17.91 17.85
N GLU J 396 38.89 -18.75 18.35
CA GLU J 396 40.12 -18.24 18.93
C GLU J 396 41.08 -17.74 17.87
N ASP J 397 41.10 -18.37 16.69
CA ASP J 397 42.05 -18.00 15.64
C ASP J 397 41.54 -16.87 14.74
N TYR J 398 40.24 -16.59 14.73
CA TYR J 398 39.64 -15.57 13.87
C TYR J 398 38.89 -14.60 14.76
N PRO J 399 39.54 -13.55 15.24
CA PRO J 399 38.87 -12.65 16.19
C PRO J 399 37.52 -12.11 15.71
N THR J 400 37.35 -11.79 14.42
CA THR J 400 36.04 -11.27 13.99
C THR J 400 34.96 -12.36 13.95
N LEU J 401 35.37 -13.63 13.98
CA LEU J 401 34.36 -14.69 14.14
C LEU J 401 33.82 -14.68 15.57
N LEU J 402 34.70 -14.66 16.56
CA LEU J 402 34.28 -14.50 17.94
C LEU J 402 33.46 -13.24 18.11
N GLU J 403 33.81 -12.18 17.37
CA GLU J 403 33.08 -10.91 17.48
C GLU J 403 31.67 -11.03 16.93
N ASP J 404 31.49 -11.81 15.87
CA ASP J 404 30.16 -12.05 15.34
C ASP J 404 29.28 -12.73 16.38
N HIS J 405 29.73 -13.89 16.89
CA HIS J 405 29.00 -14.61 17.94
C HIS J 405 29.46 -14.09 19.31
N PHE J 406 29.11 -12.83 19.55
CA PHE J 406 29.66 -12.08 20.68
C PHE J 406 29.08 -12.55 21.99
N GLY J 407 27.90 -13.18 21.98
CA GLY J 407 27.30 -13.68 23.18
C GLY J 407 27.58 -15.16 23.34
N GLY J 408 27.91 -15.56 24.57
CA GLY J 408 28.29 -16.95 24.80
C GLY J 408 27.18 -17.91 24.40
N SER J 409 25.92 -17.49 24.57
CA SER J 409 24.78 -18.35 24.23
C SER J 409 24.78 -18.75 22.77
N MGN J 410 25.18 -17.80 21.92
CA MGN J 410 25.20 -17.99 20.45
CB1 MGN J 410 25.60 -16.69 19.71
CB2 MGN J 410 23.88 -18.52 19.91
CG MGN J 410 24.66 -15.51 19.87
CD MGN J 410 25.27 -14.25 19.29
OE1 MGN J 410 26.36 -13.82 19.70
NE2 MGN J 410 24.62 -13.66 18.31
C MGN J 410 26.30 -19.03 20.21
O MGN J 410 26.05 -20.03 19.50
N ARG J 411 27.48 -18.82 20.79
CA ARG J 411 28.56 -19.78 20.58
C ARG J 411 28.18 -21.17 21.05
N ALA J 412 27.50 -21.22 22.20
CA ALA J 412 27.19 -22.52 22.79
C ALA J 412 26.21 -23.30 21.91
N GLY J 413 25.20 -22.60 21.37
CA GLY J 413 24.22 -23.28 20.54
C GLY J 413 24.79 -23.69 19.20
N ILE J 414 25.71 -22.91 18.68
CA ILE J 414 26.30 -23.23 17.38
C ILE J 414 27.30 -24.37 17.52
N LEU J 415 28.15 -24.33 18.55
CA LEU J 415 29.07 -25.42 18.75
C LEU J 415 28.34 -26.74 19.05
N ALA J 416 27.34 -26.67 19.92
CA ALA J 416 26.57 -27.87 20.25
C ALA J 416 25.73 -28.35 19.05
N ALA J 417 25.18 -27.43 18.24
CA ALA J 417 24.44 -27.86 17.07
C ALA J 417 25.35 -28.57 16.07
N ALA J 418 26.53 -28.01 15.82
CA ALA J 418 27.48 -28.68 14.93
C ALA J 418 27.82 -30.06 15.46
N SER J 419 27.99 -30.16 16.79
CA SER J 419 28.34 -31.43 17.42
C SER J 419 27.23 -32.45 17.27
N ALA J 420 25.99 -32.04 17.53
CA ALA J 420 24.88 -32.97 17.51
C ALA J 420 24.44 -33.28 16.10
N CYS J 421 24.47 -32.29 15.20
CA CYS J 421 24.18 -32.55 13.80
C CYS J 421 25.18 -33.52 13.20
N THR J 422 26.47 -33.32 13.48
CA THR J 422 27.48 -34.27 13.04
C THR J 422 27.15 -35.67 13.58
N THR J 423 26.81 -35.75 14.87
CA THR J 423 26.52 -37.05 15.47
C THR J 423 25.26 -37.66 14.88
N GLY J 424 24.25 -36.83 14.62
CA GLY J 424 23.02 -37.34 14.03
C GLY J 424 23.24 -37.88 12.63
N ILE J 425 24.01 -37.15 11.81
CA ILE J 425 24.27 -37.63 10.45
C ILE J 425 25.09 -38.91 10.50
N ALA J 426 26.06 -38.98 11.40
CA ALA J 426 26.97 -40.13 11.42
C ALA J 426 26.27 -41.38 11.93
N THR J 427 25.47 -41.25 12.97
CA THR J 427 24.83 -42.40 13.62
C THR J 427 23.43 -42.69 13.14
N GLY J 428 22.77 -41.73 12.49
CA GLY J 428 21.36 -41.88 12.16
C GLY J 428 20.43 -41.98 13.35
N ASN J 429 20.82 -41.46 14.51
CA ASN J 429 20.04 -41.65 15.73
C ASN J 429 19.90 -40.32 16.48
N SER J 430 18.67 -39.82 16.58
CA SER J 430 18.44 -38.54 17.24
C SER J 430 18.81 -38.59 18.71
N GLN J 431 18.54 -39.70 19.38
CA GLN J 431 18.77 -39.75 20.82
C GLN J 431 20.25 -39.74 21.14
N VAL J 432 21.04 -40.44 20.32
CA VAL J 432 22.49 -40.40 20.49
C VAL J 432 23.02 -38.99 20.20
N ALA J 433 22.46 -38.33 19.18
CA ALA J 433 22.86 -36.96 18.88
C ALA J 433 22.59 -36.05 20.06
N LEU J 434 21.52 -36.32 20.81
CA LEU J 434 21.16 -35.47 21.94
C LEU J 434 22.19 -35.56 23.06
N SER J 435 22.76 -36.76 23.29
CA SER J 435 23.89 -36.86 24.21
C SER J 435 25.06 -36.01 23.74
N ALA J 436 25.31 -35.99 22.44
CA ALA J 436 26.43 -35.20 21.89
C ALA J 436 26.20 -33.71 22.15
N TRX J 437 24.96 -33.27 22.01
CA TRX J 437 24.61 -31.85 22.26
C TRX J 437 25.08 -31.44 23.66
O TRX J 437 25.76 -30.43 23.79
CB TRX J 437 23.10 -31.64 22.10
CG TRX J 437 22.58 -30.33 22.61
CD1 TRX J 437 22.15 -30.05 23.87
CD2 TRX J 437 22.42 -29.11 21.86
NE1 TRX J 437 21.74 -28.74 23.96
CE2 TRX J 437 21.89 -28.15 22.74
CE3 TRX J 437 22.66 -28.75 20.53
CZ2 TRX J 437 21.60 -26.85 22.32
CZ3 TRX J 437 22.38 -27.47 20.12
CH2 TRX J 437 21.87 -26.52 21.02
OH2 TRX J 437 21.60 -25.25 20.60
N TYR J 438 24.69 -32.20 24.68
CA TYR J 438 25.04 -31.78 26.05
C TYR J 438 26.56 -31.89 26.26
N MET J 439 27.15 -32.91 25.65
CA MET J 439 28.61 -33.05 25.82
C MET J 439 29.30 -31.77 25.31
N SER J 440 28.84 -31.26 24.17
CA SER J 440 29.46 -30.03 23.60
C SER J 440 29.42 -28.90 24.64
N MET J 441 28.27 -28.72 25.29
CA MET J 441 28.12 -27.63 26.29
C MET J 441 29.14 -27.81 27.42
N TYR J 442 29.28 -29.04 27.92
CA TYR J 442 30.19 -29.29 29.07
C TYR J 442 31.63 -29.01 28.62
N VAL J 443 31.98 -29.46 27.42
CA VAL J 443 33.35 -29.24 26.91
C VAL J 443 33.63 -27.75 26.78
N HIS J 444 32.69 -27.04 26.15
CA HIS J 444 32.80 -25.59 25.98
C HIS J 444 32.99 -24.88 27.31
N LYS J 445 32.12 -25.15 28.29
CA LYS J 445 32.17 -24.42 29.55
C LYS J 445 33.55 -24.51 30.20
N GLU J 446 34.20 -25.68 30.14
CA GLU J 446 35.49 -25.80 30.81
C GLU J 446 36.61 -25.14 30.05
N GLY J 447 36.50 -25.05 28.73
CA GLY J 447 37.54 -24.40 27.95
C GLY J 447 37.64 -22.93 28.26
N TRP J 448 36.51 -22.22 28.19
CA TRP J 448 36.53 -20.78 28.33
C TRP J 448 36.07 -20.29 29.69
N GLY J 449 35.63 -21.18 30.58
CA GLY J 449 35.12 -20.74 31.89
C GLY J 449 33.88 -19.88 31.75
N ARG J 450 33.13 -20.06 30.68
CA ARG J 450 31.87 -19.36 30.45
C ARG J 450 31.09 -20.22 29.46
N LEU J 451 29.77 -20.07 29.48
CA LEU J 451 28.95 -20.78 28.52
C LEU J 451 28.02 -19.74 27.89
N GLY J 452 26.81 -19.62 28.39
CA GLY J 452 25.85 -18.69 27.84
C GLY J 452 25.36 -17.69 28.85
N PHE J 453 24.12 -17.25 28.66
CA PHE J 453 23.54 -16.26 29.61
C PHE J 453 23.27 -16.91 30.95
N PHE J 454 22.81 -16.11 31.88
CA PHE J 454 22.54 -16.53 33.25
C PHE J 454 21.84 -17.85 33.37
CA GL3 J 455 19.93 -19.17 32.69
N GL3 J 455 20.79 -18.02 32.57
C GL3 J 455 20.02 -20.15 31.55
S GL3 J 455 18.82 -21.23 31.28
N TYR J 456 21.14 -20.01 30.69
CA TYR J 456 21.27 -20.73 29.43
C TYR J 456 21.24 -22.23 29.67
N ASP J 457 22.00 -22.70 30.64
CA ASP J 457 22.17 -24.15 30.78
C ASP J 457 21.33 -24.76 31.90
N LEU J 458 20.12 -24.24 32.13
CA LEU J 458 19.15 -25.03 32.90
C LEU J 458 18.97 -26.39 32.26
N GLN J 459 18.60 -26.41 30.98
CA GLN J 459 18.42 -27.69 30.33
C GLN J 459 19.75 -28.38 30.08
N DYA J 460 20.85 -27.66 29.89
CA DYA J 460 21.95 -28.41 29.77
CB DYA J 460 22.77 -27.84 28.85
CG DYA J 460 22.25 -26.95 27.73
OD1 DYA J 460 22.15 -27.44 26.62
OD2 DYA J 460 21.91 -25.81 27.98
C DYA J 460 22.55 -29.03 30.83
O DYA J 460 23.21 -30.02 30.57
N GLN J 461 22.39 -28.58 32.07
CA GLN J 461 22.90 -29.36 33.22
C GLN J 461 21.92 -30.48 33.57
N SMC J 462 20.64 -30.28 33.28
CA SMC J 462 19.68 -31.41 33.39
CB SMC J 462 18.25 -30.91 33.40
SG SMC J 462 17.76 -29.98 34.88
CS SMC J 462 16.62 -28.80 34.15
C SMC J 462 19.86 -32.36 32.20
O SMC J 462 19.24 -33.42 32.21
N GLY J 463 20.63 -31.94 31.19
CA GLY J 463 20.56 -32.59 29.89
C GLY J 463 21.05 -34.01 29.75
N ALA J 464 22.34 -34.22 30.02
CA ALA J 464 22.90 -35.56 29.88
C ALA J 464 22.05 -36.60 30.62
N THR J 465 21.67 -36.30 31.85
CA THR J 465 20.98 -37.29 32.65
C THR J 465 19.57 -37.55 32.15
N ASN J 466 18.95 -36.60 31.44
CA ASN J 466 17.60 -36.81 30.94
C ASN J 466 17.55 -37.33 29.52
N VAL J 467 18.69 -37.48 28.83
CA VAL J 467 18.66 -38.06 27.49
C VAL J 467 18.13 -39.49 27.55
N CYS J 468 18.63 -40.28 28.50
CA CYS J 468 18.33 -41.71 28.59
C CYS J 468 17.52 -42.07 29.83
N SER J 469 16.93 -41.08 30.47
CA SER J 469 15.92 -41.38 31.47
C SER J 469 14.67 -41.95 30.81
N TYR J 470 13.98 -42.81 31.54
CA TYR J 470 12.67 -43.29 31.09
C TYR J 470 11.59 -42.94 32.11
N GLN J 471 11.85 -41.97 33.00
CA GLN J 471 10.87 -41.52 33.97
C GLN J 471 9.82 -40.61 33.33
N GLY J 472 8.66 -40.53 33.97
CA GLY J 472 7.48 -39.89 33.40
C GLY J 472 7.69 -38.55 32.72
N ASP J 473 8.18 -37.55 33.45
CA ASP J 473 8.32 -36.21 32.88
C ASP J 473 9.76 -35.86 32.50
N GLU J 474 10.64 -36.85 32.43
CA GLU J 474 12.03 -36.71 32.04
C GLU J 474 12.36 -37.46 30.76
N GLY J 475 11.87 -38.69 30.63
CA GLY J 475 12.17 -39.48 29.45
C GLY J 475 11.22 -39.18 28.30
N CYS J 476 11.78 -39.20 27.10
CA CYS J 476 11.07 -38.87 25.86
C CYS J 476 12.06 -38.96 24.70
N CYS J 477 11.68 -39.63 23.61
CA CYS J 477 12.54 -39.59 22.45
C CYS J 477 12.53 -38.16 21.89
N LEU J 478 13.62 -37.79 21.23
CA LEU J 478 13.78 -36.40 20.82
C LEU J 478 12.73 -35.99 19.79
N GLU J 479 12.37 -36.89 18.88
CA GLU J 479 11.38 -36.56 17.86
C GLU J 479 10.09 -36.08 18.48
N LEU J 480 9.73 -36.61 19.65
CA LEU J 480 8.48 -36.23 20.30
C LEU J 480 8.66 -35.14 21.35
N ARG J 481 9.89 -34.83 21.74
CA ARG J 481 10.11 -33.63 22.52
C ARG J 481 9.76 -32.40 21.67
N GLY J 482 9.60 -31.28 22.35
CA GLY J 482 9.28 -30.05 21.70
C GLY J 482 9.44 -28.92 22.69
N ALA J 483 8.89 -27.77 22.34
CA ALA J 483 9.07 -26.57 23.16
C ALA J 483 8.29 -26.58 24.45
N ASN J 484 7.58 -27.67 24.77
CA ASN J 484 6.96 -27.81 26.08
C ASN J 484 7.52 -28.98 26.89
N TYR J 485 8.48 -29.72 26.34
CA TYR J 485 9.26 -30.63 27.16
C TYR J 485 9.80 -29.83 28.35
N PRO J 486 9.58 -30.29 29.59
CA PRO J 486 9.74 -29.37 30.73
C PRO J 486 11.07 -28.63 30.79
N ASN J 487 12.19 -29.33 30.64
CA ASN J 487 13.49 -28.67 30.70
C ASN J 487 13.64 -27.61 29.61
N TYR J 488 12.90 -27.73 28.52
CA TYR J 488 13.08 -26.87 27.36
C TYR J 488 12.10 -25.72 27.32
N ALA J 489 11.24 -25.58 28.33
CA ALA J 489 10.07 -24.72 28.21
C ALA J 489 10.38 -23.23 28.24
N MET J 490 11.63 -22.82 28.50
CA MET J 490 11.91 -21.41 28.72
C MET J 490 13.01 -20.72 27.92
N ASN J 491 14.02 -21.41 27.44
CA ASN J 491 15.25 -20.70 27.13
C ASN J 491 15.66 -20.72 25.65
N VAL J 492 16.21 -19.58 25.21
CA VAL J 492 16.72 -19.41 23.86
C VAL J 492 17.91 -20.33 23.61
N GLY J 493 18.26 -20.47 22.34
CA GLY J 493 19.49 -21.11 21.95
C GLY J 493 19.48 -22.62 22.01
N HIS J 494 18.31 -23.24 21.97
CA HIS J 494 18.22 -24.70 22.03
C HIS J 494 17.18 -25.30 21.08
N GLN J 495 15.94 -24.78 21.13
CA GLN J 495 14.81 -25.48 20.53
C GLN J 495 14.97 -25.68 19.03
N GLY J 496 15.37 -24.64 18.31
CA GLY J 496 15.51 -24.80 16.87
C GLY J 496 16.68 -25.70 16.50
N GLU J 497 17.72 -25.69 17.32
CA GLU J 497 18.86 -26.59 17.10
C GLU J 497 18.45 -28.04 17.30
N TYR J 498 17.63 -28.31 18.33
CA TYR J 498 17.09 -29.64 18.54
C TYR J 498 16.31 -30.12 17.31
N ALA J 499 15.42 -29.26 16.78
CA ALA J 499 14.75 -29.60 15.53
C ALA J 499 15.76 -29.95 14.45
N GLY J 500 16.81 -29.12 14.35
CA GLY J 500 17.82 -29.33 13.32
C GLY J 500 18.46 -30.70 13.37
N PHE J 501 18.93 -31.12 14.55
CA PHE J 501 19.64 -32.38 14.55
C PHE J 501 18.72 -33.57 14.69
N THR J 502 17.45 -33.34 15.03
CA THR J 502 16.43 -34.36 14.75
C THR J 502 16.37 -34.63 13.26
N GLY J 503 16.34 -33.56 12.44
CA GLY J 503 16.43 -33.75 11.01
C GLY J 503 17.72 -34.43 10.59
N SER J 504 18.84 -34.00 11.16
CA SER J 504 20.14 -34.55 10.78
C SER J 504 20.17 -36.07 10.92
N ALA J 505 19.52 -36.61 11.95
CA ALA J 505 19.57 -38.05 12.17
C ALA J 505 18.84 -38.79 11.07
N HIS J 506 17.71 -38.27 10.62
CA HIS J 506 16.98 -38.92 9.55
C HIS J 506 17.59 -38.64 8.19
N ALA J 507 18.24 -37.49 8.03
CA ALA J 507 19.01 -37.25 6.82
C ALA J 507 20.19 -38.22 6.73
N GLY J 508 20.89 -38.45 7.84
CA GLY J 508 21.98 -39.42 7.83
C GLY J 508 21.50 -40.84 7.58
N ALA J 509 20.32 -41.19 8.11
CA ALA J 509 19.75 -42.51 7.83
C ALA J 509 19.14 -42.59 6.44
N HIS J 510 19.05 -41.45 5.76
CA HIS J 510 18.42 -41.36 4.43
C HIS J 510 16.98 -41.82 4.47
N ASP J 511 16.27 -41.30 5.46
CA ASP J 511 14.84 -41.41 5.58
C ASP J 511 14.18 -40.29 4.79
N ALA J 512 12.88 -40.44 4.56
CA ALA J 512 12.11 -39.44 3.85
C ALA J 512 11.44 -38.42 4.77
N TYR J 513 11.45 -38.67 6.08
CA TYR J 513 10.78 -37.86 7.09
C TYR J 513 11.29 -38.36 8.44
N CYS J 514 10.97 -37.60 9.48
CA CYS J 514 11.42 -37.87 10.83
C CYS J 514 10.35 -38.43 11.75
N CYS J 515 9.08 -38.05 11.54
CA CYS J 515 8.09 -38.26 12.59
C CYS J 515 6.67 -38.44 12.06
N ASN J 516 6.28 -37.66 11.07
CA ASN J 516 4.94 -37.85 10.56
C ASN J 516 4.90 -37.64 9.05
N PRO J 517 4.65 -38.71 8.27
CA PRO J 517 4.58 -38.52 6.82
C PRO J 517 3.50 -37.54 6.39
N LEU J 518 2.45 -37.37 7.19
CA LEU J 518 1.37 -36.46 6.79
C LEU J 518 1.87 -35.02 6.77
N ILE J 519 2.63 -34.66 7.82
CA ILE J 519 3.26 -33.34 7.88
C ILE J 519 4.19 -33.14 6.69
N LYS J 520 5.02 -34.16 6.42
CA LYS J 520 6.00 -34.04 5.34
C LYS J 520 5.33 -33.77 3.99
N VAL J 521 4.24 -34.46 3.69
CA VAL J 521 3.60 -34.26 2.39
C VAL J 521 2.89 -32.91 2.35
N CYS J 522 2.18 -32.59 3.43
CA CYS J 522 1.43 -31.34 3.50
C CYS J 522 2.31 -30.15 3.16
N PHE J 523 3.50 -30.08 3.77
CA PHE J 523 4.34 -28.89 3.62
C PHE J 523 5.23 -28.92 2.38
N ALA J 524 5.22 -30.02 1.61
CA ALA J 524 5.93 -30.04 0.34
C ALA J 524 5.21 -29.26 -0.75
N ASP J 525 3.93 -28.97 -0.52
CA ASP J 525 3.06 -28.32 -1.48
C ASP J 525 3.55 -26.93 -1.83
N PRO J 526 3.89 -26.66 -3.12
CA PRO J 526 4.39 -25.36 -3.51
C PRO J 526 3.34 -24.25 -3.42
N SER J 527 2.07 -24.61 -3.20
CA SER J 527 1.04 -23.59 -3.14
C SER J 527 1.02 -22.81 -1.83
N LEU J 528 1.82 -23.23 -0.84
CA LEU J 528 1.98 -22.40 0.35
C LEU J 528 2.69 -21.11 -0.05
N VAL J 529 2.55 -20.08 0.80
CA VAL J 529 3.13 -18.78 0.48
C VAL J 529 4.64 -18.82 0.68
N PHE J 530 5.07 -19.40 1.79
CA PHE J 530 6.48 -19.53 2.12
C PHE J 530 7.03 -20.79 1.45
N ASP J 531 8.26 -20.70 0.95
CA ASP J 531 8.92 -21.84 0.32
C ASP J 531 9.67 -22.65 1.38
N PHE J 532 9.05 -23.72 1.85
CA PHE J 532 9.64 -24.54 2.92
C PHE J 532 10.84 -25.35 2.44
N SER J 533 11.18 -25.34 1.16
CA SER J 533 12.35 -26.07 0.69
C SER J 533 13.66 -25.28 0.77
N TYR J 534 13.62 -23.98 1.05
CA TYR J 534 14.90 -23.23 1.15
C TYR J 534 14.68 -22.05 2.10
N ILE J 535 14.81 -22.35 3.40
CA ILE J 535 14.42 -21.40 4.43
C ILE J 535 15.28 -20.14 4.35
N ARG J 536 16.60 -20.31 4.28
CA ARG J 536 17.49 -19.16 4.37
C ARG J 536 17.35 -18.24 3.15
N LYS J 537 16.99 -18.79 2.00
CA LYS J 537 16.73 -17.94 0.84
C LYS J 537 15.48 -17.10 1.05
N GLU J 538 14.46 -17.67 1.69
CA GLU J 538 13.26 -16.91 2.01
C GLU J 538 13.56 -15.80 3.01
N TYR J 539 14.34 -16.11 4.06
CA TYR J 539 14.66 -15.07 5.04
C TYR J 539 15.37 -13.90 4.38
N ALA J 540 16.23 -14.19 3.40
CA ALA J 540 16.97 -13.13 2.72
C ALA J 540 16.01 -12.24 1.96
N LYS J 541 15.00 -12.84 1.32
CA LYS J 541 13.98 -12.05 0.64
C LYS J 541 13.27 -11.10 1.61
N GLY J 542 12.78 -11.66 2.73
CA GLY J 542 12.16 -10.82 3.74
C GLY J 542 13.05 -9.71 4.23
N ALA J 543 14.33 -10.01 4.45
CA ALA J 543 15.26 -9.00 4.94
C ALA J 543 15.49 -7.91 3.91
N MET J 544 15.39 -8.25 2.63
CA MET J 544 15.61 -7.32 1.53
C MET J 544 14.30 -6.67 1.08
N ARG J 545 13.21 -6.92 1.80
CA ARG J 545 11.89 -6.29 1.47
C ARG J 545 11.43 -6.77 0.09
N THR J 546 11.73 -8.02 -0.25
CA THR J 546 11.32 -8.62 -1.52
C THR J 546 10.43 -9.84 -1.31
N PHE J 547 9.90 -10.04 -0.10
CA PHE J 547 8.97 -11.13 0.16
C PHE J 547 7.56 -10.59 0.30
N ARG J 548 6.64 -11.16 -0.46
CA ARG J 548 5.24 -10.76 -0.40
C ARG J 548 4.44 -11.66 0.52
N PRO J 549 3.98 -11.19 1.67
CA PRO J 549 3.16 -12.01 2.55
C PRO J 549 1.70 -11.97 2.15
N ALA J 550 0.95 -12.91 2.72
CA ALA J 550 -0.50 -12.86 2.70
C ALA J 550 -0.99 -12.05 3.90
N GLY J 551 -2.27 -11.69 3.88
CA GLY J 551 -2.95 -11.15 5.04
C GLY J 551 -3.01 -9.65 5.12
N GLU J 552 -2.50 -8.92 4.14
CA GLU J 552 -2.56 -7.47 4.15
C GLU J 552 -3.97 -7.00 3.84
N ARG J 553 -4.26 -5.75 4.21
CA ARG J 553 -5.60 -5.18 4.12
C ARG J 553 -5.67 -3.96 3.23
N SER J 554 -4.73 -3.83 2.30
CA SER J 554 -4.70 -2.67 1.43
C SER J 554 -6.00 -2.52 0.64
N LEU J 555 -6.69 -3.62 0.37
CA LEU J 555 -7.92 -3.58 -0.41
C LEU J 555 -9.06 -2.86 0.30
N VAL J 556 -8.99 -2.72 1.62
CA VAL J 556 -10.13 -2.24 2.40
C VAL J 556 -9.75 -1.13 3.36
N ILE J 557 -8.66 -0.44 3.08
CA ILE J 557 -8.23 0.66 3.94
C ILE J 557 -7.98 1.89 3.10
N PRO J 558 -8.09 3.08 3.68
CA PRO J 558 -7.80 4.30 2.92
C PRO J 558 -6.31 4.49 2.79
N ALA J 559 -5.95 5.49 1.98
CA ALA J 559 -4.58 5.87 1.69
C ALA J 559 -4.37 7.38 1.89
N ALA K 2 19.04 -54.08 53.24
CA ALA K 2 18.17 -52.90 53.27
C ALA K 2 18.91 -51.70 53.86
N ASP K 3 18.23 -50.57 53.96
CA ASP K 3 18.81 -49.33 54.47
C ASP K 3 18.15 -48.96 55.79
N THR K 4 18.94 -48.42 56.71
CA THR K 4 18.39 -47.86 57.92
C THR K 4 19.04 -46.50 58.15
N ILE K 5 18.38 -45.70 58.98
CA ILE K 5 18.79 -44.34 59.29
C ILE K 5 18.51 -44.10 60.76
N ASP K 6 19.31 -43.24 61.36
CA ASP K 6 18.95 -42.64 62.64
C ASP K 6 18.19 -41.36 62.38
N LEU K 7 17.07 -41.16 63.07
CA LEU K 7 16.25 -39.96 62.94
C LEU K 7 16.62 -38.99 64.06
N TYR K 8 16.81 -37.72 63.70
CA TYR K 8 17.15 -36.65 64.62
C TYR K 8 16.16 -35.50 64.46
N ASP K 9 15.99 -34.71 65.52
CA ASP K 9 14.99 -33.66 65.52
C ASP K 9 15.61 -32.32 65.06
N ASP K 10 14.85 -31.23 65.15
CA ASP K 10 15.29 -29.95 64.63
C ASP K 10 16.40 -29.32 65.45
N ARG K 11 16.65 -29.81 66.67
CA ARG K 11 17.73 -29.30 67.51
C ARG K 11 18.93 -30.23 67.54
N GLY K 12 19.01 -31.19 66.63
CA GLY K 12 20.14 -32.09 66.60
C GLY K 12 20.14 -33.17 67.65
N LYS K 13 18.99 -33.45 68.26
CA LYS K 13 18.84 -34.51 69.25
C LYS K 13 18.31 -35.77 68.59
N LYS K 14 18.91 -36.90 68.93
CA LYS K 14 18.49 -38.18 68.37
C LYS K 14 17.09 -38.52 68.84
N LEU K 15 16.28 -39.07 67.92
CA LEU K 15 14.89 -39.40 68.18
C LEU K 15 14.65 -40.90 68.15
N LYS K 16 15.26 -41.60 67.20
CA LYS K 16 15.08 -43.04 67.06
C LYS K 16 16.24 -43.56 66.24
N GLY K 17 16.73 -44.75 66.60
CA GLY K 17 17.86 -45.36 65.93
C GLY K 17 17.44 -46.51 65.05
N ASP K 18 18.25 -46.78 64.03
CA ASP K 18 18.09 -47.94 63.14
C ASP K 18 16.65 -48.09 62.65
N VAL K 19 16.14 -47.01 62.07
CA VAL K 19 14.81 -47.00 61.47
C VAL K 19 14.93 -47.50 60.04
N ASP K 20 14.05 -48.44 59.68
CA ASP K 20 14.00 -48.91 58.30
C ASP K 20 13.61 -47.75 57.40
N LEU K 21 14.35 -47.59 56.30
CA LEU K 21 14.07 -46.50 55.37
C LEU K 21 12.63 -46.51 54.88
N GLN K 22 12.06 -47.70 54.68
CA GLN K 22 10.66 -47.78 54.27
C GLN K 22 9.72 -47.15 55.28
N ALA K 23 10.11 -47.05 56.55
CA ALA K 23 9.20 -46.56 57.58
C ALA K 23 8.96 -45.06 57.48
N VAL K 24 9.76 -44.34 56.70
CA VAL K 24 9.50 -42.93 56.45
C VAL K 24 9.01 -42.70 55.02
N SER K 25 8.56 -43.75 54.35
CA SER K 25 8.01 -43.61 53.01
C SER K 25 6.67 -42.89 53.04
N PRO K 26 6.42 -42.01 52.07
CA PRO K 26 5.09 -41.39 51.96
C PRO K 26 3.95 -42.40 51.82
N LEU K 27 4.24 -43.61 51.37
CA LEU K 27 3.25 -44.66 51.24
C LEU K 27 2.98 -45.43 52.53
N LYS K 28 3.75 -45.17 53.60
CA LYS K 28 3.70 -46.01 54.80
C LYS K 28 3.72 -45.25 56.12
N ASN K 29 4.34 -44.09 56.20
CA ASN K 29 4.43 -43.36 57.46
C ASN K 29 3.14 -42.61 57.72
N SER K 30 2.48 -42.90 58.86
CA SER K 30 1.16 -42.32 59.11
C SER K 30 1.23 -40.80 59.27
N ALA K 31 2.36 -40.28 59.71
CA ALA K 31 2.50 -38.83 59.89
C ALA K 31 2.56 -38.11 58.55
N ILE K 32 3.33 -38.65 57.59
CA ILE K 32 3.34 -38.08 56.24
C ILE K 32 1.95 -38.17 55.63
N LEU K 33 1.30 -39.33 55.76
CA LEU K 33 -0.05 -39.47 55.24
C LEU K 33 -0.99 -38.45 55.86
N SER K 34 -0.80 -38.16 57.14
CA SER K 34 -1.62 -37.16 57.81
C SER K 34 -1.28 -35.75 57.33
N MET K 35 0.00 -35.47 57.07
CA MET K 35 0.36 -34.16 56.53
C MET K 35 -0.37 -33.91 55.22
N VAL K 36 -0.33 -34.88 54.32
CA VAL K 36 -0.98 -34.75 53.02
C VAL K 36 -2.47 -34.52 53.22
N ASN K 37 -3.11 -35.37 54.02
CA ASN K 37 -4.53 -35.20 54.27
C ASN K 37 -4.83 -33.82 54.81
N THR K 38 -3.94 -33.29 55.66
CA THR K 38 -4.18 -32.00 56.28
C THR K 38 -4.11 -30.85 55.28
N VAL K 39 -3.13 -30.86 54.36
CA VAL K 39 -3.04 -29.75 53.42
C VAL K 39 -4.14 -29.84 52.37
N LYS K 40 -4.63 -31.05 52.09
CA LYS K 40 -5.69 -31.20 51.12
C LYS K 40 -7.02 -30.66 51.65
N ARG K 41 -7.31 -30.90 52.93
CA ARG K 41 -8.67 -30.67 53.42
C ARG K 41 -8.80 -29.39 54.23
N THR K 42 -7.70 -28.72 54.55
CA THR K 42 -7.74 -27.51 55.35
C THR K 42 -7.73 -26.29 54.43
N VAL K 43 -8.63 -25.37 54.69
CA VAL K 43 -8.68 -24.08 54.00
C VAL K 43 -8.87 -23.01 55.06
N ALA K 44 -8.62 -21.78 54.66
CA ALA K 44 -8.79 -20.60 55.49
C ALA K 44 -9.80 -19.70 54.80
N VAL K 45 -10.60 -19.02 55.61
CA VAL K 45 -11.60 -18.08 55.11
C VAL K 45 -11.19 -16.69 55.57
N ASN K 46 -11.11 -15.76 54.63
CA ASN K 46 -10.81 -14.37 54.97
C ASN K 46 -12.13 -13.63 55.13
N LEU K 47 -12.68 -13.68 56.35
CA LEU K 47 -13.94 -13.00 56.60
C LEU K 47 -13.79 -11.49 56.48
N ALA K 48 -12.63 -10.95 56.86
CA ALA K 48 -12.40 -9.53 56.68
C ALA K 48 -12.43 -9.16 55.20
N GLY K 49 -11.85 -10.00 54.35
CA GLY K 49 -11.89 -9.75 52.91
C GLY K 49 -13.29 -9.83 52.32
N ILE K 50 -14.12 -10.73 52.83
CA ILE K 50 -15.49 -10.82 52.35
C ILE K 50 -16.26 -9.57 52.73
N GLU K 51 -16.08 -9.13 53.98
CA GLU K 51 -16.74 -7.94 54.47
C GLU K 51 -16.30 -6.71 53.69
N LYS K 52 -15.01 -6.58 53.43
CA LYS K 52 -14.50 -5.42 52.70
C LYS K 52 -15.01 -5.43 51.27
N ALA K 53 -14.99 -6.59 50.62
CA ALA K 53 -15.48 -6.69 49.24
C ALA K 53 -16.94 -6.29 49.14
N CYS K 54 -17.77 -6.74 50.10
CA CYS K 54 -19.19 -6.41 50.06
C CYS K 54 -19.41 -4.93 50.34
N LYS K 55 -18.76 -4.41 51.36
CA LYS K 55 -19.05 -3.03 51.75
C LYS K 55 -18.52 -2.02 50.74
N ASN K 56 -17.48 -2.38 49.99
CA ASN K 56 -16.88 -1.51 49.00
C ASN K 56 -17.20 -1.94 47.57
N ALA K 57 -18.05 -2.95 47.42
CA ALA K 57 -18.41 -3.49 46.12
C ALA K 57 -17.16 -3.70 45.25
N SER K 58 -16.14 -4.31 45.85
CA SER K 58 -14.88 -4.62 45.17
C SER K 58 -14.78 -6.10 44.84
N TYR K 59 -15.91 -6.70 44.49
CA TYR K 59 -15.97 -8.10 44.12
C TYR K 59 -14.98 -8.46 43.02
N GLY K 60 -14.20 -9.50 43.26
CA GLY K 60 -13.22 -9.96 42.31
C GLY K 60 -11.84 -9.36 42.44
N GLY K 61 -11.67 -8.32 43.26
CA GLY K 61 -10.36 -7.73 43.45
C GLY K 61 -9.82 -6.97 42.24
N GLN K 62 -8.50 -6.72 42.25
CA GLN K 62 -7.79 -6.05 41.12
C GLN K 62 -8.39 -4.67 40.81
N SER K 63 -8.77 -3.95 41.86
CA SER K 63 -9.30 -2.57 41.71
C SER K 63 -10.73 -2.58 41.14
N ARG K 64 -11.32 -3.77 41.00
CA ARG K 64 -12.72 -3.76 40.58
C ARG K 64 -13.56 -3.01 41.60
N ASN K 65 -14.57 -2.33 41.09
CA ASN K 65 -15.58 -1.67 41.90
C ASN K 65 -16.83 -1.63 41.05
N ILE K 66 -17.92 -2.15 41.60
CA ILE K 66 -19.21 -2.21 40.90
C ILE K 66 -20.10 -1.18 41.58
N PRO K 67 -20.18 0.04 41.08
CA PRO K 67 -20.88 1.09 41.82
C PRO K 67 -22.33 0.72 42.08
N GLY K 68 -22.81 1.09 43.27
CA GLY K 68 -24.18 0.85 43.64
C GLY K 68 -24.50 -0.52 44.17
N ARG K 69 -23.57 -1.47 44.08
CA ARG K 69 -23.85 -2.85 44.47
C ARG K 69 -23.17 -3.22 45.79
N GLU K 70 -22.93 -2.24 46.64
CA GLU K 70 -22.43 -2.51 47.98
C GLU K 70 -23.47 -3.27 48.79
N VAL K 71 -23.00 -4.25 49.55
CA VAL K 71 -23.86 -4.98 50.48
C VAL K 71 -23.26 -4.82 51.87
N ASP K 72 -24.04 -4.24 52.79
CA ASP K 72 -23.51 -3.89 54.11
C ASP K 72 -23.71 -5.08 55.04
N ILE K 73 -22.69 -5.92 55.13
CA ILE K 73 -22.69 -7.05 56.05
C ILE K 73 -21.40 -7.04 56.83
N ASP K 74 -21.40 -7.68 58.00
CA ASP K 74 -20.28 -7.62 58.93
C ASP K 74 -19.92 -9.01 59.46
N PRO K 75 -19.49 -9.92 58.57
CA PRO K 75 -19.22 -11.30 59.03
C PRO K 75 -18.07 -11.42 60.02
N THR K 76 -17.12 -10.48 60.03
CA THR K 76 -16.09 -10.58 61.07
C THR K 76 -16.72 -10.44 62.45
N ALA K 77 -17.78 -9.65 62.57
CA ALA K 77 -18.45 -9.48 63.85
C ALA K 77 -19.34 -10.66 64.19
N LYS K 78 -19.72 -11.46 63.22
CA LYS K 78 -20.54 -12.66 63.44
C LYS K 78 -19.73 -13.94 63.24
N ALA K 79 -18.41 -13.87 63.44
CA ALA K 79 -17.55 -14.97 63.05
C ALA K 79 -17.90 -16.26 63.80
N ASP K 80 -18.19 -16.17 65.09
CA ASP K 80 -18.49 -17.38 65.85
C ASP K 80 -19.77 -18.04 65.34
N LYS K 81 -20.78 -17.23 65.09
CA LYS K 81 -22.07 -17.71 64.58
C LYS K 81 -21.91 -18.30 63.18
N ILE K 82 -21.18 -17.62 62.30
CA ILE K 82 -20.92 -18.17 60.97
C ILE K 82 -20.09 -19.44 61.07
N ALA K 83 -19.11 -19.46 61.96
CA ALA K 83 -18.28 -20.65 62.09
C ALA K 83 -19.13 -21.86 62.48
N ALA K 84 -20.05 -21.68 63.43
CA ALA K 84 -20.88 -22.80 63.85
C ALA K 84 -21.78 -23.27 62.71
N ARG K 85 -22.34 -22.33 61.96
CA ARG K 85 -23.18 -22.69 60.83
C ARG K 85 -22.38 -23.47 59.79
N VAL K 86 -21.16 -23.02 59.48
CA VAL K 86 -20.35 -23.72 58.48
C VAL K 86 -20.08 -25.15 58.93
N LYS K 87 -19.69 -25.33 60.19
CA LYS K 87 -19.45 -26.68 60.68
C LYS K 87 -20.68 -27.56 60.53
N GLU K 88 -21.84 -27.05 60.93
CA GLU K 88 -23.08 -27.79 60.77
C GLU K 88 -23.31 -28.16 59.31
N LEU K 89 -22.99 -27.26 58.38
CA LEU K 89 -23.29 -27.51 56.98
C LEU K 89 -22.34 -28.54 56.35
N ILE K 90 -21.08 -28.60 56.78
CA ILE K 90 -20.12 -29.46 56.11
C ILE K 90 -19.77 -30.74 56.87
N GLN K 91 -20.06 -30.80 58.16
CA GLN K 91 -19.76 -32.02 58.92
C GLN K 91 -20.62 -33.16 58.45
N VAL K 92 -20.03 -34.33 58.26
CA VAL K 92 -20.76 -35.49 57.77
C VAL K 92 -21.36 -36.28 58.93
N GLU K 93 -20.54 -36.60 59.93
CA GLU K 93 -21.02 -37.28 61.12
C GLU K 93 -20.54 -36.52 62.36
N LYS K 94 -21.38 -36.47 63.37
CA LYS K 94 -20.98 -35.91 64.66
C LYS K 94 -19.73 -36.63 65.14
N GLY K 95 -18.77 -35.87 65.64
CA GLY K 95 -17.52 -36.45 66.09
C GLY K 95 -16.48 -36.72 65.01
N ASP K 96 -16.77 -36.44 63.73
CA ASP K 96 -15.77 -36.64 62.69
C ASP K 96 -14.69 -35.57 62.81
N ASP K 97 -13.75 -35.55 61.86
CA ASP K 97 -12.62 -34.63 61.94
C ASP K 97 -12.88 -33.26 61.32
N THR K 98 -14.14 -32.89 61.08
CA THR K 98 -14.47 -31.51 60.74
C THR K 98 -14.03 -30.58 61.86
N GLU K 99 -13.35 -29.50 61.52
CA GLU K 99 -13.00 -28.45 62.47
C GLU K 99 -13.22 -27.08 61.85
N VAL K 100 -13.90 -26.19 62.57
CA VAL K 100 -14.07 -24.80 62.16
C VAL K 100 -13.73 -23.90 63.35
N THR K 101 -12.72 -23.05 63.18
CA THR K 101 -12.15 -22.27 64.27
C THR K 101 -12.01 -20.82 63.87
N VAL K 102 -12.46 -19.93 64.76
CA VAL K 102 -12.32 -18.51 64.55
C VAL K 102 -10.93 -18.05 64.93
N LEU K 103 -10.26 -17.37 64.01
CA LEU K 103 -8.91 -16.89 64.22
C LEU K 103 -8.87 -15.37 64.15
N GLY K 104 -7.79 -14.81 64.69
CA GLY K 104 -7.45 -13.41 64.48
C GLY K 104 -8.55 -12.45 64.88
N GLY K 105 -9.24 -12.74 65.98
CA GLY K 105 -10.29 -11.85 66.42
C GLY K 105 -11.46 -11.75 65.46
N GLY K 106 -11.74 -12.80 64.71
CA GLY K 106 -12.87 -12.80 63.81
C GLY K 106 -12.54 -12.50 62.36
N LYS K 107 -11.30 -12.12 62.06
CA LYS K 107 -10.94 -11.79 60.68
C LYS K 107 -10.90 -13.01 59.79
N PHE K 108 -10.53 -14.18 60.34
CA PHE K 108 -10.29 -15.38 59.56
C PHE K 108 -10.97 -16.56 60.23
N LEU K 109 -11.33 -17.58 59.42
CA LEU K 109 -11.65 -18.92 59.93
C LEU K 109 -10.63 -19.92 59.41
N ARG K 110 -10.28 -20.89 60.25
CA ARG K 110 -9.63 -22.11 59.80
C ARG K 110 -10.73 -23.17 59.64
N VAL K 111 -10.76 -23.84 58.49
CA VAL K 111 -11.74 -24.88 58.22
C VAL K 111 -10.98 -26.13 57.80
N ALA K 112 -11.06 -27.18 58.62
CA ALA K 112 -10.56 -28.50 58.25
C ALA K 112 -11.80 -29.29 57.82
N ALA K 113 -12.00 -29.39 56.51
CA ALA K 113 -13.14 -30.11 55.99
C ALA K 113 -13.00 -31.60 56.29
N PRO K 114 -14.12 -32.30 56.49
CA PRO K 114 -14.02 -33.73 56.84
C PRO K 114 -13.32 -34.52 55.75
N THR K 115 -12.46 -35.46 56.17
CA THR K 115 -11.77 -36.35 55.25
C THR K 115 -12.74 -37.08 54.33
N ARG K 116 -13.93 -37.39 54.84
CA ARG K 116 -14.93 -38.11 54.05
C ARG K 116 -15.25 -37.35 52.76
N ARG K 117 -15.29 -36.02 52.82
CA ARG K 117 -15.64 -35.29 51.60
C ARG K 117 -14.51 -35.37 50.57
N ILE K 118 -13.26 -35.44 51.04
CA ILE K 118 -12.15 -35.69 50.11
C ILE K 118 -12.26 -37.10 49.54
N GLU K 119 -12.56 -38.08 50.40
CA GLU K 119 -12.67 -39.47 49.97
C GLU K 119 -13.77 -39.66 48.93
N ALA K 120 -14.85 -38.90 49.04
CA ALA K 120 -16.02 -39.06 48.19
C ALA K 120 -15.81 -38.46 46.80
N GLY K 121 -14.76 -37.64 46.63
CA GLY K 121 -14.43 -37.04 45.35
C GLY K 121 -13.22 -37.65 44.70
N ALA K 122 -12.79 -37.02 43.60
CA ALA K 122 -11.64 -37.49 42.85
C ALA K 122 -10.38 -36.68 43.14
N GLU K 123 -10.53 -35.43 43.59
CA GLU K 123 -9.38 -34.57 43.83
C GLU K 123 -9.35 -34.08 45.27
N TYR K 124 -8.85 -32.87 45.50
CA TYR K 124 -8.74 -32.31 46.85
C TYR K 124 -9.60 -31.07 47.04
N VAL K 125 -10.35 -30.66 46.02
CA VAL K 125 -11.02 -29.35 46.03
C VAL K 125 -12.28 -29.33 46.86
N ALA K 126 -12.76 -30.48 47.36
CA ALA K 126 -13.98 -30.49 48.16
C ALA K 126 -13.83 -29.61 49.40
N GLY K 127 -12.62 -29.51 49.96
CA GLY K 127 -12.40 -28.56 51.03
C GLY K 127 -12.71 -27.13 50.62
N MET K 128 -12.14 -26.69 49.49
CA MET K 128 -12.42 -25.33 49.05
C MET K 128 -13.90 -25.14 48.72
N THR K 129 -14.49 -26.10 48.00
CA THR K 129 -15.82 -25.85 47.46
C THR K 129 -16.89 -25.98 48.54
N CYS K 130 -16.76 -26.97 49.40
CA CYS K 130 -17.75 -27.16 50.49
C CYS K 130 -17.71 -25.94 51.42
N THR K 131 -16.51 -25.42 51.70
CA THR K 131 -16.40 -24.25 52.56
C THR K 131 -16.97 -23.01 51.88
N ALA K 132 -16.63 -22.78 50.61
CA ALA K 132 -17.17 -21.63 49.91
C ALA K 132 -18.69 -21.67 49.88
N ALA K 133 -19.26 -22.84 49.63
CA ALA K 133 -20.72 -22.97 49.57
C ALA K 133 -21.35 -22.77 50.94
N ALA K 134 -20.77 -23.41 51.96
CA ALA K 134 -21.33 -23.30 53.30
C ALA K 134 -21.28 -21.86 53.77
N LEU K 135 -20.17 -21.19 53.49
CA LEU K 135 -20.04 -19.78 53.86
C LEU K 135 -21.07 -18.91 53.15
N THR K 136 -21.26 -19.13 51.84
CA THR K 136 -22.23 -18.33 51.09
C THR K 136 -23.63 -18.53 51.64
N GLU K 137 -24.00 -19.79 51.96
CA GLU K 137 -25.29 -20.06 52.59
C GLU K 137 -25.38 -19.38 53.95
N ALA K 138 -24.31 -19.49 54.75
CA ALA K 138 -24.31 -18.89 56.07
C ALA K 138 -24.54 -17.40 55.99
N LEU K 139 -23.93 -16.74 55.00
CA LEU K 139 -24.10 -15.30 54.86
C LEU K 139 -25.52 -14.96 54.39
N ARG K 140 -26.06 -15.73 53.46
CA ARG K 140 -27.41 -15.46 52.98
C ARG K 140 -28.39 -15.51 54.14
N GLU K 141 -28.27 -16.53 54.98
CA GLU K 141 -29.18 -16.70 56.10
C GLU K 141 -28.98 -15.62 57.14
N GLU K 142 -27.73 -15.35 57.51
CA GLU K 142 -27.48 -14.40 58.59
C GLU K 142 -27.96 -13.00 58.23
N TYR K 143 -27.82 -12.59 56.98
CA TYR K 143 -28.09 -11.22 56.57
C TYR K 143 -29.35 -11.09 55.73
N ASN K 144 -30.18 -12.14 55.70
CA ASN K 144 -31.45 -12.13 54.97
C ASN K 144 -31.27 -11.63 53.55
N LEU K 145 -30.28 -12.19 52.86
CA LEU K 145 -29.99 -11.78 51.49
C LEU K 145 -31.00 -12.38 50.55
N GLY K 146 -31.36 -11.62 49.51
CA GLY K 146 -32.43 -11.95 48.62
C GLY K 146 -31.97 -12.30 47.23
N LEU K 147 -32.91 -12.23 46.29
CA LEU K 147 -32.66 -12.77 44.96
C LEU K 147 -31.50 -12.07 44.27
N TYR K 148 -31.43 -10.75 44.36
CA TYR K 148 -30.57 -9.98 43.47
C TYR K 148 -29.32 -9.46 44.14
N ASP K 149 -29.24 -9.47 45.48
CA ASP K 149 -27.97 -9.19 46.10
C ASP K 149 -27.13 -10.41 46.45
N THR K 150 -27.75 -11.58 46.67
CA THR K 150 -26.94 -12.74 47.04
C THR K 150 -25.89 -13.07 45.97
N PRO K 151 -26.16 -12.93 44.68
CA PRO K 151 -25.10 -13.22 43.69
C PRO K 151 -23.83 -12.42 43.92
N TYR K 152 -23.97 -11.14 44.33
CA TYR K 152 -22.78 -10.32 44.58
C TYR K 152 -22.03 -10.84 45.80
N VAL K 153 -22.73 -11.11 46.89
CA VAL K 153 -22.07 -11.68 48.06
C VAL K 153 -21.39 -12.99 47.71
N LYS K 154 -22.05 -13.79 46.86
CA LYS K 154 -21.43 -15.04 46.41
C LYS K 154 -20.06 -14.77 45.79
N ASN K 155 -19.95 -13.71 44.96
CA ASN K 155 -18.65 -13.40 44.35
C ASN K 155 -17.66 -12.87 45.38
N ALA K 156 -18.15 -12.25 46.45
CA ALA K 156 -17.25 -11.91 47.56
C ALA K 156 -16.54 -13.15 48.11
N VAL K 157 -17.24 -14.30 48.14
CA VAL K 157 -16.64 -15.52 48.65
C VAL K 157 -15.84 -16.23 47.57
N TRP K 158 -16.45 -16.44 46.40
CA TRP K 158 -15.91 -17.29 45.34
C TRP K 158 -15.07 -16.52 44.33
N GLY K 159 -14.99 -15.20 44.45
CA GLY K 159 -14.25 -14.44 43.46
C GLY K 159 -14.97 -14.49 42.13
N THR K 160 -14.19 -14.48 41.04
CA THR K 160 -14.74 -14.46 39.68
C THR K 160 -15.12 -15.84 39.17
N TYR K 161 -15.12 -16.83 40.03
CA TYR K 161 -15.60 -18.15 39.67
C TYR K 161 -17.11 -18.05 39.46
N PRO K 162 -17.67 -18.53 38.34
CA PRO K 162 -17.05 -19.41 37.33
C PRO K 162 -16.61 -18.75 36.02
N GLN K 163 -16.59 -17.43 35.88
CA GLN K 163 -15.97 -16.86 34.67
C GLN K 163 -14.51 -17.29 34.57
N THR K 164 -13.83 -17.45 35.70
CA THR K 164 -12.51 -18.05 35.78
C THR K 164 -12.62 -19.46 36.36
N MET K 165 -11.60 -20.27 36.07
CA MET K 165 -11.52 -21.60 36.65
C MET K 165 -11.15 -21.60 38.13
N ASP K 166 -10.49 -20.53 38.60
CA ASP K 166 -10.12 -20.42 40.01
C ASP K 166 -10.99 -19.36 40.68
N MET K 167 -10.93 -19.33 42.02
CA MET K 167 -11.69 -18.34 42.79
C MET K 167 -10.86 -17.06 42.87
N LYS K 168 -10.57 -16.49 41.71
CA LYS K 168 -9.69 -15.32 41.66
C LYS K 168 -10.37 -14.15 42.36
N GLY K 169 -9.63 -13.50 43.25
CA GLY K 169 -10.20 -12.42 44.01
C GLY K 169 -11.13 -12.87 45.11
N GLY K 170 -11.21 -14.18 45.36
CA GLY K 170 -12.08 -14.72 46.38
C GLY K 170 -11.41 -14.72 47.73
N ASN K 171 -12.06 -15.38 48.68
CA ASN K 171 -11.66 -15.28 50.07
C ASN K 171 -11.68 -16.63 50.78
N VAL K 172 -11.52 -17.70 50.01
CA VAL K 172 -11.31 -19.05 50.53
C VAL K 172 -9.95 -19.48 50.01
N LEU K 173 -9.04 -19.79 50.93
CA LEU K 173 -7.62 -19.92 50.63
C LEU K 173 -7.12 -21.30 51.00
N SER K 174 -6.22 -21.83 50.19
CA SER K 174 -5.58 -23.13 50.40
C SER K 174 -4.08 -22.96 50.16
N VAL K 175 -3.29 -23.88 50.72
CA VAL K 175 -1.87 -23.88 50.38
C VAL K 175 -1.66 -24.55 49.03
N LEU K 176 -2.67 -25.28 48.54
CA LEU K 176 -2.66 -25.85 47.20
C LEU K 176 -3.33 -24.88 46.24
N SER K 177 -3.09 -25.08 44.94
CA SER K 177 -3.71 -24.33 43.88
C SER K 177 -4.83 -25.17 43.26
N ILE K 178 -5.36 -24.75 42.13
CA ILE K 178 -6.42 -25.55 41.49
C ILE K 178 -5.76 -26.61 40.62
N PRO K 179 -6.42 -27.73 40.37
CA PRO K 179 -5.79 -28.81 39.60
C PRO K 179 -5.38 -28.40 38.20
N GLN K 180 -6.12 -27.48 37.58
CA GLN K 180 -5.81 -27.10 36.21
C GLN K 180 -4.49 -26.36 36.09
N ASN K 181 -3.93 -25.88 37.21
CA ASN K 181 -2.61 -25.28 37.18
C ASN K 181 -1.49 -26.30 37.24
N ASP K 182 -1.80 -27.60 37.43
CA ASP K 182 -0.77 -28.64 37.39
C ASP K 182 -0.02 -28.57 36.05
N GLU K 183 1.31 -28.56 36.11
CA GLU K 183 2.10 -28.60 34.86
C GLU K 183 2.00 -29.99 34.22
N GLY K 184 1.82 -31.03 35.04
CA GLY K 184 1.77 -32.37 34.52
C GLY K 184 1.03 -33.31 35.44
N LEU K 185 1.25 -34.60 35.19
CA LEU K 185 0.57 -35.64 35.95
C LEU K 185 1.18 -35.75 37.34
N GLY K 186 0.37 -35.50 38.37
CA GLY K 186 0.83 -35.71 39.73
C GLY K 186 1.45 -34.52 40.40
N PHE K 187 1.19 -33.31 39.90
CA PHE K 187 1.93 -32.14 40.35
C PHE K 187 1.17 -31.33 41.39
N ALA K 188 0.02 -31.79 41.87
CA ALA K 188 -0.75 -30.94 42.77
C ALA K 188 -0.02 -30.65 44.07
N LEU K 189 0.64 -31.67 44.64
CA LEU K 189 1.41 -31.45 45.85
C LEU K 189 2.74 -30.74 45.58
N ARG K 190 3.15 -30.65 44.32
CA ARG K 190 4.30 -29.82 43.98
C ARG K 190 3.95 -28.33 43.97
N ASN K 191 2.68 -27.99 43.88
CA ASN K 191 2.29 -26.60 43.64
C ASN K 191 1.99 -25.87 44.95
N ILE K 192 3.03 -25.75 45.77
CA ILE K 192 2.94 -25.11 47.08
C ILE K 192 4.00 -24.03 47.16
N MET K 193 3.56 -22.78 47.21
CA MET K 193 4.44 -21.63 47.13
C MET K 193 5.43 -21.64 48.29
N ALA K 194 6.70 -21.35 47.97
CA ALA K 194 7.72 -21.43 49.00
C ALA K 194 7.42 -20.53 50.18
N ASN K 195 6.74 -19.38 49.96
CA ASN K 195 6.36 -18.55 51.09
C ASN K 195 5.38 -19.28 51.99
N HIS K 196 4.48 -20.08 51.39
CA HIS K 196 3.57 -20.88 52.21
C HIS K 196 4.34 -21.87 53.07
N LEU K 197 5.35 -22.53 52.48
CA LEU K 197 6.11 -23.55 53.21
C LEU K 197 6.85 -22.92 54.39
N ALA K 198 7.50 -21.78 54.16
CA ALA K 198 8.16 -21.10 55.27
C ALA K 198 7.17 -20.79 56.38
N MET K 199 5.93 -20.45 56.02
CA MET K 199 4.95 -20.11 57.06
C MET K 199 4.44 -21.37 57.77
N LEU K 200 4.24 -22.47 57.02
CA LEU K 200 3.87 -23.73 57.67
C LEU K 200 4.87 -24.10 58.75
N SER K 201 6.15 -23.83 58.51
CA SER K 201 7.22 -24.20 59.42
C SER K 201 7.46 -23.17 60.52
N GLN K 202 6.73 -22.06 60.49
CA GLN K 202 6.95 -20.94 61.42
C GLN K 202 8.38 -20.46 61.37
N ARG K 203 8.97 -20.56 60.18
CA ARG K 203 10.31 -20.05 59.90
C ARG K 203 11.37 -20.75 60.73
N ASN K 204 11.08 -21.99 61.15
CA ASN K 204 12.08 -22.93 61.66
C ASN K 204 12.66 -23.69 60.47
N ALA K 205 13.91 -23.36 60.12
CA ALA K 205 14.50 -23.84 58.87
C ALA K 205 14.61 -25.35 58.84
N MET K 206 14.94 -25.98 59.97
CA MET K 206 14.95 -27.44 60.03
C MET K 206 13.57 -28.01 59.75
N ASN K 207 12.53 -27.46 60.39
CA ASN K 207 11.20 -27.99 60.14
C ASN K 207 10.75 -27.66 58.73
N CYS K 208 11.22 -26.54 58.20
CA CYS K 208 10.87 -26.17 56.83
C CYS K 208 11.43 -27.17 55.84
N ALA K 209 12.69 -27.57 56.03
CA ALA K 209 13.27 -28.61 55.19
C ALA K 209 12.42 -29.87 55.18
N ALA K 210 11.95 -30.29 56.37
CA ALA K 210 11.21 -31.53 56.47
C ALA K 210 9.84 -31.42 55.81
N ILE K 211 9.08 -30.38 56.13
CA ILE K 211 7.76 -30.21 55.54
C ILE K 211 7.86 -30.15 54.02
N SER K 212 8.76 -29.31 53.51
CA SER K 212 8.88 -29.14 52.06
C SER K 212 9.38 -30.40 51.39
N SER K 213 10.40 -31.04 51.96
CA SER K 213 10.88 -32.28 51.36
C SER K 213 9.79 -33.34 51.34
N ILE K 214 9.00 -33.46 52.42
CA ILE K 214 7.98 -34.49 52.47
C ILE K 214 6.96 -34.28 51.35
N LEU K 215 6.45 -33.05 51.23
CA LEU K 215 5.41 -32.79 50.24
C LEU K 215 5.97 -32.93 48.82
N GLU K 216 7.20 -32.48 48.60
CA GLU K 216 7.82 -32.68 47.30
C GLU K 216 7.87 -34.15 46.94
N HIS K 217 8.38 -34.99 47.85
CA HIS K 217 8.50 -36.41 47.51
C HIS K 217 7.15 -37.09 47.40
N CYS K 218 6.15 -36.62 48.15
CA CYS K 218 4.80 -37.14 47.93
C CYS K 218 4.35 -36.87 46.51
N GLY K 219 4.65 -35.67 45.99
CA GLY K 219 4.34 -35.39 44.61
C GLY K 219 5.08 -36.31 43.65
N VAL K 220 6.39 -36.51 43.89
CA VAL K 220 7.17 -37.39 43.04
C VAL K 220 6.58 -38.79 43.01
N PHE K 221 6.10 -39.26 44.17
CA PHE K 221 5.47 -40.58 44.22
C PHE K 221 4.20 -40.60 43.37
N GLU K 222 3.37 -39.56 43.49
CA GLU K 222 2.14 -39.49 42.70
C GLU K 222 2.43 -39.32 41.21
N MET K 223 3.57 -38.72 40.87
CA MET K 223 4.04 -38.67 39.48
C MET K 223 4.48 -40.03 38.94
N GLY K 224 4.61 -41.04 39.80
CA GLY K 224 5.11 -42.32 39.32
C GLY K 224 6.62 -42.40 39.12
N GLN K 225 7.38 -41.52 39.73
CA GLN K 225 8.82 -41.46 39.52
C GLN K 225 9.59 -41.92 40.76
N ALA K 226 8.95 -42.77 41.56
CA ALA K 226 9.58 -43.43 42.70
C ALA K 226 9.22 -44.91 42.68
N ILE K 227 9.31 -45.53 41.52
CA ILE K 227 8.99 -46.94 41.31
C ILE K 227 10.27 -47.74 41.20
N GLY K 228 10.30 -48.90 41.86
CA GLY K 228 11.44 -49.79 41.73
C GLY K 228 12.68 -49.19 42.36
N LEU K 229 13.80 -49.27 41.64
CA LEU K 229 15.04 -48.67 42.13
C LEU K 229 14.85 -47.20 42.46
N PHE K 230 14.00 -46.50 41.71
CA PHE K 230 13.82 -45.06 41.94
C PHE K 230 13.12 -44.79 43.27
N GLU K 231 12.47 -45.79 43.86
CA GLU K 231 11.93 -45.60 45.21
C GLU K 231 13.06 -45.40 46.22
N ARG K 232 14.09 -46.23 46.15
CA ARG K 232 15.22 -46.07 47.06
C ARG K 232 15.92 -44.73 46.80
N TYR K 233 16.12 -44.40 45.52
CA TYR K 233 16.70 -43.13 45.13
C TYR K 233 15.97 -41.96 45.78
N GLN K 234 14.64 -41.96 45.70
CA GLN K 234 13.88 -40.83 46.25
C GLN K 234 13.82 -40.90 47.77
N LEU K 235 13.68 -42.09 48.34
CA LEU K 235 13.56 -42.19 49.79
C LEU K 235 14.85 -41.74 50.49
N LEU K 236 16.02 -42.09 49.94
CA LEU K 236 17.26 -41.68 50.57
C LEU K 236 17.41 -40.16 50.53
N ALA K 237 17.01 -39.54 49.42
CA ALA K 237 17.07 -38.09 49.34
C ALA K 237 16.13 -37.45 50.34
N LEU K 238 14.90 -37.96 50.45
CA LEU K 238 13.98 -37.48 51.48
C LEU K 238 14.60 -37.60 52.87
N ALA K 239 15.15 -38.77 53.17
CA ALA K 239 15.65 -39.02 54.53
C ALA K 239 16.83 -38.10 54.84
N TYR K 240 17.77 -37.98 53.92
CA TYR K 240 19.00 -37.28 54.21
C TYR K 240 18.92 -35.79 53.95
N GLN K 241 18.04 -35.33 53.04
CA GLN K 241 17.91 -33.90 52.84
C GLN K 241 16.80 -33.30 53.70
N GLY K 242 15.66 -33.98 53.84
CA GLY K 242 14.53 -33.40 54.54
C GLY K 242 14.32 -33.86 55.96
N LEU K 243 14.75 -35.08 56.28
CA LEU K 243 14.51 -35.67 57.59
C LEU K 243 15.76 -35.75 58.46
N ASN K 244 16.83 -35.03 58.09
CA ASN K 244 18.03 -34.91 58.93
C ASN K 244 18.58 -36.28 59.33
N ALA K 245 18.45 -37.26 58.44
CA ALA K 245 18.93 -38.60 58.74
C ALA K 245 20.37 -38.56 59.23
N ASN K 246 20.63 -39.29 60.32
CA ASN K 246 21.96 -39.40 60.94
C ASN K 246 22.47 -38.04 61.42
N ASN K 247 21.58 -37.06 61.54
CA ASN K 247 21.94 -35.71 61.95
C ASN K 247 22.88 -35.02 60.95
N MET K 248 22.94 -35.49 59.70
CA MET K 248 23.99 -34.99 58.81
C MET K 248 23.76 -33.53 58.43
N VAL K 249 22.53 -33.17 58.03
CA VAL K 249 22.26 -31.78 57.65
C VAL K 249 22.52 -30.86 58.84
N TYR K 250 22.01 -31.25 60.02
CA TYR K 250 22.21 -30.43 61.20
C TYR K 250 23.69 -30.27 61.54
N GLU K 251 24.43 -31.38 61.57
CA GLU K 251 25.83 -31.34 61.97
C GLU K 251 26.68 -30.56 60.98
N MET K 252 26.42 -30.75 59.68
CA MET K 252 27.20 -30.05 58.68
C MET K 252 26.95 -28.56 58.77
N THR K 253 25.70 -28.17 59.01
CA THR K 253 25.38 -26.77 59.21
C THR K 253 26.09 -26.23 60.45
N LYS K 254 26.01 -26.97 61.55
CA LYS K 254 26.68 -26.54 62.78
C LYS K 254 28.18 -26.37 62.56
N ASN K 255 28.81 -27.33 61.88
CA ASN K 255 30.26 -27.29 61.69
C ASN K 255 30.71 -26.14 60.80
N ASN K 256 29.85 -25.71 59.88
CA ASN K 256 30.20 -24.65 58.94
C ASN K 256 29.46 -23.35 59.26
N GLY K 257 28.73 -23.29 60.39
CA GLY K 257 27.87 -22.14 60.64
C GLY K 257 28.60 -20.88 61.03
N LYS K 258 29.79 -21.01 61.62
CA LYS K 258 30.48 -19.83 62.13
C LYS K 258 31.33 -19.13 61.08
N THR K 259 32.11 -19.90 60.33
CA THR K 259 33.03 -19.33 59.35
C THR K 259 32.90 -19.95 57.97
N GLY K 260 31.99 -20.92 57.78
CA GLY K 260 31.95 -21.72 56.58
C GLY K 260 31.26 -21.03 55.40
N THR K 261 31.39 -21.69 54.25
CA THR K 261 31.01 -21.16 52.96
C THR K 261 30.42 -22.31 52.15
N ILE K 262 29.86 -21.98 50.98
CA ILE K 262 29.42 -23.02 50.08
C ILE K 262 30.56 -24.01 49.85
N GLY K 263 31.76 -23.50 49.63
CA GLY K 263 32.88 -24.35 49.30
C GLY K 263 33.30 -25.26 50.46
N THR K 264 33.23 -24.76 51.69
CA THR K 264 33.63 -25.61 52.80
C THR K 264 32.57 -26.68 53.08
N VAL K 265 31.31 -26.42 52.75
CA VAL K 265 30.31 -27.48 52.86
C VAL K 265 30.51 -28.52 51.76
N VAL K 266 30.94 -28.10 50.56
CA VAL K 266 31.34 -29.08 49.56
C VAL K 266 32.41 -30.01 50.13
N GLN K 267 33.46 -29.43 50.70
CA GLN K 267 34.58 -30.22 51.19
C GLN K 267 34.16 -31.15 52.30
N GLU K 268 33.27 -30.68 53.19
CA GLU K 268 32.81 -31.56 54.26
C GLU K 268 32.00 -32.72 53.71
N THR K 269 31.19 -32.47 52.67
CA THR K 269 30.36 -33.53 52.12
C THR K 269 31.22 -34.61 51.48
N VAL K 270 32.24 -34.19 50.72
CA VAL K 270 33.16 -35.19 50.08
C VAL K 270 33.84 -35.99 51.20
N GLY K 271 34.33 -35.30 52.24
CA GLY K 271 35.00 -35.99 53.34
C GLY K 271 34.12 -37.01 54.00
N ARG K 272 32.85 -36.65 54.27
CA ARG K 272 31.96 -37.59 54.92
C ARG K 272 31.63 -38.77 54.01
N ALA K 273 31.52 -38.51 52.71
CA ALA K 273 31.28 -39.60 51.77
C ALA K 273 32.45 -40.57 51.77
N LEU K 274 33.68 -40.05 51.87
CA LEU K 274 34.84 -40.92 51.99
C LEU K 274 34.84 -41.63 53.33
N ASP K 275 34.66 -40.87 54.42
CA ASP K 275 34.66 -41.47 55.76
C ASP K 275 33.69 -42.64 55.85
N ASP K 276 32.53 -42.53 55.21
CA ASP K 276 31.46 -43.49 55.35
C ASP K 276 31.48 -44.55 54.26
N GLY K 277 32.49 -44.57 53.40
CA GLY K 277 32.55 -45.58 52.36
C GLY K 277 31.56 -45.38 51.22
N VAL K 278 30.91 -44.23 51.14
CA VAL K 278 29.97 -43.98 50.06
C VAL K 278 30.71 -43.87 48.73
N ILE K 279 31.88 -43.22 48.74
CA ILE K 279 32.72 -43.11 47.55
C ILE K 279 34.13 -43.57 47.89
N SER K 280 34.88 -43.93 46.85
CA SER K 280 36.30 -44.29 46.96
C SER K 280 37.07 -43.71 45.79
N VAL K 281 38.40 -43.68 45.92
CA VAL K 281 39.23 -43.26 44.80
C VAL K 281 39.18 -44.33 43.71
N ASP K 282 38.97 -43.89 42.48
CA ASP K 282 38.87 -44.74 41.29
C ASP K 282 40.23 -44.81 40.60
N LYS K 283 40.67 -43.67 40.08
CA LYS K 283 41.98 -43.56 39.45
C LYS K 283 42.55 -42.19 39.77
N THR K 284 43.85 -42.06 39.56
CA THR K 284 44.56 -40.82 39.81
C THR K 284 45.21 -40.36 38.53
N MET K 285 44.94 -39.11 38.14
CA MET K 285 45.51 -38.58 36.92
C MET K 285 46.98 -38.22 37.14
N PRO K 286 47.74 -38.04 36.05
CA PRO K 286 49.17 -37.70 36.17
C PRO K 286 49.45 -36.51 37.06
N SER K 287 48.56 -35.52 37.09
CA SER K 287 48.78 -34.35 37.91
C SER K 287 48.63 -34.63 39.39
N GLY K 288 48.07 -35.78 39.75
CA GLY K 288 47.70 -36.07 41.11
C GLY K 288 46.22 -35.92 41.40
N TYR K 289 45.48 -35.30 40.47
CA TYR K 289 44.00 -35.16 40.63
C TYR K 289 43.39 -36.54 40.80
N LYS K 290 42.41 -36.65 41.69
CA LYS K 290 41.84 -38.00 41.98
C LYS K 290 40.39 -38.14 41.51
N VAL K 291 40.16 -39.02 40.53
CA VAL K 291 38.81 -39.37 40.12
C VAL K 291 38.24 -40.34 41.15
N TYR K 292 37.07 -39.99 41.66
CA TYR K 292 36.40 -40.86 42.65
C TYR K 292 35.30 -41.65 41.97
N LYS K 293 34.92 -42.79 42.56
CA LYS K 293 33.82 -43.60 42.09
C LYS K 293 32.82 -43.73 43.23
N ALA K 294 31.55 -43.87 42.89
CA ALA K 294 30.51 -44.05 43.89
C ALA K 294 30.34 -45.53 44.19
N ASN K 295 30.50 -45.92 45.46
CA ASN K 295 30.28 -47.31 45.84
C ASN K 295 28.79 -47.61 45.98
N ASP K 296 28.01 -46.64 46.43
CA ASP K 296 26.55 -46.75 46.47
C ASP K 296 26.00 -45.49 45.78
N VAL K 297 25.46 -45.67 44.57
CA VAL K 297 25.10 -44.52 43.73
C VAL K 297 23.97 -43.73 44.36
N CYS K 298 22.88 -44.40 44.74
CA CYS K 298 21.78 -43.70 45.38
C CYS K 298 22.23 -43.01 46.66
N MET K 299 23.20 -43.60 47.37
CA MET K 299 23.61 -42.96 48.61
C MET K 299 24.50 -41.74 48.34
N TRP K 300 25.34 -41.83 47.32
CA TRP K 300 26.11 -40.64 46.93
C TRP K 300 25.20 -39.45 46.65
N ASN K 301 24.09 -39.69 45.94
CA ASN K 301 23.15 -38.61 45.69
C ASN K 301 22.57 -38.06 46.98
N ALA K 302 22.25 -38.93 47.94
CA ALA K 302 21.64 -38.44 49.17
C ALA K 302 22.61 -37.57 49.95
N TYR K 303 23.90 -37.93 49.92
CA TYR K 303 24.92 -37.09 50.55
C TYR K 303 25.01 -35.75 49.86
N CYS K 304 25.01 -35.73 48.53
CA CYS K 304 24.99 -34.46 47.80
C CYS K 304 23.74 -33.66 48.14
N ALA K 305 22.59 -34.33 48.31
CA ALA K 305 21.37 -33.62 48.66
C ALA K 305 21.46 -33.01 50.05
N ALA K 306 21.96 -33.77 51.03
CA ALA K 306 22.17 -33.21 52.35
C ALA K 306 23.15 -32.04 52.29
N GLY K 307 24.22 -32.19 51.52
CA GLY K 307 25.18 -31.10 51.40
C GLY K 307 24.59 -29.87 50.76
N THR K 308 23.76 -30.05 49.72
CA THR K 308 23.08 -28.93 49.09
C THR K 308 22.24 -28.17 50.11
N MET K 309 21.54 -28.90 51.00
CA MET K 309 20.72 -28.24 52.01
C MET K 309 21.57 -27.53 53.03
N ALA K 310 22.63 -28.19 53.52
CA ALA K 310 23.49 -27.56 54.51
C ALA K 310 24.14 -26.31 53.93
N ALA K 311 24.55 -26.38 52.66
CA ALA K 311 25.15 -25.21 52.04
C ALA K 311 24.15 -24.05 51.97
N THR K 312 22.87 -24.35 51.70
CA THR K 312 21.85 -23.32 51.74
C THR K 312 21.74 -22.71 53.12
N MET K 313 21.67 -23.54 54.15
CA MET K 313 21.55 -23.03 55.51
C MET K 313 22.75 -22.17 55.89
N VAL K 314 23.95 -22.59 55.49
CA VAL K 314 25.16 -21.84 55.82
C VAL K 314 25.22 -20.55 55.03
N ASN K 315 24.97 -20.60 53.73
CA ASN K 315 25.18 -19.40 52.92
C ASN K 315 24.01 -18.42 53.03
N CYS K 316 22.78 -18.92 52.91
CA CYS K 316 21.62 -18.05 53.13
C CYS K 316 21.49 -17.64 54.59
N GLY K 317 21.87 -18.52 55.52
CA GLY K 317 21.88 -18.11 56.91
C GLY K 317 22.87 -16.99 57.17
N ALA K 318 24.02 -17.03 56.51
CA ALA K 318 25.01 -15.98 56.71
C ALA K 318 24.51 -14.65 56.16
N LEU K 319 23.95 -14.67 54.95
CA LEU K 319 23.34 -13.49 54.35
C LEU K 319 22.09 -13.03 55.09
N ARG K 320 21.45 -13.92 55.85
CA ARG K 320 20.09 -13.72 56.33
C ARG K 320 19.21 -13.22 55.18
N GLY K 321 19.36 -13.85 54.02
CA GLY K 321 18.66 -13.43 52.82
C GLY K 321 18.36 -14.61 51.93
N ALA K 322 17.19 -14.61 51.27
CA ALA K 322 16.79 -15.80 50.53
C ALA K 322 17.47 -15.92 49.17
N GLN K 323 17.94 -14.82 48.58
CA GLN K 323 18.30 -14.87 47.16
C GLN K 323 19.51 -15.75 46.89
N ALA K 324 20.41 -15.94 47.86
CA ALA K 324 21.59 -16.75 47.61
C ALA K 324 21.28 -18.25 47.46
N VAL K 325 20.05 -18.68 47.66
CA VAL K 325 19.75 -20.09 47.48
C VAL K 325 19.96 -20.52 46.03
N SER K 326 19.71 -19.64 45.05
CA SER K 326 19.82 -20.10 43.66
C SER K 326 21.27 -20.37 43.30
N SER K 327 22.20 -19.50 43.71
CA SER K 327 23.62 -19.76 43.45
C SER K 327 24.18 -20.86 44.35
N THR K 328 23.65 -21.01 45.58
CA THR K 328 24.12 -22.09 46.44
C THR K 328 23.90 -23.44 45.78
N LEU K 329 22.66 -23.69 45.32
CA LEU K 329 22.36 -24.97 44.71
C LEU K 329 23.19 -25.17 43.45
N LEU K 330 23.41 -24.10 42.69
CA LEU K 330 24.23 -24.21 41.49
C LEU K 330 25.67 -24.57 41.86
N TYR K 331 26.32 -23.76 42.70
CA TYR K 331 27.76 -23.89 42.85
C TYR K 331 28.13 -25.00 43.82
N PHE K 332 27.27 -25.34 44.77
CA PHE K 332 27.53 -26.55 45.53
C PHE K 332 27.71 -27.73 44.59
N ASN K 333 26.80 -27.88 43.63
CA ASN K 333 26.82 -29.09 42.83
C ASN K 333 27.83 -29.00 41.69
N ASP K 334 27.96 -27.84 41.05
CA ASP K 334 29.06 -27.63 40.09
C ASP K 334 30.39 -27.97 40.75
N MET K 335 30.66 -27.37 41.91
CA MET K 335 31.99 -27.55 42.54
C MET K 335 32.20 -28.99 43.02
N ILE K 336 31.15 -29.65 43.54
CA ILE K 336 31.36 -31.02 44.08
C ILE K 336 31.75 -31.94 42.90
N GLU K 337 31.20 -31.69 41.72
CA GLU K 337 31.56 -32.49 40.52
C GLU K 337 33.03 -32.24 40.16
N LYS K 338 33.46 -30.97 40.20
CA LYS K 338 34.86 -30.63 39.85
C LYS K 338 35.81 -31.23 40.89
N GLU K 339 35.33 -31.40 42.13
CA GLU K 339 36.18 -31.90 43.22
C GLU K 339 36.27 -33.44 43.20
N THR K 340 35.31 -34.12 42.57
CA THR K 340 35.29 -35.61 42.65
C THR K 340 35.20 -36.27 41.30
N SER K 341 34.78 -35.56 40.25
CA SER K 341 34.54 -36.19 38.92
C SER K 341 33.28 -37.07 39.01
N LEU K 342 32.57 -37.02 40.14
CA LEU K 342 31.29 -37.69 40.27
C LEU K 342 30.17 -36.71 39.94
N PRO K 343 29.02 -37.19 39.48
CA PRO K 343 27.90 -36.28 39.24
C PRO K 343 27.25 -35.83 40.54
N GLY K 344 26.75 -34.60 40.50
CA GLY K 344 26.15 -33.96 41.64
C GLY K 344 24.70 -34.34 41.84
N CYS K 345 24.03 -33.60 42.73
CA CYS K 345 22.72 -34.00 43.21
C CYS K 345 21.72 -34.05 42.05
N ASP K 346 20.99 -35.17 41.98
CA ASP K 346 20.03 -35.44 40.91
C ASP K 346 20.70 -35.42 39.53
N TRP K 347 22.01 -35.72 39.56
CA TRP K 347 22.83 -35.94 38.37
C TRP K 347 22.80 -34.73 37.43
N GLY K 348 22.78 -33.55 38.04
CA GLY K 348 22.79 -32.29 37.32
C GLY K 348 21.48 -31.57 37.34
N ARG K 349 20.40 -32.23 37.78
CA ARG K 349 19.10 -31.59 37.72
C ARG K 349 18.90 -30.59 38.84
N VAL K 350 19.61 -30.69 39.95
CA VAL K 350 19.56 -29.60 40.92
C VAL K 350 20.37 -28.43 40.40
N GLU K 351 21.55 -28.71 39.83
CA GLU K 351 22.37 -27.65 39.26
C GLU K 351 21.62 -26.93 38.13
N GLY K 352 20.98 -27.67 37.24
CA GLY K 352 20.27 -27.06 36.13
C GLY K 352 19.05 -26.26 36.58
N THR K 353 18.27 -26.83 37.49
CA THR K 353 17.20 -26.07 38.13
C THR K 353 17.75 -24.76 38.68
N ALA K 354 18.91 -24.82 39.32
CA ALA K 354 19.49 -23.63 39.94
C ALA K 354 19.93 -22.59 38.90
N VAL K 355 20.42 -23.05 37.75
CA VAL K 355 20.82 -22.12 36.70
C VAL K 355 19.62 -21.29 36.28
N GLY K 356 18.52 -21.94 35.90
CA GLY K 356 17.34 -21.21 35.46
C GLY K 356 16.69 -20.44 36.59
N PHE K 357 16.72 -20.99 37.80
CA PHE K 357 16.19 -20.31 38.97
C PHE K 357 16.98 -19.04 39.27
N SER K 358 18.32 -19.10 39.19
CA SER K 358 19.12 -17.89 39.34
C SER K 358 18.71 -16.86 38.29
N PHE K 359 18.69 -17.27 37.03
CA PHE K 359 18.28 -16.40 35.93
C PHE K 359 16.92 -15.77 36.18
N PHE K 360 15.92 -16.58 36.52
CA PHE K 360 14.57 -16.09 36.72
C PHE K 360 14.36 -15.51 38.11
N SER K 361 15.42 -15.30 38.90
CA SER K 361 15.34 -14.50 40.11
C SER K 361 16.30 -13.31 40.09
N HIS K 362 16.89 -13.00 38.91
CA HIS K 362 17.78 -11.86 38.74
C HIS K 362 17.60 -11.18 37.38
N SER K 363 16.47 -11.38 36.69
CA SER K 363 16.33 -10.91 35.31
C SER K 363 14.96 -10.29 35.08
N ILE K 364 14.75 -9.79 33.85
CA ILE K 364 13.48 -9.14 33.53
C ILE K 364 12.37 -10.11 33.13
N TYR K 365 12.68 -11.39 32.93
CA TYR K 365 11.81 -12.22 32.08
C TYR K 365 10.68 -12.93 32.80
N GLY K 366 10.73 -13.01 34.13
CA GLY K 366 9.70 -13.71 34.87
C GLY K 366 10.22 -14.05 36.25
N GLY K 367 9.64 -15.08 36.83
CA GLY K 367 10.04 -15.53 38.14
C GLY K 367 9.70 -14.50 39.21
N GLY K 368 10.71 -14.14 39.97
CA GLY K 368 10.55 -13.27 41.11
C GLY K 368 11.57 -13.63 42.18
N GLY K 369 11.29 -13.23 43.41
CA GLY K 369 12.09 -13.66 44.53
C GLY K 369 11.83 -15.12 44.84
N PRO K 370 12.74 -15.76 45.58
CA PRO K 370 12.59 -17.20 45.83
C PRO K 370 11.22 -17.61 46.34
N GLY K 371 10.55 -16.73 47.07
CA GLY K 371 9.31 -17.10 47.71
C GLY K 371 8.17 -17.42 46.76
N VAL K 372 8.23 -16.99 45.50
CA VAL K 372 7.15 -17.29 44.57
C VAL K 372 7.32 -18.63 43.87
N PHE K 373 8.47 -19.27 43.99
CA PHE K 373 8.65 -20.53 43.28
C PHE K 373 8.03 -21.67 44.05
N ASN K 374 7.97 -22.83 43.39
CA ASN K 374 7.34 -24.02 43.93
C ASN K 374 7.70 -25.17 42.98
N GLY K 375 7.44 -26.40 43.41
CA GLY K 375 7.83 -27.54 42.60
C GLY K 375 7.03 -27.74 41.33
N ASN K 376 5.93 -26.99 41.18
CA ASN K 376 5.15 -26.94 39.93
C ASN K 376 5.51 -25.74 39.06
N HIS K 377 6.34 -24.84 39.55
CA HIS K 377 6.76 -23.69 38.76
C HIS K 377 7.59 -24.18 37.59
N VAL K 378 7.36 -23.61 36.41
CA VAL K 378 8.12 -24.06 35.24
C VAL K 378 9.62 -23.95 35.48
N VAL K 379 10.06 -22.99 36.30
CA VAL K 379 11.50 -22.76 36.50
C VAL K 379 12.09 -23.80 37.43
N THR K 380 11.36 -24.19 38.49
CA THR K 380 11.95 -24.95 39.59
C THR K 380 11.37 -26.35 39.73
N ARG K 381 10.78 -26.92 38.67
CA ARG K 381 10.14 -28.23 38.77
C ARG K 381 11.07 -29.40 38.44
N HIS K 382 12.29 -29.15 37.97
CA HIS K 382 13.03 -30.14 37.19
C HIS K 382 13.72 -31.19 38.02
N SER K 383 14.07 -30.88 39.26
CA SER K 383 14.60 -31.88 40.17
C SER K 383 13.42 -32.55 40.86
N THR K 384 13.56 -33.87 41.09
CA THR K 384 12.51 -34.62 41.79
C THR K 384 12.65 -34.41 43.29
N GLY K 385 12.37 -33.19 43.71
CA GLY K 385 12.19 -32.87 45.11
C GLY K 385 13.41 -32.45 45.89
N MET K 386 14.55 -32.30 45.24
CA MET K 386 15.81 -32.03 45.92
C MET K 386 16.23 -30.57 45.84
N ALA K 387 15.41 -29.70 45.25
CA ALA K 387 15.73 -28.29 45.16
C ALA K 387 14.79 -27.42 45.97
N ILE K 388 13.48 -27.64 45.82
CA ILE K 388 12.51 -26.74 46.47
C ILE K 388 12.65 -26.73 47.99
N PRO K 389 12.92 -27.85 48.67
CA PRO K 389 13.13 -27.74 50.13
C PRO K 389 14.19 -26.71 50.50
N CYS K 390 15.29 -26.64 49.73
CA CYS K 390 16.29 -25.62 49.99
C CYS K 390 15.73 -24.21 49.77
N VAL K 391 14.87 -24.05 48.76
CA VAL K 391 14.28 -22.74 48.50
C VAL K 391 13.42 -22.32 49.69
N ALA K 392 12.58 -23.22 50.19
CA ALA K 392 11.72 -22.84 51.32
C ALA K 392 12.54 -22.49 52.54
N VAL K 393 13.62 -23.24 52.79
CA VAL K 393 14.53 -22.94 53.88
C VAL K 393 15.14 -21.55 53.74
N ALA K 394 15.64 -21.23 52.53
CA ALA K 394 16.19 -19.89 52.30
C ALA K 394 15.15 -18.82 52.57
N VAL K 395 13.91 -19.03 52.14
CA VAL K 395 12.85 -18.06 52.41
C VAL K 395 12.63 -17.89 53.91
N ALA K 396 12.71 -18.99 54.66
CA ALA K 396 12.50 -18.93 56.10
C ALA K 396 13.64 -18.17 56.78
N LEU K 397 14.86 -18.32 56.28
CA LEU K 397 16.03 -17.69 56.87
C LEU K 397 16.18 -16.21 56.54
N ASP K 398 15.39 -15.69 55.61
CA ASP K 398 15.51 -14.30 55.19
C ASP K 398 15.09 -13.38 56.33
N ALA K 399 15.90 -12.35 56.61
CA ALA K 399 15.58 -11.45 57.71
C ALA K 399 14.84 -10.20 57.26
N GLY K 400 14.48 -10.11 55.98
CA GLY K 400 13.68 -8.99 55.50
C GLY K 400 14.21 -8.32 54.25
N THR K 401 14.76 -9.07 53.30
CA THR K 401 15.31 -8.48 52.10
C THR K 401 14.34 -8.51 50.93
N GLN K 402 13.22 -9.23 51.07
CA GLN K 402 12.32 -9.56 49.98
C GLN K 402 11.15 -8.59 49.90
N MET K 403 10.67 -8.36 48.68
CA MET K 403 9.47 -7.56 48.48
C MET K 403 8.21 -8.34 48.79
N PHE K 404 8.13 -9.57 48.28
CA PHE K 404 6.98 -10.44 48.42
C PHE K 404 7.38 -11.50 49.44
N SER K 405 7.35 -11.09 50.71
CA SER K 405 7.79 -11.89 51.83
C SER K 405 6.70 -12.83 52.29
N PRO K 406 7.05 -13.80 53.13
CA PRO K 406 6.02 -14.74 53.63
C PRO K 406 4.89 -14.04 54.37
N GLU K 407 5.18 -12.97 55.12
CA GLU K 407 4.14 -12.30 55.86
C GLU K 407 3.18 -11.54 54.95
N SER K 408 3.62 -11.19 53.74
CA SER K 408 2.80 -10.42 52.81
C SER K 408 1.95 -11.28 51.88
N THR K 409 2.33 -12.54 51.66
CA THR K 409 1.61 -13.44 50.76
C THR K 409 0.97 -14.62 51.48
N SER K 410 1.36 -14.90 52.73
CA SER K 410 1.05 -16.16 53.37
C SER K 410 0.76 -15.98 54.86
N ALA K 411 0.47 -14.75 55.28
CA ALA K 411 0.16 -14.48 56.68
C ALA K 411 -0.87 -15.48 57.21
N ILE K 412 -1.93 -15.72 56.44
CA ILE K 412 -3.01 -16.60 56.88
C ILE K 412 -2.51 -18.03 57.06
N VAL K 413 -1.55 -18.45 56.25
CA VAL K 413 -1.07 -19.84 56.34
C VAL K 413 -0.47 -20.09 57.71
N LEU K 414 0.35 -19.14 58.17
CA LEU K 414 0.93 -19.23 59.50
C LEU K 414 -0.13 -19.53 60.54
N ASP K 415 -1.14 -18.65 60.65
CA ASP K 415 -2.17 -18.79 61.68
C ASP K 415 -2.97 -20.08 61.51
N THR K 416 -3.22 -20.49 60.26
CA THR K 416 -4.08 -21.65 60.05
C THR K 416 -3.41 -22.93 60.56
N PHE K 417 -2.11 -23.08 60.36
CA PHE K 417 -1.43 -24.32 60.72
C PHE K 417 -0.53 -24.15 61.95
N GLN K 418 -0.60 -23.00 62.62
CA GLN K 418 0.29 -22.73 63.75
C GLN K 418 0.09 -23.73 64.87
N ASP K 419 -1.10 -24.30 65.00
CA ASP K 419 -1.43 -25.21 66.09
C ASP K 419 -1.60 -26.65 65.62
N VAL K 420 -1.14 -26.98 64.43
CA VAL K 420 -1.29 -28.32 63.87
C VAL K 420 -0.03 -29.11 64.20
N PRO K 421 -0.11 -30.18 64.98
CA PRO K 421 1.12 -30.82 65.47
C PRO K 421 2.08 -31.27 64.38
N ILE K 422 1.57 -31.81 63.26
CA ILE K 422 2.45 -32.30 62.21
C ILE K 422 3.24 -31.18 61.57
N MET K 423 2.75 -29.94 61.65
CA MET K 423 3.51 -28.82 61.13
C MET K 423 4.39 -28.18 62.18
N MET K 424 4.04 -28.33 63.46
CA MET K 424 4.85 -27.73 64.52
C MET K 424 6.13 -28.51 64.75
N ASN K 425 6.08 -29.83 64.64
CA ASN K 425 7.22 -30.70 64.90
C ASN K 425 7.19 -31.86 63.91
N PRO K 426 7.37 -31.56 62.62
CA PRO K 426 7.34 -32.63 61.61
C PRO K 426 8.29 -33.78 61.91
N LEU K 427 9.53 -33.47 62.32
CA LEU K 427 10.52 -34.52 62.51
C LEU K 427 10.13 -35.42 63.69
N LYS K 428 9.61 -34.83 64.77
CA LYS K 428 9.18 -35.62 65.91
C LYS K 428 8.01 -36.51 65.55
N GLU K 429 7.07 -35.99 64.74
CA GLU K 429 5.88 -36.76 64.41
C GLU K 429 6.17 -37.88 63.42
N VAL K 430 7.11 -37.64 62.49
CA VAL K 430 7.52 -38.71 61.58
C VAL K 430 8.22 -39.83 62.36
N ALA K 431 9.09 -39.47 63.31
CA ALA K 431 9.74 -40.47 64.14
C ALA K 431 8.72 -41.21 65.01
N ALA K 432 7.79 -40.47 65.62
CA ALA K 432 6.80 -41.11 66.48
C ALA K 432 5.93 -42.10 65.72
N ALA K 433 5.71 -41.86 64.43
CA ALA K 433 4.80 -42.69 63.65
C ALA K 433 5.43 -44.01 63.24
N VAL K 434 6.74 -44.15 63.39
CA VAL K 434 7.42 -45.39 63.04
C VAL K 434 6.98 -46.49 64.02
N ALA L 2 41.25 -33.63 58.20
CA ALA L 2 40.12 -33.03 57.48
C ALA L 2 40.34 -33.18 55.97
N TYR L 3 39.26 -33.05 55.20
CA TYR L 3 39.35 -33.25 53.73
C TYR L 3 40.27 -32.21 53.10
N THR L 4 41.19 -32.66 52.24
CA THR L 4 42.08 -31.72 51.53
C THR L 4 41.51 -31.52 50.13
N PRO L 5 41.01 -30.33 49.79
CA PRO L 5 40.36 -30.09 48.46
C PRO L 5 41.37 -30.13 47.32
N GLN L 6 41.01 -30.78 46.20
CA GLN L 6 41.88 -30.77 44.99
C GLN L 6 41.29 -29.71 44.04
N TYR L 7 39.99 -29.43 44.16
CA TYR L 7 39.34 -28.32 43.39
C TYR L 7 39.14 -28.58 41.90
N TYR L 8 40.16 -29.00 41.17
CA TYR L 8 40.03 -29.03 39.71
C TYR L 8 41.16 -29.83 39.13
N PRO L 9 40.93 -30.54 38.02
CA PRO L 9 42.03 -31.30 37.41
C PRO L 9 42.91 -30.47 36.50
N GLY L 10 43.84 -31.11 35.80
CA GLY L 10 44.69 -30.45 34.83
C GLY L 10 46.06 -30.10 35.40
N SER L 11 47.07 -30.12 34.52
CA SER L 11 48.44 -29.91 34.94
C SER L 11 49.12 -28.67 34.37
N SER L 12 48.50 -27.99 33.41
CA SER L 12 49.11 -26.79 32.85
C SER L 12 49.08 -25.63 33.85
N HIS L 13 49.81 -24.57 33.52
CA HIS L 13 49.80 -23.41 34.39
C HIS L 13 48.45 -22.70 34.41
N VAL L 14 47.64 -22.88 33.36
CA VAL L 14 46.27 -22.39 33.39
C VAL L 14 45.46 -23.12 34.46
N ALA L 15 45.59 -24.45 34.51
CA ALA L 15 44.92 -25.20 35.56
C ALA L 15 45.43 -24.83 36.94
N VAL L 16 46.73 -24.57 37.06
CA VAL L 16 47.26 -24.08 38.32
C VAL L 16 46.62 -22.75 38.69
N ASN L 17 46.51 -21.84 37.73
CA ASN L 17 45.85 -20.56 38.00
C ASN L 17 44.41 -20.77 38.43
N ARG L 18 43.71 -21.70 37.77
CA ARG L 18 42.34 -21.99 38.16
C ARG L 18 42.27 -22.44 39.60
N ARG L 19 43.18 -23.30 40.02
CA ARG L 19 43.18 -23.73 41.42
C ARG L 19 43.53 -22.58 42.36
N LYS L 20 44.36 -21.63 41.91
CA LYS L 20 44.61 -20.44 42.74
C LYS L 20 43.35 -19.64 42.96
N HIS L 21 42.60 -19.38 41.89
CA HIS L 21 41.36 -18.64 42.04
C HIS L 21 40.39 -19.38 42.95
N MET L 22 40.23 -20.69 42.75
CA MET L 22 39.27 -21.43 43.57
C MET L 22 39.73 -21.46 45.03
N SER L 23 41.00 -21.73 45.28
CA SER L 23 41.51 -21.81 46.64
C SER L 23 41.70 -20.44 47.28
N GLY L 24 41.53 -19.37 46.52
CA GLY L 24 41.69 -18.03 47.06
C GLY L 24 43.13 -17.57 47.22
N ASP L 25 44.08 -18.29 46.64
CA ASP L 25 45.50 -17.97 46.78
C ASP L 25 45.93 -17.10 45.61
N VAL L 26 45.42 -15.87 45.61
CA VAL L 26 45.64 -14.95 44.51
C VAL L 26 46.50 -13.80 45.00
N GLU L 27 47.57 -13.51 44.26
CA GLU L 27 48.53 -12.49 44.64
C GLU L 27 47.90 -11.11 44.56
N LYS L 28 48.25 -10.26 45.53
CA LYS L 28 47.83 -8.87 45.47
C LYS L 28 48.76 -8.10 44.54
N LEU L 29 48.18 -7.39 43.58
CA LEU L 29 48.97 -6.66 42.60
C LEU L 29 48.78 -5.16 42.66
N ARG L 30 47.75 -4.66 43.32
CA ARG L 30 47.49 -3.23 43.33
C ARG L 30 46.70 -2.91 44.58
N THR L 31 46.64 -1.63 44.89
CA THR L 31 45.82 -1.11 45.97
C THR L 31 44.73 -0.22 45.38
N VAL L 32 43.52 -0.40 45.87
CA VAL L 32 42.38 0.46 45.53
C VAL L 32 41.81 0.96 46.85
N SER L 33 41.79 2.27 47.04
CA SER L 33 41.29 2.83 48.28
C SER L 33 39.79 2.54 48.45
N ASP L 34 39.40 2.39 49.72
CA ASP L 34 37.99 2.14 50.05
C ASP L 34 37.09 3.19 49.40
N ASP L 35 37.51 4.45 49.44
CA ASP L 35 36.68 5.52 48.90
C ASP L 35 36.66 5.50 47.37
N ASP L 36 37.78 5.14 46.73
CA ASP L 36 37.77 4.98 45.28
C ASP L 36 36.82 3.85 44.88
N LEU L 37 36.83 2.76 45.64
CA LEU L 37 36.01 1.62 45.30
C LEU L 37 34.54 1.91 45.51
N VAL L 38 34.20 2.58 46.62
CA VAL L 38 32.81 2.93 46.88
C VAL L 38 32.27 3.83 45.78
N ALA L 39 33.08 4.81 45.35
CA ALA L 39 32.64 5.69 44.28
C ALA L 39 32.44 4.94 42.97
N ALA L 40 33.31 3.97 42.70
CA ALA L 40 33.18 3.17 41.47
C ALA L 40 31.95 2.27 41.52
N LEU L 41 31.62 1.72 42.69
CA LEU L 41 30.46 0.83 42.79
C LEU L 41 29.14 1.59 42.67
N GLY L 42 29.11 2.85 43.10
CA GLY L 42 27.98 3.73 42.85
C GLY L 42 26.76 3.54 43.71
N HIS L 43 26.87 2.85 44.84
CA HIS L 43 25.71 2.60 45.67
C HIS L 43 25.53 3.60 46.80
N ARG L 44 26.57 4.35 47.15
CA ARG L 44 26.43 5.39 48.16
C ARG L 44 27.61 6.35 48.05
N ALA L 45 27.45 7.53 48.64
CA ALA L 45 28.51 8.51 48.61
C ALA L 45 29.67 8.03 49.50
N PRO L 46 30.91 8.25 49.09
CA PRO L 46 32.03 7.81 49.93
C PRO L 46 31.92 8.45 51.32
N GLY L 47 32.17 7.63 52.34
CA GLY L 47 32.07 8.07 53.72
C GLY L 47 30.68 8.07 54.30
N ALA L 48 29.64 7.97 53.46
CA ALA L 48 28.29 7.94 53.98
C ALA L 48 28.02 6.64 54.74
N ASP L 49 27.08 6.72 55.68
CA ASP L 49 26.61 5.52 56.35
C ASP L 49 26.07 4.51 55.34
N TYR L 50 26.07 3.24 55.73
CA TYR L 50 25.42 2.21 54.93
C TYR L 50 23.91 2.38 55.06
N PRO L 51 23.18 2.62 53.97
CA PRO L 51 21.72 2.51 54.04
C PRO L 51 21.34 1.10 54.45
N SER L 52 20.09 0.93 54.82
CA SER L 52 19.59 -0.36 55.25
C SER L 52 18.30 -0.72 54.53
N THR L 53 18.07 -2.03 54.42
CA THR L 53 16.82 -2.55 53.91
C THR L 53 15.92 -3.07 55.01
N HIS L 54 16.46 -3.45 56.17
CA HIS L 54 15.66 -3.80 57.33
C HIS L 54 16.49 -3.43 58.56
N PRO L 55 15.87 -3.41 59.73
CA PRO L 55 16.60 -3.01 60.94
C PRO L 55 17.69 -4.01 61.30
N PRO L 56 18.69 -3.60 62.08
CA PRO L 56 19.71 -4.56 62.52
C PRO L 56 19.07 -5.75 63.23
N LEU L 57 19.69 -6.92 63.07
CA LEU L 57 19.12 -8.13 63.65
C LEU L 57 18.96 -7.99 65.16
N ALA L 58 19.92 -7.32 65.81
CA ALA L 58 19.87 -7.21 67.27
C ALA L 58 18.66 -6.41 67.72
N GLU L 59 18.19 -5.47 66.89
CA GLU L 59 17.11 -4.56 67.28
C GLU L 59 15.73 -5.17 67.07
N MET L 60 15.58 -6.06 66.10
CA MET L 60 14.28 -6.63 65.80
C MET L 60 14.11 -8.07 66.28
N GLY L 61 15.18 -8.73 66.67
CA GLY L 61 15.06 -10.12 67.04
C GLY L 61 14.77 -10.97 65.81
N GLU L 62 14.72 -12.26 66.04
CA GLU L 62 14.65 -13.25 64.97
C GLU L 62 13.69 -14.35 65.40
N PRO L 63 13.11 -15.08 64.46
CA PRO L 63 12.30 -16.24 64.83
C PRO L 63 13.14 -17.27 65.58
N ASP L 64 12.44 -18.16 66.29
CA ASP L 64 13.10 -19.25 67.02
C ASP L 64 13.48 -20.32 66.00
N CYS L 65 14.70 -20.21 65.47
CA CYS L 65 15.13 -21.13 64.42
C CYS L 65 16.47 -21.75 64.79
N PRO L 66 16.58 -23.09 64.83
CA PRO L 66 17.88 -23.69 65.21
C PRO L 66 19.00 -23.37 64.23
N VAL L 67 18.67 -23.12 62.97
CA VAL L 67 19.69 -22.78 61.98
C VAL L 67 20.18 -21.36 62.21
N ARG L 68 19.26 -20.41 62.34
CA ARG L 68 19.68 -19.04 62.62
C ARG L 68 20.58 -19.02 63.85
N GLN L 69 20.27 -19.83 64.84
CA GLN L 69 21.03 -19.76 66.09
C GLN L 69 22.42 -20.37 65.98
N MET L 70 22.74 -21.19 64.96
CA MET L 70 24.11 -21.65 64.82
C MET L 70 24.85 -21.11 63.60
N VAL L 71 24.19 -20.35 62.74
CA VAL L 71 24.84 -19.77 61.57
C VAL L 71 25.06 -18.29 61.86
N GLU L 72 26.33 -17.90 61.93
CA GLU L 72 26.71 -16.52 62.21
C GLU L 72 26.34 -15.63 61.03
N PRO L 73 25.53 -14.58 61.22
CA PRO L 73 25.33 -13.59 60.16
C PRO L 73 26.61 -12.85 59.83
N THR L 74 26.78 -12.51 58.55
CA THR L 74 27.86 -11.63 58.17
C THR L 74 27.69 -10.28 58.85
N PRO L 75 28.73 -9.47 58.88
CA PRO L 75 28.57 -8.10 59.41
C PRO L 75 27.49 -7.30 58.70
N GLY L 76 27.43 -7.37 57.35
CA GLY L 76 26.40 -6.66 56.62
C GLY L 76 24.99 -7.13 56.96
N ALA L 77 24.84 -8.43 57.21
CA ALA L 77 23.52 -8.95 57.53
C ALA L 77 23.09 -8.54 58.92
N ALA L 78 24.01 -8.62 59.90
CA ALA L 78 23.69 -8.15 61.24
C ALA L 78 23.27 -6.69 61.20
N ALA L 79 23.91 -5.90 60.33
CA ALA L 79 23.61 -4.48 60.22
C ALA L 79 22.35 -4.16 59.41
N GLY L 80 21.86 -5.12 58.61
CA GLY L 80 20.69 -4.87 57.78
C GLY L 80 20.97 -4.16 56.48
N ASP L 81 22.21 -4.22 55.99
CA ASP L 81 22.55 -3.53 54.76
C ASP L 81 21.62 -3.95 53.64
N ARG L 82 21.46 -3.05 52.66
CA ARG L 82 20.95 -3.44 51.35
C ARG L 82 21.84 -4.53 50.77
N VAL L 83 21.24 -5.41 49.99
CA VAL L 83 21.99 -6.28 49.08
C VAL L 83 22.35 -5.44 47.86
N ARG L 84 23.63 -5.20 47.65
CA ARG L 84 24.16 -4.52 46.47
C ARG L 84 25.14 -5.48 45.77
N TYR L 85 25.86 -4.97 44.78
CA TYR L 85 26.56 -5.87 43.88
C TYR L 85 27.81 -5.23 43.30
N SER L 86 28.71 -6.10 42.85
CA SER L 86 29.78 -5.74 41.96
C SER L 86 29.66 -6.67 40.77
N GLN L 87 30.01 -6.15 39.60
CA GLN L 87 29.93 -6.91 38.38
C GLN L 87 31.12 -6.61 37.50
N PHE L 88 31.75 -7.67 37.00
CA PHE L 88 32.95 -7.58 36.21
C PHE L 88 32.75 -8.27 34.87
N THR L 89 33.35 -7.68 33.85
CA THR L 89 33.52 -8.25 32.53
C THR L 89 34.99 -8.51 32.26
N ASP L 90 35.28 -9.64 31.61
CA ASP L 90 36.64 -10.10 31.40
C ASP L 90 36.87 -10.47 29.95
N SER L 91 37.93 -9.95 29.37
CA SER L 91 38.24 -10.25 27.97
C SER L 91 38.61 -11.71 27.76
N MET L 92 38.16 -12.25 26.64
CA MET L 92 38.58 -13.60 26.26
C MET L 92 40.02 -13.59 25.74
N TYR L 93 40.63 -12.40 25.57
CA TYR L 93 42.02 -12.28 25.14
C TYR L 93 42.93 -12.38 26.36
N SER L 94 42.81 -13.53 27.01
CA SER L 94 43.70 -13.92 28.11
C SER L 94 43.60 -12.99 29.32
N ALA L 95 42.42 -12.48 29.61
CA ALA L 95 42.20 -11.88 30.93
C ALA L 95 42.53 -12.91 32.02
N PRO L 96 43.04 -12.44 33.16
CA PRO L 96 43.30 -13.41 34.26
C PRO L 96 42.09 -14.24 34.62
N SER L 97 40.92 -13.62 34.72
CA SER L 97 39.73 -14.28 35.22
C SER L 97 38.78 -14.69 34.10
N ILE L 98 38.08 -15.80 34.35
CA ILE L 98 37.00 -16.30 33.45
C ILE L 98 35.76 -16.36 34.35
N PRO L 99 34.53 -16.17 33.83
CA PRO L 99 33.36 -15.98 34.70
C PRO L 99 33.12 -17.08 35.74
N TYR L 100 33.12 -18.37 35.36
CA TYR L 100 32.79 -19.39 36.36
C TYR L 100 33.78 -19.36 37.52
N PHE L 101 35.06 -19.11 37.24
CA PHE L 101 36.03 -19.20 38.32
C PHE L 101 36.00 -17.98 39.22
N ARG L 102 35.48 -16.84 38.74
CA ARG L 102 35.16 -15.75 39.65
C ARG L 102 34.08 -16.16 40.61
N SER L 103 33.11 -16.93 40.11
CA SER L 103 32.04 -17.40 40.97
C SER L 103 32.53 -18.46 41.95
N TYR L 104 33.42 -19.36 41.49
CA TYR L 104 33.99 -20.32 42.43
C TYR L 104 34.82 -19.60 43.50
N TYR L 105 35.59 -18.58 43.10
CA TYR L 105 36.34 -17.80 44.08
C TYR L 105 35.42 -17.24 45.15
N ALA L 106 34.26 -16.72 44.73
CA ALA L 106 33.33 -16.14 45.69
C ALA L 106 32.71 -17.21 46.56
N ALA L 107 32.29 -18.31 45.95
CA ALA L 107 31.50 -19.31 46.65
C ALA L 107 32.36 -20.08 47.66
N ILE L 108 33.66 -20.20 47.37
CA ILE L 108 34.54 -20.99 48.22
C ILE L 108 35.06 -20.15 49.38
N ASN L 109 35.34 -18.88 49.13
CA ASN L 109 36.15 -18.09 50.03
C ASN L 109 35.41 -17.01 50.78
N PHE L 110 34.12 -16.80 50.53
CA PHE L 110 33.40 -15.70 51.14
C PHE L 110 32.06 -16.21 51.60
N ARG L 111 31.57 -15.65 52.72
CA ARG L 111 30.32 -16.07 53.32
C ARG L 111 29.16 -15.19 52.86
N GLY L 112 27.98 -15.79 52.78
CA GLY L 112 26.77 -15.05 52.48
C GLY L 112 26.83 -14.31 51.16
N VAL L 113 27.24 -14.99 50.09
CA VAL L 113 27.40 -14.38 48.77
C VAL L 113 26.45 -15.05 47.77
N ASP L 114 26.08 -14.28 46.75
CA ASP L 114 25.13 -14.71 45.72
C ASP L 114 25.79 -14.41 44.38
N PRO L 115 26.74 -15.25 43.96
CA PRO L 115 27.40 -15.03 42.67
C PRO L 115 26.58 -15.53 41.50
N GLY L 116 26.80 -14.90 40.34
CA GLY L 116 26.08 -15.25 39.13
C GLY L 116 27.04 -15.25 37.96
N THR L 117 27.03 -16.32 37.16
CA THR L 117 27.93 -16.43 36.02
C THR L 117 27.17 -16.28 34.69
N LEU L 118 27.73 -15.47 33.79
CA LEU L 118 27.26 -15.29 32.42
C LEU L 118 28.49 -15.15 31.55
N SER L 119 28.29 -15.15 30.22
CA SER L 119 29.45 -15.10 29.32
C SER L 119 30.13 -13.74 29.35
N GLY L 120 29.36 -12.66 29.38
CA GLY L 120 29.91 -11.32 29.29
C GLY L 120 29.87 -10.52 30.57
N ARG L 121 29.47 -11.13 31.68
CA ARG L 121 29.37 -10.46 32.95
C ARG L 121 29.38 -11.54 34.04
N GLN L 122 29.95 -11.19 35.18
CA GLN L 122 29.91 -12.02 36.36
C GLN L 122 29.56 -11.10 37.51
N ILE L 123 28.58 -11.48 38.32
CA ILE L 123 28.06 -10.61 39.36
C ILE L 123 28.23 -11.29 40.72
N VAL L 124 28.53 -10.49 41.73
CA VAL L 124 28.43 -10.93 43.11
C VAL L 124 27.50 -9.96 43.83
N GLU L 125 26.40 -10.50 44.35
CA GLU L 125 25.47 -9.77 45.21
C GLU L 125 25.69 -10.21 46.65
N ALA L 126 25.67 -9.26 47.57
CA ALA L 126 25.83 -9.56 49.00
C ALA L 126 25.40 -8.32 49.76
N ARG L 127 25.28 -8.45 51.08
CA ARG L 127 25.10 -7.27 51.90
C ARG L 127 26.20 -6.26 51.58
N GLU L 128 25.83 -4.98 51.49
CA GLU L 128 26.70 -3.99 50.84
C GLU L 128 28.14 -4.05 51.38
N ARG L 129 28.30 -4.05 52.69
CA ARG L 129 29.67 -3.99 53.22
C ARG L 129 30.42 -5.28 52.93
N ASP L 130 29.74 -6.42 52.96
CA ASP L 130 30.39 -7.68 52.60
C ASP L 130 30.73 -7.72 51.12
N MET L 131 29.82 -7.21 50.29
CA MET L 131 30.10 -7.11 48.85
C MET L 131 31.34 -6.28 48.59
N GLU L 132 31.48 -5.16 49.31
CA GLU L 132 32.65 -4.29 49.12
C GLU L 132 33.94 -5.04 49.45
N ALA L 133 33.94 -5.78 50.55
CA ALA L 133 35.13 -6.54 50.94
C ALA L 133 35.48 -7.55 49.87
N GLN L 134 34.48 -8.25 49.35
CA GLN L 134 34.73 -9.26 48.33
C GLN L 134 35.25 -8.64 47.05
N CYS L 135 34.66 -7.51 46.61
CA CYS L 135 35.10 -6.83 45.40
C CYS L 135 36.52 -6.31 45.57
N LYS L 136 36.81 -5.71 46.73
CA LYS L 136 38.16 -5.25 47.02
C LYS L 136 39.18 -6.35 46.82
N ALA L 137 38.93 -7.52 47.42
CA ALA L 137 39.86 -8.64 47.30
C ALA L 137 40.09 -9.01 45.84
N ALA L 138 39.01 -9.11 45.06
CA ALA L 138 39.14 -9.46 43.65
C ALA L 138 39.88 -8.39 42.88
N ILE L 139 39.50 -7.13 43.06
CA ILE L 139 40.02 -6.08 42.19
C ILE L 139 41.48 -5.77 42.50
N GLU L 140 41.93 -6.05 43.72
CA GLU L 140 43.33 -5.80 44.06
C GLU L 140 44.24 -6.96 43.68
N SER L 141 43.68 -8.11 43.32
CA SER L 141 44.46 -9.32 43.11
C SER L 141 44.79 -9.54 41.65
N GLU L 142 45.60 -10.58 41.43
CA GLU L 142 45.96 -10.98 40.07
C GLU L 142 44.76 -11.47 39.26
N MET L 143 43.59 -11.62 39.90
CA MET L 143 42.36 -11.92 39.18
C MET L 143 41.94 -10.78 38.26
N THR L 144 42.54 -9.60 38.40
CA THR L 144 42.14 -8.42 37.66
C THR L 144 43.32 -7.89 36.87
N CYS L 145 43.11 -7.62 35.60
CA CYS L 145 43.89 -6.65 34.85
C CYS L 145 42.96 -5.50 34.51
N PRO L 146 43.31 -4.25 34.80
CA PRO L 146 42.35 -3.14 34.57
C PRO L 146 42.12 -2.80 33.11
N ALA L 147 42.90 -3.36 32.19
CA ALA L 147 42.61 -3.22 30.78
C ALA L 147 41.73 -4.37 30.26
N LEU L 148 42.04 -5.60 30.68
CA LEU L 148 41.33 -6.78 30.20
C LEU L 148 40.07 -7.07 30.99
N ALA L 149 39.83 -6.35 32.07
CA ALA L 149 38.69 -6.57 32.94
C ALA L 149 38.26 -5.25 33.54
N GLY L 150 36.99 -5.15 33.88
CA GLY L 150 36.51 -3.93 34.51
C GLY L 150 35.14 -4.06 35.10
N LEU L 151 34.81 -3.12 35.99
CA LEU L 151 33.50 -3.05 36.61
C LEU L 151 32.47 -2.53 35.61
N ARG L 152 31.41 -3.31 35.38
CA ARG L 152 30.38 -2.93 34.41
C ARG L 152 29.06 -3.50 34.93
N GLY L 153 28.28 -2.65 35.62
CA GLY L 153 26.96 -3.03 36.08
C GLY L 153 25.88 -3.00 35.01
N CYS L 154 26.22 -2.52 33.82
CA CYS L 154 25.31 -2.46 32.69
C CYS L 154 26.14 -2.19 31.46
N THR L 155 25.58 -2.46 30.29
CA THR L 155 26.23 -2.23 29.00
C THR L 155 27.59 -2.91 28.97
N VAL L 156 27.56 -4.25 29.09
CA VAL L 156 28.76 -5.04 29.35
C VAL L 156 29.49 -5.45 28.10
N HIS L 157 28.88 -5.31 26.93
CA HIS L 157 29.42 -5.75 25.65
C HIS L 157 30.91 -5.51 25.58
N GLY L 158 31.65 -6.56 25.24
CA GLY L 158 33.08 -6.43 25.06
C GLY L 158 33.95 -7.64 25.32
N HIS L 159 33.47 -8.62 26.11
CA HIS L 159 34.36 -9.73 26.50
C HIS L 159 34.87 -10.47 25.28
N SER L 160 34.09 -10.47 24.20
CA SER L 160 34.35 -11.28 23.02
C SER L 160 34.85 -10.47 21.83
N LEU L 161 35.11 -9.19 22.05
CA LEU L 161 35.45 -8.24 20.99
C LEU L 161 36.97 -8.06 20.89
N ARG L 162 37.43 -7.69 19.70
CA ARG L 162 38.82 -7.27 19.54
C ARG L 162 39.13 -6.16 20.54
N LEU L 163 40.34 -6.17 21.09
CA LEU L 163 40.75 -5.13 22.01
C LEU L 163 40.98 -3.83 21.25
N ALA L 164 40.95 -2.71 21.97
CA ALA L 164 41.30 -1.46 21.31
C ALA L 164 42.80 -1.46 20.99
N GLU L 165 43.21 -0.52 20.12
CA GLU L 165 44.63 -0.47 19.75
C GLU L 165 45.53 -0.30 20.97
N ASP L 166 45.06 0.39 22.01
CA ASP L 166 45.83 0.57 23.23
C ASP L 166 45.63 -0.57 24.23
N GLY L 167 44.98 -1.66 23.83
CA GLY L 167 44.84 -2.83 24.69
C GLY L 167 43.69 -2.81 25.67
N MET L 168 42.92 -1.73 25.73
CA MET L 168 41.73 -1.68 26.57
C MET L 168 40.61 -2.50 25.93
N MET L 169 39.90 -3.25 26.77
CA MET L 169 38.69 -3.93 26.32
C MET L 169 37.63 -2.90 25.96
N PHE L 170 36.94 -3.14 24.84
CA PHE L 170 35.89 -2.22 24.44
C PHE L 170 34.85 -2.03 25.54
N ASP L 171 34.52 -0.77 25.80
CA ASP L 171 33.44 -0.37 26.70
C ASP L 171 32.61 0.68 25.96
N MET L 172 31.34 0.36 25.70
CA MET L 172 30.43 1.30 25.04
C MET L 172 30.43 2.62 25.78
N LEU L 173 30.49 2.57 27.10
CA LEU L 173 30.39 3.76 27.93
C LEU L 173 31.76 4.31 28.33
N GLN L 174 32.84 3.69 27.87
CA GLN L 174 34.21 4.12 28.17
C GLN L 174 34.35 4.62 29.62
N ARG L 175 34.03 3.72 30.56
CA ARG L 175 34.15 4.03 31.97
C ARG L 175 35.61 4.12 32.41
N THR L 176 36.52 3.59 31.60
CA THR L 176 37.95 3.59 31.88
C THR L 176 38.70 4.05 30.64
N HIS L 177 39.90 4.58 30.86
CA HIS L 177 40.79 4.97 29.78
C HIS L 177 42.19 5.05 30.36
N ILE L 178 43.18 4.98 29.48
CA ILE L 178 44.59 5.01 29.90
C ILE L 178 45.07 6.46 29.94
N GLU L 179 45.73 6.81 31.03
CA GLU L 179 46.43 8.08 31.17
C GLU L 179 47.84 7.76 31.64
N GLY L 180 48.84 8.09 30.81
CA GLY L 180 50.22 7.86 31.20
C GLY L 180 50.46 6.45 31.67
N GLY L 181 50.00 5.48 30.88
CA GLY L 181 50.21 4.09 31.18
C GLY L 181 49.37 3.51 32.29
N ASN L 182 48.61 4.32 33.01
CA ASN L 182 47.68 3.84 34.04
C ASN L 182 46.25 3.80 33.53
N VAL L 183 45.49 2.80 33.98
CA VAL L 183 44.05 2.75 33.72
C VAL L 183 43.34 3.62 34.74
N ILE L 184 42.57 4.59 34.27
CA ILE L 184 41.81 5.51 35.10
C ILE L 184 40.32 5.21 34.91
N GLU L 185 39.58 5.09 36.01
CA GLU L 185 38.12 4.96 35.98
C GLU L 185 37.55 6.28 36.47
N ASP L 186 36.73 6.93 35.64
CA ASP L 186 36.14 8.23 35.99
C ASP L 186 34.61 8.20 35.84
N LYS L 187 34.02 7.01 35.77
CA LYS L 187 32.58 6.80 35.82
C LYS L 187 32.31 5.62 36.73
N ASP L 188 31.13 5.62 37.36
CA ASP L 188 30.81 4.47 38.19
C ASP L 188 30.44 3.29 37.29
N GLN L 189 30.10 2.17 37.92
CA GLN L 189 29.99 0.94 37.15
C GLN L 189 28.75 0.92 36.26
N VAL L 190 27.80 1.82 36.46
CA VAL L 190 26.66 1.91 35.54
C VAL L 190 26.74 3.17 34.68
N GLY L 191 27.93 3.75 34.57
CA GLY L 191 28.19 4.75 33.56
C GLY L 191 27.98 6.18 34.00
N VAL L 192 27.76 6.43 35.27
CA VAL L 192 27.54 7.80 35.76
C VAL L 192 28.89 8.44 36.07
N PRO L 193 29.21 9.61 35.51
CA PRO L 193 30.50 10.22 35.81
C PRO L 193 30.65 10.47 37.30
N ILE L 194 31.87 10.27 37.80
CA ILE L 194 32.19 10.53 39.21
C ILE L 194 33.27 11.60 39.28
N ASP L 195 33.28 12.34 40.39
CA ASP L 195 34.17 13.49 40.56
C ASP L 195 35.56 13.09 41.04
N ARG L 196 36.03 11.89 40.69
CA ARG L 196 37.35 11.43 41.10
C ARG L 196 37.92 10.60 39.96
N LYS L 197 39.24 10.49 39.93
CA LYS L 197 39.95 9.68 38.94
C LYS L 197 40.55 8.50 39.67
N VAL L 198 39.92 7.34 39.57
CA VAL L 198 40.39 6.14 40.26
C VAL L 198 41.52 5.52 39.44
N ASN L 199 42.71 5.45 40.02
CA ASN L 199 43.88 4.88 39.36
C ASN L 199 43.91 3.38 39.65
N LEU L 200 43.71 2.57 38.62
CA LEU L 200 43.77 1.11 38.73
C LEU L 200 45.14 0.58 38.32
N GLY L 201 46.08 1.47 38.03
CA GLY L 201 47.43 1.06 37.77
C GLY L 201 47.62 0.58 36.34
N LYS L 202 48.78 -0.04 36.11
CA LYS L 202 49.13 -0.40 34.72
C LYS L 202 48.43 -1.68 34.24
N PRO L 203 48.07 -1.77 32.96
CA PRO L 203 47.52 -3.00 32.42
C PRO L 203 48.61 -4.04 32.47
N MET L 204 48.23 -5.30 32.57
CA MET L 204 49.23 -6.40 32.53
C MET L 204 49.84 -6.44 31.13
N SER L 205 51.12 -6.81 31.01
CA SER L 205 51.74 -6.99 29.66
C SER L 205 51.07 -8.20 28.98
N ASP L 206 51.10 -8.26 27.65
CA ASP L 206 50.51 -9.44 27.02
C ASP L 206 51.08 -10.73 27.61
N ALA L 207 52.41 -10.79 27.79
CA ALA L 207 53.02 -12.00 28.34
C ALA L 207 52.60 -12.27 29.78
N GLU L 208 52.48 -11.21 30.59
N GLU L 208 52.45 -11.20 30.57
CA GLU L 208 52.02 -11.42 31.96
CA GLU L 208 52.02 -11.36 31.98
C GLU L 208 50.60 -11.96 31.97
C GLU L 208 50.59 -11.91 32.01
N ALA L 209 49.73 -11.40 31.13
CA ALA L 209 48.34 -11.87 31.07
C ALA L 209 48.29 -13.36 30.77
N LYS L 210 49.09 -13.83 29.81
CA LYS L 210 49.03 -15.25 29.48
C LYS L 210 49.62 -16.12 30.60
N LYS L 211 50.56 -15.58 31.39
CA LYS L 211 51.07 -16.35 32.53
C LYS L 211 50.02 -16.46 33.63
N ARG L 212 49.14 -15.46 33.74
CA ARG L 212 48.18 -15.39 34.83
C ARG L 212 46.78 -15.84 34.45
N THR L 213 46.54 -16.17 33.18
CA THR L 213 45.17 -16.40 32.73
C THR L 213 44.67 -17.78 33.12
N THR L 214 43.37 -17.85 33.32
CA THR L 214 42.65 -19.08 33.53
C THR L 214 41.98 -19.60 32.26
N ILE L 215 42.05 -18.85 31.13
CA ILE L 215 41.38 -19.28 29.91
C ILE L 215 42.32 -20.17 29.11
N TYR L 216 41.76 -21.25 28.55
CA TYR L 216 42.44 -22.00 27.50
C TYR L 216 42.12 -21.44 26.12
N ARG L 217 43.15 -21.30 25.29
CA ARG L 217 42.92 -20.89 23.91
C ARG L 217 44.22 -21.09 23.14
N THR L 218 44.12 -20.97 21.81
CA THR L 218 45.20 -21.44 20.94
C THR L 218 46.46 -20.60 21.06
N ASP L 219 46.39 -19.38 21.57
CA ASP L 219 47.60 -18.58 21.72
C ASP L 219 48.22 -18.68 23.11
N GLY L 220 47.71 -19.56 23.97
CA GLY L 220 48.32 -19.81 25.26
C GLY L 220 48.41 -21.30 25.45
N VAL L 221 47.63 -21.82 26.39
CA VAL L 221 47.49 -23.25 26.58
C VAL L 221 46.30 -23.72 25.76
N LYS L 222 46.57 -24.52 24.72
CA LYS L 222 45.51 -25.07 23.87
C LYS L 222 44.63 -26.00 24.69
N TYR L 223 43.31 -25.78 24.64
CA TYR L 223 42.37 -26.64 25.35
C TYR L 223 42.51 -28.08 24.91
N ARG L 224 42.73 -28.29 23.61
CA ARG L 224 42.85 -29.62 23.06
C ARG L 224 43.90 -30.45 23.79
N ASP L 225 44.95 -29.79 24.29
CA ASP L 225 46.07 -30.48 24.92
C ASP L 225 45.86 -30.77 26.40
N GLU L 226 44.83 -30.18 27.01
CA GLU L 226 44.55 -30.41 28.45
C GLU L 226 43.66 -31.65 28.55
N GLU L 227 44.26 -32.83 28.44
CA GLU L 227 43.45 -34.05 28.36
C GLU L 227 42.84 -34.41 29.70
N GLU L 228 43.40 -33.95 30.81
CA GLU L 228 42.82 -34.23 32.12
C GLU L 228 41.48 -33.53 32.27
N VAL L 229 41.37 -32.29 31.78
CA VAL L 229 40.09 -31.58 31.84
C VAL L 229 39.08 -32.26 30.92
N LEU L 230 39.48 -32.61 29.71
CA LEU L 230 38.58 -33.33 28.82
C LEU L 230 38.11 -34.63 29.46
N ASP L 231 39.04 -35.42 30.03
CA ASP L 231 38.65 -36.63 30.73
C ASP L 231 37.60 -36.33 31.78
N HIS L 232 37.83 -35.29 32.58
CA HIS L 232 36.91 -34.95 33.66
C HIS L 232 35.53 -34.66 33.10
N VAL L 233 35.48 -33.88 32.02
CA VAL L 233 34.20 -33.53 31.42
C VAL L 233 33.48 -34.81 30.99
N HIS L 234 34.21 -35.68 30.29
CA HIS L 234 33.62 -36.93 29.80
C HIS L 234 33.08 -37.77 30.95
N LEU L 235 33.87 -37.97 32.01
CA LEU L 235 33.41 -38.81 33.11
C LEU L 235 32.11 -38.29 33.72
N VAL L 236 32.04 -36.98 33.96
CA VAL L 236 30.84 -36.44 34.58
C VAL L 236 29.64 -36.60 33.65
N HIS L 237 29.81 -36.31 32.37
CA HIS L 237 28.72 -36.50 31.41
C HIS L 237 28.29 -37.96 31.37
N HIS L 238 29.25 -38.88 31.28
CA HIS L 238 28.93 -40.31 31.16
C HIS L 238 28.15 -40.78 32.39
N ARG L 239 28.60 -40.39 33.57
CA ARG L 239 27.97 -40.83 34.80
C ARG L 239 26.59 -40.20 34.98
N ARG L 240 26.44 -38.92 34.59
CA ARG L 240 25.11 -38.32 34.59
C ARG L 240 24.17 -39.11 33.69
N THR L 241 24.67 -39.43 32.49
CA THR L 241 23.87 -40.19 31.54
C THR L 241 23.50 -41.54 32.13
N MET L 242 24.48 -42.25 32.66
CA MET L 242 24.24 -43.60 33.17
C MET L 242 23.23 -43.57 34.31
N TYR L 243 23.41 -42.66 35.27
CA TYR L 243 22.57 -42.73 36.45
C TYR L 243 21.16 -42.18 36.21
N GLY L 244 20.98 -41.31 35.21
CA GLY L 244 19.62 -40.91 34.85
C GLY L 244 18.83 -42.05 34.25
N TYR L 245 19.51 -42.96 33.56
CA TYR L 245 18.91 -44.22 33.15
C TYR L 245 18.59 -45.07 34.36
N ARG L 246 19.60 -45.43 35.15
CA ARG L 246 19.36 -46.14 36.41
C ARG L 246 20.44 -45.76 37.40
N PRO L 247 20.09 -45.29 38.59
CA PRO L 247 21.12 -44.86 39.56
C PRO L 247 21.74 -46.03 40.32
N GLU L 248 22.57 -46.79 39.61
CA GLU L 248 23.27 -47.94 40.17
C GLU L 248 24.48 -48.24 39.30
N THR L 249 25.47 -48.88 39.93
CA THR L 249 26.71 -49.15 39.23
C THR L 249 26.47 -49.95 37.95
N ALA L 250 25.45 -50.80 37.93
CA ALA L 250 25.21 -51.61 36.74
C ALA L 250 24.91 -50.75 35.52
N ALA L 251 24.44 -49.52 35.72
CA ALA L 251 24.13 -48.67 34.58
C ALA L 251 25.38 -48.24 33.80
N GLU L 252 26.56 -48.30 34.42
CA GLU L 252 27.79 -47.85 33.77
C GLU L 252 28.22 -48.76 32.63
N THR L 253 27.62 -49.95 32.50
CA THR L 253 27.87 -50.82 31.35
C THR L 253 26.56 -51.23 30.67
N ALA L 254 25.51 -50.44 30.86
CA ALA L 254 24.23 -50.72 30.20
C ALA L 254 24.40 -50.73 28.68
N PRO L 255 23.54 -51.45 27.97
CA PRO L 255 23.55 -51.36 26.51
C PRO L 255 23.40 -49.90 26.08
N GLY L 256 24.23 -49.50 25.13
CA GLY L 256 24.24 -48.15 24.63
C GLY L 256 25.43 -47.34 25.09
N VAL L 257 26.04 -47.70 26.22
CA VAL L 257 27.23 -46.97 26.67
C VAL L 257 28.34 -47.09 25.63
N GLY L 258 28.56 -48.31 25.15
CA GLY L 258 29.63 -48.56 24.22
C GLY L 258 30.99 -48.45 24.86
N PRO L 259 32.02 -48.45 24.05
CA PRO L 259 33.42 -48.52 24.55
C PRO L 259 33.97 -47.17 25.03
N VAL L 260 33.35 -46.60 26.07
CA VAL L 260 33.84 -45.33 26.58
C VAL L 260 35.26 -45.52 27.09
N THR L 261 36.13 -44.53 26.82
CA THR L 261 37.53 -44.60 27.19
C THR L 261 38.06 -43.20 27.46
N TYR L 262 39.13 -43.11 28.24
CA TYR L 262 39.64 -41.83 28.70
C TYR L 262 41.12 -41.73 28.38
N HIS L 263 41.65 -40.52 28.45
CA HIS L 263 43.02 -40.30 28.00
C HIS L 263 44.03 -40.64 29.09
N THR L 264 43.75 -40.24 30.33
CA THR L 264 44.75 -40.27 31.38
C THR L 264 44.37 -41.17 32.54
N VAL L 265 43.20 -41.80 32.49
CA VAL L 265 42.74 -42.73 33.50
C VAL L 265 42.04 -43.87 32.79
KR KR M . -17.63 -8.21 -45.50
KR KR N . 21.22 4.65 -31.68
KR KR O . -32.61 17.85 -39.21
KR KR P . 1.32 8.66 -28.09
KR KR Q . -14.08 3.74 -8.19
KR KR R . -21.06 7.32 -48.17
KR KR S . 27.00 6.29 -4.44
KR KR T . -25.03 -4.08 -17.66
MG MG U . -12.95 -15.39 -43.41
MG MG V . -44.82 -6.79 -24.16
C1 PGE W . 11.65 -2.13 -51.37
O1 PGE W . 12.13 -0.81 -51.46
C2 PGE W . 10.31 -2.19 -50.70
O2 PGE W . 10.45 -1.88 -49.31
C3 PGE W . 11.13 -2.89 -48.59
C4 PGE W . 10.52 -3.02 -47.23
O4 PGE W . 14.24 -2.62 -45.65
C6 PGE W . 13.25 -1.74 -45.14
C5 PGE W . 12.04 -1.68 -46.01
O3 PGE W . 11.55 -2.99 -46.24
H1 PGE W . 12.28 -2.66 -50.88
H12 PGE W . 11.58 -2.51 -52.26
HO1 PGE W . 12.88 -0.81 -51.85
H2 PGE W . 9.93 -3.08 -50.79
H22 PGE W . 9.70 -1.57 -51.12
H3 PGE W . 12.07 -2.66 -48.51
H32 PGE W . 11.08 -3.74 -49.06
H4 PGE W . 10.03 -3.85 -47.17
H42 PGE W . 9.89 -2.31 -47.08
HO4 PGE W . 13.87 -3.20 -46.13
H6 PGE W . 13.63 -0.85 -45.06
H62 PGE W . 12.99 -2.02 -44.25
H5 PGE W . 12.27 -1.25 -46.86
H52 PGE W . 11.36 -1.14 -45.59
C1 EDO X . -31.76 23.45 -2.26
O1 EDO X . -33.04 22.97 -1.96
C2 EDO X . -31.74 24.63 -3.16
O2 EDO X . -31.90 24.34 -4.52
H11 EDO X . -31.25 22.74 -2.68
H12 EDO X . -31.30 23.68 -1.44
HO1 EDO X . -32.98 22.29 -1.45
H21 EDO X . -30.91 25.10 -3.03
H22 EDO X . -32.45 25.24 -2.89
HO2 EDO X . -32.69 24.46 -4.75
CL CL Y . -43.33 7.46 -12.33
N TP7 Z . -9.78 23.41 -26.15
P TP7 Z . -9.14 27.93 -26.22
O1P TP7 Z . -9.28 28.27 -24.75
O2P TP7 Z . -7.74 28.04 -26.76
O3P TP7 Z . -10.17 28.62 -27.06
O4P TP7 Z . -9.51 26.34 -26.23
CB TP7 Z . -9.27 25.51 -27.37
C TP7 Z . -7.56 24.38 -25.97
O TP7 Z . -6.44 24.51 -26.51
OXT TP7 Z . -7.73 24.40 -24.72
CA TP7 Z . -8.76 24.15 -26.87
CG TP7 Z . -10.60 25.46 -28.18
O1 TP7 Z . -10.30 22.02 -27.86
C1 TP7 Z . -10.36 22.33 -26.67
C2 TP7 Z . -11.13 21.49 -25.68
C3 TP7 Z . -11.46 20.10 -26.23
C4 TP7 Z . -11.88 19.14 -25.09
C5 TP7 Z . -13.19 19.59 -24.40
C6 TP7 Z . -14.42 19.56 -25.33
C7 TP7 Z . -14.64 18.18 -25.94
S7 TP7 Z . -15.99 18.16 -27.17
NI F43 AA . -22.16 17.58 -20.87
NA F43 AA . -20.67 17.99 -19.49
CHA F43 AA . -19.49 15.91 -19.95
C1A F43 AA . -19.76 17.15 -19.15
C2A F43 AA . -19.07 17.51 -17.85
C3A F43 AA . -20.00 18.62 -17.35
C4A F43 AA . -20.48 19.22 -18.70
C5A F43 AA . -17.67 18.04 -18.15
C6A F43 AA . -16.95 18.44 -16.87
O7A F43 AA . -16.41 17.59 -16.19
N8A F43 AA . -16.91 19.67 -16.57
C9A F43 AA . -18.95 16.30 -16.90
CAA F43 AA . -21.16 18.13 -16.43
CBA F43 AA . -20.68 17.76 -15.00
CCA F43 AA . -21.73 18.13 -13.96
ODA F43 AA . -21.35 18.92 -13.07
OEA F43 AA . -22.91 17.68 -14.03
NB F43 AA . -22.80 19.54 -20.70
CHB F43 AA . -21.76 20.06 -18.59
C1B F43 AA . -22.10 20.62 -19.97
C2B F43 AA . -23.07 21.81 -19.99
C3B F43 AA . -24.40 21.19 -20.36
C4B F43 AA . -23.93 19.94 -21.06
N5B F43 AA . -20.91 21.20 -20.62
C6B F43 AA . -21.11 22.41 -21.12
O7B F43 AA . -20.25 23.17 -21.56
C8B F43 AA . -22.59 22.77 -21.07
C9B F43 AA . -23.10 22.58 -18.67
CAB F43 AA . -25.27 20.80 -19.14
CBB F43 AA . -26.57 20.10 -19.57
CCB F43 AA . -27.58 20.09 -18.44
ODB F43 AA . -27.97 18.99 -17.92
OEB F43 AA . -27.98 21.23 -18.09
NC F43 AA . -23.83 17.07 -21.94
CHC F43 AA . -24.82 19.24 -22.02
C1C F43 AA . -24.79 17.94 -22.32
C2C F43 AA . -25.85 17.32 -23.20
C3C F43 AA . -25.53 15.85 -23.03
C4C F43 AA . -24.17 15.84 -22.37
C5C F43 AA . -25.59 17.76 -24.65
C6C F43 AA . -26.66 17.21 -25.58
O7C F43 AA . -27.84 17.49 -25.32
O8C F43 AA . -26.35 16.51 -26.57
C8C F43 AA . -26.50 15.15 -22.05
C9C F43 AA . -27.95 15.09 -22.58
CAC F43 AA . -28.87 14.18 -21.77
OBC F43 AA . -29.94 13.83 -22.33
OCC F43 AA . -28.54 13.80 -20.61
ND F43 AA . -21.78 15.57 -20.68
CHD F43 AA . -23.45 14.69 -22.19
C5D F43 AA . -21.86 12.23 -21.93
C6D F43 AA . -23.25 12.10 -22.54
C7D F43 AA . -23.78 13.47 -22.96
O8D F43 AA . -24.48 13.49 -23.99
C9D F43 AA . -20.12 12.73 -19.00
CAD F43 AA . -19.60 11.36 -19.42
OBD F43 AA . -19.60 10.39 -18.59
OCD F43 AA . -19.18 11.23 -20.61
C1D F43 AA . -22.43 14.57 -21.29
C2D F43 AA . -21.91 13.25 -20.80
C3D F43 AA . -20.55 13.60 -20.18
C4D F43 AA . -20.74 15.06 -19.76
C1 PEG BA . -13.50 23.12 9.15
O1 PEG BA . -12.84 22.39 10.16
C2 PEG BA . -14.72 22.41 8.65
O2 PEG BA . -14.36 21.31 7.84
C3 PEG BA . -15.19 20.17 8.03
C4 PEG BA . -14.46 19.12 8.79
O4 PEG BA . -15.30 18.05 9.19
H11 PEG BA . -12.90 23.27 8.40
H12 PEG BA . -13.74 23.99 9.49
HO1 PEG BA . -12.15 22.81 10.41
H21 PEG BA . -15.27 23.03 8.15
H22 PEG BA . -15.25 22.11 9.40
H31 PEG BA . -15.48 19.83 7.18
H32 PEG BA . -16.00 20.43 8.51
H41 PEG BA . -14.04 19.52 9.58
H42 PEG BA . -13.73 18.77 8.24
HO4 PEG BA . -14.85 17.48 9.60
C1 EDO CA . -38.41 -5.93 -27.90
O1 EDO CA . -39.35 -6.73 -27.22
C2 EDO CA . -38.93 -5.31 -29.13
O2 EDO CA . -38.52 -5.97 -30.31
H11 EDO CA . -37.63 -6.47 -28.11
H12 EDO CA . -38.10 -5.23 -27.29
HO1 EDO CA . -39.01 -7.07 -26.53
H21 EDO CA . -38.64 -4.38 -29.17
H22 EDO CA . -39.91 -5.30 -29.09
HO2 EDO CA . -38.84 -5.59 -30.98
C1 EDO DA . -22.76 -12.66 -52.43
O1 EDO DA . -22.40 -12.91 -51.08
C2 EDO DA . -21.73 -11.89 -53.18
O2 EDO DA . -22.25 -10.73 -53.79
H11 EDO DA . -23.60 -12.17 -52.44
H12 EDO DA . -22.92 -13.50 -52.88
HO1 EDO DA . -22.25 -12.18 -50.69
H21 EDO DA . -21.34 -12.46 -53.85
H22 EDO DA . -21.02 -11.64 -52.57
HO2 EDO DA . -22.57 -10.22 -53.21
C1 GOL EA . 15.85 -15.36 -18.04
O1 GOL EA . 14.50 -15.77 -18.23
C2 GOL EA . 15.98 -14.36 -16.91
O2 GOL EA . 17.10 -13.50 -17.13
C3 GOL EA . 16.09 -15.01 -15.54
O3 GOL EA . 16.48 -14.08 -14.55
H11 GOL EA . 16.18 -14.96 -18.87
H12 GOL EA . 16.41 -16.13 -17.86
HO1 GOL EA . 14.02 -15.09 -18.39
H2 GOL EA . 15.16 -13.85 -16.90
HO2 GOL EA . 16.93 -13.01 -17.79
H31 GOL EA . 16.72 -15.74 -15.58
H32 GOL EA . 15.23 -15.40 -15.30
HO3 GOL EA . 16.53 -14.46 -13.81
C1 COM FA . -21.82 18.74 -23.92
C2 COM FA . -21.46 20.21 -23.92
S1 COM FA . -20.67 17.87 -22.82
S2 COM FA . -22.69 21.23 -24.74
O1S COM FA . -22.98 20.66 -26.06
O2S COM FA . -23.95 21.24 -23.94
O3S COM FA . -22.12 22.61 -24.86
KR KR GA . -1.45 47.58 -33.78
CL CL HA . -18.84 23.86 -62.93
C1 EDO IA . -43.40 15.24 -60.56
O1 EDO IA . -43.72 15.16 -59.19
C2 EDO IA . -42.49 14.18 -61.04
O2 EDO IA . -41.60 14.59 -62.06
H11 EDO IA . -42.98 16.10 -60.73
H12 EDO IA . -44.23 15.21 -61.08
HO1 EDO IA . -43.02 15.09 -58.74
H21 EDO IA . -43.02 13.45 -61.38
H22 EDO IA . -41.98 13.83 -60.30
HO2 EDO IA . -41.11 13.96 -62.29
KR KR JA . -44.46 28.40 -18.72
NA NA KA . -36.29 2.23 -50.08
CL CL LA . -6.66 22.40 -61.39
C1 GOL MA . -37.01 7.09 -60.18
O1 GOL MA . -37.34 7.70 -61.42
C2 GOL MA . -35.91 6.07 -60.33
O2 GOL MA . -34.73 6.51 -59.66
C3 GOL MA . -36.28 4.69 -59.86
O3 GOL MA . -35.18 3.79 -59.93
H11 GOL MA . -37.80 6.66 -59.81
H12 GOL MA . -36.74 7.77 -59.55
HO1 GOL MA . -37.96 8.26 -61.30
H2 GOL MA . -35.73 6.00 -61.30
HO2 GOL MA . -34.64 7.35 -59.76
H31 GOL MA . -37.01 4.34 -60.42
H32 GOL MA . -36.60 4.73 -58.95
HO3 GOL MA . -34.47 4.21 -59.79
C1 GOL NA . -40.61 35.53 -42.52
O1 GOL NA . -40.16 34.21 -42.22
C2 GOL NA . -40.32 36.49 -41.39
O2 GOL NA . -40.20 37.81 -41.89
C3 GOL NA . -41.35 36.43 -40.28
O3 GOL NA . -40.89 37.09 -39.11
H11 GOL NA . -41.56 35.52 -42.71
H12 GOL NA . -40.17 35.84 -43.33
HO1 GOL NA . -39.44 34.24 -41.80
H2 GOL NA . -39.47 36.20 -41.00
HO2 GOL NA . -39.46 38.14 -41.66
H31 GOL NA . -41.55 35.50 -40.07
H32 GOL NA . -42.17 36.84 -40.59
HO3 GOL NA . -40.69 36.52 -38.52
K K OA . 2.82 13.18 -16.17
KR KR PA . 24.93 42.27 3.98
KR KR QA . -13.09 32.99 -13.91
KR KR RA . 5.94 25.30 -13.39
KR KR SA . 42.49 28.61 -17.19
KR KR TA . 15.97 4.41 -2.49
KR KR UA . -23.88 7.11 -12.62
MG MG VA . 19.15 42.24 10.03
C1 GOL WA . -27.35 28.10 -5.75
O1 GOL WA . -27.97 29.38 -5.65
C2 GOL WA . -26.35 27.87 -4.63
O2 GOL WA . -25.32 26.99 -5.07
C3 GOL WA . -26.99 27.35 -3.36
O3 GOL WA . -26.02 27.20 -2.32
H11 GOL WA . -26.90 28.03 -6.61
H12 GOL WA . -28.03 27.41 -5.73
HO1 GOL WA . -28.51 29.48 -6.28
H2 GOL WA . -25.98 28.75 -4.42
HO2 GOL WA . -25.48 26.22 -4.80
H31 GOL WA . -27.41 26.49 -3.54
H32 GOL WA . -27.69 27.95 -3.08
HO3 GOL WA . -26.41 26.92 -1.63
C1 PGE XA . -0.53 50.93 -8.07
O1 PGE XA . -0.66 50.85 -9.48
C2 PGE XA . -0.33 49.58 -7.44
O2 PGE XA . -1.50 48.79 -7.61
C3 PGE XA . -1.40 47.52 -6.98
C4 PGE XA . -2.31 46.55 -7.66
O4 PGE XA . -6.02 47.91 -8.77
C6 PGE XA . -5.94 46.69 -8.06
C5 PGE XA . -4.58 46.08 -8.12
O3 PGE XA . -3.66 46.87 -7.38
H1 PGE XA . -1.32 51.34 -7.69
H12 PGE XA . 0.22 51.49 -7.85
HO1 PGE XA . -0.77 51.62 -9.79
H2 PGE XA . -0.13 49.68 -6.50
H22 PGE XA . 0.43 49.14 -7.85
H3 PGE XA . -1.65 47.59 -6.04
H32 PGE XA . -0.48 47.21 -7.00
H4 PGE XA . -2.11 45.64 -7.36
H42 PGE XA . -2.15 46.57 -8.62
HO4 PGE XA . -6.81 48.22 -8.70
H6 PGE XA . -6.59 46.07 -8.41
H62 PGE XA . -6.18 46.84 -7.12
H5 PGE XA . -4.29 46.02 -9.04
H52 PGE XA . -4.60 45.18 -7.77
N TP7 YA . 18.83 18.73 -25.12
P TP7 YA . 18.91 18.01 -29.61
O1P TP7 YA . 18.80 16.51 -29.69
O2P TP7 YA . 17.70 18.77 -30.08
O3P TP7 YA . 20.19 18.56 -30.22
O4P TP7 YA . 19.02 18.24 -28.01
CB TP7 YA . 18.91 19.57 -27.43
C TP7 YA . 16.79 18.72 -26.44
O TP7 YA . 15.82 19.38 -26.87
OXT TP7 YA . 16.71 17.47 -26.24
CA TP7 YA . 18.09 19.44 -26.15
CG TP7 YA . 20.30 20.15 -27.15
O1 TP7 YA . 19.43 20.52 -23.88
C1 TP7 YA . 19.32 19.30 -24.03
C2 TP7 YA . 19.73 18.37 -22.93
C3 TP7 YA . 19.82 19.13 -21.62
C4 TP7 YA . 19.89 18.15 -20.44
C5 TP7 YA . 21.10 17.20 -20.45
C6 TP7 YA . 22.45 17.94 -20.33
C7 TP7 YA . 22.52 18.84 -19.09
S7 TP7 YA . 24.15 19.65 -18.93
C1 COM ZA . 29.11 15.49 -17.88
C2 COM ZA . 29.05 15.19 -19.37
S1 COM ZA . 27.68 14.79 -17.06
S2 COM ZA . 30.59 15.64 -20.20
O1S COM ZA . 30.29 15.55 -21.66
O2S COM ZA . 31.60 14.54 -19.90
O3S COM ZA . 31.02 16.96 -19.68
NI F43 AB . 28.71 12.64 -16.12
NA F43 AB . 27.03 11.47 -16.59
CHA F43 AB . 25.66 12.54 -14.88
C1A F43 AB . 25.96 11.47 -15.90
C2A F43 AB . 25.06 10.28 -16.18
C3A F43 AB . 26.04 9.40 -16.97
C4A F43 AB . 26.90 10.49 -17.68
C5A F43 AB . 23.85 10.70 -17.03
C6A F43 AB . 22.95 9.51 -17.33
O7A F43 AB . 22.12 9.12 -16.53
N8A F43 AB . 23.13 8.95 -18.45
C9A F43 AB . 24.58 9.66 -14.84
CAA F43 AB . 26.92 8.43 -16.14
CBA F43 AB . 26.12 7.20 -15.64
CCA F43 AB . 26.97 5.92 -15.68
ODA F43 AB . 26.60 4.93 -16.36
OEA F43 AB . 28.03 5.92 -15.01
NB F43 AB . 29.59 12.00 -17.86
CHB F43 AB . 28.27 10.02 -18.21
C1B F43 AB . 28.97 11.19 -18.91
C2B F43 AB . 30.12 10.83 -19.84
C3B F43 AB . 31.39 11.10 -19.03
C4B F43 AB . 30.85 12.11 -18.06
N5B F43 AB . 28.05 11.93 -19.77
C6B F43 AB . 28.55 12.15 -20.99
O7B F43 AB . 27.95 12.56 -21.97
C8B F43 AB . 30.02 11.78 -21.05
C9B F43 AB . 30.08 9.41 -20.41
CAB F43 AB . 31.91 9.90 -18.26
CBB F43 AB . 33.15 10.23 -17.41
CCB F43 AB . 33.89 8.93 -17.12
ODB F43 AB . 34.35 8.26 -18.08
OEB F43 AB . 34.02 8.59 -15.92
NC F43 AB . 30.43 13.56 -15.45
CHC F43 AB . 31.75 13.01 -17.35
C1C F43 AB . 31.56 13.58 -16.15
C2C F43 AB . 32.65 14.36 -15.47
C3C F43 AB . 32.10 14.53 -14.07
C4C F43 AB . 30.64 14.15 -14.23
C5C F43 AB . 32.78 15.69 -16.23
C6C F43 AB . 33.91 16.51 -15.65
O7C F43 AB . 35.06 16.02 -15.62
O8C F43 AB . 33.65 17.66 -15.21
C8C F43 AB . 32.71 13.56 -13.02
C9C F43 AB . 34.19 13.88 -12.77
CAC F43 AB . 34.78 13.07 -11.64
OBC F43 AB . 35.89 13.45 -11.17
OCC F43 AB . 34.17 12.08 -11.21
ND F43 AB . 28.00 12.97 -14.24
CHD F43 AB . 29.73 14.31 -13.24
C5D F43 AB . 27.66 14.73 -11.12
C6D F43 AB . 29.10 15.19 -10.84
C7D F43 AB . 29.95 15.24 -12.11
O8D F43 AB . 30.82 16.10 -12.17
C9D F43 AB . 25.54 12.09 -11.58
CAD F43 AB . 24.91 12.82 -10.43
OBD F43 AB . 24.62 12.21 -9.37
OCD F43 AB . 24.67 14.04 -10.56
C1D F43 AB . 28.56 13.64 -13.23
C2D F43 AB . 27.71 13.49 -11.99
C3D F43 AB . 26.35 13.02 -12.52
C4D F43 AB . 26.73 12.33 -13.83
C1 PGE BB . 21.75 31.98 12.73
O1 PGE BB . 20.78 31.15 13.34
C2 PGE BB . 22.20 31.43 11.41
O2 PGE BB . 23.15 30.40 11.61
C3 PGE BB . 22.63 29.11 11.26
C4 PGE BB . 23.71 28.28 10.65
O4 PGE BB . 26.29 27.46 13.99
C6 PGE BB . 26.15 26.64 12.85
C5 PGE BB . 24.83 26.84 12.17
O3 PGE BB . 24.78 28.14 11.58
H1 PGE BB . 22.52 32.06 13.32
H12 PGE BB . 21.38 32.87 12.61
HO1 PGE BB . 20.55 31.49 14.08
H2 PGE BB . 22.60 32.14 10.88
H22 PGE BB . 21.43 31.11 10.91
H3 PGE BB . 21.89 29.20 10.64
H32 PGE BB . 22.27 28.67 12.05
H4 PGE BB . 24.03 28.71 9.84
H42 PGE BB . 23.37 27.41 10.40
HO4 PGE BB . 27.04 27.32 14.34
H6 PGE BB . 26.23 25.71 13.11
H62 PGE BB . 26.86 26.82 12.22
H5 PGE BB . 24.11 26.74 12.81
H52 PGE BB . 24.70 26.16 11.49
C1 EDO CB . 9.84 26.36 10.44
O1 EDO CB . 10.97 26.17 11.27
C2 EDO CB . 10.16 26.35 9.00
O2 EDO CB . 9.01 26.34 8.17
H11 EDO CB . 9.41 27.19 10.67
H12 EDO CB . 9.20 25.64 10.62
HO1 EDO CB . 10.74 26.18 12.07
H21 EDO CB . 10.70 25.57 8.79
H22 EDO CB . 10.70 27.13 8.79
HO2 EDO CB . 9.09 25.74 7.59
C1 EDO DB . 16.76 27.03 11.10
O1 EDO DB . 16.76 25.80 11.81
C2 EDO DB . 17.68 27.03 9.95
O2 EDO DB . 18.83 27.83 10.16
H11 EDO DB . 17.00 27.75 11.71
H12 EDO DB . 15.86 27.21 10.79
HO1 EDO DB . 16.22 25.84 12.45
H21 EDO DB . 17.21 27.36 9.17
H22 EDO DB . 17.96 26.13 9.75
HO2 EDO DB . 19.07 27.77 10.96
C1 EDO EB . -1.76 13.01 0.91
O1 EDO EB . -2.72 13.71 0.14
C2 EDO EB . -2.36 12.03 1.85
O2 EDO EB . -3.24 11.10 1.25
H11 EDO EB . -1.24 13.65 1.41
H12 EDO EB . -1.16 12.54 0.32
HO1 EDO EB . -2.33 14.24 -0.38
H21 EDO EB . -2.84 12.51 2.55
H22 EDO EB . -1.64 11.54 2.29
HO2 EDO EB . -3.97 11.48 1.07
C1 PEG FB . 42.45 23.26 8.80
O1 PEG FB . 43.07 24.21 7.97
C2 PEG FB . 42.07 22.02 8.06
O2 PEG FB . 42.47 20.88 8.81
C3 PEG FB . 41.60 20.62 9.92
C4 PEG FB . 42.16 19.52 10.74
O4 PEG FB . 43.20 19.95 11.59
H11 PEG FB . 41.65 23.65 9.20
H12 PEG FB . 43.04 23.02 9.54
HO1 PEG FB . 43.27 24.89 8.42
H21 PEG FB . 42.51 22.01 7.20
H22 PEG FB . 41.12 22.00 7.91
H31 PEG FB . 40.71 20.39 9.60
H32 PEG FB . 41.51 21.43 10.46
H41 PEG FB . 42.49 18.81 10.16
H42 PEG FB . 41.45 19.13 11.28
HO4 PEG FB . 43.48 19.29 12.04
KR KR GB . 16.31 22.77 -51.36
CL CL HB . 34.80 52.57 -29.64
C1 PEG IB . 11.42 11.41 -42.38
O1 PEG IB . 10.74 11.41 -41.13
C2 PEG IB . 10.98 10.29 -43.26
O2 PEG IB . 11.36 9.04 -42.69
C3 PEG IB . 12.46 8.43 -43.36
C4 PEG IB . 13.27 7.64 -42.37
O4 PEG IB . 13.54 8.37 -41.19
H11 PEG IB . 12.37 11.35 -42.22
H12 PEG IB . 11.27 12.25 -42.83
HO1 PEG IB . 11.01 12.05 -40.67
H21 PEG IB . 11.38 10.38 -44.14
H22 PEG IB . 10.02 10.31 -43.39
H31 PEG IB . 13.01 9.11 -43.78
H32 PEG IB . 12.13 7.85 -44.06
H41 PEG IB . 14.11 7.38 -42.78
H42 PEG IB . 12.80 6.83 -42.15
HO4 PEG IB . 12.96 8.97 -41.09
KR KR JB . 51.57 5.01 -21.93
KR KR KB . 50.81 9.02 -17.66
CL CL LB . 22.59 53.38 -30.40
C1 EDO MB . 53.08 2.07 -38.25
O1 EDO MB . 52.71 1.70 -36.94
C2 EDO MB . 52.65 1.10 -39.28
O2 EDO MB . 53.15 -0.20 -39.06
H11 EDO MB . 54.05 2.16 -38.28
H12 EDO MB . 52.71 2.95 -38.45
HO1 EDO MB . 52.98 2.28 -36.39
H21 EDO MB . 52.94 1.41 -40.14
H22 EDO MB . 51.67 1.07 -39.30
HO2 EDO MB . 52.87 -0.71 -39.67
K K NB . -2.84 -13.42 16.09
KR KR OB . -36.28 5.03 33.13
KR KR PB . -9.78 -9.30 26.06
KR KR QB . -43.99 -22.56 22.04
KR KR RB . -38.53 -10.93 34.65
KR KR SB . -15.71 -6.02 1.29
KR KR TB . 5.88 -2.80 37.51
KR KR UB . -30.38 0.29 4.89
MG MG VB . -32.12 12.45 32.81
C1 PGE WB . -35.29 10.51 15.81
O1 PGE WB . -35.67 11.40 16.83
C2 PGE WB . -33.95 9.89 16.04
O2 PGE WB . -33.90 9.32 17.34
C3 PGE WB . -32.60 9.33 17.90
C4 PGE WB . -32.69 9.14 19.38
O4 PGE WB . -32.54 12.74 21.50
C6 PGE WB . -31.75 11.63 21.85
C5 PGE WB . -32.36 10.34 21.41
O3 PGE WB . -32.71 10.41 20.03
H1 PGE WB . -35.28 10.99 14.96
H12 PGE WB . -35.96 9.81 15.72
HO1 PGE WB . -35.21 11.23 17.53
H2 PGE WB . -33.26 10.56 15.95
H22 PGE WB . -33.78 9.21 15.37
H3 PGE WB . -32.16 10.17 17.71
H32 PGE WB . -32.07 8.62 17.51
H4 PGE WB . -31.94 8.62 19.70
H42 PGE WB . -33.49 8.65 19.61
HO4 PGE WB . -33.00 12.56 20.81
H6 PGE WB . -31.64 11.61 22.82
H62 PGE WB . -30.87 11.72 21.46
H5 PGE WB . -33.15 10.14 21.94
H52 PGE WB . -31.73 9.61 21.54
C1 EDO XB . -31.44 -14.98 -14.28
O1 EDO XB . -32.76 -15.10 -13.81
C2 EDO XB . -30.42 -15.42 -13.29
O2 EDO XB . -29.30 -16.05 -13.90
H11 EDO XB . -31.27 -14.05 -14.51
H12 EDO XB . -31.34 -15.49 -15.09
HO1 EDO XB . -32.79 -14.88 -12.99
H21 EDO XB . -30.83 -16.04 -12.67
H22 EDO XB . -30.11 -14.65 -12.80
HO2 EDO XB . -28.70 -15.49 -14.03
CL CL YB . -43.20 -13.17 -7.22
C1 COM ZB . -27.59 -22.01 12.93
C2 COM ZB . -27.09 -23.44 13.08
S1 COM ZB . -26.26 -20.94 12.34
S2 COM ZB . -28.49 -24.57 13.37
O1S COM ZB . -29.39 -23.99 14.38
O2S COM ZB . -29.23 -24.68 12.09
O3S COM ZB . -27.91 -25.90 13.81
N TP7 AC . -17.29 -25.27 20.18
P TP7 AC . -16.22 -29.65 20.63
O1P TP7 AC . -15.69 -30.01 19.26
O2P TP7 AC . -15.16 -29.57 21.73
O3P TP7 AC . -17.44 -30.47 21.03
O4P TP7 AC . -16.71 -28.12 20.46
CB TP7 AC . -17.08 -27.29 21.58
C TP7 AC . -15.07 -25.94 20.99
O TP7 AC . -14.28 -26.00 21.94
OXT TP7 AC . -14.68 -25.93 19.79
CA TP7 AC . -16.55 -25.88 21.29
CG TP7 AC . -18.61 -27.31 21.75
O1 TP7 AC . -18.61 -23.93 21.38
C1 TP7 AC . -18.16 -24.27 20.31
C2 TP7 AC . -18.59 -23.53 19.05
C3 TP7 AC . -19.11 -22.12 19.36
C4 TP7 AC . -19.16 -21.21 18.14
C5 TP7 AC . -20.05 -21.77 17.01
C6 TP7 AC . -21.50 -21.95 17.47
C7 TP7 AC . -22.18 -20.61 17.69
S7 TP7 AC . -23.90 -20.79 18.22
C1 PEG BC . -6.99 -20.54 -14.08
O1 PEG BC . -7.81 -19.52 -14.62
C2 PEG BC . -7.54 -21.11 -12.82
O2 PEG BC . -7.97 -22.45 -13.04
C3 PEG BC . -7.20 -23.40 -12.31
C4 PEG BC . -6.49 -24.32 -13.24
O4 PEG BC . -5.08 -24.23 -13.12
H11 PEG BC . -6.10 -20.17 -13.89
H12 PEG BC . -6.86 -21.24 -14.73
HO1 PEG BC . -8.62 -19.75 -14.54
H21 PEG BC . -8.29 -20.57 -12.51
H22 PEG BC . -6.88 -21.09 -12.12
H31 PEG BC . -7.78 -23.91 -11.72
H32 PEG BC . -6.56 -22.94 -11.75
H41 PEG BC . -6.75 -24.11 -14.16
H42 PEG BC . -6.77 -25.23 -13.08
HO4 PEG BC . -4.87 -24.25 -12.32
C1 PEG CC . -47.20 1.67 7.93
O1 PEG CC . -47.54 1.81 6.58
C2 PEG CC . -47.21 0.23 8.36
O2 PEG CC . -47.19 0.15 9.79
C3 PEG CC . -48.34 0.75 10.39
C4 PEG CC . -48.70 0.01 11.63
O4 PEG CC . -49.82 -0.82 11.45
H11 PEG CC . -47.81 2.17 8.49
H12 PEG CC . -46.31 2.04 8.09
HO1 PEG CC . -47.52 2.63 6.37
H21 PEG CC . -46.45 -0.24 7.99
H22 PEG CC . -48.00 -0.21 8.02
H31 PEG CC . -49.08 0.75 9.77
H32 PEG CC . -48.15 1.68 10.60
H41 PEG CC . -48.88 0.64 12.36
H42 PEG CC . -47.94 -0.52 11.93
HO4 PEG CC . -49.99 -1.23 12.17
C1 EDO DC . -26.77 9.67 18.70
O1 EDO DC . -27.97 9.59 19.44
C2 EDO DC . -26.10 10.99 18.83
O2 EDO DC . -25.18 11.26 17.79
H11 EDO DC . -26.97 9.51 17.75
H12 EDO DC . -26.17 8.97 18.98
HO1 EDO DC . -27.87 9.99 20.17
H21 EDO DC . -25.64 11.02 19.68
H22 EDO DC . -26.77 11.68 18.84
HO2 EDO DC . -24.82 12.00 17.91
C1 PGE EC . -41.07 13.59 30.36
O1 PGE EC . -40.28 14.36 29.48
C2 PGE EC . -40.72 12.15 30.34
O2 PGE EC . -40.27 11.74 31.64
C3 PGE EC . -41.33 11.64 32.56
C4 PGE EC . -40.86 11.93 33.94
O4 PGE EC . -37.68 13.48 35.07
C6 PGE EC . -38.09 12.34 34.33
C5 PGE EC . -38.90 11.40 35.15
O3 PGE EC . -39.97 10.90 34.37
H1 PGE EC . -42.01 13.69 30.12
H12 PGE EC . -40.96 13.94 31.26
HO1 PGE EC . -40.51 15.16 29.51
H2 PGE EC . -40.01 11.98 29.69
H22 PGE EC . -41.48 11.62 30.07
H3 PGE EC . -41.72 10.74 32.53
H32 PGE EC . -42.05 12.26 32.32
H4 PGE EC . -41.60 12.00 34.55
H42 PGE EC . -40.39 12.77 33.95
HO4 PGE EC . -37.23 13.98 34.57
H6 PGE EC . -37.30 11.88 33.99
H62 PGE EC . -38.60 12.62 33.57
H5 PGE EC . -39.24 11.84 35.94
H52 PGE EC . -38.35 10.66 35.46
NI F43 FC . 20.32 -9.74 26.91
NA F43 FC . 18.48 -8.80 26.57
CHA F43 FC . 18.08 -9.97 24.48
C1A F43 FC . 17.80 -8.91 25.50
C2A F43 FC . 16.71 -7.84 25.33
C3A F43 FC . 17.18 -6.87 26.42
C4A F43 FC . 17.78 -7.85 27.47
C5A F43 FC . 15.32 -8.41 25.61
C6A F43 FC . 14.24 -7.33 25.50
O7A F43 FC . 13.88 -6.99 24.39
N8A F43 FC . 13.76 -6.80 26.54
C9A F43 FC . 16.77 -7.26 23.91
CAA F43 FC . 18.18 -5.77 25.98
CBA F43 FC . 17.50 -4.64 25.15
CCA F43 FC . 18.10 -3.27 25.50
ODA F43 FC . 19.34 -3.08 25.39
OEA F43 FC . 17.35 -2.39 25.95
NB F43 FC . 20.27 -9.00 28.82
CHB F43 FC . 18.71 -7.22 28.52
C1B F43 FC . 19.18 -8.30 29.50
C2B F43 FC . 19.78 -7.79 30.81
C3B F43 FC . 21.28 -7.88 30.60
C4B F43 FC . 21.34 -8.93 29.52
N5B F43 FC . 18.10 -9.16 29.97
C6B F43 FC . 18.06 -9.32 31.30
O7B F43 FC . 17.15 -9.86 31.93
C8B F43 FC . 19.28 -8.73 31.93
C9B F43 FC . 19.32 -6.40 31.24
CAB F43 FC . 21.96 -6.60 30.09
CBB F43 FC . 23.45 -6.79 29.79
CCB F43 FC . 24.13 -5.43 29.75
ODB F43 FC . 24.06 -4.73 30.78
OEB F43 FC . 24.74 -5.06 28.70
NC F43 FC . 22.27 -10.41 27.06
CHC F43 FC . 22.56 -9.73 29.31
C1C F43 FC . 22.98 -10.30 28.18
C2C F43 FC . 24.32 -10.97 28.07
C3C F43 FC . 24.46 -11.18 26.58
C4C F43 FC . 23.03 -10.97 26.09
C5C F43 FC . 24.29 -12.27 28.88
C6C F43 FC . 25.67 -12.90 28.85
O7C F43 FC . 26.63 -12.21 29.25
O8C F43 FC . 25.86 -14.05 28.39
C8C F43 FC . 25.34 -10.09 25.93
C9C F43 FC . 26.84 -10.22 26.27
CAC F43 FC . 27.73 -9.35 25.42
OBC F43 FC . 27.23 -8.42 24.69
OCC F43 FC . 28.97 -9.56 25.46
ND F43 FC . 20.50 -10.11 24.91
CHD F43 FC . 22.64 -11.24 24.81
C5D F43 FC . 21.73 -11.87 22.06
C6D F43 FC . 23.23 -12.13 22.42
C7D F43 FC . 23.46 -12.10 23.93
O8D F43 FC . 24.37 -12.79 24.37
C9D F43 FC . 19.31 -9.56 21.47
CAD F43 FC . 19.36 -10.35 20.19
OBD F43 FC . 19.23 -11.60 20.24
OCD F43 FC . 19.50 -9.72 19.09
C1D F43 FC . 21.52 -10.69 24.26
C2D F43 FC . 21.29 -10.60 22.76
C3D F43 FC . 19.78 -10.37 22.68
C4D F43 FC . 19.47 -9.63 23.97
KR KR GC . -10.15 -48.22 31.48
CL CL HC . -41.10 -27.09 49.61
C1 PEG IC . -41.51 -56.54 36.73
O1 PEG IC . -42.33 -55.97 35.73
C2 PEG IC . -41.87 -56.06 38.10
O2 PEG IC . -42.02 -54.64 38.09
C3 PEG IC . -43.06 -54.20 38.95
C4 PEG IC . -44.06 -53.42 38.17
O4 PEG IC . -45.20 -54.20 37.83
H11 PEG IC . -40.59 -56.34 36.55
H12 PEG IC . -41.61 -57.51 36.70
HO1 PEG IC . -42.65 -55.24 36.02
H21 PEG IC . -41.18 -56.32 38.73
H22 PEG IC . -42.69 -56.48 38.40
H31 PEG IC . -42.69 -53.65 39.66
H32 PEG IC . -43.48 -54.95 39.39
H41 PEG IC . -43.65 -53.08 37.36
H42 PEG IC . -44.35 -52.65 38.69
HO4 PEG IC . -45.80 -53.70 37.52
C1 PGE JC . -2.24 -47.19 7.60
O1 PGE JC . -3.45 -47.84 7.26
C2 PGE JC . -1.11 -47.59 6.71
O2 PGE JC . 0.13 -47.15 7.26
C3 PGE JC . 0.77 -48.15 8.05
C4 PGE JC . 1.95 -48.68 7.32
O4 PGE JC . 1.70 -51.69 10.78
C6 PGE JC . 1.84 -51.63 9.37
C5 PGE JC . 2.47 -50.35 8.93
O3 PGE JC . 2.09 -50.08 7.58
H1 PGE JC . -2.01 -47.41 8.53
H12 PGE JC . -2.36 -46.23 7.56
HO1 PGE JC . -4.06 -47.59 7.78
H2 PGE JC . -1.23 -47.19 5.83
H22 PGE JC . -1.10 -48.54 6.59
H3 PGE JC . 0.14 -48.86 8.24
H32 PGE JC . 1.04 -47.78 8.91
H4 PGE JC . 2.75 -48.20 7.61
H42 PGE JC . 1.86 -48.53 6.37
HO4 PGE JC . 1.35 -52.43 10.99
H6 PGE JC . 0.98 -51.74 8.95
H62 PGE JC . 2.40 -52.38 9.08
H5 PGE JC . 3.44 -50.40 9.00
H52 PGE JC . 2.19 -49.62 9.50
KR KR KC . -44.54 -34.10 -0.91
KR KR LC . -45.99 -29.19 1.93
CL CL MC . -29.47 -24.35 53.23
C1 EDO NC . -35.18 -35.16 -13.45
O1 EDO NC . -36.23 -34.58 -14.19
C2 EDO NC . -35.04 -36.62 -13.66
O2 EDO NC . -34.36 -37.28 -12.61
H11 EDO NC . -35.31 -34.98 -12.51
H12 EDO NC . -34.34 -34.72 -13.70
HO1 EDO NC . -36.26 -33.76 -14.03
H21 EDO NC . -34.59 -36.79 -14.49
H22 EDO NC . -35.94 -37.01 -13.75
HO2 EDO NC . -34.31 -38.10 -12.78
C1 EDO OC . -56.96 -11.78 38.83
O1 EDO OC . -56.74 -10.50 39.38
C2 EDO OC . -57.68 -12.70 39.75
O2 EDO OC . -58.96 -13.05 39.28
H11 EDO OC . -56.10 -12.18 38.59
H12 EDO OC . -57.47 -11.69 38.00
HO1 EDO OC . -56.32 -10.02 38.82
H21 EDO OC . -57.77 -12.28 40.61
H22 EDO OC . -57.15 -13.50 39.87
HO2 EDO OC . -59.33 -13.57 39.82
KR KR PC . 34.18 -23.80 34.26
KR KR QC . -13.74 -34.86 8.03
KR KR RC . 13.71 -2.95 8.70
KR KR SC . 29.01 -39.34 8.36
KR KR TC . 2.53 -25.06 15.40
KR KR UC . -25.85 -10.58 1.18
KR KR VC . 28.29 -37.63 24.21
MG MG WC . 26.43 -40.00 0.20
C1 PEG XC . -21.38 -30.94 -5.79
O1 PEG XC . -20.99 -30.75 -7.14
C2 PEG XC . -22.86 -30.86 -5.60
O2 PEG XC . -23.34 -32.05 -5.00
C3 PEG XC . -24.36 -32.69 -5.75
C4 PEG XC . -24.12 -34.17 -5.77
O4 PEG XC . -24.72 -34.79 -6.89
H11 PEG XC . -20.95 -30.26 -5.24
H12 PEG XC . -21.06 -31.80 -5.49
HO1 PEG XC . -21.50 -31.19 -7.64
H21 PEG XC . -23.30 -30.73 -6.46
H22 PEG XC . -23.08 -30.09 -5.05
H31 PEG XC . -24.36 -32.34 -6.65
H32 PEG XC . -25.23 -32.49 -5.36
H41 PEG XC . -24.48 -34.56 -4.95
H42 PEG XC . -23.17 -34.34 -5.78
HO4 PEG XC . -24.57 -35.61 -6.87
C1 PEG YC . 31.06 -23.72 0.62
O1 PEG YC . 31.74 -24.24 -0.52
C2 PEG YC . 29.71 -24.35 0.80
O2 PEG YC . 29.86 -25.73 1.08
C3 PEG YC . 28.68 -26.48 0.81
C4 PEG YC . 29.03 -27.91 0.59
O4 PEG YC . 28.55 -28.41 -0.64
H11 PEG YC . 30.96 -22.76 0.51
H12 PEG YC . 31.59 -23.87 1.40
HO1 PEG YC . 32.49 -23.87 -0.59
H21 PEG YC . 29.18 -24.23 0.00
H22 PEG YC . 29.24 -23.91 1.52
H31 PEG YC . 28.24 -26.13 0.02
H32 PEG YC . 28.05 -26.39 1.55
H41 PEG YC . 28.66 -28.45 1.31
H42 PEG YC . 29.99 -28.02 0.63
HO4 PEG YC . 28.76 -29.22 -0.73
NI F43 ZC . -26.78 -20.81 9.89
NA F43 ZC . -24.81 -21.03 9.35
CHA F43 ZC . -24.27 -18.87 10.25
C1A F43 ZC . -23.99 -20.10 9.44
C2A F43 ZC . -22.76 -20.32 8.60
C3A F43 ZC . -23.22 -21.49 7.77
C4A F43 ZC . -24.16 -22.21 8.76
C5A F43 ZC . -21.53 -20.66 9.44
C6A F43 ZC . -20.30 -20.95 8.61
O7A F43 ZC . -19.59 -20.06 8.21
N8A F43 ZC . -20.02 -22.15 8.37
C9A F43 ZC . -22.49 -19.03 7.86
CAA F43 ZC . -23.88 -21.13 6.43
CBA F43 ZC . -22.88 -20.92 5.28
CCA F43 ZC . -23.39 -21.31 3.92
ODA F43 ZC . -24.53 -20.97 3.56
OEA F43 ZC . -22.61 -21.94 3.19
NB F43 ZC . -27.07 -22.79 9.53
CHB F43 ZC . -25.17 -23.15 8.12
C1B F43 ZC . -26.02 -23.73 9.22
C2B F43 ZC . -26.75 -25.01 8.86
C3B F43 ZC . -28.17 -24.57 8.65
C4B F43 ZC . -28.20 -23.29 9.41
N5B F43 ZC . -25.22 -24.13 10.38
C6B F43 ZC . -25.43 -25.39 10.74
O7B F43 ZC . -24.78 -26.05 11.53
C8B F43 ZC . -26.59 -25.97 10.00
C9B F43 ZC . -26.16 -25.64 7.62
CAB F43 ZC . -28.51 -24.35 7.18
CBB F43 ZC . -29.89 -23.73 6.95
CCB F43 ZC . -30.30 -23.90 5.51
ODB F43 ZC . -30.32 -25.05 5.05
OEB F43 ZC . -30.62 -22.91 4.86
NC F43 ZC . -28.78 -20.48 10.16
CHC F43 ZC . -29.42 -22.73 9.97
C1C F43 ZC . -29.68 -21.45 10.17
C2C F43 ZC . -31.05 -20.98 10.46
C3C F43 ZC . -30.90 -19.51 10.28
C4C F43 ZC . -29.40 -19.30 10.31
C5C F43 ZC . -31.42 -21.38 11.87
C6C F43 ZC . -32.86 -21.08 12.21
O7C F43 ZC . -33.10 -20.37 13.19
O8C F43 ZC . -33.75 -21.54 11.50
C8C F43 ZC . -31.47 -18.99 8.96
C9C F43 ZC . -32.99 -19.08 8.91
CAC F43 ZC . -33.56 -18.32 7.74
OBC F43 ZC . -32.80 -17.81 6.91
OCC F43 ZC . -34.80 -18.21 7.66
ND F43 ZC . -26.61 -18.78 9.86
CHD F43 ZC . -28.82 -18.10 10.46
C5D F43 ZC . -27.60 -15.46 10.72
C6D F43 ZC . -29.11 -15.53 10.66
C7D F43 ZC . -29.56 -16.93 10.98
O8D F43 ZC . -30.55 -17.00 11.68
C9D F43 ZC . -24.73 -15.76 8.97
CAD F43 ZC . -24.58 -14.35 9.48
OBD F43 ZC . -24.71 -14.10 10.69
OCD F43 ZC . -24.33 -13.46 8.65
C1D F43 ZC . -27.56 -17.88 10.07
C2D F43 ZC . -27.05 -16.50 9.76
C3D F43 ZC . -25.54 -16.69 9.86
C4D F43 ZC . -25.35 -18.15 9.47
N TP7 AD . 8.35 -17.10 31.19
P TP7 AD . 6.46 -16.41 35.23
O1P TP7 AD . 6.18 -14.93 35.24
O2P TP7 AD . 5.22 -17.27 35.20
O3P TP7 AD . 7.47 -16.82 36.34
O4P TP7 AD . 7.27 -16.65 33.87
CB TP7 AD . 7.51 -17.95 33.33
C TP7 AD . 5.94 -17.35 31.51
O TP7 AD . 4.95 -18.12 31.58
OXT TP7 AD . 5.80 -16.15 31.17
CA TP7 AD . 7.31 -17.90 31.82
CG TP7 AD . 8.93 -18.41 33.69
O1 TP7 AD . 9.51 -18.84 30.39
C1 TP7 AD . 9.27 -17.64 30.39
C2 TP7 AD . 10.00 -16.67 29.48
C3 TP7 AD . 10.77 -17.34 28.34
C4 TP7 AD . 11.23 -16.30 27.33
C5 TP7 AD . 12.20 -15.28 27.92
C6 TP7 AD . 13.56 -15.86 28.35
C7 TP7 AD . 14.31 -16.52 27.20
S7 TP7 AD . 15.88 -17.29 27.79
C1 COM BD . 20.18 -12.57 28.85
C2 COM BD . 19.45 -12.27 30.13
S1 COM BD . 19.27 -11.95 27.47
S2 COM BD . 20.53 -12.50 31.52
O1S COM BD . 19.76 -12.49 32.82
O2S COM BD . 21.44 -11.31 31.72
O3S COM BD . 21.31 -13.76 31.35
C1 GOL CD . 37.02 -45.85 15.23
O1 GOL CD . 35.83 -45.69 14.48
C2 GOL CD . 36.76 -45.97 16.72
O2 GOL CD . 35.42 -45.55 17.02
C3 GOL CD . 37.75 -45.22 17.58
O3 GOL CD . 37.09 -44.26 18.42
H11 GOL CD . 37.62 -45.10 15.06
H12 GOL CD . 37.50 -46.65 14.92
HO1 GOL CD . 35.22 -45.40 14.98
H2 GOL CD . 36.86 -46.90 16.94
HO2 GOL CD . 35.41 -45.11 17.73
H31 GOL CD . 38.39 -44.76 17.01
H32 GOL CD . 38.24 -45.85 18.12
HO3 GOL CD . 37.67 -43.86 18.89
C1 GOL DD . 33.37 -41.60 2.67
O1 GOL DD . 33.14 -42.78 3.43
C2 GOL DD . 34.84 -41.26 2.60
O2 GOL DD . 35.51 -41.70 3.78
C3 GOL DD . 35.12 -39.79 2.37
O3 GOL DD . 35.42 -39.52 1.01
H11 GOL DD . 32.89 -40.86 3.07
H12 GOL DD . 33.02 -41.72 1.78
HO1 GOL DD . 33.84 -42.99 3.84
H2 GOL DD . 35.19 -41.72 1.83
HO2 GOL DD . 36.33 -41.51 3.72
H31 GOL DD . 35.86 -39.50 2.93
H32 GOL DD . 34.35 -39.27 2.65
HO3 GOL DD . 35.56 -38.69 0.91
C1 GOL ED . 23.12 -25.71 -3.03
O1 GOL ED . 23.82 -26.85 -2.54
C2 GOL ED . 23.34 -24.50 -2.14
O2 GOL ED . 22.44 -23.45 -2.50
C3 GOL ED . 23.21 -24.82 -0.66
O3 GOL ED . 24.35 -25.50 -0.17
H11 GOL ED . 22.17 -25.91 -3.08
H12 GOL ED . 23.43 -25.51 -3.93
HO1 GOL ED . 24.22 -26.65 -1.82
H2 GOL ED . 24.25 -24.22 -2.28
HO2 GOL ED . 22.15 -23.08 -1.81
H31 GOL ED . 22.42 -25.35 -0.52
H32 GOL ED . 23.08 -23.99 -0.17
HO3 GOL ED . 24.34 -25.51 0.67
C1 EDO FD . 36.27 -45.30 7.18
O1 EDO FD . 36.00 -44.46 6.08
C2 EDO FD . 35.67 -46.65 7.05
O2 EDO FD . 35.47 -47.30 8.29
H11 EDO FD . 35.92 -44.88 7.99
H12 EDO FD . 37.23 -45.39 7.30
HO1 EDO FD . 36.36 -43.71 6.20
H21 EDO FD . 36.25 -47.19 6.50
H22 EDO FD . 34.82 -46.58 6.59
HO2 EDO FD . 35.13 -48.06 8.15
C1 EDO GD . 5.03 15.76 21.62
O1 EDO GD . 4.08 16.76 21.90
C2 EDO GD . 5.52 15.78 20.22
O2 EDO GD . 6.87 15.41 20.08
H11 EDO GD . 4.66 14.89 21.81
H12 EDO GD . 5.80 15.88 22.21
HO1 EDO GD . 3.83 16.70 22.70
H21 EDO GD . 5.39 16.68 19.86
H22 EDO GD . 4.97 15.19 19.68
HO2 EDO GD . 7.09 15.44 19.27
C1 EDO HD . 43.70 -16.20 10.81
O1 EDO HD . 43.96 -15.59 9.56
C2 EDO HD . 44.06 -17.63 10.83
O2 EDO HD . 44.86 -17.99 11.94
H11 EDO HD . 42.75 -16.11 11.02
H12 EDO HD . 44.19 -15.74 11.50
HO1 EDO HD . 43.75 -14.78 9.59
H21 EDO HD . 44.54 -17.85 10.01
H22 EDO HD . 43.25 -18.17 10.83
HO2 EDO HD . 44.76 -17.42 12.55
KR KR ID . -4.63 -21.77 54.03
MG MG JD . -25.51 4.37 45.68
NA NA KD . -26.58 -1.07 56.88
C1 PEG LD . 26.22 -32.40 66.61
O1 PEG LD . 27.40 -31.89 67.21
C2 PEG LD . 25.10 -32.52 67.58
O2 PEG LD . 24.61 -31.23 67.91
C3 PEG LD . 23.47 -31.27 68.77
C4 PEG LD . 23.11 -29.89 69.21
O4 PEG LD . 24.25 -29.11 69.50
H11 PEG LD . 26.41 -33.28 66.23
H12 PEG LD . 25.96 -31.83 65.88
HO1 PEG LD . 28.01 -31.84 66.64
H21 PEG LD . 25.39 -32.98 68.38
H22 PEG LD . 24.38 -33.06 67.19
H31 PEG LD . 23.66 -31.83 69.54
H32 PEG LD . 22.72 -31.68 68.30
H41 PEG LD . 22.54 -29.94 69.99
H42 PEG LD . 22.58 -29.46 68.52
HO4 PEG LD . 24.00 -28.34 69.75
C1 EDO MD . 30.59 -25.76 66.23
O1 EDO MD . 30.01 -25.72 67.52
C2 EDO MD . 31.44 -26.95 66.00
O2 EDO MD . 30.71 -28.08 65.57
H11 EDO MD . 31.12 -24.96 66.10
H12 EDO MD . 29.88 -25.74 65.57
HO1 EDO MD . 29.54 -25.03 67.60
H21 EDO MD . 31.90 -27.16 66.82
H22 EDO MD . 32.11 -26.73 65.34
HO2 EDO MD . 30.90 -28.24 64.76
KR KR ND . 37.40 0.72 41.33
CL CL OD . 13.56 -51.05 38.95
CL CL PD . 25.09 -48.87 43.25
C1 EDO QD . 45.47 -45.17 31.19
O1 EDO QD . 46.65 -45.30 31.95
C2 EDO QD . 45.67 -44.46 29.91
O2 EDO QD . 44.54 -44.52 29.06
H11 EDO QD . 44.80 -44.71 31.72
H12 EDO QD . 45.12 -46.05 31.00
HO1 EDO QD . 46.49 -45.71 32.66
H21 EDO QD . 46.44 -44.83 29.45
H22 EDO QD . 45.87 -43.52 30.09
HO2 EDO QD . 44.70 -44.10 28.35
C1 PEG RD . 50.60 -4.61 46.02
O1 PEG RD . 51.09 -4.01 44.85
C2 PEG RD . 51.65 -5.42 46.72
O2 PEG RD . 51.30 -5.61 48.07
C3 PEG RD . 50.72 -4.45 48.67
C4 PEG RD . 50.66 -4.62 50.15
O4 PEG RD . 49.55 -3.94 50.71
H11 PEG RD . 49.85 -5.20 45.79
H12 PEG RD . 50.25 -3.94 46.62
HO1 PEG RD . 50.46 -3.57 44.48
H21 PEG RD . 52.50 -4.94 46.66
H22 PEG RD . 51.76 -6.27 46.28
H31 PEG RD . 49.83 -4.30 48.31
H32 PEG RD . 51.25 -3.66 48.45
H41 PEG RD . 51.48 -4.30 50.55
H42 PEG RD . 50.60 -5.57 50.36
HO4 PEG RD . 49.55 -4.07 51.55
#